data_6Y67
#
_entry.id   6Y67
#
_cell.length_a   145.048
_cell.length_b   91.614
_cell.length_c   352.326
_cell.angle_alpha   90.000
_cell.angle_beta   92.100
_cell.angle_gamma   90.000
#
_symmetry.space_group_name_H-M   'P 1 21 1'
#
loop_
_entity.id
_entity.type
_entity.pdbx_description
1 polymer 'Capsid protein VP1'
2 non-polymer 'CHLORIDE ION'
3 water water
#
_entity_poly.entity_id   1
_entity_poly.type   'polypeptide(L)'
_entity_poly.pdbx_seq_one_letter_code
;MGSSHHHHHHSSGENLYFQGSHMGGIEVLDVKTGPDSTTTIEAYLNPRVGQNWGFSTEITVASNGYNDAPHLTEIPCYSS
ARISLPLLNEDITSPTLLMWEAVSVKTEVVGISSMLNMHSYGLRAFGGYGGGYTIEGSHIHFFSVGGEPLDLQGLMQNHS
TQYPSPLVGPKKPDGTTDDSAQVLNPIYKAKLDKDATYPIECWCPDPSRNENSRYFGSYTGGVETPPVLSFTNTSTTILL
DENGVGPLCKGDGLYLSSADVAGTFVQQTSQKQYWRGLPRYFNITLRKRAVKN
;
_entity_poly.pdbx_strand_id   AAA,BBB,CCC,DDD,EEE,FFF,GGG,HHH,III,JJJ,KKK,LLL,MMM,NNN,OOO,PPP,QQQ,RRR,SSS,TTT,UUU,VVV,WWW,XXX,YYY,ZZZ,aaa,bbb,ccc,ddd
#
# COMPACT_ATOMS: atom_id res chain seq x y z
N GLY A 25 99.55 18.58 -66.42
CA GLY A 25 99.87 19.58 -67.49
C GLY A 25 101.26 19.40 -68.08
N ILE A 26 101.81 18.19 -67.97
CA ILE A 26 103.11 17.72 -68.57
C ILE A 26 102.84 17.25 -70.01
N GLU A 27 103.86 17.23 -70.88
CA GLU A 27 103.79 16.56 -72.22
C GLU A 27 104.37 15.15 -72.07
N VAL A 28 103.52 14.11 -72.23
CA VAL A 28 103.85 12.69 -71.87
C VAL A 28 104.38 12.00 -73.13
N LEU A 29 105.54 11.34 -73.03
CA LEU A 29 106.23 10.67 -74.16
C LEU A 29 106.21 9.16 -73.95
N ASP A 30 107.19 8.43 -74.47
CA ASP A 30 107.26 6.95 -74.51
C ASP A 30 107.38 6.38 -73.08
N VAL A 31 106.85 5.18 -72.88
CA VAL A 31 107.12 4.35 -71.66
C VAL A 31 108.51 3.74 -71.79
N LYS A 32 109.52 4.16 -71.02
CA LYS A 32 110.83 3.42 -70.97
C LYS A 32 110.54 1.98 -70.51
N THR A 33 111.03 0.97 -71.19
CA THR A 33 110.44 -0.42 -71.20
C THR A 33 111.60 -1.35 -71.37
N GLY A 34 112.43 -1.53 -70.36
CA GLY A 34 113.70 -2.29 -70.38
C GLY A 34 114.04 -2.76 -68.98
N PRO A 35 115.31 -3.10 -68.67
CA PRO A 35 115.66 -3.59 -67.34
C PRO A 35 115.61 -2.42 -66.35
N ASP A 36 115.18 -2.70 -65.11
CA ASP A 36 115.11 -1.73 -63.98
C ASP A 36 114.19 -0.56 -64.34
N SER A 37 113.12 -0.80 -65.11
CA SER A 37 112.17 0.24 -65.56
C SER A 37 110.87 0.17 -64.75
N THR A 38 110.66 -0.91 -64.00
CA THR A 38 109.46 -1.08 -63.11
C THR A 38 109.93 -1.37 -61.68
N THR A 39 109.17 -0.87 -60.70
CA THR A 39 109.36 -1.18 -59.25
C THR A 39 107.98 -1.27 -58.59
N THR A 40 107.89 -2.03 -57.49
CA THR A 40 106.65 -2.13 -56.66
C THR A 40 106.98 -1.62 -55.25
N ILE A 41 106.11 -0.81 -54.68
CA ILE A 41 106.23 -0.28 -53.28
C ILE A 41 105.07 -0.80 -52.44
N GLU A 42 105.39 -1.32 -51.24
CA GLU A 42 104.42 -1.76 -50.20
C GLU A 42 104.38 -0.69 -49.11
N ALA A 43 103.18 -0.32 -48.65
CA ALA A 43 102.97 0.63 -47.55
C ALA A 43 101.65 0.28 -46.84
N TYR A 44 101.49 0.77 -45.62
CA TYR A 44 100.19 0.80 -44.90
C TYR A 44 100.00 2.18 -44.28
N LEU A 45 98.74 2.61 -44.23
CA LEU A 45 98.31 3.81 -43.48
C LEU A 45 97.39 3.33 -42.34
N ASN A 46 97.85 3.49 -41.09
CA ASN A 46 97.04 3.29 -39.86
C ASN A 46 96.01 4.42 -39.82
N PRO A 47 94.82 4.19 -39.25
CA PRO A 47 93.75 5.20 -39.27
C PRO A 47 94.08 6.36 -38.30
N ARG A 48 93.50 7.52 -38.55
CA ARG A 48 93.64 8.71 -37.68
C ARG A 48 92.26 9.22 -37.31
N VAL A 49 91.59 8.48 -36.41
CA VAL A 49 90.20 8.72 -35.96
C VAL A 49 90.20 9.68 -34.78
N GLY A 50 91.37 10.19 -34.34
CA GLY A 50 91.51 11.16 -33.25
C GLY A 50 92.52 10.70 -32.21
N GLN A 51 92.68 9.39 -32.04
CA GLN A 51 93.82 8.76 -31.34
C GLN A 51 94.48 7.78 -32.32
N ASN A 52 95.50 7.06 -31.86
CA ASN A 52 96.43 6.31 -32.73
C ASN A 52 96.15 4.80 -32.65
N TRP A 53 95.25 4.35 -31.78
CA TRP A 53 95.05 2.90 -31.57
C TRP A 53 93.63 2.51 -32.03
N GLY A 54 93.11 3.24 -33.02
CA GLY A 54 92.00 2.80 -33.88
C GLY A 54 90.63 3.18 -33.35
N PHE A 55 90.57 3.80 -32.17
CA PHE A 55 89.33 4.37 -31.59
C PHE A 55 89.52 5.85 -31.25
N SER A 56 88.50 6.66 -31.51
CA SER A 56 88.37 8.05 -31.01
C SER A 56 88.03 8.00 -29.51
N THR A 57 88.08 9.15 -28.84
CA THR A 57 87.44 9.35 -27.52
C THR A 57 85.94 9.51 -27.75
N GLU A 58 85.12 9.54 -26.70
CA GLU A 58 83.63 9.55 -26.84
C GLU A 58 83.21 10.69 -27.75
N ILE A 59 82.21 10.44 -28.59
CA ILE A 59 81.58 11.47 -29.45
C ILE A 59 80.71 12.34 -28.54
N THR A 60 80.89 13.66 -28.62
CA THR A 60 80.17 14.67 -27.80
C THR A 60 79.24 15.48 -28.71
N VAL A 61 78.15 16.01 -28.14
CA VAL A 61 77.14 16.82 -28.89
C VAL A 61 76.75 18.00 -28.00
N ALA A 62 77.32 19.18 -28.28
CA ALA A 62 76.94 20.45 -27.64
C ALA A 62 75.41 20.57 -27.63
N SER A 63 74.85 21.14 -26.56
CA SER A 63 73.40 21.49 -26.50
C SER A 63 73.14 22.60 -27.52
N ASN A 64 71.96 22.59 -28.15
CA ASN A 64 71.55 23.68 -29.08
C ASN A 64 71.90 25.02 -28.43
N GLY A 65 72.42 25.96 -29.21
CA GLY A 65 72.78 27.32 -28.76
C GLY A 65 74.14 27.41 -28.13
N TYR A 66 74.77 26.29 -27.75
CA TYR A 66 76.16 26.23 -27.23
C TYR A 66 77.14 26.08 -28.40
N ASN A 67 78.40 26.48 -28.20
CA ASN A 67 79.48 26.33 -29.22
C ASN A 67 79.61 24.87 -29.61
N ASP A 68 79.69 24.58 -30.91
CA ASP A 68 80.04 23.25 -31.47
C ASP A 68 81.57 23.15 -31.49
N ALA A 69 82.16 22.66 -30.41
CA ALA A 69 83.63 22.61 -30.19
C ALA A 69 84.01 21.22 -29.71
N PRO A 70 84.07 20.23 -30.62
CA PRO A 70 84.42 18.87 -30.26
C PRO A 70 85.90 18.77 -29.87
N HIS A 71 86.24 17.70 -29.14
CA HIS A 71 87.61 17.37 -28.67
C HIS A 71 88.47 16.95 -29.86
N LEU A 72 89.72 17.40 -29.89
CA LEU A 72 90.74 16.94 -30.85
C LEU A 72 90.57 15.43 -31.08
N THR A 73 90.45 14.64 -30.01
CA THR A 73 90.55 13.17 -30.05
C THR A 73 89.22 12.51 -30.44
N GLU A 74 88.24 13.26 -30.94
CA GLU A 74 86.94 12.67 -31.41
C GLU A 74 86.69 12.99 -32.89
N ILE A 75 87.60 13.75 -33.52
CA ILE A 75 87.50 14.14 -34.96
C ILE A 75 88.38 13.22 -35.80
N PRO A 76 87.80 12.30 -36.59
CA PRO A 76 88.56 11.51 -37.55
C PRO A 76 89.10 12.35 -38.71
N CYS A 77 90.35 12.07 -39.10
CA CYS A 77 91.11 12.77 -40.15
C CYS A 77 91.58 11.79 -41.25
N TYR A 78 91.94 12.33 -42.41
CA TYR A 78 92.63 11.58 -43.49
C TYR A 78 94.02 11.17 -43.01
N SER A 79 94.34 9.88 -43.19
CA SER A 79 95.72 9.36 -43.13
C SER A 79 96.42 9.73 -44.44
N SER A 80 97.70 10.10 -44.40
CA SER A 80 98.49 10.46 -45.61
C SER A 80 99.97 10.16 -45.36
N ALA A 81 100.70 9.81 -46.42
CA ALA A 81 102.15 9.59 -46.43
C ALA A 81 102.68 9.88 -47.83
N ARG A 82 103.92 10.38 -47.92
CA ARG A 82 104.70 10.48 -49.18
C ARG A 82 105.81 9.43 -49.08
N ILE A 83 105.78 8.41 -49.94
CA ILE A 83 106.88 7.41 -50.07
C ILE A 83 107.93 7.98 -51.02
N SER A 84 109.20 7.95 -50.62
CA SER A 84 110.38 8.37 -51.43
C SER A 84 110.69 7.27 -52.44
N LEU A 85 110.72 7.62 -53.72
CA LEU A 85 111.03 6.72 -54.85
C LEU A 85 112.51 6.88 -55.22
N PRO A 86 113.14 5.91 -55.91
CA PRO A 86 114.51 6.05 -56.42
C PRO A 86 114.68 7.30 -57.30
N LEU A 87 115.81 8.01 -57.19
CA LEU A 87 116.12 9.22 -58.01
C LEU A 87 116.26 8.81 -59.47
N SER A 94 118.39 18.16 -68.52
CA SER A 94 118.10 17.44 -69.79
C SER A 94 116.72 17.84 -70.30
N PRO A 95 116.53 17.98 -71.65
CA PRO A 95 115.25 18.43 -72.21
C PRO A 95 114.15 17.34 -72.27
N THR A 96 114.49 16.10 -71.93
CA THR A 96 113.50 15.02 -71.60
C THR A 96 113.84 14.42 -70.24
N LEU A 97 112.86 14.28 -69.37
CA LEU A 97 113.00 13.76 -67.98
C LEU A 97 112.32 12.39 -67.90
N LEU A 98 112.69 11.61 -66.90
CA LEU A 98 111.96 10.40 -66.45
C LEU A 98 111.24 10.69 -65.14
N MET A 99 109.92 10.41 -65.09
CA MET A 99 109.10 10.39 -63.85
C MET A 99 108.58 8.98 -63.63
N TRP A 100 108.44 8.55 -62.39
CA TRP A 100 107.73 7.28 -62.06
C TRP A 100 106.23 7.44 -62.33
N GLU A 101 105.64 6.44 -62.97
CA GLU A 101 104.20 6.40 -63.34
C GLU A 101 103.56 5.25 -62.54
N ALA A 102 102.63 5.59 -61.64
CA ALA A 102 101.85 4.59 -60.88
C ALA A 102 100.85 3.93 -61.85
N VAL A 103 100.99 2.62 -62.07
CA VAL A 103 100.22 1.91 -63.13
C VAL A 103 98.99 1.26 -62.49
N SER A 104 99.20 0.53 -61.40
CA SER A 104 98.16 -0.30 -60.73
C SER A 104 98.34 -0.23 -59.21
N VAL A 105 97.31 -0.61 -58.45
CA VAL A 105 97.38 -0.76 -56.98
C VAL A 105 96.52 -1.95 -56.55
N LYS A 106 97.11 -2.84 -55.75
CA LYS A 106 96.40 -3.83 -54.89
C LYS A 106 96.24 -3.15 -53.53
N THR A 107 95.01 -2.88 -53.07
CA THR A 107 94.73 -2.22 -51.79
C THR A 107 93.71 -3.05 -50.99
N GLU A 108 93.89 -3.08 -49.67
CA GLU A 108 93.12 -3.95 -48.74
C GLU A 108 92.86 -3.17 -47.46
N VAL A 109 91.67 -3.30 -46.88
CA VAL A 109 91.35 -2.78 -45.51
C VAL A 109 91.66 -3.91 -44.52
N VAL A 110 92.72 -3.74 -43.72
CA VAL A 110 93.26 -4.79 -42.82
C VAL A 110 92.41 -4.81 -41.54
N GLY A 111 92.18 -6.01 -40.99
CA GLY A 111 91.56 -6.20 -39.66
C GLY A 111 90.05 -6.12 -39.70
N ILE A 112 89.43 -6.41 -40.85
CA ILE A 112 87.95 -6.49 -40.97
C ILE A 112 87.45 -7.56 -39.99
N SER A 113 88.16 -8.69 -39.88
CA SER A 113 87.79 -9.83 -39.02
C SER A 113 87.74 -9.42 -37.55
N SER A 114 88.40 -8.31 -37.17
CA SER A 114 88.45 -7.79 -35.78
C SER A 114 87.04 -7.46 -35.27
N MET A 115 86.12 -7.16 -36.19
CA MET A 115 84.74 -6.71 -35.88
C MET A 115 83.86 -7.88 -35.45
N LEU A 116 84.22 -9.12 -35.77
CA LEU A 116 83.45 -10.32 -35.31
C LEU A 116 83.78 -10.57 -33.83
N ASN A 117 83.24 -9.71 -32.96
CA ASN A 117 83.59 -9.61 -31.53
C ASN A 117 82.36 -9.08 -30.78
N MET A 118 81.69 -9.95 -30.03
CA MET A 118 80.44 -9.63 -29.30
C MET A 118 80.67 -9.77 -27.78
N HIS A 119 81.93 -9.68 -27.32
CA HIS A 119 82.30 -9.92 -25.91
C HIS A 119 83.11 -8.76 -25.33
N SER A 120 83.61 -7.83 -26.14
CA SER A 120 84.48 -6.71 -25.67
C SER A 120 83.63 -5.46 -25.39
N TYR A 121 82.76 -5.58 -24.38
CA TYR A 121 82.09 -4.46 -23.64
C TYR A 121 81.06 -3.72 -24.50
N GLY A 122 80.58 -4.34 -25.58
CA GLY A 122 79.57 -3.71 -26.45
C GLY A 122 78.23 -3.66 -25.75
N LEU A 123 77.43 -2.61 -26.03
CA LEU A 123 76.02 -2.54 -25.58
C LEU A 123 75.33 -3.86 -25.94
N ARG A 124 74.68 -4.52 -25.00
CA ARG A 124 74.21 -5.93 -25.18
C ARG A 124 72.81 -5.94 -25.81
N ALA A 125 72.57 -6.90 -26.71
CA ALA A 125 71.31 -7.04 -27.46
C ALA A 125 70.32 -7.83 -26.62
N PHE A 126 69.05 -7.80 -27.02
CA PHE A 126 67.95 -8.59 -26.42
C PHE A 126 67.88 -8.27 -24.91
N GLY A 127 67.75 -6.99 -24.61
CA GLY A 127 67.50 -6.43 -23.26
C GLY A 127 68.60 -6.74 -22.27
N GLY A 128 69.84 -6.91 -22.72
CA GLY A 128 71.04 -7.06 -21.86
C GLY A 128 71.50 -8.49 -21.70
N TYR A 129 70.73 -9.48 -22.18
CA TYR A 129 71.02 -10.92 -22.03
C TYR A 129 71.84 -11.45 -23.22
N GLY A 130 71.78 -10.78 -24.37
CA GLY A 130 72.52 -11.14 -25.59
C GLY A 130 73.97 -10.71 -25.53
N GLY A 131 74.67 -10.79 -26.67
CA GLY A 131 76.08 -10.35 -26.83
C GLY A 131 76.19 -8.87 -27.14
N GLY A 132 77.42 -8.34 -27.12
CA GLY A 132 77.70 -6.92 -27.40
C GLY A 132 77.51 -6.58 -28.86
N TYR A 133 77.05 -5.34 -29.14
CA TYR A 133 76.96 -4.77 -30.50
C TYR A 133 78.35 -4.78 -31.14
N THR A 134 78.47 -5.44 -32.30
CA THR A 134 79.61 -5.27 -33.23
C THR A 134 79.59 -3.84 -33.75
N ILE A 135 80.73 -3.34 -34.22
CA ILE A 135 80.81 -1.96 -34.77
C ILE A 135 79.64 -1.75 -35.73
N GLU A 136 78.98 -0.60 -35.64
CA GLU A 136 77.89 -0.21 -36.58
C GLU A 136 77.78 1.31 -36.66
N GLY A 137 76.91 1.77 -37.55
CA GLY A 137 76.62 3.20 -37.78
C GLY A 137 77.20 3.68 -39.08
N SER A 138 77.18 5.00 -39.30
CA SER A 138 77.70 5.68 -40.51
C SER A 138 79.18 5.37 -40.64
N HIS A 139 79.66 5.16 -41.87
CA HIS A 139 81.06 4.79 -42.18
C HIS A 139 81.47 5.40 -43.52
N ILE A 140 82.79 5.56 -43.70
CA ILE A 140 83.41 6.02 -44.98
C ILE A 140 84.64 5.14 -45.24
N HIS A 141 84.80 4.70 -46.48
CA HIS A 141 86.00 3.98 -46.97
C HIS A 141 86.51 4.70 -48.21
N PHE A 142 87.79 5.06 -48.18
CA PHE A 142 88.39 5.94 -49.22
C PHE A 142 89.90 5.75 -49.29
N PHE A 143 90.44 5.72 -50.52
CA PHE A 143 91.91 5.73 -50.75
C PHE A 143 92.21 6.51 -52.03
N SER A 144 93.40 7.13 -52.07
CA SER A 144 93.91 7.79 -53.29
C SER A 144 95.38 7.42 -53.48
N VAL A 145 95.80 7.26 -54.74
CA VAL A 145 97.21 7.20 -55.18
C VAL A 145 97.43 8.38 -56.13
N GLY A 146 98.55 9.08 -55.95
CA GLY A 146 98.80 10.36 -56.65
C GLY A 146 100.26 10.65 -56.81
N GLY A 147 100.57 11.52 -57.78
CA GLY A 147 101.95 11.97 -58.07
C GLY A 147 102.26 13.25 -57.33
N GLU A 148 101.35 13.71 -56.49
CA GLU A 148 101.48 14.96 -55.70
C GLU A 148 100.43 14.94 -54.61
N PRO A 149 100.51 15.87 -53.65
CA PRO A 149 99.48 16.00 -52.62
C PRO A 149 98.07 15.99 -53.18
N LEU A 150 97.14 15.30 -52.51
CA LEU A 150 95.70 15.22 -52.92
C LEU A 150 95.05 16.60 -52.71
N ASP A 151 94.34 17.11 -53.72
CA ASP A 151 93.64 18.41 -53.67
C ASP A 151 92.34 18.23 -52.89
N LEU A 152 92.10 19.09 -51.88
CA LEU A 152 90.93 19.06 -50.96
C LEU A 152 90.08 20.30 -51.19
N GLN A 153 88.75 20.11 -51.32
CA GLN A 153 87.73 21.18 -51.36
C GLN A 153 87.05 21.22 -49.99
N GLY A 154 86.87 22.43 -49.45
CA GLY A 154 86.19 22.66 -48.16
C GLY A 154 84.69 22.53 -48.30
N LEU A 155 84.10 21.61 -47.53
CA LEU A 155 82.63 21.52 -47.34
C LEU A 155 82.34 20.76 -46.06
N MET A 156 81.49 21.32 -45.20
CA MET A 156 81.20 20.86 -43.82
C MET A 156 79.70 21.02 -43.53
N GLN A 157 79.19 20.31 -42.52
CA GLN A 157 77.75 20.33 -42.13
C GLN A 157 77.44 21.63 -41.36
N ASN A 158 78.38 22.12 -40.56
CA ASN A 158 78.18 23.31 -39.69
C ASN A 158 79.37 24.27 -39.80
N HIS A 159 79.18 25.41 -40.47
CA HIS A 159 80.26 26.39 -40.75
C HIS A 159 80.90 26.85 -39.43
N SER A 160 80.13 26.87 -38.34
CA SER A 160 80.54 27.43 -37.04
C SER A 160 81.43 26.46 -36.26
N THR A 161 81.53 25.20 -36.69
CA THR A 161 82.30 24.17 -35.94
C THR A 161 83.69 24.72 -35.64
N GLN A 162 84.19 24.50 -34.42
CA GLN A 162 85.51 24.98 -33.95
C GLN A 162 86.44 23.77 -33.81
N TYR A 163 87.45 23.66 -34.68
CA TYR A 163 88.44 22.55 -34.66
C TYR A 163 89.62 22.97 -33.80
N PRO A 164 89.96 22.19 -32.75
CA PRO A 164 91.14 22.47 -31.94
C PRO A 164 92.43 22.39 -32.77
N SER A 165 93.44 23.20 -32.43
CA SER A 165 94.83 23.04 -32.94
C SER A 165 95.34 21.67 -32.49
N PRO A 166 96.14 20.94 -33.31
CA PRO A 166 96.64 21.43 -34.61
C PRO A 166 95.80 21.12 -35.86
N LEU A 167 94.56 20.69 -35.71
CA LEU A 167 93.67 20.36 -36.87
C LEU A 167 93.51 21.61 -37.73
N VAL A 168 93.24 21.41 -39.02
CA VAL A 168 93.03 22.51 -40.01
C VAL A 168 91.67 22.30 -40.67
N GLY A 169 90.87 23.35 -40.71
CA GLY A 169 89.54 23.36 -41.33
C GLY A 169 89.42 24.51 -42.31
N PRO A 170 88.35 24.53 -43.14
CA PRO A 170 88.18 25.58 -44.15
C PRO A 170 88.20 26.95 -43.47
N LYS A 171 89.07 27.84 -43.94
CA LYS A 171 89.14 29.26 -43.51
C LYS A 171 89.30 30.08 -44.79
N LYS A 172 88.64 31.24 -44.88
CA LYS A 172 88.96 32.29 -45.89
C LYS A 172 90.37 32.80 -45.60
N PRO A 173 90.97 33.65 -46.46
CA PRO A 173 92.28 34.23 -46.17
C PRO A 173 92.32 35.01 -44.85
N ASP A 174 91.19 35.63 -44.46
CA ASP A 174 91.11 36.51 -43.26
C ASP A 174 90.96 35.70 -41.96
N GLY A 175 90.72 34.38 -42.03
CA GLY A 175 90.60 33.49 -40.85
C GLY A 175 89.16 33.08 -40.54
N THR A 176 88.16 33.83 -41.06
CA THR A 176 86.70 33.57 -40.91
C THR A 176 86.31 32.29 -41.66
N THR A 177 85.07 31.85 -41.45
CA THR A 177 84.43 30.67 -42.10
C THR A 177 82.93 30.94 -42.19
N ASP A 178 82.43 31.45 -43.32
CA ASP A 178 81.02 31.89 -43.44
C ASP A 178 80.12 30.70 -43.83
N ASP A 179 78.84 30.96 -44.13
CA ASP A 179 77.79 29.93 -44.37
C ASP A 179 78.07 29.17 -45.66
N SER A 180 78.83 29.78 -46.60
CA SER A 180 79.12 29.21 -47.94
C SER A 180 79.89 27.88 -47.80
N ALA A 181 80.63 27.68 -46.72
CA ALA A 181 81.43 26.46 -46.45
C ALA A 181 80.52 25.24 -46.23
N GLN A 182 79.20 25.41 -46.26
CA GLN A 182 78.22 24.28 -46.15
C GLN A 182 77.85 23.81 -47.55
N VAL A 183 78.24 24.59 -48.56
CA VAL A 183 78.06 24.24 -50.00
C VAL A 183 79.44 24.37 -50.67
N LEU A 184 79.48 24.51 -51.99
CA LEU A 184 80.77 24.70 -52.70
C LEU A 184 81.06 26.19 -52.80
N ASN A 185 82.17 26.60 -52.19
CA ASN A 185 82.82 27.92 -52.43
C ASN A 185 84.29 27.67 -52.72
N PRO A 186 84.74 27.93 -53.97
CA PRO A 186 86.13 27.70 -54.36
C PRO A 186 87.19 28.32 -53.43
N ILE A 187 86.81 29.31 -52.61
CA ILE A 187 87.75 30.00 -51.69
C ILE A 187 88.31 29.00 -50.68
N TYR A 188 87.61 27.90 -50.40
CA TYR A 188 87.99 26.89 -49.36
C TYR A 188 88.65 25.69 -50.03
N LYS A 189 89.98 25.75 -50.17
CA LYS A 189 90.78 24.68 -50.80
C LYS A 189 92.05 24.46 -49.97
N ALA A 190 92.59 23.25 -50.05
CA ALA A 190 93.78 22.84 -49.28
C ALA A 190 94.40 21.62 -49.94
N LYS A 191 95.68 21.38 -49.65
CA LYS A 191 96.44 20.20 -50.10
C LYS A 191 96.58 19.30 -48.88
N LEU A 192 96.24 18.02 -49.02
CA LEU A 192 96.39 16.99 -47.95
C LEU A 192 97.88 16.72 -47.74
N ASP A 193 98.57 17.60 -47.02
CA ASP A 193 100.06 17.63 -46.94
C ASP A 193 100.55 17.23 -45.54
N LYS A 194 99.68 16.69 -44.69
CA LYS A 194 100.05 16.29 -43.29
C LYS A 194 99.05 15.23 -42.81
N ASP A 195 99.57 14.13 -42.26
CA ASP A 195 98.78 13.03 -41.65
C ASP A 195 97.99 13.58 -40.47
N ALA A 196 96.84 12.99 -40.17
CA ALA A 196 96.09 13.16 -38.90
C ALA A 196 95.78 14.64 -38.64
N THR A 197 95.55 15.44 -39.69
CA THR A 197 95.45 16.92 -39.58
C THR A 197 94.16 17.45 -40.21
N TYR A 198 93.76 16.91 -41.36
CA TYR A 198 92.58 17.40 -42.13
C TYR A 198 91.38 16.54 -41.78
N PRO A 199 90.37 17.08 -41.08
CA PRO A 199 89.19 16.30 -40.72
C PRO A 199 88.43 15.85 -41.96
N ILE A 200 88.01 14.58 -41.96
CA ILE A 200 87.15 13.99 -43.02
C ILE A 200 85.89 14.84 -43.19
N GLU A 201 85.39 15.45 -42.12
CA GLU A 201 84.03 16.05 -42.08
C GLU A 201 83.97 17.43 -42.75
N CYS A 202 85.11 18.09 -42.98
CA CYS A 202 85.14 19.46 -43.57
C CYS A 202 85.91 19.48 -44.90
N TRP A 203 86.52 18.36 -45.31
CA TRP A 203 87.36 18.26 -46.52
C TRP A 203 86.97 17.03 -47.35
N CYS A 204 86.63 17.23 -48.63
CA CYS A 204 86.42 16.13 -49.61
C CYS A 204 87.44 16.28 -50.73
N PRO A 205 87.75 15.22 -51.50
CA PRO A 205 88.61 15.35 -52.68
C PRO A 205 87.97 16.34 -53.66
N ASP A 206 88.79 17.28 -54.16
CA ASP A 206 88.39 18.36 -55.10
C ASP A 206 88.29 17.77 -56.50
N PRO A 207 87.08 17.64 -57.08
CA PRO A 207 86.93 17.07 -58.41
C PRO A 207 87.30 18.04 -59.53
N SER A 208 87.55 19.31 -59.22
CA SER A 208 87.98 20.37 -60.17
C SER A 208 89.50 20.29 -60.39
N ARG A 209 90.20 19.51 -59.56
CA ARG A 209 91.68 19.35 -59.63
C ARG A 209 92.01 17.85 -59.60
N ASN A 210 93.06 17.46 -58.86
CA ASN A 210 93.48 16.04 -58.72
C ASN A 210 93.66 15.38 -60.10
N GLU A 211 94.09 16.15 -61.13
CA GLU A 211 94.37 15.60 -62.49
C GLU A 211 95.42 14.49 -62.36
N ASN A 212 96.39 14.67 -61.45
CA ASN A 212 97.56 13.76 -61.28
C ASN A 212 97.36 12.86 -60.04
N SER A 213 96.10 12.58 -59.67
CA SER A 213 95.73 11.66 -58.57
C SER A 213 94.50 10.84 -58.98
N ARG A 214 94.43 9.59 -58.48
CA ARG A 214 93.23 8.73 -58.62
C ARG A 214 92.67 8.48 -57.22
N TYR A 215 91.41 8.86 -56.97
CA TYR A 215 90.76 8.69 -55.65
C TYR A 215 89.44 7.94 -55.83
N PHE A 216 89.07 7.20 -54.78
CA PHE A 216 87.90 6.30 -54.72
C PHE A 216 87.33 6.29 -53.30
N GLY A 217 86.07 6.69 -53.14
CA GLY A 217 85.42 6.82 -51.82
C GLY A 217 83.98 6.37 -51.84
N SER A 218 83.55 5.80 -50.73
CA SER A 218 82.14 5.35 -50.52
C SER A 218 81.74 5.63 -49.07
N TYR A 219 80.71 6.47 -48.88
CA TYR A 219 80.09 6.78 -47.57
C TYR A 219 78.71 6.13 -47.48
N THR A 220 78.42 5.53 -46.34
CA THR A 220 77.09 5.01 -45.95
C THR A 220 76.71 5.68 -44.62
N GLY A 221 75.47 6.18 -44.51
CA GLY A 221 74.96 6.85 -43.29
C GLY A 221 74.17 5.91 -42.40
N GLY A 222 73.30 6.47 -41.57
CA GLY A 222 72.37 5.71 -40.70
C GLY A 222 72.93 5.52 -39.30
N VAL A 223 72.05 5.21 -38.35
CA VAL A 223 72.37 5.19 -36.90
C VAL A 223 73.03 3.86 -36.54
N GLU A 224 72.47 2.76 -37.03
CA GLU A 224 72.86 1.37 -36.68
C GLU A 224 73.19 0.57 -37.93
N THR A 225 73.56 1.24 -39.02
CA THR A 225 73.82 0.63 -40.35
C THR A 225 74.93 -0.41 -40.21
N PRO A 226 74.74 -1.65 -40.71
CA PRO A 226 75.78 -2.68 -40.57
C PRO A 226 76.87 -2.42 -41.60
N PRO A 227 78.16 -2.45 -41.23
CA PRO A 227 79.23 -2.36 -42.22
C PRO A 227 79.30 -3.68 -43.01
N VAL A 228 79.55 -3.57 -44.32
CA VAL A 228 79.82 -4.69 -45.26
C VAL A 228 81.19 -4.44 -45.88
N LEU A 229 82.18 -5.27 -45.56
CA LEU A 229 83.57 -5.10 -46.08
C LEU A 229 84.10 -6.45 -46.58
N SER A 230 84.72 -6.44 -47.76
CA SER A 230 85.32 -7.63 -48.42
C SER A 230 86.84 -7.53 -48.40
N PHE A 231 87.51 -8.67 -48.45
CA PHE A 231 88.99 -8.74 -48.48
C PHE A 231 89.45 -9.92 -49.33
N THR A 232 90.49 -9.71 -50.14
CA THR A 232 91.10 -10.69 -51.08
C THR A 232 92.47 -10.17 -51.53
N ASN A 233 93.40 -11.08 -51.87
CA ASN A 233 94.71 -10.70 -52.45
C ASN A 233 94.67 -10.87 -53.98
N THR A 234 93.48 -11.07 -54.55
CA THR A 234 93.30 -11.34 -56.00
C THR A 234 92.72 -10.13 -56.75
N SER A 235 92.72 -8.94 -56.17
CA SER A 235 92.04 -7.76 -56.77
C SER A 235 93.05 -6.64 -57.02
N THR A 236 93.03 -6.08 -58.23
CA THR A 236 93.94 -5.01 -58.70
C THR A 236 93.12 -3.87 -59.32
N THR A 237 93.50 -2.63 -59.05
CA THR A 237 92.86 -1.43 -59.61
C THR A 237 93.85 -0.77 -60.56
N ILE A 238 93.46 -0.58 -61.82
CA ILE A 238 94.29 0.14 -62.83
C ILE A 238 94.18 1.63 -62.52
N LEU A 239 95.30 2.35 -62.55
CA LEU A 239 95.36 3.80 -62.21
C LEU A 239 95.54 4.63 -63.49
N LEU A 240 95.65 3.98 -64.65
CA LEU A 240 95.78 4.66 -65.96
C LEU A 240 94.45 5.35 -66.28
N ASP A 241 94.51 6.57 -66.83
CA ASP A 241 93.32 7.38 -67.21
C ASP A 241 92.85 6.96 -68.61
N GLU A 242 91.89 7.69 -69.17
CA GLU A 242 91.26 7.43 -70.50
C GLU A 242 92.34 7.42 -71.61
N ASN A 243 93.51 8.04 -71.38
CA ASN A 243 94.63 8.13 -72.34
C ASN A 243 95.81 7.22 -71.94
N GLY A 244 95.61 6.24 -71.07
CA GLY A 244 96.66 5.27 -70.68
C GLY A 244 97.79 5.89 -69.85
N VAL A 245 97.58 7.06 -69.26
CA VAL A 245 98.59 7.73 -68.38
C VAL A 245 98.16 7.56 -66.92
N GLY A 246 99.09 7.06 -66.10
CA GLY A 246 98.93 6.97 -64.62
C GLY A 246 99.42 8.25 -63.93
N PRO A 247 99.23 8.35 -62.60
CA PRO A 247 99.83 9.44 -61.83
C PRO A 247 101.35 9.48 -62.03
N LEU A 248 101.87 10.67 -62.36
CA LEU A 248 103.32 10.93 -62.53
C LEU A 248 103.87 11.56 -61.24
N CYS A 249 104.78 10.85 -60.57
CA CYS A 249 105.32 11.22 -59.23
C CYS A 249 106.32 12.39 -59.32
N LYS A 250 105.83 13.62 -59.17
CA LYS A 250 106.66 14.86 -59.09
C LYS A 250 107.62 14.71 -57.91
N GLY A 251 108.85 15.22 -58.04
CA GLY A 251 109.89 15.17 -57.01
C GLY A 251 110.20 13.75 -56.56
N ASP A 252 109.90 12.76 -57.40
CA ASP A 252 110.16 11.32 -57.12
C ASP A 252 109.47 10.92 -55.81
N GLY A 253 108.22 11.34 -55.63
CA GLY A 253 107.39 11.08 -54.43
C GLY A 253 106.02 10.52 -54.78
N LEU A 254 105.68 9.36 -54.22
CA LEU A 254 104.34 8.72 -54.35
C LEU A 254 103.48 9.15 -53.14
N TYR A 255 102.31 9.75 -53.41
CA TYR A 255 101.36 10.28 -52.39
C TYR A 255 100.22 9.27 -52.19
N LEU A 256 100.19 8.62 -51.02
CA LEU A 256 99.09 7.73 -50.55
C LEU A 256 98.22 8.44 -49.53
N SER A 257 96.89 8.28 -49.63
CA SER A 257 95.88 8.79 -48.68
C SER A 257 94.86 7.69 -48.40
N SER A 258 94.28 7.69 -47.19
CA SER A 258 93.37 6.66 -46.65
C SER A 258 92.35 7.34 -45.72
N ALA A 259 91.13 6.79 -45.68
CA ALA A 259 90.09 7.15 -44.71
C ALA A 259 89.16 5.94 -44.55
N ASP A 260 89.36 5.15 -43.49
CA ASP A 260 88.56 3.92 -43.26
C ASP A 260 88.01 3.94 -41.83
N VAL A 261 86.91 4.67 -41.68
CA VAL A 261 86.07 4.73 -40.45
C VAL A 261 84.97 3.69 -40.62
N ALA A 262 85.16 2.50 -40.03
CA ALA A 262 84.34 1.29 -40.25
C ALA A 262 82.93 1.51 -39.71
N GLY A 263 82.79 2.44 -38.75
CA GLY A 263 81.56 2.76 -38.02
C GLY A 263 81.86 3.20 -36.59
N THR A 264 80.91 3.04 -35.68
CA THR A 264 81.08 3.40 -34.24
C THR A 264 81.07 2.13 -33.40
N PHE A 265 81.76 2.16 -32.26
CA PHE A 265 81.62 1.21 -31.14
C PHE A 265 80.66 1.79 -30.11
N VAL A 266 79.62 1.04 -29.75
CA VAL A 266 78.56 1.46 -28.77
C VAL A 266 78.85 0.74 -27.45
N GLN A 267 79.36 1.46 -26.46
CA GLN A 267 79.79 0.87 -25.16
C GLN A 267 78.57 0.57 -24.28
N GLN A 268 78.58 -0.61 -23.65
CA GLN A 268 77.54 -1.04 -22.67
C GLN A 268 77.55 -0.06 -21.48
N THR A 269 76.39 0.17 -20.88
CA THR A 269 76.22 0.92 -19.61
C THR A 269 76.33 2.42 -19.89
N SER A 270 77.48 2.91 -20.35
CA SER A 270 77.67 4.35 -20.71
C SER A 270 76.71 4.73 -21.85
N GLN A 271 76.50 3.80 -22.79
CA GLN A 271 75.76 4.00 -24.07
C GLN A 271 76.40 5.14 -24.87
N LYS A 272 77.71 5.35 -24.68
CA LYS A 272 78.52 6.33 -25.46
C LYS A 272 79.06 5.64 -26.72
N GLN A 273 79.37 6.44 -27.74
CA GLN A 273 79.82 5.98 -29.08
C GLN A 273 81.25 6.47 -29.35
N TYR A 274 82.04 5.59 -29.95
CA TYR A 274 83.46 5.82 -30.32
C TYR A 274 83.63 5.45 -31.79
N TRP A 275 84.17 6.36 -32.60
CA TRP A 275 84.61 6.08 -33.99
C TRP A 275 85.66 4.96 -33.96
N ARG A 276 85.54 4.00 -34.89
CA ARG A 276 86.47 2.86 -35.04
C ARG A 276 87.11 2.94 -36.44
N GLY A 277 88.42 3.13 -36.50
CA GLY A 277 89.19 3.18 -37.76
C GLY A 277 89.87 1.86 -38.07
N LEU A 278 90.17 1.60 -39.34
CA LEU A 278 90.92 0.41 -39.77
C LEU A 278 92.08 0.83 -40.68
N PRO A 279 93.20 0.08 -40.66
CA PRO A 279 94.34 0.39 -41.50
C PRO A 279 94.12 -0.08 -42.94
N ARG A 280 94.86 0.51 -43.88
CA ARG A 280 94.75 0.20 -45.33
C ARG A 280 96.15 -0.15 -45.87
N TYR A 281 96.28 -1.36 -46.43
CA TYR A 281 97.49 -1.83 -47.15
C TYR A 281 97.45 -1.30 -48.58
N PHE A 282 98.61 -0.86 -49.07
CA PHE A 282 98.83 -0.50 -50.49
C PHE A 282 99.96 -1.35 -51.06
N ASN A 283 99.79 -1.76 -52.31
CA ASN A 283 100.84 -2.39 -53.14
C ASN A 283 100.78 -1.73 -54.52
N ILE A 284 101.65 -0.74 -54.77
CA ILE A 284 101.61 0.05 -56.03
C ILE A 284 102.70 -0.47 -56.95
N THR A 285 102.38 -0.62 -58.24
CA THR A 285 103.33 -0.92 -59.33
C THR A 285 103.55 0.37 -60.14
N LEU A 286 104.82 0.76 -60.30
CA LEU A 286 105.21 1.95 -61.09
C LEU A 286 106.20 1.54 -62.17
N ARG A 287 106.24 2.31 -63.26
CA ARG A 287 107.12 2.12 -64.44
C ARG A 287 107.72 3.49 -64.77
N LYS A 288 108.93 3.52 -65.35
CA LYS A 288 109.60 4.79 -65.76
C LYS A 288 108.87 5.32 -66.99
N ARG A 289 108.64 6.63 -67.05
CA ARG A 289 107.92 7.30 -68.17
C ARG A 289 108.66 8.58 -68.51
N ALA A 290 108.76 8.88 -69.81
CA ALA A 290 109.50 10.02 -70.37
C ALA A 290 108.54 11.19 -70.58
N VAL A 291 109.01 12.40 -70.27
CA VAL A 291 108.18 13.64 -70.34
C VAL A 291 109.06 14.78 -70.86
N LYS A 292 108.47 15.72 -71.60
CA LYS A 292 109.16 16.91 -72.16
C LYS A 292 109.35 17.94 -71.04
N ASN A 293 110.52 18.59 -71.02
CA ASN A 293 110.95 19.62 -70.05
C ASN A 293 111.62 18.93 -68.86
N GLY B 24 105.16 -18.47 -55.34
CA GLY B 24 105.89 -17.21 -55.15
C GLY B 24 107.21 -17.39 -54.42
N GLY B 25 108.33 -17.17 -55.11
CA GLY B 25 109.67 -17.31 -54.52
C GLY B 25 110.44 -18.42 -55.21
N ILE B 26 109.78 -19.12 -56.13
CA ILE B 26 110.35 -20.27 -56.88
C ILE B 26 110.49 -19.86 -58.35
N GLU B 27 111.46 -20.42 -59.07
CA GLU B 27 111.59 -20.17 -60.52
C GLU B 27 110.60 -21.11 -61.19
N VAL B 28 109.52 -20.57 -61.74
CA VAL B 28 108.42 -21.41 -62.30
C VAL B 28 108.72 -21.68 -63.77
N LEU B 29 108.67 -22.95 -64.18
CA LEU B 29 109.01 -23.40 -65.56
C LEU B 29 107.73 -23.90 -66.27
N ASP B 30 107.87 -24.83 -67.21
CA ASP B 30 106.78 -25.33 -68.09
C ASP B 30 105.73 -26.08 -67.26
N VAL B 31 104.48 -26.04 -67.71
CA VAL B 31 103.38 -26.92 -67.22
C VAL B 31 103.59 -28.32 -67.79
N LYS B 32 103.96 -29.32 -66.98
CA LYS B 32 104.01 -30.73 -67.45
C LYS B 32 102.59 -31.11 -67.91
N THR B 33 102.45 -31.71 -69.09
CA THR B 33 101.18 -32.27 -69.60
C THR B 33 101.41 -33.72 -70.01
N GLY B 34 100.34 -34.52 -70.05
CA GLY B 34 100.41 -35.97 -70.29
C GLY B 34 99.29 -36.67 -69.53
N PRO B 35 99.26 -38.01 -69.49
CA PRO B 35 98.32 -38.73 -68.63
C PRO B 35 98.76 -38.57 -67.17
N ASP B 36 97.78 -38.45 -66.26
CA ASP B 36 98.00 -38.33 -64.79
C ASP B 36 98.83 -37.07 -64.48
N SER B 37 98.63 -35.98 -65.24
CA SER B 37 99.27 -34.67 -65.02
C SER B 37 98.32 -33.69 -64.33
N THR B 38 97.02 -34.02 -64.27
CA THR B 38 95.98 -33.29 -63.49
C THR B 38 95.31 -34.27 -62.51
N THR B 39 94.89 -33.76 -61.35
CA THR B 39 94.07 -34.48 -60.34
C THR B 39 93.11 -33.48 -59.69
N THR B 40 91.99 -33.98 -59.16
CA THR B 40 91.02 -33.17 -58.37
C THR B 40 90.96 -33.74 -56.95
N ILE B 41 90.95 -32.87 -55.94
CA ILE B 41 90.73 -33.25 -54.52
C ILE B 41 89.41 -32.66 -54.03
N GLU B 42 88.60 -33.49 -53.36
CA GLU B 42 87.37 -33.10 -52.62
C GLU B 42 87.69 -33.08 -51.12
N ALA B 43 87.27 -32.03 -50.42
CA ALA B 43 87.46 -31.88 -48.96
C ALA B 43 86.32 -31.02 -48.40
N TYR B 44 86.09 -31.12 -47.08
CA TYR B 44 85.20 -30.19 -46.33
C TYR B 44 85.91 -29.75 -45.06
N LEU B 45 85.64 -28.52 -44.64
CA LEU B 45 86.02 -27.99 -43.32
C LEU B 45 84.76 -27.72 -42.52
N ASN B 46 84.54 -28.48 -41.45
CA ASN B 46 83.48 -28.21 -40.44
C ASN B 46 83.89 -26.95 -39.69
N PRO B 47 82.91 -26.14 -39.21
CA PRO B 47 83.22 -24.87 -38.57
C PRO B 47 83.83 -25.08 -37.17
N ARG B 48 84.59 -24.09 -36.69
CA ARG B 48 85.19 -24.12 -35.32
C ARG B 48 84.79 -22.82 -34.60
N VAL B 49 83.53 -22.78 -34.19
CA VAL B 49 82.90 -21.59 -33.54
C VAL B 49 83.11 -21.66 -32.02
N GLY B 50 83.82 -22.68 -31.51
CA GLY B 50 84.16 -22.84 -30.09
C GLY B 50 83.81 -24.23 -29.57
N GLN B 51 82.79 -24.85 -30.16
CA GLN B 51 82.50 -26.30 -30.02
C GLN B 51 82.48 -26.89 -31.43
N ASN B 52 82.17 -28.19 -31.54
CA ASN B 52 82.38 -28.97 -32.77
C ASN B 52 81.06 -29.25 -33.49
N TRP B 53 79.92 -28.88 -32.91
CA TRP B 53 78.60 -29.24 -33.50
C TRP B 53 77.87 -27.98 -33.97
N GLY B 54 78.64 -26.96 -34.35
CA GLY B 54 78.18 -25.84 -35.19
C GLY B 54 77.64 -24.66 -34.39
N PHE B 55 77.57 -24.79 -33.07
CA PHE B 55 77.19 -23.69 -32.13
C PHE B 55 78.27 -23.49 -31.08
N SER B 56 78.57 -22.23 -30.76
CA SER B 56 79.37 -21.82 -29.57
C SER B 56 78.51 -22.01 -28.31
N THR B 57 79.12 -21.90 -27.13
CA THR B 57 78.39 -21.70 -25.86
C THR B 57 77.94 -20.22 -25.82
N GLU B 58 77.13 -19.83 -24.83
CA GLU B 58 76.53 -18.47 -24.80
C GLU B 58 77.63 -17.42 -24.90
N ILE B 59 77.35 -16.35 -25.63
CA ILE B 59 78.24 -15.16 -25.72
C ILE B 59 78.14 -14.41 -24.41
N THR B 60 79.27 -14.10 -23.77
CA THR B 60 79.35 -13.40 -22.47
C THR B 60 79.97 -12.02 -22.70
N VAL B 61 79.65 -11.05 -21.83
CA VAL B 61 80.16 -9.65 -21.91
C VAL B 61 80.52 -9.20 -20.51
N ALA B 62 81.82 -9.23 -20.17
CA ALA B 62 82.37 -8.68 -18.92
C ALA B 62 81.76 -7.29 -18.67
N SER B 63 81.47 -6.97 -17.40
CA SER B 63 81.04 -5.61 -16.99
C SER B 63 82.22 -4.65 -17.22
N ASN B 64 81.95 -3.40 -17.61
CA ASN B 64 82.99 -2.36 -17.76
C ASN B 64 83.92 -2.46 -16.53
N GLY B 65 85.22 -2.33 -16.74
CA GLY B 65 86.24 -2.33 -15.66
C GLY B 65 86.67 -3.73 -15.24
N TYR B 66 85.93 -4.77 -15.61
CA TYR B 66 86.29 -6.19 -15.37
C TYR B 66 87.15 -6.71 -16.54
N ASN B 67 87.96 -7.75 -16.29
CA ASN B 67 88.76 -8.43 -17.33
C ASN B 67 87.86 -8.90 -18.46
N ASP B 68 88.26 -8.65 -19.71
CA ASP B 68 87.64 -9.23 -20.93
C ASP B 68 88.26 -10.62 -21.17
N ALA B 69 87.66 -11.65 -20.58
CA ALA B 69 88.19 -13.03 -20.58
C ALA B 69 87.07 -13.99 -20.97
N PRO B 70 86.74 -14.07 -22.28
CA PRO B 70 85.66 -14.94 -22.74
C PRO B 70 86.08 -16.41 -22.62
N HIS B 71 85.09 -17.30 -22.61
CA HIS B 71 85.24 -18.78 -22.54
C HIS B 71 85.83 -19.31 -23.84
N LEU B 72 86.75 -20.26 -23.75
CA LEU B 72 87.26 -21.02 -24.91
C LEU B 72 86.11 -21.31 -25.88
N THR B 73 84.97 -21.79 -25.38
CA THR B 73 83.89 -22.36 -26.22
C THR B 73 82.95 -21.27 -26.77
N GLU B 74 83.31 -19.98 -26.69
CA GLU B 74 82.48 -18.89 -27.26
C GLU B 74 83.27 -18.08 -28.29
N ILE B 75 84.55 -18.42 -28.52
CA ILE B 75 85.46 -17.75 -29.48
C ILE B 75 85.51 -18.56 -30.77
N PRO B 76 84.88 -18.09 -31.88
CA PRO B 76 85.04 -18.71 -33.18
C PRO B 76 86.46 -18.54 -33.75
N CYS B 77 86.96 -19.62 -34.36
CA CYS B 77 88.32 -19.72 -34.94
C CYS B 77 88.25 -20.11 -36.42
N TYR B 78 89.35 -19.88 -37.15
CA TYR B 78 89.55 -20.38 -38.53
C TYR B 78 89.65 -21.91 -38.49
N SER B 79 88.86 -22.56 -39.35
CA SER B 79 89.05 -23.98 -39.72
C SER B 79 90.23 -24.06 -40.69
N SER B 80 91.07 -25.09 -40.58
CA SER B 80 92.24 -25.31 -41.48
C SER B 80 92.54 -26.81 -41.56
N ALA B 81 93.05 -27.23 -42.71
CA ALA B 81 93.47 -28.62 -42.98
C ALA B 81 94.54 -28.58 -44.06
N ARG B 82 95.50 -29.50 -43.98
CA ARG B 82 96.49 -29.79 -45.05
C ARG B 82 96.09 -31.15 -45.64
N ILE B 83 95.67 -31.17 -46.91
CA ILE B 83 95.38 -32.43 -47.65
C ILE B 83 96.70 -32.91 -48.25
N SER B 84 97.01 -34.20 -48.06
CA SER B 84 98.21 -34.88 -48.63
C SER B 84 97.93 -35.18 -50.11
N LEU B 85 98.81 -34.71 -50.99
CA LEU B 85 98.74 -34.91 -52.46
C LEU B 85 99.65 -36.08 -52.82
N PRO B 86 99.46 -36.73 -54.00
CA PRO B 86 100.37 -37.79 -54.48
C PRO B 86 101.83 -37.32 -54.53
N LEU B 87 102.79 -38.18 -54.12
CA LEU B 87 104.24 -37.84 -54.13
C LEU B 87 104.67 -37.68 -55.60
N LEU B 88 105.48 -36.66 -55.89
CA LEU B 88 105.90 -36.31 -57.28
C LEU B 88 107.37 -36.64 -57.53
N ASN B 89 108.28 -36.22 -56.66
CA ASN B 89 109.74 -36.27 -56.85
C ASN B 89 110.25 -37.44 -56.00
N GLU B 90 110.77 -38.51 -56.62
CA GLU B 90 111.43 -39.60 -55.86
C GLU B 90 112.74 -39.08 -55.29
N ASP B 91 113.48 -38.26 -56.05
CA ASP B 91 114.73 -37.57 -55.60
C ASP B 91 114.41 -36.10 -55.31
N ILE B 92 114.53 -35.66 -54.06
CA ILE B 92 114.39 -34.23 -53.66
C ILE B 92 115.60 -33.42 -54.18
N THR B 93 116.64 -34.09 -54.69
CA THR B 93 117.94 -33.49 -55.06
C THR B 93 118.04 -33.21 -56.56
N SER B 94 117.08 -33.65 -57.37
CA SER B 94 117.01 -33.37 -58.83
C SER B 94 116.97 -31.86 -59.08
N PRO B 95 117.65 -31.35 -60.13
CA PRO B 95 117.79 -29.89 -60.34
C PRO B 95 116.55 -29.22 -60.97
N THR B 96 115.56 -30.01 -61.38
CA THR B 96 114.17 -29.51 -61.65
C THR B 96 113.18 -30.40 -60.89
N LEU B 97 112.23 -29.79 -60.16
CA LEU B 97 111.24 -30.49 -59.34
C LEU B 97 109.86 -30.32 -60.01
N LEU B 98 108.93 -31.21 -59.67
CA LEU B 98 107.49 -31.06 -59.96
C LEU B 98 106.74 -30.73 -58.67
N MET B 99 105.96 -29.65 -58.68
CA MET B 99 105.00 -29.29 -57.60
C MET B 99 103.59 -29.30 -58.18
N TRP B 100 102.60 -29.69 -57.39
CA TRP B 100 101.17 -29.55 -57.76
C TRP B 100 100.80 -28.07 -57.77
N GLU B 101 100.08 -27.63 -58.79
CA GLU B 101 99.61 -26.24 -59.00
C GLU B 101 98.09 -26.24 -58.93
N ALA B 102 97.50 -25.60 -57.92
CA ALA B 102 96.05 -25.43 -57.77
C ALA B 102 95.56 -24.46 -58.84
N VAL B 103 94.71 -24.91 -59.75
CA VAL B 103 94.31 -24.13 -60.95
C VAL B 103 92.98 -23.43 -60.64
N SER B 104 92.00 -24.19 -60.15
CA SER B 104 90.60 -23.73 -59.94
C SER B 104 90.03 -24.33 -58.66
N VAL B 105 88.95 -23.75 -58.14
CA VAL B 105 88.18 -24.32 -56.99
C VAL B 105 86.69 -24.06 -57.18
N LYS B 106 85.89 -25.11 -57.06
CA LYS B 106 84.43 -25.06 -56.81
C LYS B 106 84.26 -25.14 -55.28
N THR B 107 83.72 -24.11 -54.63
CA THR B 107 83.50 -24.10 -53.15
C THR B 107 82.05 -23.74 -52.84
N GLU B 108 81.51 -24.31 -51.77
CA GLU B 108 80.08 -24.21 -51.38
C GLU B 108 80.00 -24.15 -49.85
N VAL B 109 79.10 -23.32 -49.31
CA VAL B 109 78.74 -23.32 -47.85
C VAL B 109 77.56 -24.29 -47.68
N VAL B 110 77.81 -25.42 -47.02
CA VAL B 110 76.83 -26.54 -46.88
C VAL B 110 75.86 -26.19 -45.75
N GLY B 111 74.58 -26.55 -45.91
CA GLY B 111 73.56 -26.46 -44.85
C GLY B 111 72.97 -25.07 -44.70
N ILE B 112 73.00 -24.26 -45.75
CA ILE B 112 72.34 -22.93 -45.75
C ILE B 112 70.84 -23.16 -45.48
N SER B 113 70.24 -24.20 -46.08
CA SER B 113 68.80 -24.52 -45.96
C SER B 113 68.44 -24.83 -44.50
N SER B 114 69.41 -25.17 -43.66
CA SER B 114 69.19 -25.51 -42.22
C SER B 114 68.59 -24.32 -41.48
N MET B 115 68.82 -23.10 -41.97
CA MET B 115 68.40 -21.83 -41.32
C MET B 115 66.90 -21.58 -41.51
N LEU B 116 66.25 -22.21 -42.49
CA LEU B 116 64.78 -22.07 -42.68
C LEU B 116 64.06 -22.92 -41.62
N ASN B 117 64.10 -22.46 -40.37
CA ASN B 117 63.69 -23.20 -39.15
C ASN B 117 63.22 -22.19 -38.11
N MET B 118 61.92 -22.11 -37.89
CA MET B 118 61.31 -21.13 -36.95
C MET B 118 60.62 -21.88 -35.79
N HIS B 119 61.03 -23.10 -35.50
CA HIS B 119 60.38 -23.98 -34.48
C HIS B 119 61.40 -24.50 -33.46
N SER B 120 62.71 -24.39 -33.70
CA SER B 120 63.75 -24.95 -32.80
C SER B 120 64.23 -23.90 -31.79
N TYR B 121 63.31 -23.48 -30.91
CA TYR B 121 63.54 -22.78 -29.62
C TYR B 121 64.04 -21.34 -29.83
N GLY B 122 63.84 -20.76 -31.01
CA GLY B 122 64.26 -19.38 -31.28
C GLY B 122 63.39 -18.39 -30.52
N LEU B 123 63.96 -17.26 -30.09
CA LEU B 123 63.18 -16.12 -29.53
C LEU B 123 62.01 -15.83 -30.48
N ARG B 124 60.79 -15.76 -29.96
CA ARG B 124 59.58 -15.74 -30.82
C ARG B 124 59.22 -14.30 -31.19
N ALA B 125 58.77 -14.10 -32.43
CA ALA B 125 58.42 -12.78 -33.00
C ALA B 125 56.99 -12.42 -32.60
N PHE B 126 56.64 -11.16 -32.76
CA PHE B 126 55.28 -10.62 -32.53
C PHE B 126 54.82 -10.96 -31.11
N GLY B 127 55.66 -10.55 -30.14
CA GLY B 127 55.37 -10.59 -28.69
C GLY B 127 55.17 -12.00 -28.16
N GLY B 128 55.78 -13.01 -28.79
CA GLY B 128 55.82 -14.40 -28.29
C GLY B 128 54.83 -15.32 -29.00
N TYR B 129 53.94 -14.78 -29.82
CA TYR B 129 52.87 -15.56 -30.52
C TYR B 129 53.35 -16.06 -31.89
N GLY B 130 54.35 -15.40 -32.48
CA GLY B 130 54.93 -15.78 -33.78
C GLY B 130 55.90 -16.96 -33.67
N GLY B 131 56.66 -17.22 -34.73
CA GLY B 131 57.70 -18.29 -34.79
C GLY B 131 59.04 -17.80 -34.27
N GLY B 132 59.99 -18.72 -34.10
CA GLY B 132 61.35 -18.44 -33.60
C GLY B 132 62.18 -17.67 -34.61
N TYR B 133 63.05 -16.78 -34.12
CA TYR B 133 64.07 -16.07 -34.94
C TYR B 133 64.96 -17.11 -35.62
N THR B 134 65.03 -17.04 -36.96
CA THR B 134 66.10 -17.69 -37.76
C THR B 134 67.43 -17.04 -37.41
N ILE B 135 68.53 -17.74 -37.65
CA ILE B 135 69.89 -17.19 -37.36
C ILE B 135 69.96 -15.77 -37.92
N GLU B 136 70.51 -14.83 -37.15
CA GLU B 136 70.75 -13.44 -37.61
C GLU B 136 71.92 -12.83 -36.84
N GLY B 137 72.28 -11.61 -37.23
CA GLY B 137 73.36 -10.82 -36.61
C GLY B 137 74.58 -10.74 -37.51
N SER B 138 75.69 -10.23 -36.98
CA SER B 138 76.99 -10.08 -37.67
C SER B 138 77.47 -11.46 -38.10
N HIS B 139 78.06 -11.53 -39.30
CA HIS B 139 78.53 -12.80 -39.93
C HIS B 139 79.79 -12.55 -40.76
N ILE B 140 80.58 -13.59 -40.97
CA ILE B 140 81.79 -13.59 -41.85
C ILE B 140 81.78 -14.89 -42.66
N HIS B 141 82.06 -14.76 -43.96
CA HIS B 141 82.26 -15.91 -44.87
C HIS B 141 83.60 -15.74 -45.57
N PHE B 142 84.45 -16.75 -45.49
CA PHE B 142 85.86 -16.66 -45.94
C PHE B 142 86.42 -18.04 -46.24
N PHE B 143 87.18 -18.15 -47.34
CA PHE B 143 87.95 -19.38 -47.68
C PHE B 143 89.27 -18.98 -48.34
N SER B 144 90.29 -19.82 -48.17
CA SER B 144 91.58 -19.68 -48.89
C SER B 144 92.04 -21.06 -49.37
N VAL B 145 92.66 -21.08 -50.56
CA VAL B 145 93.42 -22.24 -51.11
C VAL B 145 94.87 -21.77 -51.27
N GLY B 146 95.82 -22.61 -50.86
CA GLY B 146 97.23 -22.20 -50.76
C GLY B 146 98.17 -23.38 -50.87
N GLY B 147 99.42 -23.10 -51.22
CA GLY B 147 100.50 -24.10 -51.33
C GLY B 147 101.28 -24.22 -50.05
N GLU B 148 100.84 -23.49 -49.01
CA GLU B 148 101.50 -23.46 -47.68
C GLU B 148 100.52 -22.85 -46.70
N PRO B 149 100.83 -22.92 -45.39
CA PRO B 149 99.99 -22.24 -44.39
C PRO B 149 99.70 -20.77 -44.75
N LEU B 150 98.46 -20.34 -44.49
CA LEU B 150 97.98 -18.96 -44.76
C LEU B 150 98.66 -18.00 -43.79
N ASP B 151 99.20 -16.89 -44.29
CA ASP B 151 99.85 -15.82 -43.47
C ASP B 151 98.78 -14.97 -42.80
N LEU B 152 98.88 -14.79 -41.48
CA LEU B 152 97.93 -14.04 -40.61
C LEU B 152 98.61 -12.79 -40.05
N GLN B 153 97.93 -11.65 -40.14
CA GLN B 153 98.31 -10.36 -39.50
C GLN B 153 97.43 -10.19 -38.25
N GLY B 154 98.04 -9.78 -37.14
CA GLY B 154 97.34 -9.51 -35.86
C GLY B 154 96.63 -8.17 -35.91
N LEU B 155 95.31 -8.21 -35.69
CA LEU B 155 94.49 -6.99 -35.44
C LEU B 155 93.20 -7.42 -34.74
N MET B 156 92.87 -6.74 -33.64
CA MET B 156 91.76 -7.07 -32.70
C MET B 156 91.09 -5.79 -32.22
N GLN B 157 89.86 -5.90 -31.70
CA GLN B 157 89.05 -4.75 -31.21
C GLN B 157 89.57 -4.29 -29.85
N ASN B 158 90.01 -5.21 -29.00
CA ASN B 158 90.47 -4.92 -27.61
C ASN B 158 91.80 -5.61 -27.32
N HIS B 159 92.89 -4.85 -27.26
CA HIS B 159 94.27 -5.39 -27.08
C HIS B 159 94.33 -6.22 -25.78
N SER B 160 93.52 -5.88 -24.78
CA SER B 160 93.58 -6.47 -23.43
C SER B 160 92.88 -7.84 -23.37
N THR B 161 92.13 -8.21 -24.42
CA THR B 161 91.35 -9.47 -24.42
C THR B 161 92.28 -10.63 -24.00
N GLN B 162 91.80 -11.53 -23.15
CA GLN B 162 92.56 -12.70 -22.64
C GLN B 162 91.98 -13.97 -23.25
N TYR B 163 92.73 -14.61 -24.14
CA TYR B 163 92.30 -15.86 -24.83
C TYR B 163 92.77 -17.06 -24.00
N PRO B 164 91.85 -17.95 -23.59
CA PRO B 164 92.25 -19.17 -22.88
C PRO B 164 93.14 -20.07 -23.73
N SER B 165 94.06 -20.80 -23.12
CA SER B 165 94.80 -21.92 -23.77
C SER B 165 93.77 -22.97 -24.19
N PRO B 166 93.93 -23.66 -25.35
CA PRO B 166 95.11 -23.52 -26.22
C PRO B 166 95.06 -22.48 -27.35
N LEU B 167 94.08 -21.57 -27.33
CA LEU B 167 93.94 -20.52 -28.38
C LEU B 167 95.21 -19.67 -28.42
N VAL B 168 95.51 -19.09 -29.57
CA VAL B 168 96.70 -18.23 -29.81
C VAL B 168 96.21 -16.87 -30.31
N GLY B 169 96.69 -15.80 -29.70
CA GLY B 169 96.37 -14.42 -30.09
C GLY B 169 97.65 -13.61 -30.28
N PRO B 170 97.55 -12.40 -30.86
CA PRO B 170 98.72 -11.57 -31.13
C PRO B 170 99.50 -11.34 -29.83
N LYS B 171 100.79 -11.66 -29.84
CA LYS B 171 101.74 -11.38 -28.74
C LYS B 171 103.02 -10.83 -29.40
N LYS B 172 103.66 -9.82 -28.81
CA LYS B 172 105.06 -9.44 -29.14
C LYS B 172 105.96 -10.60 -28.72
N PRO B 173 107.27 -10.59 -29.09
CA PRO B 173 108.18 -11.67 -28.67
C PRO B 173 108.26 -11.84 -27.15
N ASP B 174 108.11 -10.75 -26.41
CA ASP B 174 108.25 -10.68 -24.92
C ASP B 174 106.98 -11.20 -24.20
N GLY B 175 105.87 -11.45 -24.90
CA GLY B 175 104.63 -11.99 -24.32
C GLY B 175 103.52 -10.94 -24.21
N THR B 176 103.87 -9.64 -24.20
CA THR B 176 102.95 -8.48 -24.08
C THR B 176 102.03 -8.38 -25.30
N THR B 177 101.00 -7.54 -25.21
CA THR B 177 100.09 -7.17 -26.32
C THR B 177 99.63 -5.73 -26.10
N ASP B 178 100.30 -4.76 -26.73
CA ASP B 178 100.06 -3.31 -26.47
C ASP B 178 98.89 -2.80 -27.33
N ASP B 179 98.65 -1.49 -27.31
CA ASP B 179 97.48 -0.83 -27.95
C ASP B 179 97.59 -0.91 -29.48
N SER B 180 98.81 -1.08 -30.01
CA SER B 180 99.09 -1.10 -31.48
C SER B 180 98.35 -2.27 -32.15
N ALA B 181 98.07 -3.34 -31.42
CA ALA B 181 97.36 -4.55 -31.92
C ALA B 181 95.90 -4.23 -32.30
N GLN B 182 95.45 -2.99 -32.11
CA GLN B 182 94.09 -2.54 -32.53
C GLN B 182 94.17 -1.92 -33.92
N VAL B 183 95.39 -1.67 -34.39
CA VAL B 183 95.68 -1.19 -35.77
C VAL B 183 96.70 -2.14 -36.38
N LEU B 184 97.42 -1.73 -37.43
CA LEU B 184 98.45 -2.57 -38.06
C LEU B 184 99.80 -2.29 -37.36
N ASN B 185 100.34 -3.33 -36.74
CA ASN B 185 101.76 -3.39 -36.30
C ASN B 185 102.36 -4.68 -36.82
N PRO B 186 103.31 -4.59 -37.78
CA PRO B 186 103.94 -5.78 -38.37
C PRO B 186 104.49 -6.80 -37.37
N ILE B 187 104.73 -6.40 -36.11
CA ILE B 187 105.28 -7.29 -35.05
C ILE B 187 104.32 -8.45 -34.81
N TYR B 188 103.02 -8.29 -35.09
CA TYR B 188 101.96 -9.29 -34.79
C TYR B 188 101.63 -10.08 -36.05
N LYS B 189 102.34 -11.19 -36.28
CA LYS B 189 102.15 -12.07 -37.45
C LYS B 189 102.17 -13.54 -36.99
N ALA B 190 101.53 -14.40 -37.77
CA ALA B 190 101.41 -15.84 -37.45
C ALA B 190 101.01 -16.59 -38.71
N LYS B 191 101.27 -17.90 -38.72
CA LYS B 191 100.89 -18.82 -39.80
C LYS B 191 99.72 -19.65 -39.28
N LEU B 192 98.62 -19.72 -40.04
CA LEU B 192 97.42 -20.53 -39.70
C LEU B 192 97.78 -22.01 -39.86
N ASP B 193 98.46 -22.57 -38.86
CA ASP B 193 99.10 -23.91 -38.93
C ASP B 193 98.38 -24.91 -38.02
N LYS B 194 97.20 -24.59 -37.50
CA LYS B 194 96.43 -25.49 -36.60
C LYS B 194 94.95 -25.10 -36.64
N ASP B 195 94.08 -26.10 -36.83
CA ASP B 195 92.60 -25.97 -36.81
C ASP B 195 92.16 -25.46 -35.44
N ALA B 196 91.05 -24.72 -35.40
CA ALA B 196 90.28 -24.40 -34.18
C ALA B 196 91.19 -23.71 -33.13
N THR B 197 92.17 -22.93 -33.56
CA THR B 197 93.23 -22.38 -32.67
C THR B 197 93.35 -20.86 -32.78
N TYR B 198 93.27 -20.31 -34.00
CA TYR B 198 93.47 -18.87 -34.25
C TYR B 198 92.10 -18.20 -34.30
N PRO B 199 91.75 -17.34 -33.33
CA PRO B 199 90.46 -16.67 -33.32
C PRO B 199 90.31 -15.75 -34.54
N ILE B 200 89.14 -15.79 -35.17
CA ILE B 200 88.77 -14.90 -36.31
C ILE B 200 88.95 -13.44 -35.87
N GLU B 201 88.72 -13.13 -34.58
CA GLU B 201 88.55 -11.73 -34.10
C GLU B 201 89.89 -11.02 -33.93
N CYS B 202 91.02 -11.74 -33.87
CA CYS B 202 92.37 -11.12 -33.63
C CYS B 202 93.31 -11.37 -34.80
N TRP B 203 92.90 -12.15 -35.81
CA TRP B 203 93.74 -12.55 -36.97
C TRP B 203 92.98 -12.33 -38.29
N CYS B 204 93.55 -11.56 -39.21
CA CYS B 204 93.05 -11.42 -40.60
C CYS B 204 94.13 -11.91 -41.57
N PRO B 205 93.78 -12.29 -42.82
CA PRO B 205 94.79 -12.66 -43.81
C PRO B 205 95.72 -11.47 -44.05
N ASP B 206 97.03 -11.73 -44.04
CA ASP B 206 98.12 -10.72 -44.21
C ASP B 206 98.24 -10.39 -45.70
N PRO B 207 97.85 -9.17 -46.14
CA PRO B 207 97.95 -8.83 -47.56
C PRO B 207 99.38 -8.48 -48.01
N SER B 208 100.32 -8.37 -47.08
CA SER B 208 101.75 -8.12 -47.35
C SER B 208 102.48 -9.43 -47.72
N ARG B 209 101.82 -10.57 -47.50
CA ARG B 209 102.39 -11.91 -47.77
C ARG B 209 101.37 -12.72 -48.58
N ASN B 210 101.20 -14.00 -48.26
CA ASN B 210 100.24 -14.91 -48.95
C ASN B 210 100.47 -14.89 -50.46
N GLU B 211 101.71 -14.72 -50.93
CA GLU B 211 102.06 -14.77 -52.38
C GLU B 211 101.62 -16.12 -52.93
N ASN B 212 101.75 -17.20 -52.15
CA ASN B 212 101.47 -18.61 -52.60
C ASN B 212 100.11 -19.07 -52.07
N SER B 213 99.18 -18.15 -51.81
CA SER B 213 97.79 -18.44 -51.36
C SER B 213 96.80 -17.48 -52.02
N ARG B 214 95.58 -17.95 -52.28
CA ARG B 214 94.44 -17.11 -52.76
C ARG B 214 93.36 -17.14 -51.68
N TYR B 215 92.98 -15.97 -51.15
CA TYR B 215 91.95 -15.85 -50.08
C TYR B 215 90.86 -14.86 -50.50
N PHE B 216 89.64 -15.10 -49.99
CA PHE B 216 88.41 -14.36 -50.32
C PHE B 216 87.50 -14.31 -49.08
N GLY B 217 87.14 -13.12 -48.62
CA GLY B 217 86.36 -12.93 -47.38
C GLY B 217 85.37 -11.79 -47.47
N SER B 218 84.25 -11.93 -46.78
CA SER B 218 83.19 -10.90 -46.69
C SER B 218 82.58 -10.91 -45.29
N TYR B 219 82.66 -9.78 -44.58
CA TYR B 219 82.05 -9.56 -43.24
C TYR B 219 80.89 -8.57 -43.37
N THR B 220 79.78 -8.88 -42.71
CA THR B 220 78.62 -7.98 -42.51
C THR B 220 78.38 -7.86 -41.00
N GLY B 221 78.16 -6.64 -40.50
CA GLY B 221 77.92 -6.36 -39.07
C GLY B 221 76.44 -6.25 -38.74
N GLY B 222 76.12 -5.56 -37.65
CA GLY B 222 74.73 -5.27 -37.23
C GLY B 222 74.21 -6.28 -36.23
N VAL B 223 73.16 -5.91 -35.50
CA VAL B 223 72.64 -6.68 -34.34
C VAL B 223 71.74 -7.82 -34.83
N GLU B 224 70.84 -7.51 -35.76
CA GLU B 224 69.78 -8.43 -36.26
C GLU B 224 69.87 -8.57 -37.78
N THR B 225 71.05 -8.31 -38.38
CA THR B 225 71.27 -8.31 -39.85
C THR B 225 70.90 -9.68 -40.41
N PRO B 226 70.06 -9.75 -41.47
CA PRO B 226 69.67 -11.05 -42.03
C PRO B 226 70.82 -11.59 -42.87
N PRO B 227 71.19 -12.88 -42.71
CA PRO B 227 72.20 -13.48 -43.59
C PRO B 227 71.59 -13.70 -44.98
N VAL B 228 72.38 -13.44 -46.03
CA VAL B 228 72.04 -13.72 -47.46
C VAL B 228 73.13 -14.65 -47.99
N LEU B 229 72.78 -15.90 -48.31
CA LEU B 229 73.73 -16.92 -48.80
C LEU B 229 73.10 -17.65 -49.99
N SER B 230 73.88 -17.82 -51.06
CA SER B 230 73.50 -18.55 -52.30
C SER B 230 74.31 -19.85 -52.38
N PHE B 231 73.79 -20.82 -53.12
CA PHE B 231 74.44 -22.14 -53.34
C PHE B 231 74.13 -22.62 -54.76
N THR B 232 75.12 -23.21 -55.43
CA THR B 232 75.06 -23.73 -56.82
C THR B 232 76.23 -24.67 -57.07
N ASN B 233 76.08 -25.64 -57.97
CA ASN B 233 77.22 -26.51 -58.40
C ASN B 233 77.76 -26.01 -59.75
N THR B 234 77.37 -24.81 -60.19
CA THR B 234 77.73 -24.26 -61.51
C THR B 234 78.77 -23.13 -61.40
N SER B 235 79.44 -22.96 -60.27
CA SER B 235 80.35 -21.80 -60.04
C SER B 235 81.77 -22.28 -59.77
N THR B 236 82.74 -21.70 -60.48
CA THR B 236 84.19 -22.04 -60.41
C THR B 236 85.00 -20.77 -60.24
N THR B 237 86.01 -20.79 -59.38
CA THR B 237 86.94 -19.66 -59.14
C THR B 237 88.31 -20.07 -59.68
N ILE B 238 88.86 -19.28 -60.60
CA ILE B 238 90.25 -19.48 -61.12
C ILE B 238 91.22 -18.99 -60.04
N LEU B 239 92.27 -19.76 -59.76
CA LEU B 239 93.26 -19.47 -58.68
C LEU B 239 94.59 -18.99 -59.30
N LEU B 240 94.67 -18.93 -60.63
CA LEU B 240 95.88 -18.42 -61.34
C LEU B 240 95.98 -16.92 -61.11
N ASP B 241 97.20 -16.41 -60.89
CA ASP B 241 97.49 -14.98 -60.64
C ASP B 241 97.63 -14.26 -61.98
N GLU B 242 98.03 -12.98 -61.93
CA GLU B 242 98.22 -12.08 -63.11
C GLU B 242 99.21 -12.71 -64.11
N ASN B 243 100.06 -13.64 -63.68
CA ASN B 243 101.10 -14.32 -64.52
C ASN B 243 100.72 -15.78 -64.82
N GLY B 244 99.45 -16.18 -64.64
CA GLY B 244 98.99 -17.54 -64.97
C GLY B 244 99.56 -18.62 -64.04
N VAL B 245 100.07 -18.24 -62.87
CA VAL B 245 100.61 -19.21 -61.85
C VAL B 245 99.59 -19.36 -60.72
N GLY B 246 99.23 -20.59 -60.41
CA GLY B 246 98.40 -20.94 -59.24
C GLY B 246 99.25 -21.20 -58.00
N PRO B 247 98.62 -21.41 -56.83
CA PRO B 247 99.36 -21.85 -55.64
C PRO B 247 100.14 -23.13 -55.93
N LEU B 248 101.43 -23.13 -55.59
CA LEU B 248 102.34 -24.30 -55.73
C LEU B 248 102.45 -24.99 -54.37
N CYS B 249 101.97 -26.23 -54.28
CA CYS B 249 101.88 -27.02 -53.01
C CYS B 249 103.26 -27.52 -52.57
N LYS B 250 103.93 -26.76 -51.70
CA LYS B 250 105.20 -27.17 -51.03
C LYS B 250 104.95 -28.46 -50.26
N GLY B 251 105.95 -29.36 -50.23
CA GLY B 251 105.88 -30.66 -49.53
C GLY B 251 104.70 -31.50 -49.99
N ASP B 252 104.17 -31.27 -51.17
CA ASP B 252 103.03 -32.02 -51.76
C ASP B 252 101.83 -31.95 -50.80
N GLY B 253 101.56 -30.73 -50.30
CA GLY B 253 100.45 -30.44 -49.37
C GLY B 253 99.61 -29.26 -49.81
N LEU B 254 98.30 -29.47 -49.95
CA LEU B 254 97.29 -28.41 -50.26
C LEU B 254 96.72 -27.87 -48.95
N TYR B 255 96.82 -26.56 -48.72
CA TYR B 255 96.33 -25.86 -47.51
C TYR B 255 94.97 -25.22 -47.79
N LEU B 256 93.92 -25.76 -47.16
CA LEU B 256 92.54 -25.19 -47.14
C LEU B 256 92.28 -24.49 -45.81
N SER B 257 91.63 -23.34 -45.86
CA SER B 257 91.16 -22.56 -44.68
C SER B 257 89.73 -22.09 -44.94
N SER B 258 88.94 -21.96 -43.88
CA SER B 258 87.48 -21.67 -43.89
C SER B 258 87.15 -20.83 -42.64
N ALA B 259 86.16 -19.95 -42.79
CA ALA B 259 85.53 -19.20 -41.68
C ALA B 259 84.11 -18.84 -42.11
N ASP B 260 83.12 -19.62 -41.67
CA ASP B 260 81.70 -19.39 -42.07
C ASP B 260 80.83 -19.36 -40.81
N VAL B 261 80.83 -18.18 -40.17
CA VAL B 261 79.96 -17.82 -39.03
C VAL B 261 78.73 -17.13 -39.60
N ALA B 262 77.64 -17.88 -39.77
CA ALA B 262 76.44 -17.48 -40.54
C ALA B 262 75.72 -16.33 -39.82
N GLY B 263 75.96 -16.22 -38.51
CA GLY B 263 75.32 -15.26 -37.58
C GLY B 263 75.17 -15.85 -36.20
N THR B 264 74.22 -15.36 -35.41
CA THR B 264 73.92 -15.86 -34.05
C THR B 264 72.56 -16.54 -34.03
N PHE B 265 72.40 -17.51 -33.13
CA PHE B 265 71.09 -18.07 -32.71
C PHE B 265 70.64 -17.36 -31.43
N VAL B 266 69.43 -16.79 -31.43
CA VAL B 266 68.83 -16.04 -30.29
C VAL B 266 67.82 -16.95 -29.61
N GLN B 267 68.16 -17.49 -28.43
CA GLN B 267 67.31 -18.50 -27.73
C GLN B 267 66.14 -17.80 -27.04
N GLN B 268 64.95 -18.40 -27.15
CA GLN B 268 63.72 -17.93 -26.46
C GLN B 268 63.94 -18.00 -24.94
N THR B 269 63.32 -17.08 -24.20
CA THR B 269 63.25 -17.08 -22.72
C THR B 269 64.59 -16.61 -22.15
N SER B 270 65.70 -17.32 -22.38
CA SER B 270 67.04 -16.90 -21.91
C SER B 270 67.42 -15.56 -22.57
N GLN B 271 67.04 -15.37 -23.83
CA GLN B 271 67.42 -14.24 -24.71
C GLN B 271 68.95 -14.17 -24.83
N LYS B 272 69.62 -15.31 -24.68
CA LYS B 272 71.09 -15.45 -24.88
C LYS B 272 71.37 -15.77 -26.36
N GLN B 273 72.59 -15.45 -26.81
CA GLN B 273 73.03 -15.55 -28.22
C GLN B 273 74.18 -16.56 -28.32
N TYR B 274 74.13 -17.36 -29.37
CA TYR B 274 75.12 -18.41 -29.70
C TYR B 274 75.57 -18.22 -31.16
N TRP B 275 76.88 -18.15 -31.37
CA TRP B 275 77.48 -18.18 -32.74
C TRP B 275 77.07 -19.48 -33.44
N ARG B 276 76.69 -19.39 -34.71
CA ARG B 276 76.28 -20.54 -35.55
C ARG B 276 77.24 -20.63 -36.75
N GLY B 277 78.01 -21.72 -36.83
CA GLY B 277 78.95 -21.96 -37.93
C GLY B 277 78.36 -22.90 -38.98
N LEU B 278 78.86 -22.83 -40.21
CA LEU B 278 78.46 -23.77 -41.29
C LEU B 278 79.70 -24.36 -41.93
N PRO B 279 79.62 -25.61 -42.44
CA PRO B 279 80.75 -26.25 -43.09
C PRO B 279 80.92 -25.73 -44.54
N ARG B 280 82.12 -25.88 -45.09
CA ARG B 280 82.48 -25.43 -46.45
C ARG B 280 83.06 -26.62 -47.24
N TYR B 281 82.44 -26.94 -48.37
CA TYR B 281 82.91 -27.94 -49.36
C TYR B 281 83.96 -27.27 -50.25
N PHE B 282 85.03 -27.99 -50.56
CA PHE B 282 86.05 -27.61 -51.57
C PHE B 282 86.15 -28.70 -52.63
N ASN B 283 86.32 -28.28 -53.88
CA ASN B 283 86.66 -29.16 -55.03
C ASN B 283 87.78 -28.46 -55.81
N ILE B 284 89.03 -28.84 -55.57
CA ILE B 284 90.21 -28.16 -56.18
C ILE B 284 90.71 -29.01 -57.34
N THR B 285 91.03 -28.37 -58.47
CA THR B 285 91.72 -28.97 -59.63
C THR B 285 93.18 -28.52 -59.63
N LEU B 286 94.11 -29.48 -59.67
CA LEU B 286 95.56 -29.21 -59.71
C LEU B 286 96.18 -29.89 -60.94
N ARG B 287 97.31 -29.34 -61.42
CA ARG B 287 98.10 -29.84 -62.56
C ARG B 287 99.57 -29.87 -62.14
N LYS B 288 100.39 -30.76 -62.71
CA LYS B 288 101.84 -30.85 -62.38
C LYS B 288 102.53 -29.64 -63.02
N ARG B 289 103.47 -29.03 -62.31
CA ARG B 289 104.22 -27.84 -62.79
C ARG B 289 105.70 -28.01 -62.40
N ALA B 290 106.60 -27.60 -63.29
CA ALA B 290 108.06 -27.75 -63.16
C ALA B 290 108.64 -26.47 -62.56
N VAL B 291 109.61 -26.61 -61.66
CA VAL B 291 110.27 -25.47 -60.95
C VAL B 291 111.75 -25.76 -60.81
N LYS B 292 112.60 -24.72 -60.81
CA LYS B 292 114.07 -24.83 -60.68
C LYS B 292 114.43 -25.09 -59.21
N ASN B 293 115.44 -25.92 -58.99
CA ASN B 293 115.88 -26.39 -57.66
C ASN B 293 117.35 -26.83 -57.77
N GLY C 24 77.17 -38.44 -66.30
CA GLY C 24 77.50 -39.51 -65.28
C GLY C 24 78.70 -40.37 -65.69
N GLY C 25 78.71 -41.65 -65.27
CA GLY C 25 79.73 -42.68 -65.58
C GLY C 25 79.54 -43.32 -66.97
N ILE C 26 78.77 -42.67 -67.85
CA ILE C 26 78.67 -42.95 -69.31
C ILE C 26 79.80 -42.20 -70.04
N GLU C 27 80.22 -42.69 -71.22
CA GLU C 27 81.14 -42.00 -72.16
C GLU C 27 80.29 -41.19 -73.16
N VAL C 28 80.45 -39.86 -73.14
CA VAL C 28 79.62 -38.89 -73.93
C VAL C 28 80.25 -38.66 -75.31
N LEU C 29 79.45 -38.81 -76.36
CA LEU C 29 79.90 -38.72 -77.78
C LEU C 29 79.29 -37.47 -78.42
N ASP C 30 79.11 -37.49 -79.75
CA ASP C 30 78.62 -36.36 -80.58
C ASP C 30 77.17 -36.01 -80.21
N VAL C 31 76.80 -34.75 -80.39
CA VAL C 31 75.40 -34.23 -80.36
C VAL C 31 74.70 -34.67 -81.65
N LYS C 32 73.76 -35.62 -81.60
CA LYS C 32 72.94 -35.96 -82.79
C LYS C 32 72.19 -34.69 -83.21
N THR C 33 72.21 -34.33 -84.50
CA THR C 33 71.41 -33.24 -85.08
C THR C 33 70.62 -33.80 -86.27
N GLY C 34 69.52 -33.16 -86.64
CA GLY C 34 68.57 -33.67 -87.64
C GLY C 34 67.17 -33.20 -87.31
N PRO C 35 66.13 -33.66 -88.04
CA PRO C 35 64.75 -33.38 -87.64
C PRO C 35 64.41 -34.19 -86.38
N ASP C 36 63.61 -33.61 -85.48
CA ASP C 36 63.14 -34.25 -84.23
C ASP C 36 64.34 -34.63 -83.35
N SER C 37 65.39 -33.80 -83.33
CA SER C 37 66.59 -33.99 -82.48
C SER C 37 66.55 -33.07 -81.25
N THR C 38 65.67 -32.07 -81.24
CA THR C 38 65.38 -31.19 -80.08
C THR C 38 63.90 -31.25 -79.72
N THR C 39 63.58 -31.12 -78.43
CA THR C 39 62.20 -30.96 -77.90
C THR C 39 62.23 -30.01 -76.70
N THR C 40 61.10 -29.36 -76.41
CA THR C 40 60.92 -28.51 -75.20
C THR C 40 59.81 -29.13 -74.33
N ILE C 41 60.02 -29.18 -73.01
CA ILE C 41 58.99 -29.62 -72.03
C ILE C 41 58.62 -28.44 -71.13
N GLU C 42 57.32 -28.24 -70.91
CA GLU C 42 56.72 -27.29 -69.94
C GLU C 42 56.22 -28.08 -68.73
N ALA C 43 56.50 -27.60 -67.51
CA ALA C 43 56.06 -28.21 -66.24
C ALA C 43 55.97 -27.13 -65.17
N TYR C 44 55.21 -27.40 -64.10
CA TYR C 44 55.17 -26.56 -62.88
C TYR C 44 55.26 -27.46 -61.65
N LEU C 45 55.90 -26.96 -60.60
CA LEU C 45 55.90 -27.56 -59.25
C LEU C 45 55.18 -26.61 -58.30
N ASN C 46 54.00 -27.03 -57.80
CA ASN C 46 53.29 -26.33 -56.69
C ASN C 46 54.12 -26.53 -55.42
N PRO C 47 54.08 -25.56 -54.49
CA PRO C 47 54.92 -25.63 -53.29
C PRO C 47 54.41 -26.70 -52.32
N ARG C 48 55.30 -27.20 -51.46
CA ARG C 48 54.95 -28.19 -50.40
C ARG C 48 55.43 -27.65 -49.06
N VAL C 49 54.72 -26.65 -48.54
CA VAL C 49 55.06 -25.92 -47.29
C VAL C 49 54.43 -26.64 -46.09
N GLY C 50 53.74 -27.77 -46.30
CA GLY C 50 53.14 -28.59 -45.23
C GLY C 50 51.68 -28.91 -45.52
N GLN C 51 51.00 -28.02 -46.25
CA GLN C 51 49.69 -28.30 -46.89
C GLN C 51 49.84 -28.01 -48.38
N ASN C 52 48.76 -28.13 -49.16
CA ASN C 52 48.81 -28.16 -50.64
C ASN C 52 48.34 -26.83 -51.24
N TRP C 53 47.84 -25.91 -50.43
CA TRP C 53 47.22 -24.67 -50.96
C TRP C 53 48.06 -23.45 -50.58
N GLY C 54 49.36 -23.67 -50.42
CA GLY C 54 50.40 -22.61 -50.46
C GLY C 54 50.70 -22.00 -49.10
N PHE C 55 49.97 -22.42 -48.05
CA PHE C 55 50.23 -22.04 -46.65
C PHE C 55 50.41 -23.27 -45.78
N SER C 56 51.37 -23.22 -44.85
CA SER C 56 51.51 -24.18 -43.73
C SER C 56 50.41 -23.90 -42.69
N THR C 57 50.26 -24.79 -41.71
CA THR C 57 49.51 -24.50 -40.45
C THR C 57 50.41 -23.64 -39.58
N GLU C 58 49.91 -23.11 -38.46
CA GLU C 58 50.67 -22.14 -37.63
C GLU C 58 52.03 -22.73 -37.26
N ILE C 59 53.06 -21.90 -37.25
CA ILE C 59 54.42 -22.25 -36.79
C ILE C 59 54.37 -22.34 -35.26
N THR C 60 54.84 -23.45 -34.70
CA THR C 60 54.85 -23.72 -33.24
C THR C 60 56.29 -23.73 -32.74
N VAL C 61 56.50 -23.41 -31.48
CA VAL C 61 57.84 -23.36 -30.82
C VAL C 61 57.71 -24.00 -29.44
N ALA C 62 58.13 -25.26 -29.31
CA ALA C 62 58.22 -25.98 -28.02
C ALA C 62 58.88 -25.06 -26.98
N SER C 63 58.42 -25.12 -25.73
CA SER C 63 59.08 -24.42 -24.60
C SER C 63 60.45 -25.06 -24.37
N ASN C 64 61.46 -24.28 -23.99
CA ASN C 64 62.79 -24.83 -23.63
C ASN C 64 62.59 -26.07 -22.76
N GLY C 65 63.37 -27.12 -22.98
CA GLY C 65 63.33 -28.38 -22.21
C GLY C 65 62.28 -29.35 -22.69
N TYR C 66 61.31 -28.91 -23.50
CA TYR C 66 60.27 -29.78 -24.13
C TYR C 66 60.80 -30.32 -25.47
N ASN C 67 60.25 -31.45 -25.91
CA ASN C 67 60.59 -32.08 -27.22
C ASN C 67 60.32 -31.07 -28.35
N ASP C 68 61.25 -30.93 -29.28
CA ASP C 68 61.08 -30.19 -30.56
C ASP C 68 60.38 -31.11 -31.57
N ALA C 69 59.06 -31.12 -31.58
CA ALA C 69 58.23 -32.04 -32.39
C ALA C 69 57.15 -31.22 -33.10
N PRO C 70 57.52 -30.53 -34.20
CA PRO C 70 56.57 -29.72 -34.95
C PRO C 70 55.57 -30.62 -35.69
N HIS C 71 54.43 -30.02 -36.07
CA HIS C 71 53.33 -30.66 -36.84
C HIS C 71 53.78 -30.93 -38.27
N LEU C 72 53.43 -32.10 -38.81
CA LEU C 72 53.60 -32.43 -40.24
C LEU C 72 53.32 -31.18 -41.10
N THR C 73 52.20 -30.49 -40.82
CA THR C 73 51.65 -29.45 -41.73
C THR C 73 52.31 -28.08 -41.49
N GLU C 74 53.43 -28.01 -40.76
CA GLU C 74 54.16 -26.72 -40.55
C GLU C 74 55.59 -26.82 -41.05
N ILE C 75 56.00 -27.99 -41.56
CA ILE C 75 57.38 -28.25 -42.10
C ILE C 75 57.35 -28.14 -43.62
N PRO C 76 57.93 -27.07 -44.21
CA PRO C 76 58.09 -26.99 -45.66
C PRO C 76 59.12 -28.00 -46.20
N CYS C 77 58.78 -28.59 -47.34
CA CYS C 77 59.57 -29.64 -48.04
C CYS C 77 59.90 -29.21 -49.47
N TYR C 78 60.90 -29.87 -50.06
CA TYR C 78 61.22 -29.77 -51.51
C TYR C 78 60.07 -30.36 -52.32
N SER C 79 59.60 -29.60 -53.31
CA SER C 79 58.76 -30.10 -54.43
C SER C 79 59.68 -30.85 -55.41
N SER C 80 59.21 -31.97 -55.97
CA SER C 80 59.97 -32.77 -56.96
C SER C 80 59.00 -33.51 -57.89
N ALA C 81 59.41 -33.72 -59.12
CA ALA C 81 58.65 -34.45 -60.17
C ALA C 81 59.64 -35.02 -61.17
N ARG C 82 59.33 -36.19 -61.73
CA ARG C 82 60.04 -36.78 -62.91
C ARG C 82 59.08 -36.68 -64.09
N ILE C 83 59.42 -35.87 -65.10
CA ILE C 83 58.67 -35.76 -66.37
C ILE C 83 59.17 -36.89 -67.30
N SER C 84 58.22 -37.64 -67.89
CA SER C 84 58.50 -38.70 -68.90
C SER C 84 58.81 -38.03 -70.24
N LEU C 85 59.96 -38.36 -70.82
CA LEU C 85 60.43 -37.86 -72.14
C LEU C 85 60.12 -38.92 -73.19
N PRO C 86 60.06 -38.56 -74.51
CA PRO C 86 59.89 -39.54 -75.58
C PRO C 86 60.93 -40.66 -75.53
N LEU C 87 60.51 -41.93 -75.76
CA LEU C 87 61.42 -43.11 -75.77
C LEU C 87 62.39 -42.94 -76.97
N LEU C 88 63.69 -43.22 -76.77
CA LEU C 88 64.72 -42.93 -77.80
C LEU C 88 65.24 -44.10 -78.61
N ASN C 89 65.62 -45.20 -77.92
CA ASN C 89 66.32 -46.31 -78.67
C ASN C 89 65.31 -47.37 -79.12
N GLU C 90 64.82 -47.25 -80.33
CA GLU C 90 63.68 -48.02 -80.88
C GLU C 90 63.89 -48.22 -82.38
N ASP C 91 64.54 -47.25 -83.02
CA ASP C 91 64.93 -47.34 -84.44
C ASP C 91 66.18 -48.20 -84.52
N ILE C 92 66.31 -49.02 -85.56
CA ILE C 92 67.47 -49.94 -85.71
C ILE C 92 68.75 -49.15 -86.00
N THR C 93 68.64 -47.97 -86.60
CA THR C 93 69.79 -47.09 -86.94
C THR C 93 70.25 -46.32 -85.69
N THR C 96 75.39 -46.05 -81.95
CA THR C 96 75.25 -44.98 -80.91
C THR C 96 73.94 -45.24 -80.16
N LEU C 97 73.97 -45.05 -78.82
CA LEU C 97 72.70 -44.94 -78.04
C LEU C 97 72.42 -43.52 -77.60
N LEU C 98 71.13 -43.11 -77.61
CA LEU C 98 70.74 -41.68 -77.48
C LEU C 98 70.13 -41.46 -76.07
N MET C 99 70.60 -40.44 -75.35
CA MET C 99 69.90 -39.89 -74.16
C MET C 99 69.52 -38.43 -74.45
N TRP C 100 68.44 -37.95 -73.86
CA TRP C 100 68.06 -36.52 -73.89
C TRP C 100 69.05 -35.73 -73.01
N GLU C 101 69.50 -34.59 -73.55
CA GLU C 101 70.43 -33.66 -72.87
C GLU C 101 69.69 -32.35 -72.62
N ALA C 102 69.46 -31.99 -71.36
CA ALA C 102 68.86 -30.70 -70.97
C ALA C 102 69.87 -29.58 -71.25
N VAL C 103 69.55 -28.66 -72.14
CA VAL C 103 70.52 -27.65 -72.65
C VAL C 103 70.33 -26.35 -71.86
N SER C 104 69.09 -25.89 -71.77
CA SER C 104 68.72 -24.58 -71.19
C SER C 104 67.40 -24.71 -70.41
N VAL C 105 67.10 -23.74 -69.54
CA VAL C 105 65.79 -23.66 -68.83
C VAL C 105 65.40 -22.19 -68.68
N LYS C 106 64.17 -21.86 -69.06
CA LYS C 106 63.44 -20.65 -68.66
C LYS C 106 62.61 -21.03 -67.43
N THR C 107 62.87 -20.44 -66.26
CA THR C 107 62.14 -20.76 -65.00
C THR C 107 61.62 -19.46 -64.37
N GLU C 108 60.45 -19.54 -63.75
CA GLU C 108 59.69 -18.38 -63.22
C GLU C 108 59.02 -18.80 -61.90
N VAL C 109 59.02 -17.92 -60.90
CA VAL C 109 58.20 -18.08 -59.67
C VAL C 109 56.85 -17.42 -59.91
N VAL C 110 55.79 -18.24 -60.02
CA VAL C 110 54.42 -17.78 -60.41
C VAL C 110 53.74 -17.19 -59.16
N GLY C 111 52.97 -16.12 -59.36
CA GLY C 111 52.09 -15.54 -58.32
C GLY C 111 52.84 -14.62 -57.37
N ILE C 112 53.95 -14.04 -57.80
CA ILE C 112 54.67 -12.99 -57.00
C ILE C 112 53.69 -11.84 -56.75
N SER C 113 52.89 -11.46 -57.75
CA SER C 113 51.92 -10.33 -57.67
C SER C 113 50.87 -10.60 -56.58
N SER C 114 50.67 -11.86 -56.18
CA SER C 114 49.67 -12.27 -55.15
C SER C 114 49.98 -11.59 -53.82
N MET C 115 51.24 -11.22 -53.58
CA MET C 115 51.74 -10.67 -52.30
C MET C 115 51.34 -9.19 -52.17
N LEU C 116 51.01 -8.49 -53.26
CA LEU C 116 50.52 -7.09 -53.18
C LEU C 116 49.07 -7.09 -52.70
N ASN C 117 48.88 -7.38 -51.41
CA ASN C 117 47.57 -7.66 -50.77
C ASN C 117 47.68 -7.26 -49.29
N MET C 118 47.04 -6.15 -48.92
CA MET C 118 47.11 -5.59 -47.54
C MET C 118 45.71 -5.61 -46.91
N HIS C 119 44.80 -6.49 -47.40
CA HIS C 119 43.39 -6.55 -46.94
C HIS C 119 43.00 -7.96 -46.48
N SER C 120 43.80 -8.99 -46.76
CA SER C 120 43.46 -10.39 -46.43
C SER C 120 44.05 -10.79 -45.06
N TYR C 121 43.54 -10.13 -44.01
CA TYR C 121 43.61 -10.54 -42.57
C TYR C 121 45.04 -10.41 -42.00
N GLY C 122 45.92 -9.64 -42.66
CA GLY C 122 47.30 -9.47 -42.18
C GLY C 122 47.32 -8.63 -40.92
N LEU C 123 48.26 -8.89 -40.01
CA LEU C 123 48.54 -8.01 -38.83
C LEU C 123 48.65 -6.58 -39.33
N ARG C 124 47.91 -5.65 -38.76
CA ARG C 124 47.75 -4.28 -39.32
C ARG C 124 48.86 -3.36 -38.82
N ALA C 125 49.37 -2.49 -39.70
CA ALA C 125 50.49 -1.57 -39.42
C ALA C 125 49.95 -0.31 -38.76
N PHE C 126 50.85 0.48 -38.17
CA PHE C 126 50.53 1.81 -37.57
C PHE C 126 49.43 1.63 -36.51
N GLY C 127 49.70 0.74 -35.56
CA GLY C 127 48.89 0.50 -34.35
C GLY C 127 47.48 0.04 -34.64
N GLY C 128 47.26 -0.65 -35.77
CA GLY C 128 45.98 -1.30 -36.10
C GLY C 128 45.12 -0.52 -37.08
N TYR C 129 45.50 0.72 -37.41
CA TYR C 129 44.73 1.64 -38.30
C TYR C 129 45.17 1.48 -39.76
N GLY C 130 46.39 1.00 -40.00
CA GLY C 130 46.94 0.77 -41.35
C GLY C 130 46.42 -0.51 -41.98
N GLY C 131 47.03 -0.93 -43.10
CA GLY C 131 46.71 -2.17 -43.83
C GLY C 131 47.46 -3.37 -43.26
N GLY C 132 47.10 -4.57 -43.73
CA GLY C 132 47.73 -5.84 -43.30
C GLY C 132 49.14 -5.99 -43.81
N TYR C 133 50.01 -6.62 -43.01
CA TYR C 133 51.39 -7.00 -43.40
C TYR C 133 51.32 -7.92 -44.62
N THR C 134 51.98 -7.53 -45.71
CA THR C 134 52.33 -8.40 -46.85
C THR C 134 53.29 -9.48 -46.34
N ILE C 135 53.36 -10.61 -47.04
CA ILE C 135 54.27 -11.71 -46.64
C ILE C 135 55.65 -11.11 -46.35
N GLU C 136 56.28 -11.55 -45.26
CA GLU C 136 57.67 -11.15 -44.91
C GLU C 136 58.33 -12.23 -44.06
N GLY C 137 59.61 -12.03 -43.76
CA GLY C 137 60.44 -12.94 -42.94
C GLY C 137 61.44 -13.69 -43.77
N SER C 138 62.11 -14.68 -43.16
CA SER C 138 63.12 -15.53 -43.80
C SER C 138 62.47 -16.28 -44.96
N HIS C 139 63.21 -16.44 -46.06
CA HIS C 139 62.74 -17.08 -47.32
C HIS C 139 63.87 -17.83 -48.00
N ILE C 140 63.51 -18.81 -48.83
CA ILE C 140 64.45 -19.58 -49.69
C ILE C 140 63.82 -19.73 -51.08
N HIS C 141 64.62 -19.50 -52.11
CA HIS C 141 64.22 -19.74 -53.51
C HIS C 141 65.27 -20.65 -54.15
N PHE C 142 64.83 -21.76 -54.74
CA PHE C 142 65.74 -22.82 -55.23
C PHE C 142 65.07 -23.66 -56.30
N PHE C 143 65.81 -24.01 -57.35
CA PHE C 143 65.37 -24.97 -58.38
C PHE C 143 66.57 -25.79 -58.87
N SER C 144 66.31 -27.02 -59.30
CA SER C 144 67.32 -27.88 -59.96
C SER C 144 66.68 -28.56 -61.17
N VAL C 145 67.48 -28.73 -62.23
CA VAL C 145 67.18 -29.60 -63.41
C VAL C 145 68.27 -30.67 -63.46
N GLY C 146 67.88 -31.91 -63.68
CA GLY C 146 68.77 -33.08 -63.53
C GLY C 146 68.34 -34.24 -64.39
N GLY C 147 69.28 -35.14 -64.68
CA GLY C 147 69.05 -36.37 -65.44
C GLY C 147 68.73 -37.54 -64.52
N GLU C 148 68.63 -37.26 -63.23
CA GLU C 148 68.36 -38.28 -62.17
C GLU C 148 67.94 -37.55 -60.90
N PRO C 149 67.43 -38.27 -59.90
CA PRO C 149 67.12 -37.65 -58.60
C PRO C 149 68.27 -36.80 -58.05
N LEU C 150 67.94 -35.65 -57.45
CA LEU C 150 68.90 -34.69 -56.85
C LEU C 150 69.52 -35.31 -55.59
N ASP C 151 70.84 -35.26 -55.46
CA ASP C 151 71.59 -35.76 -54.26
C ASP C 151 71.46 -34.76 -53.11
N LEU C 152 71.04 -35.23 -51.93
CA LEU C 152 70.81 -34.42 -50.70
C LEU C 152 71.83 -34.81 -49.62
N GLN C 153 72.45 -33.81 -48.99
CA GLN C 153 73.33 -33.93 -47.79
C GLN C 153 72.51 -33.50 -46.57
N GLY C 154 72.60 -34.27 -45.49
CA GLY C 154 71.93 -33.98 -44.22
C GLY C 154 72.65 -32.90 -43.44
N LEU C 155 71.94 -31.81 -43.14
CA LEU C 155 72.40 -30.78 -42.17
C LEU C 155 71.17 -30.00 -41.67
N MET C 156 71.05 -29.85 -40.35
CA MET C 156 69.87 -29.30 -39.63
C MET C 156 70.34 -28.43 -38.46
N GLN C 157 69.46 -27.55 -37.97
CA GLN C 157 69.76 -26.61 -36.84
C GLN C 157 69.75 -27.38 -35.51
N ASN C 158 68.86 -28.36 -35.36
CA ASN C 158 68.66 -29.11 -34.09
C ASN C 158 68.59 -30.61 -34.36
N HIS C 159 69.66 -31.35 -34.01
CA HIS C 159 69.76 -32.81 -34.28
C HIS C 159 68.57 -33.56 -33.68
N SER C 160 68.01 -33.05 -32.58
CA SER C 160 66.97 -33.73 -31.77
C SER C 160 65.59 -33.57 -32.40
N THR C 161 65.42 -32.70 -33.40
CA THR C 161 64.10 -32.41 -34.01
C THR C 161 63.44 -33.74 -34.39
N GLN C 162 62.14 -33.88 -34.12
CA GLN C 162 61.35 -35.11 -34.40
C GLN C 162 60.39 -34.80 -35.56
N TYR C 163 60.64 -35.37 -36.74
CA TYR C 163 59.80 -35.18 -37.94
C TYR C 163 58.72 -36.27 -37.95
N PRO C 164 57.42 -35.90 -38.00
CA PRO C 164 56.35 -36.87 -38.11
C PRO C 164 56.44 -37.68 -39.42
N SER C 165 56.03 -38.94 -39.41
CA SER C 165 55.79 -39.74 -40.64
C SER C 165 54.70 -39.05 -41.45
N PRO C 166 54.76 -39.02 -42.81
CA PRO C 166 55.78 -39.74 -43.59
C PRO C 166 57.07 -38.97 -43.95
N LEU C 167 57.32 -37.81 -43.33
CA LEU C 167 58.54 -37.01 -43.62
C LEU C 167 59.78 -37.85 -43.32
N VAL C 168 60.89 -37.55 -44.00
CA VAL C 168 62.19 -38.25 -43.86
C VAL C 168 63.25 -37.21 -43.49
N GLY C 169 64.02 -37.49 -42.44
CA GLY C 169 65.11 -36.63 -41.98
C GLY C 169 66.39 -37.43 -41.84
N PRO C 170 67.54 -36.76 -41.66
CA PRO C 170 68.83 -37.44 -41.55
C PRO C 170 68.77 -38.48 -40.42
N LYS C 171 69.11 -39.74 -40.74
CA LYS C 171 69.25 -40.83 -39.75
C LYS C 171 70.54 -41.58 -40.12
N LYS C 172 71.33 -42.00 -39.13
CA LYS C 172 72.40 -43.02 -39.34
C LYS C 172 71.73 -44.33 -39.73
N PRO C 173 72.49 -45.37 -40.15
CA PRO C 173 71.90 -46.67 -40.46
C PRO C 173 71.12 -47.28 -39.28
N ASP C 174 71.54 -46.99 -38.05
CA ASP C 174 70.97 -47.58 -36.81
C ASP C 174 69.65 -46.87 -36.40
N GLY C 175 69.29 -45.74 -37.01
CA GLY C 175 68.03 -45.01 -36.73
C GLY C 175 68.25 -43.72 -35.92
N THR C 176 69.38 -43.62 -35.21
CA THR C 176 69.79 -42.43 -34.38
C THR C 176 70.08 -41.24 -35.28
N THR C 177 70.27 -40.07 -34.67
CA THR C 177 70.66 -38.79 -35.30
C THR C 177 71.47 -37.99 -34.28
N ASP C 178 72.81 -38.06 -34.34
CA ASP C 178 73.69 -37.46 -33.29
C ASP C 178 73.95 -35.98 -33.61
N ASP C 179 74.84 -35.35 -32.84
CA ASP C 179 75.11 -33.87 -32.89
C ASP C 179 75.79 -33.51 -34.22
N SER C 180 76.45 -34.46 -34.89
CA SER C 180 77.22 -34.24 -36.14
C SER C 180 76.30 -33.75 -37.26
N ALA C 181 75.01 -34.08 -37.20
CA ALA C 181 73.99 -33.68 -38.21
C ALA C 181 73.75 -32.15 -38.20
N GLN C 182 74.41 -31.41 -37.31
CA GLN C 182 74.34 -29.92 -37.26
C GLN C 182 75.48 -29.34 -38.09
N VAL C 183 76.43 -30.18 -38.47
CA VAL C 183 77.55 -29.83 -39.38
C VAL C 183 77.55 -30.84 -40.53
N LEU C 184 78.66 -31.00 -41.25
CA LEU C 184 78.76 -31.99 -42.35
C LEU C 184 79.26 -33.32 -41.77
N ASN C 185 78.42 -34.35 -41.87
CA ASN C 185 78.82 -35.76 -41.69
C ASN C 185 78.33 -36.55 -42.90
N PRO C 186 79.26 -37.06 -43.74
CA PRO C 186 78.90 -37.80 -44.95
C PRO C 186 77.89 -38.95 -44.73
N ILE C 187 77.75 -39.45 -43.49
CA ILE C 187 76.84 -40.57 -43.16
C ILE C 187 75.39 -40.17 -43.49
N TYR C 188 75.06 -38.88 -43.49
CA TYR C 188 73.67 -38.37 -43.69
C TYR C 188 73.48 -37.91 -45.13
N LYS C 189 73.04 -38.83 -45.99
CA LYS C 189 72.81 -38.57 -47.44
C LYS C 189 71.50 -39.20 -47.86
N ALA C 190 70.88 -38.65 -48.91
CA ALA C 190 69.58 -39.11 -49.42
C ALA C 190 69.39 -38.61 -50.85
N LYS C 191 68.50 -39.25 -51.59
CA LYS C 191 68.11 -38.86 -52.97
C LYS C 191 66.70 -38.27 -52.86
N LEU C 192 66.50 -37.07 -53.41
CA LEU C 192 65.18 -36.38 -53.46
C LEU C 192 64.26 -37.14 -54.41
N ASP C 193 63.69 -38.25 -53.96
CA ASP C 193 62.99 -39.24 -54.82
C ASP C 193 61.48 -39.24 -54.53
N LYS C 194 60.96 -38.27 -53.79
CA LYS C 194 59.51 -38.18 -53.44
C LYS C 194 59.17 -36.72 -53.12
N ASP C 195 58.09 -36.22 -53.72
CA ASP C 195 57.53 -34.86 -53.48
C ASP C 195 57.13 -34.75 -52.01
N ALA C 196 57.16 -33.53 -51.45
CA ALA C 196 56.52 -33.17 -50.18
C ALA C 196 56.98 -34.07 -49.04
N THR C 197 58.23 -34.55 -49.07
CA THR C 197 58.72 -35.61 -48.13
C THR C 197 59.99 -35.18 -47.41
N TYR C 198 60.93 -34.52 -48.10
CA TYR C 198 62.25 -34.14 -47.56
C TYR C 198 62.17 -32.69 -47.08
N PRO C 199 62.23 -32.43 -45.75
CA PRO C 199 62.17 -31.07 -45.25
C PRO C 199 63.36 -30.23 -45.75
N ILE C 200 63.08 -29.00 -46.17
CA ILE C 200 64.11 -28.00 -46.58
C ILE C 200 65.12 -27.83 -45.43
N GLU C 201 64.68 -27.95 -44.18
CA GLU C 201 65.46 -27.50 -43.00
C GLU C 201 66.54 -28.52 -42.60
N CYS C 202 66.47 -29.76 -43.07
CA CYS C 202 67.43 -30.83 -42.68
C CYS C 202 68.20 -31.37 -43.90
N TRP C 203 67.86 -30.93 -45.11
CA TRP C 203 68.45 -31.42 -46.39
C TRP C 203 68.87 -30.24 -47.30
N CYS C 204 70.14 -30.19 -47.70
CA CYS C 204 70.64 -29.24 -48.73
C CYS C 204 71.18 -30.04 -49.91
N PRO C 205 71.28 -29.45 -51.12
CA PRO C 205 71.90 -30.14 -52.25
C PRO C 205 73.35 -30.49 -51.91
N ASP C 206 73.74 -31.74 -52.19
CA ASP C 206 75.07 -32.32 -51.90
C ASP C 206 76.06 -31.84 -52.96
N PRO C 207 77.01 -30.96 -52.63
CA PRO C 207 77.97 -30.46 -53.62
C PRO C 207 79.07 -31.46 -53.96
N SER C 208 79.16 -32.58 -53.23
CA SER C 208 80.13 -33.68 -53.47
C SER C 208 79.62 -34.62 -54.57
N ARG C 209 78.34 -34.47 -54.94
CA ARG C 209 77.68 -35.32 -55.97
C ARG C 209 76.96 -34.41 -56.97
N ASN C 210 75.75 -34.78 -57.39
CA ASN C 210 74.93 -34.00 -58.34
C ASN C 210 75.72 -33.69 -59.63
N GLU C 211 76.62 -34.57 -60.05
CA GLU C 211 77.41 -34.43 -61.31
C GLU C 211 76.41 -34.28 -62.47
N ASN C 212 75.28 -35.00 -62.44
CA ASN C 212 74.29 -35.05 -63.56
C ASN C 212 73.07 -34.17 -63.24
N SER C 213 73.24 -33.14 -62.38
CA SER C 213 72.18 -32.16 -62.01
C SER C 213 72.78 -30.75 -61.92
N ARG C 214 71.98 -29.73 -62.25
CA ARG C 214 72.33 -28.30 -62.06
C ARG C 214 71.34 -27.70 -61.06
N TYR C 215 71.83 -27.15 -59.94
CA TYR C 215 70.98 -26.56 -58.88
C TYR C 215 71.43 -25.14 -58.57
N PHE C 216 70.48 -24.32 -58.14
CA PHE C 216 70.63 -22.87 -57.88
C PHE C 216 69.70 -22.46 -56.73
N GLY C 217 70.26 -21.90 -55.65
CA GLY C 217 69.50 -21.56 -54.44
C GLY C 217 69.98 -20.28 -53.80
N SER C 218 69.06 -19.55 -53.17
CA SER C 218 69.33 -18.32 -52.41
C SER C 218 68.41 -18.26 -51.18
N TYR C 219 69.01 -18.22 -49.99
CA TYR C 219 68.30 -18.03 -48.68
C TYR C 219 68.61 -16.64 -48.13
N THR C 220 67.57 -15.98 -47.63
CA THR C 220 67.65 -14.72 -46.85
C THR C 220 66.95 -14.97 -45.50
N GLY C 221 67.58 -14.54 -44.40
CA GLY C 221 67.05 -14.70 -43.03
C GLY C 221 66.32 -13.45 -42.54
N GLY C 222 66.21 -13.29 -41.22
CA GLY C 222 65.62 -12.12 -40.57
C GLY C 222 64.16 -12.32 -40.24
N VAL C 223 63.63 -11.50 -39.32
CA VAL C 223 62.29 -11.68 -38.71
C VAL C 223 61.23 -11.10 -39.65
N GLU C 224 61.47 -9.89 -40.16
CA GLU C 224 60.50 -9.10 -40.97
C GLU C 224 61.11 -8.72 -42.32
N THR C 225 62.09 -9.48 -42.79
CA THR C 225 62.86 -9.20 -44.03
C THR C 225 61.90 -9.13 -45.22
N PRO C 226 61.94 -8.07 -46.06
CA PRO C 226 61.01 -7.96 -47.18
C PRO C 226 61.49 -8.89 -48.30
N PRO C 227 60.59 -9.70 -48.91
CA PRO C 227 60.97 -10.50 -50.07
C PRO C 227 61.15 -9.58 -51.28
N VAL C 228 62.17 -9.86 -52.10
CA VAL C 228 62.45 -9.19 -53.40
C VAL C 228 62.45 -10.30 -54.47
N LEU C 229 61.47 -10.26 -55.37
CA LEU C 229 61.31 -11.29 -56.43
C LEU C 229 61.01 -10.59 -57.76
N SER C 230 61.70 -11.02 -58.81
CA SER C 230 61.54 -10.52 -60.21
C SER C 230 60.90 -11.60 -61.07
N PHE C 231 60.23 -11.18 -62.14
CA PHE C 231 59.58 -12.10 -63.11
C PHE C 231 59.67 -11.49 -64.51
N THR C 232 59.96 -12.33 -65.51
CA THR C 232 60.15 -11.98 -66.94
C THR C 232 60.12 -13.26 -67.78
N ASN C 233 59.70 -13.18 -69.05
CA ASN C 233 59.77 -14.31 -70.01
C ASN C 233 61.01 -14.17 -70.89
N THR C 234 61.94 -13.27 -70.55
CA THR C 234 63.13 -12.94 -71.38
C THR C 234 64.42 -13.50 -70.78
N SER C 235 64.35 -14.42 -69.83
CA SER C 235 65.55 -14.91 -69.09
C SER C 235 65.73 -16.41 -69.29
N THR C 236 66.95 -16.82 -69.62
CA THR C 236 67.33 -18.23 -69.91
C THR C 236 68.57 -18.59 -69.12
N THR C 237 68.60 -19.79 -68.55
CA THR C 237 69.77 -20.34 -67.81
C THR C 237 70.34 -21.49 -68.63
N ILE C 238 71.61 -21.42 -69.00
CA ILE C 238 72.32 -22.52 -69.72
C ILE C 238 72.64 -23.59 -68.67
N LEU C 239 72.42 -24.85 -69.01
CA LEU C 239 72.61 -26.00 -68.08
C LEU C 239 73.86 -26.79 -68.46
N LEU C 240 74.57 -26.39 -69.52
CA LEU C 240 75.82 -27.05 -69.97
C LEU C 240 76.92 -26.76 -68.94
N ASP C 241 77.76 -27.76 -68.64
CA ASP C 241 78.88 -27.66 -67.66
C ASP C 241 80.11 -27.09 -68.39
N GLU C 242 81.25 -27.07 -67.69
CA GLU C 242 82.56 -26.55 -68.18
C GLU C 242 82.98 -27.27 -69.47
N ASN C 243 82.45 -28.46 -69.76
CA ASN C 243 82.76 -29.29 -70.96
C ASN C 243 81.60 -29.31 -71.96
N GLY C 244 80.65 -28.37 -71.89
CA GLY C 244 79.54 -28.27 -72.85
C GLY C 244 78.54 -29.41 -72.76
N VAL C 245 78.53 -30.17 -71.66
CA VAL C 245 77.57 -31.29 -71.43
C VAL C 245 76.49 -30.84 -70.45
N GLY C 246 75.23 -31.01 -70.84
CA GLY C 246 74.06 -30.79 -69.97
C GLY C 246 73.70 -32.06 -69.20
N PRO C 247 72.72 -31.99 -68.27
CA PRO C 247 72.19 -33.18 -67.62
C PRO C 247 71.69 -34.19 -68.66
N LEU C 248 72.13 -35.44 -68.53
CA LEU C 248 71.71 -36.57 -69.39
C LEU C 248 70.61 -37.35 -68.67
N CYS C 249 69.39 -37.37 -69.24
CA CYS C 249 68.19 -37.95 -68.61
C CYS C 249 68.21 -39.47 -68.68
N LYS C 250 68.72 -40.14 -67.63
CA LYS C 250 68.68 -41.61 -67.46
C LYS C 250 67.21 -42.07 -67.50
N GLY C 251 66.96 -43.24 -68.08
CA GLY C 251 65.60 -43.83 -68.20
C GLY C 251 64.62 -42.90 -68.90
N ASP C 252 65.11 -41.96 -69.71
CA ASP C 252 64.27 -40.99 -70.48
C ASP C 252 63.37 -40.22 -69.50
N GLY C 253 63.96 -39.76 -68.38
CA GLY C 253 63.26 -39.01 -67.32
C GLY C 253 63.99 -37.74 -66.93
N LEU C 254 63.30 -36.60 -67.00
CA LEU C 254 63.79 -35.28 -66.56
C LEU C 254 63.36 -35.03 -65.11
N TYR C 255 64.31 -34.77 -64.22
CA TYR C 255 64.09 -34.54 -62.77
C TYR C 255 64.10 -33.03 -62.48
N LEU C 256 62.93 -32.48 -62.14
CA LEU C 256 62.72 -31.09 -61.65
C LEU C 256 62.54 -31.10 -60.13
N SER C 257 63.16 -30.12 -59.45
CA SER C 257 63.02 -29.86 -58.00
C SER C 257 62.86 -28.35 -57.80
N SER C 258 62.12 -27.96 -56.75
CA SER C 258 61.71 -26.57 -56.44
C SER C 258 61.64 -26.41 -54.92
N ALA C 259 61.93 -25.21 -54.44
CA ALA C 259 61.73 -24.78 -53.05
C ALA C 259 61.56 -23.27 -53.04
N ASP C 260 60.32 -22.79 -52.99
CA ASP C 260 60.02 -21.33 -53.03
C ASP C 260 59.09 -20.98 -51.87
N VAL C 261 59.71 -20.80 -50.71
CA VAL C 261 59.08 -20.29 -49.46
C VAL C 261 59.33 -18.78 -49.44
N ALA C 262 58.34 -17.99 -49.87
CA ALA C 262 58.44 -16.54 -50.14
C ALA C 262 58.69 -15.78 -48.85
N GLY C 263 58.29 -16.38 -47.72
CA GLY C 263 58.34 -15.81 -46.36
C GLY C 263 57.19 -16.32 -45.51
N THR C 264 56.78 -15.57 -44.49
CA THR C 264 55.65 -15.93 -43.59
C THR C 264 54.50 -14.95 -43.80
N PHE C 265 53.28 -15.42 -43.57
CA PHE C 265 52.06 -14.59 -43.38
C PHE C 265 51.84 -14.38 -41.89
N VAL C 266 51.72 -13.13 -41.44
CA VAL C 266 51.53 -12.73 -40.02
C VAL C 266 50.04 -12.36 -39.84
N GLN C 267 49.27 -13.22 -39.20
CA GLN C 267 47.79 -13.04 -39.07
C GLN C 267 47.49 -12.01 -37.98
N GLN C 268 46.53 -11.12 -38.28
CA GLN C 268 46.01 -10.11 -37.33
C GLN C 268 45.40 -10.82 -36.12
N THR C 269 45.49 -10.21 -34.94
CA THR C 269 44.79 -10.64 -33.70
C THR C 269 45.51 -11.85 -33.10
N SER C 270 45.58 -12.99 -33.79
CA SER C 270 46.30 -14.19 -33.32
C SER C 270 47.80 -13.88 -33.18
N GLN C 271 48.33 -13.04 -34.09
CA GLN C 271 49.78 -12.73 -34.24
C GLN C 271 50.58 -14.02 -34.46
N LYS C 272 49.93 -15.04 -35.04
CA LYS C 272 50.57 -16.32 -35.45
C LYS C 272 51.12 -16.18 -36.88
N GLN C 273 52.12 -17.00 -37.20
CA GLN C 273 52.87 -16.97 -38.48
C GLN C 273 52.65 -18.27 -39.25
N TYR C 274 52.49 -18.15 -40.56
CA TYR C 274 52.27 -19.26 -41.51
C TYR C 274 53.28 -19.12 -42.66
N TRP C 275 54.03 -20.18 -42.95
CA TRP C 275 54.89 -20.27 -44.16
C TRP C 275 54.01 -20.10 -45.41
N ARG C 276 54.47 -19.31 -46.38
CA ARG C 276 53.78 -19.06 -47.67
C ARG C 276 54.68 -19.55 -48.81
N GLY C 277 54.22 -20.55 -49.55
CA GLY C 277 54.96 -21.10 -50.70
C GLY C 277 54.43 -20.55 -52.01
N LEU C 278 55.26 -20.56 -53.06
CA LEU C 278 54.85 -20.16 -54.43
C LEU C 278 55.23 -21.23 -55.42
N PRO C 279 54.45 -21.41 -56.51
CA PRO C 279 54.76 -22.40 -57.54
C PRO C 279 55.87 -21.91 -58.46
N ARG C 280 56.54 -22.83 -59.14
CA ARG C 280 57.66 -22.56 -60.07
C ARG C 280 57.37 -23.20 -61.43
N TYR C 281 57.34 -22.36 -62.48
CA TYR C 281 57.22 -22.79 -63.89
C TYR C 281 58.61 -23.18 -64.40
N PHE C 282 58.67 -24.26 -65.17
CA PHE C 282 59.89 -24.69 -65.91
C PHE C 282 59.56 -24.78 -67.39
N ASN C 283 60.52 -24.36 -68.22
CA ASN C 283 60.50 -24.56 -69.68
C ASN C 283 61.90 -25.04 -70.08
N ILE C 284 62.07 -26.34 -70.25
CA ILE C 284 63.41 -26.96 -70.51
C ILE C 284 63.50 -27.26 -72.01
N THR C 285 64.65 -26.95 -72.61
CA THR C 285 65.03 -27.35 -73.99
C THR C 285 66.05 -28.49 -73.90
N LEU C 286 65.75 -29.61 -74.58
CA LEU C 286 66.63 -30.80 -74.63
C LEU C 286 66.95 -31.13 -76.09
N ARG C 287 68.10 -31.78 -76.31
CA ARG C 287 68.60 -32.23 -77.63
C ARG C 287 69.07 -33.67 -77.46
N LYS C 288 69.03 -34.47 -78.54
CA LYS C 288 69.50 -35.88 -78.50
C LYS C 288 71.02 -35.86 -78.42
N ARG C 289 71.60 -36.74 -77.60
CA ARG C 289 73.08 -36.85 -77.42
C ARG C 289 73.44 -38.33 -77.40
N ALA C 290 74.56 -38.67 -78.04
CA ALA C 290 75.03 -40.04 -78.26
C ALA C 290 76.00 -40.41 -77.13
N VAL C 291 75.90 -41.65 -76.64
CA VAL C 291 76.69 -42.18 -75.52
C VAL C 291 77.05 -43.65 -75.82
N LYS C 292 78.17 -44.13 -75.28
CA LYS C 292 78.66 -45.51 -75.39
C LYS C 292 78.53 -46.14 -74.00
N ASN C 293 78.34 -47.45 -73.95
CA ASN C 293 78.58 -48.23 -72.67
C ASN C 293 80.00 -48.75 -72.74
N GLY D 24 54.68 -15.73 -82.81
CA GLY D 24 53.72 -16.84 -82.46
C GLY D 24 53.86 -18.07 -83.35
N GLY D 25 52.75 -18.80 -83.58
CA GLY D 25 52.64 -20.01 -84.42
C GLY D 25 52.51 -19.69 -85.92
N ILE D 26 52.94 -18.51 -86.33
CA ILE D 26 53.22 -18.02 -87.71
C ILE D 26 54.64 -18.49 -88.13
N GLU D 27 54.92 -18.54 -89.43
CA GLU D 27 56.29 -18.76 -89.99
C GLU D 27 56.90 -17.38 -90.28
N VAL D 28 57.99 -17.03 -89.59
CA VAL D 28 58.66 -15.70 -89.68
C VAL D 28 59.73 -15.72 -90.78
N LEU D 29 59.66 -14.75 -91.70
CA LEU D 29 60.57 -14.66 -92.88
C LEU D 29 61.49 -13.45 -92.74
N ASP D 30 61.93 -12.87 -93.86
CA ASP D 30 62.90 -11.75 -93.94
C ASP D 30 62.34 -10.49 -93.30
N VAL D 31 63.22 -9.67 -92.76
CA VAL D 31 62.92 -8.25 -92.32
C VAL D 31 62.80 -7.38 -93.57
N LYS D 32 61.61 -6.91 -93.94
CA LYS D 32 61.48 -5.91 -95.04
C LYS D 32 62.29 -4.67 -94.63
N THR D 33 63.12 -4.13 -95.51
CA THR D 33 63.87 -2.86 -95.31
C THR D 33 63.61 -1.95 -96.51
N GLY D 34 63.79 -0.65 -96.30
CA GLY D 34 63.53 0.39 -97.30
C GLY D 34 62.96 1.64 -96.65
N PRO D 35 62.44 2.61 -97.42
CA PRO D 35 61.76 3.76 -96.84
C PRO D 35 60.41 3.31 -96.26
N ASP D 36 60.00 3.91 -95.14
CA ASP D 36 58.71 3.66 -94.45
C ASP D 36 58.62 2.18 -94.04
N SER D 37 59.74 1.57 -93.63
CA SER D 37 59.79 0.17 -93.12
C SER D 37 59.91 0.16 -91.59
N THR D 38 60.21 1.30 -90.97
CA THR D 38 60.25 1.47 -89.49
C THR D 38 59.33 2.63 -89.07
N THR D 39 58.74 2.52 -87.88
CA THR D 39 57.97 3.62 -87.21
C THR D 39 58.20 3.53 -85.70
N THR D 40 58.00 4.64 -84.99
CA THR D 40 58.05 4.71 -83.50
C THR D 40 56.68 5.17 -82.99
N ILE D 41 56.18 4.54 -81.92
CA ILE D 41 54.93 4.97 -81.22
C ILE D 41 55.30 5.42 -79.80
N GLU D 42 54.75 6.57 -79.38
CA GLU D 42 54.78 7.09 -77.98
C GLU D 42 53.41 6.86 -77.34
N ALA D 43 53.39 6.36 -76.10
CA ALA D 43 52.17 6.18 -75.30
C ALA D 43 52.51 6.31 -73.81
N TYR D 44 51.50 6.54 -72.97
CA TYR D 44 51.59 6.44 -71.49
C TYR D 44 50.39 5.66 -70.97
N LEU D 45 50.61 4.91 -69.89
CA LEU D 45 49.54 4.27 -69.10
C LEU D 45 49.53 4.91 -67.71
N ASN D 46 48.46 5.64 -67.38
CA ASN D 46 48.18 6.14 -66.01
C ASN D 46 47.85 4.93 -65.14
N PRO D 47 48.17 4.99 -63.83
CA PRO D 47 47.97 3.82 -62.96
C PRO D 47 46.49 3.59 -62.67
N ARG D 48 46.13 2.35 -62.32
CA ARG D 48 44.74 1.99 -61.94
C ARG D 48 44.78 1.30 -60.57
N VAL D 49 45.01 2.10 -59.53
CA VAL D 49 45.17 1.63 -58.13
C VAL D 49 43.80 1.55 -57.43
N GLY D 50 42.71 1.85 -58.15
CA GLY D 50 41.32 1.74 -57.64
C GLY D 50 40.54 3.02 -57.89
N GLN D 51 41.23 4.16 -57.95
CA GLN D 51 40.69 5.43 -58.49
C GLN D 51 41.64 5.88 -59.61
N ASN D 52 41.38 7.06 -60.19
CA ASN D 52 42.02 7.49 -61.45
C ASN D 52 43.08 8.57 -61.18
N TRP D 53 43.23 9.04 -59.95
CA TRP D 53 44.13 10.19 -59.66
C TRP D 53 45.29 9.72 -58.78
N GLY D 54 45.66 8.45 -58.90
CA GLY D 54 46.97 7.91 -58.48
C GLY D 54 46.98 7.40 -57.05
N PHE D 55 45.87 7.55 -56.33
CA PHE D 55 45.67 6.99 -54.97
C PHE D 55 44.41 6.13 -54.92
N SER D 56 44.49 4.99 -54.23
CA SER D 56 43.32 4.17 -53.82
C SER D 56 42.58 4.89 -52.69
N THR D 57 41.38 4.41 -52.34
CA THR D 57 40.72 4.74 -51.06
C THR D 57 41.42 3.94 -49.95
N GLU D 58 41.10 4.20 -48.68
CA GLU D 58 41.82 3.57 -47.55
C GLU D 58 41.82 2.05 -47.70
N ILE D 59 42.94 1.42 -47.35
CA ILE D 59 43.08 -0.05 -47.32
C ILE D 59 42.32 -0.55 -46.08
N THR D 60 41.43 -1.51 -46.26
CA THR D 60 40.60 -2.12 -45.19
C THR D 60 41.04 -3.56 -44.96
N VAL D 61 40.84 -4.07 -43.75
CA VAL D 61 41.18 -5.46 -43.34
C VAL D 61 40.02 -5.99 -42.50
N ALA D 62 39.16 -6.82 -43.11
CA ALA D 62 38.07 -7.53 -42.42
C ALA D 62 38.64 -8.18 -41.15
N SER D 63 37.83 -8.19 -40.08
CA SER D 63 38.16 -8.93 -38.83
C SER D 63 38.16 -10.44 -39.14
N ASN D 64 39.04 -11.20 -38.51
CA ASN D 64 39.04 -12.68 -38.62
C ASN D 64 37.60 -13.17 -38.56
N GLY D 65 37.22 -14.13 -39.41
CA GLY D 65 35.90 -14.76 -39.44
C GLY D 65 34.88 -13.97 -40.25
N TYR D 66 35.15 -12.71 -40.58
CA TYR D 66 34.30 -11.89 -41.47
C TYR D 66 34.72 -12.11 -42.94
N ASN D 67 33.80 -11.86 -43.88
CA ASN D 67 34.08 -11.91 -45.34
C ASN D 67 35.24 -10.98 -45.66
N ASP D 68 36.19 -11.45 -46.47
CA ASP D 68 37.25 -10.62 -47.11
C ASP D 68 36.67 -10.01 -48.38
N ALA D 69 36.06 -8.84 -48.26
CA ALA D 69 35.33 -8.14 -49.34
C ALA D 69 35.78 -6.70 -49.39
N PRO D 70 36.97 -6.43 -49.97
CA PRO D 70 37.49 -5.07 -50.05
C PRO D 70 36.68 -4.24 -51.06
N HIS D 71 36.78 -2.92 -50.92
CA HIS D 71 36.11 -1.91 -51.79
C HIS D 71 36.75 -1.92 -53.18
N LEU D 72 35.92 -1.82 -54.23
CA LEU D 72 36.39 -1.61 -55.61
C LEU D 72 37.58 -0.65 -55.61
N THR D 73 37.48 0.47 -54.90
CA THR D 73 38.43 1.61 -55.02
C THR D 73 39.69 1.41 -54.15
N GLU D 74 39.94 0.21 -53.62
CA GLU D 74 41.16 -0.07 -52.83
C GLU D 74 41.98 -1.20 -53.46
N ILE D 75 41.49 -1.79 -54.56
CA ILE D 75 42.15 -2.91 -55.29
C ILE D 75 42.90 -2.35 -56.50
N PRO D 76 44.25 -2.29 -56.48
CA PRO D 76 45.02 -1.94 -57.66
C PRO D 76 44.95 -3.00 -58.75
N CYS D 77 44.84 -2.53 -60.00
CA CYS D 77 44.72 -3.36 -61.23
C CYS D 77 45.82 -3.03 -62.23
N TYR D 78 46.03 -3.94 -63.19
CA TYR D 78 46.91 -3.71 -64.38
C TYR D 78 46.27 -2.63 -65.25
N SER D 79 47.08 -1.64 -65.62
CA SER D 79 46.80 -0.70 -66.74
C SER D 79 47.07 -1.44 -68.06
N SER D 80 46.25 -1.22 -69.08
CA SER D 80 46.43 -1.84 -70.43
C SER D 80 45.81 -0.95 -71.51
N ALA D 81 46.39 -0.98 -72.70
CA ALA D 81 45.91 -0.26 -73.89
C ALA D 81 46.39 -0.99 -75.15
N ARG D 82 45.60 -0.94 -76.22
CA ARG D 82 46.00 -1.40 -77.58
C ARG D 82 46.15 -0.15 -78.44
N ILE D 83 47.37 0.15 -78.89
CA ILE D 83 47.64 1.27 -79.84
C ILE D 83 47.43 0.73 -81.26
N SER D 84 46.67 1.47 -82.08
CA SER D 84 46.43 1.19 -83.51
C SER D 84 47.66 1.57 -84.33
N LEU D 85 48.20 0.62 -85.08
CA LEU D 85 49.38 0.81 -85.99
C LEU D 85 48.88 1.05 -87.40
N PRO D 86 49.70 1.64 -88.31
CA PRO D 86 49.33 1.79 -89.73
C PRO D 86 48.95 0.45 -90.38
N LEU D 87 47.91 0.43 -91.22
CA LEU D 87 47.46 -0.78 -91.96
C LEU D 87 48.57 -1.19 -92.94
N LEU D 88 48.87 -2.49 -93.04
CA LEU D 88 50.02 -2.98 -93.83
C LEU D 88 49.66 -3.66 -95.16
N ASN D 89 48.73 -4.61 -95.14
CA ASN D 89 48.49 -5.52 -96.30
C ASN D 89 47.26 -5.01 -97.09
N GLU D 90 47.09 -3.71 -97.02
CA GLU D 90 46.17 -2.92 -97.91
C GLU D 90 46.76 -2.94 -99.32
N ASP D 91 48.09 -2.83 -99.49
CA ASP D 91 48.74 -2.49 -100.78
C ASP D 91 49.56 -3.70 -101.20
N PRO D 95 54.29 -7.97 -102.23
CA PRO D 95 53.83 -9.31 -102.65
C PRO D 95 54.09 -10.34 -101.56
N THR D 96 54.46 -9.88 -100.37
CA THR D 96 54.63 -10.78 -99.19
C THR D 96 53.69 -10.29 -98.09
N LEU D 97 53.46 -11.13 -97.08
CA LEU D 97 52.58 -10.72 -95.97
C LEU D 97 53.44 -9.96 -94.95
N LEU D 98 52.95 -8.83 -94.45
CA LEU D 98 53.76 -8.03 -93.50
C LEU D 98 53.04 -7.86 -92.16
N MET D 99 53.82 -7.81 -91.09
CA MET D 99 53.34 -7.57 -89.71
C MET D 99 54.32 -6.61 -89.04
N TRP D 100 53.86 -5.70 -88.19
CA TRP D 100 54.80 -4.85 -87.43
C TRP D 100 55.49 -5.69 -86.36
N GLU D 101 56.81 -5.50 -86.22
CA GLU D 101 57.66 -6.21 -85.24
C GLU D 101 58.20 -5.15 -84.26
N ALA D 102 57.82 -5.25 -82.99
CA ALA D 102 58.35 -4.38 -81.91
C ALA D 102 59.79 -4.79 -81.64
N VAL D 103 60.73 -3.88 -81.86
CA VAL D 103 62.19 -4.21 -81.83
C VAL D 103 62.74 -3.84 -80.45
N SER D 104 62.45 -2.62 -80.00
CA SER D 104 63.03 -2.03 -78.76
C SER D 104 61.97 -1.18 -78.06
N VAL D 105 62.19 -0.87 -76.78
CA VAL D 105 61.33 0.08 -76.01
C VAL D 105 62.22 0.88 -75.07
N LYS D 106 62.06 2.20 -75.09
CA LYS D 106 62.49 3.14 -74.02
C LYS D 106 61.26 3.32 -73.12
N THR D 107 61.32 2.89 -71.85
CA THR D 107 60.19 3.00 -70.89
C THR D 107 60.67 3.67 -69.61
N GLU D 108 59.80 4.48 -69.01
CA GLU D 108 60.12 5.37 -67.86
C GLU D 108 58.92 5.38 -66.92
N VAL D 109 59.16 5.35 -65.61
CA VAL D 109 58.11 5.58 -64.57
C VAL D 109 58.11 7.08 -64.27
N VAL D 110 57.03 7.77 -64.67
CA VAL D 110 56.94 9.26 -64.60
C VAL D 110 56.55 9.65 -63.17
N GLY D 111 57.09 10.76 -62.68
CA GLY D 111 56.69 11.39 -61.41
C GLY D 111 57.33 10.73 -60.19
N ILE D 112 58.48 10.07 -60.36
CA ILE D 112 59.26 9.53 -59.20
C ILE D 112 59.58 10.68 -58.26
N SER D 113 59.97 11.84 -58.80
CA SER D 113 60.38 13.04 -58.00
C SER D 113 59.21 13.53 -57.13
N SER D 114 57.97 13.17 -57.47
CA SER D 114 56.75 13.58 -56.72
C SER D 114 56.81 13.09 -55.27
N MET D 115 57.55 12.01 -55.02
CA MET D 115 57.62 11.32 -53.70
C MET D 115 58.52 12.09 -52.74
N LEU D 116 59.41 12.96 -53.22
CA LEU D 116 60.26 13.81 -52.32
C LEU D 116 59.39 14.96 -51.78
N ASN D 117 58.51 14.61 -50.85
CA ASN D 117 57.42 15.47 -50.32
C ASN D 117 57.13 15.04 -48.88
N MET D 118 57.55 15.85 -47.91
CA MET D 118 57.41 15.53 -46.47
C MET D 118 56.48 16.55 -45.79
N HIS D 119 55.60 17.20 -46.56
CA HIS D 119 54.72 18.29 -46.05
C HIS D 119 53.25 18.01 -46.39
N SER D 120 52.92 17.06 -47.27
CA SER D 120 51.54 16.80 -47.72
C SER D 120 50.89 15.69 -46.86
N TYR D 121 50.69 16.01 -45.58
CA TYR D 121 49.77 15.33 -44.62
C TYR D 121 50.27 13.93 -44.23
N GLY D 122 51.55 13.62 -44.46
CA GLY D 122 52.10 12.29 -44.12
C GLY D 122 52.20 12.14 -42.61
N LEU D 123 52.02 10.91 -42.10
CA LEU D 123 52.30 10.58 -40.68
C LEU D 123 53.70 11.10 -40.34
N ARG D 124 53.84 11.86 -39.27
CA ARG D 124 55.08 12.64 -38.99
C ARG D 124 56.07 11.78 -38.20
N ALA D 125 57.35 11.92 -38.52
CA ALA D 125 58.46 11.15 -37.92
C ALA D 125 58.89 11.82 -36.62
N PHE D 126 59.67 11.09 -35.81
CA PHE D 126 60.28 11.58 -34.55
C PHE D 126 59.18 12.15 -33.63
N GLY D 127 58.19 11.31 -33.36
CA GLY D 127 57.11 11.53 -32.37
C GLY D 127 56.22 12.71 -32.72
N GLY D 128 56.09 13.06 -34.00
CA GLY D 128 55.13 14.08 -34.49
C GLY D 128 55.78 15.43 -34.78
N TYR D 129 57.06 15.61 -34.42
CA TYR D 129 57.80 16.89 -34.57
C TYR D 129 58.52 16.95 -35.92
N GLY D 130 58.81 15.80 -36.53
CA GLY D 130 59.50 15.70 -37.84
C GLY D 130 58.55 15.95 -39.00
N GLY D 131 59.01 15.63 -40.22
CA GLY D 131 58.24 15.75 -41.47
C GLY D 131 57.38 14.53 -41.74
N GLY D 132 56.50 14.60 -42.74
CA GLY D 132 55.59 13.50 -43.13
C GLY D 132 56.34 12.36 -43.81
N TYR D 133 55.90 11.12 -43.58
CA TYR D 133 56.40 9.92 -44.27
C TYR D 133 56.21 10.09 -45.78
N THR D 134 57.31 9.99 -46.53
CA THR D 134 57.29 9.77 -48.01
C THR D 134 56.68 8.40 -48.26
N ILE D 135 56.16 8.18 -49.46
CA ILE D 135 55.53 6.88 -49.82
C ILE D 135 56.49 5.76 -49.40
N GLU D 136 55.95 4.70 -48.78
CA GLU D 136 56.75 3.49 -48.44
C GLU D 136 55.83 2.27 -48.36
N GLY D 137 56.44 1.11 -48.13
CA GLY D 137 55.77 -0.19 -48.01
C GLY D 137 56.01 -1.07 -49.23
N SER D 138 55.28 -2.17 -49.32
CA SER D 138 55.36 -3.15 -50.44
C SER D 138 54.99 -2.44 -51.74
N HIS D 139 55.69 -2.77 -52.81
CA HIS D 139 55.52 -2.14 -54.16
C HIS D 139 55.77 -3.17 -55.26
N ILE D 140 55.20 -2.91 -56.45
CA ILE D 140 55.43 -3.70 -57.68
C ILE D 140 55.63 -2.74 -58.84
N HIS D 141 56.63 -3.02 -59.67
CA HIS D 141 56.89 -2.30 -60.95
C HIS D 141 56.96 -3.33 -62.07
N PHE D 142 56.16 -3.12 -63.11
CA PHE D 142 55.98 -4.12 -64.19
C PHE D 142 55.49 -3.45 -65.47
N PHE D 143 56.04 -3.89 -66.60
CA PHE D 143 55.54 -3.47 -67.95
C PHE D 143 55.69 -4.65 -68.92
N SER D 144 54.81 -4.70 -69.91
CA SER D 144 54.91 -5.67 -71.03
C SER D 144 54.63 -4.94 -72.35
N VAL D 145 55.35 -5.35 -73.40
CA VAL D 145 55.06 -5.01 -74.82
C VAL D 145 54.77 -6.33 -75.54
N GLY D 146 53.72 -6.34 -76.35
CA GLY D 146 53.20 -7.57 -76.96
C GLY D 146 52.49 -7.32 -78.27
N GLY D 147 52.38 -8.38 -79.08
CA GLY D 147 51.67 -8.35 -80.37
C GLY D 147 50.23 -8.79 -80.20
N GLU D 148 49.82 -9.04 -78.96
CA GLU D 148 48.45 -9.50 -78.62
C GLU D 148 48.23 -9.29 -77.13
N PRO D 149 46.99 -9.43 -76.64
CA PRO D 149 46.73 -9.35 -75.21
C PRO D 149 47.67 -10.23 -74.37
N LEU D 150 48.12 -9.71 -73.22
CA LEU D 150 49.04 -10.42 -72.29
C LEU D 150 48.29 -11.59 -71.63
N ASP D 151 48.89 -12.78 -71.61
CA ASP D 151 48.31 -13.99 -70.97
C ASP D 151 48.52 -13.91 -69.46
N LEU D 152 47.44 -14.09 -68.69
CA LEU D 152 47.40 -14.02 -67.20
C LEU D 152 47.09 -15.40 -66.61
N GLN D 153 47.86 -15.82 -65.60
CA GLN D 153 47.63 -17.02 -64.76
C GLN D 153 47.04 -16.56 -63.43
N GLY D 154 46.01 -17.26 -62.96
CA GLY D 154 45.35 -16.98 -61.66
C GLY D 154 46.17 -17.51 -60.50
N LEU D 155 46.55 -16.62 -59.60
CA LEU D 155 47.11 -16.99 -58.27
C LEU D 155 46.93 -15.82 -57.31
N MET D 156 46.39 -16.10 -56.12
CA MET D 156 45.96 -15.11 -55.10
C MET D 156 46.32 -15.62 -53.70
N GLN D 157 46.37 -14.72 -52.72
CA GLN D 157 46.74 -15.03 -51.31
C GLN D 157 45.56 -15.72 -50.61
N ASN D 158 44.32 -15.32 -50.92
CA ASN D 158 43.09 -15.83 -50.25
C ASN D 158 42.03 -16.18 -51.29
N HIS D 159 41.79 -17.48 -51.51
CA HIS D 159 40.84 -17.97 -52.55
C HIS D 159 39.45 -17.36 -52.32
N SER D 160 39.10 -17.08 -51.07
CA SER D 160 37.74 -16.65 -50.67
C SER D 160 37.51 -15.17 -50.95
N THR D 161 38.55 -14.40 -51.30
CA THR D 161 38.43 -12.94 -51.50
C THR D 161 37.27 -12.67 -52.46
N GLN D 162 36.45 -11.66 -52.18
CA GLN D 162 35.28 -11.26 -53.01
C GLN D 162 35.61 -9.94 -53.70
N TYR D 163 35.80 -9.97 -55.02
CA TYR D 163 36.08 -8.76 -55.83
C TYR D 163 34.75 -8.18 -56.32
N PRO D 164 34.46 -6.90 -56.02
CA PRO D 164 33.26 -6.25 -56.54
C PRO D 164 33.26 -6.17 -58.07
N SER D 165 32.09 -6.26 -58.70
CA SER D 165 31.92 -5.90 -60.14
C SER D 165 32.29 -4.44 -60.32
N PRO D 166 32.94 -4.03 -61.44
CA PRO D 166 33.21 -4.89 -62.58
C PRO D 166 34.57 -5.64 -62.61
N LEU D 167 35.29 -5.69 -61.49
CA LEU D 167 36.60 -6.39 -61.43
C LEU D 167 36.39 -7.87 -61.77
N VAL D 168 37.43 -8.52 -62.28
CA VAL D 168 37.43 -9.96 -62.67
C VAL D 168 38.55 -10.65 -61.90
N GLY D 169 38.24 -11.76 -61.26
CA GLY D 169 39.20 -12.59 -60.52
C GLY D 169 39.11 -14.04 -60.96
N PRO D 170 40.06 -14.89 -60.56
CA PRO D 170 40.08 -16.29 -60.99
C PRO D 170 38.76 -16.96 -60.61
N LYS D 171 38.09 -17.55 -61.59
CA LYS D 171 36.87 -18.38 -61.40
C LYS D 171 37.06 -19.64 -62.26
N LYS D 172 36.64 -20.81 -61.76
CA LYS D 172 36.44 -22.02 -62.60
C LYS D 172 35.30 -21.73 -63.56
N PRO D 173 35.02 -22.61 -64.56
CA PRO D 173 33.90 -22.40 -65.48
C PRO D 173 32.54 -22.28 -64.76
N ASP D 174 32.39 -22.97 -63.60
CA ASP D 174 31.10 -23.02 -62.85
C ASP D 174 30.88 -21.76 -61.98
N GLY D 175 31.89 -20.90 -61.83
CA GLY D 175 31.79 -19.64 -61.04
C GLY D 175 32.50 -19.71 -59.69
N THR D 176 32.77 -20.93 -59.19
CA THR D 176 33.50 -21.21 -57.91
C THR D 176 34.95 -20.74 -58.01
N THR D 177 35.65 -20.74 -56.87
CA THR D 177 37.10 -20.44 -56.72
C THR D 177 37.62 -21.23 -55.53
N ASP D 178 38.21 -22.41 -55.76
CA ASP D 178 38.61 -23.33 -54.66
C ASP D 178 40.01 -22.96 -54.15
N ASP D 179 40.57 -23.79 -53.26
CA ASP D 179 41.85 -23.52 -52.54
C ASP D 179 43.02 -23.55 -53.51
N SER D 180 42.90 -24.23 -54.65
CA SER D 180 43.98 -24.42 -55.65
C SER D 180 44.43 -23.05 -56.21
N ALA D 181 43.55 -22.06 -56.21
CA ALA D 181 43.85 -20.69 -56.72
C ALA D 181 44.89 -19.97 -55.87
N GLN D 182 45.38 -20.61 -54.79
CA GLN D 182 46.46 -20.05 -53.93
C GLN D 182 47.81 -20.59 -54.43
N VAL D 183 47.77 -21.58 -55.30
CA VAL D 183 48.96 -22.15 -55.98
C VAL D 183 48.69 -22.11 -57.48
N LEU D 184 49.41 -22.92 -58.28
CA LEU D 184 49.18 -22.96 -59.75
C LEU D 184 48.13 -24.03 -60.04
N ASN D 185 47.00 -23.61 -60.61
CA ASN D 185 46.02 -24.50 -61.26
C ASN D 185 45.72 -23.93 -62.64
N PRO D 186 46.13 -24.64 -63.72
CA PRO D 186 45.92 -24.17 -65.09
C PRO D 186 44.48 -23.74 -65.42
N ILE D 187 43.50 -24.19 -64.65
CA ILE D 187 42.06 -23.87 -64.90
C ILE D 187 41.85 -22.34 -64.80
N TYR D 188 42.69 -21.63 -64.06
CA TYR D 188 42.54 -20.17 -63.79
C TYR D 188 43.46 -19.38 -64.73
N LYS D 189 42.94 -19.01 -65.90
CA LYS D 189 43.68 -18.23 -66.93
C LYS D 189 42.77 -17.15 -67.49
N ALA D 190 43.37 -16.08 -67.99
CA ALA D 190 42.65 -14.92 -68.54
C ALA D 190 43.59 -14.13 -69.45
N LYS D 191 43.01 -13.32 -70.33
CA LYS D 191 43.74 -12.39 -71.22
C LYS D 191 43.51 -10.99 -70.65
N LEU D 192 44.57 -10.23 -70.45
CA LEU D 192 44.52 -8.81 -69.98
C LEU D 192 43.92 -7.94 -71.09
N ASP D 193 42.60 -7.97 -71.24
CA ASP D 193 41.89 -7.41 -72.43
C ASP D 193 41.06 -6.18 -72.04
N LYS D 194 41.25 -5.62 -70.84
CA LYS D 194 40.48 -4.43 -70.35
C LYS D 194 41.30 -3.74 -69.27
N ASP D 195 41.44 -2.41 -69.39
CA ASP D 195 42.15 -1.55 -68.40
C ASP D 195 41.40 -1.63 -67.06
N ALA D 196 42.11 -1.44 -65.95
CA ALA D 196 41.53 -1.16 -64.62
C ALA D 196 40.54 -2.25 -64.19
N THR D 197 40.75 -3.51 -64.61
CA THR D 197 39.76 -4.60 -64.45
C THR D 197 40.37 -5.82 -63.74
N TYR D 198 41.61 -6.19 -64.06
CA TYR D 198 42.26 -7.40 -63.53
C TYR D 198 43.13 -7.00 -62.35
N PRO D 199 42.78 -7.40 -61.10
CA PRO D 199 43.58 -7.04 -59.94
C PRO D 199 44.98 -7.66 -60.02
N ILE D 200 45.98 -6.85 -59.68
CA ILE D 200 47.41 -7.29 -59.58
C ILE D 200 47.50 -8.50 -58.63
N GLU D 201 46.65 -8.56 -57.61
CA GLU D 201 46.84 -9.49 -56.46
C GLU D 201 46.38 -10.92 -56.80
N CYS D 202 45.58 -11.12 -57.86
CA CYS D 202 45.04 -12.46 -58.21
C CYS D 202 45.51 -12.93 -59.60
N TRP D 203 46.23 -12.07 -60.33
CA TRP D 203 46.70 -12.34 -61.72
C TRP D 203 48.19 -12.01 -61.88
N CYS D 204 49.00 -12.98 -62.32
CA CYS D 204 50.41 -12.76 -62.72
C CYS D 204 50.56 -13.10 -64.19
N PRO D 205 51.61 -12.60 -64.89
CA PRO D 205 51.87 -13.00 -66.27
C PRO D 205 52.11 -14.51 -66.32
N ASP D 206 51.45 -15.19 -67.26
CA ASP D 206 51.50 -16.66 -67.47
C ASP D 206 52.80 -17.01 -68.19
N PRO D 207 53.77 -17.67 -67.52
CA PRO D 207 55.03 -18.01 -68.16
C PRO D 207 54.93 -19.21 -69.11
N SER D 208 53.79 -19.92 -69.12
CA SER D 208 53.50 -21.07 -70.01
C SER D 208 53.04 -20.57 -71.38
N ARG D 209 52.72 -19.28 -71.49
CA ARG D 209 52.23 -18.65 -72.75
C ARG D 209 53.05 -17.37 -73.02
N ASN D 210 52.39 -16.30 -73.45
CA ASN D 210 53.04 -14.99 -73.74
C ASN D 210 54.23 -15.17 -74.69
N GLU D 211 54.17 -16.13 -75.63
CA GLU D 211 55.23 -16.35 -76.66
C GLU D 211 55.43 -15.05 -77.44
N ASN D 212 54.33 -14.32 -77.72
CA ASN D 212 54.32 -13.11 -78.59
C ASN D 212 54.25 -11.84 -77.71
N SER D 213 54.74 -11.91 -76.46
CA SER D 213 54.82 -10.75 -75.52
C SER D 213 56.15 -10.82 -74.75
N ARG D 214 56.69 -9.64 -74.40
CA ARG D 214 57.87 -9.52 -73.50
C ARG D 214 57.42 -8.77 -72.24
N TYR D 215 57.56 -9.40 -71.06
CA TYR D 215 57.14 -8.80 -69.77
C TYR D 215 58.30 -8.82 -68.79
N PHE D 216 58.30 -7.83 -67.89
CA PHE D 216 59.37 -7.55 -66.89
C PHE D 216 58.74 -6.97 -65.63
N GLY D 217 58.93 -7.65 -64.49
CA GLY D 217 58.30 -7.27 -63.22
C GLY D 217 59.25 -7.46 -62.04
N SER D 218 59.12 -6.60 -61.05
CA SER D 218 59.85 -6.68 -59.77
C SER D 218 58.92 -6.27 -58.62
N TYR D 219 58.69 -7.18 -57.66
CA TYR D 219 57.94 -6.94 -56.41
C TYR D 219 58.91 -6.93 -55.23
N THR D 220 58.72 -5.94 -54.34
CA THR D 220 59.39 -5.85 -53.03
C THR D 220 58.30 -5.76 -51.95
N GLY D 221 58.42 -6.54 -50.87
CA GLY D 221 57.45 -6.57 -49.76
C GLY D 221 57.86 -5.68 -48.60
N GLY D 222 57.34 -5.97 -47.40
CA GLY D 222 57.70 -5.28 -46.16
C GLY D 222 56.74 -4.16 -45.83
N VAL D 223 56.73 -3.73 -44.56
CA VAL D 223 55.72 -2.79 -44.00
C VAL D 223 56.11 -1.36 -44.35
N GLU D 224 57.38 -1.02 -44.16
CA GLU D 224 57.90 0.37 -44.30
C GLU D 224 59.07 0.42 -45.30
N THR D 225 59.14 -0.56 -46.21
CA THR D 225 60.25 -0.73 -47.18
C THR D 225 60.38 0.54 -48.04
N PRO D 226 61.58 1.12 -48.17
CA PRO D 226 61.76 2.33 -48.96
C PRO D 226 61.74 1.98 -50.43
N PRO D 227 60.99 2.70 -51.29
CA PRO D 227 61.05 2.49 -52.72
C PRO D 227 62.38 3.03 -53.26
N VAL D 228 62.98 2.30 -54.22
CA VAL D 228 64.20 2.72 -54.97
C VAL D 228 63.84 2.73 -56.46
N LEU D 229 63.79 3.91 -57.08
CA LEU D 229 63.39 4.07 -58.50
C LEU D 229 64.37 5.00 -59.21
N SER D 230 64.82 4.61 -60.40
CA SER D 230 65.72 5.41 -61.27
C SER D 230 64.98 5.91 -62.50
N PHE D 231 65.44 7.00 -63.09
CA PHE D 231 64.86 7.59 -64.31
C PHE D 231 65.97 8.20 -65.18
N THR D 232 65.88 7.99 -66.50
CA THR D 232 66.85 8.43 -67.53
C THR D 232 66.20 8.30 -68.92
N ASN D 233 66.61 9.12 -69.89
CA ASN D 233 66.15 8.97 -71.30
C ASN D 233 67.23 8.25 -72.12
N THR D 234 68.24 7.66 -71.46
CA THR D 234 69.40 7.01 -72.12
C THR D 234 69.33 5.48 -72.03
N SER D 235 68.18 4.89 -71.69
CA SER D 235 68.07 3.44 -71.46
C SER D 235 67.06 2.82 -72.42
N THR D 236 67.46 1.72 -73.08
CA THR D 236 66.68 1.01 -74.11
C THR D 236 66.65 -0.49 -73.77
N THR D 237 65.49 -1.13 -73.94
CA THR D 237 65.32 -2.58 -73.75
C THR D 237 65.05 -3.21 -75.12
N ILE D 238 65.88 -4.18 -75.50
CA ILE D 238 65.68 -4.96 -76.77
C ILE D 238 64.55 -5.94 -76.50
N LEU D 239 63.61 -6.08 -77.44
CA LEU D 239 62.43 -6.96 -77.30
C LEU D 239 62.58 -8.21 -78.17
N LEU D 240 63.68 -8.32 -78.91
CA LEU D 240 64.00 -9.50 -79.75
C LEU D 240 64.30 -10.69 -78.84
N ASP D 241 63.82 -11.88 -79.21
CA ASP D 241 64.01 -13.14 -78.46
C ASP D 241 65.36 -13.78 -78.86
N GLU D 242 65.63 -14.99 -78.39
CA GLU D 242 66.88 -15.75 -78.63
C GLU D 242 67.11 -15.93 -80.15
N ASN D 243 66.06 -15.83 -80.98
CA ASN D 243 66.11 -15.99 -82.46
C ASN D 243 65.97 -14.65 -83.19
N GLY D 244 66.17 -13.52 -82.52
CA GLY D 244 66.13 -12.19 -83.16
C GLY D 244 64.73 -11.76 -83.61
N VAL D 245 63.68 -12.40 -83.12
CA VAL D 245 62.27 -12.05 -83.44
C VAL D 245 61.65 -11.27 -82.27
N GLY D 246 61.08 -10.11 -82.57
CA GLY D 246 60.30 -9.31 -81.61
C GLY D 246 58.82 -9.69 -81.62
N PRO D 247 58.01 -9.13 -80.71
CA PRO D 247 56.56 -9.29 -80.76
C PRO D 247 56.01 -8.86 -82.13
N LEU D 248 55.21 -9.73 -82.75
CA LEU D 248 54.52 -9.47 -84.03
C LEU D 248 53.08 -9.03 -83.76
N CYS D 249 52.75 -7.80 -84.12
CA CYS D 249 51.46 -7.14 -83.79
C CYS D 249 50.32 -7.68 -84.68
N LYS D 250 49.61 -8.71 -84.19
CA LYS D 250 48.38 -9.25 -84.83
C LYS D 250 47.35 -8.12 -84.95
N GLY D 251 46.57 -8.12 -86.04
CA GLY D 251 45.53 -7.11 -86.31
C GLY D 251 46.08 -5.69 -86.32
N ASP D 252 47.39 -5.53 -86.54
CA ASP D 252 48.06 -4.20 -86.60
C ASP D 252 47.81 -3.45 -85.29
N GLY D 253 47.95 -4.15 -84.16
CA GLY D 253 47.72 -3.62 -82.80
C GLY D 253 48.88 -3.92 -81.86
N LEU D 254 49.46 -2.89 -81.25
CA LEU D 254 50.50 -2.99 -80.20
C LEU D 254 49.85 -3.00 -78.82
N TYR D 255 50.11 -4.03 -78.02
CA TYR D 255 49.53 -4.23 -76.66
C TYR D 255 50.57 -3.80 -75.61
N LEU D 256 50.27 -2.70 -74.90
CA LEU D 256 51.05 -2.20 -73.72
C LEU D 256 50.29 -2.52 -72.43
N SER D 257 51.04 -2.94 -71.41
CA SER D 257 50.54 -3.20 -70.04
C SER D 257 51.53 -2.60 -69.03
N SER D 258 51.03 -2.17 -67.87
CA SER D 258 51.76 -1.43 -66.81
C SER D 258 51.18 -1.82 -65.45
N ALA D 259 52.03 -1.82 -64.43
CA ALA D 259 51.65 -1.95 -63.01
C ALA D 259 52.75 -1.29 -62.17
N ASP D 260 52.53 -0.06 -61.74
CA ASP D 260 53.53 0.71 -60.96
C ASP D 260 52.88 1.26 -59.70
N VAL D 261 52.78 0.39 -58.69
CA VAL D 261 52.33 0.71 -57.31
C VAL D 261 53.59 0.99 -56.49
N ALA D 262 53.94 2.27 -56.33
CA ALA D 262 55.22 2.75 -55.78
C ALA D 262 55.36 2.36 -54.31
N GLY D 263 54.21 2.14 -53.66
CA GLY D 263 54.08 1.84 -52.22
C GLY D 263 52.78 2.40 -51.67
N THR D 264 52.74 2.67 -50.36
CA THR D 264 51.54 3.25 -49.68
C THR D 264 51.87 4.66 -49.21
N PHE D 265 50.84 5.51 -49.15
CA PHE D 265 50.84 6.80 -48.42
C PHE D 265 50.22 6.57 -47.03
N VAL D 266 50.96 6.95 -45.97
CA VAL D 266 50.53 6.78 -44.54
C VAL D 266 50.07 8.15 -44.05
N GLN D 267 48.76 8.34 -43.89
CA GLN D 267 48.18 9.65 -43.53
C GLN D 267 48.36 9.92 -42.02
N GLN D 268 48.74 11.15 -41.68
CA GLN D 268 48.88 11.62 -40.28
C GLN D 268 47.49 11.54 -39.61
N THR D 269 47.48 11.28 -38.30
CA THR D 269 46.28 11.34 -37.42
C THR D 269 45.41 10.11 -37.66
N SER D 270 44.88 9.89 -38.87
CA SER D 270 44.07 8.69 -39.20
C SER D 270 44.93 7.44 -39.07
N GLN D 271 46.21 7.54 -39.44
CA GLN D 271 47.19 6.42 -39.55
C GLN D 271 46.66 5.36 -40.52
N LYS D 272 45.83 5.77 -41.49
CA LYS D 272 45.31 4.92 -42.58
C LYS D 272 46.30 4.95 -43.75
N GLN D 273 46.27 3.90 -44.59
CA GLN D 273 47.21 3.67 -45.71
C GLN D 273 46.44 3.67 -47.02
N TYR D 274 47.04 4.30 -48.03
CA TYR D 274 46.50 4.42 -49.40
C TYR D 274 47.59 3.96 -50.39
N TRP D 275 47.23 3.05 -51.29
CA TRP D 275 48.09 2.67 -52.44
C TRP D 275 48.36 3.90 -53.29
N ARG D 276 49.61 4.08 -53.73
CA ARG D 276 50.06 5.21 -54.58
C ARG D 276 50.60 4.63 -55.89
N GLY D 277 49.93 4.94 -57.01
CA GLY D 277 50.35 4.48 -58.35
C GLY D 277 51.10 5.56 -59.10
N LEU D 278 51.93 5.17 -60.07
CA LEU D 278 52.66 6.13 -60.94
C LEU D 278 52.43 5.74 -62.39
N PRO D 279 52.43 6.74 -63.32
CA PRO D 279 52.25 6.46 -64.74
C PRO D 279 53.56 5.95 -65.36
N ARG D 280 53.44 5.26 -66.50
CA ARG D 280 54.58 4.68 -67.25
C ARG D 280 54.55 5.17 -68.70
N TYR D 281 55.63 5.83 -69.13
CA TYR D 281 55.86 6.25 -70.54
C TYR D 281 56.43 5.06 -71.32
N PHE D 282 55.96 4.88 -72.54
CA PHE D 282 56.51 3.92 -73.53
C PHE D 282 56.95 4.66 -74.79
N ASN D 283 58.08 4.25 -75.36
CA ASN D 283 58.56 4.68 -76.70
C ASN D 283 59.01 3.42 -77.43
N ILE D 284 58.15 2.86 -78.28
CA ILE D 284 58.43 1.56 -78.97
C ILE D 284 58.89 1.86 -80.40
N THR D 285 59.93 1.15 -80.85
CA THR D 285 60.40 1.14 -82.27
C THR D 285 59.97 -0.18 -82.90
N LEU D 286 59.28 -0.08 -84.04
CA LEU D 286 58.81 -1.26 -84.81
C LEU D 286 59.33 -1.18 -86.24
N ARG D 287 59.49 -2.34 -86.88
CA ARG D 287 59.95 -2.51 -88.28
C ARG D 287 59.01 -3.50 -88.98
N LYS D 288 58.85 -3.40 -90.30
CA LYS D 288 57.97 -4.33 -91.07
C LYS D 288 58.70 -5.68 -91.14
N ARG D 289 57.95 -6.78 -90.99
CA ARG D 289 58.52 -8.15 -91.03
C ARG D 289 57.55 -9.03 -91.84
N ALA D 290 58.12 -9.91 -92.65
CA ALA D 290 57.41 -10.78 -93.60
C ALA D 290 57.09 -12.12 -92.95
N VAL D 291 55.87 -12.64 -93.18
CA VAL D 291 55.37 -13.88 -92.55
C VAL D 291 54.58 -14.66 -93.58
N LYS D 292 54.66 -16.00 -93.52
CA LYS D 292 53.90 -16.97 -94.35
C LYS D 292 52.78 -17.32 -93.36
N ASN D 293 51.61 -17.80 -93.85
CA ASN D 293 50.57 -18.43 -92.97
C ASN D 293 50.82 -19.95 -92.99
N GLY E 24 68.58 16.77 -82.03
CA GLY E 24 67.17 17.25 -82.19
C GLY E 24 66.66 17.14 -83.62
N GLY E 25 65.66 17.98 -83.97
CA GLY E 25 65.01 18.09 -85.30
C GLY E 25 65.80 18.96 -86.29
N ILE E 26 67.11 19.09 -86.06
CA ILE E 26 68.17 19.61 -86.98
C ILE E 26 68.62 18.46 -87.90
N GLU E 27 69.21 18.76 -89.08
CA GLU E 27 69.92 17.77 -89.93
C GLU E 27 71.42 17.82 -89.58
N VAL E 28 71.95 16.70 -89.03
CA VAL E 28 73.32 16.65 -88.43
C VAL E 28 74.30 16.15 -89.48
N LEU E 29 75.40 16.89 -89.67
CA LEU E 29 76.42 16.62 -90.72
C LEU E 29 77.73 16.15 -90.06
N ASP E 30 78.87 16.42 -90.70
CA ASP E 30 80.21 15.90 -90.32
C ASP E 30 80.64 16.50 -88.97
N VAL E 31 81.43 15.72 -88.21
CA VAL E 31 82.16 16.22 -87.01
C VAL E 31 83.38 16.99 -87.50
N LYS E 32 83.45 18.31 -87.36
CA LYS E 32 84.73 19.07 -87.60
C LYS E 32 85.81 18.50 -86.66
N THR E 33 86.99 18.17 -87.15
CA THR E 33 88.15 17.75 -86.30
C THR E 33 89.39 18.59 -86.63
N GLY E 34 90.30 18.67 -85.65
CA GLY E 34 91.51 19.52 -85.69
C GLY E 34 91.88 19.92 -84.27
N PRO E 35 92.95 20.72 -84.08
CA PRO E 35 93.18 21.41 -82.81
C PRO E 35 92.14 22.53 -82.67
N ASP E 36 91.66 22.77 -81.44
CA ASP E 36 90.66 23.84 -81.14
C ASP E 36 89.34 23.58 -81.93
N SER E 37 88.98 22.34 -82.15
CA SER E 37 87.66 21.78 -82.53
C SER E 37 87.01 21.14 -81.30
N THR E 38 87.75 20.92 -80.21
CA THR E 38 87.26 20.39 -78.91
C THR E 38 87.59 21.38 -77.80
N THR E 39 86.71 21.46 -76.79
CA THR E 39 86.92 22.24 -75.54
C THR E 39 86.29 21.48 -74.38
N THR E 40 86.77 21.74 -73.16
CA THR E 40 86.19 21.19 -71.91
C THR E 40 85.71 22.37 -71.05
N ILE E 41 84.51 22.25 -70.47
CA ILE E 41 83.96 23.23 -69.47
C ILE E 41 83.86 22.54 -68.09
N GLU E 42 84.39 23.22 -67.08
CA GLU E 42 84.25 22.86 -65.63
C GLU E 42 83.22 23.79 -65.01
N ALA E 43 82.27 23.24 -64.25
CA ALA E 43 81.17 23.99 -63.59
C ALA E 43 80.74 23.24 -62.34
N TYR E 44 80.10 23.95 -61.41
CA TYR E 44 79.39 23.33 -60.25
C TYR E 44 78.01 23.98 -60.10
N LEU E 45 77.04 23.18 -59.64
CA LEU E 45 75.73 23.67 -59.19
C LEU E 45 75.60 23.42 -57.69
N ASN E 46 75.54 24.51 -56.91
CA ASN E 46 75.20 24.47 -55.46
C ASN E 46 73.72 24.09 -55.36
N PRO E 47 73.32 23.38 -54.28
CA PRO E 47 71.94 22.90 -54.15
C PRO E 47 70.96 24.05 -53.87
N ARG E 48 69.69 23.85 -54.19
CA ARG E 48 68.61 24.83 -53.92
C ARG E 48 67.49 24.10 -53.17
N VAL E 49 67.74 23.84 -51.89
CA VAL E 49 66.83 23.06 -51.00
C VAL E 49 65.85 24.03 -50.31
N GLY E 50 65.91 25.34 -50.62
CA GLY E 50 64.98 26.37 -50.10
C GLY E 50 65.73 27.56 -49.53
N GLN E 51 66.94 27.33 -49.03
CA GLN E 51 67.93 28.40 -48.74
C GLN E 51 69.20 28.07 -49.54
N ASN E 52 70.26 28.86 -49.34
CA ASN E 52 71.45 28.88 -50.22
C ASN E 52 72.63 28.19 -49.53
N TRP E 53 72.51 27.79 -48.27
CA TRP E 53 73.67 27.27 -47.51
C TRP E 53 73.48 25.79 -47.19
N GLY E 54 72.71 25.09 -48.04
CA GLY E 54 72.69 23.62 -48.11
C GLY E 54 71.67 22.98 -47.20
N PHE E 55 70.96 23.78 -46.39
CA PHE E 55 69.83 23.32 -45.54
C PHE E 55 68.58 24.15 -45.83
N SER E 56 67.42 23.49 -45.86
CA SER E 56 66.08 24.12 -45.84
C SER E 56 65.80 24.63 -44.43
N THR E 57 64.73 25.42 -44.25
CA THR E 57 64.13 25.70 -42.92
C THR E 57 63.34 24.45 -42.51
N GLU E 58 62.83 24.39 -41.29
CA GLU E 58 62.16 23.18 -40.76
C GLU E 58 61.05 22.74 -41.71
N ILE E 59 60.92 21.43 -41.89
CA ILE E 59 59.80 20.81 -42.68
C ILE E 59 58.55 20.92 -41.82
N THR E 60 57.46 21.45 -42.38
CA THR E 60 56.16 21.67 -41.71
C THR E 60 55.12 20.73 -42.32
N VAL E 61 54.07 20.38 -41.54
CA VAL E 61 52.98 19.49 -41.99
C VAL E 61 51.65 20.07 -41.53
N ALA E 62 50.93 20.74 -42.42
CA ALA E 62 49.55 21.22 -42.19
C ALA E 62 48.73 20.11 -41.54
N SER E 63 47.84 20.46 -40.59
CA SER E 63 46.88 19.49 -39.99
C SER E 63 45.90 19.07 -41.08
N ASN E 64 45.45 17.82 -41.07
CA ASN E 64 44.43 17.33 -42.04
C ASN E 64 43.32 18.39 -42.12
N GLY E 65 42.82 18.67 -43.33
CA GLY E 65 41.71 19.60 -43.55
C GLY E 65 42.14 21.05 -43.66
N TYR E 66 43.37 21.38 -43.24
CA TYR E 66 43.97 22.74 -43.42
C TYR E 66 44.67 22.82 -44.79
N ASN E 67 44.86 24.03 -45.31
CA ASN E 67 45.63 24.28 -46.56
C ASN E 67 47.02 23.67 -46.43
N ASP E 68 47.46 22.95 -47.47
CA ASP E 68 48.86 22.47 -47.64
C ASP E 68 49.66 23.60 -48.27
N ALA E 69 50.24 24.47 -47.47
CA ALA E 69 50.93 25.69 -47.90
C ALA E 69 52.29 25.77 -47.20
N PRO E 70 53.28 25.01 -47.67
CA PRO E 70 54.61 25.00 -47.05
C PRO E 70 55.33 26.32 -47.34
N HIS E 71 56.33 26.63 -46.53
CA HIS E 71 57.20 27.84 -46.62
C HIS E 71 58.10 27.74 -47.86
N LEU E 72 58.27 28.85 -48.56
CA LEU E 72 59.26 28.98 -49.66
C LEU E 72 60.55 28.23 -49.27
N THR E 73 61.05 28.44 -48.06
CA THR E 73 62.41 28.01 -47.66
C THR E 73 62.44 26.55 -47.18
N GLU E 74 61.38 25.76 -47.42
CA GLU E 74 61.37 24.31 -47.05
C GLU E 74 61.13 23.44 -48.29
N ILE E 75 60.95 24.05 -49.47
CA ILE E 75 60.70 23.34 -50.75
C ILE E 75 62.00 23.26 -51.54
N PRO E 76 62.63 22.07 -51.65
CA PRO E 76 63.78 21.90 -52.52
C PRO E 76 63.41 21.98 -54.02
N CYS E 77 64.28 22.64 -54.79
CA CYS E 77 64.12 22.90 -56.24
C CYS E 77 65.31 22.36 -57.02
N TYR E 78 65.13 22.20 -58.34
CA TYR E 78 66.22 21.90 -59.29
C TYR E 78 67.17 23.11 -59.35
N SER E 79 68.46 22.84 -59.22
CA SER E 79 69.56 23.76 -59.59
C SER E 79 69.69 23.72 -61.12
N SER E 80 69.95 24.87 -61.75
CA SER E 80 70.14 24.99 -63.20
C SER E 80 71.06 26.17 -63.51
N ALA E 81 71.81 26.05 -64.59
CA ALA E 81 72.73 27.09 -65.12
C ALA E 81 72.86 26.86 -66.61
N ARG E 82 73.02 27.96 -67.37
CA ARG E 82 73.44 27.95 -68.79
C ARG E 82 74.87 28.50 -68.81
N ILE E 83 75.85 27.67 -69.19
CA ILE E 83 77.25 28.10 -69.40
C ILE E 83 77.36 28.62 -70.83
N SER E 84 77.97 29.81 -70.98
CA SER E 84 78.24 30.46 -72.29
C SER E 84 79.45 29.77 -72.92
N LEU E 85 79.30 29.26 -74.14
CA LEU E 85 80.37 28.59 -74.92
C LEU E 85 80.96 29.60 -75.90
N PRO E 86 82.20 29.38 -76.42
CA PRO E 86 82.79 30.24 -77.45
C PRO E 86 81.88 30.42 -78.67
N LEU E 87 81.78 31.64 -79.22
CA LEU E 87 80.92 31.92 -80.41
C LEU E 87 81.52 31.17 -81.62
N LEU E 88 80.68 30.52 -82.43
CA LEU E 88 81.08 29.66 -83.57
C LEU E 88 80.74 30.36 -84.91
N ASN E 89 79.51 30.84 -85.10
CA ASN E 89 78.99 31.32 -86.39
C ASN E 89 78.98 32.85 -86.30
N GLU E 90 79.80 33.54 -87.10
CA GLU E 90 79.72 35.03 -87.20
C GLU E 90 78.42 35.40 -87.93
N ASP E 91 78.05 34.65 -88.97
CA ASP E 91 76.77 34.81 -89.72
C ASP E 91 75.83 33.67 -89.32
N ILE E 92 74.70 33.97 -88.67
CA ILE E 92 73.64 32.97 -88.34
C ILE E 92 72.92 32.53 -89.64
N THR E 93 73.17 33.21 -90.76
CA THR E 93 72.43 33.06 -92.03
C THR E 93 73.19 32.17 -93.03
N SER E 94 74.41 31.75 -92.72
CA SER E 94 75.19 30.74 -93.52
C SER E 94 74.40 29.44 -93.63
N PRO E 95 74.44 28.74 -94.79
CA PRO E 95 73.58 27.56 -95.02
C PRO E 95 74.10 26.27 -94.36
N THR E 96 75.29 26.29 -93.77
CA THR E 96 75.74 25.26 -92.77
C THR E 96 76.25 25.99 -91.53
N LEU E 97 75.84 25.54 -90.35
CA LEU E 97 76.21 26.13 -89.04
C LEU E 97 77.13 25.14 -88.32
N LEU E 98 77.92 25.67 -87.36
CA LEU E 98 78.61 24.86 -86.34
C LEU E 98 77.92 25.03 -84.99
N MET E 99 77.55 23.92 -84.33
CA MET E 99 77.07 23.87 -82.92
C MET E 99 78.05 23.06 -82.10
N TRP E 100 78.25 23.41 -80.85
CA TRP E 100 79.01 22.57 -79.87
C TRP E 100 78.20 21.32 -79.56
N GLU E 101 78.87 20.16 -79.55
CA GLU E 101 78.27 18.83 -79.27
C GLU E 101 78.90 18.30 -77.97
N ALA E 102 78.09 18.15 -76.92
CA ALA E 102 78.52 17.57 -75.63
C ALA E 102 78.75 16.08 -75.84
N VAL E 103 79.97 15.60 -75.66
CA VAL E 103 80.36 14.20 -76.00
C VAL E 103 80.28 13.35 -74.74
N SER E 104 80.90 13.83 -73.66
CA SER E 104 81.07 13.07 -72.39
C SER E 104 80.94 14.01 -71.19
N VAL E 105 80.72 13.46 -70.00
CA VAL E 105 80.72 14.23 -68.73
C VAL E 105 81.31 13.36 -67.61
N LYS E 106 82.28 13.92 -66.88
CA LYS E 106 82.71 13.49 -65.54
C LYS E 106 81.91 14.31 -64.54
N THR E 107 81.06 13.68 -63.71
CA THR E 107 80.24 14.40 -62.69
C THR E 107 80.45 13.77 -61.31
N GLU E 108 80.41 14.59 -60.26
CA GLU E 108 80.72 14.21 -58.86
C GLU E 108 79.76 14.95 -57.93
N VAL E 109 79.27 14.29 -56.88
CA VAL E 109 78.53 14.96 -55.76
C VAL E 109 79.57 15.35 -54.70
N VAL E 110 79.81 16.66 -54.55
CA VAL E 110 80.89 17.20 -53.68
C VAL E 110 80.40 17.21 -52.24
N GLY E 111 81.29 16.94 -51.29
CA GLY E 111 81.04 17.10 -49.84
C GLY E 111 80.29 15.93 -49.23
N ILE E 112 80.37 14.74 -49.84
CA ILE E 112 79.78 13.51 -49.26
C ILE E 112 80.42 13.29 -47.88
N SER E 113 81.72 13.51 -47.74
CA SER E 113 82.49 13.29 -46.48
C SER E 113 81.96 14.21 -45.37
N SER E 114 81.25 15.29 -45.71
CA SER E 114 80.69 16.27 -44.73
C SER E 114 79.71 15.57 -43.79
N MET E 115 79.10 14.46 -44.23
CA MET E 115 78.03 13.74 -43.51
C MET E 115 78.63 12.89 -42.39
N LEU E 116 79.92 12.57 -42.41
CA LEU E 116 80.57 11.81 -41.30
C LEU E 116 80.80 12.77 -40.13
N ASN E 117 79.71 13.12 -39.44
CA ASN E 117 79.63 14.21 -38.42
C ASN E 117 78.53 13.83 -37.44
N MET E 118 78.91 13.41 -36.23
CA MET E 118 77.96 12.96 -35.19
C MET E 118 78.03 13.89 -33.96
N HIS E 119 78.48 15.13 -34.15
CA HIS E 119 78.69 16.11 -33.04
C HIS E 119 77.96 17.42 -33.31
N SER E 120 77.47 17.68 -34.53
CA SER E 120 76.83 18.98 -34.89
C SER E 120 75.31 18.90 -34.69
N TYR E 121 74.89 18.75 -33.44
CA TYR E 121 73.54 19.01 -32.89
C TYR E 121 72.51 17.99 -33.37
N GLY E 122 72.96 16.83 -33.87
CA GLY E 122 72.03 15.79 -34.36
C GLY E 122 71.29 15.15 -33.20
N LEU E 123 70.04 14.73 -33.41
CA LEU E 123 69.28 13.90 -32.43
C LEU E 123 70.17 12.74 -32.01
N ARG E 124 70.36 12.52 -30.71
CA ARG E 124 71.40 11.59 -30.20
C ARG E 124 70.84 10.17 -30.09
N ALA E 125 71.66 9.18 -30.45
CA ALA E 125 71.29 7.75 -30.46
C ALA E 125 71.46 7.18 -29.06
N PHE E 126 70.90 5.99 -28.85
CA PHE E 126 71.02 5.19 -27.60
C PHE E 126 70.56 6.07 -26.41
N GLY E 127 69.32 6.57 -26.52
CA GLY E 127 68.60 7.28 -25.45
C GLY E 127 69.27 8.57 -25.01
N GLY E 128 70.04 9.22 -25.90
CA GLY E 128 70.62 10.56 -25.65
C GLY E 128 72.09 10.51 -25.26
N TYR E 129 72.65 9.34 -25.00
CA TYR E 129 74.06 9.15 -24.53
C TYR E 129 75.02 8.97 -25.72
N GLY E 130 74.50 8.51 -26.88
CA GLY E 130 75.30 8.31 -28.10
C GLY E 130 75.57 9.61 -28.84
N GLY E 131 76.06 9.51 -30.08
CA GLY E 131 76.33 10.64 -30.97
C GLY E 131 75.10 11.06 -31.77
N GLY E 132 75.20 12.20 -32.46
CA GLY E 132 74.11 12.76 -33.28
C GLY E 132 73.86 11.95 -34.54
N TYR E 133 72.59 11.85 -34.96
CA TYR E 133 72.18 11.24 -36.25
C TYR E 133 72.88 11.96 -37.39
N THR E 134 73.64 11.21 -38.20
CA THR E 134 74.11 11.67 -39.54
C THR E 134 72.88 11.85 -40.43
N ILE E 135 73.01 12.65 -41.47
CA ILE E 135 71.89 12.89 -42.44
C ILE E 135 71.27 11.54 -42.78
N GLU E 136 69.94 11.46 -42.80
CA GLU E 136 69.20 10.26 -43.27
C GLU E 136 67.80 10.64 -43.74
N GLY E 137 67.07 9.65 -44.25
CA GLY E 137 65.70 9.79 -44.79
C GLY E 137 65.68 9.70 -46.30
N SER E 138 64.54 10.01 -46.90
CA SER E 138 64.30 9.99 -48.36
C SER E 138 65.29 10.96 -49.02
N HIS E 139 65.81 10.58 -50.19
CA HIS E 139 66.83 11.36 -50.95
C HIS E 139 66.62 11.18 -52.45
N ILE E 140 67.09 12.15 -53.23
CA ILE E 140 67.11 12.11 -54.72
C ILE E 140 68.46 12.64 -55.20
N HIS E 141 69.05 11.94 -56.17
CA HIS E 141 70.29 12.37 -56.86
C HIS E 141 70.02 12.36 -58.36
N PHE E 142 70.27 13.47 -59.02
CA PHE E 142 69.89 13.69 -60.43
C PHE E 142 70.75 14.76 -61.08
N PHE E 143 71.16 14.53 -62.34
CA PHE E 143 71.85 15.53 -63.18
C PHE E 143 71.44 15.37 -64.63
N SER E 144 71.44 16.46 -65.38
CA SER E 144 71.23 16.45 -66.85
C SER E 144 72.25 17.38 -67.52
N VAL E 145 72.71 16.98 -68.70
CA VAL E 145 73.48 17.83 -69.65
C VAL E 145 72.64 17.93 -70.94
N GLY E 146 72.53 19.14 -71.49
CA GLY E 146 71.59 19.42 -72.58
C GLY E 146 72.03 20.59 -73.43
N GLY E 147 71.51 20.65 -74.65
CA GLY E 147 71.77 21.73 -75.61
C GLY E 147 70.72 22.82 -75.52
N GLU E 148 69.80 22.67 -74.57
CA GLU E 148 68.68 23.62 -74.35
C GLU E 148 68.10 23.34 -72.97
N PRO E 149 67.21 24.23 -72.48
CA PRO E 149 66.52 23.98 -71.21
C PRO E 149 65.89 22.57 -71.14
N LEU E 150 65.99 21.93 -69.98
CA LEU E 150 65.45 20.56 -69.73
C LEU E 150 63.92 20.62 -69.74
N ASP E 151 63.26 19.71 -70.46
CA ASP E 151 61.78 19.61 -70.52
C ASP E 151 61.25 18.94 -69.24
N LEU E 152 60.28 19.57 -68.57
CA LEU E 152 59.67 19.12 -67.29
C LEU E 152 58.20 18.75 -67.53
N GLN E 153 57.80 17.59 -67.00
CA GLN E 153 56.40 17.11 -66.93
C GLN E 153 55.90 17.33 -65.51
N GLY E 154 54.68 17.85 -65.37
CA GLY E 154 54.02 18.08 -64.08
C GLY E 154 53.48 16.80 -63.49
N LEU E 155 53.94 16.44 -62.29
CA LEU E 155 53.34 15.37 -61.46
C LEU E 155 53.73 15.59 -60.00
N MET E 156 52.74 15.58 -59.11
CA MET E 156 52.87 15.93 -57.67
C MET E 156 52.00 14.98 -56.83
N GLN E 157 52.28 14.90 -55.52
CA GLN E 157 51.57 14.00 -54.57
C GLN E 157 50.20 14.58 -54.22
N ASN E 158 50.10 15.90 -54.12
CA ASN E 158 48.85 16.61 -53.70
C ASN E 158 48.57 17.78 -54.64
N HIS E 159 47.56 17.65 -55.50
CA HIS E 159 47.22 18.68 -56.53
C HIS E 159 46.96 20.03 -55.86
N SER E 160 46.46 20.03 -54.63
CA SER E 160 46.00 21.24 -53.91
C SER E 160 47.18 22.03 -53.32
N THR E 161 48.39 21.45 -53.30
CA THR E 161 49.56 22.11 -52.65
C THR E 161 49.68 23.54 -53.20
N GLN E 162 49.96 24.50 -52.32
CA GLN E 162 50.09 25.94 -52.66
C GLN E 162 51.57 26.33 -52.54
N TYR E 163 52.21 26.61 -53.67
CA TYR E 163 53.64 27.02 -53.72
C TYR E 163 53.71 28.54 -53.64
N PRO E 164 54.46 29.09 -52.66
CA PRO E 164 54.66 30.54 -52.58
C PRO E 164 55.40 31.07 -53.81
N SER E 165 55.09 32.30 -54.24
CA SER E 165 55.91 33.04 -55.24
C SER E 165 57.30 33.25 -54.64
N PRO E 166 58.41 33.18 -55.42
CA PRO E 166 58.36 33.04 -56.88
C PRO E 166 58.38 31.61 -57.47
N LEU E 167 58.19 30.58 -56.64
CA LEU E 167 58.20 29.17 -57.11
C LEU E 167 57.11 29.00 -58.18
N VAL E 168 57.31 28.02 -59.07
CA VAL E 168 56.37 27.69 -60.17
C VAL E 168 55.98 26.22 -60.05
N GLY E 169 54.68 25.93 -60.08
CA GLY E 169 54.15 24.56 -60.04
C GLY E 169 53.18 24.33 -61.19
N PRO E 170 52.77 23.07 -61.42
CA PRO E 170 51.88 22.73 -62.54
C PRO E 170 50.61 23.56 -62.45
N LYS E 171 50.28 24.28 -63.52
CA LYS E 171 48.99 25.01 -63.68
C LYS E 171 48.48 24.71 -65.08
N LYS E 172 47.18 24.52 -65.26
CA LYS E 172 46.51 24.57 -66.60
C LYS E 172 46.64 26.00 -67.13
N PRO E 173 46.29 26.29 -68.41
CA PRO E 173 46.34 27.66 -68.92
C PRO E 173 45.49 28.65 -68.11
N ASP E 174 44.38 28.18 -67.53
CA ASP E 174 43.39 29.01 -66.80
C ASP E 174 43.86 29.34 -65.36
N GLY E 175 44.94 28.71 -64.86
CA GLY E 175 45.50 28.98 -63.52
C GLY E 175 45.21 27.86 -62.51
N THR E 176 44.18 27.04 -62.77
CA THR E 176 43.73 25.90 -61.91
C THR E 176 44.79 24.79 -61.91
N THR E 177 44.61 23.80 -61.05
CA THR E 177 45.43 22.57 -60.93
C THR E 177 44.54 21.45 -60.41
N ASP E 178 43.99 20.62 -61.31
CA ASP E 178 42.98 19.59 -60.94
C ASP E 178 43.68 18.31 -60.46
N ASP E 179 42.90 17.24 -60.24
CA ASP E 179 43.37 15.96 -59.64
C ASP E 179 44.31 15.23 -60.61
N SER E 180 44.23 15.51 -61.90
CA SER E 180 45.01 14.82 -62.97
C SER E 180 46.52 15.06 -62.76
N ALA E 181 46.90 16.16 -62.10
CA ALA E 181 48.30 16.52 -61.82
C ALA E 181 48.96 15.54 -60.84
N GLN E 182 48.22 14.54 -60.34
CA GLN E 182 48.76 13.48 -59.45
C GLN E 182 49.17 12.29 -60.31
N VAL E 183 48.78 12.28 -61.57
CA VAL E 183 49.18 11.27 -62.59
C VAL E 183 49.76 12.04 -63.78
N LEU E 184 49.82 11.41 -64.96
CA LEU E 184 50.33 12.09 -66.18
C LEU E 184 49.14 12.75 -66.89
N ASN E 185 49.20 14.08 -67.00
CA ASN E 185 48.36 14.89 -67.92
C ASN E 185 49.27 15.80 -68.72
N PRO E 186 49.38 15.56 -70.04
CA PRO E 186 50.25 16.37 -70.90
C PRO E 186 50.08 17.89 -70.79
N ILE E 187 48.94 18.35 -70.27
CA ILE E 187 48.63 19.81 -70.12
C ILE E 187 49.66 20.46 -69.19
N TYR E 188 50.29 19.70 -68.29
CA TYR E 188 51.23 20.22 -67.26
C TYR E 188 52.67 20.01 -67.71
N LYS E 189 53.23 20.99 -68.41
CA LYS E 189 54.61 20.94 -68.95
C LYS E 189 55.28 22.29 -68.72
N ALA E 190 56.61 22.28 -68.62
CA ALA E 190 57.42 23.49 -68.35
C ALA E 190 58.87 23.22 -68.76
N LYS E 191 59.61 24.30 -68.99
CA LYS E 191 61.06 24.25 -69.31
C LYS E 191 61.80 24.73 -68.06
N LEU E 192 62.78 23.96 -67.59
CA LEU E 192 63.63 24.31 -66.43
C LEU E 192 64.56 25.47 -66.82
N ASP E 193 64.02 26.68 -66.81
CA ASP E 193 64.67 27.89 -67.40
C ASP E 193 65.08 28.87 -66.31
N LYS E 194 65.06 28.48 -65.03
CA LYS E 194 65.44 29.36 -63.88
C LYS E 194 65.86 28.49 -62.70
N ASP E 195 67.01 28.81 -62.10
CA ASP E 195 67.55 28.17 -60.88
C ASP E 195 66.56 28.36 -59.73
N ALA E 196 66.53 27.41 -58.79
CA ALA E 196 65.90 27.56 -57.45
C ALA E 196 64.41 27.95 -57.59
N THR E 197 63.73 27.50 -58.65
CA THR E 197 62.36 27.96 -58.99
C THR E 197 61.38 26.81 -59.15
N TYR E 198 61.79 25.70 -59.76
CA TYR E 198 60.90 24.55 -60.07
C TYR E 198 61.08 23.51 -58.96
N PRO E 199 60.06 23.27 -58.12
CA PRO E 199 60.18 22.29 -57.05
C PRO E 199 60.38 20.89 -57.61
N ILE E 200 61.31 20.13 -57.00
CA ILE E 200 61.56 18.70 -57.33
C ILE E 200 60.25 17.92 -57.21
N GLU E 201 59.35 18.30 -56.29
CA GLU E 201 58.21 17.45 -55.87
C GLU E 201 57.05 17.52 -56.86
N CYS E 202 57.00 18.51 -57.77
CA CYS E 202 55.87 18.67 -58.72
C CYS E 202 56.34 18.57 -60.18
N TRP E 203 57.66 18.45 -60.41
CA TRP E 203 58.27 18.42 -61.77
C TRP E 203 59.27 17.26 -61.89
N CYS E 204 59.08 16.39 -62.88
CA CYS E 204 60.06 15.34 -63.25
C CYS E 204 60.50 15.59 -64.70
N PRO E 205 61.67 15.06 -65.13
CA PRO E 205 62.08 15.17 -66.53
C PRO E 205 61.03 14.48 -67.41
N ASP E 206 60.63 15.17 -68.49
CA ASP E 206 59.61 14.73 -69.47
C ASP E 206 60.25 13.71 -70.41
N PRO E 207 59.88 12.43 -70.34
CA PRO E 207 60.48 11.41 -71.22
C PRO E 207 59.91 11.44 -72.65
N SER E 208 58.85 12.23 -72.90
CA SER E 208 58.22 12.42 -74.23
C SER E 208 59.00 13.47 -75.04
N ARG E 209 59.92 14.20 -74.38
CA ARG E 209 60.73 15.27 -75.02
C ARG E 209 62.19 15.05 -74.65
N ASN E 210 62.93 16.12 -74.34
CA ASN E 210 64.36 16.07 -73.94
C ASN E 210 65.16 15.31 -74.99
N GLU E 211 64.80 15.38 -76.28
CA GLU E 211 65.56 14.76 -77.40
C GLU E 211 67.00 15.30 -77.37
N ASN E 212 67.18 16.59 -77.04
CA ASN E 212 68.49 17.29 -77.07
C ASN E 212 69.08 17.42 -75.66
N SER E 213 68.71 16.53 -74.74
CA SER E 213 69.23 16.47 -73.35
C SER E 213 69.42 15.02 -72.89
N ARG E 214 70.42 14.78 -72.05
CA ARG E 214 70.66 13.47 -71.38
C ARG E 214 70.48 13.67 -69.87
N TYR E 215 69.55 12.95 -69.24
CA TYR E 215 69.26 13.07 -67.79
C TYR E 215 69.32 11.69 -67.12
N PHE E 216 69.69 11.70 -65.83
CA PHE E 216 69.94 10.50 -65.00
C PHE E 216 69.54 10.82 -63.55
N GLY E 217 68.61 10.04 -62.97
CA GLY E 217 68.08 10.28 -61.62
C GLY E 217 67.83 9.00 -60.86
N SER E 218 67.98 9.07 -59.54
CA SER E 218 67.71 7.95 -58.61
C SER E 218 67.12 8.50 -57.30
N TYR E 219 65.91 8.07 -56.95
CA TYR E 219 65.20 8.42 -55.69
C TYR E 219 65.12 7.17 -54.80
N THR E 220 65.39 7.36 -53.51
CA THR E 220 65.17 6.37 -52.43
C THR E 220 64.27 7.02 -51.38
N GLY E 221 63.24 6.31 -50.90
CA GLY E 221 62.29 6.80 -49.89
C GLY E 221 62.65 6.35 -48.48
N GLY E 222 61.65 6.32 -47.59
CA GLY E 222 61.80 5.83 -46.20
C GLY E 222 62.08 6.95 -45.23
N VAL E 223 61.83 6.69 -43.94
CA VAL E 223 61.86 7.72 -42.86
C VAL E 223 63.31 7.92 -42.41
N GLU E 224 64.04 6.82 -42.21
CA GLU E 224 65.41 6.82 -41.62
C GLU E 224 66.44 6.18 -42.54
N THR E 225 66.13 6.10 -43.84
CA THR E 225 66.93 5.37 -44.86
C THR E 225 68.34 5.94 -44.90
N PRO E 226 69.40 5.11 -44.82
CA PRO E 226 70.77 5.61 -44.81
C PRO E 226 71.15 5.98 -46.24
N PRO E 227 71.75 7.17 -46.48
CA PRO E 227 72.24 7.52 -47.80
C PRO E 227 73.50 6.70 -48.12
N VAL E 228 73.61 6.24 -49.37
CA VAL E 228 74.82 5.55 -49.92
C VAL E 228 75.30 6.36 -51.11
N LEU E 229 76.48 6.99 -51.00
CA LEU E 229 77.05 7.86 -52.06
C LEU E 229 78.53 7.51 -52.25
N SER E 230 78.95 7.36 -53.51
CA SER E 230 80.34 7.08 -53.92
C SER E 230 80.92 8.30 -54.63
N PHE E 231 82.24 8.43 -54.63
CA PHE E 231 82.95 9.55 -55.31
C PHE E 231 84.28 9.03 -55.86
N THR E 232 84.63 9.48 -57.07
CA THR E 232 85.86 9.10 -57.82
C THR E 232 86.11 10.11 -58.94
N ASN E 233 87.36 10.31 -59.33
CA ASN E 233 87.72 11.14 -60.52
C ASN E 233 87.98 10.23 -61.72
N THR E 234 87.64 8.94 -61.64
CA THR E 234 87.96 7.92 -62.68
C THR E 234 86.72 7.51 -63.48
N SER E 235 85.60 8.25 -63.38
CA SER E 235 84.33 7.78 -64.01
C SER E 235 83.83 8.80 -65.04
N THR E 236 83.49 8.32 -66.23
CA THR E 236 83.06 9.15 -67.39
C THR E 236 81.75 8.60 -67.97
N THR E 237 80.81 9.47 -68.30
CA THR E 237 79.51 9.09 -68.91
C THR E 237 79.49 9.62 -70.34
N ILE E 238 79.29 8.74 -71.31
CA ILE E 238 79.13 9.12 -72.74
C ILE E 238 77.73 9.71 -72.91
N LEU E 239 77.62 10.82 -73.62
CA LEU E 239 76.34 11.56 -73.83
C LEU E 239 75.82 11.35 -75.25
N LEU E 240 76.56 10.61 -76.09
CA LEU E 240 76.13 10.29 -77.47
C LEU E 240 74.95 9.33 -77.41
N ASP E 241 73.95 9.53 -78.29
CA ASP E 241 72.72 8.69 -78.37
C ASP E 241 73.01 7.47 -79.24
N GLU E 242 71.96 6.69 -79.55
CA GLU E 242 72.02 5.44 -80.36
C GLU E 242 72.63 5.73 -81.74
N ASN E 243 72.61 6.98 -82.21
CA ASN E 243 73.14 7.40 -83.54
C ASN E 243 74.45 8.19 -83.40
N GLY E 244 75.14 8.13 -82.27
CA GLY E 244 76.45 8.80 -82.06
C GLY E 244 76.35 10.32 -82.02
N VAL E 245 75.15 10.88 -81.78
CA VAL E 245 74.94 12.35 -81.67
C VAL E 245 74.78 12.70 -80.18
N GLY E 246 75.57 13.67 -79.71
CA GLY E 246 75.44 14.26 -78.37
C GLY E 246 74.48 15.45 -78.37
N PRO E 247 74.17 16.02 -77.18
CA PRO E 247 73.41 17.26 -77.11
C PRO E 247 74.10 18.36 -77.93
N LEU E 248 73.33 19.03 -78.79
CA LEU E 248 73.78 20.16 -79.64
C LEU E 248 73.36 21.47 -78.96
N CYS E 249 74.34 22.28 -78.54
CA CYS E 249 74.13 23.52 -77.74
C CYS E 249 73.59 24.65 -78.62
N LYS E 250 72.26 24.81 -78.68
CA LYS E 250 71.57 25.95 -79.35
C LYS E 250 72.05 27.25 -78.70
N GLY E 251 72.20 28.31 -79.50
CA GLY E 251 72.65 29.64 -79.06
C GLY E 251 74.00 29.59 -78.35
N ASP E 252 74.81 28.57 -78.61
CA ASP E 252 76.16 28.39 -78.01
C ASP E 252 76.04 28.39 -76.48
N GLY E 253 75.05 27.66 -75.96
CA GLY E 253 74.77 27.55 -74.52
C GLY E 253 74.63 26.10 -74.06
N LEU E 254 75.43 25.70 -73.07
CA LEU E 254 75.37 24.37 -72.42
C LEU E 254 74.46 24.47 -71.18
N TYR E 255 73.42 23.64 -71.13
CA TYR E 255 72.41 23.60 -70.03
C TYR E 255 72.74 22.45 -69.06
N LEU E 256 73.18 22.81 -67.85
CA LEU E 256 73.39 21.89 -66.70
C LEU E 256 72.23 22.02 -65.71
N SER E 257 71.78 20.87 -65.19
CA SER E 257 70.75 20.76 -64.13
C SER E 257 71.22 19.73 -63.09
N SER E 258 70.82 19.92 -61.84
CA SER E 258 71.25 19.16 -60.65
C SER E 258 70.08 19.09 -59.65
N ALA E 259 70.01 17.99 -58.92
CA ALA E 259 69.11 17.81 -57.76
C ALA E 259 69.73 16.78 -56.84
N ASP E 260 70.41 17.23 -55.78
CA ASP E 260 71.12 16.32 -54.84
C ASP E 260 70.69 16.66 -53.41
N VAL E 261 69.53 16.13 -53.04
CA VAL E 261 68.96 16.17 -51.66
C VAL E 261 69.40 14.86 -50.97
N ALA E 262 70.47 14.93 -50.18
CA ALA E 262 71.20 13.78 -49.61
C ALA E 262 70.30 13.04 -48.61
N GLY E 263 69.33 13.75 -48.06
CA GLY E 263 68.40 13.30 -47.00
C GLY E 263 67.99 14.46 -46.08
N THR E 264 67.60 14.17 -44.85
CA THR E 264 67.22 15.19 -43.84
C THR E 264 68.26 15.20 -42.71
N PHE E 265 68.42 16.36 -42.09
CA PHE E 265 69.09 16.54 -40.78
C PHE E 265 68.03 16.53 -39.67
N VAL E 266 68.18 15.66 -38.67
CA VAL E 266 67.23 15.51 -37.53
C VAL E 266 67.87 16.19 -36.31
N GLN E 267 67.36 17.37 -35.93
CA GLN E 267 67.95 18.19 -34.85
C GLN E 267 67.57 17.63 -33.48
N GLN E 268 68.54 17.57 -32.57
CA GLN E 268 68.36 17.15 -31.16
C GLN E 268 67.37 18.11 -30.48
N THR E 269 66.58 17.61 -29.54
CA THR E 269 65.71 18.41 -28.64
C THR E 269 64.46 18.86 -29.40
N SER E 270 64.59 19.66 -30.46
CA SER E 270 63.44 20.10 -31.30
C SER E 270 62.80 18.88 -31.97
N GLN E 271 63.62 17.90 -32.36
CA GLN E 271 63.23 16.71 -33.17
C GLN E 271 62.60 17.15 -34.49
N LYS E 272 62.98 18.34 -34.98
CA LYS E 272 62.56 18.88 -36.30
C LYS E 272 63.55 18.40 -37.37
N GLN E 273 63.09 18.35 -38.63
CA GLN E 273 63.82 17.82 -39.79
C GLN E 273 64.07 18.94 -40.80
N TYR E 274 65.27 18.95 -41.38
CA TYR E 274 65.74 19.93 -42.38
C TYR E 274 66.31 19.15 -43.57
N TRP E 275 65.83 19.45 -44.79
CA TRP E 275 66.43 18.95 -46.05
C TRP E 275 67.88 19.40 -46.12
N ARG E 276 68.78 18.49 -46.52
CA ARG E 276 70.23 18.74 -46.69
C ARG E 276 70.60 18.51 -48.15
N GLY E 277 71.04 19.55 -48.84
CA GLY E 277 71.48 19.48 -50.25
C GLY E 277 73.00 19.39 -50.37
N LEU E 278 73.48 18.85 -51.48
CA LEU E 278 74.93 18.81 -51.78
C LEU E 278 75.18 19.36 -53.17
N PRO E 279 76.35 19.98 -53.41
CA PRO E 279 76.69 20.52 -54.73
C PRO E 279 77.14 19.39 -55.68
N ARG E 280 77.06 19.67 -56.98
CA ARG E 280 77.45 18.72 -58.05
C ARG E 280 78.47 19.37 -58.99
N TYR E 281 79.65 18.75 -59.12
CA TYR E 281 80.71 19.13 -60.08
C TYR E 281 80.37 18.53 -61.45
N PHE E 282 80.58 19.31 -62.50
CA PHE E 282 80.50 18.86 -63.92
C PHE E 282 81.83 19.13 -64.60
N ASN E 283 82.24 18.19 -65.46
CA ASN E 283 83.37 18.34 -66.40
C ASN E 283 82.90 17.81 -67.76
N ILE E 284 82.47 18.69 -68.65
CA ILE E 284 81.88 18.30 -69.96
C ILE E 284 82.95 18.49 -71.04
N THR E 285 83.07 17.51 -71.94
CA THR E 285 83.88 17.59 -73.18
C THR E 285 82.95 17.81 -74.37
N LEU E 286 83.21 18.85 -75.16
CA LEU E 286 82.42 19.17 -76.38
C LEU E 286 83.35 19.25 -77.59
N ARG E 287 82.81 19.00 -78.78
CA ARG E 287 83.49 19.05 -80.09
C ARG E 287 82.61 19.83 -81.06
N LYS E 288 83.20 20.49 -82.06
CA LYS E 288 82.43 21.29 -83.05
C LYS E 288 81.73 20.29 -83.98
N ARG E 289 80.47 20.56 -84.35
CA ARG E 289 79.66 19.68 -85.22
C ARG E 289 78.90 20.56 -86.21
N ALA E 290 78.80 20.11 -87.45
CA ALA E 290 78.17 20.83 -88.58
C ALA E 290 76.71 20.40 -88.71
N VAL E 291 75.83 21.35 -89.02
CA VAL E 291 74.36 21.12 -89.16
C VAL E 291 73.84 21.96 -90.32
N LYS E 292 72.81 21.48 -91.02
CA LYS E 292 72.16 22.17 -92.16
C LYS E 292 71.24 23.26 -91.62
N ASN E 293 71.21 24.41 -92.30
CA ASN E 293 70.37 25.60 -92.02
C ASN E 293 71.11 26.50 -91.02
N GLY F 24 48.59 32.43 -22.75
CA GLY F 24 47.55 33.50 -22.85
C GLY F 24 47.24 33.89 -24.28
N GLY F 25 46.79 35.15 -24.48
CA GLY F 25 46.42 35.76 -25.79
C GLY F 25 47.63 36.26 -26.59
N ILE F 26 48.83 35.79 -26.24
CA ILE F 26 50.12 35.93 -26.99
C ILE F 26 50.20 34.80 -28.04
N GLU F 27 50.99 34.96 -29.11
CA GLU F 27 51.38 33.84 -30.03
C GLU F 27 52.73 33.28 -29.55
N VAL F 28 52.73 32.01 -29.10
CA VAL F 28 53.91 31.36 -28.45
C VAL F 28 54.74 30.65 -29.52
N LEU F 29 56.04 30.91 -29.56
CA LEU F 29 56.97 30.38 -30.59
C LEU F 29 57.95 29.39 -29.94
N ASP F 30 59.15 29.23 -30.51
CA ASP F 30 60.19 28.25 -30.11
C ASP F 30 60.70 28.57 -28.70
N VAL F 31 61.13 27.53 -27.98
CA VAL F 31 61.91 27.63 -26.72
C VAL F 31 63.34 28.04 -27.06
N LYS F 32 63.78 29.27 -26.76
CA LYS F 32 65.20 29.66 -26.93
C LYS F 32 66.03 28.72 -26.05
N THR F 33 67.12 28.15 -26.58
CA THR F 33 68.10 27.34 -25.82
C THR F 33 69.50 27.89 -26.09
N GLY F 34 70.44 27.63 -25.19
CA GLY F 34 71.80 28.16 -25.23
C GLY F 34 72.33 28.41 -23.82
N PRO F 35 73.47 29.10 -23.65
CA PRO F 35 73.93 29.48 -22.32
C PRO F 35 73.03 30.60 -21.79
N ASP F 36 72.78 30.58 -20.47
CA ASP F 36 71.97 31.60 -19.75
C ASP F 36 70.54 31.63 -20.32
N SER F 37 69.99 30.49 -20.72
CA SER F 37 68.60 30.38 -21.25
C SER F 37 67.65 29.82 -20.18
N THR F 38 68.19 29.25 -19.09
CA THR F 38 67.42 28.78 -17.91
C THR F 38 67.97 29.47 -16.65
N THR F 39 67.09 29.71 -15.68
CA THR F 39 67.44 30.22 -14.32
C THR F 39 66.47 29.60 -13.30
N THR F 40 66.89 29.51 -12.04
CA THR F 40 66.04 29.08 -10.90
C THR F 40 65.91 30.24 -9.91
N ILE F 41 64.70 30.47 -9.39
CA ILE F 41 64.41 31.46 -8.31
C ILE F 41 63.95 30.71 -7.06
N GLU F 42 64.52 31.07 -5.90
CA GLU F 42 64.12 30.62 -4.54
C GLU F 42 63.36 31.76 -3.86
N ALA F 43 62.24 31.47 -3.23
CA ALA F 43 61.42 32.44 -2.47
C ALA F 43 60.66 31.71 -1.36
N TYR F 44 60.20 32.46 -0.35
CA TYR F 44 59.23 31.97 0.67
C TYR F 44 58.15 33.02 0.87
N LEU F 45 56.94 32.55 1.15
CA LEU F 45 55.80 33.39 1.59
C LEU F 45 55.46 32.99 3.03
N ASN F 46 55.68 33.90 3.99
CA ASN F 46 55.21 33.78 5.39
C ASN F 46 53.69 33.91 5.37
N PRO F 47 52.97 33.25 6.30
CA PRO F 47 51.50 33.25 6.28
C PRO F 47 50.95 34.62 6.71
N ARG F 48 49.72 34.92 6.29
CA ARG F 48 49.01 36.17 6.67
C ARG F 48 47.64 35.77 7.25
N VAL F 49 47.67 35.24 8.47
CA VAL F 49 46.47 34.72 9.18
C VAL F 49 45.80 35.86 9.98
N GLY F 50 46.32 37.08 9.90
CA GLY F 50 45.75 38.29 10.54
C GLY F 50 46.80 39.04 11.34
N GLN F 51 47.81 38.34 11.85
CA GLN F 51 49.07 38.93 12.37
C GLN F 51 50.23 38.31 11.59
N ASN F 52 51.46 38.65 11.94
CA ASN F 52 52.66 38.36 11.12
C ASN F 52 53.48 37.23 11.73
N TRP F 53 53.13 36.74 12.92
CA TRP F 53 53.96 35.73 13.62
C TRP F 53 53.21 34.41 13.72
N GLY F 54 52.34 34.15 12.74
CA GLY F 54 51.83 32.80 12.40
C GLY F 54 50.56 32.42 13.15
N PHE F 55 50.09 33.30 14.05
CA PHE F 55 48.80 33.14 14.76
C PHE F 55 47.93 34.38 14.56
N SER F 56 46.63 34.17 14.35
CA SER F 56 45.58 35.22 14.42
C SER F 56 45.35 35.59 15.89
N THR F 57 44.60 36.67 16.14
CA THR F 57 43.99 36.95 17.46
C THR F 57 42.79 36.02 17.62
N GLU F 58 42.16 35.97 18.79
CA GLU F 58 41.08 35.00 19.08
C GLU F 58 39.98 35.11 18.02
N ILE F 59 39.44 33.96 17.61
CA ILE F 59 38.28 33.88 16.69
C ILE F 59 37.05 34.30 17.49
N THR F 60 36.28 35.24 16.96
CA THR F 60 35.05 35.80 17.59
C THR F 60 33.83 35.37 16.78
N VAL F 61 32.67 35.29 17.43
CA VAL F 61 31.38 34.91 16.79
C VAL F 61 30.29 35.84 17.32
N ALA F 62 29.93 36.86 16.54
CA ALA F 62 28.79 37.77 16.84
C ALA F 62 27.58 36.92 17.25
N SER F 63 26.80 37.42 18.21
CA SER F 63 25.51 36.78 18.60
C SER F 63 24.54 36.94 17.43
N ASN F 64 23.67 35.95 17.19
CA ASN F 64 22.64 36.03 16.12
C ASN F 64 21.99 37.41 16.21
N GLY F 65 21.73 38.06 15.08
CA GLY F 65 21.05 39.37 15.01
C GLY F 65 21.99 40.55 15.19
N TYR F 66 23.21 40.32 15.66
CA TYR F 66 24.29 41.36 15.73
C TYR F 66 25.07 41.38 14.41
N ASN F 67 25.73 42.50 14.11
CA ASN F 67 26.62 42.64 12.93
C ASN F 67 27.70 41.57 12.99
N ASP F 68 27.96 40.88 11.87
CA ASP F 68 29.12 39.97 11.67
C ASP F 68 30.32 40.84 11.26
N ALA F 69 31.08 41.33 12.23
CA ALA F 69 32.18 42.28 12.02
C ALA F 69 33.40 41.78 12.79
N PRO F 70 34.12 40.79 12.25
CA PRO F 70 35.30 40.24 12.90
C PRO F 70 36.45 41.25 12.86
N HIS F 71 37.42 41.05 13.77
CA HIS F 71 38.65 41.87 13.90
C HIS F 71 39.57 41.65 12.70
N LEU F 72 40.17 42.71 12.18
CA LEU F 72 41.24 42.63 11.15
C LEU F 72 42.14 41.43 11.45
N THR F 73 42.57 41.28 12.70
CA THR F 73 43.66 40.35 13.10
C THR F 73 43.14 38.92 13.32
N GLU F 74 41.91 38.60 12.90
CA GLU F 74 41.37 37.21 13.03
C GLU F 74 40.98 36.66 11.65
N ILE F 75 41.12 37.45 10.59
CA ILE F 75 40.78 37.06 9.19
C ILE F 75 42.06 36.66 8.46
N PRO F 76 42.27 35.35 8.18
CA PRO F 76 43.38 34.91 7.34
C PRO F 76 43.21 35.33 5.87
N CYS F 77 44.32 35.75 5.26
CA CYS F 77 44.41 36.26 3.88
C CYS F 77 45.42 35.44 3.06
N TYR F 78 45.33 35.54 1.73
CA TYR F 78 46.33 35.03 0.78
C TYR F 78 47.63 35.82 0.95
N SER F 79 48.75 35.10 1.10
CA SER F 79 50.12 35.63 0.93
C SER F 79 50.39 35.76 -0.58
N SER F 80 51.07 36.81 -1.01
CA SER F 80 51.43 37.04 -2.43
C SER F 80 52.71 37.87 -2.53
N ALA F 81 53.48 37.64 -3.59
CA ALA F 81 54.72 38.38 -3.89
C ALA F 81 54.98 38.29 -5.40
N ARG F 82 55.56 39.35 -5.97
CA ARG F 82 56.10 39.38 -7.35
C ARG F 82 57.62 39.39 -7.25
N ILE F 83 58.29 38.34 -7.70
CA ILE F 83 59.77 38.27 -7.79
C ILE F 83 60.19 38.90 -9.12
N SER F 84 61.17 39.82 -9.07
CA SER F 84 61.77 40.48 -10.26
C SER F 84 62.74 39.51 -10.93
N LEU F 85 62.54 39.24 -12.22
CA LEU F 85 63.38 38.35 -13.05
C LEU F 85 64.37 39.20 -13.84
N PRO F 86 65.50 38.62 -14.34
CA PRO F 86 66.44 39.35 -15.21
C PRO F 86 65.75 39.95 -16.44
N LEU F 87 66.11 41.19 -16.82
CA LEU F 87 65.59 41.90 -18.02
C LEU F 87 66.00 41.11 -19.28
N LEU F 88 65.09 40.92 -20.24
CA LEU F 88 65.37 40.03 -21.41
C LEU F 88 65.64 40.76 -22.73
N ASN F 89 64.80 41.71 -23.13
CA ASN F 89 64.79 42.20 -24.54
C ASN F 89 65.62 43.49 -24.72
N GLU F 90 66.75 43.45 -25.42
CA GLU F 90 67.54 44.67 -25.71
C GLU F 90 66.74 45.51 -26.74
N ASP F 91 66.19 44.87 -27.76
CA ASP F 91 65.88 45.53 -29.08
C ASP F 91 64.36 45.64 -29.26
N ILE F 92 63.82 46.85 -29.25
CA ILE F 92 62.35 47.11 -29.29
C ILE F 92 61.82 46.80 -30.70
N THR F 93 62.70 46.60 -31.69
CA THR F 93 62.32 46.52 -33.14
C THR F 93 62.26 45.05 -33.60
N SER F 94 62.78 44.11 -32.79
CA SER F 94 62.87 42.67 -33.17
C SER F 94 61.46 42.11 -33.34
N PRO F 95 61.22 41.21 -34.32
CA PRO F 95 59.86 40.68 -34.57
C PRO F 95 59.40 39.59 -33.59
N THR F 96 60.30 39.16 -32.70
CA THR F 96 60.09 38.20 -31.61
C THR F 96 60.62 38.82 -30.32
N LEU F 97 59.87 38.66 -29.22
CA LEU F 97 60.32 39.00 -27.84
C LEU F 97 60.59 37.70 -27.07
N LEU F 98 61.38 37.79 -26.02
CA LEU F 98 61.65 36.70 -25.05
C LEU F 98 60.93 37.01 -23.71
N MET F 99 60.11 36.06 -23.24
CA MET F 99 59.52 36.07 -21.89
C MET F 99 60.05 34.85 -21.12
N TRP F 100 60.24 34.98 -19.80
CA TRP F 100 60.56 33.82 -18.94
C TRP F 100 59.33 32.91 -18.83
N GLU F 101 59.56 31.60 -18.95
CA GLU F 101 58.52 30.54 -18.88
C GLU F 101 58.80 29.70 -17.65
N ALA F 102 57.90 29.72 -16.67
CA ALA F 102 57.99 28.86 -15.46
C ALA F 102 57.70 27.41 -15.87
N VAL F 103 58.66 26.52 -15.71
CA VAL F 103 58.58 25.13 -16.24
C VAL F 103 58.10 24.21 -15.13
N SER F 104 58.75 24.29 -13.97
CA SER F 104 58.52 23.38 -12.82
C SER F 104 58.62 24.15 -11.50
N VAL F 105 58.11 23.58 -10.41
CA VAL F 105 58.27 24.15 -9.04
C VAL F 105 58.42 23.00 -8.04
N LYS F 106 59.46 23.08 -7.21
CA LYS F 106 59.59 22.34 -5.92
C LYS F 106 59.03 23.27 -4.84
N THR F 107 57.94 22.88 -4.17
CA THR F 107 57.29 23.71 -3.11
C THR F 107 57.11 22.87 -1.85
N GLU F 108 57.25 23.50 -0.69
CA GLU F 108 57.30 22.86 0.64
C GLU F 108 56.58 23.74 1.64
N VAL F 109 55.79 23.15 2.55
CA VAL F 109 55.20 23.86 3.72
C VAL F 109 56.21 23.72 4.88
N VAL F 110 56.84 24.84 5.27
CA VAL F 110 57.95 24.86 6.25
C VAL F 110 57.33 24.83 7.66
N GLY F 111 57.99 24.13 8.60
CA GLY F 111 57.65 24.16 10.03
C GLY F 111 56.50 23.25 10.40
N ILE F 112 56.25 22.20 9.61
CA ILE F 112 55.22 21.18 9.94
C ILE F 112 55.60 20.56 11.30
N SER F 113 56.88 20.30 11.52
CA SER F 113 57.41 19.66 12.76
C SER F 113 57.09 20.53 14.00
N SER F 114 56.82 21.82 13.82
CA SER F 114 56.53 22.78 14.91
C SER F 114 55.27 22.34 15.67
N MET F 115 54.38 21.59 15.03
CA MET F 115 53.06 21.18 15.56
C MET F 115 53.22 20.02 16.55
N LEU F 116 54.33 19.28 16.53
CA LEU F 116 54.57 18.20 17.52
C LEU F 116 54.98 18.83 18.86
N ASN F 117 54.00 19.43 19.54
CA ASN F 117 54.19 20.32 20.72
C ASN F 117 52.94 20.23 21.58
N MET F 118 53.03 19.54 22.72
CA MET F 118 51.88 19.30 23.63
C MET F 118 52.14 19.96 24.99
N HIS F 119 53.01 20.98 25.03
CA HIS F 119 53.43 21.65 26.29
C HIS F 119 53.23 23.18 26.21
N SER F 120 52.97 23.76 25.05
CA SER F 120 52.85 25.23 24.87
C SER F 120 51.38 25.66 24.98
N TYR F 121 50.81 25.47 26.17
CA TYR F 121 49.57 26.12 26.69
C TYR F 121 48.31 25.60 25.99
N GLY F 122 48.38 24.44 25.32
CA GLY F 122 47.21 23.87 24.63
C GLY F 122 46.19 23.38 25.64
N LEU F 123 44.90 23.46 25.31
CA LEU F 123 43.81 22.82 26.10
C LEU F 123 44.20 21.37 26.35
N ARG F 124 44.17 20.93 27.61
CA ARG F 124 44.78 19.62 28.00
C ARG F 124 43.75 18.49 27.84
N ALA F 125 44.22 17.33 27.36
CA ALA F 125 43.39 16.15 27.08
C ALA F 125 43.20 15.36 28.38
N PHE F 126 42.23 14.45 28.37
CA PHE F 126 41.94 13.49 29.47
C PHE F 126 41.70 14.27 30.77
N GLY F 127 40.74 15.20 30.69
CA GLY F 127 40.19 15.96 31.82
C GLY F 127 41.22 16.84 32.51
N GLY F 128 42.25 17.30 31.79
CA GLY F 128 43.22 18.29 32.27
C GLY F 128 44.54 17.68 32.72
N TYR F 129 44.63 16.35 32.80
CA TYR F 129 45.84 15.62 33.29
C TYR F 129 46.78 15.28 32.13
N GLY F 130 46.28 15.22 30.90
CA GLY F 130 47.07 14.93 29.69
C GLY F 130 47.84 16.13 29.19
N GLY F 131 48.41 16.04 27.99
CA GLY F 131 49.15 17.12 27.31
C GLY F 131 48.22 18.06 26.54
N GLY F 132 48.76 19.18 26.06
CA GLY F 132 48.02 20.20 25.29
C GLY F 132 47.64 19.70 23.91
N TYR F 133 46.47 20.12 23.41
CA TYR F 133 46.01 19.88 22.02
C TYR F 133 47.03 20.45 21.05
N THR F 134 47.57 19.60 20.17
CA THR F 134 48.30 20.04 18.95
C THR F 134 47.30 20.75 18.04
N ILE F 135 47.79 21.59 17.14
CA ILE F 135 46.92 22.33 16.19
C ILE F 135 45.93 21.33 15.59
N GLU F 136 44.65 21.72 15.50
CA GLU F 136 43.60 20.91 14.83
C GLU F 136 42.48 21.83 14.33
N GLY F 137 41.52 21.22 13.62
CA GLY F 137 40.35 21.90 13.06
C GLY F 137 40.43 22.03 11.56
N SER F 138 39.52 22.80 10.97
CA SER F 138 39.44 23.08 9.52
C SER F 138 40.73 23.76 9.08
N HIS F 139 41.23 23.39 7.89
CA HIS F 139 42.50 23.88 7.32
C HIS F 139 42.39 24.00 5.80
N ILE F 140 43.24 24.84 5.21
CA ILE F 140 43.39 25.00 3.73
C ILE F 140 44.88 25.08 3.40
N HIS F 141 45.29 24.36 2.36
CA HIS F 141 46.66 24.43 1.81
C HIS F 141 46.55 24.72 0.32
N PHE F 142 47.24 25.76 -0.15
CA PHE F 142 47.09 26.28 -1.52
C PHE F 142 48.33 27.07 -1.95
N PHE F 143 48.76 26.87 -3.20
CA PHE F 143 49.83 27.69 -3.82
C PHE F 143 49.53 27.87 -5.31
N SER F 144 49.98 28.99 -5.86
CA SER F 144 49.92 29.24 -7.33
C SER F 144 51.25 29.84 -7.80
N VAL F 145 51.67 29.47 -9.01
CA VAL F 145 52.77 30.11 -9.78
C VAL F 145 52.14 30.66 -11.06
N GLY F 146 52.50 31.89 -11.43
CA GLY F 146 51.82 32.62 -12.51
C GLY F 146 52.72 33.66 -13.15
N GLY F 147 52.38 34.04 -14.38
CA GLY F 147 53.08 35.08 -15.14
C GLY F 147 52.46 36.44 -14.93
N GLU F 148 51.46 36.51 -14.06
CA GLU F 148 50.71 37.75 -13.75
C GLU F 148 49.93 37.53 -12.45
N PRO F 149 49.36 38.59 -11.87
CA PRO F 149 48.51 38.43 -10.68
C PRO F 149 47.44 37.34 -10.87
N LEU F 150 47.19 36.56 -9.81
CA LEU F 150 46.19 35.47 -9.79
C LEU F 150 44.78 36.07 -9.86
N ASP F 151 43.92 35.55 -10.73
CA ASP F 151 42.50 35.99 -10.88
C ASP F 151 41.67 35.36 -9.74
N LEU F 152 40.90 36.20 -9.03
CA LEU F 152 40.05 35.83 -7.86
C LEU F 152 38.59 36.03 -8.22
N GLN F 153 37.75 35.03 -7.91
CA GLN F 153 36.27 35.07 -7.98
C GLN F 153 35.74 35.25 -6.55
N GLY F 154 34.77 36.15 -6.38
CA GLY F 154 34.10 36.41 -5.09
C GLY F 154 33.10 35.33 -4.75
N LEU F 155 33.29 34.68 -3.61
CA LEU F 155 32.29 33.78 -2.98
C LEU F 155 32.61 33.64 -1.50
N MET F 156 31.59 33.83 -0.65
CA MET F 156 31.68 33.90 0.83
C MET F 156 30.49 33.20 1.47
N GLN F 157 30.60 32.83 2.75
CA GLN F 157 29.55 32.11 3.52
C GLN F 157 28.44 33.09 3.91
N ASN F 158 28.78 34.35 4.22
CA ASN F 158 27.82 35.37 4.72
C ASN F 158 28.02 36.69 3.99
N HIS F 159 27.11 37.05 3.07
CA HIS F 159 27.23 38.26 2.22
C HIS F 159 27.37 39.51 3.10
N SER F 160 26.79 39.49 4.29
CA SER F 160 26.68 40.67 5.20
C SER F 160 27.99 40.91 5.96
N THR F 161 28.94 39.96 5.93
CA THR F 161 30.20 40.07 6.71
C THR F 161 30.83 41.44 6.41
N GLN F 162 31.34 42.11 7.44
CA GLN F 162 31.97 43.46 7.35
C GLN F 162 33.47 43.30 7.59
N TYR F 163 34.28 43.48 6.54
CA TYR F 163 35.75 43.36 6.61
C TYR F 163 36.33 44.74 6.94
N PRO F 164 37.12 44.86 8.03
CA PRO F 164 37.80 46.11 8.33
C PRO F 164 38.79 46.51 7.24
N SER F 165 38.98 47.80 7.01
CA SER F 165 40.10 48.36 6.20
C SER F 165 41.42 47.94 6.88
N PRO F 166 42.50 47.61 6.13
CA PRO F 166 42.54 47.70 4.67
C PRO F 166 42.13 46.47 3.86
N LEU F 167 41.51 45.46 4.48
CA LEU F 167 41.07 44.23 3.78
C LEU F 167 40.10 44.61 2.66
N VAL F 168 40.05 43.77 1.62
CA VAL F 168 39.17 43.96 0.44
C VAL F 168 38.30 42.71 0.29
N GLY F 169 36.99 42.90 0.15
CA GLY F 169 36.03 41.81 -0.04
C GLY F 169 35.16 42.10 -1.27
N PRO F 170 34.37 41.10 -1.72
CA PRO F 170 33.55 41.27 -2.90
C PRO F 170 32.61 42.46 -2.71
N LYS F 171 32.62 43.39 -3.65
CA LYS F 171 31.69 44.56 -3.71
C LYS F 171 31.22 44.66 -5.17
N LYS F 172 29.94 44.95 -5.41
CA LYS F 172 29.44 45.42 -6.73
C LYS F 172 30.09 46.79 -7.02
N PRO F 173 29.93 47.36 -8.24
CA PRO F 173 30.47 48.68 -8.53
C PRO F 173 29.95 49.77 -7.59
N ASP F 174 28.71 49.63 -7.10
CA ASP F 174 28.01 50.64 -6.27
C ASP F 174 28.46 50.57 -4.79
N GLY F 175 29.22 49.54 -4.38
CA GLY F 175 29.74 49.40 -2.99
C GLY F 175 29.00 48.35 -2.18
N THR F 176 27.78 47.97 -2.59
CA THR F 176 26.92 46.93 -1.94
C THR F 176 27.53 45.55 -2.12
N THR F 177 26.96 44.55 -1.44
CA THR F 177 27.32 43.10 -1.52
C THR F 177 26.05 42.31 -1.24
N ASP F 178 25.34 41.86 -2.29
CA ASP F 178 24.00 41.22 -2.14
C ASP F 178 24.17 39.72 -1.86
N ASP F 179 23.05 38.97 -1.84
CA ASP F 179 23.00 37.54 -1.45
C ASP F 179 23.72 36.68 -2.48
N SER F 180 23.87 37.15 -3.73
CA SER F 180 24.47 36.39 -4.86
C SER F 180 25.93 36.05 -4.55
N ALA F 181 26.61 36.84 -3.72
CA ALA F 181 28.02 36.64 -3.32
C ALA F 181 28.20 35.37 -2.49
N GLN F 182 27.13 34.63 -2.20
CA GLN F 182 27.19 33.33 -1.48
C GLN F 182 27.24 32.20 -2.51
N VAL F 183 26.99 32.53 -3.77
CA VAL F 183 27.11 31.59 -4.92
C VAL F 183 28.02 32.26 -5.95
N LEU F 184 27.97 31.83 -7.21
CA LEU F 184 28.78 32.46 -8.29
C LEU F 184 27.97 33.59 -8.92
N ASN F 185 28.49 34.81 -8.80
CA ASN F 185 28.06 35.99 -9.60
C ASN F 185 29.30 36.61 -10.21
N PRO F 186 29.45 36.54 -11.56
CA PRO F 186 30.62 37.10 -12.24
C PRO F 186 30.96 38.56 -11.88
N ILE F 187 30.01 39.31 -11.34
CA ILE F 187 30.22 40.75 -10.98
C ILE F 187 31.32 40.86 -9.92
N TYR F 188 31.56 39.81 -9.12
CA TYR F 188 32.52 39.82 -7.98
C TYR F 188 33.83 39.17 -8.41
N LYS F 189 34.76 39.98 -8.93
CA LYS F 189 36.09 39.51 -9.41
C LYS F 189 37.16 40.50 -8.94
N ALA F 190 38.39 40.02 -8.80
CA ALA F 190 39.53 40.81 -8.30
C ALA F 190 40.83 40.11 -8.68
N LYS F 191 41.92 40.87 -8.70
CA LYS F 191 43.30 40.37 -8.97
C LYS F 191 44.02 40.38 -7.62
N LEU F 192 44.64 39.26 -7.25
CA LEU F 192 45.44 39.11 -6.01
C LEU F 192 46.72 39.95 -6.15
N ASP F 193 46.62 41.26 -5.96
CA ASP F 193 47.69 42.23 -6.30
C ASP F 193 48.30 42.86 -5.05
N LYS F 194 48.03 42.31 -3.85
CA LYS F 194 48.56 42.84 -2.58
C LYS F 194 48.55 41.72 -1.52
N ASP F 195 49.68 41.53 -0.83
CA ASP F 195 49.85 40.58 0.29
C ASP F 195 48.87 40.94 1.41
N ALA F 196 48.44 39.95 2.19
CA ALA F 196 47.77 40.13 3.49
C ALA F 196 46.52 41.02 3.36
N THR F 197 45.83 40.98 2.22
CA THR F 197 44.75 41.95 1.89
C THR F 197 43.45 41.24 1.51
N TYR F 198 43.53 40.15 0.74
CA TYR F 198 42.33 39.43 0.22
C TYR F 198 42.05 38.25 1.14
N PRO F 199 40.92 38.28 1.89
CA PRO F 199 40.61 37.17 2.80
C PRO F 199 40.37 35.87 2.02
N ILE F 200 40.93 34.78 2.53
CA ILE F 200 40.72 33.41 1.98
C ILE F 200 39.21 33.12 1.91
N GLU F 201 38.42 33.66 2.84
CA GLU F 201 37.02 33.21 3.08
C GLU F 201 36.05 33.83 2.05
N CYS F 202 36.43 34.87 1.32
CA CYS F 202 35.51 35.56 0.36
C CYS F 202 36.06 35.51 -1.08
N TRP F 203 37.27 34.97 -1.27
CA TRP F 203 37.97 34.92 -2.59
C TRP F 203 38.52 33.52 -2.86
N CYS F 204 38.14 32.90 -3.97
CA CYS F 204 38.74 31.64 -4.48
C CYS F 204 39.38 31.91 -5.83
N PRO F 205 40.34 31.07 -6.30
CA PRO F 205 40.89 31.22 -7.64
C PRO F 205 39.78 31.08 -8.67
N ASP F 206 39.73 32.00 -9.64
CA ASP F 206 38.71 32.08 -10.72
C ASP F 206 39.05 31.05 -11.79
N PRO F 207 38.27 29.96 -11.94
CA PRO F 207 38.57 28.95 -12.94
C PRO F 207 38.18 29.37 -14.37
N SER F 208 37.49 30.49 -14.53
CA SER F 208 37.09 31.07 -15.84
C SER F 208 38.25 31.88 -16.43
N ARG F 209 39.29 32.14 -15.64
CA ARG F 209 40.48 32.94 -16.06
C ARG F 209 41.74 32.17 -15.66
N ASN F 210 42.76 32.86 -15.15
CA ASN F 210 44.04 32.26 -14.71
C ASN F 210 44.64 31.40 -15.83
N GLU F 211 44.45 31.77 -17.10
CA GLU F 211 45.06 31.05 -18.26
C GLU F 211 46.58 31.03 -18.09
N ASN F 212 47.16 32.11 -17.56
CA ASN F 212 48.64 32.28 -17.43
C ASN F 212 49.09 32.04 -15.98
N SER F 213 48.34 31.23 -15.22
CA SER F 213 48.68 30.83 -13.83
C SER F 213 48.32 29.35 -13.60
N ARG F 214 49.10 28.66 -12.75
CA ARG F 214 48.81 27.29 -12.30
C ARG F 214 48.56 27.34 -10.78
N TYR F 215 47.38 26.91 -10.32
CA TYR F 215 47.01 26.92 -8.89
C TYR F 215 46.55 25.53 -8.45
N PHE F 216 46.78 25.24 -7.17
CA PHE F 216 46.53 23.93 -6.51
C PHE F 216 46.12 24.16 -5.05
N GLY F 217 44.94 23.69 -4.67
CA GLY F 217 44.36 23.93 -3.34
C GLY F 217 43.59 22.77 -2.81
N SER F 218 43.62 22.59 -1.48
CA SER F 218 42.90 21.50 -0.77
C SER F 218 42.42 22.04 0.58
N TYR F 219 41.09 22.01 0.80
CA TYR F 219 40.43 22.39 2.08
C TYR F 219 39.86 21.13 2.75
N THR F 220 40.07 21.03 4.06
CA THR F 220 39.44 20.02 4.95
C THR F 220 38.71 20.79 6.06
N GLY F 221 37.46 20.40 6.36
CA GLY F 221 36.62 21.03 7.40
C GLY F 221 36.68 20.28 8.72
N GLY F 222 35.66 20.46 9.57
CA GLY F 222 35.51 19.74 10.85
C GLY F 222 36.06 20.53 12.02
N VAL F 223 35.62 20.18 13.23
CA VAL F 223 35.88 20.95 14.47
C VAL F 223 37.27 20.64 15.00
N GLU F 224 37.61 19.36 15.06
CA GLU F 224 38.86 18.84 15.70
C GLU F 224 39.62 17.97 14.69
N THR F 225 39.43 18.19 13.39
CA THR F 225 40.03 17.39 12.30
C THR F 225 41.54 17.44 12.42
N PRO F 226 42.26 16.28 12.40
CA PRO F 226 43.70 16.28 12.54
C PRO F 226 44.33 16.71 11.22
N PRO F 227 45.31 17.65 11.22
CA PRO F 227 46.02 17.99 10.00
C PRO F 227 46.97 16.82 9.64
N VAL F 228 47.06 16.51 8.34
CA VAL F 228 48.03 15.53 7.75
C VAL F 228 48.86 16.31 6.72
N LEU F 229 50.15 16.49 7.00
CA LEU F 229 51.07 17.25 6.11
C LEU F 229 52.37 16.45 5.94
N SER F 230 52.84 16.35 4.69
CA SER F 230 54.09 15.66 4.30
C SER F 230 55.12 16.70 3.86
N PHE F 231 56.41 16.35 3.98
CA PHE F 231 57.52 17.23 3.53
C PHE F 231 58.66 16.36 2.97
N THR F 232 59.24 16.82 1.85
CA THR F 232 60.33 16.14 1.11
C THR F 232 60.98 17.15 0.15
N ASN F 233 62.27 16.99 -0.16
CA ASN F 233 62.95 17.81 -1.20
C ASN F 233 63.02 17.03 -2.52
N THR F 234 62.28 15.92 -2.64
CA THR F 234 62.32 15.01 -3.81
C THR F 234 61.08 15.13 -4.68
N SER F 235 60.25 16.17 -4.50
CA SER F 235 58.94 16.27 -5.20
C SER F 235 58.90 17.53 -6.07
N THR F 236 58.53 17.38 -7.34
CA THR F 236 58.51 18.44 -8.36
C THR F 236 57.15 18.46 -9.05
N THR F 237 56.61 19.65 -9.29
CA THR F 237 55.33 19.85 -9.99
C THR F 237 55.63 20.51 -11.34
N ILE F 238 55.23 19.88 -12.44
CA ILE F 238 55.36 20.45 -13.81
C ILE F 238 54.27 21.51 -13.94
N LEU F 239 54.62 22.67 -14.51
CA LEU F 239 53.70 23.82 -14.66
C LEU F 239 53.28 23.98 -16.13
N LEU F 240 53.78 23.13 -17.02
CA LEU F 240 53.41 23.14 -18.46
C LEU F 240 51.96 22.67 -18.60
N ASP F 241 51.21 23.31 -19.49
CA ASP F 241 49.77 22.99 -19.77
C ASP F 241 49.70 21.86 -20.79
N GLU F 242 48.49 21.55 -21.26
CA GLU F 242 48.19 20.48 -22.25
C GLU F 242 49.00 20.68 -23.54
N ASN F 243 49.47 21.90 -23.82
CA ASN F 243 50.25 22.27 -25.04
C ASN F 243 51.73 22.52 -24.71
N GLY F 244 52.24 22.06 -23.57
CA GLY F 244 53.66 22.19 -23.19
C GLY F 244 54.10 23.63 -22.93
N VAL F 245 53.16 24.54 -22.68
CA VAL F 245 53.45 25.97 -22.35
C VAL F 245 53.26 26.19 -20.86
N GLY F 246 54.28 26.75 -20.20
CA GLY F 246 54.23 27.19 -18.80
C GLY F 246 53.75 28.63 -18.67
N PRO F 247 53.53 29.12 -17.44
CA PRO F 247 53.24 30.54 -17.22
C PRO F 247 54.33 31.42 -17.83
N LEU F 248 53.92 32.41 -18.63
CA LEU F 248 54.82 33.41 -19.26
C LEU F 248 54.81 34.69 -18.43
N CYS F 249 55.95 35.04 -17.84
CA CYS F 249 56.11 36.17 -16.87
C CYS F 249 56.07 37.52 -17.59
N LYS F 250 54.88 38.13 -17.69
CA LYS F 250 54.68 39.52 -18.21
C LYS F 250 55.51 40.48 -17.35
N GLY F 251 56.07 41.51 -17.98
CA GLY F 251 56.90 42.54 -17.31
C GLY F 251 58.08 41.94 -16.55
N ASP F 252 58.52 40.74 -16.94
CA ASP F 252 59.68 40.04 -16.31
C ASP F 252 59.42 39.87 -14.80
N GLY F 253 58.20 39.47 -14.44
CA GLY F 253 57.75 39.28 -13.04
C GLY F 253 57.09 37.93 -12.81
N LEU F 254 57.61 37.16 -11.86
CA LEU F 254 57.04 35.85 -11.42
C LEU F 254 56.10 36.11 -10.22
N TYR F 255 54.83 35.70 -10.34
CA TYR F 255 53.77 35.87 -9.31
C TYR F 255 53.60 34.57 -8.52
N LEU F 256 54.00 34.59 -7.24
CA LEU F 256 53.77 33.52 -6.24
C LEU F 256 52.63 33.91 -5.29
N SER F 257 51.76 32.94 -4.97
CA SER F 257 50.66 33.05 -3.99
C SER F 257 50.64 31.80 -3.11
N SER F 258 50.22 31.95 -1.86
CA SER F 258 50.24 30.91 -0.79
C SER F 258 49.03 31.12 0.12
N ALA F 259 48.52 30.02 0.68
CA ALA F 259 47.50 30.01 1.74
C ALA F 259 47.64 28.70 2.51
N ASP F 260 48.32 28.73 3.66
CA ASP F 260 48.58 27.52 4.48
C ASP F 260 48.16 27.78 5.92
N VAL F 261 46.86 27.64 6.16
CA VAL F 261 46.20 27.67 7.49
C VAL F 261 46.11 26.22 7.96
N ALA F 262 47.05 25.79 8.82
CA ALA F 262 47.28 24.39 9.22
C ALA F 262 46.10 23.88 10.04
N GLY F 263 45.37 24.81 10.66
CA GLY F 263 44.24 24.56 11.59
C GLY F 263 44.17 25.64 12.66
N THR F 264 43.58 25.33 13.82
CA THR F 264 43.45 26.27 14.97
C THR F 264 44.31 25.77 16.13
N PHE F 265 44.79 26.70 16.95
CA PHE F 265 45.34 26.45 18.30
C PHE F 265 44.25 26.66 19.34
N VAL F 266 43.99 25.67 20.19
CA VAL F 266 42.94 25.70 21.26
C VAL F 266 43.64 25.95 22.59
N GLN F 267 43.52 27.17 23.13
CA GLN F 267 44.24 27.58 24.36
C GLN F 267 43.56 26.99 25.61
N GLN F 268 44.37 26.49 26.53
CA GLN F 268 43.92 25.97 27.85
C GLN F 268 43.25 27.10 28.63
N THR F 269 42.24 26.76 29.44
CA THR F 269 41.59 27.67 30.42
C THR F 269 40.65 28.62 29.68
N SER F 270 41.14 29.48 28.79
CA SER F 270 40.29 30.39 27.97
C SER F 270 39.35 29.57 27.09
N GLN F 271 39.83 28.44 26.57
CA GLN F 271 39.15 27.57 25.56
C GLN F 271 38.84 28.39 24.30
N LYS F 272 39.64 29.44 24.03
CA LYS F 272 39.57 30.26 22.80
C LYS F 272 40.44 29.62 21.71
N GLN F 273 40.12 29.93 20.44
CA GLN F 273 40.75 29.33 19.25
C GLN F 273 41.45 30.42 18.44
N TYR F 274 42.63 30.10 17.93
CA TYR F 274 43.51 30.98 17.12
C TYR F 274 43.89 30.23 15.85
N TRP F 275 43.67 30.84 14.68
CA TRP F 275 44.19 30.35 13.38
C TRP F 275 45.72 30.26 13.45
N ARG F 276 46.29 29.17 12.94
CA ARG F 276 47.76 28.93 12.88
C ARG F 276 48.16 28.79 11.41
N GLY F 277 49.00 29.72 10.92
CA GLY F 277 49.52 29.69 9.54
C GLY F 277 50.92 29.11 9.47
N LEU F 278 51.30 28.60 8.31
CA LEU F 278 52.68 28.10 8.08
C LEU F 278 53.24 28.72 6.81
N PRO F 279 54.58 28.93 6.73
CA PRO F 279 55.20 29.50 5.55
C PRO F 279 55.35 28.45 4.44
N ARG F 280 55.50 28.89 3.20
CA ARG F 280 55.66 28.03 2.01
C ARG F 280 56.93 28.43 1.24
N TYR F 281 57.85 27.48 1.06
CA TYR F 281 59.06 27.60 0.22
C TYR F 281 58.68 27.34 -1.23
N PHE F 282 59.23 28.13 -2.15
CA PHE F 282 59.14 27.91 -3.61
C PHE F 282 60.55 27.79 -4.19
N ASN F 283 60.72 26.89 -5.14
CA ASN F 283 61.92 26.76 -6.00
C ASN F 283 61.44 26.58 -7.44
N ILE F 284 61.41 27.66 -8.21
CA ILE F 284 60.85 27.66 -9.60
C ILE F 284 62.02 27.59 -10.59
N THR F 285 61.88 26.76 -11.62
CA THR F 285 62.78 26.67 -12.79
C THR F 285 62.09 27.35 -13.98
N LEU F 286 62.77 28.32 -14.60
CA LEU F 286 62.25 29.05 -15.78
C LEU F 286 63.27 28.93 -16.93
N ARG F 287 62.77 29.03 -18.16
CA ARG F 287 63.55 28.99 -19.42
C ARG F 287 63.08 30.15 -20.31
N LYS F 288 63.94 30.66 -21.19
CA LYS F 288 63.57 31.76 -22.13
C LYS F 288 62.66 31.17 -23.19
N ARG F 289 61.60 31.89 -23.58
CA ARG F 289 60.62 31.46 -24.60
C ARG F 289 60.31 32.66 -25.50
N ALA F 290 60.17 32.40 -26.80
CA ALA F 290 59.96 33.41 -27.85
C ALA F 290 58.46 33.56 -28.10
N VAL F 291 58.01 34.80 -28.31
CA VAL F 291 56.60 35.17 -28.57
C VAL F 291 56.56 36.27 -29.65
N LYS F 292 55.49 36.28 -30.47
CA LYS F 292 55.40 37.12 -31.69
C LYS F 292 55.06 38.57 -31.30
N ASN F 293 55.69 39.54 -31.95
CA ASN F 293 55.75 40.94 -31.45
C ASN F 293 56.21 41.86 -32.59
N ILE G 26 79.19 20.67 -6.38
CA ILE G 26 80.25 19.86 -7.04
C ILE G 26 79.93 19.74 -8.53
N GLU G 27 80.94 19.53 -9.40
CA GLU G 27 80.75 19.14 -10.83
C GLU G 27 80.81 17.61 -10.91
N VAL G 28 79.70 16.96 -11.30
CA VAL G 28 79.53 15.47 -11.24
C VAL G 28 79.92 14.89 -12.59
N LEU G 29 80.78 13.88 -12.59
CA LEU G 29 81.32 13.22 -13.82
C LEU G 29 80.76 11.78 -13.91
N ASP G 30 81.50 10.88 -14.56
CA ASP G 30 81.09 9.48 -14.86
C ASP G 30 80.92 8.67 -13.57
N VAL G 31 80.02 7.69 -13.58
CA VAL G 31 79.90 6.63 -12.54
C VAL G 31 81.05 5.64 -12.72
N LYS G 32 82.05 5.61 -11.82
CA LYS G 32 83.10 4.56 -11.87
C LYS G 32 82.39 3.19 -11.72
N THR G 33 82.72 2.22 -12.57
CA THR G 33 82.24 0.82 -12.46
C THR G 33 83.45 -0.11 -12.48
N GLY G 34 83.30 -1.32 -11.95
CA GLY G 34 84.40 -2.28 -11.78
C GLY G 34 84.17 -3.12 -10.54
N PRO G 35 85.15 -3.94 -10.11
CA PRO G 35 85.04 -4.65 -8.83
C PRO G 35 85.21 -3.64 -7.69
N ASP G 36 84.47 -3.85 -6.60
CA ASP G 36 84.52 -3.01 -5.37
C ASP G 36 84.12 -1.57 -5.70
N SER G 37 83.18 -1.36 -6.62
CA SER G 37 82.67 -0.02 -7.01
C SER G 37 81.32 0.27 -6.36
N THR G 38 80.66 -0.75 -5.81
CA THR G 38 79.42 -0.63 -4.99
C THR G 38 79.64 -1.25 -3.61
N THR G 39 78.98 -0.71 -2.58
CA THR G 39 78.92 -1.26 -1.21
C THR G 39 77.55 -0.95 -0.60
N THR G 40 77.11 -1.73 0.38
CA THR G 40 75.87 -1.50 1.17
C THR G 40 76.24 -1.29 2.64
N ILE G 41 75.59 -0.33 3.31
CA ILE G 41 75.70 -0.12 4.79
C ILE G 41 74.33 -0.40 5.43
N GLU G 42 74.34 -1.16 6.53
CA GLU G 42 73.18 -1.38 7.45
C GLU G 42 73.40 -0.54 8.71
N ALA G 43 72.36 0.15 9.17
CA ALA G 43 72.37 0.94 10.41
C ALA G 43 70.96 0.98 11.00
N TYR G 44 70.84 1.32 12.29
CA TYR G 44 69.56 1.68 12.95
C TYR G 44 69.77 2.94 13.79
N LEU G 45 68.73 3.76 13.86
CA LEU G 45 68.65 4.92 14.79
C LEU G 45 67.53 4.63 15.79
N ASN G 46 67.89 4.43 17.07
CA ASN G 46 66.94 4.36 18.20
C ASN G 46 66.35 5.76 18.39
N PRO G 47 65.09 5.87 18.86
CA PRO G 47 64.44 7.17 18.96
C PRO G 47 65.03 8.00 20.12
N ARG G 48 64.89 9.33 20.05
CA ARG G 48 65.35 10.26 21.11
C ARG G 48 64.17 11.15 21.50
N VAL G 49 63.21 10.58 22.22
CA VAL G 49 61.94 11.23 22.63
C VAL G 49 62.14 11.95 23.97
N GLY G 50 63.36 11.94 24.54
CA GLY G 50 63.73 12.65 25.77
C GLY G 50 64.42 11.74 26.76
N GLN G 51 64.11 10.44 26.72
CA GLN G 51 64.90 9.36 27.37
C GLN G 51 65.29 8.37 26.27
N ASN G 52 65.95 7.28 26.66
CA ASN G 52 66.66 6.38 25.71
C ASN G 52 65.88 5.07 25.52
N TRP G 53 64.80 4.85 26.26
CA TRP G 53 64.09 3.54 26.23
C TRP G 53 62.70 3.72 25.64
N GLY G 54 62.55 4.72 24.76
CA GLY G 54 61.44 4.81 23.79
C GLY G 54 60.23 5.56 24.32
N PHE G 55 60.27 6.01 25.57
CA PHE G 55 59.24 6.88 26.19
C PHE G 55 59.89 8.14 26.77
N SER G 56 59.24 9.28 26.60
CA SER G 56 59.53 10.54 27.33
C SER G 56 59.05 10.41 28.78
N THR G 57 59.41 11.36 29.64
CA THR G 57 58.75 11.58 30.95
C THR G 57 57.42 12.28 30.66
N GLU G 58 56.56 12.44 31.67
CA GLU G 58 55.19 12.99 31.47
C GLU G 58 55.26 14.33 30.75
N ILE G 59 54.32 14.55 29.84
CA ILE G 59 54.16 15.84 29.11
C ILE G 59 53.56 16.84 30.12
N THR G 60 54.18 18.00 30.26
CA THR G 60 53.76 19.09 31.19
C THR G 60 53.25 20.27 30.38
N VAL G 61 52.36 21.06 30.94
CA VAL G 61 51.76 22.28 30.30
C VAL G 61 51.69 23.36 31.38
N ALA G 62 52.66 24.30 31.36
CA ALA G 62 52.67 25.49 32.21
C ALA G 62 51.28 26.13 32.19
N SER G 63 50.83 26.67 33.34
CA SER G 63 49.59 27.47 33.42
C SER G 63 49.80 28.77 32.63
N ASN G 64 48.78 29.30 32.00
CA ASN G 64 48.81 30.61 31.30
C ASN G 64 49.57 31.59 32.21
N GLY G 65 50.46 32.41 31.63
CA GLY G 65 51.21 33.44 32.37
C GLY G 65 52.47 32.92 33.06
N TYR G 66 52.62 31.61 33.19
CA TYR G 66 53.85 30.95 33.71
C TYR G 66 54.83 30.69 32.55
N ASN G 67 56.12 30.60 32.86
CA ASN G 67 57.19 30.27 31.87
C ASN G 67 56.84 28.93 31.20
N ASP G 68 56.96 28.86 29.88
CA ASP G 68 56.92 27.60 29.10
C ASP G 68 58.31 26.97 29.12
N ALA G 69 58.61 26.15 30.12
CA ALA G 69 59.93 25.57 30.38
C ALA G 69 59.76 24.08 30.64
N PRO G 70 59.58 23.28 29.57
CA PRO G 70 59.41 21.83 29.70
C PRO G 70 60.73 21.18 30.13
N HIS G 71 60.61 19.97 30.68
CA HIS G 71 61.74 19.13 31.14
C HIS G 71 62.53 18.62 29.92
N LEU G 72 63.85 18.59 30.02
CA LEU G 72 64.74 17.95 29.03
C LEU G 72 64.09 16.63 28.56
N THR G 73 63.61 15.80 29.49
CA THR G 73 63.20 14.41 29.22
C THR G 73 61.78 14.31 28.67
N GLU G 74 61.15 15.42 28.24
CA GLU G 74 59.79 15.38 27.64
C GLU G 74 59.79 15.97 26.23
N ILE G 75 60.96 16.45 25.77
CA ILE G 75 61.14 17.06 24.42
C ILE G 75 61.74 16.01 23.49
N PRO G 76 60.96 15.48 22.51
CA PRO G 76 61.51 14.61 21.47
C PRO G 76 62.42 15.36 20.49
N CYS G 77 63.52 14.72 20.13
CA CYS G 77 64.59 15.25 19.24
C CYS G 77 64.80 14.34 18.03
N TYR G 78 65.45 14.87 16.99
CA TYR G 78 65.95 14.10 15.83
C TYR G 78 67.07 13.16 16.29
N SER G 79 66.95 11.89 15.93
CA SER G 79 68.07 10.91 15.95
C SER G 79 68.98 11.20 14.75
N SER G 80 70.30 11.08 14.92
CA SER G 80 71.28 11.30 13.82
C SER G 80 72.55 10.48 14.08
N ALA G 81 73.21 10.06 13.00
CA ALA G 81 74.49 9.32 13.04
C ALA G 81 75.23 9.55 11.72
N ARG G 82 76.56 9.58 11.75
CA ARG G 82 77.45 9.58 10.58
C ARG G 82 78.13 8.21 10.52
N ILE G 83 77.85 7.42 9.49
CA ILE G 83 78.52 6.12 9.24
C ILE G 83 79.81 6.41 8.45
N SER G 84 80.94 5.86 8.89
CA SER G 84 82.26 5.94 8.20
C SER G 84 82.28 4.97 7.02
N LEU G 85 82.57 5.49 5.83
CA LEU G 85 82.66 4.72 4.55
C LEU G 85 84.13 4.41 4.28
N PRO G 86 84.46 3.40 3.45
CA PRO G 86 85.86 3.15 3.02
C PRO G 86 86.52 4.38 2.40
N LEU G 87 87.79 4.62 2.72
CA LEU G 87 88.61 5.74 2.15
C LEU G 87 88.77 5.52 0.64
N LEU G 88 88.59 6.56 -0.17
CA LEU G 88 88.60 6.45 -1.66
C LEU G 88 89.87 7.01 -2.31
N ASN G 89 90.27 8.24 -1.99
CA ASN G 89 91.31 8.95 -2.80
C ASN G 89 92.65 8.87 -2.07
N GLU G 90 93.65 8.18 -2.64
CA GLU G 90 95.06 8.33 -2.20
C GLU G 90 95.53 9.75 -2.57
N ASP G 91 95.17 10.25 -3.76
CA ASP G 91 95.74 11.53 -4.29
C ASP G 91 94.65 12.61 -4.27
N ILE G 92 94.68 13.58 -3.37
CA ILE G 92 93.66 14.69 -3.34
C ILE G 92 94.00 15.69 -4.46
N THR G 93 95.17 15.55 -5.09
CA THR G 93 95.72 16.58 -6.05
C THR G 93 95.51 16.12 -7.50
N SER G 94 95.00 14.89 -7.73
CA SER G 94 94.42 14.45 -9.03
C SER G 94 93.27 15.39 -9.41
N PRO G 95 93.08 15.72 -10.71
CA PRO G 95 92.00 16.61 -11.15
C PRO G 95 90.58 16.00 -11.16
N THR G 96 90.46 14.70 -10.87
CA THR G 96 89.18 14.03 -10.53
C THR G 96 89.30 13.30 -9.20
N LEU G 97 88.29 13.41 -8.33
CA LEU G 97 88.15 12.67 -7.06
C LEU G 97 87.02 11.65 -7.21
N LEU G 98 87.03 10.62 -6.35
CA LEU G 98 85.90 9.67 -6.17
C LEU G 98 85.19 9.95 -4.84
N MET G 99 83.86 10.15 -4.89
CA MET G 99 82.98 10.23 -3.71
C MET G 99 81.99 9.06 -3.77
N TRP G 100 81.60 8.51 -2.63
CA TRP G 100 80.49 7.53 -2.54
C TRP G 100 79.17 8.24 -2.84
N GLU G 101 78.33 7.61 -3.67
CA GLU G 101 77.01 8.13 -4.11
C GLU G 101 75.94 7.19 -3.56
N ALA G 102 75.10 7.67 -2.64
CA ALA G 102 73.96 6.91 -2.09
C ALA G 102 72.90 6.78 -3.20
N VAL G 103 72.60 5.56 -3.63
CA VAL G 103 71.75 5.32 -4.84
C VAL G 103 70.32 5.08 -4.36
N SER G 104 70.16 4.16 -3.40
CA SER G 104 68.85 3.67 -2.93
C SER G 104 68.90 3.44 -1.41
N VAL G 105 67.72 3.34 -0.79
CA VAL G 105 67.60 2.96 0.66
C VAL G 105 66.35 2.10 0.84
N LYS G 106 66.52 0.95 1.50
CA LYS G 106 65.44 0.17 2.15
C LYS G 106 65.38 0.65 3.60
N THR G 107 64.28 1.26 4.04
CA THR G 107 64.13 1.78 5.42
C THR G 107 62.82 1.26 6.02
N GLU G 108 62.83 0.98 7.32
CA GLU G 108 61.73 0.29 8.05
C GLU G 108 61.62 0.93 9.44
N VAL G 109 60.40 1.14 9.93
CA VAL G 109 60.14 1.54 11.35
C VAL G 109 59.96 0.24 12.14
N VAL G 110 60.92 -0.08 13.02
CA VAL G 110 60.97 -1.37 13.76
C VAL G 110 60.02 -1.28 14.96
N GLY G 111 59.35 -2.39 15.29
CA GLY G 111 58.57 -2.55 16.52
C GLY G 111 57.17 -1.94 16.44
N ILE G 112 56.63 -1.81 15.23
CA ILE G 112 55.22 -1.35 15.02
C ILE G 112 54.30 -2.31 15.77
N SER G 113 54.57 -3.62 15.71
CA SER G 113 53.73 -4.68 16.35
C SER G 113 53.68 -4.49 17.86
N SER G 114 54.64 -3.76 18.46
CA SER G 114 54.72 -3.51 19.92
C SER G 114 53.45 -2.79 20.41
N MET G 115 52.78 -2.05 19.52
CA MET G 115 51.60 -1.20 19.85
C MET G 115 50.34 -2.05 20.04
N LEU G 116 50.30 -3.29 19.54
CA LEU G 116 49.14 -4.19 19.75
C LEU G 116 49.20 -4.76 21.17
N ASN G 117 48.91 -3.91 22.15
CA ASN G 117 49.13 -4.15 23.61
C ASN G 117 48.09 -3.33 24.37
N MET G 118 47.08 -4.01 24.94
CA MET G 118 45.96 -3.35 25.65
C MET G 118 45.97 -3.78 27.12
N HIS G 119 47.12 -4.22 27.65
CA HIS G 119 47.24 -4.75 29.03
C HIS G 119 48.34 -4.03 29.83
N SER G 120 49.22 -3.24 29.19
CA SER G 120 50.35 -2.58 29.88
C SER G 120 49.97 -1.17 30.35
N TYR G 121 49.01 -1.10 31.27
CA TYR G 121 48.69 0.04 32.17
C TYR G 121 48.06 1.22 31.41
N GLY G 122 47.52 0.97 30.21
CA GLY G 122 46.89 2.04 29.42
C GLY G 122 45.58 2.46 30.06
N LEU G 123 45.21 3.74 29.94
CA LEU G 123 43.87 4.24 30.34
C LEU G 123 42.82 3.31 29.72
N ARG G 124 41.88 2.80 30.52
CA ARG G 124 40.99 1.71 30.07
C ARG G 124 39.74 2.27 29.38
N ALA G 125 39.28 1.60 28.33
CA ALA G 125 38.13 2.03 27.49
C ALA G 125 36.85 1.55 28.13
N PHE G 126 35.72 2.10 27.67
CA PHE G 126 34.34 1.71 28.08
C PHE G 126 34.23 1.79 29.61
N GLY G 127 34.53 2.99 30.12
CA GLY G 127 34.34 3.39 31.53
C GLY G 127 35.15 2.56 32.51
N GLY G 128 36.29 2.03 32.10
CA GLY G 128 37.27 1.35 32.97
C GLY G 128 37.18 -0.18 32.92
N TYR G 129 36.17 -0.73 32.23
CA TYR G 129 35.93 -2.19 32.14
C TYR G 129 36.64 -2.81 30.93
N GLY G 130 36.94 -2.00 29.91
CA GLY G 130 37.64 -2.44 28.69
C GLY G 130 39.14 -2.56 28.90
N GLY G 131 39.89 -2.72 27.80
CA GLY G 131 41.37 -2.81 27.79
C GLY G 131 42.02 -1.43 27.74
N GLY G 132 43.35 -1.39 27.88
CA GLY G 132 44.14 -0.15 27.87
C GLY G 132 44.22 0.46 26.47
N TYR G 133 44.24 1.80 26.39
CA TYR G 133 44.47 2.57 25.15
C TYR G 133 45.84 2.16 24.57
N THR G 134 45.84 1.67 23.32
CA THR G 134 47.06 1.57 22.48
C THR G 134 47.57 2.98 22.22
N ILE G 135 48.85 3.12 21.89
CA ILE G 135 49.46 4.44 21.59
C ILE G 135 48.52 5.18 20.62
N GLU G 136 48.28 6.47 20.88
CA GLU G 136 47.49 7.34 19.97
C GLU G 136 47.91 8.81 20.15
N GLY G 137 47.33 9.67 19.32
CA GLY G 137 47.57 11.13 19.33
C GLY G 137 48.40 11.56 18.14
N SER G 138 48.85 12.82 18.15
CA SER G 138 49.68 13.43 17.09
C SER G 138 50.98 12.65 16.99
N HIS G 139 51.48 12.46 15.76
CA HIS G 139 52.70 11.67 15.45
C HIS G 139 53.44 12.28 14.26
N ILE G 140 54.73 12.00 14.16
CA ILE G 140 55.60 12.38 13.00
C ILE G 140 56.48 11.18 12.66
N HIS G 141 56.60 10.90 11.37
CA HIS G 141 57.54 9.89 10.83
C HIS G 141 58.39 10.54 9.75
N PHE G 142 59.71 10.44 9.89
CA PHE G 142 60.67 11.18 9.04
C PHE G 142 62.02 10.48 9.02
N PHE G 143 62.64 10.44 7.83
CA PHE G 143 64.04 9.97 7.67
C PHE G 143 64.72 10.78 6.56
N SER G 144 66.04 10.94 6.68
CA SER G 144 66.86 11.55 5.61
C SER G 144 68.14 10.73 5.43
N VAL G 145 68.59 10.60 4.17
CA VAL G 145 69.94 10.11 3.78
C VAL G 145 70.64 11.26 3.07
N GLY G 146 71.91 11.49 3.41
CA GLY G 146 72.64 12.69 2.97
C GLY G 146 74.13 12.45 2.92
N GLY G 147 74.81 13.30 2.13
CA GLY G 147 76.28 13.27 1.99
C GLY G 147 76.93 14.23 2.96
N GLU G 148 76.14 14.85 3.82
CA GLU G 148 76.60 15.84 4.82
C GLU G 148 75.50 16.04 5.86
N PRO G 149 75.79 16.71 6.98
CA PRO G 149 74.75 17.02 7.96
C PRO G 149 73.51 17.65 7.32
N LEU G 150 72.31 17.25 7.79
CA LEU G 150 71.01 17.74 7.29
C LEU G 150 70.85 19.21 7.70
N ASP G 151 70.45 20.07 6.76
CA ASP G 151 70.22 21.53 7.00
C ASP G 151 68.86 21.70 7.69
N LEU G 152 68.83 22.43 8.82
CA LEU G 152 67.64 22.68 9.66
C LEU G 152 67.28 24.17 9.61
N GLN G 153 65.99 24.47 9.39
CA GLN G 153 65.39 25.83 9.49
C GLN G 153 64.64 25.90 10.82
N GLY G 154 64.82 27.01 11.54
CA GLY G 154 64.13 27.29 12.83
C GLY G 154 62.70 27.71 12.60
N LEU G 155 61.76 26.95 13.18
CA LEU G 155 60.33 27.36 13.28
C LEU G 155 59.68 26.56 14.40
N MET G 156 58.98 27.26 15.30
CA MET G 156 58.41 26.73 16.57
C MET G 156 57.04 27.37 16.80
N GLN G 157 56.22 26.74 17.66
CA GLN G 157 54.84 27.20 17.99
C GLN G 157 54.91 28.40 18.95
N ASN G 158 55.88 28.41 19.87
CA ASN G 158 56.00 29.46 20.92
C ASN G 158 57.45 29.94 21.02
N HIS G 159 57.73 31.15 20.53
CA HIS G 159 59.11 31.72 20.47
C HIS G 159 59.72 31.74 21.88
N SER G 160 58.89 31.88 22.92
CA SER G 160 59.34 32.08 24.32
C SER G 160 59.76 30.76 24.97
N THR G 161 59.47 29.61 24.35
CA THR G 161 59.76 28.28 24.94
C THR G 161 61.24 28.27 25.38
N GLN G 162 61.50 27.71 26.57
CA GLN G 162 62.86 27.63 27.17
C GLN G 162 63.32 26.17 27.15
N TYR G 163 64.29 25.84 26.30
CA TYR G 163 64.85 24.46 26.18
C TYR G 163 66.03 24.34 27.14
N PRO G 164 66.01 23.37 28.08
CA PRO G 164 67.16 23.14 28.96
C PRO G 164 68.40 22.73 28.17
N SER G 165 69.59 23.13 28.64
CA SER G 165 70.89 22.60 28.14
C SER G 165 70.91 21.10 28.45
N PRO G 166 71.47 20.22 27.58
CA PRO G 166 72.20 20.62 26.39
C PRO G 166 71.41 20.76 25.06
N LEU G 167 70.07 20.76 25.11
CA LEU G 167 69.25 20.93 23.88
C LEU G 167 69.60 22.27 23.23
N VAL G 168 69.40 22.36 21.91
CA VAL G 168 69.67 23.58 21.10
C VAL G 168 68.38 23.96 20.38
N GLY G 169 67.99 25.23 20.49
CA GLY G 169 66.81 25.79 19.81
C GLY G 169 67.18 27.03 19.04
N PRO G 170 66.28 27.54 18.18
CA PRO G 170 66.57 28.72 17.35
C PRO G 170 66.99 29.88 18.26
N LYS G 171 68.15 30.47 17.99
CA LYS G 171 68.65 31.70 18.63
C LYS G 171 69.21 32.59 17.52
N LYS G 172 68.99 33.90 17.59
CA LYS G 172 69.76 34.89 16.78
C LYS G 172 71.22 34.84 17.24
N PRO G 173 72.16 35.52 16.54
CA PRO G 173 73.57 35.54 16.99
C PRO G 173 73.73 36.09 18.41
N ASP G 174 72.86 37.02 18.81
CA ASP G 174 72.93 37.74 20.13
C ASP G 174 72.38 36.87 21.28
N GLY G 175 71.73 35.73 21.01
CA GLY G 175 71.20 34.81 22.04
C GLY G 175 69.68 34.87 22.18
N THR G 176 69.04 35.97 21.73
CA THR G 176 67.57 36.22 21.77
C THR G 176 66.85 35.25 20.82
N THR G 177 65.51 35.23 20.91
CA THR G 177 64.59 34.46 20.04
C THR G 177 63.28 35.24 19.94
N ASP G 178 63.10 36.05 18.89
CA ASP G 178 61.93 36.97 18.78
C ASP G 178 60.72 36.22 18.17
N ASP G 179 59.65 36.96 17.86
CA ASP G 179 58.35 36.41 17.41
C ASP G 179 58.48 35.79 16.02
N SER G 180 59.48 36.21 15.23
CA SER G 180 59.69 35.77 13.82
C SER G 180 59.95 34.26 13.76
N ALA G 181 60.48 33.67 14.84
CA ALA G 181 60.78 32.22 14.94
C ALA G 181 59.50 31.37 14.91
N GLN G 182 58.31 31.98 14.84
CA GLN G 182 57.02 31.27 14.72
C GLN G 182 56.65 31.17 13.24
N VAL G 183 57.37 31.91 12.39
CA VAL G 183 57.23 31.83 10.92
C VAL G 183 58.63 31.58 10.35
N LEU G 184 58.87 31.88 9.06
CA LEU G 184 60.20 31.70 8.44
C LEU G 184 60.99 33.00 8.62
N ASN G 185 62.10 32.91 9.34
CA ASN G 185 63.17 33.93 9.36
C ASN G 185 64.50 33.23 9.09
N PRO G 186 65.13 33.50 7.92
CA PRO G 186 66.39 32.85 7.56
C PRO G 186 67.50 32.92 8.63
N ILE G 187 67.40 33.85 9.58
CA ILE G 187 68.42 34.04 10.66
C ILE G 187 68.52 32.76 11.50
N TYR G 188 67.45 31.95 11.56
CA TYR G 188 67.36 30.74 12.43
C TYR G 188 67.65 29.49 11.59
N LYS G 189 68.92 29.11 11.52
CA LYS G 189 69.39 27.92 10.76
C LYS G 189 70.40 27.15 11.60
N ALA G 190 70.51 25.85 11.33
CA ALA G 190 71.42 24.94 12.08
C ALA G 190 71.64 23.69 11.25
N LYS G 191 72.73 22.98 11.55
CA LYS G 191 73.09 21.69 10.93
C LYS G 191 72.81 20.62 12.00
N LEU G 192 72.06 19.58 11.63
CA LEU G 192 71.76 18.42 12.52
C LEU G 192 73.03 17.62 12.75
N ASP G 193 73.91 18.09 13.63
CA ASP G 193 75.30 17.59 13.79
C ASP G 193 75.48 16.85 15.12
N LYS G 194 74.40 16.54 15.84
CA LYS G 194 74.46 15.85 17.15
C LYS G 194 73.13 15.14 17.42
N ASP G 195 73.19 13.86 17.79
CA ASP G 195 72.02 13.03 18.18
C ASP G 195 71.33 13.66 19.39
N ALA G 196 70.02 13.46 19.53
CA ALA G 196 69.26 13.70 20.77
C ALA G 196 69.43 15.15 21.26
N THR G 197 69.60 16.11 20.35
CA THR G 197 69.99 17.51 20.71
C THR G 197 69.03 18.53 20.12
N TYR G 198 68.58 18.35 18.88
CA TYR G 198 67.73 19.32 18.16
C TYR G 198 66.28 18.89 18.30
N PRO G 199 65.44 19.65 19.04
CA PRO G 199 64.05 19.28 19.20
C PRO G 199 63.30 19.30 17.87
N ILE G 200 62.48 18.28 17.63
CA ILE G 200 61.59 18.18 16.44
C ILE G 200 60.71 19.43 16.37
N GLU G 201 60.34 20.02 17.51
CA GLU G 201 59.25 21.04 17.58
C GLU G 201 59.75 22.44 17.15
N CYS G 202 61.06 22.68 17.10
CA CYS G 202 61.61 24.02 16.74
C CYS G 202 62.47 23.97 15.48
N TRP G 203 62.71 22.78 14.92
CA TRP G 203 63.58 22.55 13.73
C TRP G 203 62.89 21.68 12.69
N CYS G 204 62.76 22.16 11.45
CA CYS G 204 62.29 21.37 10.30
C CYS G 204 63.40 21.31 9.26
N PRO G 205 63.40 20.33 8.34
CA PRO G 205 64.37 20.31 7.24
C PRO G 205 64.22 21.59 6.41
N ASP G 206 65.34 22.25 6.12
CA ASP G 206 65.44 23.52 5.36
C ASP G 206 65.29 23.21 3.87
N PRO G 207 64.17 23.59 3.22
CA PRO G 207 63.97 23.30 1.80
C PRO G 207 64.77 24.24 0.89
N SER G 208 65.39 25.29 1.43
CA SER G 208 66.26 26.26 0.69
C SER G 208 67.67 25.68 0.53
N ARG G 209 67.98 24.59 1.24
CA ARG G 209 69.31 23.94 1.22
C ARG G 209 69.11 22.43 1.01
N ASN G 210 69.88 21.60 1.72
CA ASN G 210 69.80 20.12 1.63
C ASN G 210 69.89 19.65 0.17
N GLU G 211 70.65 20.35 -0.69
CA GLU G 211 70.87 19.94 -2.10
C GLU G 211 71.48 18.53 -2.11
N ASN G 212 72.35 18.22 -1.14
CA ASN G 212 73.11 16.97 -1.04
C ASN G 212 72.49 16.02 -0.01
N SER G 213 71.19 16.13 0.24
CA SER G 213 70.40 15.26 1.15
C SER G 213 69.03 14.98 0.56
N ARG G 214 68.48 13.78 0.83
CA ARG G 214 67.08 13.42 0.48
C ARG G 214 66.33 13.18 1.80
N TYR G 215 65.26 13.94 2.05
CA TYR G 215 64.45 13.82 3.29
C TYR G 215 62.98 13.62 2.92
N PHE G 216 62.29 12.91 3.82
CA PHE G 216 60.88 12.46 3.66
C PHE G 216 60.20 12.44 5.04
N GLY G 217 59.13 13.22 5.20
CA GLY G 217 58.45 13.38 6.49
C GLY G 217 56.95 13.47 6.33
N SER G 218 56.23 12.93 7.32
CA SER G 218 54.74 12.99 7.39
C SER G 218 54.32 13.19 8.85
N TYR G 219 53.62 14.30 9.13
CA TYR G 219 53.02 14.62 10.44
C TYR G 219 51.50 14.49 10.35
N THR G 220 50.91 13.87 11.37
CA THR G 220 49.45 13.81 11.60
C THR G 220 49.18 14.37 13.01
N GLY G 221 48.18 15.26 13.15
CA GLY G 221 47.81 15.89 14.43
C GLY G 221 46.65 15.17 15.10
N GLY G 222 45.94 15.87 15.99
CA GLY G 222 44.74 15.37 16.66
C GLY G 222 45.04 14.80 18.04
N VAL G 223 44.02 14.68 18.88
CA VAL G 223 44.16 14.34 20.32
C VAL G 223 44.30 12.84 20.48
N GLU G 224 43.45 12.08 19.79
CA GLU G 224 43.32 10.59 19.94
C GLU G 224 43.49 9.92 18.58
N THR G 225 44.17 10.57 17.63
CA THR G 225 44.33 10.11 16.22
C THR G 225 45.00 8.73 16.23
N PRO G 226 44.46 7.72 15.52
CA PRO G 226 45.06 6.39 15.52
C PRO G 226 46.27 6.40 14.60
N PRO G 227 47.43 5.85 15.02
CA PRO G 227 48.57 5.72 14.13
C PRO G 227 48.29 4.61 13.10
N VAL G 228 48.71 4.84 11.85
CA VAL G 228 48.67 3.86 10.73
C VAL G 228 50.10 3.68 10.23
N LEU G 229 50.68 2.50 10.43
CA LEU G 229 52.10 2.22 10.06
C LEU G 229 52.17 0.86 9.35
N SER G 230 52.88 0.81 8.22
CA SER G 230 53.12 -0.41 7.42
C SER G 230 54.58 -0.84 7.52
N PHE G 231 54.84 -2.13 7.31
CA PHE G 231 56.21 -2.70 7.34
C PHE G 231 56.31 -3.82 6.31
N THR G 232 57.44 -3.89 5.60
CA THR G 232 57.75 -4.86 4.51
C THR G 232 59.24 -4.83 4.21
N ASN G 233 59.81 -5.94 3.73
CA ASN G 233 61.22 -5.99 3.25
C ASN G 233 61.26 -5.88 1.73
N THR G 234 60.14 -5.52 1.09
CA THR G 234 60.01 -5.48 -0.40
C THR G 234 59.98 -4.04 -0.92
N SER G 235 60.35 -3.04 -0.12
CA SER G 235 60.20 -1.61 -0.53
C SER G 235 61.57 -0.92 -0.55
N THR G 236 61.84 -0.23 -1.66
CA THR G 236 63.10 0.49 -1.93
C THR G 236 62.79 1.92 -2.37
N THR G 237 63.54 2.89 -1.87
CA THR G 237 63.40 4.31 -2.25
C THR G 237 64.64 4.72 -3.02
N ILE G 238 64.46 5.22 -4.24
CA ILE G 238 65.58 5.75 -5.08
C ILE G 238 65.94 7.12 -4.51
N LEU G 239 67.24 7.39 -4.38
CA LEU G 239 67.76 8.66 -3.81
C LEU G 239 68.33 9.55 -4.91
N LEU G 240 68.32 9.09 -6.16
CA LEU G 240 68.81 9.87 -7.32
C LEU G 240 67.84 11.03 -7.58
N ASP G 241 68.37 12.21 -7.91
CA ASP G 241 67.59 13.44 -8.20
C ASP G 241 67.15 13.42 -9.66
N GLU G 242 66.56 14.54 -10.14
CA GLU G 242 66.02 14.71 -11.51
C GLU G 242 67.14 14.47 -12.56
N ASN G 243 68.43 14.58 -12.17
CA ASN G 243 69.60 14.40 -13.06
C ASN G 243 70.34 13.08 -12.77
N GLY G 244 69.71 12.12 -12.08
CA GLY G 244 70.32 10.81 -11.82
C GLY G 244 71.49 10.84 -10.85
N VAL G 245 71.65 11.92 -10.08
CA VAL G 245 72.72 12.06 -9.05
C VAL G 245 72.13 11.83 -7.65
N GLY G 246 72.73 10.93 -6.89
CA GLY G 246 72.42 10.69 -5.47
C GLY G 246 73.24 11.58 -4.54
N PRO G 247 72.96 11.56 -3.22
CA PRO G 247 73.80 12.24 -2.25
C PRO G 247 75.26 11.78 -2.37
N LEU G 248 76.18 12.74 -2.45
CA LEU G 248 77.65 12.50 -2.51
C LEU G 248 78.25 12.68 -1.12
N CYS G 249 78.79 11.62 -0.54
CA CYS G 249 79.29 11.57 0.86
C CYS G 249 80.63 12.32 1.01
N LYS G 250 80.57 13.60 1.36
CA LYS G 250 81.76 14.43 1.71
C LYS G 250 82.49 13.77 2.89
N GLY G 251 83.82 13.85 2.89
CA GLY G 251 84.68 13.25 3.95
C GLY G 251 84.45 11.76 4.13
N ASP G 252 83.91 11.09 3.12
CA ASP G 252 83.65 9.62 3.13
C ASP G 252 82.73 9.29 4.32
N GLY G 253 81.69 10.10 4.51
CA GLY G 253 80.70 9.96 5.61
C GLY G 253 79.27 9.99 5.11
N LEU G 254 78.49 8.95 5.45
CA LEU G 254 77.04 8.86 5.17
C LEU G 254 76.25 9.39 6.39
N TYR G 255 75.41 10.40 6.18
CA TYR G 255 74.59 11.06 7.24
C TYR G 255 73.16 10.51 7.21
N LEU G 256 72.79 9.77 8.25
CA LEU G 256 71.40 9.27 8.50
C LEU G 256 70.73 10.10 9.61
N SER G 257 69.46 10.42 9.43
CA SER G 257 68.59 11.12 10.41
C SER G 257 67.22 10.42 10.45
N SER G 258 66.58 10.45 11.60
CA SER G 258 65.31 9.74 11.92
C SER G 258 64.49 10.59 12.91
N ALA G 259 63.17 10.50 12.80
CA ALA G 259 62.21 11.06 13.78
C ALA G 259 60.92 10.24 13.69
N ASP G 260 60.72 9.29 14.59
CA ASP G 260 59.55 8.39 14.58
C ASP G 260 58.89 8.39 15.96
N VAL G 261 58.09 9.43 16.19
CA VAL G 261 57.21 9.60 17.37
C VAL G 261 55.84 9.05 16.98
N ALA G 262 55.55 7.81 17.37
CA ALA G 262 54.40 7.00 16.91
C ALA G 262 53.09 7.62 17.42
N GLY G 263 53.19 8.39 18.51
CA GLY G 263 52.07 9.01 19.23
C GLY G 263 52.36 9.11 20.72
N THR G 264 51.33 9.17 21.56
CA THR G 264 51.47 9.22 23.04
C THR G 264 50.94 7.93 23.65
N PHE G 265 51.49 7.56 24.81
CA PHE G 265 50.93 6.55 25.74
C PHE G 265 50.12 7.28 26.82
N VAL G 266 48.86 6.90 27.00
CA VAL G 266 47.91 7.51 27.99
C VAL G 266 47.80 6.56 29.17
N GLN G 267 48.43 6.89 30.30
CA GLN G 267 48.49 6.01 31.49
C GLN G 267 47.17 6.02 32.25
N GLN G 268 46.71 4.84 32.67
CA GLN G 268 45.50 4.67 33.51
C GLN G 268 45.71 5.41 34.84
N THR G 269 44.62 5.93 35.42
CA THR G 269 44.57 6.50 36.78
C THR G 269 45.21 7.90 36.77
N SER G 270 46.51 8.03 36.45
CA SER G 270 47.19 9.34 36.37
C SER G 270 46.56 10.18 35.24
N GLN G 271 46.15 9.53 34.16
CA GLN G 271 45.65 10.16 32.89
C GLN G 271 46.73 11.10 32.33
N LYS G 272 48.00 10.82 32.63
CA LYS G 272 49.17 11.55 32.07
C LYS G 272 49.58 10.91 30.73
N GLN G 273 50.25 11.68 29.88
CA GLN G 273 50.64 11.30 28.51
C GLN G 273 52.16 11.30 28.39
N TYR G 274 52.67 10.31 27.68
CA TYR G 274 54.11 10.08 27.42
C TYR G 274 54.29 9.88 25.90
N TRP G 275 55.19 10.66 25.30
CA TRP G 275 55.65 10.45 23.90
C TRP G 275 56.24 9.04 23.77
N ARG G 276 55.91 8.33 22.70
CA ARG G 276 56.41 6.96 22.39
C ARG G 276 57.17 7.01 21.06
N GLY G 277 58.47 6.73 21.10
CA GLY G 277 59.33 6.70 19.90
C GLY G 277 59.54 5.28 19.41
N LEU G 278 59.87 5.13 18.13
CA LEU G 278 60.22 3.81 17.53
C LEU G 278 61.53 3.93 16.77
N PRO G 279 62.33 2.84 16.71
CA PRO G 279 63.60 2.86 15.98
C PRO G 279 63.37 2.71 14.47
N ARG G 280 64.35 3.13 13.68
CA ARG G 280 64.31 3.08 12.18
C ARG G 280 65.55 2.33 11.66
N TYR G 281 65.32 1.26 10.91
CA TYR G 281 66.37 0.49 10.18
C TYR G 281 66.65 1.21 8.86
N PHE G 282 67.93 1.28 8.49
CA PHE G 282 68.40 1.76 7.17
C PHE G 282 69.23 0.67 6.50
N ASN G 283 69.06 0.51 5.19
CA ASN G 283 69.91 -0.32 4.30
C ASN G 283 70.21 0.51 3.05
N ILE G 284 71.37 1.16 3.01
CA ILE G 284 71.73 2.10 1.91
C ILE G 284 72.68 1.37 0.95
N THR G 285 72.45 1.52 -0.36
CA THR G 285 73.35 1.08 -1.44
C THR G 285 74.06 2.30 -2.02
N LEU G 286 75.40 2.25 -2.07
CA LEU G 286 76.24 3.33 -2.63
C LEU G 286 77.14 2.77 -3.73
N ARG G 287 77.54 3.63 -4.67
CA ARG G 287 78.43 3.33 -5.82
C ARG G 287 79.49 4.44 -5.90
N LYS G 288 80.67 4.15 -6.42
CA LYS G 288 81.75 5.17 -6.57
C LYS G 288 81.36 6.11 -7.72
N ARG G 289 81.59 7.41 -7.56
CA ARG G 289 81.26 8.45 -8.57
C ARG G 289 82.40 9.45 -8.64
N ALA G 290 82.71 9.91 -9.85
CA ALA G 290 83.82 10.84 -10.15
C ALA G 290 83.32 12.27 -10.14
N VAL G 291 84.11 13.19 -9.59
CA VAL G 291 83.76 14.64 -9.45
C VAL G 291 85.02 15.47 -9.75
N LYS G 292 84.83 16.65 -10.34
CA LYS G 292 85.92 17.55 -10.79
C LYS G 292 86.48 18.30 -9.58
N ASN G 293 87.81 18.41 -9.52
CA ASN G 293 88.56 18.78 -8.29
C ASN G 293 88.79 20.30 -8.32
N GLY H 24 69.16 -16.29 -0.79
CA GLY H 24 70.06 -16.25 0.41
C GLY H 24 71.53 -16.24 0.04
N GLY H 25 72.39 -16.75 0.95
CA GLY H 25 73.87 -16.89 0.81
C GLY H 25 74.28 -18.14 0.02
N ILE H 26 73.38 -18.64 -0.82
CA ILE H 26 73.55 -19.67 -1.90
C ILE H 26 74.02 -18.93 -3.17
N GLU H 27 74.63 -19.63 -4.15
CA GLU H 27 74.85 -19.11 -5.53
C GLU H 27 73.67 -19.56 -6.41
N VAL H 28 72.86 -18.61 -6.91
CA VAL H 28 71.59 -18.87 -7.64
C VAL H 28 71.89 -18.94 -9.14
N LEU H 29 71.44 -20.00 -9.80
CA LEU H 29 71.73 -20.28 -11.23
C LEU H 29 70.43 -20.14 -12.04
N ASP H 30 70.34 -20.85 -13.18
CA ASP H 30 69.22 -20.77 -14.15
C ASP H 30 67.92 -21.27 -13.51
N VAL H 31 66.78 -20.75 -13.97
CA VAL H 31 65.42 -21.28 -13.70
C VAL H 31 65.22 -22.56 -14.52
N LYS H 32 65.19 -23.74 -13.91
CA LYS H 32 64.87 -25.00 -14.64
C LYS H 32 63.46 -24.81 -15.22
N THR H 33 63.27 -25.13 -16.51
CA THR H 33 61.94 -25.15 -17.18
C THR H 33 61.76 -26.50 -17.84
N GLY H 34 60.52 -26.89 -18.11
CA GLY H 34 60.15 -28.18 -18.69
C GLY H 34 58.87 -28.71 -18.07
N PRO H 35 58.53 -30.00 -18.23
CA PRO H 35 57.35 -30.55 -17.59
C PRO H 35 57.62 -30.70 -16.08
N ASP H 36 56.59 -30.47 -15.27
CA ASP H 36 56.61 -30.62 -13.79
C ASP H 36 57.68 -29.68 -13.18
N SER H 37 57.85 -28.47 -13.74
CA SER H 37 58.85 -27.48 -13.24
C SER H 37 58.18 -26.39 -12.39
N THR H 38 56.83 -26.30 -12.44
CA THR H 38 56.02 -25.42 -11.57
C THR H 38 54.98 -26.24 -10.81
N THR H 39 54.63 -25.81 -9.59
CA THR H 39 53.52 -26.36 -8.77
C THR H 39 52.88 -25.22 -7.97
N THR H 40 51.62 -25.40 -7.55
CA THR H 40 50.89 -24.46 -6.66
C THR H 40 50.52 -25.20 -5.37
N ILE H 41 50.68 -24.55 -4.21
CA ILE H 41 50.22 -25.06 -2.89
C ILE H 41 49.13 -24.13 -2.34
N GLU H 42 48.04 -24.73 -1.84
CA GLU H 42 46.95 -24.07 -1.08
C GLU H 42 47.13 -24.39 0.41
N ALA H 43 46.97 -23.39 1.28
CA ALA H 43 47.05 -23.54 2.75
C ALA H 43 46.23 -22.44 3.42
N TYR H 44 45.85 -22.64 4.67
CA TYR H 44 45.24 -21.59 5.54
C TYR H 44 45.90 -21.62 6.92
N LEU H 45 46.02 -20.46 7.53
CA LEU H 45 46.44 -20.29 8.94
C LEU H 45 45.25 -19.71 9.71
N ASN H 46 44.68 -20.49 10.64
CA ASN H 46 43.68 -20.03 11.63
C ASN H 46 44.41 -19.11 12.60
N PRO H 47 43.72 -18.09 13.17
CA PRO H 47 44.38 -17.12 14.03
C PRO H 47 44.73 -17.72 15.39
N ARG H 48 45.72 -17.14 16.08
CA ARG H 48 46.14 -17.57 17.44
C ARG H 48 46.13 -16.34 18.35
N VAL H 49 44.91 -15.92 18.71
CA VAL H 49 44.67 -14.68 19.52
C VAL H 49 44.68 -15.04 21.01
N GLY H 50 44.96 -16.30 21.37
CA GLY H 50 45.08 -16.78 22.77
C GLY H 50 44.24 -18.01 23.02
N GLN H 51 43.13 -18.15 22.28
CA GLN H 51 42.36 -19.42 22.16
C GLN H 51 42.29 -19.76 20.67
N ASN H 52 41.57 -20.83 20.32
CA ASN H 52 41.63 -21.46 18.98
C ASN H 52 40.38 -21.14 18.17
N TRP H 53 39.38 -20.48 18.75
CA TRP H 53 38.08 -20.27 18.05
C TRP H 53 37.86 -18.80 17.77
N GLY H 54 38.97 -18.05 17.60
CA GLY H 54 38.99 -16.73 16.96
C GLY H 54 38.79 -15.58 17.92
N PHE H 55 38.55 -15.87 19.20
CA PHE H 55 38.48 -14.85 20.28
C PHE H 55 39.45 -15.19 21.41
N SER H 56 40.11 -14.18 21.96
CA SER H 56 40.87 -14.24 23.23
C SER H 56 39.89 -14.30 24.40
N THR H 57 40.37 -14.58 25.61
CA THR H 57 39.63 -14.32 26.87
C THR H 57 39.69 -12.82 27.14
N GLU H 58 38.95 -12.31 28.13
CA GLU H 58 38.84 -10.85 28.38
C GLU H 58 40.24 -10.24 28.51
N ILE H 59 40.42 -9.04 27.96
CA ILE H 59 41.66 -8.25 28.10
C ILE H 59 41.68 -7.69 29.53
N THR H 60 42.78 -7.90 30.24
CA THR H 60 42.97 -7.46 31.65
C THR H 60 44.02 -6.36 31.71
N VAL H 61 43.94 -5.48 32.72
CA VAL H 61 44.87 -4.34 32.92
C VAL H 61 45.21 -4.26 34.40
N ALA H 62 46.38 -4.78 34.78
CA ALA H 62 46.94 -4.64 36.14
C ALA H 62 46.80 -3.18 36.59
N SER H 63 46.52 -2.96 37.89
CA SER H 63 46.53 -1.61 38.50
C SER H 63 47.98 -1.11 38.50
N ASN H 64 48.20 0.19 38.31
CA ASN H 64 49.55 0.80 38.39
C ASN H 64 50.25 0.21 39.63
N GLY H 65 51.55 -0.11 39.50
CA GLY H 65 52.37 -0.62 40.62
C GLY H 65 52.26 -2.12 40.81
N TYR H 66 51.24 -2.77 40.22
CA TYR H 66 51.08 -4.25 40.23
C TYR H 66 51.82 -4.85 39.02
N ASN H 67 52.21 -6.12 39.12
CA ASN H 67 52.87 -6.86 38.01
C ASN H 67 51.98 -6.82 36.76
N ASP H 68 52.57 -6.54 35.60
CA ASP H 68 51.94 -6.69 34.26
C ASP H 68 52.08 -8.16 33.83
N ALA H 69 51.12 -9.00 34.20
CA ALA H 69 51.17 -10.46 34.00
C ALA H 69 49.84 -10.90 33.40
N PRO H 70 49.62 -10.69 32.09
CA PRO H 70 48.36 -11.06 31.45
C PRO H 70 48.25 -12.59 31.32
N HIS H 71 47.02 -13.06 31.13
CA HIS H 71 46.66 -14.49 30.95
C HIS H 71 47.17 -14.99 29.60
N LEU H 72 47.71 -16.21 29.57
CA LEU H 72 48.06 -16.93 28.33
C LEU H 72 46.98 -16.65 27.27
N THR H 73 45.70 -16.77 27.62
CA THR H 73 44.59 -16.79 26.64
C THR H 73 44.14 -15.38 26.24
N GLU H 74 44.90 -14.34 26.56
CA GLU H 74 44.54 -12.94 26.14
C GLU H 74 45.66 -12.32 25.30
N ILE H 75 46.76 -13.06 25.09
CA ILE H 75 47.93 -12.61 24.29
C ILE H 75 47.84 -13.20 22.88
N PRO H 76 47.53 -12.37 21.85
CA PRO H 76 47.59 -12.82 20.46
C PRO H 76 49.04 -13.08 19.99
N CYS H 77 49.21 -14.17 19.24
CA CYS H 77 50.51 -14.65 18.71
C CYS H 77 50.46 -14.77 17.18
N TYR H 78 51.64 -14.84 16.56
CA TYR H 78 51.80 -15.18 15.12
C TYR H 78 51.37 -16.63 14.90
N SER H 79 50.52 -16.84 13.90
CA SER H 79 50.24 -18.16 13.28
C SER H 79 51.43 -18.50 12.37
N SER H 80 51.85 -19.76 12.33
CA SER H 80 52.96 -20.23 11.45
C SER H 80 52.77 -21.71 11.12
N ALA H 81 53.23 -22.11 9.94
CA ALA H 81 53.21 -23.50 9.45
C ALA H 81 54.32 -23.67 8.42
N ARG H 82 54.90 -24.86 8.36
CA ARG H 82 55.83 -25.29 7.27
C ARG H 82 55.08 -26.32 6.44
N ILE H 83 54.79 -26.00 5.18
CA ILE H 83 54.18 -26.95 4.20
C ILE H 83 55.32 -27.74 3.56
N SER H 84 55.17 -29.08 3.52
CA SER H 84 56.10 -30.02 2.85
C SER H 84 55.88 -29.96 1.34
N LEU H 85 56.95 -29.67 0.58
CA LEU H 85 56.95 -29.61 -0.90
C LEU H 85 57.46 -30.93 -1.45
N PRO H 86 57.18 -31.27 -2.74
CA PRO H 86 57.74 -32.48 -3.37
C PRO H 86 59.27 -32.55 -3.28
N LEU H 87 59.84 -33.73 -3.00
CA LEU H 87 61.30 -33.95 -2.91
C LEU H 87 61.91 -33.71 -4.31
N LEU H 88 63.04 -33.00 -4.40
CA LEU H 88 63.64 -32.59 -5.70
C LEU H 88 64.89 -33.37 -6.08
N ASN H 89 65.86 -33.49 -5.17
CA ASN H 89 67.23 -33.98 -5.51
C ASN H 89 67.36 -35.45 -5.08
N GLU H 90 67.57 -36.37 -6.03
CA GLU H 90 67.81 -37.81 -5.80
C GLU H 90 69.26 -38.17 -6.18
N PRO H 95 76.57 -31.54 -8.86
CA PRO H 95 77.22 -30.24 -8.60
C PRO H 95 76.28 -29.02 -8.68
N THR H 96 75.02 -29.25 -9.09
CA THR H 96 73.89 -28.29 -9.01
C THR H 96 72.73 -29.01 -8.31
N LEU H 97 72.05 -28.31 -7.39
CA LEU H 97 70.81 -28.77 -6.72
C LEU H 97 69.63 -27.97 -7.27
N LEU H 98 68.43 -28.51 -7.13
CA LEU H 98 67.14 -27.81 -7.39
C LEU H 98 66.46 -27.49 -6.05
N MET H 99 66.10 -26.22 -5.85
CA MET H 99 65.22 -25.76 -4.74
C MET H 99 63.95 -25.18 -5.35
N TRP H 100 62.81 -25.33 -4.66
CA TRP H 100 61.56 -24.64 -5.05
C TRP H 100 61.70 -23.14 -4.79
N GLU H 101 61.26 -22.32 -5.74
CA GLU H 101 61.30 -20.84 -5.69
C GLU H 101 59.85 -20.35 -5.67
N ALA H 102 59.43 -19.72 -4.58
CA ALA H 102 58.09 -19.10 -4.45
C ALA H 102 58.06 -17.85 -5.33
N VAL H 103 57.20 -17.83 -6.35
CA VAL H 103 57.21 -16.77 -7.39
C VAL H 103 56.16 -15.72 -7.01
N SER H 104 54.94 -16.17 -6.71
CA SER H 104 53.76 -15.31 -6.48
C SER H 104 52.90 -15.89 -5.36
N VAL H 105 52.01 -15.08 -4.79
CA VAL H 105 50.99 -15.54 -3.80
C VAL H 105 49.70 -14.76 -4.01
N LYS H 106 48.58 -15.49 -4.10
CA LYS H 106 47.20 -14.98 -3.89
C LYS H 106 46.88 -15.23 -2.42
N THR H 107 46.66 -14.18 -1.61
CA THR H 107 46.34 -14.32 -0.16
C THR H 107 45.07 -13.53 0.17
N GLU H 108 44.26 -14.05 1.08
CA GLU H 108 42.92 -13.54 1.42
C GLU H 108 42.71 -13.68 2.93
N VAL H 109 42.10 -12.67 3.56
CA VAL H 109 41.62 -12.76 4.98
C VAL H 109 40.17 -13.27 4.93
N VAL H 110 39.96 -14.51 5.41
CA VAL H 110 38.66 -15.22 5.30
C VAL H 110 37.76 -14.72 6.44
N GLY H 111 36.45 -14.59 6.17
CA GLY H 111 35.41 -14.31 7.18
C GLY H 111 35.33 -12.83 7.53
N ILE H 112 35.74 -11.94 6.63
CA ILE H 112 35.55 -10.47 6.80
C ILE H 112 34.04 -10.20 6.96
N SER H 113 33.20 -10.88 6.18
CA SER H 113 31.72 -10.68 6.19
C SER H 113 31.14 -11.04 7.56
N SER H 114 31.86 -11.82 8.38
CA SER H 114 31.40 -12.26 9.73
C SER H 114 31.16 -11.04 10.63
N MET H 115 31.83 -9.92 10.35
CA MET H 115 31.82 -8.70 11.18
C MET H 115 30.51 -7.91 10.97
N LEU H 116 29.79 -8.13 9.87
CA LEU H 116 28.49 -7.45 9.63
C LEU H 116 27.42 -8.12 10.49
N ASN H 117 27.48 -7.88 11.79
CA ASN H 117 26.72 -8.61 12.84
C ASN H 117 26.52 -7.66 14.03
N MET H 118 25.29 -7.16 14.20
CA MET H 118 24.95 -6.18 15.26
C MET H 118 23.94 -6.80 16.22
N HIS H 119 23.88 -8.12 16.32
CA HIS H 119 22.88 -8.85 17.14
C HIS H 119 23.53 -9.85 18.10
N SER H 120 24.83 -10.17 17.95
CA SER H 120 25.51 -11.18 18.79
C SER H 120 26.21 -10.53 19.98
N TYR H 121 25.39 -9.96 20.88
CA TYR H 121 25.72 -9.58 22.28
C TYR H 121 26.69 -8.38 22.35
N GLY H 122 26.82 -7.61 21.27
CA GLY H 122 27.70 -6.43 21.26
C GLY H 122 27.15 -5.34 22.15
N LEU H 123 28.03 -4.55 22.78
CA LEU H 123 27.62 -3.30 23.50
C LEU H 123 26.72 -2.48 22.57
N ARG H 124 25.55 -2.08 23.02
CA ARG H 124 24.51 -1.51 22.13
C ARG H 124 24.70 0.01 22.01
N ALA H 125 24.48 0.53 20.80
CA ALA H 125 24.67 1.96 20.45
C ALA H 125 23.38 2.71 20.82
N PHE H 126 23.48 4.04 20.84
CA PHE H 126 22.34 4.96 21.07
C PHE H 126 21.64 4.61 22.39
N GLY H 127 22.45 4.58 23.46
CA GLY H 127 22.02 4.43 24.86
C GLY H 127 21.30 3.12 25.14
N GLY H 128 21.63 2.05 24.39
CA GLY H 128 21.13 0.68 24.66
C GLY H 128 19.98 0.27 23.76
N TYR H 129 19.41 1.19 22.97
CA TYR H 129 18.23 0.95 22.09
C TYR H 129 18.67 0.51 20.69
N GLY H 130 19.89 0.85 20.29
CA GLY H 130 20.45 0.50 18.96
C GLY H 130 20.96 -0.94 18.93
N GLY H 131 21.70 -1.29 17.87
CA GLY H 131 22.32 -2.61 17.69
C GLY H 131 23.68 -2.71 18.37
N GLY H 132 24.24 -3.92 18.42
CA GLY H 132 25.56 -4.21 19.01
C GLY H 132 26.71 -3.64 18.19
N TYR H 133 27.76 -3.19 18.87
CA TYR H 133 29.04 -2.76 18.25
C TYR H 133 29.60 -3.93 17.44
N THR H 134 29.83 -3.71 16.14
CA THR H 134 30.69 -4.57 15.28
C THR H 134 32.11 -4.49 15.80
N ILE H 135 32.93 -5.48 15.50
CA ILE H 135 34.35 -5.50 15.93
C ILE H 135 34.95 -4.13 15.63
N GLU H 136 35.72 -3.56 16.57
CA GLU H 136 36.46 -2.30 16.37
C GLU H 136 37.67 -2.24 17.30
N GLY H 137 38.47 -1.18 17.13
CA GLY H 137 39.68 -0.92 17.93
C GLY H 137 40.94 -1.14 17.11
N SER H 138 42.09 -1.13 17.78
CA SER H 138 43.43 -1.34 17.18
C SER H 138 43.47 -2.73 16.55
N HIS H 139 44.11 -2.84 15.38
CA HIS H 139 44.19 -4.08 14.57
C HIS H 139 45.53 -4.16 13.85
N ILE H 140 45.95 -5.38 13.52
CA ILE H 140 47.16 -5.67 12.71
C ILE H 140 46.79 -6.74 11.67
N HIS H 141 47.22 -6.54 10.44
CA HIS H 141 47.12 -7.54 9.35
C HIS H 141 48.50 -7.74 8.75
N PHE H 142 48.95 -8.99 8.70
CA PHE H 142 50.34 -9.33 8.32
C PHE H 142 50.43 -10.76 7.81
N PHE H 143 51.22 -10.96 6.75
CA PHE H 143 51.56 -12.31 6.23
C PHE H 143 52.99 -12.30 5.70
N SER H 144 53.65 -13.45 5.77
CA SER H 144 54.97 -13.67 5.14
C SER H 144 54.98 -15.02 4.43
N VAL H 145 55.67 -15.07 3.29
CA VAL H 145 56.06 -16.31 2.57
C VAL H 145 57.59 -16.34 2.55
N GLY H 146 58.16 -17.51 2.84
CA GLY H 146 59.61 -17.64 3.07
C GLY H 146 60.11 -19.03 2.78
N GLY H 147 61.42 -19.14 2.53
CA GLY H 147 62.11 -20.42 2.27
C GLY H 147 62.68 -21.00 3.55
N GLU H 148 62.42 -20.33 4.67
CA GLU H 148 62.92 -20.73 6.00
C GLU H 148 62.11 -20.00 7.06
N PRO H 149 62.25 -20.38 8.35
CA PRO H 149 61.58 -19.64 9.42
C PRO H 149 61.81 -18.12 9.34
N LEU H 150 60.77 -17.34 9.62
CA LEU H 150 60.81 -15.85 9.59
C LEU H 150 61.68 -15.34 10.75
N ASP H 151 62.60 -14.41 10.47
CA ASP H 151 63.48 -13.79 11.50
C ASP H 151 62.69 -12.72 12.27
N LEU H 152 62.71 -12.80 13.61
CA LEU H 152 61.99 -11.90 14.54
C LEU H 152 63.00 -11.07 15.35
N GLN H 153 62.74 -9.76 15.43
CA GLN H 153 63.46 -8.80 16.31
C GLN H 153 62.58 -8.51 17.52
N GLY H 154 63.17 -8.51 18.70
CA GLY H 154 62.49 -8.20 19.98
C GLY H 154 62.26 -6.71 20.13
N LEU H 155 61.00 -6.31 20.27
CA LEU H 155 60.61 -4.94 20.69
C LEU H 155 59.19 -4.98 21.25
N MET H 156 59.00 -4.40 22.44
CA MET H 156 57.76 -4.45 23.25
C MET H 156 57.52 -3.09 23.91
N GLN H 157 56.27 -2.84 24.35
CA GLN H 157 55.85 -1.56 25.00
C GLN H 157 56.37 -1.53 26.44
N ASN H 158 56.39 -2.67 27.13
CA ASN H 158 56.77 -2.74 28.57
C ASN H 158 57.75 -3.89 28.81
N HIS H 159 59.03 -3.59 29.05
CA HIS H 159 60.10 -4.59 29.22
C HIS H 159 59.75 -5.57 30.33
N SER H 160 59.00 -5.12 31.34
CA SER H 160 58.71 -5.88 32.57
C SER H 160 57.59 -6.90 32.35
N THR H 161 56.87 -6.84 31.22
CA THR H 161 55.70 -7.73 30.97
C THR H 161 56.14 -9.17 31.23
N GLN H 162 55.28 -9.96 31.90
CA GLN H 162 55.55 -11.38 32.25
C GLN H 162 54.65 -12.27 31.39
N TYR H 163 55.23 -13.00 30.43
CA TYR H 163 54.48 -13.90 29.52
C TYR H 163 54.44 -15.29 30.15
N PRO H 164 53.24 -15.87 30.36
CA PRO H 164 53.12 -17.23 30.88
C PRO H 164 53.74 -18.25 29.91
N SER H 165 54.31 -19.34 30.44
CA SER H 165 54.70 -20.53 29.64
C SER H 165 53.42 -21.11 29.01
N PRO H 166 53.45 -21.63 27.75
CA PRO H 166 54.68 -21.79 26.97
C PRO H 166 55.09 -20.63 26.03
N LEU H 167 54.48 -19.45 26.16
CA LEU H 167 54.81 -18.29 25.30
C LEU H 167 56.30 -17.94 25.46
N VAL H 168 56.87 -17.33 24.44
CA VAL H 168 58.31 -16.92 24.41
C VAL H 168 58.37 -15.42 24.13
N GLY H 169 59.12 -14.69 24.94
CA GLY H 169 59.34 -13.25 24.77
C GLY H 169 60.82 -12.92 24.78
N PRO H 170 61.19 -11.68 24.40
CA PRO H 170 62.60 -11.28 24.33
C PRO H 170 63.27 -11.53 25.68
N LYS H 171 64.37 -12.29 25.67
CA LYS H 171 65.25 -12.51 26.84
C LYS H 171 66.69 -12.36 26.34
N LYS H 172 67.57 -11.73 27.13
CA LYS H 172 69.06 -11.83 26.93
C LYS H 172 69.47 -13.28 27.17
N PRO H 173 70.73 -13.68 26.87
CA PRO H 173 71.18 -15.04 27.15
C PRO H 173 71.05 -15.44 28.62
N ASP H 174 71.18 -14.47 29.53
CA ASP H 174 71.17 -14.69 31.01
C ASP H 174 69.74 -14.85 31.56
N GLY H 175 68.69 -14.59 30.77
CA GLY H 175 67.28 -14.75 31.19
C GLY H 175 66.57 -13.42 31.43
N THR H 176 67.33 -12.35 31.71
CA THR H 176 66.83 -10.96 32.00
C THR H 176 66.17 -10.36 30.75
N THR H 177 65.50 -9.22 30.92
CA THR H 177 64.88 -8.40 29.86
C THR H 177 64.93 -6.94 30.33
N ASP H 178 65.93 -6.17 29.91
CA ASP H 178 66.17 -4.79 30.40
C ASP H 178 65.33 -3.79 29.59
N ASP H 179 65.54 -2.50 29.83
CA ASP H 179 64.74 -1.38 29.25
C ASP H 179 64.97 -1.28 27.74
N SER H 180 66.10 -1.78 27.24
CA SER H 180 66.51 -1.67 25.81
C SER H 180 65.49 -2.40 24.91
N ALA H 181 64.79 -3.40 25.44
CA ALA H 181 63.77 -4.19 24.71
C ALA H 181 62.55 -3.33 24.31
N GLN H 182 62.53 -2.06 24.69
CA GLN H 182 61.45 -1.10 24.30
C GLN H 182 61.87 -0.36 23.04
N VAL H 183 63.15 -0.48 22.68
CA VAL H 183 63.72 0.06 21.41
C VAL H 183 64.41 -1.09 20.69
N LEU H 184 65.33 -0.79 19.77
CA LEU H 184 66.08 -1.85 19.04
C LEU H 184 67.35 -2.16 19.83
N ASN H 185 67.46 -3.40 20.30
CA ASN H 185 68.72 -4.00 20.78
C ASN H 185 68.90 -5.35 20.08
N PRO H 186 69.93 -5.46 19.20
CA PRO H 186 70.17 -6.68 18.45
C PRO H 186 70.24 -7.97 19.29
N ILE H 187 70.47 -7.86 20.60
CA ILE H 187 70.58 -9.03 21.51
C ILE H 187 69.26 -9.81 21.51
N TYR H 188 68.13 -9.16 21.20
CA TYR H 188 66.77 -9.77 21.28
C TYR H 188 66.33 -10.20 19.88
N LYS H 189 66.64 -11.44 19.51
CA LYS H 189 66.28 -12.02 18.19
C LYS H 189 65.76 -13.45 18.38
N ALA H 190 64.95 -13.91 17.44
CA ALA H 190 64.31 -15.24 17.49
C ALA H 190 63.83 -15.63 16.09
N LYS H 191 63.64 -16.92 15.87
CA LYS H 191 63.08 -17.48 14.62
C LYS H 191 61.65 -17.92 14.95
N LEU H 192 60.68 -17.48 14.13
CA LEU H 192 59.25 -17.87 14.27
C LEU H 192 59.10 -19.35 13.91
N ASP H 193 59.45 -20.25 14.84
CA ASP H 193 59.61 -21.69 14.57
C ASP H 193 58.52 -22.51 15.26
N LYS H 194 57.46 -21.88 15.76
CA LYS H 194 56.34 -22.58 16.47
C LYS H 194 55.09 -21.71 16.41
N ASP H 195 53.96 -22.30 16.01
CA ASP H 195 52.62 -21.65 15.96
C ASP H 195 52.23 -21.21 17.39
N ALA H 196 51.43 -20.16 17.50
CA ALA H 196 50.70 -19.78 18.73
C ALA H 196 51.66 -19.61 19.93
N THR H 197 52.90 -19.16 19.69
CA THR H 197 53.97 -19.15 20.71
C THR H 197 54.61 -17.77 20.86
N TYR H 198 54.84 -17.05 19.77
CA TYR H 198 55.54 -15.74 19.78
C TYR H 198 54.49 -14.64 19.78
N PRO H 199 54.36 -13.87 20.87
CA PRO H 199 53.37 -12.80 20.92
C PRO H 199 53.67 -11.72 19.88
N ILE H 200 52.61 -11.26 19.19
CA ILE H 200 52.69 -10.14 18.22
C ILE H 200 53.30 -8.91 18.91
N GLU H 201 53.06 -8.73 20.21
CA GLU H 201 53.32 -7.44 20.92
C GLU H 201 54.81 -7.29 21.28
N CYS H 202 55.61 -8.35 21.27
CA CYS H 202 57.04 -8.28 21.67
C CYS H 202 57.98 -8.67 20.52
N TRP H 203 57.43 -9.11 19.38
CA TRP H 203 58.19 -9.60 18.20
C TRP H 203 57.69 -8.95 16.91
N CYS H 204 58.58 -8.29 16.16
CA CYS H 204 58.29 -7.78 14.79
C CYS H 204 59.23 -8.47 13.81
N PRO H 205 58.91 -8.52 12.50
CA PRO H 205 59.82 -9.06 11.50
C PRO H 205 61.12 -8.24 11.51
N ASP H 206 62.27 -8.94 11.54
CA ASP H 206 63.63 -8.35 11.59
C ASP H 206 64.01 -7.86 10.20
N PRO H 207 64.09 -6.54 9.97
CA PRO H 207 64.44 -6.03 8.64
C PRO H 207 65.94 -6.13 8.32
N SER H 208 66.77 -6.50 9.30
CA SER H 208 68.24 -6.71 9.14
C SER H 208 68.51 -8.12 8.58
N ARG H 209 67.49 -8.98 8.56
CA ARG H 209 67.59 -10.38 8.07
C ARG H 209 66.45 -10.65 7.09
N ASN H 210 65.83 -11.83 7.17
CA ASN H 210 64.69 -12.23 6.29
C ASN H 210 65.05 -12.04 4.81
N GLU H 211 66.32 -12.23 4.43
CA GLU H 211 66.77 -12.16 3.01
C GLU H 211 65.96 -13.16 2.19
N ASN H 212 65.64 -14.34 2.76
CA ASN H 212 64.96 -15.46 2.06
C ASN H 212 63.48 -15.51 2.44
N SER H 213 62.89 -14.39 2.84
CA SER H 213 61.43 -14.25 3.18
C SER H 213 60.89 -12.92 2.66
N ARG H 214 59.61 -12.90 2.27
CA ARG H 214 58.88 -11.67 1.91
C ARG H 214 57.75 -11.47 2.92
N TYR H 215 57.73 -10.35 3.63
CA TYR H 215 56.71 -10.05 4.67
C TYR H 215 56.07 -8.69 4.37
N PHE H 216 54.80 -8.57 4.79
CA PHE H 216 53.90 -7.42 4.54
C PHE H 216 52.95 -7.26 5.73
N GLY H 217 52.99 -6.10 6.39
CA GLY H 217 52.19 -5.82 7.60
C GLY H 217 51.64 -4.40 7.61
N SER H 218 50.48 -4.25 8.20
CA SER H 218 49.82 -2.95 8.44
C SER H 218 49.12 -2.96 9.80
N TYR H 219 49.54 -2.05 10.70
CA TYR H 219 48.91 -1.83 12.04
C TYR H 219 48.18 -0.48 12.02
N THR H 220 46.97 -0.48 12.57
CA THR H 220 46.16 0.73 12.87
C THR H 220 45.83 0.70 14.36
N GLY H 221 45.99 1.83 15.05
CA GLY H 221 45.71 1.97 16.49
C GLY H 221 44.32 2.55 16.76
N GLY H 222 44.13 3.14 17.94
CA GLY H 222 42.89 3.83 18.34
C GLY H 222 41.96 2.93 19.11
N VAL H 223 41.02 3.53 19.84
CA VAL H 223 40.15 2.84 20.83
C VAL H 223 38.99 2.17 20.11
N GLU H 224 38.34 2.91 19.20
CA GLU H 224 37.10 2.49 18.50
C GLU H 224 37.28 2.55 16.98
N THR H 225 38.54 2.46 16.51
CA THR H 225 38.90 2.59 15.08
C THR H 225 38.16 1.54 14.26
N PRO H 226 37.46 1.91 13.16
CA PRO H 226 36.71 0.94 12.37
C PRO H 226 37.70 0.15 11.51
N PRO H 227 37.61 -1.20 11.46
CA PRO H 227 38.42 -1.98 10.54
C PRO H 227 37.93 -1.76 9.11
N VAL H 228 38.87 -1.66 8.16
CA VAL H 228 38.60 -1.61 6.69
C VAL H 228 39.34 -2.78 6.06
N LEU H 229 38.61 -3.76 5.52
CA LEU H 229 39.20 -4.97 4.91
C LEU H 229 38.51 -5.26 3.58
N SER H 230 39.29 -5.55 2.54
CA SER H 230 38.81 -5.91 1.18
C SER H 230 39.09 -7.38 0.90
N PHE H 231 38.33 -7.98 0.00
CA PHE H 231 38.51 -9.40 -0.41
C PHE H 231 38.18 -9.54 -1.90
N THR H 232 38.97 -10.35 -2.61
CA THR H 232 38.84 -10.64 -4.06
C THR H 232 39.70 -11.87 -4.41
N ASN H 233 39.32 -12.63 -5.44
CA ASN H 233 40.15 -13.76 -5.95
C ASN H 233 40.95 -13.31 -7.18
N THR H 234 41.00 -11.99 -7.46
CA THR H 234 41.63 -11.42 -8.67
C THR H 234 42.96 -10.72 -8.36
N SER H 235 43.54 -10.91 -7.16
CA SER H 235 44.73 -10.13 -6.75
C SER H 235 45.90 -11.05 -6.45
N THR H 236 47.07 -10.73 -7.00
CA THR H 236 48.31 -11.54 -6.92
C THR H 236 49.48 -10.66 -6.50
N THR H 237 50.33 -11.16 -5.61
CA THR H 237 51.54 -10.45 -5.12
C THR H 237 52.77 -11.19 -5.65
N ILE H 238 53.64 -10.50 -6.37
CA ILE H 238 54.93 -11.06 -6.85
C ILE H 238 55.88 -11.11 -5.65
N LEU H 239 56.60 -12.22 -5.48
CA LEU H 239 57.53 -12.46 -4.35
C LEU H 239 58.98 -12.34 -4.80
N LEU H 240 59.22 -12.10 -6.11
CA LEU H 240 60.59 -11.93 -6.65
C LEU H 240 61.16 -10.61 -6.14
N ASP H 241 62.45 -10.60 -5.79
CA ASP H 241 63.16 -9.40 -5.26
C ASP H 241 63.67 -8.56 -6.43
N GLU H 242 64.47 -7.53 -6.14
CA GLU H 242 65.04 -6.57 -7.12
C GLU H 242 65.86 -7.32 -8.20
N ASN H 243 66.32 -8.54 -7.92
CA ASN H 243 67.14 -9.39 -8.83
C ASN H 243 66.34 -10.56 -9.41
N GLY H 244 65.00 -10.52 -9.35
CA GLY H 244 64.14 -11.58 -9.94
C GLY H 244 64.23 -12.92 -9.22
N VAL H 245 64.73 -12.95 -7.98
CA VAL H 245 64.83 -14.18 -7.15
C VAL H 245 63.72 -14.16 -6.09
N GLY H 246 62.93 -15.24 -6.03
CA GLY H 246 61.93 -15.48 -4.98
C GLY H 246 62.53 -16.21 -3.78
N PRO H 247 61.76 -16.38 -2.69
CA PRO H 247 62.19 -17.23 -1.58
C PRO H 247 62.54 -18.65 -2.07
N LEU H 248 63.71 -19.14 -1.70
CA LEU H 248 64.19 -20.51 -2.01
C LEU H 248 63.94 -21.42 -0.80
N CYS H 249 63.08 -22.42 -0.97
CA CYS H 249 62.60 -23.31 0.12
C CYS H 249 63.67 -24.33 0.52
N LYS H 250 64.48 -24.00 1.53
CA LYS H 250 65.47 -24.92 2.16
C LYS H 250 64.72 -26.15 2.68
N GLY H 251 65.35 -27.33 2.59
CA GLY H 251 64.78 -28.61 3.05
C GLY H 251 63.43 -28.92 2.40
N ASP H 252 63.14 -28.33 1.25
CA ASP H 252 61.88 -28.55 0.49
C ASP H 252 60.69 -28.20 1.39
N GLY H 253 60.78 -27.07 2.09
CA GLY H 253 59.75 -26.57 3.03
C GLY H 253 59.40 -25.11 2.79
N LEU H 254 58.11 -24.84 2.57
CA LEU H 254 57.55 -23.48 2.42
C LEU H 254 57.06 -22.99 3.79
N TYR H 255 57.57 -21.84 4.25
CA TYR H 255 57.24 -21.23 5.56
C TYR H 255 56.20 -20.11 5.36
N LEU H 256 54.98 -20.34 5.85
CA LEU H 256 53.87 -19.35 5.91
C LEU H 256 53.72 -18.83 7.34
N SER H 257 53.49 -17.53 7.47
CA SER H 257 53.20 -16.83 8.75
C SER H 257 52.04 -15.86 8.52
N SER H 258 51.23 -15.63 9.56
CA SER H 258 49.97 -14.84 9.53
C SER H 258 49.82 -14.14 10.88
N ALA H 259 49.20 -12.96 10.86
CA ALA H 259 48.75 -12.22 12.07
C ALA H 259 47.59 -11.32 11.65
N ASP H 260 46.36 -11.75 11.89
CA ASP H 260 45.14 -10.99 11.48
C ASP H 260 44.22 -10.84 12.68
N VAL H 261 44.55 -9.84 13.52
CA VAL H 261 43.74 -9.38 14.67
C VAL H 261 42.88 -8.22 14.15
N ALA H 262 41.62 -8.50 13.81
CA ALA H 262 40.71 -7.60 13.08
C ALA H 262 40.36 -6.39 13.94
N GLY H 263 40.48 -6.56 15.27
CA GLY H 263 40.12 -5.58 16.30
C GLY H 263 39.64 -6.28 17.56
N THR H 264 38.82 -5.60 18.38
CA THR H 264 38.23 -6.16 19.61
C THR H 264 36.73 -6.31 19.45
N PHE H 265 36.16 -7.29 20.14
CA PHE H 265 34.70 -7.42 20.40
C PHE H 265 34.39 -6.80 21.77
N VAL H 266 33.45 -5.85 21.81
CA VAL H 266 33.03 -5.11 23.03
C VAL H 266 31.69 -5.70 23.49
N GLN H 267 31.71 -6.49 24.56
CA GLN H 267 30.51 -7.22 25.04
C GLN H 267 29.57 -6.27 25.79
N GLN H 268 28.27 -6.38 25.53
CA GLN H 268 27.20 -5.62 26.22
C GLN H 268 27.23 -5.99 27.71
N THR H 269 26.88 -5.02 28.57
CA THR H 269 26.65 -5.23 30.03
C THR H 269 28.01 -5.34 30.75
N SER H 270 28.84 -6.35 30.44
CA SER H 270 30.19 -6.50 31.03
C SER H 270 31.06 -5.30 30.64
N GLN H 271 30.89 -4.81 29.40
CA GLN H 271 31.74 -3.76 28.76
C GLN H 271 33.20 -4.22 28.73
N LYS H 272 33.42 -5.54 28.70
CA LYS H 272 34.76 -6.16 28.55
C LYS H 272 35.07 -6.33 27.05
N GLN H 273 36.37 -6.39 26.73
CA GLN H 273 36.90 -6.43 25.35
C GLN H 273 37.65 -7.75 25.13
N TYR H 274 37.45 -8.32 23.94
CA TYR H 274 38.05 -9.59 23.49
C TYR H 274 38.69 -9.35 22.12
N TRP H 275 39.97 -9.71 21.97
CA TRP H 275 40.66 -9.74 20.66
C TRP H 275 39.90 -10.71 19.74
N ARG H 276 39.71 -10.31 18.48
CA ARG H 276 39.03 -11.11 17.43
C ARG H 276 40.01 -11.35 16.28
N GLY H 277 40.38 -12.62 16.05
CA GLY H 277 41.29 -13.02 14.98
C GLY H 277 40.54 -13.53 13.76
N LEU H 278 41.16 -13.46 12.58
CA LEU H 278 40.57 -14.02 11.34
C LEU H 278 41.60 -14.91 10.66
N PRO H 279 41.14 -15.96 9.95
CA PRO H 279 42.05 -16.87 9.24
C PRO H 279 42.53 -16.23 7.92
N ARG H 280 43.66 -16.72 7.41
CA ARG H 280 44.29 -16.22 6.15
C ARG H 280 44.51 -17.40 5.20
N TYR H 281 43.92 -17.32 4.00
CA TYR H 281 44.15 -18.27 2.88
C TYR H 281 45.43 -17.87 2.15
N PHE H 282 46.22 -18.86 1.76
CA PHE H 282 47.41 -18.69 0.88
C PHE H 282 47.25 -19.57 -0.35
N ASN H 283 47.66 -19.06 -1.50
CA ASN H 283 47.79 -19.81 -2.77
C ASN H 283 49.14 -19.41 -3.38
N ILE H 284 50.18 -20.23 -3.18
CA ILE H 284 51.56 -19.90 -3.61
C ILE H 284 51.86 -20.67 -4.90
N THR H 285 52.47 -20.00 -5.87
CA THR H 285 53.04 -20.59 -7.10
C THR H 285 54.56 -20.66 -6.96
N LEU H 286 55.12 -21.86 -7.15
CA LEU H 286 56.58 -22.11 -7.09
C LEU H 286 57.06 -22.73 -8.40
N ARG H 287 58.33 -22.52 -8.73
CA ARG H 287 59.03 -23.06 -9.93
C ARG H 287 60.37 -23.65 -9.46
N LYS H 288 60.90 -24.64 -10.17
CA LYS H 288 62.22 -25.26 -9.82
C LYS H 288 63.32 -24.26 -10.19
N ARG H 289 64.33 -24.12 -9.34
CA ARG H 289 65.48 -23.19 -9.56
C ARG H 289 66.77 -23.92 -9.16
N ALA H 290 67.82 -23.71 -9.94
CA ALA H 290 69.14 -24.38 -9.80
C ALA H 290 70.05 -23.51 -8.94
N VAL H 291 70.83 -24.17 -8.07
CA VAL H 291 71.78 -23.50 -7.13
C VAL H 291 73.06 -24.34 -7.05
N LYS H 292 74.21 -23.69 -6.84
CA LYS H 292 75.55 -24.32 -6.96
C LYS H 292 75.85 -25.08 -5.66
N GLY I 24 38.00 -22.94 -15.34
CA GLY I 24 37.73 -24.18 -14.56
C GLY I 24 38.46 -25.40 -15.10
N GLY I 25 37.99 -26.61 -14.69
CA GLY I 25 38.57 -27.93 -15.02
C GLY I 25 38.14 -28.46 -16.38
N ILE I 26 37.72 -27.57 -17.27
CA ILE I 26 37.49 -27.76 -18.74
C ILE I 26 38.83 -27.55 -19.47
N GLU I 27 39.00 -28.06 -20.70
CA GLU I 27 40.14 -27.70 -21.61
C GLU I 27 39.67 -26.55 -22.52
N VAL I 28 40.28 -25.37 -22.39
CA VAL I 28 39.84 -24.11 -23.04
C VAL I 28 40.60 -23.96 -24.36
N LEU I 29 39.88 -23.73 -25.46
CA LEU I 29 40.46 -23.66 -26.83
C LEU I 29 40.37 -22.22 -27.34
N ASP I 30 40.31 -22.04 -28.66
CA ASP I 30 40.32 -20.72 -29.36
C ASP I 30 39.06 -19.92 -29.01
N VAL I 31 39.18 -18.59 -29.02
CA VAL I 31 38.03 -17.63 -28.97
C VAL I 31 37.36 -17.63 -30.33
N LYS I 32 36.14 -18.18 -30.47
CA LYS I 32 35.36 -18.06 -31.73
C LYS I 32 35.16 -16.56 -32.00
N THR I 33 35.42 -16.12 -33.24
CA THR I 33 35.18 -14.72 -33.70
C THR I 33 34.36 -14.77 -34.98
N GLY I 34 33.68 -13.66 -35.27
CA GLY I 34 32.90 -13.41 -36.50
C GLY I 34 31.61 -12.68 -36.07
N PRO I 35 30.55 -12.66 -36.92
CA PRO I 35 29.33 -11.98 -36.57
C PRO I 35 28.60 -12.79 -35.48
N ASP I 36 27.94 -12.09 -34.56
CA ASP I 36 27.12 -12.69 -33.47
C ASP I 36 28.01 -13.58 -32.58
N SER I 37 29.27 -13.19 -32.35
CA SER I 37 30.21 -13.91 -31.44
C SER I 37 30.30 -13.20 -30.08
N THR I 38 29.81 -11.97 -29.96
CA THR I 38 29.74 -11.21 -28.69
C THR I 38 28.30 -10.76 -28.41
N THR I 39 27.93 -10.67 -27.13
CA THR I 39 26.64 -10.11 -26.65
C THR I 39 26.87 -9.40 -25.32
N THR I 40 26.01 -8.44 -24.97
CA THR I 40 26.00 -7.75 -23.65
C THR I 40 24.67 -8.04 -22.95
N ILE I 41 24.71 -8.33 -21.65
CA ILE I 41 23.50 -8.48 -20.79
C ILE I 41 23.48 -7.37 -19.73
N GLU I 42 22.31 -6.74 -19.56
CA GLU I 42 21.99 -5.77 -18.48
C GLU I 42 21.12 -6.48 -17.43
N ALA I 43 21.44 -6.32 -16.15
CA ALA I 43 20.68 -6.90 -15.02
C ALA I 43 20.86 -6.02 -13.78
N TYR I 44 19.96 -6.16 -12.81
CA TYR I 44 20.07 -5.52 -11.46
C TYR I 44 19.70 -6.56 -10.40
N LEU I 45 20.36 -6.46 -9.25
CA LEU I 45 20.00 -7.20 -8.03
C LEU I 45 19.55 -6.20 -6.97
N ASN I 46 18.27 -6.25 -6.59
CA ASN I 46 17.71 -5.50 -5.43
C ASN I 46 18.28 -6.14 -4.18
N PRO I 47 18.47 -5.37 -3.09
CA PRO I 47 19.10 -5.90 -1.88
C PRO I 47 18.17 -6.84 -1.12
N ARG I 48 18.73 -7.74 -0.31
CA ARG I 48 17.96 -8.69 0.54
C ARG I 48 18.46 -8.55 1.98
N VAL I 49 18.07 -7.44 2.62
CA VAL I 49 18.52 -7.07 4.00
C VAL I 49 17.56 -7.68 5.04
N GLY I 50 16.56 -8.46 4.61
CA GLY I 50 15.61 -9.16 5.50
C GLY I 50 14.16 -8.90 5.10
N GLN I 51 13.90 -7.74 4.51
CA GLN I 51 12.65 -7.44 3.76
C GLN I 51 13.04 -7.03 2.34
N ASN I 52 12.06 -6.64 1.53
CA ASN I 52 12.22 -6.47 0.07
C ASN I 52 12.30 -5.00 -0.32
N TRP I 53 12.08 -4.07 0.60
CA TRP I 53 11.98 -2.63 0.25
C TRP I 53 13.15 -1.86 0.85
N GLY I 54 14.29 -2.55 1.04
CA GLY I 54 15.62 -1.93 1.22
C GLY I 54 15.95 -1.66 2.67
N PHE I 55 15.03 -1.95 3.60
CA PHE I 55 15.26 -1.88 5.06
C PHE I 55 14.92 -3.20 5.73
N SER I 56 15.74 -3.62 6.69
CA SER I 56 15.44 -4.71 7.65
C SER I 56 14.41 -4.22 8.66
N THR I 57 13.86 -5.12 9.47
CA THR I 57 13.14 -4.77 10.72
C THR I 57 14.21 -4.43 11.78
N GLU I 58 13.80 -3.92 12.95
CA GLU I 58 14.75 -3.42 13.97
C GLU I 58 15.79 -4.50 14.29
N ILE I 59 17.04 -4.07 14.48
CA ILE I 59 18.14 -4.96 14.93
C ILE I 59 17.91 -5.24 16.42
N THR I 60 17.91 -6.51 16.81
CA THR I 60 17.69 -6.98 18.21
C THR I 60 18.97 -7.57 18.78
N VAL I 61 19.14 -7.52 20.10
CA VAL I 61 20.33 -8.05 20.81
C VAL I 61 19.86 -8.79 22.06
N ALA I 62 19.80 -10.12 21.99
CA ALA I 62 19.55 -11.01 23.15
C ALA I 62 20.41 -10.54 24.34
N SER I 63 19.88 -10.63 25.55
CA SER I 63 20.63 -10.42 26.80
C SER I 63 21.70 -11.52 26.93
N ASN I 64 22.88 -11.17 27.46
CA ASN I 64 23.96 -12.18 27.68
C ASN I 64 23.32 -13.42 28.32
N GLY I 65 23.73 -14.61 27.90
CA GLY I 65 23.27 -15.89 28.47
C GLY I 65 21.96 -16.39 27.86
N TYR I 66 21.22 -15.53 27.16
CA TYR I 66 19.98 -15.91 26.42
C TYR I 66 20.34 -16.36 25.00
N ASN I 67 19.45 -17.13 24.37
CA ASN I 67 19.62 -17.60 22.97
C ASN I 67 19.80 -16.41 22.03
N ASP I 68 20.80 -16.46 21.15
CA ASP I 68 21.02 -15.48 20.05
C ASP I 68 20.16 -15.93 18.87
N ALA I 69 18.92 -15.47 18.81
CA ALA I 69 17.92 -15.92 17.80
C ALA I 69 17.26 -14.68 17.20
N PRO I 70 17.94 -14.01 16.25
CA PRO I 70 17.40 -12.82 15.59
C PRO I 70 16.24 -13.22 14.67
N HIS I 71 15.42 -12.22 14.34
CA HIS I 71 14.25 -12.33 13.43
C HIS I 71 14.74 -12.54 11.99
N LEU I 72 14.06 -13.41 11.25
CA LEU I 72 14.26 -13.58 9.79
C LEU I 72 14.49 -12.21 9.15
N THR I 73 13.65 -11.22 9.47
CA THR I 73 13.59 -9.93 8.74
C THR I 73 14.64 -8.93 9.23
N GLU I 74 15.64 -9.35 10.02
CA GLU I 74 16.73 -8.45 10.47
C GLU I 74 18.09 -8.97 10.02
N ILE I 75 18.13 -10.12 9.34
CA ILE I 75 19.39 -10.75 8.83
C ILE I 75 19.54 -10.44 7.35
N PRO I 76 20.50 -9.56 6.98
CA PRO I 76 20.82 -9.33 5.57
C PRO I 76 21.50 -10.55 4.92
N CYS I 77 21.10 -10.82 3.67
CA CYS I 77 21.57 -11.97 2.86
C CYS I 77 22.17 -11.49 1.53
N TYR I 78 22.94 -12.37 0.89
CA TYR I 78 23.43 -12.18 -0.50
C TYR I 78 22.23 -12.21 -1.45
N SER I 79 22.15 -11.21 -2.33
CA SER I 79 21.30 -11.22 -3.54
C SER I 79 22.01 -12.11 -4.59
N SER I 80 21.25 -12.90 -5.35
CA SER I 80 21.80 -13.77 -6.42
C SER I 80 20.73 -13.99 -7.50
N ALA I 81 21.17 -14.15 -8.73
CA ALA I 81 20.32 -14.42 -9.91
C ALA I 81 21.17 -15.15 -10.94
N ARG I 82 20.53 -16.05 -11.70
CA ARG I 82 21.11 -16.70 -12.91
C ARG I 82 20.37 -16.11 -14.10
N ILE I 83 21.08 -15.35 -14.95
CA ILE I 83 20.52 -14.82 -16.23
C ILE I 83 20.70 -15.91 -17.29
N SER I 84 19.63 -16.19 -18.04
CA SER I 84 19.62 -17.15 -19.19
C SER I 84 20.27 -16.47 -20.40
N LEU I 85 21.30 -17.11 -20.95
CA LEU I 85 22.04 -16.64 -22.16
C LEU I 85 21.49 -17.37 -23.37
N PRO I 86 21.68 -16.84 -24.61
CA PRO I 86 21.29 -17.55 -25.84
C PRO I 86 21.88 -18.96 -25.94
N LEU I 87 21.09 -19.94 -26.39
CA LEU I 87 21.54 -21.35 -26.54
C LEU I 87 22.63 -21.40 -27.61
N LEU I 88 23.71 -22.15 -27.38
CA LEU I 88 24.90 -22.17 -28.29
C LEU I 88 25.00 -23.49 -29.07
N ASN I 89 24.91 -24.64 -28.41
CA ASN I 89 25.23 -25.96 -29.00
C ASN I 89 23.90 -26.65 -29.33
N GLU I 90 23.60 -26.87 -30.62
CA GLU I 90 22.40 -27.64 -31.02
C GLU I 90 22.63 -29.11 -30.64
N ASP I 91 23.84 -29.64 -30.83
CA ASP I 91 24.25 -31.01 -30.46
C ASP I 91 25.07 -30.95 -29.16
N ILE I 92 24.58 -31.56 -28.08
CA ILE I 92 25.36 -31.74 -26.81
C ILE I 92 26.48 -32.78 -27.03
N THR I 93 26.46 -33.49 -28.16
CA THR I 93 27.32 -34.66 -28.45
C THR I 93 28.53 -34.27 -29.33
N SER I 94 28.58 -33.06 -29.86
CA SER I 94 29.73 -32.53 -30.65
C SER I 94 31.00 -32.56 -29.81
N PRO I 95 32.18 -32.90 -30.39
CA PRO I 95 33.40 -33.09 -29.59
C PRO I 95 34.12 -31.79 -29.20
N THR I 96 33.66 -30.64 -29.70
CA THR I 96 34.01 -29.29 -29.20
C THR I 96 32.70 -28.52 -28.98
N LEU I 97 32.59 -27.83 -27.84
CA LEU I 97 31.39 -27.04 -27.44
C LEU I 97 31.78 -25.56 -27.48
N LEU I 98 30.76 -24.70 -27.60
CA LEU I 98 30.86 -23.25 -27.35
C LEU I 98 30.20 -22.90 -26.00
N MET I 99 30.94 -22.21 -25.13
CA MET I 99 30.41 -21.59 -23.89
C MET I 99 30.58 -20.08 -23.99
N TRP I 100 29.65 -19.32 -23.42
CA TRP I 100 29.80 -17.85 -23.27
C TRP I 100 30.89 -17.56 -22.24
N GLU I 101 31.78 -16.62 -22.56
CA GLU I 101 32.91 -16.17 -21.70
C GLU I 101 32.65 -14.71 -21.30
N ALA I 102 32.44 -14.46 -20.02
CA ALA I 102 32.27 -13.10 -19.46
C ALA I 102 33.62 -12.40 -19.52
N VAL I 103 33.73 -11.30 -20.28
CA VAL I 103 35.03 -10.63 -20.57
C VAL I 103 35.19 -9.47 -19.59
N SER I 104 34.16 -8.64 -19.47
CA SER I 104 34.21 -7.36 -18.71
C SER I 104 32.87 -7.12 -18.01
N VAL I 105 32.83 -6.24 -17.01
CA VAL I 105 31.58 -5.78 -16.35
C VAL I 105 31.70 -4.31 -15.98
N LYS I 106 30.69 -3.52 -16.37
CA LYS I 106 30.38 -2.19 -15.80
C LYS I 106 29.36 -2.42 -14.69
N THR I 107 29.68 -2.13 -13.43
CA THR I 107 28.76 -2.31 -12.28
C THR I 107 28.63 -1.02 -11.47
N GLU I 108 27.45 -0.76 -10.92
CA GLU I 108 27.08 0.50 -10.24
C GLU I 108 26.18 0.18 -9.04
N VAL I 109 26.37 0.87 -7.92
CA VAL I 109 25.43 0.82 -6.75
C VAL I 109 24.40 1.95 -6.96
N VAL I 110 23.16 1.57 -7.24
CA VAL I 110 22.06 2.51 -7.61
C VAL I 110 21.51 3.14 -6.31
N GLY I 111 21.14 4.42 -6.38
CA GLY I 111 20.38 5.10 -5.31
C GLY I 111 21.27 5.60 -4.18
N ILE I 112 22.56 5.83 -4.45
CA ILE I 112 23.49 6.42 -3.45
C ILE I 112 22.93 7.79 -3.04
N SER I 113 22.41 8.57 -4.00
CA SER I 113 21.88 9.93 -3.76
C SER I 113 20.69 9.90 -2.79
N SER I 114 20.04 8.74 -2.62
CA SER I 114 18.86 8.56 -1.73
C SER I 114 19.24 8.89 -0.27
N MET I 115 20.53 8.76 0.07
CA MET I 115 21.04 8.92 1.46
C MET I 115 21.16 10.40 1.82
N LEU I 116 21.18 11.33 0.86
CA LEU I 116 21.17 12.78 1.16
C LEU I 116 19.76 13.20 1.57
N ASN I 117 19.37 12.81 2.79
CA ASN I 117 17.99 12.89 3.33
C ASN I 117 18.09 13.02 4.85
N MET I 118 17.83 14.21 5.38
CA MET I 118 17.94 14.53 6.82
C MET I 118 16.56 14.90 7.38
N HIS I 119 15.47 14.47 6.72
CA HIS I 119 14.09 14.86 7.08
C HIS I 119 13.18 13.64 7.28
N SER I 120 13.61 12.44 6.88
CA SER I 120 12.77 11.20 6.96
C SER I 120 13.06 10.45 8.25
N TYR I 121 12.71 11.08 9.39
CA TYR I 121 12.51 10.46 10.73
C TYR I 121 13.84 10.02 11.36
N GLY I 122 14.98 10.51 10.88
CA GLY I 122 16.29 10.12 11.45
C GLY I 122 16.46 10.72 12.84
N LEU I 123 17.17 10.02 13.72
CA LEU I 123 17.60 10.58 15.04
C LEU I 123 18.24 11.93 14.80
N ARG I 124 17.81 12.97 15.50
CA ARG I 124 18.18 14.37 15.16
C ARG I 124 19.47 14.75 15.87
N ALA I 125 20.33 15.51 15.15
CA ALA I 125 21.66 15.94 15.64
C ALA I 125 21.50 17.21 16.47
N PHE I 126 22.55 17.56 17.21
CA PHE I 126 22.66 18.80 18.00
C PHE I 126 21.46 18.88 18.97
N GLY I 127 21.33 17.83 19.78
CA GLY I 127 20.38 17.73 20.91
C GLY I 127 18.92 17.81 20.49
N GLY I 128 18.59 17.40 19.25
CA GLY I 128 17.21 17.27 18.76
C GLY I 128 16.76 18.43 17.88
N TYR I 129 17.56 19.51 17.79
CA TYR I 129 17.22 20.75 17.04
C TYR I 129 17.72 20.67 15.59
N GLY I 130 18.73 19.83 15.32
CA GLY I 130 19.30 19.63 13.97
C GLY I 130 18.44 18.71 13.11
N GLY I 131 18.97 18.28 11.97
CA GLY I 131 18.33 17.33 11.03
C GLY I 131 18.58 15.88 11.42
N GLY I 132 17.89 14.95 10.75
CA GLY I 132 18.02 13.51 10.98
C GLY I 132 19.35 12.95 10.52
N TYR I 133 19.88 11.95 11.24
CA TYR I 133 21.08 11.17 10.84
C TYR I 133 20.82 10.53 9.47
N THR I 134 21.68 10.83 8.50
CA THR I 134 21.81 10.05 7.25
C THR I 134 22.29 8.64 7.61
N ILE I 135 22.06 7.68 6.74
CA ILE I 135 22.50 6.28 6.97
C ILE I 135 23.96 6.32 7.43
N GLU I 136 24.31 5.54 8.45
CA GLU I 136 25.70 5.38 8.94
C GLU I 136 25.88 4.04 9.63
N GLY I 137 27.13 3.75 10.02
CA GLY I 137 27.52 2.51 10.72
C GLY I 137 28.30 1.58 9.80
N SER I 138 28.53 0.35 10.29
CA SER I 138 29.26 -0.71 9.55
C SER I 138 28.51 -1.02 8.26
N HIS I 139 29.26 -1.27 7.18
CA HIS I 139 28.70 -1.53 5.82
C HIS I 139 29.59 -2.53 5.07
N ILE I 140 29.01 -3.20 4.07
CA ILE I 140 29.73 -4.12 3.14
C ILE I 140 29.22 -3.85 1.73
N HIS I 141 30.15 -3.77 0.77
CA HIS I 141 29.84 -3.67 -0.67
C HIS I 141 30.59 -4.78 -1.40
N PHE I 142 29.86 -5.58 -2.17
CA PHE I 142 30.40 -6.81 -2.79
C PHE I 142 29.60 -7.21 -4.02
N PHE I 143 30.29 -7.66 -5.07
CA PHE I 143 29.65 -8.25 -6.27
C PHE I 143 30.55 -9.35 -6.83
N SER I 144 29.93 -10.35 -7.46
CA SER I 144 30.65 -11.41 -8.21
C SER I 144 29.95 -11.65 -9.54
N VAL I 145 30.75 -11.93 -10.58
CA VAL I 145 30.29 -12.48 -11.89
C VAL I 145 30.95 -13.85 -12.04
N GLY I 146 30.17 -14.84 -12.48
CA GLY I 146 30.60 -16.24 -12.48
C GLY I 146 29.89 -17.06 -13.54
N GLY I 147 30.51 -18.18 -13.91
CA GLY I 147 29.94 -19.14 -14.89
C GLY I 147 29.15 -20.23 -14.19
N GLU I 148 29.02 -20.13 -12.87
CA GLU I 148 28.32 -21.11 -12.01
C GLU I 148 28.04 -20.45 -10.67
N PRO I 149 27.21 -21.08 -9.81
CA PRO I 149 27.00 -20.58 -8.46
C PRO I 149 28.33 -20.28 -7.72
N LEU I 150 28.34 -19.17 -6.96
CA LEU I 150 29.51 -18.70 -6.18
C LEU I 150 29.75 -19.67 -5.01
N ASP I 151 31.00 -20.10 -4.81
CA ASP I 151 31.39 -20.98 -3.68
C ASP I 151 31.51 -20.17 -2.39
N LEU I 152 30.84 -20.62 -1.32
CA LEU I 152 30.77 -19.96 0.02
C LEU I 152 31.48 -20.82 1.06
N GLN I 153 32.33 -20.18 1.87
CA GLN I 153 32.99 -20.77 3.08
C GLN I 153 32.25 -20.25 4.31
N GLY I 154 31.96 -21.14 5.25
CA GLY I 154 31.30 -20.81 6.53
C GLY I 154 32.26 -20.17 7.50
N LEU I 155 31.93 -18.95 7.94
CA LEU I 155 32.60 -18.27 9.08
C LEU I 155 31.67 -17.19 9.62
N MET I 156 31.47 -17.20 10.95
CA MET I 156 30.49 -16.37 11.69
C MET I 156 31.10 -15.89 13.00
N GLN I 157 30.51 -14.84 13.61
CA GLN I 157 30.98 -14.24 14.88
C GLN I 157 30.57 -15.13 16.05
N ASN I 158 29.39 -15.77 15.99
CA ASN I 158 28.83 -16.58 17.11
C ASN I 158 28.29 -17.91 16.59
N HIS I 159 29.00 -19.01 16.87
CA HIS I 159 28.65 -20.36 16.36
C HIS I 159 27.22 -20.72 16.77
N SER I 160 26.76 -20.23 17.91
CA SER I 160 25.47 -20.61 18.54
C SER I 160 24.30 -19.89 17.87
N THR I 161 24.54 -18.88 17.04
CA THR I 161 23.45 -18.07 16.43
C THR I 161 22.44 -19.03 15.79
N GLN I 162 21.14 -18.74 15.97
CA GLN I 162 20.02 -19.56 15.44
C GLN I 162 19.35 -18.76 14.32
N TYR I 163 19.50 -19.23 13.07
CA TYR I 163 18.89 -18.59 11.88
C TYR I 163 17.53 -19.24 11.65
N PRO I 164 16.44 -18.43 11.61
CA PRO I 164 15.12 -18.97 11.30
C PRO I 164 15.08 -19.56 9.87
N SER I 165 14.27 -20.61 9.66
N SER I 165 14.27 -20.61 9.66
CA SER I 165 13.92 -21.10 8.31
CA SER I 165 13.92 -21.10 8.31
C SER I 165 13.19 -19.98 7.57
C SER I 165 13.19 -19.98 7.57
N PRO I 166 13.38 -19.79 6.25
CA PRO I 166 14.18 -20.68 5.40
C PRO I 166 15.67 -20.35 5.23
N LEU I 167 16.23 -19.45 6.04
CA LEU I 167 17.67 -19.07 5.95
C LEU I 167 18.52 -20.33 6.16
N VAL I 168 19.73 -20.33 5.59
CA VAL I 168 20.71 -21.45 5.70
C VAL I 168 22.00 -20.89 6.27
N GLY I 169 22.53 -21.55 7.30
CA GLY I 169 23.80 -21.20 7.95
C GLY I 169 24.72 -22.40 8.03
N PRO I 170 26.00 -22.20 8.38
CA PRO I 170 26.97 -23.28 8.44
C PRO I 170 26.46 -24.40 9.34
N LYS I 171 26.40 -25.62 8.82
CA LYS I 171 26.09 -26.86 9.57
C LYS I 171 27.09 -27.91 9.12
N LYS I 172 27.60 -28.74 10.03
CA LYS I 172 28.30 -30.01 9.68
C LYS I 172 27.28 -30.94 9.02
N PRO I 173 27.68 -32.09 8.45
CA PRO I 173 26.72 -33.03 7.85
C PRO I 173 25.66 -33.52 8.87
N ASP I 174 26.03 -33.61 10.15
CA ASP I 174 25.19 -34.15 11.25
C ASP I 174 24.16 -33.10 11.74
N GLY I 175 24.25 -31.83 11.33
CA GLY I 175 23.30 -30.76 11.70
C GLY I 175 23.87 -29.78 12.71
N THR I 176 24.91 -30.18 13.48
CA THR I 176 25.59 -29.38 14.54
C THR I 176 26.32 -28.19 13.92
N THR I 177 26.79 -27.27 14.79
CA THR I 177 27.61 -26.09 14.42
C THR I 177 28.54 -25.78 15.61
N ASP I 178 29.77 -26.28 15.61
CA ASP I 178 30.69 -26.17 16.78
C ASP I 178 31.45 -24.84 16.73
N ASP I 179 32.43 -24.67 17.63
CA ASP I 179 33.16 -23.39 17.84
C ASP I 179 34.05 -23.09 16.62
N SER I 180 34.43 -24.11 15.84
CA SER I 180 35.36 -23.98 14.69
C SER I 180 34.76 -23.05 13.62
N ALA I 181 33.44 -22.92 13.55
CA ALA I 181 32.72 -22.07 12.59
C ALA I 181 33.00 -20.58 12.83
N GLN I 182 33.79 -20.23 13.86
CA GLN I 182 34.20 -18.83 14.15
C GLN I 182 35.56 -18.57 13.48
N VAL I 183 36.20 -19.63 13.01
CA VAL I 183 37.47 -19.56 12.24
C VAL I 183 37.25 -20.35 10.93
N LEU I 184 38.32 -20.77 10.26
CA LEU I 184 38.19 -21.57 9.01
C LEU I 184 38.17 -23.05 9.39
N ASN I 185 37.04 -23.70 9.08
CA ASN I 185 36.93 -25.18 9.06
C ASN I 185 36.33 -25.57 7.72
N PRO I 186 37.12 -26.25 6.84
CA PRO I 186 36.65 -26.65 5.52
C PRO I 186 35.30 -27.41 5.50
N ILE I 187 34.88 -27.98 6.63
CA ILE I 187 33.62 -28.76 6.73
C ILE I 187 32.43 -27.85 6.40
N TYR I 188 32.54 -26.53 6.59
CA TYR I 188 31.43 -25.55 6.41
C TYR I 188 31.54 -24.87 5.06
N LYS I 189 30.91 -25.46 4.04
CA LYS I 189 30.92 -24.94 2.64
C LYS I 189 29.52 -25.01 2.06
N ALA I 190 29.23 -24.16 1.09
CA ALA I 190 27.90 -24.06 0.44
C ALA I 190 28.03 -23.32 -0.89
N LYS I 191 27.06 -23.51 -1.77
CA LYS I 191 26.97 -22.82 -3.08
C LYS I 191 25.84 -21.80 -2.95
N LEU I 192 26.11 -20.54 -3.30
CA LEU I 192 25.11 -19.44 -3.30
C LEU I 192 24.10 -19.69 -4.42
N ASP I 193 23.14 -20.58 -4.18
CA ASP I 193 22.23 -21.13 -5.22
C ASP I 193 20.80 -20.65 -5.01
N LYS I 194 20.56 -19.65 -4.15
CA LYS I 194 19.20 -19.12 -3.87
C LYS I 194 19.33 -17.69 -3.33
N ASP I 195 18.55 -16.77 -3.90
CA ASP I 195 18.46 -15.35 -3.46
C ASP I 195 17.95 -15.31 -2.01
N ALA I 196 18.34 -14.27 -1.27
CA ALA I 196 17.74 -13.88 0.02
C ALA I 196 17.75 -15.04 1.03
N THR I 197 18.76 -15.92 0.97
CA THR I 197 18.77 -17.19 1.74
C THR I 197 20.05 -17.34 2.58
N TYR I 198 21.20 -16.96 2.05
CA TYR I 198 22.51 -17.14 2.72
C TYR I 198 22.88 -15.84 3.42
N PRO I 199 22.90 -15.81 4.77
CA PRO I 199 23.25 -14.58 5.48
C PRO I 199 24.69 -14.15 5.18
N ILE I 200 24.88 -12.85 4.95
CA ILE I 200 26.22 -12.23 4.76
C ILE I 200 27.11 -12.57 5.97
N GLU I 201 26.53 -12.70 7.16
CA GLU I 201 27.30 -12.71 8.44
C GLU I 201 27.93 -14.08 8.71
N CYS I 202 27.48 -15.16 8.06
CA CYS I 202 28.00 -16.54 8.30
C CYS I 202 28.66 -17.14 7.07
N TRP I 203 28.61 -16.45 5.92
CA TRP I 203 29.13 -16.93 4.61
C TRP I 203 30.00 -15.86 3.94
N CYS I 204 31.25 -16.20 3.61
CA CYS I 204 32.15 -15.36 2.78
C CYS I 204 32.49 -16.13 1.51
N PRO I 205 32.92 -15.45 0.41
CA PRO I 205 33.38 -16.15 -0.78
C PRO I 205 34.59 -17.03 -0.42
N ASP I 206 34.55 -18.30 -0.87
CA ASP I 206 35.59 -19.33 -0.63
C ASP I 206 36.77 -19.08 -1.55
N PRO I 207 37.93 -18.64 -1.02
CA PRO I 207 39.10 -18.39 -1.86
C PRO I 207 39.83 -19.65 -2.31
N SER I 208 39.46 -20.82 -1.77
CA SER I 208 40.02 -22.15 -2.13
C SER I 208 39.33 -22.69 -3.39
N ARG I 209 38.22 -22.06 -3.81
CA ARG I 209 37.42 -22.48 -4.98
C ARG I 209 37.16 -21.25 -5.86
N ASN I 210 35.95 -21.11 -6.39
CA ASN I 210 35.54 -19.97 -7.25
C ASN I 210 36.53 -19.78 -8.41
N GLU I 211 37.12 -20.87 -8.94
CA GLU I 211 38.02 -20.82 -10.12
C GLU I 211 37.26 -20.18 -11.28
N ASN I 212 35.95 -20.46 -11.42
CA ASN I 212 35.12 -20.00 -12.57
C ASN I 212 34.24 -18.80 -12.16
N SER I 213 34.67 -18.03 -11.16
CA SER I 213 33.97 -16.80 -10.69
C SER I 213 34.99 -15.71 -10.33
N ARG I 214 34.62 -14.44 -10.55
CA ARG I 214 35.41 -13.26 -10.11
C ARG I 214 34.58 -12.50 -9.08
N TYR I 215 35.11 -12.32 -7.86
CA TYR I 215 34.40 -11.62 -6.75
C TYR I 215 35.29 -10.51 -6.19
N PHE I 216 34.63 -9.46 -5.67
CA PHE I 216 35.23 -8.21 -5.17
C PHE I 216 34.38 -7.67 -4.00
N GLY I 217 34.98 -7.51 -2.82
CA GLY I 217 34.25 -7.09 -1.62
C GLY I 217 35.06 -6.19 -0.73
N SER I 218 34.38 -5.27 -0.05
CA SER I 218 34.99 -4.29 0.89
C SER I 218 34.04 -4.07 2.07
N TYR I 219 34.48 -4.37 3.28
CA TYR I 219 33.75 -4.13 4.56
C TYR I 219 34.44 -3.02 5.34
N THR I 220 33.64 -2.12 5.89
CA THR I 220 34.05 -1.07 6.87
C THR I 220 33.20 -1.25 8.13
N GLY I 221 33.82 -1.22 9.31
CA GLY I 221 33.14 -1.37 10.61
C GLY I 221 32.83 -0.03 11.27
N GLY I 222 32.66 -0.04 12.58
CA GLY I 222 32.44 1.17 13.39
C GLY I 222 30.97 1.45 13.63
N VAL I 223 30.67 2.26 14.64
CA VAL I 223 29.29 2.48 15.17
C VAL I 223 28.57 3.50 14.30
N GLU I 224 29.24 4.61 13.99
CA GLU I 224 28.67 5.79 13.28
C GLU I 224 29.49 6.12 12.04
N THR I 225 30.22 5.14 11.49
CA THR I 225 31.14 5.31 10.33
C THR I 225 30.37 5.86 9.15
N PRO I 226 30.84 6.95 8.50
CA PRO I 226 30.11 7.53 7.36
C PRO I 226 30.35 6.66 6.14
N PRO I 227 29.31 6.30 5.36
CA PRO I 227 29.52 5.61 4.10
C PRO I 227 30.10 6.59 3.07
N VAL I 228 31.05 6.11 2.25
CA VAL I 228 31.64 6.83 1.09
C VAL I 228 31.39 5.95 -0.13
N LEU I 229 30.56 6.40 -1.07
CA LEU I 229 30.20 5.64 -2.29
C LEU I 229 30.29 6.54 -3.51
N SER I 230 30.92 6.03 -4.57
CA SER I 230 31.10 6.72 -5.88
C SER I 230 30.23 6.07 -6.95
N PHE I 231 29.87 6.84 -7.97
CA PHE I 231 29.07 6.35 -9.11
C PHE I 231 29.51 7.06 -10.40
N THR I 232 29.60 6.30 -11.49
CA THR I 232 30.03 6.76 -12.85
C THR I 232 29.64 5.71 -13.88
N ASN I 233 29.40 6.11 -15.13
CA ASN I 233 29.17 5.15 -16.25
C ASN I 233 30.46 4.96 -17.06
N THR I 234 31.60 5.44 -16.54
CA THR I 234 32.90 5.43 -17.26
C THR I 234 33.87 4.39 -16.70
N SER I 235 33.41 3.43 -15.90
CA SER I 235 34.32 2.47 -15.21
C SER I 235 34.00 1.04 -15.62
N THR I 236 35.03 0.27 -16.00
CA THR I 236 34.92 -1.12 -16.51
C THR I 236 35.91 -2.02 -15.77
N THR I 237 35.49 -3.20 -15.39
CA THR I 237 36.34 -4.21 -14.71
C THR I 237 36.55 -5.38 -15.66
N ILE I 238 37.80 -5.71 -15.97
CA ILE I 238 38.15 -6.90 -16.79
C ILE I 238 37.99 -8.14 -15.91
N LEU I 239 37.37 -9.19 -16.43
CA LEU I 239 37.08 -10.44 -15.70
C LEU I 239 38.02 -11.57 -16.14
N LEU I 240 38.89 -11.30 -17.11
CA LEU I 240 39.89 -12.29 -17.60
C LEU I 240 40.93 -12.52 -16.49
N ASP I 241 41.35 -13.77 -16.29
CA ASP I 241 42.34 -14.18 -15.26
C ASP I 241 43.75 -13.99 -15.82
N GLU I 242 44.77 -14.45 -15.09
CA GLU I 242 46.21 -14.34 -15.43
C GLU I 242 46.49 -15.00 -16.80
N ASN I 243 45.61 -15.90 -17.27
CA ASN I 243 45.75 -16.64 -18.56
C ASN I 243 44.76 -16.13 -19.62
N GLY I 244 44.17 -14.94 -19.44
CA GLY I 244 43.25 -14.35 -20.43
C GLY I 244 41.92 -15.09 -20.57
N VAL I 245 41.56 -15.93 -19.59
CA VAL I 245 40.26 -16.68 -19.58
C VAL I 245 39.31 -15.99 -18.60
N GLY I 246 38.10 -15.66 -19.06
CA GLY I 246 36.99 -15.16 -18.23
C GLY I 246 36.14 -16.31 -17.69
N PRO I 247 35.17 -16.00 -16.80
CA PRO I 247 34.19 -17.00 -16.37
C PRO I 247 33.48 -17.62 -17.58
N LEU I 248 33.45 -18.96 -17.63
CA LEU I 248 32.75 -19.74 -18.69
C LEU I 248 31.39 -20.19 -18.15
N CYS I 249 30.31 -19.69 -18.76
CA CYS I 249 28.91 -19.89 -18.31
C CYS I 249 28.42 -21.32 -18.61
N LYS I 250 28.56 -22.23 -17.64
CA LYS I 250 28.00 -23.61 -17.71
C LYS I 250 26.48 -23.51 -17.88
N GLY I 251 25.89 -24.43 -18.65
CA GLY I 251 24.44 -24.49 -18.94
C GLY I 251 23.92 -23.19 -19.54
N ASP I 252 24.78 -22.39 -20.16
CA ASP I 252 24.40 -21.11 -20.81
C ASP I 252 23.73 -20.20 -19.77
N GLY I 253 24.31 -20.12 -18.57
CA GLY I 253 23.80 -19.32 -17.44
C GLY I 253 24.88 -18.45 -16.81
N LEU I 254 24.62 -17.14 -16.75
CA LEU I 254 25.51 -16.14 -16.08
C LEU I 254 25.03 -15.95 -14.63
N TYR I 255 25.93 -16.17 -13.67
CA TYR I 255 25.65 -16.07 -12.21
C TYR I 255 26.14 -14.72 -11.69
N LEU I 256 25.19 -13.84 -11.31
CA LEU I 256 25.44 -12.55 -10.62
C LEU I 256 25.10 -12.69 -9.13
N SER I 257 25.94 -12.10 -8.28
CA SER I 257 25.75 -11.99 -6.81
C SER I 257 26.09 -10.57 -6.37
N SER I 258 25.41 -10.10 -5.32
CA SER I 258 25.46 -8.71 -4.80
C SER I 258 25.31 -8.75 -3.27
N ALA I 259 25.95 -7.80 -2.59
CA ALA I 259 25.76 -7.53 -1.16
C ALA I 259 26.11 -6.06 -0.92
N ASP I 260 25.12 -5.19 -0.85
CA ASP I 260 25.33 -3.73 -0.66
C ASP I 260 24.47 -3.24 0.50
N VAL I 261 24.98 -3.46 1.71
CA VAL I 261 24.44 -2.95 2.98
C VAL I 261 25.17 -1.63 3.28
N ALA I 262 24.54 -0.51 2.93
CA ALA I 262 25.15 0.85 2.91
C ALA I 262 25.50 1.28 4.33
N GLY I 263 24.82 0.71 5.32
CA GLY I 263 24.92 1.04 6.75
C GLY I 263 23.59 0.83 7.45
N THR I 264 23.36 1.52 8.57
CA THR I 264 22.09 1.46 9.34
C THR I 264 21.36 2.79 9.24
N PHE I 265 20.04 2.74 9.34
CA PHE I 265 19.16 3.91 9.61
C PHE I 265 18.86 3.96 11.11
N VAL I 266 19.13 5.10 11.75
CA VAL I 266 18.93 5.34 13.22
C VAL I 266 17.66 6.17 13.38
N GLN I 267 16.58 5.54 13.83
CA GLN I 267 15.25 6.21 13.92
C GLN I 267 15.19 7.12 15.15
N GLN I 268 14.62 8.31 14.97
CA GLN I 268 14.39 9.30 16.05
C GLN I 268 13.44 8.67 17.09
N THR I 269 13.61 9.04 18.36
CA THR I 269 12.69 8.71 19.47
C THR I 269 12.91 7.25 19.90
N SER I 270 12.65 6.27 19.02
CA SER I 270 12.89 4.83 19.31
C SER I 270 14.39 4.60 19.58
N GLN I 271 15.26 5.31 18.85
CA GLN I 271 16.73 5.13 18.82
C GLN I 271 17.07 3.68 18.42
N LYS I 272 16.18 3.04 17.65
CA LYS I 272 16.40 1.69 17.06
C LYS I 272 17.11 1.83 15.70
N GLN I 273 17.80 0.77 15.29
CA GLN I 273 18.63 0.73 14.07
C GLN I 273 18.08 -0.30 13.09
N TYR I 274 18.09 0.06 11.81
CA TYR I 274 17.60 -0.75 10.68
C TYR I 274 18.70 -0.79 9.61
N TRP I 275 19.07 -2.00 9.18
CA TRP I 275 19.97 -2.21 8.02
C TRP I 275 19.32 -1.58 6.77
N ARG I 276 20.13 -0.87 5.98
CA ARG I 276 19.70 -0.22 4.71
C ARG I 276 20.49 -0.82 3.55
N GLY I 277 19.80 -1.49 2.63
CA GLY I 277 20.41 -2.09 1.42
C GLY I 277 20.24 -1.20 0.21
N LEU I 278 21.12 -1.37 -0.79
CA LEU I 278 21.02 -0.65 -2.08
C LEU I 278 21.12 -1.65 -3.22
N PRO I 279 20.46 -1.38 -4.37
CA PRO I 279 20.52 -2.26 -5.53
C PRO I 279 21.82 -2.07 -6.30
N ARG I 280 22.20 -3.08 -7.09
CA ARG I 280 23.44 -3.08 -7.91
C ARG I 280 23.10 -3.37 -9.38
N TYR I 281 23.46 -2.46 -10.27
CA TYR I 281 23.36 -2.62 -11.75
C TYR I 281 24.58 -3.40 -12.24
N PHE I 282 24.35 -4.31 -13.17
CA PHE I 282 25.41 -5.05 -13.91
C PHE I 282 25.24 -4.82 -15.41
N ASN I 283 26.34 -4.66 -16.11
CA ASN I 283 26.42 -4.63 -17.60
C ASN I 283 27.60 -5.52 -18.01
N ILE I 284 27.33 -6.78 -18.37
CA ILE I 284 28.39 -7.78 -18.66
C ILE I 284 28.53 -7.90 -20.19
N THR I 285 29.77 -7.95 -20.68
CA THR I 285 30.12 -8.27 -22.08
C THR I 285 30.67 -9.70 -22.13
N LEU I 286 30.08 -10.54 -22.99
CA LEU I 286 30.51 -11.95 -23.18
C LEU I 286 30.83 -12.19 -24.66
N ARG I 287 31.70 -13.17 -24.92
CA ARG I 287 32.14 -13.61 -26.27
C ARG I 287 32.06 -15.14 -26.31
N LYS I 288 31.85 -15.74 -27.49
CA LYS I 288 31.79 -17.21 -27.64
C LYS I 288 33.21 -17.76 -27.50
N ARG I 289 33.38 -18.88 -26.80
CA ARG I 289 34.69 -19.55 -26.57
C ARG I 289 34.51 -21.05 -26.72
N ALA I 290 35.50 -21.71 -27.33
CA ALA I 290 35.50 -23.15 -27.67
C ALA I 290 36.17 -23.93 -26.54
N VAL I 291 35.61 -25.10 -26.21
CA VAL I 291 36.13 -25.98 -25.13
C VAL I 291 36.01 -27.44 -25.58
N LYS I 292 36.92 -28.31 -25.13
CA LYS I 292 36.84 -29.78 -25.33
C LYS I 292 35.77 -30.37 -24.40
N GLY J 24 24.84 7.18 -28.82
CA GLY J 24 23.46 6.61 -28.86
C GLY J 24 23.22 5.70 -30.06
N GLY J 25 21.94 5.55 -30.46
CA GLY J 25 21.46 4.71 -31.58
C GLY J 25 21.59 5.38 -32.95
N ILE J 26 22.46 6.39 -33.05
CA ILE J 26 22.99 6.97 -34.33
C ILE J 26 24.19 6.13 -34.82
N GLU J 27 24.46 6.12 -36.12
CA GLU J 27 25.66 5.46 -36.73
C GLU J 27 26.78 6.51 -36.85
N VAL J 28 27.88 6.32 -36.12
CA VAL J 28 28.97 7.35 -35.95
C VAL J 28 30.05 7.13 -37.02
N LEU J 29 30.40 8.19 -37.74
CA LEU J 29 31.35 8.14 -38.89
C LEU J 29 32.64 8.89 -38.51
N ASP J 30 33.35 9.44 -39.50
CA ASP J 30 34.68 10.08 -39.35
C ASP J 30 34.55 11.36 -38.52
N VAL J 31 35.62 11.70 -37.79
CA VAL J 31 35.80 13.03 -37.11
C VAL J 31 36.14 14.07 -38.19
N LYS J 32 35.24 15.00 -38.51
CA LYS J 32 35.57 16.14 -39.43
C LYS J 32 36.73 16.91 -38.78
N THR J 33 37.78 17.21 -39.56
CA THR J 33 38.89 18.10 -39.13
C THR J 33 39.06 19.24 -40.16
N GLY J 34 39.66 20.33 -39.75
CA GLY J 34 39.79 21.56 -40.56
C GLY J 34 39.80 22.78 -39.64
N PRO J 35 39.79 24.01 -40.19
CA PRO J 35 39.59 25.20 -39.36
C PRO J 35 38.11 25.24 -38.90
N ASP J 36 37.88 25.71 -37.67
CA ASP J 36 36.53 25.85 -37.08
C ASP J 36 35.83 24.49 -37.01
N SER J 37 36.59 23.42 -36.73
CA SER J 37 36.08 22.05 -36.47
C SER J 37 36.05 21.75 -34.97
N THR J 38 36.72 22.58 -34.15
CA THR J 38 36.69 22.50 -32.67
C THR J 38 36.22 23.84 -32.09
N THR J 39 35.52 23.80 -30.96
CA THR J 39 35.13 24.98 -30.15
C THR J 39 35.15 24.59 -28.66
N THR J 40 35.31 25.58 -27.77
CA THR J 40 35.23 25.42 -26.31
C THR J 40 34.09 26.27 -25.78
N ILE J 41 33.29 25.74 -24.85
CA ILE J 41 32.20 26.47 -24.13
C ILE J 41 32.55 26.55 -22.65
N GLU J 42 32.42 27.74 -22.05
CA GLU J 42 32.49 28.02 -20.59
C GLU J 42 31.07 28.20 -20.05
N ALA J 43 30.77 27.60 -18.92
CA ALA J 43 29.46 27.70 -18.23
C ALA J 43 29.66 27.48 -16.72
N TYR J 44 28.71 27.93 -15.91
CA TYR J 44 28.62 27.60 -14.46
C TYR J 44 27.18 27.23 -14.11
N LEU J 45 27.02 26.32 -13.17
CA LEU J 45 25.72 25.98 -12.55
C LEU J 45 25.79 26.37 -11.07
N ASN J 46 24.99 27.37 -10.68
CA ASN J 46 24.77 27.74 -9.26
C ASN J 46 23.96 26.61 -8.62
N PRO J 47 24.14 26.37 -7.30
CA PRO J 47 23.48 25.24 -6.65
C PRO J 47 21.98 25.50 -6.46
N ARG J 48 21.19 24.43 -6.35
CA ARG J 48 19.73 24.52 -6.09
C ARG J 48 19.40 23.67 -4.86
N VAL J 49 19.78 24.18 -3.70
CA VAL J 49 19.64 23.48 -2.39
C VAL J 49 18.26 23.79 -1.78
N GLY J 50 17.41 24.55 -2.47
CA GLY J 50 16.02 24.87 -2.05
C GLY J 50 15.75 26.36 -2.11
N GLN J 51 16.79 27.18 -1.94
CA GLN J 51 16.78 28.64 -2.28
C GLN J 51 17.93 28.87 -3.26
N ASN J 52 18.16 30.13 -3.64
CA ASN J 52 19.03 30.48 -4.79
C ASN J 52 20.36 31.06 -4.31
N TRP J 53 20.54 31.28 -3.01
CA TRP J 53 21.74 31.99 -2.49
C TRP J 53 22.57 31.02 -1.64
N GLY J 54 22.50 29.72 -1.97
CA GLY J 54 23.50 28.71 -1.59
C GLY J 54 23.19 28.03 -0.27
N PHE J 55 22.12 28.46 0.42
CA PHE J 55 21.61 27.80 1.66
C PHE J 55 20.13 27.45 1.50
N SER J 56 19.75 26.26 1.99
CA SER J 56 18.34 25.86 2.20
C SER J 56 17.77 26.62 3.41
N THR J 57 16.46 26.54 3.62
CA THR J 57 15.82 26.90 4.92
C THR J 57 16.10 25.74 5.90
N GLU J 58 15.75 25.91 7.17
CA GLU J 58 16.12 24.91 8.22
C GLU J 58 15.61 23.52 7.81
N ILE J 59 16.41 22.50 8.09
CA ILE J 59 16.02 21.08 7.89
C ILE J 59 15.02 20.72 8.98
N THR J 60 13.87 20.17 8.60
CA THR J 60 12.76 19.77 9.51
C THR J 60 12.64 18.25 9.54
N VAL J 61 12.12 17.69 10.63
CA VAL J 61 11.95 16.22 10.81
C VAL J 61 10.58 15.98 11.46
N ALA J 62 9.59 15.61 10.66
CA ALA J 62 8.26 15.16 11.15
C ALA J 62 8.45 14.18 12.31
N SER J 63 7.58 14.23 13.32
CA SER J 63 7.53 13.23 14.42
C SER J 63 7.12 11.88 13.83
N ASN J 64 7.69 10.78 14.35
CA ASN J 64 7.31 9.43 13.89
C ASN J 64 5.78 9.37 13.82
N GLY J 65 5.25 8.72 12.79
CA GLY J 65 3.79 8.51 12.59
C GLY J 65 3.12 9.68 11.91
N TYR J 66 3.75 10.85 11.85
CA TYR J 66 3.24 12.04 11.12
C TYR J 66 3.70 12.02 9.66
N ASN J 67 2.98 12.73 8.78
CA ASN J 67 3.35 12.87 7.35
C ASN J 67 4.77 13.43 7.23
N ASP J 68 5.58 12.81 6.37
CA ASP J 68 6.93 13.29 5.98
C ASP J 68 6.74 14.28 4.82
N ALA J 69 6.56 15.55 5.15
CA ALA J 69 6.24 16.61 4.15
C ALA J 69 7.15 17.80 4.38
N PRO J 70 8.42 17.71 3.92
CA PRO J 70 9.37 18.80 4.09
C PRO J 70 8.99 20.00 3.20
N HIS J 71 9.52 21.16 3.55
CA HIS J 71 9.32 22.46 2.85
C HIS J 71 10.06 22.43 1.51
N LEU J 72 9.43 22.97 0.46
CA LEU J 72 10.07 23.20 -0.86
C LEU J 72 11.51 23.67 -0.63
N THR J 73 11.73 24.64 0.26
CA THR J 73 13.01 25.37 0.39
C THR J 73 14.04 24.62 1.26
N GLU J 74 13.81 23.35 1.57
CA GLU J 74 14.79 22.54 2.36
C GLU J 74 15.21 21.29 1.59
N ILE J 75 14.67 21.09 0.38
CA ILE J 75 14.99 19.93 -0.50
C ILE J 75 15.99 20.37 -1.56
N PRO J 76 17.27 19.93 -1.47
CA PRO J 76 18.24 20.17 -2.54
C PRO J 76 17.92 19.37 -3.81
N CYS J 77 18.10 20.02 -4.95
CA CYS J 77 17.82 19.48 -6.31
C CYS J 77 19.07 19.53 -7.19
N TYR J 78 19.06 18.76 -8.28
CA TYR J 78 20.06 18.83 -9.37
C TYR J 78 19.92 20.19 -10.07
N SER J 79 21.06 20.87 -10.24
CA SER J 79 21.21 22.01 -11.18
C SER J 79 21.35 21.42 -12.58
N SER J 80 20.76 22.05 -13.59
CA SER J 80 20.84 21.62 -15.01
C SER J 80 20.68 22.84 -15.93
N ALA J 81 21.33 22.77 -17.09
CA ALA J 81 21.26 23.79 -18.16
C ALA J 81 21.54 23.10 -19.49
N ARG J 82 20.91 23.59 -20.56
CA ARG J 82 21.24 23.24 -21.97
C ARG J 82 21.91 24.48 -22.57
N ILE J 83 23.20 24.38 -22.91
CA ILE J 83 23.93 25.46 -23.64
C ILE J 83 23.68 25.25 -25.14
N SER J 84 23.31 26.34 -25.84
CA SER J 84 23.09 26.37 -27.31
C SER J 84 24.45 26.41 -28.00
N LEU J 85 24.71 25.46 -28.89
CA LEU J 85 25.96 25.34 -29.69
C LEU J 85 25.72 25.97 -31.06
N PRO J 86 26.78 26.37 -31.82
CA PRO J 86 26.62 26.86 -33.20
C PRO J 86 25.86 25.87 -34.10
N LEU J 87 24.96 26.36 -34.96
CA LEU J 87 24.17 25.51 -35.89
C LEU J 87 25.14 24.88 -36.90
N LEU J 88 24.97 23.59 -37.20
CA LEU J 88 25.91 22.82 -38.07
C LEU J 88 25.31 22.51 -39.44
N ASN J 89 24.08 21.99 -39.50
CA ASN J 89 23.49 21.42 -40.73
C ASN J 89 22.47 22.45 -41.25
N LEU J 97 25.11 13.95 -41.50
CA LEU J 97 24.93 15.15 -40.64
C LEU J 97 26.20 15.34 -39.82
N LEU J 98 26.42 16.56 -39.34
CA LEU J 98 27.45 16.91 -38.33
C LEU J 98 26.79 17.18 -36.98
N MET J 99 27.25 16.49 -35.93
CA MET J 99 26.90 16.77 -34.51
C MET J 99 28.17 17.20 -33.77
N TRP J 100 28.05 18.09 -32.80
CA TRP J 100 29.17 18.43 -31.88
C TRP J 100 29.42 17.24 -30.95
N GLU J 101 30.69 16.89 -30.76
CA GLU J 101 31.17 15.78 -29.91
C GLU J 101 31.96 16.39 -28.74
N ALA J 102 31.46 16.26 -27.52
CA ALA J 102 32.16 16.70 -26.29
C ALA J 102 33.34 15.77 -26.05
N VAL J 103 34.57 16.30 -26.10
CA VAL J 103 35.82 15.47 -26.07
C VAL J 103 36.32 15.42 -24.63
N SER J 104 36.44 16.59 -23.98
CA SER J 104 37.06 16.75 -22.65
C SER J 104 36.31 17.81 -21.84
N VAL J 105 36.50 17.82 -20.51
CA VAL J 105 35.96 18.88 -19.62
C VAL J 105 36.97 19.17 -18.51
N LYS J 106 37.27 20.45 -18.31
CA LYS J 106 37.88 21.01 -17.09
C LYS J 106 36.72 21.48 -16.21
N THR J 107 36.51 20.90 -15.03
CA THR J 107 35.41 21.27 -14.10
C THR J 107 35.97 21.56 -12.70
N GLU J 108 35.38 22.52 -12.01
CA GLU J 108 35.85 23.07 -10.70
C GLU J 108 34.64 23.36 -9.83
N VAL J 109 34.72 23.07 -8.53
CA VAL J 109 33.73 23.53 -7.52
C VAL J 109 34.20 24.89 -6.98
N VAL J 110 33.47 25.96 -7.31
CA VAL J 110 33.86 27.35 -6.99
C VAL J 110 33.48 27.64 -5.53
N GLY J 111 34.32 28.41 -4.83
CA GLY J 111 34.02 28.93 -3.48
C GLY J 111 34.29 27.92 -2.38
N ILE J 112 35.17 26.95 -2.61
CA ILE J 112 35.61 26.00 -1.55
C ILE J 112 36.22 26.81 -0.40
N SER J 113 37.01 27.84 -0.71
CA SER J 113 37.72 28.68 0.29
C SER J 113 36.71 29.40 1.19
N SER J 114 35.44 29.54 0.76
CA SER J 114 34.37 30.23 1.53
C SER J 114 34.14 29.53 2.87
N MET J 115 34.45 28.24 2.95
CA MET J 115 34.18 27.38 4.13
C MET J 115 35.18 27.63 5.25
N LEU J 116 36.35 28.23 4.96
CA LEU J 116 37.33 28.60 6.02
C LEU J 116 36.83 29.86 6.73
N ASN J 117 35.81 29.70 7.56
CA ASN J 117 35.01 30.79 8.18
C ASN J 117 34.46 30.29 9.50
N MET J 118 35.01 30.75 10.62
CA MET J 118 34.63 30.31 11.98
C MET J 118 34.05 31.49 12.77
N HIS J 119 33.53 32.51 12.08
CA HIS J 119 33.02 33.76 12.72
C HIS J 119 31.58 34.07 12.27
N SER J 120 31.04 33.42 11.24
CA SER J 120 29.69 33.74 10.70
C SER J 120 28.62 32.85 11.33
N TYR J 121 28.44 33.02 12.65
CA TYR J 121 27.25 32.57 13.45
C TYR J 121 27.20 31.06 13.61
N GLY J 122 28.31 30.35 13.39
CA GLY J 122 28.35 28.89 13.53
C GLY J 122 28.23 28.48 14.98
N LEU J 123 27.60 27.34 15.27
CA LEU J 123 27.61 26.72 16.63
C LEU J 123 29.06 26.68 17.12
N ARG J 124 29.32 27.18 18.31
CA ARG J 124 30.71 27.43 18.78
C ARG J 124 31.28 26.19 19.47
N ALA J 125 32.56 25.92 19.24
CA ALA J 125 33.28 24.72 19.76
C ALA J 125 33.76 25.01 21.17
N PHE J 126 34.17 23.96 21.88
CA PHE J 126 34.78 24.03 23.24
C PHE J 126 33.84 24.81 24.18
N GLY J 127 32.60 24.32 24.26
CA GLY J 127 31.56 24.77 25.21
C GLY J 127 31.17 26.22 25.03
N GLY J 128 31.28 26.77 23.82
CA GLY J 128 30.78 28.12 23.47
C GLY J 128 31.87 29.18 23.44
N TYR J 129 33.10 28.86 23.89
CA TYR J 129 34.24 29.81 23.98
C TYR J 129 35.07 29.81 22.69
N GLY J 130 35.03 28.72 21.92
CA GLY J 130 35.76 28.58 20.65
C GLY J 130 35.07 29.30 19.50
N GLY J 131 35.52 29.04 18.27
CA GLY J 131 34.96 29.60 17.02
C GLY J 131 33.79 28.77 16.50
N GLY J 132 33.10 29.28 15.48
CA GLY J 132 31.92 28.63 14.86
C GLY J 132 32.32 27.40 14.05
N TYR J 133 31.45 26.40 14.04
CA TYR J 133 31.57 25.19 13.17
C TYR J 133 31.60 25.64 11.71
N THR J 134 32.67 25.29 10.99
CA THR J 134 32.72 25.30 9.50
C THR J 134 31.69 24.30 8.97
N ILE J 135 31.25 24.47 7.74
CA ILE J 135 30.27 23.53 7.12
C ILE J 135 30.74 22.11 7.39
N GLU J 136 29.83 21.22 7.78
CA GLU J 136 30.13 19.77 7.98
C GLU J 136 28.86 18.94 7.78
N GLY J 137 29.02 17.62 7.83
CA GLY J 137 27.94 16.63 7.70
C GLY J 137 28.00 15.92 6.37
N SER J 138 26.95 15.16 6.07
CA SER J 138 26.80 14.39 4.81
C SER J 138 26.82 15.36 3.64
N HIS J 139 27.47 14.96 2.54
CA HIS J 139 27.66 15.79 1.32
C HIS J 139 27.64 14.91 0.07
N ILE J 140 27.33 15.52 -1.08
CA ILE J 140 27.38 14.87 -2.43
C ILE J 140 28.02 15.87 -3.40
N HIS J 141 28.93 15.38 -4.23
CA HIS J 141 29.54 16.14 -5.34
C HIS J 141 29.37 15.33 -6.61
N PHE J 142 28.80 15.95 -7.64
CA PHE J 142 28.40 15.24 -8.88
C PHE J 142 28.28 16.21 -10.04
N PHE J 143 28.75 15.78 -11.22
CA PHE J 143 28.56 16.52 -12.49
C PHE J 143 28.39 15.53 -13.64
N SER J 144 27.66 15.94 -14.66
CA SER J 144 27.52 15.18 -15.93
C SER J 144 27.63 16.13 -17.11
N VAL J 145 28.26 15.67 -18.19
CA VAL J 145 28.24 16.28 -19.55
C VAL J 145 27.58 15.28 -20.49
N GLY J 146 26.67 15.75 -21.33
CA GLY J 146 25.80 14.88 -22.14
C GLY J 146 25.34 15.56 -23.42
N GLY J 147 24.93 14.75 -24.38
CA GLY J 147 24.39 15.22 -25.67
C GLY J 147 22.89 15.32 -25.64
N GLU J 148 22.30 15.05 -24.47
CA GLU J 148 20.84 15.07 -24.26
C GLU J 148 20.58 15.11 -22.77
N PRO J 149 19.32 15.35 -22.34
CA PRO J 149 18.98 15.30 -20.92
C PRO J 149 19.49 14.01 -20.24
N LEU J 150 19.98 14.15 -19.00
CA LEU J 150 20.53 13.02 -18.20
C LEU J 150 19.37 12.11 -17.78
N ASP J 151 19.53 10.80 -17.96
CA ASP J 151 18.51 9.78 -17.55
C ASP J 151 18.59 9.55 -16.04
N LEU J 152 17.44 9.66 -15.35
CA LEU J 152 17.28 9.54 -13.87
C LEU J 152 16.47 8.27 -13.55
N GLN J 153 16.97 7.48 -12.60
CA GLN J 153 16.28 6.33 -11.98
C GLN J 153 15.75 6.77 -10.62
N GLY J 154 14.50 6.41 -10.32
CA GLY J 154 13.84 6.71 -9.03
C GLY J 154 14.32 5.76 -7.94
N LEU J 155 14.89 6.33 -6.87
CA LEU J 155 15.16 5.60 -5.61
C LEU J 155 15.30 6.62 -4.48
N MET J 156 14.58 6.37 -3.38
CA MET J 156 14.41 7.28 -2.22
C MET J 156 14.42 6.49 -0.91
N GLN J 157 14.66 7.16 0.22
CA GLN J 157 14.76 6.51 1.56
C GLN J 157 13.35 6.19 2.08
N ASN J 158 12.36 7.04 1.79
CA ASN J 158 10.97 6.91 2.28
C ASN J 158 9.96 7.11 1.15
N HIS J 159 9.32 6.04 0.68
CA HIS J 159 8.38 6.06 -0.47
C HIS J 159 7.26 7.07 -0.22
N SER J 160 6.89 7.29 1.05
CA SER J 160 5.73 8.10 1.45
C SER J 160 6.05 9.59 1.41
N THR J 161 7.32 9.98 1.27
CA THR J 161 7.74 11.41 1.32
C THR J 161 6.84 12.20 0.36
N GLN J 162 6.38 13.38 0.78
CA GLN J 162 5.50 14.27 -0.01
C GLN J 162 6.31 15.51 -0.45
N TYR J 163 6.60 15.61 -1.75
CA TYR J 163 7.36 16.74 -2.32
C TYR J 163 6.37 17.82 -2.75
N PRO J 164 6.51 19.06 -2.25
CA PRO J 164 5.66 20.16 -2.70
C PRO J 164 5.85 20.45 -4.19
N SER J 165 4.79 20.88 -4.89
CA SER J 165 4.89 21.47 -6.25
C SER J 165 5.75 22.72 -6.16
N PRO J 166 6.62 23.04 -7.16
CA PRO J 166 6.72 22.30 -8.43
C PRO J 166 7.71 21.13 -8.51
N LEU J 167 8.26 20.67 -7.38
CA LEU J 167 9.23 19.55 -7.37
C LEU J 167 8.56 18.31 -7.97
N VAL J 168 9.37 17.41 -8.54
CA VAL J 168 8.91 16.14 -9.17
C VAL J 168 9.65 14.99 -8.50
N GLY J 169 8.91 13.97 -8.06
CA GLY J 169 9.45 12.75 -7.44
C GLY J 169 8.92 11.51 -8.13
N PRO J 170 9.50 10.34 -7.84
CA PRO J 170 9.10 9.09 -8.48
C PRO J 170 7.60 8.87 -8.33
N LYS J 171 6.91 8.67 -9.45
CA LYS J 171 5.48 8.29 -9.51
C LYS J 171 5.37 7.19 -10.56
N LYS J 172 4.54 6.16 -10.33
CA LYS J 172 4.09 5.23 -11.39
C LYS J 172 3.23 6.02 -12.37
N PRO J 173 2.83 5.47 -13.54
CA PRO J 173 1.96 6.20 -14.47
C PRO J 173 0.64 6.63 -13.85
N ASP J 174 0.12 5.85 -12.90
CA ASP J 174 -1.20 6.06 -12.23
C ASP J 174 -1.13 7.14 -11.14
N GLY J 175 0.05 7.62 -10.75
CA GLY J 175 0.24 8.68 -9.74
C GLY J 175 0.79 8.16 -8.41
N THR J 176 0.62 6.85 -8.14
CA THR J 176 1.04 6.16 -6.88
C THR J 176 2.56 6.19 -6.72
N THR J 177 3.03 5.85 -5.51
CA THR J 177 4.47 5.65 -5.19
C THR J 177 4.57 4.57 -4.11
N ASP J 178 4.75 3.30 -4.50
CA ASP J 178 4.70 2.15 -3.55
C ASP J 178 6.09 1.95 -2.91
N ASP J 179 6.24 0.86 -2.14
CA ASP J 179 7.45 0.56 -1.33
C ASP J 179 8.65 0.27 -2.23
N SER J 180 8.42 -0.15 -3.47
CA SER J 180 9.48 -0.56 -4.44
C SER J 180 10.42 0.61 -4.75
N ALA J 181 9.94 1.85 -4.62
CA ALA J 181 10.71 3.09 -4.87
C ALA J 181 11.85 3.26 -3.86
N GLN J 182 11.98 2.35 -2.89
CA GLN J 182 13.10 2.37 -1.89
C GLN J 182 14.22 1.48 -2.41
N VAL J 183 13.94 0.69 -3.44
CA VAL J 183 14.95 -0.16 -4.14
C VAL J 183 14.86 0.19 -5.63
N LEU J 184 15.35 -0.68 -6.51
CA LEU J 184 15.28 -0.45 -7.97
C LEU J 184 13.98 -1.05 -8.49
N ASN J 185 13.12 -0.18 -9.03
CA ASN J 185 11.96 -0.57 -9.87
C ASN J 185 12.01 0.25 -11.14
N PRO J 186 12.27 -0.39 -12.30
CA PRO J 186 12.38 0.31 -13.58
C PRO J 186 11.21 1.24 -13.91
N ILE J 187 10.05 1.05 -13.27
CA ILE J 187 8.83 1.88 -13.52
C ILE J 187 9.12 3.34 -13.18
N TYR J 188 10.08 3.63 -12.30
CA TYR J 188 10.38 5.00 -11.81
C TYR J 188 11.59 5.58 -12.55
N LYS J 189 11.32 6.26 -13.66
CA LYS J 189 12.37 6.88 -14.51
C LYS J 189 11.93 8.28 -14.92
N ALA J 190 12.90 9.13 -15.21
CA ALA J 190 12.67 10.54 -15.58
C ALA J 190 13.91 11.09 -16.27
N LYS J 191 13.72 12.16 -17.03
CA LYS J 191 14.80 12.90 -17.72
C LYS J 191 15.00 14.20 -16.94
N LEU J 192 16.24 14.51 -16.56
CA LEU J 192 16.62 15.77 -15.86
C LEU J 192 16.49 16.93 -16.84
N ASP J 193 15.25 17.40 -17.06
CA ASP J 193 14.91 18.35 -18.15
C ASP J 193 14.52 19.73 -17.59
N LYS J 194 14.77 19.99 -16.31
CA LYS J 194 14.41 21.29 -15.66
C LYS J 194 15.31 21.49 -14.43
N ASP J 195 15.92 22.67 -14.32
CA ASP J 195 16.75 23.11 -13.16
C ASP J 195 15.89 23.09 -11.90
N ALA J 196 16.50 22.86 -10.73
CA ALA J 196 15.92 23.13 -9.40
C ALA J 196 14.59 22.40 -9.22
N THR J 197 14.41 21.23 -9.83
CA THR J 197 13.09 20.54 -9.91
C THR J 197 13.17 19.11 -9.40
N TYR J 198 14.24 18.37 -9.73
CA TYR J 198 14.39 16.93 -9.38
C TYR J 198 15.22 16.84 -8.11
N PRO J 199 14.63 16.40 -6.98
CA PRO J 199 15.38 16.28 -5.74
C PRO J 199 16.50 15.24 -5.86
N ILE J 200 17.69 15.58 -5.35
CA ILE J 200 18.85 14.66 -5.27
C ILE J 200 18.43 13.38 -4.54
N GLU J 201 17.51 13.46 -3.57
CA GLU J 201 17.25 12.38 -2.59
C GLU J 201 16.36 11.28 -3.18
N CYS J 202 15.67 11.51 -4.29
CA CYS J 202 14.73 10.51 -4.89
C CYS J 202 15.17 10.12 -6.31
N TRP J 203 16.19 10.76 -6.86
CA TRP J 203 16.69 10.55 -8.25
C TRP J 203 18.20 10.36 -8.29
N CYS J 204 18.67 9.24 -8.84
CA CYS J 204 20.11 9.00 -9.13
C CYS J 204 20.28 8.83 -10.64
N PRO J 205 21.50 9.04 -11.20
CA PRO J 205 21.74 8.77 -12.62
C PRO J 205 21.46 7.29 -12.91
N ASP J 206 20.70 7.03 -13.98
CA ASP J 206 20.27 5.68 -14.43
C ASP J 206 21.43 5.01 -15.15
N PRO J 207 22.06 3.96 -14.55
CA PRO J 207 23.19 3.29 -15.19
C PRO J 207 22.77 2.35 -16.34
N SER J 208 21.47 2.10 -16.51
CA SER J 208 20.90 1.26 -17.60
C SER J 208 20.76 2.08 -18.89
N ARG J 209 20.92 3.41 -18.79
CA ARG J 209 20.78 4.34 -19.94
C ARG J 209 22.00 5.28 -19.95
N ASN J 210 21.79 6.57 -20.23
CA ASN J 210 22.86 7.59 -20.26
C ASN J 210 23.99 7.15 -21.19
N GLU J 211 23.70 6.42 -22.28
CA GLU J 211 24.70 6.01 -23.30
C GLU J 211 25.36 7.27 -23.86
N ASN J 212 24.61 8.36 -24.02
CA ASN J 212 25.07 9.63 -24.65
C ASN J 212 25.38 10.69 -23.58
N SER J 213 25.72 10.26 -22.35
CA SER J 213 26.11 11.16 -21.23
C SER J 213 27.25 10.52 -20.42
N ARG J 214 28.13 11.36 -19.87
CA ARG J 214 29.19 10.93 -18.91
C ARG J 214 28.91 11.60 -17.56
N TYR J 215 28.73 10.80 -16.49
CA TYR J 215 28.42 11.32 -15.14
C TYR J 215 29.41 10.75 -14.13
N PHE J 216 29.66 11.53 -13.08
CA PHE J 216 30.66 11.27 -12.01
C PHE J 216 30.14 11.84 -10.68
N GLY J 217 29.99 10.99 -9.67
CA GLY J 217 29.41 11.37 -8.37
C GLY J 217 30.11 10.70 -7.21
N SER J 218 30.17 11.40 -6.08
CA SER J 218 30.71 10.88 -4.81
C SER J 218 29.89 11.43 -3.64
N TYR J 219 29.28 10.52 -2.86
CA TYR J 219 28.53 10.84 -1.61
C TYR J 219 29.34 10.34 -0.40
N THR J 220 29.40 11.20 0.63
CA THR J 220 29.94 10.87 1.97
C THR J 220 28.83 11.17 2.99
N GLY J 221 28.59 10.26 3.94
CA GLY J 221 27.56 10.39 4.99
C GLY J 221 28.14 10.91 6.29
N GLY J 222 27.45 10.65 7.40
CA GLY J 222 27.90 11.00 8.77
C GLY J 222 27.34 12.32 9.24
N VAL J 223 27.36 12.54 10.55
CA VAL J 223 26.67 13.67 11.23
C VAL J 223 27.53 14.92 11.14
N GLU J 224 28.82 14.80 11.42
CA GLU J 224 29.80 15.93 11.53
C GLU J 224 30.98 15.68 10.61
N THR J 225 30.81 14.89 9.56
CA THR J 225 31.90 14.49 8.62
C THR J 225 32.52 15.73 8.00
N PRO J 226 33.86 15.88 8.02
CA PRO J 226 34.50 17.07 7.46
C PRO J 226 34.50 16.96 5.94
N PRO J 227 34.11 18.02 5.20
CA PRO J 227 34.25 18.01 3.74
C PRO J 227 35.73 18.13 3.36
N VAL J 228 36.15 17.38 2.34
CA VAL J 228 37.52 17.44 1.74
C VAL J 228 37.33 17.76 0.25
N LEU J 229 37.74 18.95 -0.18
CA LEU J 229 37.55 19.41 -1.58
C LEU J 229 38.85 20.04 -2.09
N SER J 230 39.25 19.65 -3.31
CA SER J 230 40.46 20.15 -4.01
C SER J 230 40.05 21.06 -5.18
N PHE J 231 40.93 21.97 -5.55
CA PHE J 231 40.71 22.91 -6.67
C PHE J 231 42.04 23.19 -7.37
N THR J 232 42.01 23.22 -8.71
CA THR J 232 43.18 23.41 -9.61
C THR J 232 42.67 23.73 -11.02
N ASN J 233 43.45 24.48 -11.81
CA ASN J 233 43.13 24.73 -13.24
C ASN J 233 43.96 23.78 -14.13
N THR J 234 44.59 22.75 -13.55
CA THR J 234 45.51 21.83 -14.26
C THR J 234 44.88 20.45 -14.46
N SER J 235 43.57 20.29 -14.28
CA SER J 235 42.93 18.94 -14.30
C SER J 235 41.87 18.86 -15.41
N THR J 236 41.95 17.82 -16.23
CA THR J 236 41.09 17.58 -17.41
C THR J 236 40.53 16.16 -17.36
N THR J 237 39.25 16.01 -17.69
CA THR J 237 38.56 14.69 -17.75
C THR J 237 38.22 14.41 -19.21
N ILE J 238 38.71 13.28 -19.75
CA ILE J 238 38.37 12.82 -21.12
C ILE J 238 36.95 12.25 -21.07
N LEU J 239 36.10 12.60 -22.04
CA LEU J 239 34.68 12.19 -22.10
C LEU J 239 34.47 11.11 -23.17
N LEU J 240 35.53 10.73 -23.88
CA LEU J 240 35.46 9.67 -24.92
C LEU J 240 35.26 8.32 -24.22
N ASP J 241 34.42 7.45 -24.79
CA ASP J 241 34.10 6.10 -24.24
C ASP J 241 35.15 5.10 -24.73
N GLU J 242 34.94 3.81 -24.45
CA GLU J 242 35.86 2.69 -24.80
C GLU J 242 36.12 2.66 -26.31
N ASN J 243 35.24 3.26 -27.14
CA ASN J 243 35.36 3.31 -28.62
C ASN J 243 35.77 4.70 -29.12
N GLY J 244 36.30 5.58 -28.27
CA GLY J 244 36.78 6.91 -28.69
C GLY J 244 35.66 7.87 -29.10
N VAL J 245 34.41 7.58 -28.72
CA VAL J 245 33.24 8.46 -29.02
C VAL J 245 32.84 9.22 -27.75
N GLY J 246 32.74 10.54 -27.86
CA GLY J 246 32.22 11.43 -26.80
C GLY J 246 30.71 11.61 -26.91
N PRO J 247 30.08 12.28 -25.93
CA PRO J 247 28.67 12.66 -26.06
C PRO J 247 28.43 13.46 -27.34
N LEU J 248 27.43 13.04 -28.12
CA LEU J 248 27.00 13.72 -29.37
C LEU J 248 25.78 14.60 -29.08
N CYS J 249 25.94 15.91 -29.22
CA CYS J 249 24.92 16.94 -28.84
C CYS J 249 23.76 16.97 -29.85
N LYS J 250 22.69 16.22 -29.56
CA LYS J 250 21.41 16.25 -30.32
C LYS J 250 20.86 17.68 -30.30
N GLY J 251 20.24 18.12 -31.40
CA GLY J 251 19.66 19.47 -31.55
C GLY J 251 20.67 20.58 -31.29
N ASP J 252 21.96 20.29 -31.42
CA ASP J 252 23.06 21.28 -31.22
C ASP J 252 22.96 21.87 -29.81
N GLY J 253 22.73 21.00 -28.82
CA GLY J 253 22.58 21.37 -27.40
C GLY J 253 23.46 20.53 -26.49
N LEU J 254 24.31 21.19 -25.69
CA LEU J 254 25.16 20.56 -24.65
C LEU J 254 24.41 20.58 -23.31
N TYR J 255 24.22 19.41 -22.70
CA TYR J 255 23.50 19.23 -21.42
C TYR J 255 24.52 19.09 -20.27
N LEU J 256 24.57 20.12 -19.39
CA LEU J 256 25.35 20.14 -18.13
C LEU J 256 24.41 19.92 -16.94
N SER J 257 24.86 19.12 -15.97
CA SER J 257 24.18 18.85 -14.68
C SER J 257 25.22 18.90 -13.56
N SER J 258 24.78 19.32 -12.37
CA SER J 258 25.61 19.59 -11.17
C SER J 258 24.81 19.23 -9.93
N ALA J 259 25.50 18.78 -8.88
CA ALA J 259 24.96 18.59 -7.53
C ALA J 259 26.13 18.69 -6.55
N ASP J 260 26.30 19.85 -5.92
CA ASP J 260 27.42 20.10 -4.98
C ASP J 260 26.87 20.66 -3.67
N VAL J 261 26.39 19.75 -2.84
CA VAL J 261 25.95 19.99 -1.43
C VAL J 261 27.16 19.71 -0.54
N ALA J 262 27.88 20.75 -0.14
CA ALA J 262 29.19 20.67 0.54
C ALA J 262 29.04 20.04 1.92
N GLY J 263 27.83 20.14 2.48
CA GLY J 263 27.46 19.71 3.83
C GLY J 263 26.37 20.60 4.42
N THR J 264 26.28 20.67 5.74
CA THR J 264 25.30 21.53 6.46
C THR J 264 26.04 22.66 7.18
N PHE J 265 25.35 23.79 7.34
CA PHE J 265 25.72 24.88 8.28
C PHE J 265 24.94 24.67 9.59
N VAL J 266 25.63 24.61 10.72
CA VAL J 266 25.06 24.39 12.08
C VAL J 266 25.04 25.75 12.80
N GLN J 267 23.86 26.36 12.93
CA GLN J 267 23.72 27.72 13.50
C GLN J 267 23.83 27.68 15.02
N GLN J 268 24.57 28.64 15.58
CA GLN J 268 24.72 28.83 17.05
C GLN J 268 23.34 29.12 17.65
N THR J 269 23.11 28.68 18.89
CA THR J 269 21.93 29.02 19.71
C THR J 269 20.71 28.23 19.23
N SER J 270 20.26 28.41 17.99
CA SER J 270 19.13 27.63 17.42
C SER J 270 19.50 26.14 17.36
N GLN J 271 20.77 25.84 17.07
CA GLN J 271 21.32 24.48 16.80
C GLN J 271 20.55 23.83 15.64
N LYS J 272 20.02 24.65 14.73
CA LYS J 272 19.36 24.20 13.49
C LYS J 272 20.40 24.06 12.37
N GLN J 273 20.09 23.22 11.37
CA GLN J 273 21.01 22.84 10.27
C GLN J 273 20.41 23.30 8.94
N TYR J 274 21.28 23.81 8.08
CA TYR J 274 20.95 24.33 6.72
C TYR J 274 21.91 23.67 5.72
N TRP J 275 21.35 23.08 4.67
CA TRP J 275 22.15 22.58 3.51
C TRP J 275 22.91 23.76 2.89
N ARG J 276 24.18 23.55 2.55
CA ARG J 276 25.06 24.56 1.90
C ARG J 276 25.50 24.02 0.55
N GLY J 277 25.10 24.70 -0.54
CA GLY J 277 25.47 24.33 -1.91
C GLY J 277 26.62 25.17 -2.43
N LEU J 278 27.35 24.65 -3.42
CA LEU J 278 28.44 25.41 -4.07
C LEU J 278 28.25 25.34 -5.59
N PRO J 279 28.67 26.39 -6.33
CA PRO J 279 28.56 26.41 -7.78
C PRO J 279 29.67 25.57 -8.42
N ARG J 280 29.45 25.15 -9.67
CA ARG J 280 30.38 24.31 -10.46
C ARG J 280 30.68 24.98 -11.80
N TYR J 281 31.95 25.27 -12.07
CA TYR J 281 32.45 25.77 -13.37
C TYR J 281 32.65 24.58 -14.31
N PHE J 282 32.28 24.76 -15.58
CA PHE J 282 32.55 23.82 -16.69
C PHE J 282 33.33 24.53 -17.78
N ASN J 283 34.29 23.82 -18.37
CA ASN J 283 35.02 24.22 -19.60
C ASN J 283 35.07 23.00 -20.52
N ILE J 284 34.16 22.91 -21.48
CA ILE J 284 34.03 21.72 -22.37
C ILE J 284 34.69 22.04 -23.71
N THR J 285 35.45 21.09 -24.25
CA THR J 285 36.03 21.10 -25.62
C THR J 285 35.21 20.14 -26.49
N LEU J 286 34.70 20.64 -27.62
CA LEU J 286 33.92 19.84 -28.60
C LEU J 286 34.57 19.94 -29.98
N ARG J 287 34.35 18.91 -30.81
CA ARG J 287 34.84 18.80 -32.20
C ARG J 287 33.67 18.35 -33.07
N LYS J 288 33.66 18.70 -34.37
CA LYS J 288 32.59 18.29 -35.31
C LYS J 288 32.76 16.80 -35.60
N ARG J 289 31.67 16.04 -35.66
CA ARG J 289 31.68 14.58 -35.94
C ARG J 289 30.53 14.27 -36.90
N ALA J 290 30.78 13.36 -37.84
CA ALA J 290 29.84 12.97 -38.91
C ALA J 290 29.04 11.74 -38.47
N VAL J 291 27.76 11.72 -38.81
CA VAL J 291 26.80 10.62 -38.45
C VAL J 291 25.87 10.37 -39.63
N LYS J 292 25.42 9.12 -39.82
CA LYS J 292 24.69 8.66 -41.02
C LYS J 292 23.22 9.04 -40.85
N GLY K 25 -108.81 -11.97 59.85
CA GLY K 25 -110.25 -11.64 60.12
C GLY K 25 -110.79 -12.31 61.38
N ILE K 26 -109.88 -12.66 62.31
CA ILE K 26 -110.18 -13.25 63.65
C ILE K 26 -110.47 -12.12 64.64
N GLU K 27 -111.24 -12.35 65.71
CA GLU K 27 -111.35 -11.41 66.87
C GLU K 27 -110.33 -11.86 67.93
N VAL K 28 -109.33 -11.02 68.21
CA VAL K 28 -108.15 -11.37 69.08
C VAL K 28 -108.47 -10.94 70.52
N LEU K 29 -108.30 -11.86 71.47
CA LEU K 29 -108.63 -11.64 72.91
C LEU K 29 -107.34 -11.59 73.74
N ASP K 30 -107.42 -11.96 75.01
CA ASP K 30 -106.31 -11.85 76.02
C ASP K 30 -105.16 -12.79 75.63
N VAL K 31 -103.94 -12.41 76.00
CA VAL K 31 -102.74 -13.29 75.96
C VAL K 31 -102.82 -14.27 77.14
N LYS K 32 -103.07 -15.57 76.91
CA LYS K 32 -102.99 -16.58 78.00
C LYS K 32 -101.56 -16.54 78.55
N THR K 33 -101.39 -16.50 79.88
CA THR K 33 -100.08 -16.60 80.57
C THR K 33 -100.18 -17.69 81.64
N GLY K 34 -99.04 -18.26 82.02
CA GLY K 34 -98.95 -19.40 82.95
C GLY K 34 -97.78 -20.29 82.57
N PRO K 35 -97.64 -21.49 83.19
CA PRO K 35 -96.61 -22.44 82.75
C PRO K 35 -97.02 -23.03 81.40
N ASP K 36 -96.04 -23.28 80.52
CA ASP K 36 -96.23 -23.89 79.18
C ASP K 36 -97.17 -23.02 78.33
N SER K 37 -97.07 -21.69 78.47
CA SER K 37 -97.82 -20.69 77.65
C SER K 37 -96.92 -20.09 76.57
N THR K 38 -95.59 -20.29 76.66
CA THR K 38 -94.60 -19.90 75.64
C THR K 38 -93.79 -21.13 75.22
N THR K 39 -93.37 -21.16 73.95
CA THR K 39 -92.42 -22.16 73.38
C THR K 39 -91.54 -21.47 72.33
N THR K 40 -90.36 -22.02 72.09
CA THR K 40 -89.42 -21.57 71.02
C THR K 40 -89.22 -22.73 70.03
N ILE K 41 -89.23 -22.42 68.72
CA ILE K 41 -88.88 -23.40 67.65
C ILE K 41 -87.60 -22.92 66.95
N GLU K 42 -86.64 -23.86 66.77
CA GLU K 42 -85.42 -23.69 65.95
C GLU K 42 -85.62 -24.44 64.62
N ALA K 43 -85.28 -23.80 63.51
CA ALA K 43 -85.39 -24.37 62.15
C ALA K 43 -84.31 -23.75 61.26
N TYR K 44 -84.00 -24.40 60.14
CA TYR K 44 -83.20 -23.82 59.03
C TYR K 44 -83.90 -24.15 57.70
N LEU K 45 -83.78 -23.22 56.75
CA LEU K 45 -84.16 -23.44 55.34
C LEU K 45 -82.88 -23.38 54.50
N ASN K 46 -82.50 -24.53 53.91
CA ASN K 46 -81.41 -24.62 52.89
C ASN K 46 -81.93 -23.93 51.63
N PRO K 47 -81.03 -23.32 50.82
CA PRO K 47 -81.47 -22.55 49.66
C PRO K 47 -81.95 -23.47 48.53
N ARG K 48 -82.80 -22.94 47.64
CA ARG K 48 -83.31 -23.69 46.46
C ARG K 48 -83.02 -22.86 45.21
N VAL K 49 -81.75 -22.83 44.80
CA VAL K 49 -81.23 -22.01 43.68
C VAL K 49 -81.34 -22.80 42.37
N GLY K 50 -81.89 -24.02 42.40
CA GLY K 50 -82.13 -24.87 41.21
C GLY K 50 -81.59 -26.28 41.40
N GLN K 51 -80.55 -26.42 42.22
CA GLN K 51 -80.07 -27.71 42.78
C GLN K 51 -80.08 -27.58 44.30
N ASN K 52 -79.62 -28.61 45.01
CA ASN K 52 -79.81 -28.75 46.47
C ASN K 52 -78.50 -28.48 47.21
N TRP K 53 -77.39 -28.25 46.52
CA TRP K 53 -76.07 -28.12 47.18
C TRP K 53 -75.53 -26.71 47.02
N GLY K 54 -76.44 -25.74 46.88
CA GLY K 54 -76.16 -24.30 47.09
C GLY K 54 -75.71 -23.59 45.84
N PHE K 55 -75.55 -24.31 44.71
CA PHE K 55 -75.25 -23.73 43.39
C PHE K 55 -76.28 -24.18 42.36
N SER K 56 -76.70 -23.27 41.49
CA SER K 56 -77.46 -23.56 40.25
C SER K 56 -76.51 -24.20 39.22
N THR K 57 -77.07 -24.73 38.12
CA THR K 57 -76.30 -25.05 36.89
C THR K 57 -76.03 -23.73 36.18
N GLU K 58 -75.22 -23.73 35.11
CA GLU K 58 -74.80 -22.47 34.44
C GLU K 58 -76.03 -21.65 34.05
N ILE K 59 -75.92 -20.33 34.19
CA ILE K 59 -76.95 -19.38 33.72
C ILE K 59 -76.86 -19.32 32.19
N THR K 60 -77.99 -19.50 31.51
CA THR K 60 -78.09 -19.50 30.02
C THR K 60 -78.88 -18.27 29.56
N VAL K 61 -78.62 -17.81 28.35
CA VAL K 61 -79.28 -16.62 27.75
C VAL K 61 -79.62 -16.93 26.30
N ALA K 62 -80.88 -17.29 26.04
CA ALA K 62 -81.42 -17.47 24.67
C ALA K 62 -80.98 -16.29 23.79
N SER K 63 -80.68 -16.55 22.51
CA SER K 63 -80.43 -15.48 21.51
C SER K 63 -81.72 -14.70 21.29
N ASN K 64 -81.63 -13.39 21.07
CA ASN K 64 -82.82 -12.55 20.77
C ASN K 64 -83.67 -13.30 19.74
N GLY K 65 -85.00 -13.29 19.90
CA GLY K 65 -85.95 -13.92 18.96
C GLY K 65 -86.16 -15.40 19.21
N TYR K 66 -85.29 -16.05 19.97
CA TYR K 66 -85.43 -17.48 20.38
C TYR K 66 -86.25 -17.58 21.68
N ASN K 67 -86.85 -18.74 21.94
CA ASN K 67 -87.66 -19.00 23.16
C ASN K 67 -86.79 -18.73 24.40
N ASP K 68 -87.34 -18.00 25.38
CA ASP K 68 -86.73 -17.81 26.72
C ASP K 68 -87.16 -18.99 27.59
N ALA K 69 -86.40 -20.08 27.56
CA ALA K 69 -86.75 -21.35 28.23
C ALA K 69 -85.53 -21.84 29.00
N PRO K 70 -85.26 -21.25 30.18
CA PRO K 70 -84.12 -21.66 31.00
C PRO K 70 -84.35 -23.04 31.59
N HIS K 71 -83.25 -23.67 32.01
CA HIS K 71 -83.21 -25.02 32.64
C HIS K 71 -83.81 -24.95 34.04
N LEU K 72 -84.59 -25.96 34.42
CA LEU K 72 -85.10 -26.13 35.80
C LEU K 72 -83.98 -25.76 36.79
N THR K 73 -82.76 -26.26 36.58
CA THR K 73 -81.67 -26.21 37.57
C THR K 73 -80.91 -24.88 37.54
N GLU K 74 -81.43 -23.84 36.87
CA GLU K 74 -80.77 -22.51 36.85
C GLU K 74 -81.72 -21.42 37.39
N ILE K 75 -82.95 -21.81 37.76
CA ILE K 75 -83.99 -20.88 38.30
C ILE K 75 -84.02 -21.00 39.82
N PRO K 76 -83.52 -19.98 40.56
CA PRO K 76 -83.69 -19.95 42.02
C PRO K 76 -85.14 -19.73 42.45
N CYS K 77 -85.54 -20.45 43.50
CA CYS K 77 -86.90 -20.45 44.07
C CYS K 77 -86.88 -20.09 45.56
N TYR K 78 -88.03 -19.70 46.09
CA TYR K 78 -88.27 -19.52 47.55
C TYR K 78 -88.17 -20.88 48.24
N SER K 79 -87.38 -20.95 49.31
CA SER K 79 -87.41 -22.02 50.32
C SER K 79 -88.64 -21.79 51.21
N SER K 80 -89.34 -22.86 51.61
CA SER K 80 -90.51 -22.78 52.50
C SER K 80 -90.65 -24.07 53.30
N ALA K 81 -91.19 -23.98 54.50
CA ALA K 81 -91.51 -25.11 55.39
C ALA K 81 -92.68 -24.69 56.29
N ARG K 82 -93.52 -25.65 56.66
CA ARG K 82 -94.53 -25.51 57.75
C ARG K 82 -94.03 -26.38 58.90
N ILE K 83 -93.68 -25.76 60.04
CA ILE K 83 -93.31 -26.48 61.29
C ILE K 83 -94.62 -26.77 62.04
N SER K 84 -94.77 -28.02 62.49
CA SER K 84 -95.92 -28.49 63.33
C SER K 84 -95.70 -28.03 64.76
N LEU K 85 -96.67 -27.30 65.32
CA LEU K 85 -96.66 -26.77 66.71
C LEU K 85 -97.47 -27.73 67.59
N PRO K 86 -97.29 -27.71 68.94
CA PRO K 86 -98.12 -28.51 69.85
C PRO K 86 -99.61 -28.23 69.68
N LEU K 87 -100.46 -29.28 69.72
CA LEU K 87 -101.94 -29.15 69.60
C LEU K 87 -102.45 -28.37 70.81
N LEU K 88 -103.37 -27.42 70.60
CA LEU K 88 -103.88 -26.51 71.66
C LEU K 88 -105.32 -26.84 72.06
N ASN K 89 -106.23 -26.99 71.12
CA ASN K 89 -107.69 -27.07 71.38
C ASN K 89 -108.11 -28.53 71.28
N GLU K 90 -108.52 -29.18 72.39
CA GLU K 90 -109.10 -30.54 72.35
C GLU K 90 -110.47 -30.46 71.67
N ASP K 91 -111.27 -29.41 71.96
CA ASP K 91 -112.58 -29.18 71.31
C ASP K 91 -112.43 -28.04 70.31
N ILE K 92 -112.59 -28.30 69.01
CA ILE K 92 -112.60 -27.24 67.95
C ILE K 92 -113.92 -26.44 68.04
N THR K 93 -114.88 -26.89 68.85
CA THR K 93 -116.27 -26.35 68.90
C THR K 93 -116.45 -25.38 70.07
N SER K 94 -115.47 -25.25 70.97
CA SER K 94 -115.46 -24.23 72.07
C SER K 94 -115.54 -22.83 71.47
N PRO K 95 -116.29 -21.88 72.09
CA PRO K 95 -116.50 -20.55 71.51
C PRO K 95 -115.32 -19.58 71.71
N THR K 96 -114.29 -19.99 72.48
CA THR K 96 -112.96 -19.34 72.47
C THR K 96 -111.88 -20.40 72.21
N LEU K 97 -110.97 -20.12 71.29
CA LEU K 97 -109.87 -21.02 70.87
C LEU K 97 -108.55 -20.41 71.34
N LEU K 98 -107.51 -21.25 71.45
CA LEU K 98 -106.10 -20.82 71.61
C LEU K 98 -105.35 -21.05 70.29
N MET K 99 -104.67 -20.01 69.78
CA MET K 99 -103.72 -20.10 68.65
C MET K 99 -102.34 -19.69 69.17
N TRP K 100 -101.28 -20.31 68.64
CA TRP K 100 -99.89 -19.85 68.88
C TRP K 100 -99.67 -18.51 68.18
N GLU K 101 -99.04 -17.56 68.88
CA GLU K 101 -98.73 -16.20 68.39
C GLU K 101 -97.21 -16.06 68.31
N ALA K 102 -96.66 -15.90 67.11
CA ALA K 102 -95.22 -15.66 66.89
C ALA K 102 -94.89 -14.25 67.36
N VAL K 103 -94.03 -14.12 68.38
CA VAL K 103 -93.78 -12.81 69.05
C VAL K 103 -92.53 -12.19 68.43
N SER K 104 -91.45 -12.98 68.36
CA SER K 104 -90.10 -12.49 67.95
C SER K 104 -89.40 -13.56 67.10
N VAL K 105 -88.36 -13.16 66.38
CA VAL K 105 -87.48 -14.11 65.64
C VAL K 105 -86.03 -13.60 65.69
N LYS K 106 -85.12 -14.48 66.07
CA LYS K 106 -83.66 -14.36 65.83
C LYS K 106 -83.38 -15.13 64.53
N THR K 107 -82.94 -14.46 63.46
CA THR K 107 -82.66 -15.09 62.14
C THR K 107 -81.25 -14.73 61.68
N GLU K 108 -80.58 -15.65 61.01
CA GLU K 108 -79.15 -15.57 60.62
C GLU K 108 -78.99 -16.21 59.23
N VAL K 109 -78.17 -15.61 58.36
CA VAL K 109 -77.74 -16.24 57.08
C VAL K 109 -76.45 -17.02 57.38
N VAL K 110 -76.53 -18.35 57.32
CA VAL K 110 -75.40 -19.25 57.72
C VAL K 110 -74.42 -19.35 56.55
N GLY K 111 -73.12 -19.43 56.85
CA GLY K 111 -72.07 -19.73 55.87
C GLY K 111 -71.62 -18.52 55.08
N ILE K 112 -71.81 -17.31 55.63
CA ILE K 112 -71.29 -16.06 54.99
C ILE K 112 -69.77 -16.20 54.85
N SER K 113 -69.10 -16.74 55.86
CA SER K 113 -67.62 -16.89 55.90
C SER K 113 -67.13 -17.80 54.75
N SER K 114 -68.03 -18.62 54.18
CA SER K 114 -67.69 -19.57 53.07
C SER K 114 -67.19 -18.80 51.85
N MET K 115 -67.59 -17.53 51.71
CA MET K 115 -67.31 -16.67 50.53
C MET K 115 -65.87 -16.16 50.57
N LEU K 116 -65.20 -16.15 51.72
CA LEU K 116 -63.76 -15.76 51.79
C LEU K 116 -62.90 -16.91 51.25
N ASN K 117 -62.93 -17.08 49.93
CA ASN K 117 -62.36 -18.24 49.19
C ASN K 117 -61.96 -17.77 47.80
N MET K 118 -60.66 -17.62 47.56
CA MET K 118 -60.11 -17.11 46.28
C MET K 118 -59.27 -18.19 45.60
N HIS K 119 -59.51 -19.46 45.91
CA HIS K 119 -58.69 -20.61 45.41
C HIS K 119 -59.57 -21.69 44.76
N SER K 120 -60.90 -21.65 44.92
CA SER K 120 -61.80 -22.70 44.39
C SER K 120 -62.35 -22.29 43.00
N TYR K 121 -61.43 -22.20 42.03
CA TYR K 121 -61.67 -22.22 40.56
C TYR K 121 -62.35 -20.94 40.07
N GLY K 122 -62.30 -19.86 40.86
CA GLY K 122 -62.90 -18.58 40.47
C GLY K 122 -62.12 -17.95 39.33
N LEU K 123 -62.80 -17.22 38.43
CA LEU K 123 -62.15 -16.38 37.40
C LEU K 123 -61.09 -15.52 38.09
N ARG K 124 -59.84 -15.54 37.60
CA ARG K 124 -58.70 -14.96 38.34
C ARG K 124 -58.54 -13.48 37.99
N ALA K 125 -58.19 -12.67 39.00
CA ALA K 125 -58.05 -11.20 38.88
C ALA K 125 -56.67 -10.87 38.35
N PHE K 126 -56.49 -9.64 37.88
CA PHE K 126 -55.19 -9.06 37.43
C PHE K 126 -54.61 -9.96 36.33
N GLY K 127 -55.42 -10.17 35.28
CA GLY K 127 -55.05 -10.83 34.03
C GLY K 127 -54.65 -12.29 34.21
N GLY K 128 -55.17 -12.97 35.24
CA GLY K 128 -55.01 -14.42 35.45
C GLY K 128 -53.96 -14.77 36.48
N TYR K 129 -53.19 -13.79 36.97
CA TYR K 129 -52.07 -13.99 37.94
C TYR K 129 -52.56 -13.88 39.39
N GLY K 130 -53.68 -13.16 39.61
CA GLY K 130 -54.28 -12.99 40.94
C GLY K 130 -55.08 -14.19 41.38
N GLY K 131 -55.85 -14.06 42.47
CA GLY K 131 -56.74 -15.10 43.03
C GLY K 131 -58.11 -15.11 42.34
N GLY K 132 -58.93 -16.11 42.64
CA GLY K 132 -60.27 -16.29 42.07
C GLY K 132 -61.25 -15.27 42.62
N TYR K 133 -62.20 -14.84 41.78
CA TYR K 133 -63.34 -13.97 42.17
C TYR K 133 -64.14 -14.69 43.27
N THR K 134 -64.30 -14.03 44.42
CA THR K 134 -65.31 -14.36 45.45
C THR K 134 -66.69 -14.13 44.84
N ILE K 135 -67.71 -14.78 45.39
CA ILE K 135 -69.11 -14.61 44.90
C ILE K 135 -69.37 -13.12 44.73
N GLU K 136 -69.99 -12.72 43.62
CA GLU K 136 -70.41 -11.33 43.37
C GLU K 136 -71.59 -11.30 42.39
N GLY K 137 -72.12 -10.08 42.17
CA GLY K 137 -73.24 -9.82 41.26
C GLY K 137 -74.51 -9.50 42.02
N SER K 138 -75.63 -9.44 41.30
CA SER K 138 -76.98 -9.15 41.84
C SER K 138 -77.33 -10.24 42.87
N HIS K 139 -77.98 -9.84 43.97
CA HIS K 139 -78.34 -10.73 45.11
C HIS K 139 -79.67 -10.28 45.72
N ILE K 140 -80.35 -11.22 46.39
CA ILE K 140 -81.59 -10.96 47.18
C ILE K 140 -81.48 -11.71 48.51
N HIS K 141 -81.85 -11.04 49.60
CA HIS K 141 -81.96 -11.64 50.94
C HIS K 141 -83.35 -11.34 51.49
N PHE K 142 -84.06 -12.38 51.90
CA PHE K 142 -85.49 -12.28 52.27
C PHE K 142 -85.90 -13.42 53.21
N PHE K 143 -86.70 -13.10 54.22
CA PHE K 143 -87.33 -14.11 55.10
C PHE K 143 -88.72 -13.63 55.54
N SER K 144 -89.61 -14.57 55.79
CA SER K 144 -90.95 -14.29 56.35
C SER K 144 -91.27 -15.31 57.44
N VAL K 145 -91.96 -14.85 58.49
CA VAL K 145 -92.63 -15.70 59.52
C VAL K 145 -94.13 -15.38 59.45
N GLY K 146 -94.95 -16.43 59.47
CA GLY K 146 -96.39 -16.30 59.21
C GLY K 146 -97.20 -17.39 59.87
N GLY K 147 -98.50 -17.11 60.06
CA GLY K 147 -99.47 -18.06 60.64
C GLY K 147 -100.17 -18.86 59.57
N GLU K 148 -99.77 -18.66 58.32
CA GLU K 148 -100.36 -19.34 57.14
C GLU K 148 -99.41 -19.16 55.98
N PRO K 149 -99.64 -19.89 54.86
CA PRO K 149 -98.84 -19.69 53.65
C PRO K 149 -98.68 -18.22 53.26
N LEU K 150 -97.48 -17.84 52.82
CA LEU K 150 -97.15 -16.45 52.40
C LEU K 150 -97.88 -16.16 51.09
N ASP K 151 -98.58 -15.02 51.00
CA ASP K 151 -99.31 -14.59 49.78
C ASP K 151 -98.31 -14.02 48.77
N LEU K 152 -98.36 -14.51 47.53
CA LEU K 152 -97.45 -14.15 46.41
C LEU K 152 -98.26 -13.41 45.32
N GLN K 153 -97.72 -12.28 44.86
CA GLN K 153 -98.21 -11.52 43.68
C GLN K 153 -97.29 -11.83 42.50
N GLY K 154 -97.88 -12.09 41.33
CA GLY K 154 -97.14 -12.36 40.08
C GLY K 154 -96.60 -11.08 39.47
N LEU K 155 -95.27 -11.02 39.30
CA LEU K 155 -94.61 -9.97 38.49
C LEU K 155 -93.23 -10.49 38.07
N MET K 156 -92.93 -10.37 36.77
CA MET K 156 -91.73 -10.95 36.10
C MET K 156 -91.20 -9.96 35.06
N GLN K 157 -89.94 -10.13 34.65
CA GLN K 157 -89.24 -9.25 33.67
C GLN K 157 -89.75 -9.56 32.25
N ASN K 158 -90.03 -10.83 31.94
CA ASN K 158 -90.41 -11.28 30.58
C ASN K 158 -91.63 -12.21 30.67
N HIS K 159 -92.81 -11.73 30.26
CA HIS K 159 -94.08 -12.49 30.37
C HIS K 159 -93.97 -13.83 29.63
N SER K 160 -93.14 -13.90 28.59
CA SER K 160 -93.06 -15.06 27.67
C SER K 160 -92.18 -16.17 28.28
N THR K 161 -91.45 -15.89 29.36
CA THR K 161 -90.52 -16.88 29.96
C THR K 161 -91.27 -18.21 30.16
N GLN K 162 -90.62 -19.32 29.84
CA GLN K 162 -91.21 -20.70 29.95
C GLN K 162 -90.51 -21.43 31.09
N TYR K 163 -91.23 -21.67 32.20
CA TYR K 163 -90.69 -22.39 33.37
C TYR K 163 -90.96 -23.88 33.21
N PRO K 164 -89.91 -24.73 33.26
CA PRO K 164 -90.11 -26.18 33.21
C PRO K 164 -90.93 -26.68 34.41
N SER K 165 -91.72 -27.73 34.22
CA SER K 165 -92.34 -28.51 35.32
C SER K 165 -91.22 -29.10 36.18
N PRO K 166 -91.37 -29.17 37.53
CA PRO K 166 -92.59 -28.81 38.24
C PRO K 166 -92.73 -27.36 38.74
N LEU K 167 -91.88 -26.43 38.29
CA LEU K 167 -91.94 -25.00 38.70
C LEU K 167 -93.31 -24.43 38.35
N VAL K 168 -93.75 -23.42 39.09
CA VAL K 168 -95.05 -22.73 38.89
C VAL K 168 -94.77 -21.24 38.70
N GLY K 169 -95.33 -20.65 37.65
CA GLY K 169 -95.22 -19.23 37.33
C GLY K 169 -96.59 -18.60 37.13
N PRO K 170 -96.67 -17.26 37.05
CA PRO K 170 -97.95 -16.59 36.91
C PRO K 170 -98.67 -17.10 35.66
N LYS K 171 -99.91 -17.57 35.83
CA LYS K 171 -100.82 -17.97 34.75
C LYS K 171 -102.19 -17.38 35.08
N LYS K 172 -102.92 -16.87 34.08
CA LYS K 172 -104.38 -16.59 34.20
C LYS K 172 -105.11 -17.91 34.42
N PRO K 173 -106.42 -17.92 34.73
CA PRO K 173 -107.15 -19.18 34.88
C PRO K 173 -107.10 -20.07 33.63
N ASP K 174 -107.02 -19.46 32.44
CA ASP K 174 -107.05 -20.15 31.12
C ASP K 174 -105.68 -20.77 30.77
N GLY K 175 -104.61 -20.47 31.50
CA GLY K 175 -103.26 -21.03 31.27
C GLY K 175 -102.28 -20.04 30.63
N THR K 176 -102.80 -18.99 29.97
CA THR K 176 -102.04 -17.91 29.29
C THR K 176 -101.27 -17.07 30.31
N THR K 177 -100.38 -16.19 29.82
CA THR K 177 -99.59 -15.22 30.62
C THR K 177 -99.31 -14.00 29.72
N ASP K 178 -100.13 -12.96 29.81
CA ASP K 178 -100.05 -11.79 28.89
C ASP K 178 -99.01 -10.77 29.40
N ASP K 179 -98.93 -9.61 28.75
CA ASP K 179 -97.90 -8.57 28.99
C ASP K 179 -98.10 -7.94 30.38
N SER K 180 -99.31 -8.00 30.94
CA SER K 180 -99.67 -7.36 32.24
C SER K 180 -98.84 -7.96 33.38
N ALA K 181 -98.38 -9.19 33.24
CA ALA K 181 -97.56 -9.91 34.25
C ALA K 181 -96.17 -9.25 34.43
N GLN K 182 -95.87 -8.19 33.66
CA GLN K 182 -94.61 -7.42 33.80
C GLN K 182 -94.85 -6.23 34.73
N VAL K 183 -96.13 -5.96 35.03
CA VAL K 183 -96.54 -4.93 36.01
C VAL K 183 -97.48 -5.62 37.03
N LEU K 184 -98.30 -4.85 37.74
CA LEU K 184 -99.27 -5.44 38.72
C LEU K 184 -100.58 -5.72 37.98
N ASN K 185 -100.95 -7.00 37.93
CA ASN K 185 -102.32 -7.44 37.58
C ASN K 185 -102.79 -8.41 38.66
N PRO K 186 -103.81 -8.02 39.46
CA PRO K 186 -104.31 -8.85 40.55
C PRO K 186 -104.66 -10.30 40.15
N ILE K 187 -104.87 -10.57 38.86
CA ILE K 187 -105.24 -11.93 38.36
C ILE K 187 -104.12 -12.92 38.69
N TYR K 188 -102.87 -12.46 38.84
CA TYR K 188 -101.68 -13.33 39.05
C TYR K 188 -101.33 -13.36 40.54
N LYS K 189 -101.90 -14.33 41.27
CA LYS K 189 -101.69 -14.51 42.72
C LYS K 189 -101.50 -16.00 43.02
N ALA K 190 -100.80 -16.29 44.10
CA ALA K 190 -100.48 -17.67 44.50
C ALA K 190 -100.09 -17.68 45.98
N LYS K 191 -100.19 -18.85 46.61
CA LYS K 191 -99.76 -19.09 47.99
C LYS K 191 -98.47 -19.90 47.92
N LEU K 192 -97.43 -19.46 48.63
CA LEU K 192 -96.13 -20.15 48.72
C LEU K 192 -96.30 -21.44 49.53
N ASP K 193 -96.84 -22.48 48.90
CA ASP K 193 -97.33 -23.71 49.60
C ASP K 193 -96.45 -24.92 49.28
N LYS K 194 -95.29 -24.73 48.66
CA LYS K 194 -94.36 -25.83 48.29
C LYS K 194 -92.94 -25.27 48.15
N ASP K 195 -91.97 -25.93 48.79
CA ASP K 195 -90.52 -25.61 48.72
C ASP K 195 -90.06 -25.75 47.26
N ALA K 196 -89.05 -24.97 46.88
CA ALA K 196 -88.25 -25.17 45.64
C ALA K 196 -89.14 -25.18 44.40
N THR K 197 -90.25 -24.43 44.41
CA THR K 197 -91.30 -24.52 43.36
C THR K 197 -91.62 -23.15 42.74
N TYR K 198 -91.67 -22.09 43.55
CA TYR K 198 -92.06 -20.74 43.09
C TYR K 198 -90.79 -19.94 42.81
N PRO K 199 -90.50 -19.61 41.54
CA PRO K 199 -89.30 -18.84 41.21
C PRO K 199 -89.34 -17.45 41.85
N ILE K 200 -88.22 -17.03 42.42
CA ILE K 200 -88.02 -15.66 42.99
C ILE K 200 -88.34 -14.62 41.91
N GLU K 201 -88.08 -14.93 40.63
CA GLU K 201 -88.05 -13.91 39.54
C GLU K 201 -89.46 -13.56 39.05
N CYS K 202 -90.49 -14.36 39.35
CA CYS K 202 -91.87 -14.12 38.85
C CYS K 202 -92.86 -13.92 40.01
N TRP K 203 -92.41 -14.07 41.25
CA TRP K 203 -93.26 -13.99 42.48
C TRP K 203 -92.62 -13.08 43.53
N CYS K 204 -93.33 -12.04 43.98
CA CYS K 204 -92.93 -11.20 45.14
C CYS K 204 -93.99 -11.34 46.23
N PRO K 205 -93.68 -11.03 47.50
CA PRO K 205 -94.69 -11.00 48.55
C PRO K 205 -95.77 -9.97 48.20
N ASP K 206 -97.04 -10.38 48.31
CA ASP K 206 -98.25 -9.56 47.99
C ASP K 206 -98.49 -8.59 49.13
N PRO K 207 -98.27 -7.28 48.94
CA PRO K 207 -98.49 -6.30 50.00
C PRO K 207 -99.97 -5.98 50.25
N SER K 208 -100.87 -6.45 49.38
CA SER K 208 -102.35 -6.29 49.50
C SER K 208 -102.91 -7.35 50.46
N ARG K 209 -102.12 -8.35 50.81
CA ARG K 209 -102.54 -9.47 51.70
C ARG K 209 -101.48 -9.66 52.79
N ASN K 210 -101.14 -10.90 53.14
CA ASN K 210 -100.12 -11.23 54.15
C ASN K 210 -100.42 -10.50 55.48
N GLU K 211 -101.69 -10.29 55.81
CA GLU K 211 -102.10 -9.65 57.10
C GLU K 211 -101.54 -10.48 58.25
N ASN K 212 -101.50 -11.82 58.10
CA ASN K 212 -101.09 -12.78 59.16
C ASN K 212 -99.67 -13.28 58.90
N SER K 213 -98.83 -12.50 58.22
CA SER K 213 -97.40 -12.80 57.95
C SER K 213 -96.56 -11.52 58.06
N ARG K 214 -95.31 -11.67 58.52
CA ARG K 214 -94.31 -10.57 58.53
C ARG K 214 -93.17 -10.96 57.59
N TYR K 215 -92.90 -10.14 56.56
CA TYR K 215 -91.84 -10.42 55.56
C TYR K 215 -90.91 -9.21 55.46
N PHE K 216 -89.65 -9.51 55.11
CA PHE K 216 -88.51 -8.56 55.04
C PHE K 216 -87.56 -8.98 53.93
N GLY K 217 -87.35 -8.11 52.94
CA GLY K 217 -86.53 -8.42 51.74
C GLY K 217 -85.70 -7.24 51.30
N SER K 218 -84.51 -7.53 50.77
CA SER K 218 -83.58 -6.53 50.21
C SER K 218 -82.89 -7.12 48.97
N TYR K 219 -83.08 -6.48 47.81
CA TYR K 219 -82.41 -6.82 46.52
C TYR K 219 -81.39 -5.73 46.18
N THR K 220 -80.21 -6.17 45.74
CA THR K 220 -79.15 -5.32 45.15
C THR K 220 -78.83 -5.88 43.76
N GLY K 221 -78.73 -5.01 42.75
CA GLY K 221 -78.43 -5.38 41.36
C GLY K 221 -76.96 -5.23 41.02
N GLY K 222 -76.65 -5.09 39.73
CA GLY K 222 -75.29 -4.84 39.22
C GLY K 222 -74.58 -6.12 38.81
N VAL K 223 -73.54 -5.99 38.00
CA VAL K 223 -72.86 -7.12 37.32
C VAL K 223 -71.88 -7.79 38.28
N GLU K 224 -71.08 -6.97 38.98
CA GLU K 224 -69.96 -7.40 39.85
C GLU K 224 -70.12 -6.84 41.25
N THR K 225 -71.35 -6.51 41.66
CA THR K 225 -71.66 -5.86 42.95
C THR K 225 -71.16 -6.74 44.10
N PRO K 226 -70.41 -6.20 45.07
CA PRO K 226 -69.89 -7.02 46.16
C PRO K 226 -71.02 -7.27 47.16
N PRO K 227 -71.23 -8.51 47.63
CA PRO K 227 -72.20 -8.78 48.68
C PRO K 227 -71.66 -8.23 50.02
N VAL K 228 -72.53 -7.64 50.82
CA VAL K 228 -72.25 -7.18 52.22
C VAL K 228 -73.25 -7.88 53.13
N LEU K 229 -72.76 -8.78 53.98
CA LEU K 229 -73.61 -9.60 54.89
C LEU K 229 -72.99 -9.60 56.29
N SER K 230 -73.81 -9.37 57.31
CA SER K 230 -73.42 -9.36 58.74
C SER K 230 -74.01 -10.57 59.45
N PHE K 231 -73.39 -11.00 60.55
CA PHE K 231 -73.88 -12.15 61.36
C PHE K 231 -73.57 -11.89 62.84
N THR K 232 -74.54 -12.23 63.70
CA THR K 232 -74.50 -12.01 65.18
C THR K 232 -75.60 -12.86 65.84
N ASN K 233 -75.39 -13.28 67.09
CA ASN K 233 -76.44 -13.97 67.89
C ASN K 233 -77.12 -12.96 68.83
N THR K 234 -76.89 -11.66 68.65
CA THR K 234 -77.38 -10.59 69.56
C THR K 234 -78.52 -9.79 68.92
N SER K 235 -79.14 -10.26 67.84
CA SER K 235 -80.17 -9.48 67.10
C SER K 235 -81.50 -10.21 67.11
N THR K 236 -82.57 -9.49 67.46
CA THR K 236 -83.96 -10.00 67.57
C THR K 236 -84.90 -9.06 66.81
N THR K 237 -85.84 -9.63 66.05
CA THR K 237 -86.86 -8.87 65.30
C THR K 237 -88.22 -9.14 65.96
N ILE K 238 -88.91 -8.08 66.38
CA ILE K 238 -90.28 -8.18 66.95
C ILE K 238 -91.23 -8.40 65.76
N LEU K 239 -92.18 -9.33 65.90
CA LEU K 239 -93.15 -9.70 64.83
C LEU K 239 -94.54 -9.14 65.15
N LEU K 240 -94.69 -8.47 66.31
CA LEU K 240 -95.97 -7.83 66.70
C LEU K 240 -96.23 -6.63 65.80
N ASP K 241 -97.48 -6.44 65.39
CA ASP K 241 -97.91 -5.33 64.49
C ASP K 241 -98.18 -4.08 65.35
N GLU K 242 -98.72 -3.03 64.71
CA GLU K 242 -99.02 -1.71 65.35
C GLU K 242 -99.97 -1.90 66.55
N ASN K 243 -100.73 -3.02 66.61
CA ASN K 243 -101.70 -3.33 67.69
C ASN K 243 -101.19 -4.44 68.62
N GLY K 244 -99.88 -4.73 68.64
CA GLY K 244 -99.28 -5.72 69.56
C GLY K 244 -99.69 -7.16 69.25
N VAL K 245 -100.21 -7.44 68.05
CA VAL K 245 -100.60 -8.82 67.62
C VAL K 245 -99.54 -9.36 66.66
N GLY K 246 -99.02 -10.56 66.97
CA GLY K 246 -98.11 -11.31 66.08
C GLY K 246 -98.87 -12.22 65.11
N PRO K 247 -98.18 -12.88 64.18
CA PRO K 247 -98.80 -13.91 63.35
C PRO K 247 -99.45 -14.99 64.22
N LEU K 248 -100.72 -15.30 63.93
CA LEU K 248 -101.50 -16.36 64.61
C LEU K 248 -101.48 -17.63 63.75
N CYS K 249 -100.87 -18.70 64.25
CA CYS K 249 -100.63 -19.97 63.52
C CYS K 249 -101.92 -20.79 63.36
N LYS K 250 -102.63 -20.60 62.25
CA LYS K 250 -103.82 -21.41 61.86
C LYS K 250 -103.38 -22.88 61.76
N GLY K 251 -104.28 -23.80 62.14
CA GLY K 251 -104.02 -25.25 62.12
C GLY K 251 -102.78 -25.65 62.90
N ASP K 252 -102.36 -24.83 63.86
CA ASP K 252 -101.18 -25.09 64.74
C ASP K 252 -99.94 -25.31 63.86
N GLY K 253 -99.77 -24.46 62.85
CA GLY K 253 -98.65 -24.51 61.87
C GLY K 253 -97.95 -23.17 61.72
N LEU K 254 -96.63 -23.14 61.94
CA LEU K 254 -95.76 -21.96 61.72
C LEU K 254 -95.17 -22.04 60.30
N TYR K 255 -95.39 -21.01 59.48
CA TYR K 255 -94.94 -20.91 58.07
C TYR K 255 -93.66 -20.05 58.01
N LEU K 256 -92.52 -20.68 57.71
CA LEU K 256 -91.21 -20.04 57.42
C LEU K 256 -90.94 -20.03 55.91
N SER K 257 -90.41 -18.92 55.42
CA SER K 257 -89.96 -18.73 54.01
C SER K 257 -88.61 -18.01 54.02
N SER K 258 -87.78 -18.30 53.01
CA SER K 258 -86.38 -17.83 52.87
C SER K 258 -86.07 -17.64 51.38
N ALA K 259 -85.21 -16.68 51.07
CA ALA K 259 -84.61 -16.48 49.73
C ALA K 259 -83.28 -15.75 49.92
N ASP K 260 -82.17 -16.49 49.90
CA ASP K 260 -80.82 -15.92 50.13
C ASP K 260 -79.89 -16.36 49.00
N VAL K 261 -80.00 -15.64 47.88
CA VAL K 261 -79.10 -15.75 46.69
C VAL K 261 -78.00 -14.70 46.89
N ALA K 262 -76.83 -15.13 47.38
CA ALA K 262 -75.73 -14.25 47.85
C ALA K 262 -75.13 -13.49 46.68
N GLY K 263 -75.30 -14.03 45.47
CA GLY K 263 -74.74 -13.54 44.20
C GLY K 263 -74.42 -14.68 43.25
N THR K 264 -73.49 -14.49 42.33
CA THR K 264 -73.05 -15.52 41.35
C THR K 264 -71.62 -15.93 41.65
N PHE K 265 -71.29 -17.19 41.32
CA PHE K 265 -69.91 -17.70 41.19
C PHE K 265 -69.48 -17.61 39.73
N VAL K 266 -68.35 -16.95 39.46
CA VAL K 266 -67.80 -16.74 38.07
C VAL K 266 -66.64 -17.72 37.90
N GLN K 267 -66.84 -18.77 37.11
CA GLN K 267 -65.85 -19.86 36.95
C GLN K 267 -64.73 -19.41 36.00
N GLN K 268 -63.48 -19.72 36.36
CA GLN K 268 -62.28 -19.46 35.53
C GLN K 268 -62.41 -20.25 34.21
N THR K 269 -61.88 -19.70 33.12
CA THR K 269 -61.72 -20.37 31.81
C THR K 269 -63.07 -20.40 31.09
N SER K 270 -64.09 -21.07 31.64
CA SER K 270 -65.45 -21.10 31.04
C SER K 270 -66.04 -19.68 31.01
N GLN K 271 -65.74 -18.88 32.04
CA GLN K 271 -66.33 -17.53 32.29
C GLN K 271 -67.85 -17.63 32.38
N LYS K 272 -68.37 -18.79 32.79
CA LYS K 272 -69.81 -19.03 33.06
C LYS K 272 -70.12 -18.65 34.51
N GLN K 273 -71.40 -18.34 34.76
CA GLN K 273 -71.89 -17.84 36.07
C GLN K 273 -72.92 -18.83 36.64
N TYR K 274 -72.82 -19.04 37.95
CA TYR K 274 -73.69 -19.95 38.73
C TYR K 274 -74.24 -19.16 39.93
N TRP K 275 -75.56 -19.18 40.11
CA TRP K 275 -76.23 -18.65 41.32
C TRP K 275 -75.70 -19.41 42.55
N ARG K 276 -75.41 -18.68 43.63
CA ARG K 276 -74.92 -19.25 44.91
C ARG K 276 -75.92 -18.90 46.01
N GLY K 277 -76.56 -19.91 46.59
CA GLY K 277 -77.53 -19.74 47.68
C GLY K 277 -76.90 -19.99 49.05
N LEU K 278 -77.48 -19.42 50.10
CA LEU K 278 -77.04 -19.65 51.49
C LEU K 278 -78.24 -20.04 52.34
N PRO K 279 -78.03 -20.89 53.39
CA PRO K 279 -79.11 -21.29 54.27
C PRO K 279 -79.42 -20.18 55.30
N ARG K 280 -80.63 -20.23 55.86
CA ARG K 280 -81.12 -19.24 56.86
C ARG K 280 -81.60 -19.98 58.11
N TYR K 281 -81.00 -19.65 59.27
CA TYR K 281 -81.42 -20.11 60.61
C TYR K 281 -82.59 -19.26 61.08
N PHE K 282 -83.57 -19.91 61.71
CA PHE K 282 -84.70 -19.24 62.41
C PHE K 282 -84.72 -19.71 63.87
N ASN K 283 -85.01 -18.78 64.76
CA ASN K 283 -85.33 -19.05 66.20
C ASN K 283 -86.56 -18.22 66.54
N ILE K 284 -87.74 -18.82 66.52
CA ILE K 284 -89.02 -18.09 66.74
C ILE K 284 -89.49 -18.36 68.17
N THR K 285 -89.95 -17.31 68.86
CA THR K 285 -90.62 -17.38 70.17
C THR K 285 -92.13 -17.15 69.96
N LEU K 286 -92.94 -18.08 70.45
CA LEU K 286 -94.42 -18.00 70.38
C LEU K 286 -95.03 -18.10 71.78
N ARG K 287 -96.22 -17.53 71.96
CA ARG K 287 -97.00 -17.51 73.21
C ARG K 287 -98.45 -17.88 72.87
N LYS K 288 -99.20 -18.48 73.80
CA LYS K 288 -100.61 -18.87 73.57
C LYS K 288 -101.45 -17.58 73.57
N ARG K 289 -102.42 -17.48 72.67
CA ARG K 289 -103.31 -16.30 72.53
C ARG K 289 -104.73 -16.79 72.29
N ALA K 290 -105.71 -16.12 72.89
CA ALA K 290 -107.15 -16.46 72.85
C ALA K 290 -107.82 -15.69 71.73
N VAL K 291 -108.74 -16.35 71.01
CA VAL K 291 -109.48 -15.76 69.85
C VAL K 291 -110.93 -16.26 69.90
N LYS K 292 -111.87 -15.44 69.42
CA LYS K 292 -113.29 -15.85 69.19
C LYS K 292 -113.38 -16.75 67.95
N ILE L 26 -76.77 -24.09 83.26
CA ILE L 26 -76.59 -23.68 84.71
C ILE L 26 -77.76 -22.79 85.14
N GLU L 27 -78.13 -22.81 86.43
CA GLU L 27 -79.20 -21.95 87.02
C GLU L 27 -78.54 -20.68 87.58
N VAL L 28 -78.87 -19.52 87.03
CA VAL L 28 -78.17 -18.22 87.30
C VAL L 28 -78.86 -17.49 88.45
N LEU L 29 -78.09 -17.08 89.46
CA LEU L 29 -78.60 -16.44 90.70
C LEU L 29 -78.16 -14.96 90.74
N ASP L 30 -78.02 -14.40 91.93
CA ASP L 30 -77.72 -12.96 92.18
C ASP L 30 -76.32 -12.61 91.66
N VAL L 31 -76.13 -11.36 91.24
CA VAL L 31 -74.81 -10.75 90.96
C VAL L 31 -74.12 -10.45 92.29
N LYS L 32 -73.06 -11.17 92.67
CA LYS L 32 -72.25 -10.80 93.86
C LYS L 32 -71.70 -9.39 93.63
N THR L 33 -71.82 -8.49 94.62
CA THR L 33 -71.21 -7.14 94.59
C THR L 33 -70.42 -6.94 95.88
N GLY L 34 -69.44 -6.04 95.86
CA GLY L 34 -68.50 -5.80 96.97
C GLY L 34 -67.14 -5.41 96.42
N PRO L 35 -66.09 -5.32 97.27
CA PRO L 35 -64.74 -5.11 96.77
C PRO L 35 -64.25 -6.40 96.08
N ASP L 36 -63.46 -6.24 95.01
CA ASP L 36 -62.86 -7.36 94.23
C ASP L 36 -63.97 -8.25 93.65
N SER L 37 -65.10 -7.67 93.25
CA SER L 37 -66.23 -8.38 92.60
C SER L 37 -66.23 -8.13 91.08
N THR L 38 -65.47 -7.13 90.61
CA THR L 38 -65.25 -6.84 89.17
C THR L 38 -63.74 -6.86 88.87
N THR L 39 -63.37 -7.27 87.65
CA THR L 39 -62.00 -7.21 87.11
C THR L 39 -62.08 -6.91 85.60
N THR L 40 -61.01 -6.34 85.05
CA THR L 40 -60.87 -6.11 83.58
C THR L 40 -59.65 -6.90 83.08
N ILE L 41 -59.78 -7.56 81.93
CA ILE L 41 -58.65 -8.26 81.23
C ILE L 41 -58.39 -7.56 79.89
N GLU L 42 -57.10 -7.32 79.60
CA GLU L 42 -56.59 -6.83 78.29
C GLU L 42 -55.94 -8.02 77.57
N ALA L 43 -56.23 -8.18 76.27
CA ALA L 43 -55.63 -9.22 75.41
C ALA L 43 -55.60 -8.73 73.97
N TYR L 44 -54.77 -9.34 73.13
CA TYR L 44 -54.77 -9.16 71.65
C TYR L 44 -54.68 -10.53 70.98
N LEU L 45 -55.33 -10.65 69.83
CA LEU L 45 -55.18 -11.80 68.92
C LEU L 45 -54.54 -11.30 67.63
N ASN L 46 -53.30 -11.75 67.35
CA ASN L 46 -52.61 -11.55 66.06
C ASN L 46 -53.34 -12.40 65.02
N PRO L 47 -53.38 -11.98 63.74
CA PRO L 47 -54.13 -12.70 62.72
C PRO L 47 -53.45 -14.02 62.34
N ARG L 48 -54.22 -14.97 61.82
CA ARG L 48 -53.69 -16.28 61.33
C ARG L 48 -54.18 -16.48 59.90
N VAL L 49 -53.57 -15.73 58.98
CA VAL L 49 -53.93 -15.71 57.54
C VAL L 49 -53.15 -16.81 56.79
N GLY L 50 -52.34 -17.62 57.49
CA GLY L 50 -51.59 -18.75 56.95
C GLY L 50 -50.12 -18.69 57.33
N GLN L 51 -49.60 -17.49 57.55
CA GLN L 51 -48.29 -17.26 58.24
C GLN L 51 -48.56 -16.34 59.43
N ASN L 52 -47.52 -15.95 60.15
CA ASN L 52 -47.64 -15.32 61.49
C ASN L 52 -47.35 -13.82 61.41
N TRP L 53 -46.94 -13.29 60.27
CA TRP L 53 -46.50 -11.88 60.17
C TRP L 53 -47.46 -11.10 59.26
N GLY L 54 -48.72 -11.53 59.22
CA GLY L 54 -49.87 -10.72 58.77
C GLY L 54 -50.16 -10.86 57.29
N PHE L 55 -49.34 -11.61 56.56
CA PHE L 55 -49.56 -11.94 55.13
C PHE L 55 -49.54 -13.46 54.93
N SER L 56 -50.45 -13.96 54.09
CA SER L 56 -50.42 -15.34 53.56
C SER L 56 -49.32 -15.44 52.50
N THR L 57 -48.99 -16.65 52.05
CA THR L 57 -48.23 -16.88 50.80
C THR L 57 -49.19 -16.64 49.63
N GLU L 58 -48.68 -16.62 48.39
CA GLU L 58 -49.50 -16.26 47.20
C GLU L 58 -50.76 -17.14 47.16
N ILE L 59 -51.88 -16.53 46.77
CA ILE L 59 -53.17 -17.25 46.54
C ILE L 59 -53.01 -18.01 45.23
N THR L 60 -53.31 -19.31 45.25
CA THR L 60 -53.20 -20.22 44.08
C THR L 60 -54.60 -20.65 43.64
N VAL L 61 -54.76 -20.99 42.36
CA VAL L 61 -56.06 -21.41 41.77
C VAL L 61 -55.80 -22.60 40.84
N ALA L 62 -56.07 -23.82 41.33
CA ALA L 62 -56.04 -25.05 40.54
C ALA L 62 -56.77 -24.81 39.21
N SER L 63 -56.26 -25.41 38.12
CA SER L 63 -56.97 -25.41 36.81
C SER L 63 -58.24 -26.24 36.95
N ASN L 64 -59.33 -25.85 36.28
CA ASN L 64 -60.59 -26.63 36.31
C ASN L 64 -60.24 -28.11 36.11
N GLY L 65 -60.89 -29.01 36.86
CA GLY L 65 -60.70 -30.47 36.72
C GLY L 65 -59.51 -31.01 37.51
N TYR L 66 -58.61 -30.13 37.98
CA TYR L 66 -57.48 -30.50 38.89
C TYR L 66 -57.96 -30.41 40.35
N ASN L 67 -57.26 -31.11 41.26
CA ASN L 67 -57.55 -31.10 42.71
C ASN L 67 -57.49 -29.65 43.22
N ASP L 68 -58.50 -29.24 44.01
CA ASP L 68 -58.50 -27.97 44.77
C ASP L 68 -57.76 -28.20 46.08
N ALA L 69 -56.44 -28.03 46.09
CA ALA L 69 -55.56 -28.36 47.23
C ALA L 69 -54.63 -27.17 47.47
N PRO L 70 -55.12 -26.10 48.13
CA PRO L 70 -54.31 -24.92 48.39
C PRO L 70 -53.26 -25.23 49.47
N HIS L 71 -52.23 -24.39 49.51
CA HIS L 71 -51.10 -24.47 50.48
C HIS L 71 -51.59 -24.10 51.88
N LEU L 72 -51.12 -24.83 52.89
CA LEU L 72 -51.33 -24.47 54.32
C LEU L 72 -51.23 -22.96 54.49
N THR L 73 -50.20 -22.33 53.92
CA THR L 73 -49.82 -20.93 54.22
C THR L 73 -50.63 -19.91 53.39
N GLU L 74 -51.71 -20.34 52.72
CA GLU L 74 -52.57 -19.40 51.93
C GLU L 74 -54.02 -19.45 52.44
N ILE L 75 -54.31 -20.30 53.43
CA ILE L 75 -55.67 -20.46 54.04
C ILE L 75 -55.73 -19.66 55.33
N PRO L 76 -56.47 -18.52 55.37
CA PRO L 76 -56.72 -17.81 56.61
C PRO L 76 -57.64 -18.58 57.56
N CYS L 77 -57.30 -18.54 58.85
CA CYS L 77 -57.99 -19.24 59.96
C CYS L 77 -58.44 -18.25 61.03
N TYR L 78 -59.39 -18.68 61.87
CA TYR L 78 -59.80 -17.97 63.11
C TYR L 78 -58.63 -17.98 64.09
N SER L 79 -58.30 -16.80 64.62
CA SER L 79 -57.46 -16.62 65.83
C SER L 79 -58.34 -16.94 67.05
N SER L 80 -57.77 -17.61 68.06
CA SER L 80 -58.47 -17.95 69.31
C SER L 80 -57.47 -18.05 70.46
N ALA L 81 -57.93 -17.73 71.66
CA ALA L 81 -57.15 -17.81 72.91
C ALA L 81 -58.12 -17.99 74.07
N ARG L 82 -57.71 -18.74 75.09
CA ARG L 82 -58.39 -18.83 76.41
C ARG L 82 -57.51 -18.08 77.41
N ILE L 83 -58.01 -16.95 77.95
CA ILE L 83 -57.33 -16.20 79.03
C ILE L 83 -57.74 -16.83 80.36
N SER L 84 -56.75 -17.11 81.22
CA SER L 84 -56.95 -17.64 82.60
C SER L 84 -57.41 -16.49 83.51
N LEU L 85 -58.55 -16.67 84.17
CA LEU L 85 -59.13 -15.69 85.13
C LEU L 85 -58.76 -16.10 86.55
N PRO L 86 -58.81 -15.19 87.55
CA PRO L 86 -58.58 -15.55 88.95
C PRO L 86 -59.48 -16.69 89.44
N LEU L 87 -58.94 -17.63 90.22
CA LEU L 87 -59.71 -18.78 90.79
C LEU L 87 -60.75 -18.21 91.76
N LEU L 88 -61.99 -18.73 91.71
CA LEU L 88 -63.12 -18.16 92.52
C LEU L 88 -63.53 -19.02 93.71
N ASN L 89 -63.72 -20.33 93.51
CA ASN L 89 -64.38 -21.20 94.53
C ASN L 89 -63.30 -21.98 95.29
N GLU L 90 -63.06 -21.67 96.57
CA GLU L 90 -62.03 -22.39 97.37
C GLU L 90 -62.58 -23.77 97.68
N ASP L 91 -63.89 -23.92 97.97
CA ASP L 91 -64.62 -25.21 98.06
C ASP L 91 -65.44 -25.38 96.78
N ILE L 92 -65.12 -26.38 95.96
CA ILE L 92 -65.93 -26.77 94.77
C ILE L 92 -67.25 -27.42 95.23
N THR L 93 -67.39 -27.73 96.53
CA THR L 93 -68.46 -28.56 97.10
C THR L 93 -69.54 -27.68 97.77
N SER L 94 -69.35 -26.35 97.85
CA SER L 94 -70.42 -25.38 98.24
C SER L 94 -71.60 -25.50 97.27
N PRO L 95 -72.86 -25.37 97.76
CA PRO L 95 -74.05 -25.58 96.92
C PRO L 95 -74.41 -24.39 96.00
N THR L 96 -73.70 -23.26 96.16
CA THR L 96 -73.69 -22.14 95.18
C THR L 96 -72.23 -21.82 94.82
N LEU L 97 -71.96 -21.66 93.52
CA LEU L 97 -70.61 -21.38 92.97
C LEU L 97 -70.61 -19.94 92.43
N LEU L 98 -69.42 -19.36 92.30
CA LEU L 98 -69.17 -18.08 91.60
C LEU L 98 -68.48 -18.37 90.25
N MET L 99 -69.04 -17.84 89.17
CA MET L 99 -68.40 -17.80 87.82
C MET L 99 -68.20 -16.33 87.44
N TRP L 100 -67.14 -16.02 86.71
CA TRP L 100 -66.95 -14.68 86.10
C TRP L 100 -67.96 -14.49 84.98
N GLU L 101 -68.59 -13.31 84.93
CA GLU L 101 -69.60 -12.92 83.92
C GLU L 101 -69.01 -11.76 83.10
N ALA L 102 -68.76 -11.98 81.82
CA ALA L 102 -68.29 -10.93 80.88
C ALA L 102 -69.44 -9.95 80.63
N VAL L 103 -69.27 -8.69 81.02
CA VAL L 103 -70.38 -7.69 81.02
C VAL L 103 -70.29 -6.88 79.72
N SER L 104 -69.09 -6.37 79.42
CA SER L 104 -68.85 -5.43 78.30
C SER L 104 -67.50 -5.73 77.65
N VAL L 105 -67.28 -5.23 76.44
CA VAL L 105 -65.95 -5.29 75.74
C VAL L 105 -65.74 -4.02 74.93
N LYS L 106 -64.57 -3.40 75.12
CA LYS L 106 -63.97 -2.41 74.19
C LYS L 106 -63.04 -3.22 73.26
N THR L 107 -63.31 -3.26 71.95
CA THR L 107 -62.48 -4.02 70.97
C THR L 107 -62.10 -3.10 69.81
N GLU L 108 -60.89 -3.30 69.27
CA GLU L 108 -60.27 -2.43 68.26
C GLU L 108 -59.49 -3.29 67.26
N VAL L 109 -59.54 -2.97 65.98
CA VAL L 109 -58.67 -3.58 64.94
C VAL L 109 -57.40 -2.70 64.84
N VAL L 110 -56.27 -3.23 65.29
CA VAL L 110 -54.99 -2.47 65.41
C VAL L 110 -54.33 -2.42 64.03
N GLY L 111 -53.68 -1.30 63.69
CA GLY L 111 -52.84 -1.14 62.50
C GLY L 111 -53.64 -0.87 61.24
N ILE L 112 -54.85 -0.29 61.37
CA ILE L 112 -55.64 0.15 60.19
C ILE L 112 -54.81 1.16 59.40
N SER L 113 -54.11 2.07 60.09
CA SER L 113 -53.29 3.15 59.48
C SER L 113 -52.17 2.56 58.61
N SER L 114 -51.79 1.29 58.83
CA SER L 114 -50.71 0.59 58.08
C SER L 114 -51.05 0.54 56.58
N MET L 115 -52.34 0.59 56.23
CA MET L 115 -52.84 0.43 54.85
C MET L 115 -52.62 1.71 54.03
N LEU L 116 -52.42 2.87 54.67
CA LEU L 116 -52.13 4.13 53.94
C LEU L 116 -50.67 4.10 53.47
N ASN L 117 -50.38 3.28 52.46
CA ASN L 117 -49.02 2.90 52.01
C ASN L 117 -49.10 2.55 50.52
N MET L 118 -48.58 3.44 49.67
CA MET L 118 -48.62 3.30 48.20
C MET L 118 -47.20 3.17 47.64
N HIS L 119 -46.23 2.75 48.46
CA HIS L 119 -44.80 2.70 48.09
C HIS L 119 -44.19 1.31 48.34
N SER L 120 -44.87 0.42 49.06
CA SER L 120 -44.31 -0.92 49.43
C SER L 120 -44.76 -1.97 48.40
N TYR L 121 -44.30 -1.81 47.17
CA TYR L 121 -44.24 -2.84 46.07
C TYR L 121 -45.63 -3.18 45.53
N GLY L 122 -46.63 -2.33 45.77
CA GLY L 122 -48.00 -2.58 45.27
C GLY L 122 -48.06 -2.44 43.76
N LEU L 123 -48.91 -3.22 43.09
CA LEU L 123 -49.22 -3.05 41.65
C LEU L 123 -49.56 -1.56 41.42
N ARG L 124 -48.89 -0.92 40.45
CA ARG L 124 -48.94 0.55 40.31
C ARG L 124 -50.13 0.97 39.44
N ALA L 125 -50.78 2.07 39.80
CA ALA L 125 -51.98 2.61 39.13
C ALA L 125 -51.54 3.46 37.94
N PHE L 126 -52.49 3.77 37.06
CA PHE L 126 -52.30 4.68 35.90
C PHE L 126 -51.13 4.17 35.04
N GLY L 127 -51.23 2.90 34.63
CA GLY L 127 -50.34 2.24 33.66
C GLY L 127 -48.90 2.15 34.14
N GLY L 128 -48.67 2.11 35.46
CA GLY L 128 -47.34 1.85 36.06
C GLY L 128 -46.64 3.12 36.54
N TYR L 129 -47.18 4.30 36.25
CA TYR L 129 -46.58 5.62 36.59
C TYR L 129 -47.07 6.11 37.96
N GLY L 130 -48.24 5.64 38.40
CA GLY L 130 -48.83 6.01 39.71
C GLY L 130 -48.21 5.25 40.86
N GLY L 131 -48.82 5.34 42.05
CA GLY L 131 -48.40 4.64 43.28
C GLY L 131 -48.97 3.23 43.36
N GLY L 132 -48.50 2.45 44.33
CA GLY L 132 -48.94 1.06 44.55
C GLY L 132 -50.37 0.98 45.09
N TYR L 133 -51.09 -0.06 44.69
CA TYR L 133 -52.42 -0.42 45.23
C TYR L 133 -52.30 -0.62 46.75
N THR L 134 -53.08 0.15 47.52
CA THR L 134 -53.37 -0.15 48.95
C THR L 134 -54.15 -1.46 49.02
N ILE L 135 -54.11 -2.13 50.17
CA ILE L 135 -54.85 -3.41 50.35
C ILE L 135 -56.27 -3.22 49.82
N GLU L 136 -56.79 -4.19 49.07
CA GLU L 136 -58.20 -4.19 48.59
C GLU L 136 -58.67 -5.62 48.34
N GLY L 137 -59.95 -5.75 48.00
CA GLY L 137 -60.61 -7.03 47.70
C GLY L 137 -61.56 -7.44 48.80
N SER L 138 -62.07 -8.67 48.73
CA SER L 138 -63.00 -9.27 49.71
C SER L 138 -62.33 -9.29 51.08
N HIS L 139 -63.09 -9.02 52.14
CA HIS L 139 -62.61 -8.93 53.54
C HIS L 139 -63.67 -9.42 54.50
N ILE L 140 -63.24 -9.87 55.69
CA ILE L 140 -64.13 -10.28 56.82
C ILE L 140 -63.55 -9.69 58.11
N HIS L 141 -64.42 -9.12 58.94
CA HIS L 141 -64.07 -8.64 60.30
C HIS L 141 -65.05 -9.28 61.28
N PHE L 142 -64.50 -9.93 62.31
CA PHE L 142 -65.30 -10.75 63.24
C PHE L 142 -64.59 -10.92 64.58
N PHE L 143 -65.35 -10.84 65.67
CA PHE L 143 -64.84 -11.16 67.04
C PHE L 143 -65.96 -11.81 67.85
N SER L 144 -65.58 -12.67 68.79
CA SER L 144 -66.51 -13.26 69.78
C SER L 144 -65.87 -13.23 71.17
N VAL L 145 -66.69 -12.99 72.19
CA VAL L 145 -66.35 -13.17 73.63
C VAL L 145 -67.31 -14.23 74.18
N GLY L 146 -66.78 -15.18 74.94
CA GLY L 146 -67.52 -16.38 75.34
C GLY L 146 -67.01 -16.97 76.64
N GLY L 147 -67.85 -17.75 77.30
CA GLY L 147 -67.52 -18.46 78.54
C GLY L 147 -67.02 -19.86 78.26
N GLU L 148 -66.88 -20.21 76.98
CA GLU L 148 -66.44 -21.54 76.51
C GLU L 148 -66.04 -21.42 75.05
N PRO L 149 -65.40 -22.45 74.48
CA PRO L 149 -65.09 -22.45 73.05
C PRO L 149 -66.31 -22.09 72.17
N LEU L 150 -66.07 -21.31 71.12
CA LEU L 150 -67.12 -20.86 70.16
C LEU L 150 -67.60 -22.05 69.34
N ASP L 151 -68.91 -22.25 69.21
CA ASP L 151 -69.53 -23.34 68.40
C ASP L 151 -69.47 -22.96 66.91
N LEU L 152 -68.93 -23.87 66.09
CA LEU L 152 -68.74 -23.70 64.62
C LEU L 152 -69.65 -24.67 63.86
N GLN L 153 -70.35 -24.15 62.84
CA GLN L 153 -71.13 -24.93 61.85
C GLN L 153 -70.31 -25.01 60.56
N GLY L 154 -70.24 -26.19 59.96
CA GLY L 154 -69.54 -26.43 58.69
C GLY L 154 -70.35 -25.93 57.51
N LEU L 155 -69.76 -25.02 56.73
CA LEU L 155 -70.28 -24.61 55.41
C LEU L 155 -69.14 -23.99 54.60
N MET L 156 -68.96 -24.45 53.36
CA MET L 156 -67.83 -24.13 52.45
C MET L 156 -68.33 -23.97 51.01
N GLN L 157 -67.55 -23.30 50.16
CA GLN L 157 -67.90 -23.03 48.74
C GLN L 157 -67.72 -24.32 47.91
N ASN L 158 -66.70 -25.14 48.23
CA ASN L 158 -66.35 -26.35 47.44
C ASN L 158 -66.12 -27.53 48.38
N HIS L 159 -67.06 -28.48 48.43
CA HIS L 159 -67.00 -29.65 49.36
C HIS L 159 -65.70 -30.43 49.15
N SER L 160 -65.15 -30.41 47.94
CA SER L 160 -64.01 -31.25 47.53
C SER L 160 -62.68 -30.65 48.00
N THR L 161 -62.67 -29.39 48.47
CA THR L 161 -61.42 -28.69 48.86
C THR L 161 -60.64 -29.60 49.82
N GLN L 162 -59.32 -29.68 49.64
CA GLN L 162 -58.40 -30.53 50.45
C GLN L 162 -57.55 -29.59 51.33
N TYR L 163 -57.80 -29.61 52.64
CA TYR L 163 -57.05 -28.78 53.62
C TYR L 163 -55.85 -29.58 54.11
N PRO L 164 -54.61 -29.03 53.97
CA PRO L 164 -53.43 -29.71 54.50
C PRO L 164 -53.49 -29.84 56.03
N SER L 165 -52.92 -30.90 56.59
CA SER L 165 -52.65 -31.02 58.05
C SER L 165 -51.70 -29.89 58.44
N PRO L 166 -51.83 -29.27 59.64
CA PRO L 166 -52.81 -29.68 60.67
C PRO L 166 -54.19 -29.02 60.65
N LEU L 167 -54.56 -28.31 59.58
CA LEU L 167 -55.86 -27.62 59.47
C LEU L 167 -56.98 -28.66 59.61
N VAL L 168 -58.15 -28.22 60.08
CA VAL L 168 -59.35 -29.07 60.29
C VAL L 168 -60.51 -28.46 59.49
N GLY L 169 -61.18 -29.29 58.70
CA GLY L 169 -62.35 -28.88 57.90
C GLY L 169 -63.52 -29.82 58.16
N PRO L 170 -64.72 -29.47 57.68
CA PRO L 170 -65.91 -30.28 57.92
C PRO L 170 -65.68 -31.70 57.41
N LYS L 171 -65.89 -32.69 58.27
CA LYS L 171 -65.86 -34.14 57.92
C LYS L 171 -67.07 -34.79 58.59
N LYS L 172 -67.75 -35.71 57.91
CA LYS L 172 -68.72 -36.65 58.55
C LYS L 172 -67.93 -37.56 59.51
N PRO L 173 -68.59 -38.40 60.33
CA PRO L 173 -67.88 -39.32 61.21
C PRO L 173 -66.92 -40.27 60.47
N ASP L 174 -67.26 -40.64 59.23
CA ASP L 174 -66.49 -41.63 58.43
C ASP L 174 -65.26 -40.99 57.76
N GLY L 175 -65.12 -39.67 57.78
CA GLY L 175 -63.95 -38.95 57.20
C GLY L 175 -64.28 -38.24 55.88
N THR L 176 -65.36 -38.64 55.20
CA THR L 176 -65.86 -38.06 53.92
C THR L 176 -66.36 -36.62 54.15
N THR L 177 -66.66 -35.92 53.05
CA THR L 177 -67.24 -34.55 53.01
C THR L 177 -68.08 -34.43 51.75
N ASP L 178 -69.40 -34.65 51.84
CA ASP L 178 -70.29 -34.72 50.64
C ASP L 178 -70.74 -33.30 50.24
N ASP L 179 -71.66 -33.21 49.28
CA ASP L 179 -72.11 -31.94 48.64
C ASP L 179 -72.90 -31.09 49.66
N SER L 180 -73.48 -31.71 50.69
CA SER L 180 -74.34 -31.04 51.71
C SER L 180 -73.53 -29.97 52.47
N ALA L 181 -72.21 -30.13 52.56
CA ALA L 181 -71.30 -29.18 53.25
C ALA L 181 -71.25 -27.82 52.54
N GLN L 182 -71.95 -27.65 51.41
CA GLN L 182 -72.06 -26.36 50.69
C GLN L 182 -73.30 -25.62 51.17
N VAL L 183 -74.16 -26.31 51.90
CA VAL L 183 -75.36 -25.71 52.56
C VAL L 183 -75.29 -26.10 54.05
N LEU L 184 -76.42 -26.05 54.76
CA LEU L 184 -76.47 -26.43 56.19
C LEU L 184 -76.76 -27.93 56.29
N ASN L 185 -75.82 -28.67 56.85
CA ASN L 185 -76.04 -30.06 57.34
C ASN L 185 -75.52 -30.13 58.77
N PRO L 186 -76.43 -30.31 59.77
CA PRO L 186 -76.04 -30.36 61.17
C PRO L 186 -74.90 -31.34 61.50
N ILE L 187 -74.62 -32.32 60.63
CA ILE L 187 -73.56 -33.35 60.85
C ILE L 187 -72.20 -32.66 60.94
N TYR L 188 -72.02 -31.47 60.35
CA TYR L 188 -70.72 -30.75 60.26
C TYR L 188 -70.67 -29.67 61.34
N LYS L 189 -70.16 -30.02 62.52
CA LYS L 189 -70.05 -29.09 63.68
C LYS L 189 -68.69 -29.29 64.34
N ALA L 190 -68.20 -28.26 65.02
CA ALA L 190 -66.88 -28.25 65.67
C ALA L 190 -66.82 -27.12 66.69
N LYS L 191 -65.90 -27.24 67.65
CA LYS L 191 -65.63 -26.20 68.67
C LYS L 191 -64.30 -25.55 68.27
N LEU L 192 -64.27 -24.22 68.21
CA LEU L 192 -63.05 -23.43 67.90
C LEU L 192 -62.10 -23.53 69.10
N ASP L 193 -61.38 -24.64 69.22
CA ASP L 193 -60.61 -25.01 70.42
C ASP L 193 -59.09 -24.95 70.16
N LYS L 194 -58.65 -24.36 69.06
CA LYS L 194 -57.21 -24.26 68.70
C LYS L 194 -57.02 -23.08 67.73
N ASP L 195 -56.05 -22.23 68.03
CA ASP L 195 -55.63 -21.08 67.18
C ASP L 195 -55.16 -21.59 65.83
N ALA L 196 -55.31 -20.79 64.77
CA ALA L 196 -54.65 -20.97 63.46
C ALA L 196 -54.94 -22.35 62.87
N THR L 197 -56.12 -22.92 63.13
CA THR L 197 -56.45 -24.33 62.80
C THR L 197 -57.73 -24.44 61.98
N TYR L 198 -58.76 -23.67 62.30
CA TYR L 198 -60.09 -23.76 61.65
C TYR L 198 -60.16 -22.70 60.57
N PRO L 199 -60.20 -23.08 59.28
CA PRO L 199 -60.26 -22.10 58.20
C PRO L 199 -61.56 -21.30 58.25
N ILE L 200 -61.45 -19.98 58.06
CA ILE L 200 -62.61 -19.06 57.97
C ILE L 200 -63.58 -19.56 56.89
N GLU L 201 -63.06 -20.19 55.82
CA GLU L 201 -63.84 -20.43 54.58
C GLU L 201 -64.76 -21.64 54.71
N CYS L 202 -64.57 -22.52 55.70
CA CYS L 202 -65.38 -23.77 55.85
C CYS L 202 -66.15 -23.78 57.19
N TRP L 203 -65.92 -22.80 58.06
CA TRP L 203 -66.52 -22.71 59.42
C TRP L 203 -67.12 -21.33 59.66
N CYS L 204 -68.41 -21.25 60.00
CA CYS L 204 -69.08 -20.02 60.48
C CYS L 204 -69.57 -20.26 61.91
N PRO L 205 -69.82 -19.19 62.70
CA PRO L 205 -70.40 -19.35 64.03
C PRO L 205 -71.78 -20.01 63.90
N ASP L 206 -72.03 -21.03 64.72
CA ASP L 206 -73.28 -21.85 64.74
C ASP L 206 -74.36 -21.06 65.48
N PRO L 207 -75.40 -20.56 64.77
CA PRO L 207 -76.45 -19.79 65.43
C PRO L 207 -77.46 -20.66 66.21
N SER L 208 -77.37 -21.99 66.08
CA SER L 208 -78.22 -22.98 66.81
C SER L 208 -77.63 -23.24 68.21
N ARG L 209 -76.41 -22.77 68.46
CA ARG L 209 -75.71 -22.95 69.76
C ARG L 209 -75.16 -21.60 70.23
N ASN L 210 -73.94 -21.58 70.76
CA ASN L 210 -73.27 -20.34 71.24
C ASN L 210 -74.16 -19.58 72.22
N GLU L 211 -74.97 -20.29 73.02
CA GLU L 211 -75.83 -19.66 74.08
C GLU L 211 -74.93 -18.88 75.03
N ASN L 212 -73.72 -19.39 75.32
CA ASN L 212 -72.78 -18.80 76.31
C ASN L 212 -71.66 -18.03 75.61
N SER L 213 -71.91 -17.52 74.39
CA SER L 213 -70.94 -16.70 73.60
C SER L 213 -71.69 -15.56 72.88
N ARG L 214 -71.04 -14.42 72.71
CA ARG L 214 -71.54 -13.29 71.89
C ARG L 214 -70.57 -13.10 70.71
N TYR L 215 -71.07 -13.20 69.47
CA TYR L 215 -70.24 -13.05 68.25
C TYR L 215 -70.85 -12.00 67.32
N PHE L 216 -69.97 -11.35 66.55
CA PHE L 216 -70.27 -10.21 65.65
C PHE L 216 -69.34 -10.28 64.43
N GLY L 217 -69.90 -10.36 63.23
CA GLY L 217 -69.13 -10.51 61.98
C GLY L 217 -69.72 -9.73 60.83
N SER L 218 -68.86 -9.25 59.94
CA SER L 218 -69.25 -8.55 58.70
C SER L 218 -68.29 -8.94 57.57
N TYR L 219 -68.81 -9.53 56.49
CA TYR L 219 -68.09 -9.88 55.25
C TYR L 219 -68.52 -8.95 54.12
N THR L 220 -67.55 -8.47 53.35
CA THR L 220 -67.74 -7.74 52.08
C THR L 220 -66.96 -8.48 50.99
N GLY L 221 -67.56 -8.71 49.82
CA GLY L 221 -66.94 -9.41 48.68
C GLY L 221 -66.35 -8.46 47.66
N GLY L 222 -66.19 -8.93 46.42
CA GLY L 222 -65.72 -8.12 45.28
C GLY L 222 -64.22 -8.24 45.06
N VAL L 223 -63.77 -7.88 43.86
CA VAL L 223 -62.38 -8.14 43.40
C VAL L 223 -61.44 -7.05 43.94
N GLU L 224 -61.87 -5.79 43.84
CA GLU L 224 -61.04 -4.59 44.16
C GLU L 224 -61.77 -3.72 45.19
N THR L 225 -62.69 -4.30 45.97
CA THR L 225 -63.53 -3.58 46.95
C THR L 225 -62.66 -2.84 47.96
N PRO L 226 -62.88 -1.52 48.20
CA PRO L 226 -62.05 -0.78 49.13
C PRO L 226 -62.46 -1.14 50.56
N PRO L 227 -61.51 -1.44 51.46
CA PRO L 227 -61.84 -1.64 52.87
C PRO L 227 -62.19 -0.29 53.51
N VAL L 228 -63.20 -0.28 54.38
CA VAL L 228 -63.60 0.87 55.25
C VAL L 228 -63.50 0.39 56.70
N LEU L 229 -62.56 0.93 57.47
CA LEU L 229 -62.35 0.53 58.88
C LEU L 229 -62.22 1.76 59.77
N SER L 230 -62.93 1.76 60.91
CA SER L 230 -62.94 2.84 61.92
C SER L 230 -62.22 2.38 63.19
N PHE L 231 -61.68 3.32 63.94
CA PHE L 231 -60.99 3.04 65.23
C PHE L 231 -61.24 4.20 66.20
N THR L 232 -61.46 3.88 67.47
CA THR L 232 -61.75 4.82 68.59
C THR L 232 -61.58 4.10 69.93
N ASN L 233 -61.23 4.84 70.99
CA ASN L 233 -61.18 4.27 72.36
C ASN L 233 -62.45 4.65 73.13
N THR L 234 -63.48 5.16 72.43
CA THR L 234 -64.73 5.68 73.05
C THR L 234 -65.91 4.73 72.80
N SER L 235 -65.69 3.49 72.38
CA SER L 235 -66.78 2.57 71.97
C SER L 235 -66.75 1.31 72.85
N THR L 236 -67.91 0.96 73.41
CA THR L 236 -68.11 -0.20 74.30
C THR L 236 -69.31 -1.02 73.82
N THR L 237 -69.17 -2.34 73.82
CA THR L 237 -70.24 -3.29 73.42
C THR L 237 -70.71 -4.03 74.67
N ILE L 238 -72.00 -3.96 74.97
CA ILE L 238 -72.62 -4.71 76.10
C ILE L 238 -72.75 -6.16 75.64
N LEU L 239 -72.39 -7.11 76.51
CA LEU L 239 -72.41 -8.56 76.22
C LEU L 239 -73.58 -9.25 76.93
N LEU L 240 -74.36 -8.51 77.71
CA LEU L 240 -75.55 -9.05 78.41
C LEU L 240 -76.63 -9.37 77.38
N ASP L 241 -77.33 -10.49 77.55
CA ASP L 241 -78.40 -10.98 76.63
C ASP L 241 -79.72 -10.32 77.03
N GLU L 242 -80.83 -10.74 76.40
CA GLU L 242 -82.21 -10.22 76.61
C GLU L 242 -82.60 -10.33 78.10
N ASN L 243 -81.96 -11.21 78.89
CA ASN L 243 -82.24 -11.45 80.32
C ASN L 243 -81.14 -10.87 81.23
N GLY L 244 -80.30 -9.96 80.73
CA GLY L 244 -79.25 -9.30 81.54
C GLY L 244 -78.13 -10.24 81.99
N VAL L 245 -77.98 -11.39 81.33
CA VAL L 245 -76.90 -12.38 81.63
C VAL L 245 -75.82 -12.27 80.55
N GLY L 246 -74.56 -12.10 80.96
CA GLY L 246 -73.39 -12.14 80.08
C GLY L 246 -72.83 -13.57 79.97
N PRO L 247 -71.83 -13.78 79.08
CA PRO L 247 -71.13 -15.06 79.05
C PRO L 247 -70.57 -15.42 80.44
N LEU L 248 -70.84 -16.64 80.89
CA LEU L 248 -70.33 -17.19 82.17
C LEU L 248 -69.12 -18.08 81.89
N CYS L 249 -67.93 -17.68 82.37
CA CYS L 249 -66.64 -18.33 82.07
C CYS L 249 -66.49 -19.65 82.83
N LYS L 250 -66.87 -20.77 82.19
CA LYS L 250 -66.64 -22.15 82.71
C LYS L 250 -65.14 -22.34 82.94
N GLY L 251 -64.77 -23.09 83.98
CA GLY L 251 -63.38 -23.38 84.35
C GLY L 251 -62.55 -22.12 84.55
N ASP L 252 -63.19 -20.99 84.85
CA ASP L 252 -62.50 -19.69 85.09
C ASP L 252 -61.65 -19.33 83.87
N GLY L 253 -62.21 -19.50 82.67
CA GLY L 253 -61.56 -19.23 81.37
C GLY L 253 -62.41 -18.38 80.46
N LEU L 254 -61.86 -17.25 80.00
CA LEU L 254 -62.48 -16.33 79.01
C LEU L 254 -62.00 -16.72 77.60
N TYR L 255 -62.94 -17.01 76.70
CA TYR L 255 -62.67 -17.43 75.30
C TYR L 255 -62.84 -16.23 74.36
N LEU L 256 -61.73 -15.76 73.79
CA LEU L 256 -61.67 -14.72 72.72
C LEU L 256 -61.41 -15.38 71.37
N SER L 257 -62.10 -14.91 70.33
CA SER L 257 -61.91 -15.32 68.91
C SER L 257 -61.91 -14.05 68.04
N SER L 258 -61.17 -14.10 66.93
CA SER L 258 -60.90 -12.97 66.02
C SER L 258 -60.78 -13.51 64.59
N ALA L 259 -61.19 -12.71 63.61
CA ALA L 259 -60.97 -12.95 62.17
C ALA L 259 -60.98 -11.60 61.47
N ASP L 260 -59.81 -11.03 61.19
CA ASP L 260 -59.70 -9.69 60.56
C ASP L 260 -58.76 -9.77 59.35
N VAL L 261 -59.33 -10.24 58.24
CA VAL L 261 -58.71 -10.28 56.89
C VAL L 261 -59.13 -8.99 56.18
N ALA L 262 -58.26 -7.98 56.18
CA ALA L 262 -58.56 -6.59 55.75
C ALA L 262 -58.84 -6.56 54.25
N GLY L 263 -58.31 -7.56 53.53
CA GLY L 263 -58.36 -7.68 52.06
C GLY L 263 -57.10 -8.38 51.53
N THR L 264 -56.75 -8.14 50.27
CA THR L 264 -55.53 -8.71 49.64
C THR L 264 -54.53 -7.60 49.36
N PHE L 265 -53.24 -7.96 49.37
CA PHE L 265 -52.13 -7.16 48.80
C PHE L 265 -51.84 -7.65 47.37
N VAL L 266 -51.86 -6.73 46.41
CA VAL L 266 -51.64 -7.02 44.95
C VAL L 266 -50.22 -6.57 44.61
N GLN L 267 -49.30 -7.52 44.43
CA GLN L 267 -47.85 -7.23 44.21
C GLN L 267 -47.63 -6.78 42.77
N GLN L 268 -46.81 -5.74 42.59
CA GLN L 268 -46.38 -5.22 41.27
C GLN L 268 -45.61 -6.33 40.54
N THR L 269 -45.71 -6.35 39.20
CA THR L 269 -44.90 -7.21 38.30
C THR L 269 -45.42 -8.65 38.36
N SER L 270 -45.38 -9.33 39.51
CA SER L 270 -45.93 -10.70 39.66
C SER L 270 -47.44 -10.69 39.40
N GLN L 271 -48.12 -9.62 39.82
CA GLN L 271 -49.60 -9.46 39.83
C GLN L 271 -50.24 -10.59 40.63
N LYS L 272 -49.50 -11.13 41.62
CA LYS L 272 -50.00 -12.15 42.58
C LYS L 272 -50.64 -11.44 43.78
N GLN L 273 -51.55 -12.14 44.46
CA GLN L 273 -52.36 -11.61 45.59
C GLN L 273 -52.03 -12.37 46.87
N TYR L 274 -51.95 -11.64 47.97
CA TYR L 274 -51.65 -12.15 49.33
C TYR L 274 -52.74 -11.62 50.28
N TRP L 275 -53.36 -12.52 51.03
CA TRP L 275 -54.26 -12.16 52.16
C TRP L 275 -53.48 -11.32 53.17
N ARG L 276 -54.10 -10.24 53.67
CA ARG L 276 -53.50 -9.32 54.69
C ARG L 276 -54.39 -9.35 55.93
N GLY L 277 -53.86 -9.84 57.04
CA GLY L 277 -54.58 -9.89 58.34
C GLY L 277 -54.20 -8.74 59.25
N LEU L 278 -55.07 -8.38 60.19
CA LEU L 278 -54.78 -7.35 61.20
C LEU L 278 -55.08 -7.90 62.59
N PRO L 279 -54.34 -7.44 63.63
CA PRO L 279 -54.58 -7.89 65.00
C PRO L 279 -55.81 -7.18 65.59
N ARG L 280 -56.39 -7.78 66.64
CA ARG L 280 -57.58 -7.25 67.35
C ARG L 280 -57.28 -7.15 68.85
N TYR L 281 -57.40 -5.94 69.40
CA TYR L 281 -57.32 -5.66 70.85
C TYR L 281 -58.67 -5.96 71.49
N PHE L 282 -58.64 -6.58 72.67
CA PHE L 282 -59.83 -6.78 73.54
C PHE L 282 -59.58 -6.14 74.91
N ASN L 283 -60.61 -5.52 75.46
CA ASN L 283 -60.65 -5.03 76.86
C ASN L 283 -61.99 -5.45 77.45
N ILE L 284 -62.02 -6.55 78.19
CA ILE L 284 -63.29 -7.14 78.71
C ILE L 284 -63.41 -6.77 80.18
N THR L 285 -64.62 -6.36 80.59
CA THR L 285 -65.02 -6.15 82.01
C THR L 285 -65.89 -7.33 82.45
N LEU L 286 -65.50 -7.97 83.56
CA LEU L 286 -66.24 -9.11 84.15
C LEU L 286 -66.59 -8.79 85.61
N ARG L 287 -67.66 -9.41 86.11
CA ARG L 287 -68.18 -9.29 87.49
C ARG L 287 -68.45 -10.70 88.02
N LYS L 288 -68.37 -10.93 89.32
CA LYS L 288 -68.65 -12.25 89.94
C LYS L 288 -70.17 -12.47 89.89
N ARG L 289 -70.60 -13.69 89.56
CA ARG L 289 -72.03 -14.07 89.47
C ARG L 289 -72.21 -15.45 90.11
N ALA L 290 -73.31 -15.62 90.83
CA ALA L 290 -73.64 -16.83 91.62
C ALA L 290 -74.50 -17.76 90.76
N VAL L 291 -74.25 -19.06 90.87
CA VAL L 291 -74.97 -20.11 90.10
C VAL L 291 -75.18 -21.32 91.01
N LYS L 292 -76.28 -22.07 90.81
CA LYS L 292 -76.66 -23.25 91.62
C LYS L 292 -75.80 -24.45 91.18
N ASN L 293 -75.32 -25.24 92.15
CA ASN L 293 -74.29 -26.29 91.90
C ASN L 293 -74.98 -27.62 91.59
N ILE M 26 -54.56 10.09 88.24
CA ILE M 26 -55.05 11.03 89.29
C ILE M 26 -56.31 10.41 89.94
N GLU M 27 -56.63 10.79 91.19
CA GLU M 27 -57.94 10.56 91.86
C GLU M 27 -58.85 11.78 91.60
N VAL M 28 -59.96 11.56 90.88
CA VAL M 28 -60.82 12.64 90.32
C VAL M 28 -61.92 13.00 91.32
N LEU M 29 -62.07 14.29 91.65
CA LEU M 29 -63.03 14.80 92.66
C LEU M 29 -64.12 15.61 91.96
N ASP M 30 -64.72 16.57 92.68
CA ASP M 30 -65.87 17.41 92.22
C ASP M 30 -65.45 18.29 91.04
N VAL M 31 -66.39 18.62 90.18
CA VAL M 31 -66.29 19.67 89.12
C VAL M 31 -66.38 21.03 89.79
N LYS M 32 -65.29 21.81 89.88
CA LYS M 32 -65.36 23.21 90.37
C LYS M 32 -66.31 23.97 89.43
N THR M 33 -67.25 24.74 89.99
CA THR M 33 -68.14 25.65 89.22
C THR M 33 -68.06 27.04 89.85
N GLY M 34 -68.39 28.08 89.09
CA GLY M 34 -68.22 29.49 89.47
C GLY M 34 -67.93 30.34 88.25
N PRO M 35 -67.61 31.64 88.41
CA PRO M 35 -67.16 32.45 87.28
C PRO M 35 -65.74 32.02 86.88
N ASP M 36 -65.44 32.01 85.58
CA ASP M 36 -64.10 31.65 85.01
C ASP M 36 -63.74 30.21 85.40
N SER M 37 -64.72 29.32 85.43
CA SER M 37 -64.54 27.86 85.68
C SER M 37 -64.60 27.07 84.36
N THR M 38 -65.06 27.70 83.27
CA THR M 38 -65.02 27.15 81.89
C THR M 38 -64.27 28.12 80.97
N THR M 39 -63.59 27.56 79.95
CA THR M 39 -62.93 28.32 78.85
C THR M 39 -63.04 27.49 77.56
N THR M 40 -62.98 28.16 76.40
CA THR M 40 -62.92 27.52 75.07
C THR M 40 -61.60 27.89 74.39
N ILE M 41 -60.94 26.91 73.75
CA ILE M 41 -59.73 27.13 72.92
C ILE M 41 -60.05 26.81 71.46
N GLU M 42 -59.64 27.69 70.55
CA GLU M 42 -59.66 27.49 69.07
C GLU M 42 -58.23 27.18 68.60
N ALA M 43 -58.07 26.18 67.73
CA ALA M 43 -56.78 25.80 67.13
C ALA M 43 -57.04 25.18 65.75
N TYR M 44 -56.01 25.14 64.90
CA TYR M 44 -55.99 24.35 63.64
C TYR M 44 -54.67 23.61 63.54
N LEU M 45 -54.73 22.41 62.95
CA LEU M 45 -53.53 21.63 62.55
C LEU M 45 -53.52 21.54 61.02
N ASN M 46 -52.54 22.17 60.39
CA ASN M 46 -52.25 22.03 58.93
C ASN M 46 -51.71 20.61 58.73
N PRO M 47 -51.95 19.99 57.55
CA PRO M 47 -51.55 18.61 57.33
C PRO M 47 -50.03 18.48 57.16
N ARG M 48 -49.49 17.29 57.43
CA ARG M 48 -48.04 16.99 57.24
C ARG M 48 -47.92 15.74 56.37
N VAL M 49 -48.18 15.92 55.08
CA VAL M 49 -48.20 14.83 54.06
C VAL M 49 -46.79 14.64 53.48
N GLY M 50 -45.78 15.39 53.96
CA GLY M 50 -44.37 15.26 53.55
C GLY M 50 -43.78 16.61 53.17
N GLN M 51 -44.61 17.53 52.69
CA GLN M 51 -44.28 18.98 52.57
C GLN M 51 -45.36 19.74 53.35
N ASN M 52 -45.30 21.08 53.30
CA ASN M 52 -46.06 21.96 54.21
C ASN M 52 -47.22 22.62 53.48
N TRP M 53 -47.38 22.43 52.18
CA TRP M 53 -48.40 23.17 51.40
C TRP M 53 -49.47 22.21 50.87
N GLY M 54 -49.66 21.09 51.59
CA GLY M 54 -50.84 20.23 51.46
C GLY M 54 -50.69 19.12 50.44
N PHE M 55 -49.56 19.09 49.72
CA PHE M 55 -49.21 17.99 48.78
C PHE M 55 -47.85 17.40 49.13
N SER M 56 -47.74 16.07 49.04
CA SER M 56 -46.45 15.33 49.06
C SER M 56 -45.74 15.54 47.72
N THR M 57 -44.47 15.13 47.62
CA THR M 57 -43.78 14.92 46.32
C THR M 57 -44.30 13.61 45.72
N GLU M 58 -43.95 13.29 44.48
CA GLU M 58 -44.52 12.12 43.77
C GLU M 58 -44.33 10.85 44.61
N ILE M 59 -45.33 9.99 44.60
CA ILE M 59 -45.28 8.67 45.27
C ILE M 59 -44.38 7.77 44.44
N THR M 60 -43.39 7.13 45.08
CA THR M 60 -42.40 6.23 44.42
C THR M 60 -42.64 4.80 44.86
N VAL M 61 -42.27 3.83 44.02
CA VAL M 61 -42.44 2.37 44.28
C VAL M 61 -41.15 1.67 43.82
N ALA M 62 -40.27 1.34 44.77
CA ALA M 62 -39.07 0.51 44.52
C ALA M 62 -39.46 -0.70 43.67
N SER M 63 -38.58 -1.12 42.76
CA SER M 63 -38.75 -2.39 41.99
C SER M 63 -38.65 -3.55 42.97
N ASN M 64 -39.42 -4.62 42.76
CA ASN M 64 -39.33 -5.84 43.61
C ASN M 64 -37.85 -6.17 43.80
N GLY M 65 -37.45 -6.57 45.01
CA GLY M 65 -36.07 -7.00 45.33
C GLY M 65 -35.15 -5.83 45.67
N TYR M 66 -35.53 -4.59 45.35
CA TYR M 66 -34.79 -3.36 45.72
C TYR M 66 -35.25 -2.87 47.10
N ASN M 67 -34.40 -2.09 47.79
CA ASN M 67 -34.72 -1.46 49.09
C ASN M 67 -36.00 -0.62 48.95
N ASP M 68 -36.92 -0.77 49.90
CA ASP M 68 -38.13 0.10 50.06
C ASP M 68 -37.70 1.32 50.87
N ALA M 69 -37.23 2.37 50.19
CA ALA M 69 -36.66 3.57 50.83
C ALA M 69 -37.27 4.82 50.21
N PRO M 70 -38.52 5.16 50.58
CA PRO M 70 -39.21 6.31 49.97
C PRO M 70 -38.58 7.62 50.48
N HIS M 71 -38.85 8.70 49.74
CA HIS M 71 -38.39 10.08 50.04
C HIS M 71 -39.12 10.62 51.27
N LEU M 72 -38.37 11.32 52.14
CA LEU M 72 -38.94 12.08 53.27
C LEU M 72 -40.24 12.75 52.83
N THR M 73 -40.25 13.41 51.68
CA THR M 73 -41.35 14.33 51.27
C THR M 73 -42.51 13.57 50.61
N GLU M 74 -42.56 12.23 50.70
CA GLU M 74 -43.71 11.45 50.15
C GLU M 74 -44.39 10.64 51.24
N ILE M 75 -43.90 10.71 52.49
CA ILE M 75 -44.45 9.97 53.66
C ILE M 75 -45.32 10.93 54.47
N PRO M 76 -46.67 10.76 54.45
CA PRO M 76 -47.55 11.52 55.33
C PRO M 76 -47.41 11.12 56.80
N CYS M 77 -47.43 12.12 57.67
CA CYS M 77 -47.27 11.98 59.14
C CYS M 77 -48.46 12.59 59.89
N TYR M 78 -48.62 12.21 61.16
CA TYR M 78 -49.57 12.84 62.11
C TYR M 78 -49.14 14.29 62.36
N SER M 79 -50.10 15.20 62.23
CA SER M 79 -50.00 16.58 62.77
C SER M 79 -50.25 16.52 64.28
N SER M 80 -49.53 17.31 65.08
CA SER M 80 -49.70 17.37 66.55
C SER M 80 -49.28 18.76 67.06
N ALA M 81 -49.92 19.20 68.15
CA ALA M 81 -49.61 20.47 68.84
C ALA M 81 -50.06 20.35 70.29
N ARG M 82 -49.35 21.00 71.21
CA ARG M 82 -49.77 21.20 72.61
C ARG M 82 -50.14 22.68 72.77
N ILE M 83 -51.42 22.96 73.02
CA ILE M 83 -51.90 24.34 73.33
C ILE M 83 -51.70 24.59 74.83
N SER M 84 -51.11 25.73 75.18
CA SER M 84 -50.91 26.20 76.58
C SER M 84 -52.24 26.75 77.11
N LEU M 85 -52.70 26.20 78.24
CA LEU M 85 -53.95 26.61 78.94
C LEU M 85 -53.59 27.57 80.07
N PRO M 86 -54.54 28.39 80.58
CA PRO M 86 -54.28 29.26 81.73
C PRO M 86 -53.77 28.48 82.96
N LEU M 87 -52.95 29.09 83.82
CA LEU M 87 -52.42 28.44 85.06
C LEU M 87 -53.54 28.11 86.05
N LEU M 97 -55.75 19.85 93.84
CA LEU M 97 -55.33 20.69 92.68
C LEU M 97 -56.52 20.82 91.73
N LEU M 98 -56.46 21.82 90.85
CA LEU M 98 -57.37 21.98 89.70
C LEU M 98 -56.61 21.63 88.39
N MET M 99 -57.19 20.75 87.58
CA MET M 99 -56.76 20.47 86.18
C MET M 99 -57.90 20.87 85.25
N TRP M 100 -57.57 21.36 84.05
CA TRP M 100 -58.57 21.59 82.99
C TRP M 100 -59.08 20.24 82.46
N GLU M 101 -60.39 20.12 82.29
CA GLU M 101 -61.09 18.91 81.79
C GLU M 101 -61.72 19.27 80.44
N ALA M 102 -61.26 18.64 79.36
CA ALA M 102 -61.84 18.81 78.01
C ALA M 102 -63.21 18.11 77.99
N VAL M 103 -64.28 18.86 77.76
CA VAL M 103 -65.66 18.33 77.91
C VAL M 103 -66.18 17.93 76.53
N SER M 104 -66.03 18.82 75.55
CA SER M 104 -66.62 18.68 74.20
C SER M 104 -65.64 19.25 73.16
N VAL M 105 -65.84 18.88 71.89
CA VAL M 105 -65.07 19.47 70.75
C VAL M 105 -66.00 19.59 69.54
N LYS M 106 -66.01 20.77 68.94
CA LYS M 106 -66.50 21.02 67.55
C LYS M 106 -65.26 20.94 66.66
N THR M 107 -65.18 19.97 65.73
CA THR M 107 -64.02 19.79 64.82
C THR M 107 -64.51 19.70 63.38
N GLU M 108 -63.71 20.25 62.45
CA GLU M 108 -64.08 20.43 61.03
C GLU M 108 -62.82 20.17 60.19
N VAL M 109 -62.98 19.49 59.04
CA VAL M 109 -61.90 19.38 58.01
C VAL M 109 -62.09 20.55 57.04
N VAL M 110 -61.15 21.50 57.06
CA VAL M 110 -61.26 22.78 56.32
C VAL M 110 -60.82 22.54 54.88
N GLY M 111 -61.48 23.21 53.93
CA GLY M 111 -61.09 23.22 52.50
C GLY M 111 -61.55 21.98 51.76
N ILE M 112 -62.62 21.33 52.21
CA ILE M 112 -63.25 20.21 51.45
C ILE M 112 -63.68 20.75 50.08
N SER M 113 -64.23 21.98 50.02
CA SER M 113 -64.72 22.62 48.77
C SER M 113 -63.59 22.80 47.76
N SER M 114 -62.33 22.78 48.21
CA SER M 114 -61.13 22.97 47.34
C SER M 114 -61.05 21.86 46.28
N MET M 115 -61.66 20.71 46.57
CA MET M 115 -61.58 19.48 45.71
C MET M 115 -62.52 19.62 44.51
N LEU M 116 -63.52 20.51 44.54
CA LEU M 116 -64.38 20.75 43.35
C LEU M 116 -63.61 21.59 42.33
N ASN M 117 -62.64 20.96 41.67
CA ASN M 117 -61.62 21.59 40.80
C ASN M 117 -61.20 20.57 39.74
N MET M 118 -61.64 20.77 38.50
CA MET M 118 -61.38 19.84 37.37
C MET M 118 -60.56 20.54 36.30
N HIS M 119 -59.80 21.60 36.66
CA HIS M 119 -59.05 22.44 35.70
C HIS M 119 -57.58 22.56 36.10
N SER M 120 -57.19 22.18 37.33
CA SER M 120 -55.80 22.35 37.83
C SER M 120 -54.98 21.08 37.58
N TYR M 121 -54.77 20.77 36.30
CA TYR M 121 -53.72 19.85 35.75
C TYR M 121 -54.02 18.39 36.07
N GLY M 122 -55.26 18.05 36.43
CA GLY M 122 -55.63 16.66 36.75
C GLY M 122 -55.62 15.81 35.50
N LEU M 123 -55.27 14.52 35.62
CA LEU M 123 -55.43 13.53 34.52
C LEU M 123 -56.85 13.64 33.97
N ARG M 124 -57.01 13.81 32.66
CA ARG M 124 -58.32 14.19 32.06
C ARG M 124 -59.15 12.94 31.75
N ALA M 125 -60.46 13.03 31.99
CA ALA M 125 -61.42 11.91 31.81
C ALA M 125 -61.86 11.88 30.35
N PHE M 126 -62.49 10.77 29.96
CA PHE M 126 -63.10 10.56 28.62
C PHE M 126 -62.03 10.79 27.54
N GLY M 127 -60.93 10.05 27.67
CA GLY M 127 -59.83 9.95 26.69
C GLY M 127 -59.12 11.27 26.44
N GLY M 128 -59.11 12.18 27.42
CA GLY M 128 -58.32 13.43 27.38
C GLY M 128 -59.15 14.66 27.03
N TYR M 129 -60.43 14.48 26.64
CA TYR M 129 -61.33 15.58 26.19
C TYR M 129 -62.13 16.14 27.38
N GLY M 130 -62.30 15.35 28.45
CA GLY M 130 -63.04 15.76 29.66
C GLY M 130 -62.19 16.65 30.58
N GLY M 131 -62.68 16.86 31.81
CA GLY M 131 -61.98 17.64 32.86
C GLY M 131 -61.00 16.78 33.65
N GLY M 132 -60.19 17.42 34.48
CA GLY M 132 -59.19 16.76 35.36
C GLY M 132 -59.84 15.96 36.47
N TYR M 133 -59.22 14.84 36.84
CA TYR M 133 -59.59 14.02 38.03
C TYR M 133 -59.50 14.91 39.28
N THR M 134 -60.61 15.02 40.01
CA THR M 134 -60.65 15.51 41.42
C THR M 134 -59.87 14.52 42.28
N ILE M 135 -59.38 14.98 43.42
CA ILE M 135 -58.63 14.10 44.35
C ILE M 135 -59.41 12.79 44.51
N GLU M 136 -58.71 11.66 44.48
CA GLU M 136 -59.31 10.32 44.73
C GLU M 136 -58.25 9.35 45.24
N GLY M 137 -58.68 8.14 45.60
CA GLY M 137 -57.84 7.05 46.10
C GLY M 137 -58.04 6.83 47.58
N SER M 138 -57.18 5.99 48.19
CA SER M 138 -57.19 5.65 49.62
C SER M 138 -57.00 6.92 50.44
N HIS M 139 -57.73 7.03 51.56
CA HIS M 139 -57.73 8.22 52.44
C HIS M 139 -57.89 7.80 53.90
N ILE M 140 -57.44 8.66 54.82
CA ILE M 140 -57.62 8.50 56.29
C ILE M 140 -58.02 9.86 56.86
N HIS M 141 -59.03 9.85 57.75
CA HIS M 141 -59.44 11.04 58.54
C HIS M 141 -59.43 10.66 60.01
N PHE M 142 -58.73 11.43 60.81
CA PHE M 142 -58.48 11.08 62.24
C PHE M 142 -58.15 12.33 63.05
N PHE M 143 -58.70 12.41 64.27
CA PHE M 143 -58.34 13.46 65.25
C PHE M 143 -58.39 12.87 66.66
N SER M 144 -57.57 13.42 67.55
CA SER M 144 -57.60 13.09 69.00
C SER M 144 -57.51 14.38 69.81
N VAL M 145 -58.22 14.42 70.94
CA VAL M 145 -58.08 15.43 72.02
C VAL M 145 -57.65 14.67 73.29
N GLY M 146 -56.66 15.19 74.00
CA GLY M 146 -56.01 14.48 75.10
C GLY M 146 -55.40 15.42 76.12
N GLY M 147 -55.19 14.91 77.33
CA GLY M 147 -54.57 15.64 78.45
C GLY M 147 -53.08 15.40 78.49
N GLU M 148 -52.56 14.66 77.50
CA GLU M 148 -51.13 14.30 77.40
C GLU M 148 -50.87 13.80 75.98
N PRO M 149 -49.58 13.63 75.61
CA PRO M 149 -49.25 13.05 74.31
C PRO M 149 -50.02 11.75 74.00
N LEU M 150 -50.47 11.59 72.76
CA LEU M 150 -51.23 10.41 72.28
C LEU M 150 -50.30 9.19 72.25
N ASP M 151 -50.73 8.06 72.81
CA ASP M 151 -49.95 6.78 72.82
C ASP M 151 -50.08 6.11 71.45
N LEU M 152 -48.95 5.73 70.84
CA LEU M 152 -48.84 5.10 69.49
C LEU M 152 -48.32 3.67 69.63
N GLN M 153 -48.97 2.73 68.95
CA GLN M 153 -48.55 1.32 68.77
C GLN M 153 -47.96 1.18 67.36
N GLY M 154 -46.82 0.49 67.26
CA GLY M 154 -46.14 0.22 65.99
C GLY M 154 -46.83 -0.91 65.22
N LEU M 155 -47.27 -0.60 64.00
CA LEU M 155 -47.70 -1.62 63.01
C LEU M 155 -47.63 -1.02 61.61
N MET M 156 -46.99 -1.75 60.68
CA MET M 156 -46.66 -1.30 59.31
C MET M 156 -46.86 -2.46 58.32
N GLN M 157 -46.98 -2.14 57.02
CA GLN M 157 -47.21 -3.13 55.93
C GLN M 157 -45.91 -3.88 55.63
N ASN M 158 -44.76 -3.20 55.71
CA ASN M 158 -43.44 -3.78 55.33
C ASN M 158 -42.40 -3.45 56.40
N HIS M 159 -42.00 -4.46 57.20
CA HIS M 159 -41.05 -4.27 58.34
C HIS M 159 -39.74 -3.66 57.84
N SER M 160 -39.37 -3.94 56.60
CA SER M 160 -38.05 -3.57 56.03
C SER M 160 -38.03 -2.10 55.59
N THR M 161 -39.17 -1.42 55.53
CA THR M 161 -39.25 -0.03 55.02
C THR M 161 -38.19 0.81 55.75
N GLN M 162 -37.48 1.67 55.01
CA GLN M 162 -36.42 2.56 55.55
C GLN M 162 -36.94 4.01 55.53
N TYR M 163 -37.19 4.57 56.71
CA TYR M 163 -37.68 5.97 56.85
C TYR M 163 -36.48 6.89 56.98
N PRO M 164 -36.37 7.92 56.10
CA PRO M 164 -35.30 8.91 56.23
C PRO M 164 -35.40 9.69 57.54
N SER M 165 -34.26 10.10 58.11
CA SER M 165 -34.21 11.11 59.21
C SER M 165 -34.81 12.41 58.69
N PRO M 166 -35.56 13.19 59.51
CA PRO M 166 -35.76 12.91 60.94
C PRO M 166 -36.99 12.07 61.34
N LEU M 167 -37.65 11.42 60.38
CA LEU M 167 -38.85 10.58 60.66
C LEU M 167 -38.47 9.48 61.66
N VAL M 168 -39.45 9.01 62.43
CA VAL M 168 -39.28 7.94 63.45
C VAL M 168 -40.25 6.82 63.12
N GLY M 169 -39.75 5.58 63.07
CA GLY M 169 -40.55 4.38 62.83
C GLY M 169 -40.30 3.34 63.92
N PRO M 170 -41.12 2.27 63.97
CA PRO M 170 -40.98 1.25 65.00
C PRO M 170 -39.57 0.66 64.97
N LYS M 171 -38.89 0.69 66.11
CA LYS M 171 -37.56 0.04 66.32
C LYS M 171 -37.64 -0.68 67.66
N LYS M 172 -37.05 -1.88 67.77
CA LYS M 172 -36.76 -2.53 69.08
C LYS M 172 -35.71 -1.67 69.79
N PRO M 173 -35.39 -1.93 71.08
CA PRO M 173 -34.35 -1.17 71.77
C PRO M 173 -32.99 -1.23 71.07
N ASP M 174 -32.69 -2.35 70.40
CA ASP M 174 -31.38 -2.61 69.74
C ASP M 174 -31.26 -1.89 68.38
N GLY M 175 -32.34 -1.32 67.85
CA GLY M 175 -32.33 -0.57 66.56
C GLY M 175 -32.97 -1.33 65.41
N THR M 176 -33.07 -2.67 65.51
CA THR M 176 -33.67 -3.59 64.50
C THR M 176 -35.18 -3.33 64.40
N THR M 177 -35.81 -3.94 63.40
CA THR M 177 -37.28 -3.95 63.15
C THR M 177 -37.62 -5.28 62.47
N ASP M 178 -38.08 -6.28 63.23
CA ASP M 178 -38.29 -7.66 62.69
C ASP M 178 -39.70 -7.76 62.07
N ASP M 179 -40.10 -8.98 61.70
CA ASP M 179 -41.35 -9.27 60.94
C ASP M 179 -42.57 -9.00 61.83
N SER M 180 -42.41 -9.05 63.16
CA SER M 180 -43.52 -8.89 64.14
C SER M 180 -44.18 -7.51 64.01
N ALA M 181 -43.44 -6.51 63.53
CA ALA M 181 -43.92 -5.12 63.34
C ALA M 181 -45.00 -5.05 62.26
N GLN M 182 -45.35 -6.16 61.61
CA GLN M 182 -46.45 -6.23 60.61
C GLN M 182 -47.74 -6.66 61.31
N VAL M 183 -47.62 -7.11 62.56
CA VAL M 183 -48.76 -7.45 63.44
C VAL M 183 -48.58 -6.67 64.75
N LEU M 184 -49.22 -7.09 65.84
CA LEU M 184 -49.08 -6.43 67.15
C LEU M 184 -47.91 -7.09 67.90
N ASN M 185 -46.88 -6.29 68.19
CA ASN M 185 -45.82 -6.64 69.17
C ASN M 185 -45.68 -5.45 70.12
N PRO M 186 -46.05 -5.62 71.40
CA PRO M 186 -45.98 -4.55 72.39
C PRO M 186 -44.63 -3.82 72.47
N ILE M 187 -43.55 -4.44 71.98
CA ILE M 187 -42.17 -3.84 72.02
C ILE M 187 -42.16 -2.53 71.23
N TYR M 188 -43.05 -2.36 70.24
CA TYR M 188 -43.07 -1.19 69.32
C TYR M 188 -44.11 -0.18 69.79
N LYS M 189 -43.71 0.77 70.64
CA LYS M 189 -44.60 1.81 71.21
C LYS M 189 -43.86 3.16 71.18
N ALA M 190 -44.63 4.25 71.13
CA ALA M 190 -44.10 5.62 71.06
C ALA M 190 -45.18 6.61 71.48
N LYS M 191 -44.76 7.81 71.86
CA LYS M 191 -45.66 8.94 72.21
C LYS M 191 -45.58 9.93 71.04
N LEU M 192 -46.72 10.34 70.52
CA LEU M 192 -46.84 11.35 69.43
C LEU M 192 -46.43 12.71 69.99
N ASP M 193 -45.13 12.96 70.13
CA ASP M 193 -44.58 14.11 70.90
C ASP M 193 -43.90 15.12 69.96
N LYS M 194 -44.09 15.01 68.64
CA LYS M 194 -43.47 15.92 67.64
C LYS M 194 -44.32 15.89 66.36
N ASP M 195 -44.65 17.08 65.85
CA ASP M 195 -45.39 17.28 64.58
C ASP M 195 -44.55 16.71 63.42
N ALA M 196 -45.22 16.25 62.36
CA ALA M 196 -44.60 15.95 61.05
C ALA M 196 -43.45 14.94 61.18
N THR M 197 -43.53 14.01 62.14
CA THR M 197 -42.39 13.13 62.50
C THR M 197 -42.79 11.65 62.47
N TYR M 198 -43.98 11.30 62.95
CA TYR M 198 -44.44 9.89 63.06
C TYR M 198 -45.29 9.57 61.84
N PRO M 199 -44.82 8.69 60.94
CA PRO M 199 -45.59 8.33 59.75
C PRO M 199 -46.91 7.65 60.12
N ILE M 200 -47.99 8.04 59.45
CA ILE M 200 -49.33 7.42 59.60
C ILE M 200 -49.21 5.91 59.35
N GLU M 201 -48.30 5.48 58.46
CA GLU M 201 -48.30 4.12 57.89
C GLU M 201 -47.68 3.10 58.85
N CYS M 202 -46.93 3.53 59.87
CA CYS M 202 -46.23 2.59 60.81
C CYS M 202 -46.72 2.78 62.25
N TRP M 203 -47.58 3.76 62.51
CA TRP M 203 -48.09 4.12 63.87
C TRP M 203 -49.61 4.26 63.88
N CYS M 204 -50.30 3.51 64.73
CA CYS M 204 -51.75 3.69 65.00
C CYS M 204 -51.94 4.05 66.47
N PRO M 205 -53.08 4.67 66.86
CA PRO M 205 -53.36 4.91 68.28
C PRO M 205 -53.40 3.59 69.04
N ASP M 206 -52.71 3.54 70.17
CA ASP M 206 -52.57 2.35 71.06
C ASP M 206 -53.84 2.21 71.88
N PRO M 207 -54.68 1.18 71.62
CA PRO M 207 -55.92 1.00 72.37
C PRO M 207 -55.70 0.42 73.78
N SER M 208 -54.48 -0.04 74.09
CA SER M 208 -54.09 -0.57 75.43
C SER M 208 -53.76 0.58 76.39
N ARG M 209 -53.64 1.80 75.87
CA ARG M 209 -53.30 3.01 76.66
C ARG M 209 -54.29 4.13 76.31
N ASN M 210 -53.81 5.36 76.17
CA ASN M 210 -54.65 6.54 75.81
C ASN M 210 -55.86 6.66 76.75
N GLU M 211 -55.71 6.28 78.03
CA GLU M 211 -56.79 6.42 79.06
C GLU M 211 -57.20 7.89 79.13
N ASN M 212 -56.24 8.82 79.01
CA ASN M 212 -56.44 10.28 79.18
C ASN M 212 -56.52 10.98 77.81
N SER M 213 -56.92 10.26 76.75
CA SER M 213 -57.11 10.80 75.38
C SER M 213 -58.35 10.18 74.73
N ARG M 214 -59.03 10.96 73.88
CA ARG M 214 -60.16 10.47 73.05
C ARG M 214 -59.74 10.59 71.57
N TYR M 215 -59.73 9.48 70.83
CA TYR M 215 -59.32 9.45 69.40
C TYR M 215 -60.42 8.81 68.55
N PHE M 216 -60.49 9.25 67.30
CA PHE M 216 -61.53 8.87 66.30
C PHE M 216 -60.91 8.87 64.90
N GLY M 217 -60.95 7.73 64.21
CA GLY M 217 -60.32 7.56 62.89
C GLY M 217 -61.16 6.71 61.95
N SER M 218 -61.08 7.02 60.67
CA SER M 218 -61.73 6.25 59.58
C SER M 218 -60.81 6.22 58.35
N TYR M 219 -60.42 5.00 57.93
CA TYR M 219 -59.62 4.74 56.71
C TYR M 219 -60.51 4.06 55.66
N THR M 220 -60.40 4.53 54.41
CA THR M 220 -61.00 3.91 53.21
C THR M 220 -59.85 3.64 52.22
N GLY M 221 -59.81 2.44 51.63
CA GLY M 221 -58.77 2.03 50.66
C GLY M 221 -59.23 2.22 49.22
N GLY M 222 -58.61 1.48 48.29
CA GLY M 222 -58.99 1.46 46.86
C GLY M 222 -58.16 2.43 46.04
N VAL M 223 -58.12 2.21 44.72
CA VAL M 223 -57.21 2.92 43.79
C VAL M 223 -57.79 4.28 43.43
N GLU M 224 -59.09 4.32 43.10
CA GLU M 224 -59.79 5.52 42.57
C GLU M 224 -61.01 5.85 43.45
N THR M 225 -61.01 5.41 44.71
CA THR M 225 -62.15 5.55 45.66
C THR M 225 -62.49 7.03 45.81
N PRO M 226 -63.78 7.43 45.66
CA PRO M 226 -64.14 8.84 45.76
C PRO M 226 -64.18 9.23 47.24
N PRO M 227 -63.57 10.36 47.65
CA PRO M 227 -63.70 10.83 49.02
C PRO M 227 -65.11 11.38 49.25
N VAL M 228 -65.68 11.09 50.43
CA VAL M 228 -66.99 11.63 50.91
C VAL M 228 -66.70 12.36 52.22
N LEU M 229 -66.85 13.69 52.23
CA LEU M 229 -66.57 14.53 53.42
C LEU M 229 -67.72 15.53 53.59
N SER M 230 -68.20 15.69 54.82
CA SER M 230 -69.26 16.64 55.22
C SER M 230 -68.65 17.75 56.09
N PHE M 231 -69.32 18.91 56.12
CA PHE M 231 -68.89 20.06 56.94
C PHE M 231 -70.13 20.81 57.44
N THR M 232 -70.08 21.24 58.72
CA THR M 232 -71.16 21.98 59.43
C THR M 232 -70.58 22.60 60.71
N ASN M 233 -71.16 23.70 61.18
CA ASN M 233 -70.78 24.30 62.50
C ASN M 233 -71.81 23.89 63.56
N THR M 234 -72.67 22.92 63.28
CA THR M 234 -73.78 22.48 64.17
C THR M 234 -73.49 21.12 64.80
N SER M 235 -72.27 20.62 64.78
CA SER M 235 -71.93 19.26 65.26
C SER M 235 -70.91 19.34 66.39
N THR M 236 -71.19 18.63 67.49
CA THR M 236 -70.37 18.62 68.73
C THR M 236 -70.13 17.17 69.16
N THR M 237 -68.91 16.87 69.59
CA THR M 237 -68.52 15.52 70.09
C THR M 237 -68.24 15.65 71.58
N ILE M 238 -68.94 14.86 72.39
CA ILE M 238 -68.72 14.80 73.87
C ILE M 238 -67.44 13.98 74.08
N LEU M 239 -66.55 14.44 74.96
CA LEU M 239 -65.25 13.79 75.24
C LEU M 239 -65.28 13.09 76.60
N LEU M 240 -66.39 13.18 77.34
CA LEU M 240 -66.56 12.51 78.65
C LEU M 240 -66.65 10.99 78.42
N ASP M 241 -66.02 10.21 79.30
CA ASP M 241 -66.00 8.73 79.22
C ASP M 241 -67.25 8.18 79.91
N GLU M 242 -67.32 6.85 80.07
CA GLU M 242 -68.46 6.11 80.68
C GLU M 242 -68.74 6.61 82.11
N ASN M 243 -67.75 7.26 82.76
CA ASN M 243 -67.86 7.81 84.15
C ASN M 243 -67.96 9.33 84.17
N GLY M 244 -68.29 9.98 83.03
CA GLY M 244 -68.47 11.44 82.97
C GLY M 244 -67.18 12.23 83.15
N VAL M 245 -66.02 11.60 82.98
CA VAL M 245 -64.68 12.27 83.08
C VAL M 245 -64.13 12.49 81.67
N GLY M 246 -63.76 13.73 81.37
CA GLY M 246 -63.05 14.11 80.13
C GLY M 246 -61.53 14.00 80.29
N PRO M 247 -60.76 14.18 79.20
CA PRO M 247 -59.31 14.29 79.30
C PRO M 247 -58.91 15.38 80.30
N LEU M 248 -58.02 15.04 81.23
CA LEU M 248 -57.46 15.98 82.25
C LEU M 248 -56.08 16.45 81.76
N CYS M 249 -55.94 17.74 81.48
CA CYS M 249 -54.73 18.35 80.86
C CYS M 249 -53.60 18.48 81.88
N LYS M 250 -52.71 17.47 81.94
CA LYS M 250 -51.47 17.49 82.76
C LYS M 250 -50.61 18.69 82.32
N GLY M 251 -49.92 19.33 83.25
CA GLY M 251 -49.06 20.50 83.01
C GLY M 251 -49.81 21.64 82.34
N ASP M 252 -51.13 21.69 82.47
CA ASP M 252 -51.98 22.77 81.88
C ASP M 252 -51.76 22.83 80.37
N GLY M 253 -51.72 21.66 79.72
CA GLY M 253 -51.50 21.50 78.27
C GLY M 253 -52.53 20.61 77.61
N LEU M 254 -53.21 21.14 76.58
CA LEU M 254 -54.17 20.38 75.73
C LEU M 254 -53.43 19.82 74.51
N TYR M 255 -53.49 18.50 74.31
CA TYR M 255 -52.82 17.78 73.19
C TYR M 255 -53.84 17.50 72.08
N LEU M 256 -53.67 18.17 70.94
CA LEU M 256 -54.42 17.95 69.68
C LEU M 256 -53.55 17.16 68.68
N SER M 257 -54.17 16.20 67.99
CA SER M 257 -53.56 15.40 66.90
C SER M 257 -54.56 15.31 65.74
N SER M 258 -54.05 15.22 64.51
CA SER M 258 -54.81 15.27 63.24
C SER M 258 -54.12 14.37 62.22
N ALA M 259 -54.90 13.77 61.32
CA ALA M 259 -54.42 13.05 60.13
C ALA M 259 -55.53 13.08 59.09
N ASP M 260 -55.46 13.99 58.12
CA ASP M 260 -56.51 14.15 57.09
C ASP M 260 -55.86 14.15 55.71
N VAL M 261 -55.59 12.93 55.23
CA VAL M 261 -55.12 12.63 53.85
C VAL M 261 -56.36 12.32 53.01
N ALA M 262 -56.85 13.31 52.27
CA ALA M 262 -58.16 13.30 51.58
C ALA M 262 -58.16 12.26 50.46
N GLY M 263 -56.95 11.92 49.98
CA GLY M 263 -56.69 11.00 48.84
C GLY M 263 -55.45 11.43 48.08
N THR M 264 -55.36 11.07 46.80
CA THR M 264 -54.21 11.43 45.92
C THR M 264 -54.69 12.41 44.84
N PHE M 265 -53.78 13.26 44.37
CA PHE M 265 -53.90 14.05 43.12
C PHE M 265 -53.20 13.29 42.00
N VAL M 266 -53.91 13.03 40.90
CA VAL M 266 -53.39 12.26 39.72
C VAL M 266 -53.09 13.28 38.62
N GLN M 267 -51.80 13.57 38.38
CA GLN M 267 -51.37 14.62 37.42
C GLN M 267 -51.51 14.12 35.97
N GLN M 268 -52.02 14.97 35.10
CA GLN M 268 -52.15 14.71 33.64
C GLN M 268 -50.74 14.51 33.07
N THR M 269 -50.63 13.65 32.04
CA THR M 269 -49.41 13.47 31.22
C THR M 269 -48.40 12.64 32.00
N SER M 270 -47.89 13.10 33.14
CA SER M 270 -46.95 12.34 34.00
C SER M 270 -47.62 11.05 34.50
N GLN M 271 -48.93 11.13 34.79
CA GLN M 271 -49.74 10.07 35.44
C GLN M 271 -49.12 9.69 36.79
N LYS M 272 -48.41 10.62 37.43
CA LYS M 272 -47.85 10.48 38.80
C LYS M 272 -48.91 10.91 39.83
N GLN M 273 -48.78 10.38 41.05
CA GLN M 273 -49.75 10.58 42.16
C GLN M 273 -49.06 11.30 43.31
N TYR M 274 -49.80 12.23 43.92
CA TYR M 274 -49.37 13.06 45.07
C TYR M 274 -50.44 12.95 46.16
N TRP M 275 -50.02 12.61 47.38
CA TRP M 275 -50.88 12.68 48.58
C TRP M 275 -51.36 14.12 48.77
N ARG M 276 -52.65 14.30 49.08
CA ARG M 276 -53.29 15.62 49.31
C ARG M 276 -53.82 15.65 50.75
N GLY M 277 -53.28 16.52 51.59
CA GLY M 277 -53.71 16.69 52.98
C GLY M 277 -54.65 17.88 53.14
N LEU M 278 -55.48 17.86 54.18
CA LEU M 278 -56.38 18.99 54.51
C LEU M 278 -56.19 19.37 55.98
N PRO M 279 -56.38 20.67 56.32
CA PRO M 279 -56.25 21.11 57.70
C PRO M 279 -57.51 20.77 58.51
N ARG M 280 -57.37 20.72 59.84
CA ARG M 280 -58.47 20.39 60.78
C ARG M 280 -58.59 21.50 61.82
N TYR M 281 -59.78 22.11 61.89
CA TYR M 281 -60.15 23.10 62.93
C TYR M 281 -60.60 22.34 64.18
N PHE M 282 -60.19 22.84 65.34
CA PHE M 282 -60.66 22.37 66.67
C PHE M 282 -61.27 23.55 67.43
N ASN M 283 -62.36 23.28 68.14
CA ASN M 283 -62.98 24.20 69.13
C ASN M 283 -63.29 23.38 70.37
N ILE M 284 -62.43 23.42 71.38
CA ILE M 284 -62.57 22.57 72.60
C ILE M 284 -63.14 23.44 73.72
N THR M 285 -64.11 22.89 74.46
CA THR M 285 -64.66 23.46 75.72
C THR M 285 -64.08 22.68 76.91
N LEU M 286 -63.47 23.40 77.85
CA LEU M 286 -62.89 22.81 79.08
C LEU M 286 -63.52 23.48 80.31
N ARG M 287 -63.54 22.76 81.42
CA ARG M 287 -64.05 23.20 82.74
C ARG M 287 -63.01 22.82 83.80
N LYS M 288 -62.94 23.55 84.92
CA LYS M 288 -61.99 23.26 86.02
C LYS M 288 -62.50 22.01 86.74
N ARG M 289 -61.59 21.10 87.12
CA ARG M 289 -61.92 19.84 87.83
C ARG M 289 -60.87 19.63 88.93
N ALA M 290 -61.33 19.15 90.08
CA ALA M 290 -60.52 18.98 91.31
C ALA M 290 -59.97 17.55 91.35
N VAL M 291 -58.72 17.40 91.77
CA VAL M 291 -58.00 16.10 91.81
C VAL M 291 -57.12 16.06 93.07
N LYS M 292 -56.94 14.86 93.66
CA LYS M 292 -56.15 14.64 94.89
C LYS M 292 -54.64 14.70 94.56
N ILE N 26 -73.74 41.07 71.31
CA ILE N 26 -75.06 41.54 71.86
C ILE N 26 -75.44 40.64 73.06
N GLU N 27 -76.22 41.16 74.02
CA GLU N 27 -76.82 40.38 75.14
C GLU N 27 -78.22 39.92 74.70
N VAL N 28 -78.44 38.60 74.60
CA VAL N 28 -79.70 37.98 74.12
C VAL N 28 -80.67 37.74 75.29
N LEU N 29 -81.90 38.24 75.17
CA LEU N 29 -82.89 38.28 76.28
C LEU N 29 -84.05 37.34 75.95
N ASP N 30 -85.24 37.63 76.48
CA ASP N 30 -86.48 36.79 76.37
C ASP N 30 -86.95 36.73 74.91
N VAL N 31 -87.60 35.64 74.54
CA VAL N 31 -88.37 35.47 73.27
C VAL N 31 -89.67 36.26 73.38
N LYS N 32 -89.83 37.38 72.67
CA LYS N 32 -91.14 38.10 72.61
C LYS N 32 -92.17 37.11 72.05
N THR N 33 -93.34 37.00 72.68
CA THR N 33 -94.49 36.20 72.17
C THR N 33 -95.73 37.10 72.16
N GLY N 34 -96.71 36.75 71.34
CA GLY N 34 -97.92 37.55 71.11
C GLY N 34 -98.41 37.38 69.68
N PRO N 35 -99.39 38.18 69.23
CA PRO N 35 -99.78 38.16 67.81
C PRO N 35 -98.68 38.82 66.98
N ASP N 36 -98.44 38.31 65.77
CA ASP N 36 -97.45 38.85 64.81
C ASP N 36 -96.04 38.79 65.42
N SER N 37 -95.73 37.75 66.20
CA SER N 37 -94.39 37.53 66.82
C SER N 37 -93.60 36.47 66.04
N THR N 38 -94.26 35.71 65.16
CA THR N 38 -93.62 34.75 64.22
C THR N 38 -94.01 35.09 62.77
N THR N 39 -93.10 34.84 61.83
CA THR N 39 -93.36 34.93 60.37
C THR N 39 -92.55 33.84 59.65
N THR N 40 -92.98 33.45 58.45
CA THR N 40 -92.25 32.51 57.56
C THR N 40 -91.90 33.23 56.25
N ILE N 41 -90.67 33.04 55.75
CA ILE N 41 -90.22 33.55 54.43
C ILE N 41 -89.91 32.36 53.50
N GLU N 42 -90.40 32.44 52.25
CA GLU N 42 -90.07 31.51 51.13
C GLU N 42 -89.09 32.22 50.20
N ALA N 43 -88.04 31.52 49.76
CA ALA N 43 -87.04 32.02 48.80
C ALA N 43 -86.44 30.84 48.03
N TYR N 44 -85.83 31.12 46.88
CA TYR N 44 -85.00 30.15 46.11
C TYR N 44 -83.70 30.83 45.67
N LEU N 45 -82.63 30.06 45.62
CA LEU N 45 -81.35 30.45 45.00
C LEU N 45 -81.11 29.57 43.78
N ASN N 46 -81.13 30.17 42.58
CA ASN N 46 -80.70 29.52 41.32
C ASN N 46 -79.19 29.33 41.40
N PRO N 47 -78.63 28.27 40.76
CA PRO N 47 -77.21 27.98 40.88
C PRO N 47 -76.35 28.98 40.09
N ARG N 48 -75.09 29.14 40.47
CA ARG N 48 -74.12 30.02 39.76
C ARG N 48 -72.88 29.19 39.42
N VAL N 49 -73.03 28.33 38.41
CA VAL N 49 -71.98 27.36 37.98
C VAL N 49 -71.09 28.03 36.92
N GLY N 50 -71.32 29.30 36.59
CA GLY N 50 -70.50 30.09 35.64
C GLY N 50 -71.36 30.77 34.59
N GLN N 51 -72.51 30.17 34.26
CA GLN N 51 -73.61 30.82 33.51
C GLN N 51 -74.87 30.72 34.37
N ASN N 52 -76.00 31.19 33.83
CA ASN N 52 -77.24 31.44 34.62
C ASN N 52 -78.28 30.37 34.34
N TRP N 53 -78.05 29.46 33.41
CA TRP N 53 -79.10 28.49 32.99
C TRP N 53 -78.67 27.07 33.37
N GLY N 54 -77.86 26.95 34.43
CA GLY N 54 -77.66 25.71 35.19
C GLY N 54 -76.52 24.86 34.67
N PHE N 55 -75.87 25.28 33.58
CA PHE N 55 -74.65 24.64 33.04
C PHE N 55 -73.52 25.67 32.90
N SER N 56 -72.30 25.27 33.24
CA SER N 56 -71.05 26.00 32.92
C SER N 56 -70.75 25.84 31.43
N THR N 57 -69.79 26.59 30.91
CA THR N 57 -69.13 26.31 29.60
C THR N 57 -68.17 25.15 29.82
N GLU N 58 -67.59 24.59 28.75
CA GLU N 58 -66.75 23.36 28.84
C GLU N 58 -65.64 23.57 29.88
N ILE N 59 -65.36 22.52 30.64
CA ILE N 59 -64.22 22.49 31.60
C ILE N 59 -62.95 22.37 30.79
N THR N 60 -61.97 23.25 31.01
CA THR N 60 -60.66 23.30 30.29
C THR N 60 -59.54 22.93 31.26
N VAL N 61 -58.43 22.39 30.74
CA VAL N 61 -57.26 21.99 31.56
C VAL N 61 -55.98 22.44 30.85
N ALA N 62 -55.40 23.55 31.28
CA ALA N 62 -54.07 24.02 30.83
C ALA N 62 -53.09 22.85 30.80
N SER N 63 -52.20 22.81 29.80
CA SER N 63 -51.09 21.84 29.74
C SER N 63 -50.12 22.14 30.90
N ASN N 64 -49.53 21.10 31.49
CA ASN N 64 -48.51 21.27 32.56
C ASN N 64 -47.56 22.38 32.13
N GLY N 65 -47.16 23.26 33.05
CA GLY N 65 -46.18 24.34 32.81
C GLY N 65 -46.82 25.59 32.23
N TYR N 66 -48.06 25.52 31.72
CA TYR N 66 -48.83 26.69 31.23
C TYR N 66 -49.63 27.29 32.40
N ASN N 67 -50.01 28.58 32.28
CA ASN N 67 -50.85 29.28 33.28
C ASN N 67 -52.16 28.51 33.47
N ASP N 68 -52.56 28.29 34.73
CA ASP N 68 -53.89 27.75 35.12
C ASP N 68 -54.87 28.94 35.17
N ALA N 69 -55.50 29.26 34.05
CA ALA N 69 -56.37 30.44 33.88
C ALA N 69 -57.68 30.01 33.24
N PRO N 70 -58.59 29.39 34.01
CA PRO N 70 -59.88 28.94 33.47
C PRO N 70 -60.78 30.13 33.13
N HIS N 71 -61.77 29.88 32.30
CA HIS N 71 -62.78 30.86 31.81
C HIS N 71 -63.73 31.22 32.96
N LEU N 72 -64.08 32.50 33.08
CA LEU N 72 -65.14 32.97 34.01
C LEU N 72 -66.29 31.96 34.02
N THR N 73 -66.75 31.51 32.86
CA THR N 73 -68.02 30.76 32.70
C THR N 73 -67.84 29.25 32.96
N GLU N 74 -66.70 28.82 33.54
CA GLU N 74 -66.49 27.39 33.88
C GLU N 74 -66.21 27.21 35.37
N ILE N 75 -66.18 28.32 36.13
CA ILE N 75 -65.91 28.33 37.61
C ILE N 75 -67.26 28.45 38.34
N PRO N 76 -67.73 27.37 38.99
CA PRO N 76 -68.90 27.45 39.86
C PRO N 76 -68.63 28.27 41.13
N CYS N 77 -69.62 29.08 41.52
CA CYS N 77 -69.58 30.00 42.68
C CYS N 77 -70.75 29.72 43.64
N TYR N 78 -70.63 30.21 44.88
CA TYR N 78 -71.72 30.23 45.87
C TYR N 78 -72.82 31.19 45.38
N SER N 79 -74.06 30.71 45.39
CA SER N 79 -75.27 31.54 45.30
C SER N 79 -75.50 32.19 46.68
N SER N 80 -75.93 33.45 46.72
CA SER N 80 -76.23 34.17 47.98
C SER N 80 -77.29 35.25 47.72
N ALA N 81 -78.10 35.53 48.73
CA ALA N 81 -79.15 36.56 48.71
C ALA N 81 -79.42 37.01 50.14
N ARG N 82 -79.76 38.29 50.31
CA ARG N 82 -80.28 38.85 51.59
C ARG N 82 -81.76 39.15 51.37
N ILE N 83 -82.64 38.44 52.07
CA ILE N 83 -84.11 38.70 52.06
C ILE N 83 -84.39 39.79 53.10
N SER N 84 -85.15 40.82 52.71
CA SER N 84 -85.61 41.92 53.59
C SER N 84 -86.77 41.41 54.45
N LEU N 85 -86.62 41.54 55.78
CA LEU N 85 -87.65 41.14 56.79
C LEU N 85 -88.44 42.38 57.19
N PRO N 86 -89.66 42.24 57.77
CA PRO N 86 -90.41 43.38 58.29
C PRO N 86 -89.62 44.22 59.30
N LEU N 87 -89.71 45.55 59.25
CA LEU N 87 -89.01 46.48 60.17
C LEU N 87 -89.57 46.26 61.58
N LEU N 88 -88.71 46.21 62.60
CA LEU N 88 -89.12 45.88 64.00
C LEU N 88 -89.11 47.08 64.94
N ASN N 89 -88.02 47.85 64.97
CA ASN N 89 -87.77 48.88 66.01
C ASN N 89 -88.11 50.26 65.42
N GLU N 90 -88.97 50.23 64.41
CA GLU N 90 -89.72 51.44 63.92
C GLU N 90 -90.69 51.87 65.01
N ASP N 91 -91.36 50.94 65.72
CA ASP N 91 -91.99 51.17 67.05
C ASP N 91 -91.57 52.51 67.65
N THR N 93 -90.71 54.08 70.17
CA THR N 93 -91.12 54.26 71.58
C THR N 93 -90.97 52.93 72.37
N SER N 94 -90.81 51.78 71.70
CA SER N 94 -90.86 50.45 72.36
C SER N 94 -89.70 50.34 73.36
N PRO N 95 -89.90 49.69 74.55
CA PRO N 95 -88.87 49.65 75.59
C PRO N 95 -87.80 48.57 75.36
N THR N 96 -87.94 47.77 74.32
CA THR N 96 -87.17 46.51 74.07
C THR N 96 -86.63 46.56 72.65
N LEU N 97 -85.39 46.09 72.45
CA LEU N 97 -84.80 46.00 71.06
C LEU N 97 -85.07 44.63 70.46
N LEU N 98 -85.65 44.53 69.30
CA LEU N 98 -86.18 43.25 68.76
C LEU N 98 -85.46 42.92 67.47
N MET N 99 -84.89 41.72 67.36
CA MET N 99 -84.30 41.15 66.12
C MET N 99 -85.09 39.89 65.75
N TRP N 100 -85.25 39.62 64.46
CA TRP N 100 -85.82 38.33 63.99
C TRP N 100 -84.82 37.20 64.27
N GLU N 101 -85.32 36.08 64.79
CA GLU N 101 -84.53 34.87 65.12
C GLU N 101 -85.00 33.74 64.20
N ALA N 102 -84.13 33.26 63.33
CA ALA N 102 -84.41 32.11 62.44
C ALA N 102 -84.43 30.84 63.30
N VAL N 103 -85.58 30.16 63.37
CA VAL N 103 -85.79 29.02 64.31
C VAL N 103 -85.53 27.73 63.57
N SER N 104 -86.15 27.57 62.40
CA SER N 104 -86.14 26.30 61.61
C SER N 104 -86.06 26.63 60.11
N VAL N 105 -85.69 25.65 59.29
CA VAL N 105 -85.73 25.76 57.80
C VAL N 105 -86.14 24.42 57.20
N LYS N 106 -87.12 24.45 56.31
CA LYS N 106 -87.43 23.39 55.32
C LYS N 106 -86.67 23.79 54.04
N THR N 107 -85.70 22.98 53.59
CA THR N 107 -84.90 23.27 52.37
C THR N 107 -84.92 22.06 51.44
N GLU N 108 -84.92 22.31 50.13
CA GLU N 108 -85.09 21.29 49.07
C GLU N 108 -84.19 21.66 47.89
N VAL N 109 -83.54 20.68 47.26
CA VAL N 109 -82.84 20.85 45.95
C VAL N 109 -83.87 20.57 44.84
N VAL N 110 -84.25 21.61 44.10
CA VAL N 110 -85.35 21.55 43.09
C VAL N 110 -84.76 20.96 41.80
N GLY N 111 -85.57 20.15 41.09
CA GLY N 111 -85.24 19.65 39.74
C GLY N 111 -84.31 18.45 39.76
N ILE N 112 -84.28 17.69 40.85
CA ILE N 112 -83.51 16.41 40.91
C ILE N 112 -84.03 15.49 39.80
N SER N 113 -85.35 15.45 39.60
CA SER N 113 -86.00 14.58 38.58
C SER N 113 -85.52 14.93 37.16
N SER N 114 -84.98 16.13 36.95
CA SER N 114 -84.49 16.61 35.63
C SER N 114 -83.36 15.70 35.11
N MET N 115 -82.66 15.02 36.03
CA MET N 115 -81.45 14.20 35.72
C MET N 115 -81.88 12.85 35.14
N LEU N 116 -83.11 12.40 35.32
CA LEU N 116 -83.60 11.13 34.71
C LEU N 116 -83.89 11.38 33.23
N ASN N 117 -82.82 11.52 32.44
CA ASN N 117 -82.84 12.00 31.04
C ASN N 117 -81.63 11.39 30.31
N MET N 118 -81.89 10.42 29.44
CA MET N 118 -80.84 9.68 28.71
C MET N 118 -80.96 9.93 27.21
N HIS N 119 -81.58 11.04 26.81
CA HIS N 119 -81.85 11.37 25.38
C HIS N 119 -81.32 12.76 25.00
N SER N 120 -80.92 13.61 25.96
CA SER N 120 -80.47 14.99 25.68
C SER N 120 -78.95 15.04 25.55
N TYR N 121 -78.43 14.38 24.50
CA TYR N 121 -77.09 14.57 23.88
C TYR N 121 -75.97 14.02 24.78
N GLY N 122 -76.29 13.17 25.77
CA GLY N 122 -75.26 12.62 26.65
C GLY N 122 -74.39 11.63 25.91
N LEU N 123 -73.10 11.53 26.28
CA LEU N 123 -72.19 10.46 25.80
C LEU N 123 -72.91 9.12 25.98
N ARG N 124 -72.98 8.30 24.93
CA ARG N 124 -73.86 7.11 24.92
C ARG N 124 -73.14 5.89 25.49
N ALA N 125 -73.86 5.07 26.25
CA ALA N 125 -73.33 3.88 26.95
C ALA N 125 -73.33 2.71 25.98
N PHE N 126 -72.61 1.63 26.34
CA PHE N 126 -72.57 0.35 25.62
C PHE N 126 -72.14 0.61 24.15
N GLY N 127 -70.99 1.28 24.02
CA GLY N 127 -70.26 1.51 22.76
C GLY N 127 -71.05 2.33 21.76
N GLY N 128 -71.95 3.21 22.22
CA GLY N 128 -72.66 4.20 21.39
C GLY N 128 -74.09 3.78 21.05
N TYR N 129 -74.49 2.55 21.38
CA TYR N 129 -75.82 1.98 21.04
C TYR N 129 -76.83 2.24 22.16
N GLY N 130 -76.35 2.45 23.40
CA GLY N 130 -77.20 2.73 24.57
C GLY N 130 -77.67 4.18 24.62
N GLY N 131 -78.22 4.59 25.77
CA GLY N 131 -78.68 5.97 26.02
C GLY N 131 -77.57 6.87 26.53
N GLY N 132 -77.83 8.17 26.62
CA GLY N 132 -76.89 9.19 27.11
C GLY N 132 -76.61 9.08 28.59
N TYR N 133 -75.37 9.37 29.01
CA TYR N 133 -74.96 9.48 30.42
C TYR N 133 -75.83 10.55 31.11
N THR N 134 -76.52 10.15 32.18
CA THR N 134 -77.12 11.08 33.18
C THR N 134 -75.97 11.81 33.87
N ILE N 135 -76.26 12.98 34.44
CA ILE N 135 -75.23 13.77 35.16
C ILE N 135 -74.46 12.84 36.09
N GLU N 136 -73.14 12.95 36.14
CA GLU N 136 -72.29 12.19 37.09
C GLU N 136 -70.98 12.94 37.34
N GLY N 137 -70.17 12.40 38.26
CA GLY N 137 -68.86 12.95 38.64
C GLY N 137 -68.91 13.57 40.02
N SER N 138 -67.84 14.28 40.39
CA SER N 138 -67.69 14.96 41.70
C SER N 138 -68.80 16.01 41.84
N HIS N 139 -69.35 16.15 43.04
CA HIS N 139 -70.48 17.06 43.35
C HIS N 139 -70.34 17.62 44.77
N ILE N 140 -70.97 18.77 45.01
CA ILE N 140 -71.07 19.41 46.35
C ILE N 140 -72.52 19.90 46.55
N HIS N 141 -73.07 19.66 47.72
CA HIS N 141 -74.39 20.18 48.14
C HIS N 141 -74.22 20.89 49.49
N PHE N 142 -74.66 22.14 49.56
CA PHE N 142 -74.40 23.01 50.71
C PHE N 142 -75.42 24.14 50.79
N PHE N 143 -75.87 24.44 52.02
CA PHE N 143 -76.74 25.62 52.29
C PHE N 143 -76.39 26.19 53.66
N SER N 144 -76.59 27.50 53.81
CA SER N 144 -76.47 28.19 55.12
C SER N 144 -77.65 29.15 55.29
N VAL N 145 -78.13 29.27 56.53
CA VAL N 145 -79.06 30.34 56.99
C VAL N 145 -78.32 31.13 58.08
N GLY N 146 -78.40 32.45 58.01
CA GLY N 146 -77.57 33.33 58.85
C GLY N 146 -78.21 34.69 59.08
N GLY N 147 -77.79 35.36 60.14
CA GLY N 147 -78.25 36.72 60.49
C GLY N 147 -77.35 37.78 59.90
N GLU N 148 -76.35 37.35 59.12
CA GLU N 148 -75.35 38.25 58.48
C GLU N 148 -74.64 37.47 57.38
N PRO N 149 -73.86 38.15 56.53
CA PRO N 149 -73.06 37.44 55.52
C PRO N 149 -72.24 36.27 56.11
N LEU N 150 -72.18 35.16 55.38
CA LEU N 150 -71.44 33.93 55.75
C LEU N 150 -69.94 34.21 55.73
N ASP N 151 -69.21 33.83 56.77
CA ASP N 151 -67.72 33.97 56.87
C ASP N 151 -67.05 32.87 56.04
N LEU N 152 -66.13 33.25 55.15
CA LEU N 152 -65.38 32.35 54.23
C LEU N 152 -63.90 32.33 54.59
N GLN N 153 -63.31 31.14 54.66
CA GLN N 153 -61.84 30.88 54.81
C GLN N 153 -61.29 30.48 53.44
N GLY N 154 -60.15 31.05 53.06
CA GLY N 154 -59.45 30.75 51.80
C GLY N 154 -58.72 29.42 51.88
N LEU N 155 -59.06 28.50 50.98
CA LEU N 155 -58.27 27.27 50.72
C LEU N 155 -58.61 26.74 49.33
N MET N 156 -57.58 26.45 48.53
CA MET N 156 -57.67 26.07 47.09
C MET N 156 -56.65 24.97 46.77
N GLN N 157 -56.84 24.26 45.66
CA GLN N 157 -55.98 23.12 45.22
C GLN N 157 -54.68 23.66 44.62
N ASN N 158 -54.73 24.80 43.92
CA ASN N 158 -53.57 25.39 43.21
C ASN N 158 -53.47 26.89 43.49
N HIS N 159 -52.51 27.31 44.31
CA HIS N 159 -52.35 28.73 44.74
C HIS N 159 -52.22 29.64 43.52
N SER N 160 -51.66 29.13 42.43
CA SER N 160 -51.30 29.93 41.22
C SER N 160 -52.54 30.18 40.35
N THR N 161 -53.66 29.51 40.60
CA THR N 161 -54.87 29.63 39.74
C THR N 161 -55.19 31.12 39.56
N GLN N 162 -55.55 31.53 38.35
CA GLN N 162 -55.87 32.94 37.98
C GLN N 162 -57.37 33.03 37.70
N TYR N 163 -58.11 33.69 38.59
CA TYR N 163 -59.59 33.87 38.45
C TYR N 163 -59.84 35.17 37.69
N PRO N 164 -60.58 35.11 36.56
CA PRO N 164 -60.95 36.33 35.84
C PRO N 164 -61.83 37.25 36.69
N SER N 165 -61.72 38.57 36.50
N SER N 165 -61.72 38.57 36.50
CA SER N 165 -62.67 39.57 37.03
CA SER N 165 -62.68 39.57 37.02
C SER N 165 -64.06 39.27 36.42
C SER N 165 -64.06 39.27 36.42
N PRO N 166 -65.18 39.42 37.16
CA PRO N 166 -65.19 39.98 38.52
C PRO N 166 -65.07 38.99 39.70
N LEU N 167 -64.70 37.74 39.44
CA LEU N 167 -64.55 36.71 40.52
C LEU N 167 -63.52 37.20 41.53
N VAL N 168 -63.65 36.73 42.78
CA VAL N 168 -62.73 37.07 43.90
C VAL N 168 -62.18 35.78 44.47
N GLY N 169 -60.86 35.72 44.63
CA GLY N 169 -60.15 34.56 45.21
C GLY N 169 -59.23 35.01 46.33
N PRO N 170 -58.69 34.08 47.13
CA PRO N 170 -57.83 34.42 48.26
C PRO N 170 -56.65 35.26 47.77
N LYS N 171 -56.47 36.44 48.37
CA LYS N 171 -55.31 37.33 48.16
C LYS N 171 -54.85 37.80 49.54
N LYS N 172 -53.54 37.89 49.76
CA LYS N 172 -52.96 38.65 50.91
C LYS N 172 -53.29 40.13 50.71
N PRO N 173 -53.05 41.01 51.70
CA PRO N 173 -53.33 42.45 51.52
C PRO N 173 -52.59 43.06 50.33
N ASP N 174 -51.39 42.55 50.02
CA ASP N 174 -50.48 43.08 48.97
C ASP N 174 -50.91 42.62 47.57
N GLY N 175 -51.86 41.68 47.43
CA GLY N 175 -52.36 41.19 46.12
C GLY N 175 -51.86 39.80 45.75
N THR N 176 -50.75 39.35 46.36
CA THR N 176 -50.11 38.02 46.15
C THR N 176 -51.03 36.90 46.66
N THR N 177 -50.68 35.65 46.35
CA THR N 177 -51.33 34.41 46.82
C THR N 177 -50.27 33.30 46.88
N ASP N 178 -49.68 33.06 48.05
CA ASP N 178 -48.51 32.14 48.19
C ASP N 178 -49.02 30.69 48.37
N ASP N 179 -48.10 29.77 48.65
CA ASP N 179 -48.36 28.31 48.72
C ASP N 179 -49.25 27.98 49.92
N SER N 180 -49.28 28.83 50.94
CA SER N 180 -50.03 28.59 52.21
C SER N 180 -51.55 28.50 51.93
N ALA N 181 -52.03 29.13 50.84
CA ALA N 181 -53.45 29.12 50.44
C ALA N 181 -53.91 27.71 50.02
N GLN N 182 -53.03 26.71 50.04
CA GLN N 182 -53.38 25.30 49.76
C GLN N 182 -53.69 24.58 51.07
N VAL N 183 -53.36 25.22 52.18
CA VAL N 183 -53.69 24.74 53.55
C VAL N 183 -54.42 25.89 54.27
N LEU N 184 -54.47 25.87 55.61
CA LEU N 184 -55.12 26.96 56.38
C LEU N 184 -54.07 28.03 56.68
N ASN N 185 -54.31 29.23 56.16
CA ASN N 185 -53.62 30.48 56.60
C ASN N 185 -54.69 31.52 56.90
N PRO N 186 -54.85 31.90 58.19
CA PRO N 186 -55.86 32.89 58.60
C PRO N 186 -55.87 34.19 57.78
N ILE N 187 -54.77 34.52 57.09
CA ILE N 187 -54.65 35.77 56.30
C ILE N 187 -55.72 35.79 55.19
N TYR N 188 -56.19 34.61 54.74
CA TYR N 188 -57.12 34.47 53.58
C TYR N 188 -58.55 34.29 54.11
N LYS N 189 -59.27 35.39 54.30
CA LYS N 189 -60.68 35.40 54.81
C LYS N 189 -61.51 36.38 53.99
N ALA N 190 -62.81 36.15 53.93
CA ALA N 190 -63.75 36.98 53.14
C ALA N 190 -65.17 36.74 53.63
N LYS N 191 -66.07 37.67 53.34
CA LYS N 191 -67.52 37.57 53.65
C LYS N 191 -68.23 37.31 52.31
N LEU N 192 -69.08 36.29 52.26
CA LEU N 192 -69.90 35.93 51.08
C LEU N 192 -70.97 37.02 50.88
N ASP N 193 -70.58 38.15 50.32
CA ASP N 193 -71.40 39.39 50.29
C ASP N 193 -71.87 39.72 48.86
N LYS N 194 -71.72 38.79 47.91
CA LYS N 194 -72.14 39.01 46.49
C LYS N 194 -72.37 37.64 45.84
N ASP N 195 -73.52 37.50 45.17
CA ASP N 195 -73.91 36.28 44.40
C ASP N 195 -72.89 36.06 43.28
N ALA N 196 -72.69 34.80 42.88
CA ALA N 196 -72.00 34.41 41.62
C ALA N 196 -70.59 35.02 41.56
N THR N 197 -69.91 35.19 42.70
CA THR N 197 -68.63 35.95 42.78
C THR N 197 -67.52 35.13 43.43
N TYR N 198 -67.83 34.39 44.50
CA TYR N 198 -66.83 33.63 45.29
C TYR N 198 -66.82 32.19 44.79
N PRO N 199 -65.73 31.74 44.15
CA PRO N 199 -65.67 30.37 43.66
C PRO N 199 -65.72 29.36 44.81
N ILE N 200 -66.50 28.30 44.63
CA ILE N 200 -66.60 27.16 45.57
C ILE N 200 -65.20 26.60 45.84
N GLU N 201 -64.31 26.63 44.83
CA GLU N 201 -63.05 25.85 44.83
C GLU N 201 -61.96 26.53 45.69
N CYS N 202 -62.08 27.81 46.03
CA CYS N 202 -61.05 28.55 46.79
C CYS N 202 -61.58 29.06 48.14
N TRP N 203 -62.88 28.88 48.41
CA TRP N 203 -63.56 29.40 49.63
C TRP N 203 -64.41 28.30 50.29
N CYS N 204 -64.17 28.01 51.57
CA CYS N 204 -65.03 27.13 52.39
C CYS N 204 -65.59 27.95 53.56
N PRO N 205 -66.71 27.53 54.19
CA PRO N 205 -67.22 28.21 55.37
C PRO N 205 -66.15 28.16 56.49
N ASP N 206 -65.90 29.31 57.11
CA ASP N 206 -64.89 29.52 58.18
C ASP N 206 -65.45 28.98 59.49
N PRO N 207 -64.92 27.85 60.02
CA PRO N 207 -65.42 27.30 61.27
C PRO N 207 -64.95 28.06 62.51
N SER N 208 -64.03 29.01 62.36
CA SER N 208 -63.51 29.88 63.46
C SER N 208 -64.47 31.05 63.69
N ARG N 209 -65.43 31.27 62.79
CA ARG N 209 -66.41 32.37 62.86
C ARG N 209 -67.81 31.80 62.65
N ASN N 210 -68.65 32.50 61.88
CA ASN N 210 -70.04 32.06 61.56
C ASN N 210 -70.82 31.75 62.85
N GLU N 211 -70.55 32.46 63.95
CA GLU N 211 -71.28 32.30 65.24
C GLU N 211 -72.78 32.55 64.97
N ASN N 212 -73.11 33.50 64.09
CA ASN N 212 -74.51 33.94 63.81
C ASN N 212 -75.02 33.35 62.50
N SER N 213 -74.47 32.19 62.07
CA SER N 213 -74.90 31.44 60.86
C SER N 213 -74.88 29.93 61.13
N ARG N 214 -75.78 29.19 60.50
CA ARG N 214 -75.80 27.71 60.52
C ARG N 214 -75.56 27.22 59.09
N TYR N 215 -74.50 26.43 58.86
CA TYR N 215 -74.14 25.92 57.51
C TYR N 215 -73.99 24.40 57.56
N PHE N 216 -74.28 23.77 56.42
CA PHE N 216 -74.32 22.30 56.21
C PHE N 216 -73.88 21.97 54.79
N GLY N 217 -72.82 21.16 54.64
CA GLY N 217 -72.23 20.85 53.33
C GLY N 217 -71.75 19.41 53.24
N SER N 218 -71.83 18.84 52.05
CA SER N 218 -71.35 17.48 51.74
C SER N 218 -70.77 17.45 50.32
N TYR N 219 -69.48 17.09 50.20
CA TYR N 219 -68.77 16.88 48.91
C TYR N 219 -68.50 15.38 48.71
N THR N 220 -68.73 14.92 47.49
CA THR N 220 -68.35 13.58 47.00
C THR N 220 -67.47 13.77 45.75
N GLY N 221 -66.34 13.05 45.66
CA GLY N 221 -65.40 13.12 44.53
C GLY N 221 -65.63 12.03 43.50
N GLY N 222 -64.60 11.71 42.71
CA GLY N 222 -64.62 10.62 41.73
C GLY N 222 -64.98 11.09 40.34
N VAL N 223 -64.64 10.29 39.32
CA VAL N 223 -64.72 10.68 37.89
C VAL N 223 -66.15 10.51 37.39
N GLU N 224 -66.77 9.37 37.72
CA GLU N 224 -68.10 8.95 37.20
C GLU N 224 -69.06 8.65 38.36
N THR N 225 -68.81 9.22 39.54
CA THR N 225 -69.56 8.95 40.79
C THR N 225 -71.04 9.30 40.57
N PRO N 226 -71.98 8.39 40.90
CA PRO N 226 -73.40 8.67 40.68
C PRO N 226 -73.90 9.61 41.76
N PRO N 227 -74.64 10.67 41.43
CA PRO N 227 -75.26 11.53 42.44
C PRO N 227 -76.43 10.76 43.08
N VAL N 228 -76.59 10.89 44.40
CA VAL N 228 -77.74 10.37 45.20
C VAL N 228 -78.38 11.57 45.89
N LEU N 229 -79.60 11.94 45.51
CA LEU N 229 -80.31 13.13 46.05
C LEU N 229 -81.75 12.75 46.37
N SER N 230 -82.22 13.16 47.56
CA SER N 230 -83.60 12.91 48.05
C SER N 230 -84.39 14.22 48.09
N PHE N 231 -85.71 14.13 48.00
CA PHE N 231 -86.61 15.31 48.05
C PHE N 231 -87.91 14.93 48.75
N THR N 232 -88.41 15.83 49.62
CA THR N 232 -89.62 15.66 50.45
C THR N 232 -90.03 17.02 51.03
N ASN N 233 -91.33 17.23 51.31
CA ASN N 233 -91.81 18.45 52.01
C ASN N 233 -92.02 18.15 53.50
N THR N 234 -91.53 16.99 53.99
CA THR N 234 -91.76 16.52 55.38
C THR N 234 -90.49 16.64 56.24
N SER N 235 -89.47 17.38 55.81
CA SER N 235 -88.17 17.43 56.52
C SER N 235 -87.86 18.86 56.96
N THR N 236 -87.48 19.02 58.23
CA THR N 236 -87.22 20.33 58.89
C THR N 236 -85.87 20.28 59.62
N THR N 237 -85.09 21.34 59.51
CA THR N 237 -83.81 21.49 60.24
C THR N 237 -83.96 22.58 61.29
N ILE N 238 -83.72 22.26 62.55
CA ILE N 238 -83.73 23.25 63.67
C ILE N 238 -82.42 24.05 63.56
N LEU N 239 -82.49 25.37 63.69
CA LEU N 239 -81.34 26.29 63.54
C LEU N 239 -80.89 26.81 64.91
N LEU N 240 -81.57 26.43 65.99
CA LEU N 240 -81.20 26.84 67.37
C LEU N 240 -79.90 26.14 67.76
N ASP N 241 -78.99 26.84 68.44
CA ASP N 241 -77.68 26.31 68.89
C ASP N 241 -77.86 25.59 70.22
N GLU N 242 -76.75 25.19 70.85
CA GLU N 242 -76.70 24.43 72.14
C GLU N 242 -77.42 25.22 73.24
N ASN N 243 -77.58 26.55 73.10
CA ASN N 243 -78.25 27.44 74.08
C ASN N 243 -79.64 27.90 73.61
N GLY N 244 -80.25 27.23 72.63
CA GLY N 244 -81.61 27.55 72.15
C GLY N 244 -81.70 28.88 71.42
N VAL N 245 -80.58 29.43 70.95
CA VAL N 245 -80.54 30.70 70.18
C VAL N 245 -80.34 30.38 68.69
N GLY N 246 -81.22 30.91 67.84
CA GLY N 246 -81.08 30.85 66.36
C GLY N 246 -80.29 32.03 65.82
N PRO N 247 -79.97 32.04 64.51
CA PRO N 247 -79.38 33.22 63.88
C PRO N 247 -80.26 34.46 64.11
N LEU N 248 -79.63 35.55 64.57
CA LEU N 248 -80.29 36.86 64.80
C LEU N 248 -80.01 37.76 63.60
N CYS N 249 -81.06 38.13 62.85
CA CYS N 249 -80.96 38.89 61.58
C CYS N 249 -80.64 40.37 61.83
N LYS N 250 -79.35 40.73 61.80
CA LYS N 250 -78.87 42.13 61.87
C LYS N 250 -79.48 42.92 60.71
N GLY N 251 -79.82 44.19 60.93
CA GLY N 251 -80.42 45.09 59.93
C GLY N 251 -81.70 44.53 59.33
N ASP N 252 -82.38 43.62 60.04
CA ASP N 252 -83.66 43.01 59.60
C ASP N 252 -83.45 42.33 58.23
N GLY N 253 -82.33 41.60 58.10
CA GLY N 253 -81.95 40.89 56.86
C GLY N 253 -81.57 39.44 57.12
N LEU N 254 -82.24 38.51 56.42
CA LEU N 254 -81.96 37.06 56.46
C LEU N 254 -80.99 36.72 55.31
N TYR N 255 -79.85 36.12 55.63
CA TYR N 255 -78.78 35.74 54.67
C TYR N 255 -78.90 34.24 54.34
N LEU N 256 -79.27 33.95 53.09
CA LEU N 256 -79.30 32.58 52.50
C LEU N 256 -78.10 32.41 51.57
N SER N 257 -77.48 31.23 51.62
CA SER N 257 -76.37 30.81 50.73
C SER N 257 -76.64 29.37 50.28
N SER N 258 -76.18 29.02 49.07
CA SER N 258 -76.44 27.74 48.38
C SER N 258 -75.22 27.38 47.53
N ALA N 259 -74.97 26.09 47.38
CA ALA N 259 -73.97 25.53 46.44
C ALA N 259 -74.41 24.11 46.10
N ASP N 260 -75.07 23.92 44.95
CA ASP N 260 -75.60 22.60 44.54
C ASP N 260 -75.13 22.30 43.12
N VAL N 261 -73.90 21.82 43.02
CA VAL N 261 -73.26 21.30 41.79
C VAL N 261 -73.49 19.79 41.78
N ALA N 262 -74.52 19.34 41.05
CA ALA N 262 -75.05 17.95 41.09
C ALA N 262 -74.01 16.97 40.55
N GLY N 263 -73.10 17.49 39.71
CA GLY N 263 -72.06 16.73 38.98
C GLY N 263 -71.76 17.37 37.64
N THR N 264 -71.27 16.59 36.68
CA THR N 264 -70.96 17.07 35.31
C THR N 264 -71.92 16.43 34.32
N PHE N 265 -72.19 17.14 33.22
CA PHE N 265 -72.80 16.60 31.98
C PHE N 265 -71.69 16.24 30.99
N VAL N 266 -71.67 15.00 30.51
CA VAL N 266 -70.65 14.46 29.55
C VAL N 266 -71.29 14.42 28.17
N GLN N 267 -70.91 15.36 27.28
CA GLN N 267 -71.55 15.52 25.95
C GLN N 267 -71.03 14.43 24.99
N GLN N 268 -71.94 13.85 24.22
CA GLN N 268 -71.63 12.85 23.16
C GLN N 268 -70.74 13.54 22.11
N THR N 269 -69.85 12.77 21.48
CA THR N 269 -69.03 13.18 20.31
C THR N 269 -67.89 14.09 20.77
N SER N 270 -68.18 15.26 21.35
CA SER N 270 -67.14 16.18 21.88
C SER N 270 -66.38 15.49 23.03
N GLN N 271 -67.09 14.70 23.83
CA GLN N 271 -66.60 14.07 25.09
C GLN N 271 -66.10 15.15 26.06
N LYS N 272 -66.65 16.36 25.94
CA LYS N 272 -66.38 17.49 26.88
C LYS N 272 -67.35 17.42 28.06
N GLN N 273 -66.96 18.03 29.18
CA GLN N 273 -67.69 18.00 30.47
C GLN N 273 -68.13 19.42 30.86
N TYR N 274 -69.35 19.51 31.36
CA TYR N 274 -70.00 20.77 31.81
C TYR N 274 -70.53 20.56 33.23
N TRP N 275 -70.17 21.45 34.15
CA TRP N 275 -70.77 21.52 35.51
C TRP N 275 -72.28 21.74 35.38
N ARG N 276 -73.07 21.01 36.16
CA ARG N 276 -74.55 21.10 36.19
C ARG N 276 -74.97 21.53 37.60
N GLY N 277 -75.57 22.72 37.73
CA GLY N 277 -76.07 23.24 39.01
C GLY N 277 -77.57 23.01 39.16
N LEU N 278 -78.06 22.98 40.40
CA LEU N 278 -79.50 22.88 40.69
C LEU N 278 -79.90 23.98 41.67
N PRO N 279 -81.16 24.48 41.57
CA PRO N 279 -81.64 25.50 42.49
C PRO N 279 -82.02 24.90 43.85
N ARG N 280 -82.05 25.74 44.89
CA ARG N 280 -82.38 25.34 46.28
C ARG N 280 -83.53 26.20 46.80
N TYR N 281 -84.63 25.57 47.20
CA TYR N 281 -85.79 26.20 47.89
C TYR N 281 -85.47 26.33 49.37
N PHE N 282 -85.83 27.46 49.96
CA PHE N 282 -85.79 27.71 51.42
C PHE N 282 -87.19 28.07 51.92
N ASN N 283 -87.54 27.58 53.10
CA ASN N 283 -88.74 27.98 53.86
C ASN N 283 -88.31 28.18 55.32
N ILE N 284 -88.05 29.42 55.72
CA ILE N 284 -87.49 29.73 57.07
C ILE N 284 -88.63 30.22 57.96
N THR N 285 -88.68 29.74 59.20
CA THR N 285 -89.57 30.23 60.29
C THR N 285 -88.74 31.08 61.24
N LEU N 286 -89.19 32.32 61.50
CA LEU N 286 -88.53 33.27 62.42
C LEU N 286 -89.53 33.73 63.48
N ARG N 287 -89.01 34.12 64.65
CA ARG N 287 -89.77 34.65 65.82
C ARG N 287 -89.07 35.90 66.31
N LYS N 288 -89.78 36.85 66.93
CA LYS N 288 -89.18 38.09 67.48
C LYS N 288 -88.40 37.71 68.74
N ARG N 289 -87.23 38.29 68.93
CA ARG N 289 -86.35 38.04 70.11
C ARG N 289 -85.78 39.38 70.59
N ALA N 290 -85.69 39.54 71.90
CA ALA N 290 -85.27 40.78 72.58
C ALA N 290 -83.76 40.73 72.85
N VAL N 291 -83.10 41.87 72.67
CA VAL N 291 -81.65 42.05 72.88
C VAL N 291 -81.39 43.39 73.55
N LYS N 292 -80.35 43.50 74.39
CA LYS N 292 -79.96 44.72 75.13
C LYS N 292 -79.20 45.63 74.17
N GLY O 24 -104.31 22.59 54.48
CA GLY O 24 -104.40 23.70 53.49
C GLY O 24 -104.92 25.00 54.11
N GLY O 25 -105.50 25.88 53.28
CA GLY O 25 -106.10 27.19 53.63
C GLY O 25 -107.53 27.06 54.17
N ILE O 26 -107.90 25.87 54.66
CA ILE O 26 -109.09 25.58 55.52
C ILE O 26 -108.75 25.87 56.99
N GLU O 27 -109.74 26.18 57.83
CA GLU O 27 -109.58 26.29 59.32
C GLU O 27 -109.90 24.92 59.95
N VAL O 28 -108.91 24.28 60.57
CA VAL O 28 -108.98 22.86 61.02
C VAL O 28 -109.46 22.80 62.47
N LEU O 29 -110.49 22.00 62.74
CA LEU O 29 -111.14 21.88 64.07
C LEU O 29 -110.85 20.48 64.66
N ASP O 30 -111.74 19.98 65.51
CA ASP O 30 -111.57 18.72 66.29
C ASP O 30 -111.55 17.51 65.34
N VAL O 31 -110.84 16.46 65.73
CA VAL O 31 -110.91 15.11 65.10
C VAL O 31 -112.21 14.44 65.54
N LYS O 32 -113.20 14.26 64.66
CA LYS O 32 -114.41 13.46 64.99
C LYS O 32 -113.93 12.05 65.33
N THR O 33 -114.41 11.46 66.43
CA THR O 33 -114.15 10.04 66.82
C THR O 33 -115.49 9.36 67.10
N GLY O 34 -115.52 8.04 67.01
CA GLY O 34 -116.72 7.20 67.20
C GLY O 34 -116.74 6.05 66.21
N PRO O 35 -117.86 5.36 66.03
CA PRO O 35 -117.95 4.30 65.03
C PRO O 35 -117.97 4.93 63.62
N ASP O 36 -117.34 4.26 62.65
CA ASP O 36 -117.28 4.67 61.23
C ASP O 36 -116.62 6.04 61.11
N SER O 37 -115.61 6.34 61.94
CA SER O 37 -114.85 7.63 61.90
C SER O 37 -113.48 7.43 61.24
N THR O 38 -113.05 6.17 61.08
CA THR O 38 -111.80 5.79 60.35
C THR O 38 -112.13 4.81 59.24
N THR O 39 -111.38 4.86 58.14
CA THR O 39 -111.42 3.88 57.02
C THR O 39 -110.01 3.71 56.45
N THR O 40 -109.74 2.57 55.82
CA THR O 40 -108.47 2.30 55.08
C THR O 40 -108.79 2.07 53.61
N ILE O 41 -107.98 2.65 52.71
CA ILE O 41 -108.06 2.39 51.24
C ILE O 41 -106.78 1.69 50.78
N GLU O 42 -106.94 0.62 49.99
CA GLU O 42 -105.86 -0.10 49.27
C GLU O 42 -105.92 0.31 47.79
N ALA O 43 -104.77 0.62 47.19
CA ALA O 43 -104.64 0.99 45.76
C ALA O 43 -103.25 0.58 45.28
N TYR O 44 -103.08 0.47 43.95
CA TYR O 44 -101.76 0.36 43.29
C TYR O 44 -101.71 1.30 42.09
N LEU O 45 -100.52 1.83 41.82
CA LEU O 45 -100.22 2.57 40.58
C LEU O 45 -99.20 1.76 39.78
N ASN O 46 -99.59 1.24 38.62
CA ASN O 46 -98.68 0.63 37.62
C ASN O 46 -97.83 1.74 37.04
N PRO O 47 -96.57 1.46 36.62
CA PRO O 47 -95.67 2.49 36.14
C PRO O 47 -96.08 3.00 34.76
N ARG O 48 -95.66 4.23 34.41
CA ARG O 48 -95.93 4.83 33.08
C ARG O 48 -94.59 5.30 32.50
N VAL O 49 -93.79 4.32 32.06
CA VAL O 49 -92.41 4.54 31.54
C VAL O 49 -92.46 4.83 30.04
N GLY O 50 -93.66 4.89 29.42
CA GLY O 50 -93.84 5.21 27.99
C GLY O 50 -94.73 4.17 27.30
N GLN O 51 -94.69 2.93 27.78
CA GLN O 51 -95.69 1.88 27.45
C GLN O 51 -96.29 1.39 28.78
N ASN O 52 -97.16 0.39 28.72
CA ASN O 52 -98.04 0.01 29.85
C ASN O 52 -97.56 -1.28 30.51
N TRP O 53 -96.57 -1.96 29.95
CA TRP O 53 -96.16 -3.29 30.47
C TRP O 53 -94.74 -3.22 31.04
N GLY O 54 -94.38 -2.05 31.55
CA GLY O 54 -93.27 -1.86 32.51
C GLY O 54 -91.94 -1.58 31.85
N PHE O 55 -91.89 -1.58 30.52
CA PHE O 55 -90.71 -1.18 29.72
C PHE O 55 -91.06 -0.07 28.72
N SER O 56 -90.18 0.91 28.58
CA SER O 56 -90.19 1.91 27.47
C SER O 56 -89.75 1.22 26.17
N THR O 57 -89.91 1.90 25.04
CA THR O 57 -89.21 1.54 23.77
C THR O 57 -87.76 2.02 23.91
N GLU O 58 -86.89 1.68 22.96
CA GLU O 58 -85.43 1.96 23.08
C GLU O 58 -85.22 3.45 23.34
N ILE O 59 -84.25 3.76 24.20
CA ILE O 59 -83.81 5.16 24.47
C ILE O 59 -83.01 5.63 23.26
N THR O 60 -83.36 6.78 22.71
CA THR O 60 -82.72 7.39 21.51
C THR O 60 -81.97 8.66 21.92
N VAL O 61 -80.92 9.01 21.16
CA VAL O 61 -80.09 10.21 21.44
C VAL O 61 -79.79 10.90 20.11
N ALA O 62 -80.53 11.96 19.80
CA ALA O 62 -80.25 12.86 18.64
C ALA O 62 -78.75 13.17 18.59
N SER O 63 -78.19 13.28 17.40
CA SER O 63 -76.81 13.79 17.18
C SER O 63 -76.74 15.25 17.60
N ASN O 64 -75.62 15.68 18.17
CA ASN O 64 -75.44 17.09 18.61
C ASN O 64 -75.91 17.98 17.44
N GLY O 65 -76.61 19.07 17.73
CA GLY O 65 -77.06 20.05 16.72
C GLY O 65 -78.37 19.68 16.04
N TYR O 66 -78.81 18.42 16.17
CA TYR O 66 -80.12 17.94 15.67
C TYR O 66 -81.21 18.14 16.75
N ASN O 67 -82.47 18.21 16.33
CA ASN O 67 -83.63 18.37 17.26
C ASN O 67 -83.62 17.22 18.28
N ASP O 68 -83.80 17.58 19.56
CA ASP O 68 -83.99 16.61 20.68
C ASP O 68 -85.48 16.30 20.75
N ALA O 69 -85.93 15.29 20.01
CA ALA O 69 -87.36 14.94 19.87
C ALA O 69 -87.52 13.44 20.09
N PRO O 70 -87.52 12.99 21.37
CA PRO O 70 -87.64 11.59 21.69
C PRO O 70 -89.08 11.10 21.40
N HIS O 71 -89.22 9.78 21.27
CA HIS O 71 -90.49 9.06 21.02
C HIS O 71 -91.37 9.13 22.26
N LEU O 72 -92.68 9.35 22.07
CA LEU O 72 -93.69 9.25 23.16
C LEU O 72 -93.33 8.06 24.06
N THR O 73 -93.03 6.90 23.48
CA THR O 73 -92.94 5.61 24.22
C THR O 73 -91.57 5.41 24.87
N GLU O 74 -90.73 6.45 24.97
CA GLU O 74 -89.41 6.34 25.65
C GLU O 74 -89.30 7.34 26.80
N ILE O 75 -90.34 8.17 27.00
CA ILE O 75 -90.38 9.20 28.08
C ILE O 75 -91.19 8.66 29.25
N PRO O 76 -90.53 8.31 30.38
CA PRO O 76 -91.25 7.96 31.60
C PRO O 76 -91.97 9.16 32.24
N CYS O 77 -93.19 8.91 32.72
CA CYS O 77 -94.11 9.90 33.33
C CYS O 77 -94.50 9.49 34.74
N TYR O 78 -95.01 10.46 35.52
CA TYR O 78 -95.65 10.22 36.84
C TYR O 78 -96.94 9.43 36.62
N SER O 79 -97.11 8.34 37.38
CA SER O 79 -98.40 7.65 37.59
C SER O 79 -99.21 8.49 38.58
N SER O 80 -100.53 8.60 38.37
CA SER O 80 -101.44 9.34 39.28
C SER O 80 -102.84 8.74 39.20
N ALA O 81 -103.58 8.82 40.31
CA ALA O 81 -104.98 8.39 40.42
C ALA O 81 -105.64 9.19 41.52
N ARG O 82 -106.94 9.47 41.39
CA ARG O 82 -107.81 10.00 42.47
C ARG O 82 -108.74 8.86 42.87
N ILE O 83 -108.61 8.37 44.11
CA ILE O 83 -109.54 7.37 44.70
C ILE O 83 -110.74 8.14 45.29
N SER O 84 -111.96 7.68 44.96
CA SER O 84 -113.23 8.23 45.51
C SER O 84 -113.44 7.69 46.92
N LEU O 85 -113.61 8.59 47.89
CA LEU O 85 -113.86 8.27 49.32
C LEU O 85 -115.35 8.33 49.60
N PRO O 86 -115.87 7.71 50.68
CA PRO O 86 -117.28 7.83 51.06
C PRO O 86 -117.72 9.29 51.22
N LEU O 87 -118.93 9.64 50.75
CA LEU O 87 -119.50 11.01 50.87
C LEU O 87 -119.71 11.31 52.35
N LEU O 88 -119.36 12.52 52.82
CA LEU O 88 -119.41 12.89 54.26
C LEU O 88 -120.55 13.88 54.56
N ASN O 89 -120.69 14.96 53.79
CA ASN O 89 -121.58 16.09 54.16
C ASN O 89 -122.84 15.98 53.30
N GLU O 90 -124.01 15.71 53.91
CA GLU O 90 -125.32 15.82 53.21
C GLU O 90 -125.58 17.30 52.92
N ASP O 91 -125.28 18.20 53.87
CA ASP O 91 -125.51 19.66 53.71
C ASP O 91 -124.15 20.34 53.48
N ILE O 92 -123.93 20.94 52.30
CA ILE O 92 -122.73 21.79 52.03
C ILE O 92 -122.85 23.12 52.80
N THR O 93 -124.03 23.42 53.38
CA THR O 93 -124.40 24.73 53.97
C THR O 93 -124.26 24.71 55.50
N SER O 94 -124.00 23.54 56.11
CA SER O 94 -123.69 23.41 57.57
C SER O 94 -122.43 24.23 57.90
N PRO O 95 -122.36 24.88 59.08
CA PRO O 95 -121.24 25.78 59.41
C PRO O 95 -119.95 25.07 59.85
N THR O 96 -120.00 23.73 60.02
CA THR O 96 -118.80 22.85 60.10
C THR O 96 -118.99 21.72 59.10
N LEU O 97 -117.93 21.40 58.33
CA LEU O 97 -117.90 20.27 57.38
C LEU O 97 -116.97 19.19 57.94
N LEU O 98 -117.14 17.96 57.44
CA LEU O 98 -116.20 16.82 57.66
C LEU O 98 -115.43 16.56 56.37
N MET O 99 -114.09 16.52 56.46
CA MET O 99 -113.18 16.05 55.38
C MET O 99 -112.44 14.82 55.89
N TRP O 100 -112.13 13.87 55.00
CA TRP O 100 -111.23 12.74 55.33
C TRP O 100 -109.80 13.27 55.49
N GLU O 101 -109.12 12.81 56.54
CA GLU O 101 -107.71 13.19 56.87
C GLU O 101 -106.84 11.93 56.74
N ALA O 102 -105.92 11.93 55.77
CA ALA O 102 -104.95 10.84 55.58
C ALA O 102 -103.94 10.88 56.74
N VAL O 103 -103.90 9.84 57.56
CA VAL O 103 -103.10 9.84 58.82
C VAL O 103 -101.75 9.17 58.55
N SER O 104 -101.78 7.99 57.93
CA SER O 104 -100.58 7.13 57.73
C SER O 104 -100.66 6.44 56.37
N VAL O 105 -99.54 5.92 55.87
CA VAL O 105 -99.49 5.09 54.64
C VAL O 105 -98.44 3.99 54.82
N LYS O 106 -98.84 2.75 54.54
CA LYS O 106 -97.94 1.60 54.25
C LYS O 106 -97.80 1.56 52.72
N THR O 107 -96.59 1.77 52.18
CA THR O 107 -96.34 1.76 50.72
C THR O 107 -95.19 0.81 50.39
N GLU O 108 -95.27 0.14 49.24
CA GLU O 108 -94.34 -0.93 48.81
C GLU O 108 -94.12 -0.80 47.31
N VAL O 109 -92.88 -1.02 46.83
CA VAL O 109 -92.57 -1.18 45.39
C VAL O 109 -92.68 -2.69 45.06
N VAL O 110 -93.70 -3.05 44.28
CA VAL O 110 -94.05 -4.46 43.97
C VAL O 110 -93.11 -4.97 42.87
N GLY O 111 -92.71 -6.24 42.94
CA GLY O 111 -91.98 -6.94 41.87
C GLY O 111 -90.50 -6.62 41.85
N ILE O 112 -89.92 -6.24 43.00
CA ILE O 112 -88.46 -6.03 43.13
C ILE O 112 -87.76 -7.35 42.78
N SER O 113 -88.30 -8.48 43.24
CA SER O 113 -87.72 -9.83 43.04
C SER O 113 -87.66 -10.17 41.54
N SER O 114 -88.44 -9.50 40.69
CA SER O 114 -88.48 -9.73 39.23
C SER O 114 -87.10 -9.48 38.60
N MET O 115 -86.27 -8.64 39.24
CA MET O 115 -84.96 -8.18 38.72
C MET O 115 -83.90 -9.28 38.91
N LEU O 116 -84.11 -10.26 39.78
CA LEU O 116 -83.16 -11.40 39.94
C LEU O 116 -83.34 -12.37 38.77
N ASN O 117 -82.88 -11.96 37.59
CA ASN O 117 -83.15 -12.60 36.28
C ASN O 117 -81.97 -12.31 35.36
N MET O 118 -81.14 -13.32 35.10
CA MET O 118 -79.91 -13.17 34.28
C MET O 118 -80.01 -14.03 33.01
N HIS O 119 -81.24 -14.37 32.58
CA HIS O 119 -81.48 -15.28 31.43
C HIS O 119 -82.41 -14.64 30.38
N SER O 120 -83.09 -13.53 30.69
CA SER O 120 -84.08 -12.90 29.77
C SER O 120 -83.40 -11.81 28.93
N TYR O 121 -82.48 -12.24 28.06
CA TYR O 121 -81.93 -11.52 26.89
C TYR O 121 -81.03 -10.35 27.29
N GLY O 122 -80.55 -10.31 28.54
CA GLY O 122 -79.68 -9.20 28.98
C GLY O 122 -78.32 -9.28 28.32
N LEU O 123 -77.68 -8.14 28.06
CA LEU O 123 -76.26 -8.07 27.61
C LEU O 123 -75.44 -8.93 28.56
N ARG O 124 -74.64 -9.86 28.04
CA ARG O 124 -73.99 -10.92 28.85
C ARG O 124 -72.65 -10.43 29.40
N ALA O 125 -72.34 -10.80 30.64
CA ALA O 125 -71.12 -10.38 31.36
C ALA O 125 -69.98 -11.32 30.98
N PHE O 126 -68.75 -10.91 31.32
CA PHE O 126 -67.51 -11.71 31.13
C PHE O 126 -67.39 -12.15 29.66
N GLY O 127 -67.44 -11.14 28.77
CA GLY O 127 -67.18 -11.25 27.33
C GLY O 127 -68.17 -12.17 26.61
N GLY O 128 -69.40 -12.28 27.12
CA GLY O 128 -70.50 -13.00 26.44
C GLY O 128 -70.75 -14.40 27.00
N TYR O 129 -69.89 -14.90 27.87
CA TYR O 129 -69.96 -16.28 28.43
C TYR O 129 -70.77 -16.29 29.74
N GLY O 130 -70.87 -15.15 30.43
CA GLY O 130 -71.63 -15.02 31.69
C GLY O 130 -73.13 -14.88 31.44
N GLY O 131 -73.88 -14.50 32.49
CA GLY O 131 -75.33 -14.26 32.45
C GLY O 131 -75.66 -12.85 32.00
N GLY O 132 -76.95 -12.59 31.73
CA GLY O 132 -77.45 -11.27 31.30
C GLY O 132 -77.41 -10.25 32.42
N TYR O 133 -77.13 -8.99 32.09
CA TYR O 133 -77.19 -7.83 33.01
C TYR O 133 -78.61 -7.74 33.60
N THR O 134 -78.71 -7.79 34.93
CA THR O 134 -79.93 -7.38 35.68
C THR O 134 -80.12 -5.88 35.47
N ILE O 135 -81.34 -5.40 35.66
CA ILE O 135 -81.65 -3.95 35.48
C ILE O 135 -80.57 -3.15 36.22
N GLU O 136 -80.06 -2.09 35.58
CA GLU O 136 -79.09 -1.15 36.21
C GLU O 136 -79.19 0.23 35.56
N GLY O 137 -78.43 1.18 36.11
CA GLY O 137 -78.35 2.56 35.63
C GLY O 137 -79.06 3.52 36.57
N SER O 138 -79.22 4.77 36.12
CA SER O 138 -79.91 5.85 36.88
C SER O 138 -81.36 5.42 37.15
N HIS O 139 -81.87 5.74 38.33
CA HIS O 139 -83.22 5.35 38.80
C HIS O 139 -83.81 6.46 39.68
N ILE O 140 -85.14 6.50 39.78
CA ILE O 140 -85.89 7.40 40.69
C ILE O 140 -87.02 6.59 41.35
N HIS O 141 -87.19 6.76 42.65
CA HIS O 141 -88.31 6.19 43.43
C HIS O 141 -88.98 7.32 44.19
N PHE O 142 -90.31 7.44 44.01
CA PHE O 142 -91.07 8.60 44.52
C PHE O 142 -92.55 8.25 44.68
N PHE O 143 -93.16 8.71 45.77
CA PHE O 143 -94.62 8.60 45.99
C PHE O 143 -95.11 9.84 46.75
N SER O 144 -96.36 10.22 46.50
CA SER O 144 -97.05 11.28 47.28
C SER O 144 -98.47 10.83 47.62
N VAL O 145 -98.93 11.21 48.81
CA VAL O 145 -100.34 11.14 49.25
C VAL O 145 -100.80 12.58 49.53
N GLY O 146 -102.00 12.92 49.05
CA GLY O 146 -102.46 14.32 49.04
C GLY O 146 -103.98 14.42 49.06
N GLY O 147 -104.48 15.57 49.50
CA GLY O 147 -105.92 15.88 49.54
C GLY O 147 -106.36 16.58 48.27
N GLU O 148 -105.44 16.74 47.32
CA GLU O 148 -105.69 17.43 46.03
C GLU O 148 -104.57 17.07 45.08
N PRO O 149 -104.70 17.40 43.78
CA PRO O 149 -103.63 17.20 42.83
C PRO O 149 -102.27 17.73 43.31
N LEU O 150 -101.20 16.97 43.05
CA LEU O 150 -99.81 17.32 43.46
C LEU O 150 -99.34 18.52 42.62
N ASP O 151 -98.77 19.55 43.27
CA ASP O 151 -98.22 20.76 42.60
C ASP O 151 -96.85 20.43 42.00
N LEU O 152 -96.67 20.73 40.71
CA LEU O 152 -95.44 20.45 39.91
C LEU O 152 -94.77 21.78 39.52
N GLN O 153 -93.45 21.86 39.72
CA GLN O 153 -92.56 22.96 39.25
C GLN O 153 -91.81 22.44 38.01
N GLY O 154 -91.73 23.28 36.99
CA GLY O 154 -91.01 22.98 35.74
C GLY O 154 -89.51 23.14 35.92
N LEU O 155 -88.76 22.06 35.66
CA LEU O 155 -87.28 22.10 35.54
C LEU O 155 -86.83 20.87 34.75
N MET O 156 -86.00 21.09 33.73
CA MET O 156 -85.56 20.08 32.74
C MET O 156 -84.08 20.28 32.39
N GLN O 157 -83.42 19.26 31.82
CA GLN O 157 -81.98 19.29 31.46
C GLN O 157 -81.79 20.11 30.17
N ASN O 158 -82.74 20.04 29.23
CA ASN O 158 -82.63 20.70 27.91
C ASN O 158 -83.94 21.42 27.56
N HIS O 159 -83.94 22.76 27.63
CA HIS O 159 -85.15 23.59 27.42
C HIS O 159 -85.76 23.29 26.04
N SER O 160 -84.93 22.91 25.07
CA SER O 160 -85.33 22.75 23.65
C SER O 160 -86.04 21.41 23.42
N THR O 161 -86.01 20.49 24.39
CA THR O 161 -86.60 19.13 24.22
C THR O 161 -88.02 19.29 23.70
N GLN O 162 -88.42 18.46 22.73
CA GLN O 162 -89.76 18.47 22.09
C GLN O 162 -90.52 17.22 22.53
N TYR O 163 -91.55 17.39 23.37
CA TYR O 163 -92.38 16.26 23.87
C TYR O 163 -93.55 16.07 22.92
N PRO O 164 -93.73 14.84 22.37
CA PRO O 164 -94.88 14.54 21.53
C PRO O 164 -96.20 14.68 22.30
N SER O 165 -97.27 15.09 21.63
CA SER O 165 -98.66 14.98 22.15
C SER O 165 -98.97 13.52 22.41
N PRO O 166 -99.72 13.15 23.49
CA PRO O 166 -100.35 14.11 24.39
C PRO O 166 -99.58 14.55 25.64
N LEU O 167 -98.27 14.27 25.70
CA LEU O 167 -97.42 14.65 26.87
C LEU O 167 -97.46 16.17 27.05
N VAL O 168 -97.25 16.63 28.28
CA VAL O 168 -97.25 18.07 28.64
C VAL O 168 -95.91 18.40 29.29
N GLY O 169 -95.26 19.46 28.83
CA GLY O 169 -93.98 19.94 29.38
C GLY O 169 -94.06 21.42 29.70
N PRO O 170 -93.07 21.97 30.43
CA PRO O 170 -93.10 23.38 30.82
C PRO O 170 -93.24 24.27 29.59
N LYS O 171 -94.25 25.14 29.61
CA LYS O 171 -94.48 26.19 28.58
C LYS O 171 -94.81 27.48 29.32
N LYS O 172 -94.30 28.63 28.88
CA LYS O 172 -94.82 29.96 29.29
C LYS O 172 -96.25 30.09 28.77
N PRO O 173 -97.02 31.14 29.16
CA PRO O 173 -98.37 31.33 28.64
C PRO O 173 -98.43 31.43 27.10
N ASP O 174 -97.36 31.98 26.49
CA ASP O 174 -97.28 32.24 25.03
C ASP O 174 -96.94 30.97 24.23
N GLY O 175 -96.57 29.86 24.87
CA GLY O 175 -96.26 28.57 24.21
C GLY O 175 -94.77 28.25 24.17
N THR O 176 -93.91 29.27 24.31
CA THR O 176 -92.42 29.17 24.29
C THR O 176 -91.92 28.41 25.52
N THR O 177 -90.63 28.07 25.51
CA THR O 177 -89.90 27.42 26.63
C THR O 177 -88.44 27.89 26.57
N ASP O 178 -88.07 28.92 27.33
CA ASP O 178 -86.74 29.57 27.22
C ASP O 178 -85.72 28.82 28.11
N ASP O 179 -84.51 29.37 28.24
CA ASP O 179 -83.36 28.73 28.92
C ASP O 179 -83.62 28.63 30.43
N SER O 180 -84.50 29.48 30.98
CA SER O 180 -84.78 29.56 32.44
C SER O 180 -85.37 28.24 32.95
N ALA O 181 -86.02 27.47 32.07
CA ALA O 181 -86.64 26.15 32.41
C ALA O 181 -85.57 25.11 32.80
N GLN O 182 -84.29 25.45 32.74
CA GLN O 182 -83.17 24.56 33.16
C GLN O 182 -82.83 24.85 34.63
N VAL O 183 -83.37 25.95 35.15
CA VAL O 183 -83.24 26.33 36.59
C VAL O 183 -84.67 26.57 37.12
N LEU O 184 -84.82 27.29 38.22
CA LEU O 184 -86.16 27.62 38.77
C LEU O 184 -86.65 28.92 38.16
N ASN O 185 -87.75 28.84 37.42
CA ASN O 185 -88.57 30.02 37.02
C ASN O 185 -90.02 29.74 37.40
N PRO O 186 -90.57 30.48 38.39
CA PRO O 186 -91.95 30.27 38.86
C PRO O 186 -93.02 30.23 37.75
N ILE O 187 -92.71 30.77 36.57
CA ILE O 187 -93.68 30.82 35.42
C ILE O 187 -94.05 29.38 35.00
N TYR O 188 -93.19 28.39 35.27
CA TYR O 188 -93.38 26.99 34.82
C TYR O 188 -93.94 26.14 35.97
N LYS O 189 -95.27 26.08 36.07
CA LYS O 189 -95.98 25.32 37.13
C LYS O 189 -97.15 24.55 36.51
N ALA O 190 -97.55 23.46 37.14
CA ALA O 190 -98.63 22.58 36.66
C ALA O 190 -99.13 21.72 37.81
N LYS O 191 -100.34 21.19 37.67
CA LYS O 191 -100.97 20.26 38.63
C LYS O 191 -100.93 18.87 37.97
N LEU O 192 -100.42 17.86 38.68
CA LEU O 192 -100.37 16.45 38.22
C LEU O 192 -101.80 15.90 38.18
N ASP O 193 -102.55 16.24 37.14
CA ASP O 193 -104.03 16.01 37.06
C ASP O 193 -104.37 14.95 36.01
N LYS O 194 -103.39 14.20 35.50
CA LYS O 194 -103.61 13.15 34.47
C LYS O 194 -102.44 12.15 34.54
N ASP O 195 -102.78 10.85 34.58
CA ASP O 195 -101.81 9.72 34.57
C ASP O 195 -101.02 9.77 33.25
N ALA O 196 -99.78 9.28 33.28
CA ALA O 196 -98.98 8.94 32.07
C ALA O 196 -98.85 10.15 31.14
N THR O 197 -98.82 11.38 31.68
CA THR O 197 -98.90 12.63 30.88
C THR O 197 -97.73 13.58 31.19
N TYR O 198 -97.34 13.71 32.45
CA TYR O 198 -96.29 14.67 32.90
C TYR O 198 -94.97 13.92 32.98
N PRO O 199 -94.00 14.21 32.10
CA PRO O 199 -92.70 13.53 32.16
C PRO O 199 -91.97 13.83 33.47
N ILE O 200 -91.39 12.77 34.06
CA ILE O 200 -90.54 12.87 35.28
C ILE O 200 -89.41 13.88 35.02
N GLU O 201 -88.92 13.99 33.78
CA GLU O 201 -87.64 14.68 33.47
C GLU O 201 -87.81 16.20 33.41
N CYS O 202 -89.04 16.73 33.29
CA CYS O 202 -89.28 18.19 33.18
C CYS O 202 -90.13 18.73 34.34
N TRP O 203 -90.61 17.85 35.22
CA TRP O 203 -91.51 18.21 36.36
C TRP O 203 -91.01 17.59 37.67
N CYS O 204 -90.78 18.41 38.70
CA CYS O 204 -90.49 17.94 40.08
C CYS O 204 -91.60 18.45 41.00
N PRO O 205 -91.81 17.84 42.19
CA PRO O 205 -92.77 18.36 43.16
C PRO O 205 -92.34 19.79 43.57
N ASP O 206 -93.31 20.71 43.57
CA ASP O 206 -93.12 22.16 43.89
C ASP O 206 -93.05 22.31 45.40
N PRO O 207 -91.87 22.64 45.97
CA PRO O 207 -91.75 22.79 47.42
C PRO O 207 -92.33 24.11 47.96
N SER O 208 -92.71 25.03 47.07
CA SER O 208 -93.35 26.33 47.41
C SER O 208 -94.86 26.15 47.64
N ARG O 209 -95.38 24.98 47.27
CA ARG O 209 -96.83 24.65 47.40
C ARG O 209 -96.97 23.28 48.09
N ASN O 210 -97.89 22.44 47.62
CA ASN O 210 -98.13 21.08 48.16
C ASN O 210 -98.34 21.13 49.68
N GLU O 211 -98.95 22.20 50.21
CA GLU O 211 -99.27 22.34 51.66
C GLU O 211 -100.14 21.14 52.07
N ASN O 212 -101.06 20.71 51.19
CA ASN O 212 -102.07 19.65 51.47
C ASN O 212 -101.64 18.32 50.82
N SER O 213 -100.34 18.10 50.63
CA SER O 213 -99.75 16.84 50.08
C SER O 213 -98.45 16.51 50.83
N ARG O 214 -98.16 15.22 50.98
CA ARG O 214 -96.87 14.72 51.52
C ARG O 214 -96.18 13.92 50.40
N TYR O 215 -94.98 14.32 50.00
CA TYR O 215 -94.21 13.65 48.92
C TYR O 215 -92.81 13.27 49.41
N PHE O 216 -92.27 12.20 48.84
CA PHE O 216 -90.99 11.56 49.21
C PHE O 216 -90.35 10.97 47.95
N GLY O 217 -89.12 11.40 47.62
CA GLY O 217 -88.42 11.00 46.40
C GLY O 217 -86.93 10.80 46.65
N SER O 218 -86.35 9.86 45.90
CA SER O 218 -84.89 9.60 45.89
C SER O 218 -84.45 9.23 44.47
N TYR O 219 -83.53 10.01 43.90
CA TYR O 219 -82.88 9.76 42.58
C TYR O 219 -81.41 9.36 42.82
N THR O 220 -80.98 8.33 42.08
CA THR O 220 -79.58 7.90 41.97
C THR O 220 -79.19 7.91 40.48
N GLY O 221 -78.04 8.48 40.13
CA GLY O 221 -77.54 8.58 38.76
C GLY O 221 -76.57 7.46 38.40
N GLY O 222 -75.73 7.69 37.39
CA GLY O 222 -74.67 6.76 36.96
C GLY O 222 -75.11 5.86 35.83
N VAL O 223 -74.14 5.28 35.13
CA VAL O 223 -74.36 4.52 33.87
C VAL O 223 -74.82 3.11 34.19
N GLU O 224 -74.14 2.45 35.14
CA GLU O 224 -74.32 1.02 35.48
C GLU O 224 -74.62 0.86 36.97
N THR O 225 -75.14 1.90 37.62
CA THR O 225 -75.38 1.95 39.09
C THR O 225 -76.33 0.82 39.47
N PRO O 226 -76.02 0.00 40.49
CA PRO O 226 -76.88 -1.12 40.87
C PRO O 226 -78.06 -0.57 41.66
N PRO O 227 -79.32 -0.96 41.36
CA PRO O 227 -80.45 -0.59 42.20
C PRO O 227 -80.37 -1.38 43.54
N VAL O 228 -80.71 -0.71 44.64
CA VAL O 228 -80.89 -1.29 45.99
C VAL O 228 -82.33 -0.97 46.42
N LEU O 229 -83.18 -1.99 46.53
CA LEU O 229 -84.60 -1.81 46.90
C LEU O 229 -84.99 -2.82 47.98
N SER O 230 -85.67 -2.33 49.03
CA SER O 230 -86.15 -3.14 50.18
C SER O 230 -87.67 -3.26 50.14
N PHE O 231 -88.19 -4.33 50.74
CA PHE O 231 -89.65 -4.59 50.81
C PHE O 231 -89.96 -5.29 52.13
N THR O 232 -91.08 -4.87 52.76
CA THR O 232 -91.58 -5.37 54.07
C THR O 232 -93.03 -4.91 54.24
N ASN O 233 -93.85 -5.67 54.99
CA ASN O 233 -95.23 -5.23 55.35
C ASN O 233 -95.23 -4.65 56.78
N THR O 234 -94.07 -4.37 57.35
CA THR O 234 -93.91 -3.89 58.75
C THR O 234 -93.53 -2.41 58.81
N SER O 235 -93.67 -1.64 57.72
CA SER O 235 -93.21 -0.24 57.67
C SER O 235 -94.36 0.71 57.39
N THR O 236 -94.48 1.77 58.19
CA THR O 236 -95.58 2.77 58.14
C THR O 236 -94.99 4.17 58.14
N THR O 237 -95.52 5.07 57.32
CA THR O 237 -95.11 6.49 57.24
C THR O 237 -96.26 7.34 57.78
N ILE O 238 -95.99 8.16 58.79
CA ILE O 238 -96.98 9.13 59.35
C ILE O 238 -97.06 10.29 58.36
N LEU O 239 -98.28 10.75 58.05
CA LEU O 239 -98.53 11.83 57.06
C LEU O 239 -98.92 13.13 57.78
N LEU O 240 -99.01 13.11 59.11
CA LEU O 240 -99.33 14.30 59.93
C LEU O 240 -98.15 15.27 59.87
N ASP O 241 -98.42 16.57 59.77
CA ASP O 241 -97.39 17.64 59.70
C ASP O 241 -96.98 18.02 61.13
N GLU O 242 -96.17 19.09 61.25
CA GLU O 242 -95.62 19.61 62.54
C GLU O 242 -96.77 19.96 63.50
N ASN O 243 -98.00 20.17 63.01
CA ASN O 243 -99.19 20.54 63.81
C ASN O 243 -100.18 19.38 63.92
N GLY O 244 -99.77 18.14 63.64
CA GLY O 244 -100.64 16.94 63.77
C GLY O 244 -101.77 16.89 62.75
N VAL O 245 -101.70 17.66 61.66
CA VAL O 245 -102.72 17.66 60.57
C VAL O 245 -102.18 16.87 59.38
N GLY O 246 -102.97 15.90 58.90
CA GLY O 246 -102.69 15.15 57.67
C GLY O 246 -103.30 15.83 56.45
N PRO O 247 -103.03 15.32 55.23
CA PRO O 247 -103.72 15.79 54.03
C PRO O 247 -105.24 15.68 54.20
N LEU O 248 -105.96 16.78 53.92
CA LEU O 248 -107.43 16.85 53.95
C LEU O 248 -107.97 16.69 52.53
N CYS O 249 -108.72 15.60 52.28
CA CYS O 249 -109.21 15.21 50.94
C CYS O 249 -110.37 16.10 50.48
N LYS O 250 -110.07 17.18 49.75
CA LYS O 250 -111.08 18.06 49.10
C LYS O 250 -111.93 17.21 48.15
N GLY O 251 -113.23 17.53 48.05
CA GLY O 251 -114.19 16.81 47.18
C GLY O 251 -114.24 15.32 47.48
N ASP O 252 -113.85 14.90 48.68
CA ASP O 252 -113.87 13.48 49.13
C ASP O 252 -113.04 12.64 48.15
N GLY O 253 -111.86 13.14 47.78
CA GLY O 253 -110.93 12.48 46.84
C GLY O 253 -109.51 12.40 47.40
N LEU O 254 -108.95 11.18 47.45
CA LEU O 254 -107.54 10.92 47.84
C LEU O 254 -106.68 10.87 46.58
N TYR O 255 -105.64 11.72 46.52
CA TYR O 255 -104.70 11.84 45.37
C TYR O 255 -103.42 11.06 45.66
N LEU O 256 -103.21 9.95 44.94
CA LEU O 256 -101.96 9.13 44.94
C LEU O 256 -101.14 9.43 43.67
N SER O 257 -99.82 9.53 43.84
CA SER O 257 -98.83 9.71 42.75
C SER O 257 -97.64 8.78 43.01
N SER O 258 -97.01 8.30 41.94
CA SER O 258 -95.93 7.28 41.94
C SER O 258 -94.96 7.59 40.80
N ALA O 259 -93.69 7.28 41.01
CA ALA O 259 -92.63 7.29 39.97
C ALA O 259 -91.55 6.30 40.40
N ASP O 260 -91.56 5.08 39.85
CA ASP O 260 -90.60 4.02 40.23
C ASP O 260 -89.97 3.45 38.95
N VAL O 261 -88.97 4.16 38.46
CA VAL O 261 -88.08 3.76 37.34
C VAL O 261 -86.85 3.10 37.97
N ALA O 262 -86.85 1.76 38.02
CA ALA O 262 -85.89 0.93 38.79
C ALA O 262 -84.49 1.08 38.19
N GLY O 263 -84.43 1.44 36.91
CA GLY O 263 -83.20 1.57 36.10
C GLY O 263 -83.47 1.24 34.64
N THR O 264 -82.45 0.81 33.90
CA THR O 264 -82.58 0.42 32.47
C THR O 264 -82.35 -1.08 32.34
N PHE O 265 -82.98 -1.68 31.32
CA PHE O 265 -82.65 -3.02 30.79
C PHE O 265 -81.71 -2.86 29.59
N VAL O 266 -80.55 -3.52 29.62
CA VAL O 266 -79.50 -3.48 28.55
C VAL O 266 -79.61 -4.76 27.74
N GLN O 267 -80.15 -4.67 26.52
CA GLN O 267 -80.42 -5.86 25.67
C GLN O 267 -79.12 -6.37 25.03
N GLN O 268 -78.94 -7.68 25.02
CA GLN O 268 -77.80 -8.37 24.37
C GLN O 268 -77.87 -8.09 22.86
N THR O 269 -76.71 -8.01 22.20
CA THR O 269 -76.55 -7.93 20.73
C THR O 269 -76.87 -6.51 20.27
N SER O 270 -78.10 -6.01 20.45
CA SER O 270 -78.49 -4.63 20.09
C SER O 270 -77.66 -3.63 20.91
N GLN O 271 -77.39 -3.97 22.17
CA GLN O 271 -76.75 -3.09 23.19
C GLN O 271 -77.59 -1.80 23.37
N LYS O 272 -78.90 -1.89 23.11
CA LYS O 272 -79.87 -0.79 23.35
C LYS O 272 -80.39 -0.87 24.78
N GLN O 273 -80.87 0.27 25.30
CA GLN O 273 -81.33 0.43 26.70
C GLN O 273 -82.81 0.78 26.72
N TYR O 274 -83.54 0.20 27.66
CA TYR O 274 -84.99 0.37 27.89
C TYR O 274 -85.21 0.71 29.37
N TRP O 275 -85.93 1.79 29.64
CA TRP O 275 -86.42 2.14 31.00
C TRP O 275 -87.29 0.99 31.52
N ARG O 276 -87.11 0.60 32.78
CA ARG O 276 -87.89 -0.47 33.46
C ARG O 276 -88.61 0.16 34.67
N GLY O 277 -89.95 0.16 34.64
CA GLY O 277 -90.78 0.70 35.73
C GLY O 277 -91.30 -0.41 36.63
N LEU O 278 -91.63 -0.07 37.87
CA LEU O 278 -92.24 -1.04 38.82
C LEU O 278 -93.50 -0.41 39.42
N PRO O 279 -94.51 -1.23 39.79
CA PRO O 279 -95.74 -0.72 40.39
C PRO O 279 -95.52 -0.43 41.88
N ARG O 280 -96.38 0.42 42.45
CA ARG O 280 -96.33 0.83 43.88
C ARG O 280 -97.68 0.56 44.53
N TYR O 281 -97.69 -0.24 45.60
CA TYR O 281 -98.85 -0.51 46.47
C TYR O 281 -98.97 0.63 47.48
N PHE O 282 -100.20 1.06 47.73
CA PHE O 282 -100.55 2.02 48.81
C PHE O 282 -101.58 1.38 49.74
N ASN O 283 -101.43 1.64 51.04
CA ASN O 283 -102.43 1.32 52.08
C ASN O 283 -102.56 2.54 52.98
N ILE O 284 -103.57 3.38 52.75
CA ILE O 284 -103.73 4.67 53.48
C ILE O 284 -104.79 4.48 54.56
N THR O 285 -104.54 5.00 55.75
CA THR O 285 -105.51 5.11 56.88
C THR O 285 -105.97 6.56 56.98
N LEU O 286 -107.29 6.77 56.95
CA LEU O 286 -107.90 8.12 57.06
C LEU O 286 -108.90 8.13 58.23
N ARG O 287 -109.12 9.31 58.81
CA ARG O 287 -110.06 9.56 59.94
C ARG O 287 -110.88 10.80 59.57
N LYS O 288 -112.11 10.92 60.08
CA LYS O 288 -112.98 12.10 59.82
C LYS O 288 -112.42 13.28 60.62
N ARG O 289 -112.40 14.48 60.02
CA ARG O 289 -111.88 15.70 60.67
C ARG O 289 -112.83 16.86 60.32
N ALA O 290 -113.06 17.74 61.29
CA ALA O 290 -114.01 18.87 61.21
C ALA O 290 -113.25 20.12 60.76
N VAL O 291 -113.88 20.93 59.90
CA VAL O 291 -113.29 22.17 59.33
C VAL O 291 -114.39 23.24 59.25
N LYS O 292 -114.02 24.52 59.41
CA LYS O 292 -114.96 25.66 59.52
C LYS O 292 -115.40 26.05 58.10
N ASN O 293 -116.68 26.38 57.95
CA ASN O 293 -117.35 26.76 56.67
C ASN O 293 -117.82 25.47 55.98
N GLY P 25 34.62 -12.86 54.45
CA GLY P 25 35.97 -13.37 54.09
C GLY P 25 35.93 -14.31 52.89
N ILE P 26 34.89 -14.20 52.04
CA ILE P 26 34.76 -14.90 50.73
C ILE P 26 35.49 -14.06 49.66
N GLU P 27 35.99 -14.70 48.58
CA GLU P 27 36.49 -14.00 47.35
C GLU P 27 35.32 -13.90 46.36
N VAL P 28 34.89 -12.68 46.03
CA VAL P 28 33.71 -12.42 45.15
C VAL P 28 34.16 -12.32 43.69
N LEU P 29 33.50 -13.09 42.80
CA LEU P 29 33.86 -13.19 41.37
C LEU P 29 32.76 -12.55 40.52
N ASP P 30 32.60 -13.00 39.27
CA ASP P 30 31.67 -12.43 38.25
C ASP P 30 30.21 -12.64 38.69
N VAL P 31 29.34 -11.74 38.28
CA VAL P 31 27.86 -11.88 38.36
C VAL P 31 27.39 -12.87 37.29
N LYS P 32 26.95 -14.07 37.66
CA LYS P 32 26.40 -15.05 36.70
C LYS P 32 25.16 -14.41 36.09
N THR P 33 25.00 -14.42 34.76
CA THR P 33 23.79 -13.94 34.05
C THR P 33 23.29 -15.03 33.10
N GLY P 34 22.01 -14.99 32.75
CA GLY P 34 21.33 -16.04 31.97
C GLY P 34 19.87 -16.14 32.39
N PRO P 35 19.12 -17.15 31.91
CA PRO P 35 17.77 -17.39 32.40
C PRO P 35 17.85 -17.95 33.83
N ASP P 36 16.89 -17.56 34.68
CA ASP P 36 16.78 -18.01 36.10
C ASP P 36 18.04 -17.62 36.88
N SER P 37 18.62 -16.45 36.58
CA SER P 37 19.79 -15.89 37.30
C SER P 37 19.35 -14.79 38.29
N THR P 38 18.12 -14.30 38.17
CA THR P 38 17.50 -13.33 39.11
C THR P 38 16.18 -13.90 39.63
N THR P 39 15.83 -13.58 40.88
CA THR P 39 14.53 -13.89 41.52
C THR P 39 14.15 -12.74 42.47
N THR P 40 12.86 -12.58 42.74
CA THR P 40 12.32 -11.62 43.74
C THR P 40 11.59 -12.39 44.83
N ILE P 41 11.78 -12.02 46.09
CA ILE P 41 11.02 -12.58 47.26
C ILE P 41 10.19 -11.46 47.90
N GLU P 42 8.91 -11.75 48.19
CA GLU P 42 7.98 -10.92 48.98
C GLU P 42 7.85 -11.52 50.38
N ALA P 43 7.90 -10.70 51.42
CA ALA P 43 7.74 -11.10 52.83
C ALA P 43 7.18 -9.93 53.64
N TYR P 44 6.60 -10.21 54.81
CA TYR P 44 6.24 -9.19 55.82
C TYR P 44 6.70 -9.67 57.21
N LEU P 45 7.09 -8.73 58.05
CA LEU P 45 7.36 -8.96 59.49
C LEU P 45 6.31 -8.17 60.29
N ASN P 46 5.42 -8.88 60.98
CA ASN P 46 4.48 -8.29 61.98
C ASN P 46 5.32 -7.84 63.18
N PRO P 47 4.89 -6.78 63.89
CA PRO P 47 5.70 -6.23 64.98
C PRO P 47 5.68 -7.15 66.21
N ARG P 48 6.70 -7.04 67.06
CA ARG P 48 6.80 -7.81 68.33
C ARG P 48 7.03 -6.82 69.48
N VAL P 49 5.97 -6.10 69.84
CA VAL P 49 6.00 -5.01 70.85
C VAL P 49 5.72 -5.61 72.25
N GLY P 50 5.55 -6.94 72.35
CA GLY P 50 5.35 -7.65 73.63
C GLY P 50 4.14 -8.57 73.58
N GLN P 51 3.14 -8.22 72.75
CA GLN P 51 2.04 -9.13 72.32
C GLN P 51 2.06 -9.18 70.79
N ASN P 52 1.11 -9.87 70.19
CA ASN P 52 1.16 -10.26 68.75
C ASN P 52 0.16 -9.41 67.95
N TRP P 53 -0.67 -8.59 68.59
CA TRP P 53 -1.73 -7.86 67.85
C TRP P 53 -1.45 -6.35 67.88
N GLY P 54 -0.16 -6.00 67.95
CA GLY P 54 0.35 -4.66 67.58
C GLY P 54 0.38 -3.69 68.74
N PHE P 55 -0.10 -4.09 69.91
CA PHE P 55 0.00 -3.31 71.18
C PHE P 55 0.67 -4.14 72.27
N SER P 56 1.54 -3.49 73.05
CA SER P 56 2.08 -4.02 74.33
C SER P 56 0.98 -3.95 75.40
N THR P 57 1.20 -4.58 76.55
CA THR P 57 0.42 -4.32 77.79
C THR P 57 0.90 -2.98 78.36
N GLU P 58 0.24 -2.45 79.38
CA GLU P 58 0.56 -1.09 79.91
C GLU P 58 2.04 -1.00 80.26
N ILE P 59 2.63 0.15 79.98
CA ILE P 59 4.03 0.48 80.37
C ILE P 59 4.04 0.74 81.88
N THR P 60 4.92 0.07 82.61
CA THR P 60 5.05 0.16 84.09
C THR P 60 6.39 0.83 84.44
N VAL P 61 6.45 1.49 85.60
CA VAL P 61 7.67 2.22 86.05
C VAL P 61 7.89 1.93 87.53
N ALA P 62 8.80 1.02 87.86
CA ALA P 62 9.26 0.74 89.24
C ALA P 62 9.52 2.08 89.95
N SER P 63 9.19 2.15 91.24
CA SER P 63 9.57 3.30 92.11
C SER P 63 11.09 3.33 92.24
N ASN P 64 11.69 4.53 92.30
CA ASN P 64 13.15 4.67 92.50
C ASN P 64 13.56 3.73 93.63
N GLY P 65 14.70 3.04 93.50
CA GLY P 65 15.26 2.15 94.53
C GLY P 65 14.68 0.74 94.48
N TYR P 66 13.56 0.53 93.79
CA TYR P 66 12.95 -0.81 93.58
C TYR P 66 13.54 -1.46 92.32
N ASN P 67 13.47 -2.79 92.22
CA ASN P 67 13.93 -3.56 91.03
C ASN P 67 13.21 -3.04 89.78
N ASP P 68 13.97 -2.79 88.71
CA ASP P 68 13.45 -2.45 87.36
C ASP P 68 13.16 -3.77 86.65
N ALA P 69 11.94 -4.30 86.79
CA ALA P 69 11.56 -5.64 86.29
C ALA P 69 10.24 -5.51 85.53
N PRO P 70 10.27 -5.02 84.27
CA PRO P 70 9.07 -4.86 83.48
C PRO P 70 8.52 -6.23 83.05
N HIS P 71 7.23 -6.24 82.69
CA HIS P 71 6.48 -7.43 82.20
C HIS P 71 6.99 -7.83 80.80
N LEU P 72 7.13 -9.12 80.57
CA LEU P 72 7.41 -9.70 79.23
C LEU P 72 6.62 -8.91 78.17
N THR P 73 5.33 -8.67 78.41
CA THR P 73 4.39 -8.17 77.37
C THR P 73 4.43 -6.64 77.25
N GLU P 74 5.43 -5.96 77.81
CA GLU P 74 5.57 -4.49 77.67
C GLU P 74 6.93 -4.12 77.05
N ILE P 75 7.77 -5.12 76.76
CA ILE P 75 9.12 -4.94 76.15
C ILE P 75 9.02 -5.22 74.65
N PRO P 76 9.11 -4.17 73.78
CA PRO P 76 9.21 -4.38 72.34
C PRO P 76 10.56 -5.00 71.93
N CYS P 77 10.49 -5.93 70.98
CA CYS P 77 11.64 -6.70 70.45
C CYS P 77 11.75 -6.53 68.92
N TYR P 78 12.92 -6.86 68.38
CA TYR P 78 13.17 -6.98 66.92
C TYR P 78 12.35 -8.15 66.37
N SER P 79 11.61 -7.90 65.30
CA SER P 79 11.04 -8.93 64.41
C SER P 79 12.17 -9.47 63.53
N SER P 80 12.19 -10.78 63.26
CA SER P 80 13.22 -11.41 62.37
C SER P 80 12.65 -12.67 61.74
N ALA P 81 13.12 -12.98 60.53
CA ALA P 81 12.74 -14.18 59.77
C ALA P 81 13.88 -14.52 58.80
N ARG P 82 14.10 -15.80 58.52
CA ARG P 82 14.99 -16.31 57.46
C ARG P 82 14.10 -16.89 56.37
N ILE P 83 14.08 -16.29 55.18
CA ILE P 83 13.36 -16.82 53.99
C ILE P 83 14.30 -17.82 53.29
N SER P 84 13.77 -19.01 52.96
CA SER P 84 14.47 -20.07 52.20
C SER P 84 14.48 -19.69 50.72
N LEU P 85 15.69 -19.64 50.12
CA LEU P 85 15.91 -19.33 48.68
C LEU P 85 16.08 -20.65 47.92
N PRO P 86 15.89 -20.68 46.58
CA PRO P 86 16.19 -21.88 45.77
C PRO P 86 17.62 -22.41 45.98
N LEU P 87 17.80 -23.73 46.09
CA LEU P 87 18.99 -24.31 46.79
C LEU P 87 20.23 -24.12 45.92
N ASP P 91 25.33 -28.19 39.70
CA ASP P 91 26.46 -28.77 38.92
C ASP P 91 27.56 -29.16 39.92
N ILE P 92 27.93 -30.44 40.00
CA ILE P 92 29.21 -30.90 40.63
C ILE P 92 30.43 -30.47 39.79
N THR P 93 30.21 -29.94 38.60
CA THR P 93 31.19 -29.30 37.70
C THR P 93 31.28 -27.77 37.91
N SER P 94 32.50 -27.30 38.16
CA SER P 94 32.86 -25.97 38.72
C SER P 94 32.89 -26.04 40.26
N LEU P 97 31.53 -21.51 43.60
CA LEU P 97 30.13 -21.69 44.08
C LEU P 97 29.30 -20.50 43.61
N LEU P 98 27.97 -20.68 43.57
CA LEU P 98 26.99 -19.59 43.38
C LEU P 98 26.27 -19.32 44.71
N MET P 99 26.25 -18.05 45.13
CA MET P 99 25.41 -17.54 46.25
C MET P 99 24.42 -16.53 45.69
N TRP P 100 23.21 -16.46 46.24
CA TRP P 100 22.25 -15.37 45.94
C TRP P 100 22.77 -14.04 46.52
N GLU P 101 22.69 -12.98 45.72
CA GLU P 101 23.15 -11.62 46.07
C GLU P 101 21.91 -10.71 46.09
N ALA P 102 21.56 -10.19 47.27
CA ALA P 102 20.46 -9.22 47.44
C ALA P 102 20.90 -7.89 46.83
N VAL P 103 20.20 -7.42 45.79
CA VAL P 103 20.65 -6.25 44.98
C VAL P 103 19.93 -5.01 45.49
N SER P 104 18.60 -5.10 45.62
CA SER P 104 17.71 -3.96 45.94
C SER P 104 16.58 -4.44 46.86
N VAL P 105 15.91 -3.49 47.52
CA VAL P 105 14.69 -3.77 48.33
C VAL P 105 13.71 -2.61 48.20
N LYS P 106 12.46 -2.91 47.89
CA LYS P 106 11.28 -2.03 48.09
C LYS P 106 10.71 -2.43 49.46
N THR P 107 10.71 -1.52 50.45
CA THR P 107 10.18 -1.78 51.81
C THR P 107 9.18 -0.70 52.21
N GLU P 108 8.16 -1.09 52.95
CA GLU P 108 6.99 -0.23 53.29
C GLU P 108 6.56 -0.55 54.73
N VAL P 109 6.20 0.47 55.51
CA VAL P 109 5.54 0.29 56.84
C VAL P 109 4.03 0.27 56.60
N VAL P 110 3.41 -0.89 56.79
CA VAL P 110 1.98 -1.13 56.46
C VAL P 110 1.12 -0.58 57.61
N GLY P 111 -0.04 0.00 57.28
CA GLY P 111 -1.07 0.41 58.25
C GLY P 111 -0.76 1.75 58.90
N ILE P 112 0.00 2.62 58.24
CA ILE P 112 0.22 4.01 58.70
C ILE P 112 -1.14 4.70 58.82
N SER P 113 -2.03 4.47 57.85
CA SER P 113 -3.39 5.12 57.80
C SER P 113 -4.21 4.72 59.03
N SER P 114 -3.87 3.62 59.71
CA SER P 114 -4.60 3.11 60.91
C SER P 114 -4.58 4.16 62.03
N MET P 115 -3.57 5.03 62.04
CA MET P 115 -3.32 6.03 63.11
C MET P 115 -4.28 7.22 62.98
N LEU P 116 -4.89 7.45 61.81
CA LEU P 116 -5.89 8.53 61.64
C LEU P 116 -7.21 8.09 62.27
N ASN P 117 -7.26 8.06 63.60
CA ASN P 117 -8.32 7.46 64.43
C ASN P 117 -8.37 8.21 65.76
N MET P 118 -9.40 9.04 65.95
CA MET P 118 -9.56 9.90 67.14
C MET P 118 -10.82 9.50 67.91
N HIS P 119 -11.29 8.25 67.74
CA HIS P 119 -12.55 7.76 68.36
C HIS P 119 -12.35 6.47 69.14
N SER P 120 -11.20 5.78 69.00
CA SER P 120 -10.96 4.46 69.65
C SER P 120 -10.24 4.65 71.01
N TYR P 121 -10.95 5.29 71.95
CA TYR P 121 -10.68 5.29 73.41
C TYR P 121 -9.42 6.11 73.77
N GLY P 122 -8.95 6.97 72.88
CA GLY P 122 -7.75 7.78 73.15
C GLY P 122 -8.05 8.83 74.19
N LEU P 123 -7.06 9.19 75.03
CA LEU P 123 -7.15 10.35 75.95
C LEU P 123 -7.63 11.56 75.15
N ARG P 124 -8.68 12.25 75.60
CA ARG P 124 -9.39 13.26 74.77
C ARG P 124 -8.72 14.64 74.95
N ALA P 125 -8.63 15.39 73.86
CA ALA P 125 -7.98 16.72 73.81
C ALA P 125 -8.99 17.78 74.26
N PHE P 126 -8.48 18.98 74.56
CA PHE P 126 -9.29 20.17 74.91
C PHE P 126 -10.21 19.83 76.09
N GLY P 127 -9.59 19.36 77.17
CA GLY P 127 -10.19 19.11 78.49
C GLY P 127 -11.31 18.07 78.45
N GLY P 128 -11.25 17.12 77.52
CA GLY P 128 -12.16 15.95 77.48
C GLY P 128 -13.28 16.10 76.46
N TYR P 129 -13.44 17.28 75.85
CA TYR P 129 -14.53 17.58 74.87
C TYR P 129 -14.09 17.26 73.43
N GLY P 130 -12.78 17.26 73.17
CA GLY P 130 -12.21 16.97 71.83
C GLY P 130 -12.17 15.47 71.54
N GLY P 131 -11.45 15.09 70.48
CA GLY P 131 -11.24 13.69 70.07
C GLY P 131 -10.08 13.04 70.79
N GLY P 132 -9.93 11.72 70.63
CA GLY P 132 -8.85 10.92 71.25
C GLY P 132 -7.49 11.23 70.63
N TYR P 133 -6.43 11.19 71.45
CA TYR P 133 -5.02 11.27 70.99
C TYR P 133 -4.74 10.15 70.00
N THR P 134 -4.30 10.51 68.79
CA THR P 134 -3.64 9.57 67.84
C THR P 134 -2.33 9.11 68.46
N ILE P 135 -1.82 7.97 68.02
CA ILE P 135 -0.54 7.43 68.54
C ILE P 135 0.48 8.56 68.56
N GLU P 136 1.25 8.70 69.63
CA GLU P 136 2.38 9.66 69.72
C GLU P 136 3.40 9.21 70.75
N GLY P 137 4.50 9.97 70.87
CA GLY P 137 5.62 9.71 71.78
C GLY P 137 6.84 9.23 71.02
N SER P 138 7.86 8.77 71.75
CA SER P 138 9.14 8.26 71.19
C SER P 138 8.83 7.06 70.29
N HIS P 139 9.56 6.96 69.17
CA HIS P 139 9.35 5.90 68.15
C HIS P 139 10.69 5.53 67.51
N ILE P 140 10.75 4.32 66.96
CA ILE P 140 11.92 3.80 66.18
C ILE P 140 11.39 3.09 64.94
N HIS P 141 12.00 3.36 63.79
CA HIS P 141 11.73 2.65 62.52
C HIS P 141 13.06 2.12 61.98
N PHE P 142 13.12 0.83 61.71
CA PHE P 142 14.39 0.14 61.38
C PHE P 142 14.12 -1.14 60.59
N PHE P 143 14.94 -1.39 59.57
CA PHE P 143 14.92 -2.67 58.80
C PHE P 143 16.34 -3.01 58.38
N SER P 144 16.61 -4.31 58.25
CA SER P 144 17.88 -4.82 57.69
C SER P 144 17.59 -5.96 56.72
N VAL P 145 18.37 -6.03 55.64
CA VAL P 145 18.46 -7.19 54.70
C VAL P 145 19.90 -7.70 54.78
N GLY P 146 20.06 -9.02 54.87
CA GLY P 146 21.37 -9.64 55.17
C GLY P 146 21.48 -11.04 54.63
N GLY P 147 22.71 -11.50 54.45
CA GLY P 147 23.03 -12.87 53.99
C GLY P 147 23.25 -13.80 55.15
N GLU P 148 23.04 -13.31 56.37
CA GLU P 148 23.22 -14.07 57.63
C GLU P 148 22.54 -13.31 58.74
N PRO P 149 22.39 -13.94 59.93
CA PRO P 149 21.84 -13.24 61.10
C PRO P 149 22.50 -11.88 61.35
N LEU P 150 21.70 -10.88 61.70
CA LEU P 150 22.17 -9.49 61.98
C LEU P 150 23.00 -9.50 63.27
N ASP P 151 24.19 -8.88 63.26
CA ASP P 151 25.09 -8.77 64.44
C ASP P 151 24.56 -7.66 65.36
N LEU P 152 24.39 -7.98 66.65
CA LEU P 152 23.85 -7.08 67.71
C LEU P 152 24.95 -6.78 68.73
N GLN P 153 25.10 -5.49 69.06
CA GLN P 153 25.95 -4.97 70.16
C GLN P 153 25.05 -4.64 71.34
N GLY P 154 25.46 -5.04 72.54
CA GLY P 154 24.74 -4.76 73.80
C GLY P 154 24.96 -3.33 74.25
N LEU P 155 23.87 -2.57 74.39
CA LEU P 155 23.87 -1.24 75.05
C LEU P 155 22.43 -0.92 75.47
N MET P 156 22.28 -0.52 76.74
CA MET P 156 20.98 -0.32 77.45
C MET P 156 21.08 0.91 78.36
N GLN P 157 19.92 1.46 78.75
CA GLN P 157 19.83 2.68 79.60
C GLN P 157 20.13 2.31 81.06
N ASN P 158 19.73 1.12 81.51
CA ASN P 158 19.88 0.67 82.92
C ASN P 158 20.42 -0.75 82.98
N HIS P 159 21.70 -0.91 83.36
CA HIS P 159 22.39 -2.24 83.38
C HIS P 159 21.61 -3.22 84.25
N SER P 160 20.92 -2.74 85.28
CA SER P 160 20.25 -3.56 86.31
C SER P 160 18.92 -4.12 85.81
N THR P 161 18.40 -3.63 84.68
CA THR P 161 17.06 -4.04 84.17
C THR P 161 17.00 -5.57 84.15
N GLN P 162 15.87 -6.15 84.58
CA GLN P 162 15.65 -7.62 84.65
C GLN P 162 14.63 -8.00 83.57
N TYR P 163 15.08 -8.71 82.52
CA TYR P 163 14.22 -9.16 81.41
C TYR P 163 13.68 -10.54 81.75
N PRO P 164 12.36 -10.75 81.76
CA PRO P 164 11.77 -12.07 81.97
C PRO P 164 12.18 -13.04 80.87
N SER P 165 12.33 -14.33 81.19
CA SER P 165 12.45 -15.42 80.19
C SER P 165 11.15 -15.45 79.37
N PRO P 166 11.18 -15.72 78.04
CA PRO P 166 12.39 -16.12 77.32
C PRO P 166 13.24 -15.02 76.66
N LEU P 167 13.01 -13.75 76.99
CA LEU P 167 13.77 -12.61 76.43
C LEU P 167 15.25 -12.79 76.75
N VAL P 168 16.12 -12.24 75.91
CA VAL P 168 17.61 -12.31 76.07
C VAL P 168 18.15 -10.87 76.10
N GLY P 169 18.98 -10.58 77.10
CA GLY P 169 19.64 -9.27 77.24
C GLY P 169 21.14 -9.44 77.42
N PRO P 170 21.91 -8.35 77.33
CA PRO P 170 23.37 -8.42 77.44
C PRO P 170 23.76 -9.10 78.75
N LYS P 171 24.57 -10.15 78.67
CA LYS P 171 25.17 -10.84 79.83
C LYS P 171 26.64 -11.08 79.47
N LYS P 172 27.56 -10.92 80.43
CA LYS P 172 28.95 -11.43 80.33
C LYS P 172 28.88 -12.96 80.30
N PRO P 173 29.99 -13.69 80.02
CA PRO P 173 29.97 -15.15 80.05
C PRO P 173 29.52 -15.72 81.40
N ASP P 174 29.82 -15.01 82.50
CA ASP P 174 29.56 -15.47 83.89
C ASP P 174 28.08 -15.25 84.29
N GLY P 175 27.28 -14.54 83.50
CA GLY P 175 25.84 -14.31 83.76
C GLY P 175 25.53 -12.89 84.25
N THR P 176 26.54 -12.18 84.79
CA THR P 176 26.45 -10.78 85.30
C THR P 176 26.18 -9.81 84.15
N THR P 177 25.86 -8.56 84.50
CA THR P 177 25.67 -7.41 83.59
C THR P 177 26.10 -6.14 84.33
N ASP P 178 27.33 -5.69 84.14
CA ASP P 178 27.90 -4.56 84.93
C ASP P 178 27.52 -3.22 84.28
N ASP P 179 28.08 -2.12 84.79
CA ASP P 179 27.74 -0.73 84.40
C ASP P 179 28.18 -0.44 82.96
N SER P 180 29.17 -1.18 82.45
CA SER P 180 29.77 -0.97 81.10
C SER P 180 28.70 -1.17 80.01
N ALA P 181 27.66 -1.97 80.27
CA ALA P 181 26.56 -2.25 79.33
C ALA P 181 25.72 -1.00 79.05
N GLN P 182 26.03 0.14 79.67
CA GLN P 182 25.35 1.43 79.41
C GLN P 182 26.14 2.21 78.36
N VAL P 183 27.35 1.75 78.07
CA VAL P 183 28.21 2.30 76.98
C VAL P 183 28.61 1.13 76.08
N LEU P 184 29.69 1.27 75.30
CA LEU P 184 30.18 0.17 74.44
C LEU P 184 31.19 -0.67 75.23
N ASN P 185 30.85 -1.94 75.44
CA ASN P 185 31.80 -2.99 75.87
C ASN P 185 31.66 -4.18 74.91
N PRO P 186 32.70 -4.45 74.11
CA PRO P 186 32.66 -5.55 73.14
C PRO P 186 32.23 -6.91 73.69
N ILE P 187 32.32 -7.11 75.01
CA ILE P 187 31.95 -8.40 75.67
C ILE P 187 30.46 -8.70 75.42
N TYR P 188 29.63 -7.68 75.18
CA TYR P 188 28.16 -7.82 75.03
C TYR P 188 27.78 -7.83 73.56
N LYS P 189 27.74 -9.02 72.96
CA LYS P 189 27.40 -9.21 71.53
C LYS P 189 26.46 -10.41 71.39
N ALA P 190 25.67 -10.41 70.32
CA ALA P 190 24.66 -11.45 70.05
C ALA P 190 24.27 -11.40 68.57
N LYS P 191 23.73 -12.51 68.07
CA LYS P 191 23.19 -12.64 66.70
C LYS P 191 21.66 -12.63 66.84
N LEU P 192 20.98 -11.79 66.06
CA LEU P 192 19.50 -11.71 66.03
C LEU P 192 18.96 -12.98 65.36
N ASP P 193 18.90 -14.07 66.10
CA ASP P 193 18.66 -15.43 65.54
C ASP P 193 17.29 -15.98 65.97
N LYS P 194 16.41 -15.15 66.53
CA LYS P 194 15.06 -15.56 67.00
C LYS P 194 14.15 -14.33 67.05
N ASP P 195 12.96 -14.46 66.46
CA ASP P 195 11.89 -13.42 66.47
C ASP P 195 11.47 -13.14 67.92
N ALA P 196 11.01 -11.92 68.20
CA ALA P 196 10.28 -11.55 69.43
C ALA P 196 11.09 -11.90 70.69
N THR P 197 12.43 -11.83 70.63
CA THR P 197 13.31 -12.35 71.70
C THR P 197 14.31 -11.29 72.18
N TYR P 198 14.88 -10.51 71.27
CA TYR P 198 15.94 -9.52 71.59
C TYR P 198 15.27 -8.15 71.75
N PRO P 199 15.25 -7.59 72.97
CA PRO P 199 14.62 -6.28 73.18
C PRO P 199 15.35 -5.19 72.40
N ILE P 200 14.59 -4.31 71.75
CA ILE P 200 15.13 -3.12 71.03
C ILE P 200 15.98 -2.29 72.00
N GLU P 201 15.64 -2.27 73.28
CA GLU P 201 16.19 -1.27 74.25
C GLU P 201 17.59 -1.67 74.75
N CYS P 202 18.03 -2.92 74.57
CA CYS P 202 19.36 -3.38 75.08
C CYS P 202 20.27 -3.84 73.93
N TRP P 203 19.77 -3.88 72.69
CA TRP P 203 20.50 -4.37 71.49
C TRP P 203 20.38 -3.38 70.33
N CYS P 204 21.51 -2.92 69.80
CA CYS P 204 21.57 -2.11 68.56
C CYS P 204 22.37 -2.88 67.51
N PRO P 205 22.21 -2.59 66.20
CA PRO P 205 23.05 -3.20 65.18
C PRO P 205 24.53 -2.85 65.45
N ASP P 206 25.39 -3.87 65.40
CA ASP P 206 26.85 -3.78 65.66
C ASP P 206 27.53 -3.20 64.44
N PRO P 207 28.04 -1.95 64.47
CA PRO P 207 28.69 -1.35 63.30
C PRO P 207 30.12 -1.88 63.07
N SER P 208 30.67 -2.66 64.01
CA SER P 208 32.01 -3.31 63.91
C SER P 208 31.91 -4.60 63.09
N ARG P 209 30.69 -5.08 62.82
CA ARG P 209 30.43 -6.32 62.07
C ARG P 209 29.39 -6.03 60.98
N ASN P 210 28.44 -6.95 60.76
CA ASN P 210 27.37 -6.79 59.76
C ASN P 210 27.95 -6.45 58.38
N GLU P 211 29.15 -6.97 58.04
CA GLU P 211 29.78 -6.78 56.70
C GLU P 211 28.81 -7.29 55.64
N ASN P 212 28.11 -8.39 55.92
CA ASN P 212 27.21 -9.10 54.97
C ASN P 212 25.74 -8.76 55.24
N SER P 213 25.46 -7.59 55.82
CA SER P 213 24.09 -7.07 56.08
C SER P 213 24.03 -5.57 55.82
N ARG P 214 22.88 -5.08 55.36
CA ARG P 214 22.59 -3.63 55.21
C ARG P 214 21.45 -3.28 56.16
N TYR P 215 21.67 -2.35 57.09
CA TYR P 215 20.67 -1.92 58.09
C TYR P 215 20.50 -0.40 58.05
N PHE P 216 19.29 0.04 58.38
CA PHE P 216 18.81 1.44 58.32
C PHE P 216 17.81 1.69 59.45
N GLY P 217 18.11 2.65 60.32
CA GLY P 217 17.28 2.95 61.51
C GLY P 217 17.17 4.45 61.75
N SER P 218 16.01 4.87 62.26
CA SER P 218 15.75 6.26 62.69
C SER P 218 14.92 6.24 63.98
N TYR P 219 15.47 6.80 65.07
CA TYR P 219 14.80 6.98 66.38
C TYR P 219 14.50 8.47 66.59
N THR P 220 13.28 8.75 67.05
CA THR P 220 12.83 10.08 67.53
C THR P 220 12.33 9.91 68.97
N GLY P 221 12.75 10.80 69.88
CA GLY P 221 12.35 10.77 71.31
C GLY P 221 11.19 11.69 71.61
N GLY P 222 11.05 12.09 72.88
CA GLY P 222 10.03 13.05 73.33
C GLY P 222 8.79 12.37 73.86
N VAL P 223 8.01 13.10 74.65
CA VAL P 223 6.85 12.56 75.42
C VAL P 223 5.63 12.46 74.49
N GLU P 224 5.39 13.53 73.71
CA GLU P 224 4.18 13.68 72.88
C GLU P 224 4.49 13.85 71.39
N THR P 225 5.69 13.45 70.98
CA THR P 225 6.27 13.72 69.63
C THR P 225 5.34 13.11 68.58
N PRO P 226 4.93 13.86 67.55
CA PRO P 226 4.03 13.32 66.52
C PRO P 226 4.84 12.43 65.58
N PRO P 227 4.37 11.21 65.25
CA PRO P 227 5.03 10.39 64.24
C PRO P 227 4.80 10.99 62.85
N VAL P 228 5.84 10.96 62.00
CA VAL P 228 5.79 11.35 60.57
C VAL P 228 6.22 10.12 59.76
N LEU P 229 5.31 9.53 58.99
CA LEU P 229 5.57 8.31 58.19
C LEU P 229 4.99 8.49 56.78
N SER P 230 5.78 8.15 55.76
CA SER P 230 5.39 8.20 54.34
C SER P 230 5.25 6.79 53.78
N PHE P 231 4.46 6.64 52.72
CA PHE P 231 4.24 5.34 52.05
C PHE P 231 4.06 5.56 50.55
N THR P 232 4.66 4.68 49.74
CA THR P 232 4.66 4.70 48.26
C THR P 232 5.15 3.35 47.72
N ASN P 233 4.71 2.95 46.53
CA ASN P 233 5.24 1.73 45.84
C ASN P 233 6.30 2.13 44.81
N THR P 234 6.78 3.38 44.83
CA THR P 234 7.71 3.94 43.82
C THR P 234 9.12 4.12 44.38
N SER P 235 9.45 3.53 45.53
CA SER P 235 10.76 3.79 46.21
C SER P 235 11.54 2.49 46.37
N THR P 236 12.82 2.52 45.97
CA THR P 236 13.75 1.36 45.96
C THR P 236 15.05 1.75 46.66
N THR P 237 15.59 0.84 47.47
CA THR P 237 16.87 1.03 48.17
C THR P 237 17.88 0.04 47.58
N ILE P 238 19.00 0.55 47.08
CA ILE P 238 20.11 -0.30 46.55
C ILE P 238 20.85 -0.86 47.77
N LEU P 239 21.18 -2.15 47.73
CA LEU P 239 21.85 -2.86 48.86
C LEU P 239 23.32 -3.13 48.52
N LEU P 240 23.78 -2.75 47.33
CA LEU P 240 25.19 -2.91 46.89
C LEU P 240 26.07 -1.96 47.70
N ASP P 241 27.26 -2.41 48.11
CA ASP P 241 28.23 -1.62 48.91
C ASP P 241 29.09 -0.78 47.96
N GLU P 242 30.12 -0.12 48.50
CA GLU P 242 31.06 0.77 47.77
C GLU P 242 31.75 -0.01 46.62
N ASN P 243 31.77 -1.32 46.65
CA ASN P 243 32.39 -2.20 45.62
C ASN P 243 31.35 -2.95 44.79
N GLY P 244 30.10 -2.50 44.77
CA GLY P 244 29.02 -3.11 43.94
C GLY P 244 28.63 -4.51 44.39
N VAL P 245 28.96 -4.91 45.61
CA VAL P 245 28.58 -6.25 46.17
C VAL P 245 27.42 -6.07 47.15
N GLY P 246 26.35 -6.84 46.95
CA GLY P 246 25.21 -6.93 47.89
C GLY P 246 25.42 -8.01 48.94
N PRO P 247 24.51 -8.12 49.94
CA PRO P 247 24.54 -9.24 50.87
C PRO P 247 24.51 -10.58 50.13
N LEU P 248 25.44 -11.48 50.47
CA LEU P 248 25.54 -12.85 49.91
C LEU P 248 24.88 -13.84 50.89
N CYS P 249 23.78 -14.48 50.48
CA CYS P 249 22.94 -15.35 51.33
C CYS P 249 23.61 -16.70 51.60
N LYS P 250 24.35 -16.81 52.70
CA LYS P 250 24.94 -18.09 53.20
C LYS P 250 23.81 -19.09 53.43
N GLY P 251 24.06 -20.37 53.16
CA GLY P 251 23.09 -21.47 53.32
C GLY P 251 21.81 -21.23 52.54
N ASP P 252 21.86 -20.40 51.49
CA ASP P 252 20.69 -20.09 50.62
C ASP P 252 19.55 -19.54 51.48
N GLY P 253 19.87 -18.63 52.40
CA GLY P 253 18.92 -18.01 53.35
C GLY P 253 19.03 -16.49 53.36
N LEU P 254 17.91 -15.80 53.11
CA LEU P 254 17.80 -14.32 53.21
C LEU P 254 17.30 -13.95 54.61
N TYR P 255 18.05 -13.12 55.32
CA TYR P 255 17.75 -12.67 56.71
C TYR P 255 17.12 -11.26 56.67
N LEU P 256 15.83 -11.18 57.01
CA LEU P 256 15.07 -9.91 57.20
C LEU P 256 14.89 -9.63 58.70
N SER P 257 15.04 -8.36 59.08
CA SER P 257 14.80 -7.84 60.45
C SER P 257 14.03 -6.53 60.34
N SER P 258 13.20 -6.23 61.36
CA SER P 258 12.25 -5.10 61.41
C SER P 258 12.14 -4.63 62.86
N ALA P 259 11.91 -3.33 63.04
CA ALA P 259 11.55 -2.70 64.33
C ALA P 259 10.78 -1.41 64.03
N ASP P 260 9.45 -1.47 64.10
CA ASP P 260 8.58 -0.31 63.77
C ASP P 260 7.60 -0.08 64.92
N VAL P 261 8.11 0.59 65.96
CA VAL P 261 7.34 1.09 67.13
C VAL P 261 6.94 2.53 66.81
N ALA P 262 5.70 2.72 66.34
CA ALA P 262 5.21 3.99 65.74
C ALA P 262 5.13 5.07 66.82
N GLY P 263 5.03 4.65 68.08
CA GLY P 263 4.86 5.49 69.27
C GLY P 263 4.03 4.77 70.33
N THR P 264 3.36 5.52 71.20
CA THR P 264 2.49 4.97 72.26
C THR P 264 1.04 5.32 71.97
N PHE P 265 0.11 4.48 72.42
CA PHE P 265 -1.33 4.78 72.56
C PHE P 265 -1.59 5.24 74.00
N VAL P 266 -2.21 6.42 74.17
CA VAL P 266 -2.53 7.04 75.50
C VAL P 266 -4.02 6.84 75.73
N GLN P 267 -4.38 5.91 76.63
CA GLN P 267 -5.80 5.53 76.88
C GLN P 267 -6.49 6.59 77.74
N GLN P 268 -7.72 6.95 77.38
CA GLN P 268 -8.58 7.88 78.13
C GLN P 268 -8.85 7.29 79.52
N THR P 269 -9.00 8.15 80.53
CA THR P 269 -9.44 7.79 81.91
C THR P 269 -8.28 7.13 82.66
N SER P 270 -7.78 5.98 82.22
CA SER P 270 -6.63 5.30 82.86
C SER P 270 -5.38 6.19 82.77
N GLN P 271 -5.23 6.92 81.65
CA GLN P 271 -4.04 7.73 81.28
C GLN P 271 -2.79 6.83 81.26
N LYS P 272 -2.98 5.53 80.98
CA LYS P 272 -1.88 4.55 80.79
C LYS P 272 -1.46 4.56 79.31
N GLN P 273 -0.21 4.14 79.07
CA GLN P 273 0.44 4.17 77.74
C GLN P 273 0.77 2.74 77.30
N TYR P 274 0.55 2.47 76.01
CA TYR P 274 0.79 1.17 75.36
C TYR P 274 1.63 1.42 74.10
N TRP P 275 2.75 0.71 73.96
CA TRP P 275 3.56 0.67 72.72
C TRP P 275 2.69 0.19 71.57
N ARG P 276 2.77 0.84 70.41
CA ARG P 276 2.01 0.48 69.17
C ARG P 276 3.02 0.14 68.07
N GLY P 277 3.01 -1.11 67.62
CA GLY P 277 3.89 -1.58 66.54
C GLY P 277 3.18 -1.61 65.20
N LEU P 278 3.94 -1.54 64.10
CA LEU P 278 3.37 -1.67 62.73
C LEU P 278 4.16 -2.70 61.96
N PRO P 279 3.51 -3.42 61.00
CA PRO P 279 4.20 -4.42 60.19
C PRO P 279 5.01 -3.75 59.07
N ARG P 280 6.00 -4.47 58.54
CA ARG P 280 6.89 -3.99 57.46
C ARG P 280 6.88 -4.99 56.30
N TYR P 281 6.50 -4.52 55.10
CA TYR P 281 6.56 -5.28 53.84
C TYR P 281 7.99 -5.20 53.28
N PHE P 282 8.48 -6.31 52.76
CA PHE P 282 9.77 -6.39 52.01
C PHE P 282 9.50 -6.95 50.62
N ASN P 283 10.19 -6.40 49.62
CA ASN P 283 10.27 -6.92 48.24
C ASN P 283 11.73 -6.88 47.82
N ILE P 284 12.45 -8.00 47.93
CA ILE P 284 13.92 -8.05 47.66
C ILE P 284 14.14 -8.65 46.27
N THR P 285 15.04 -8.06 45.50
CA THR P 285 15.55 -8.58 44.21
C THR P 285 16.95 -9.15 44.44
N LEU P 286 17.16 -10.41 44.05
CA LEU P 286 18.47 -11.10 44.16
C LEU P 286 18.90 -11.62 42.78
N ARG P 287 20.21 -11.77 42.58
CA ARG P 287 20.85 -12.28 41.34
C ARG P 287 21.91 -13.30 41.77
N LYS P 288 22.22 -14.29 40.93
CA LYS P 288 23.27 -15.31 41.21
C LYS P 288 24.63 -14.64 41.10
N ARG P 289 25.54 -14.95 42.02
CA ARG P 289 26.92 -14.40 42.06
C ARG P 289 27.89 -15.53 42.37
N ALA P 290 29.05 -15.50 41.72
CA ALA P 290 30.10 -16.54 41.81
C ALA P 290 31.12 -16.15 42.88
N VAL P 291 31.57 -17.14 43.65
CA VAL P 291 32.53 -16.94 44.76
C VAL P 291 33.52 -18.12 44.76
N LYS P 292 34.77 -17.86 45.14
CA LYS P 292 35.84 -18.88 45.33
C LYS P 292 35.63 -19.36 46.77
N ASN P 293 36.06 -20.59 47.09
CA ASN P 293 36.46 -21.04 48.45
C ASN P 293 35.21 -21.64 49.14
N GLY Q 24 1.50 -4.33 34.83
CA GLY Q 24 0.98 -5.56 35.52
C GLY Q 24 1.51 -6.85 34.90
N GLY Q 25 0.74 -7.94 35.00
CA GLY Q 25 1.02 -9.30 34.46
C GLY Q 25 0.68 -9.44 32.97
N ILE Q 26 0.61 -8.30 32.26
CA ILE Q 26 0.61 -8.19 30.76
C ILE Q 26 2.07 -8.18 30.26
N GLU Q 27 2.33 -8.58 29.01
CA GLU Q 27 3.64 -8.45 28.33
C GLU Q 27 3.65 -7.12 27.54
N VAL Q 28 4.53 -6.19 27.94
CA VAL Q 28 4.53 -4.77 27.46
C VAL Q 28 5.45 -4.64 26.24
N LEU Q 29 4.94 -4.08 25.15
CA LEU Q 29 5.67 -3.95 23.85
C LEU Q 29 5.99 -2.47 23.59
N ASP Q 30 6.11 -2.10 22.31
CA ASP Q 30 6.51 -0.74 21.86
CA ASP Q 30 6.51 -0.75 21.83
C ASP Q 30 5.47 0.31 22.24
N VAL Q 31 5.93 1.54 22.46
CA VAL Q 31 5.08 2.76 22.61
C VAL Q 31 4.56 3.15 21.23
N LYS Q 32 3.27 2.97 20.92
CA LYS Q 32 2.69 3.50 19.65
C LYS Q 32 2.90 5.02 19.65
N THR Q 33 3.39 5.60 18.55
CA THR Q 33 3.50 7.07 18.34
C THR Q 33 2.83 7.43 17.02
N GLY Q 34 2.41 8.68 16.87
CA GLY Q 34 1.65 9.18 15.71
C GLY Q 34 0.69 10.27 16.15
N PRO Q 35 -0.23 10.72 15.28
CA PRO Q 35 -1.29 11.64 15.69
C PRO Q 35 -2.29 10.88 16.57
N ASP Q 36 -2.84 11.57 17.58
CA ASP Q 36 -3.87 11.04 18.51
C ASP Q 36 -3.30 9.82 19.27
N SER Q 37 -2.01 9.83 19.61
CA SER Q 37 -1.34 8.75 20.39
C SER Q 37 -1.14 9.18 21.84
N THR Q 38 -1.29 10.47 22.14
CA THR Q 38 -1.26 11.04 23.52
C THR Q 38 -2.54 11.82 23.78
N THR Q 39 -3.00 11.82 25.04
CA THR Q 39 -4.14 12.64 25.54
C THR Q 39 -3.86 13.04 27.00
N THR Q 40 -4.46 14.14 27.46
CA THR Q 40 -4.41 14.59 28.88
C THR Q 40 -5.84 14.60 29.43
N ILE Q 41 -6.01 14.14 30.67
CA ILE Q 41 -7.31 14.23 31.41
C ILE Q 41 -7.12 15.13 32.64
N GLU Q 42 -8.07 16.05 32.86
CA GLU Q 42 -8.22 16.87 34.08
C GLU Q 42 -9.36 16.30 34.93
N ALA Q 43 -9.15 16.16 36.23
CA ALA Q 43 -10.17 15.69 37.19
C ALA Q 43 -9.89 16.31 38.56
N TYR Q 44 -10.90 16.32 39.44
CA TYR Q 44 -10.75 16.64 40.88
C TYR Q 44 -11.52 15.60 41.70
N LEU Q 45 -11.00 15.29 42.87
CA LEU Q 45 -11.69 14.48 43.90
C LEU Q 45 -11.94 15.39 45.11
N ASN Q 46 -13.22 15.69 45.39
CA ASN Q 46 -13.65 16.37 46.63
C ASN Q 46 -13.45 15.37 47.78
N PRO Q 47 -13.17 15.85 49.01
CA PRO Q 47 -12.87 14.96 50.12
C PRO Q 47 -14.12 14.23 50.62
N ARG Q 48 -13.95 13.08 51.26
CA ARG Q 48 -15.07 12.29 51.85
C ARG Q 48 -14.75 12.02 53.32
N VAL Q 49 -14.84 13.07 54.15
CA VAL Q 49 -14.47 13.05 55.58
C VAL Q 49 -15.67 12.63 56.43
N GLY Q 50 -16.82 12.29 55.80
CA GLY Q 50 -18.04 11.78 56.46
C GLY Q 50 -19.27 12.56 56.03
N GLN Q 51 -19.10 13.82 55.66
CA GLN Q 51 -20.11 14.62 54.92
C GLN Q 51 -19.43 15.13 53.63
N ASN Q 52 -20.13 15.93 52.85
CA ASN Q 52 -19.75 16.27 51.45
C ASN Q 52 -19.21 17.70 51.37
N TRP Q 53 -19.25 18.47 52.45
CA TRP Q 53 -18.88 19.90 52.38
C TRP Q 53 -17.62 20.16 53.21
N GLY Q 54 -16.77 19.13 53.32
CA GLY Q 54 -15.35 19.27 53.71
C GLY Q 54 -15.13 19.17 55.21
N PHE Q 55 -16.20 19.04 56.00
CA PHE Q 55 -16.14 18.79 57.46
C PHE Q 55 -16.94 17.54 57.82
N SER Q 56 -16.40 16.72 58.73
CA SER Q 56 -17.14 15.63 59.42
C SER Q 56 -18.08 16.25 60.45
N THR Q 57 -18.98 15.44 61.03
CA THR Q 57 -19.71 15.79 62.27
C THR Q 57 -18.72 15.61 63.43
N GLU Q 58 -19.10 16.01 64.65
CA GLU Q 58 -18.18 16.01 65.81
C GLU Q 58 -17.56 14.61 65.99
N ILE Q 59 -16.28 14.58 66.34
CA ILE Q 59 -15.55 13.33 66.68
C ILE Q 59 -16.04 12.90 68.06
N THR Q 60 -16.47 11.64 68.20
CA THR Q 60 -16.98 11.04 69.46
C THR Q 60 -16.00 9.99 69.96
N VAL Q 61 -15.97 9.74 71.27
CA VAL Q 61 -15.09 8.72 71.90
C VAL Q 61 -15.90 7.98 72.95
N ALA Q 62 -16.38 6.78 72.62
CA ALA Q 62 -17.03 5.85 73.57
C ALA Q 62 -16.22 5.79 74.86
N SER Q 63 -16.89 5.68 76.01
CA SER Q 63 -16.25 5.45 77.31
C SER Q 63 -15.63 4.06 77.30
N ASN Q 64 -14.48 3.89 77.97
CA ASN Q 64 -13.80 2.57 78.06
C ASN Q 64 -14.87 1.54 78.42
N GLY Q 65 -14.82 0.35 77.82
CA GLY Q 65 -15.72 -0.77 78.11
C GLY Q 65 -17.03 -0.70 77.33
N TYR Q 66 -17.37 0.45 76.73
CA TYR Q 66 -18.55 0.61 75.83
C TYR Q 66 -18.14 0.27 74.39
N ASN Q 67 -19.11 -0.08 73.55
CA ASN Q 67 -18.91 -0.34 72.10
C ASN Q 67 -18.26 0.89 71.45
N ASP Q 68 -17.21 0.66 70.65
CA ASP Q 68 -16.58 1.69 69.77
C ASP Q 68 -17.38 1.73 68.46
N ALA Q 69 -18.42 2.56 68.41
CA ALA Q 69 -19.38 2.63 67.29
C ALA Q 69 -19.56 4.08 66.88
N PRO Q 70 -18.60 4.66 66.14
CA PRO Q 70 -18.68 6.06 65.70
C PRO Q 70 -19.78 6.23 64.65
N HIS Q 71 -20.21 7.48 64.48
CA HIS Q 71 -21.24 7.90 63.50
C HIS Q 71 -20.68 7.82 62.09
N LEU Q 72 -21.49 7.34 61.14
CA LEU Q 72 -21.18 7.37 59.68
C LEU Q 72 -20.47 8.69 59.35
N THR Q 73 -21.00 9.82 59.82
CA THR Q 73 -20.59 11.17 59.35
C THR Q 73 -19.35 11.69 60.10
N GLU Q 74 -18.63 10.84 60.84
CA GLU Q 74 -17.38 11.25 61.54
C GLU Q 74 -16.19 10.41 61.07
N ILE Q 75 -16.42 9.43 60.18
CA ILE Q 75 -15.37 8.53 59.64
C ILE Q 75 -14.93 9.03 58.27
N PRO Q 76 -13.71 9.60 58.13
CA PRO Q 76 -13.16 9.94 56.82
C PRO Q 76 -12.81 8.70 55.99
N CYS Q 77 -13.12 8.78 54.69
CA CYS Q 77 -12.92 7.70 53.69
C CYS Q 77 -12.05 8.18 52.53
N TYR Q 78 -11.50 7.23 51.77
CA TYR Q 78 -10.81 7.49 50.49
C TYR Q 78 -11.84 8.00 49.47
N SER Q 79 -11.51 9.11 48.81
CA SER Q 79 -12.16 9.57 47.55
C SER Q 79 -11.63 8.71 46.41
N SER Q 80 -12.48 8.32 45.45
CA SER Q 80 -12.09 7.52 44.27
C SER Q 80 -13.03 7.83 43.10
N ALA Q 81 -12.50 7.73 41.89
CA ALA Q 81 -13.25 7.93 40.62
C ALA Q 81 -12.53 7.14 39.52
N ARG Q 82 -13.30 6.61 38.57
CA ARG Q 82 -12.79 6.01 37.31
C ARG Q 82 -13.18 6.97 36.18
N ILE Q 83 -12.19 7.59 35.54
CA ILE Q 83 -12.41 8.45 34.33
C ILE Q 83 -12.41 7.52 33.10
N SER Q 84 -13.42 7.68 32.25
CA SER Q 84 -13.56 6.96 30.95
C SER Q 84 -12.60 7.57 29.92
N LEU Q 85 -11.74 6.74 29.34
CA LEU Q 85 -10.76 7.12 28.28
C LEU Q 85 -11.35 6.78 26.92
N PRO Q 86 -10.86 7.38 25.81
CA PRO Q 86 -11.29 7.02 24.45
C PRO Q 86 -11.15 5.51 24.16
N LEU Q 87 -12.15 4.92 23.48
CA LEU Q 87 -12.17 3.44 23.28
C LEU Q 87 -11.00 3.03 22.33
N LEU Q 88 -10.20 2.06 22.80
CA LEU Q 88 -9.08 1.50 22.02
C LEU Q 88 -9.64 0.13 21.59
N ASN Q 89 -9.42 -0.20 20.35
CA ASN Q 89 -10.12 -1.34 19.66
C ASN Q 89 -9.20 -2.54 19.55
N GLU Q 90 -9.63 -3.69 20.03
CA GLU Q 90 -9.09 -5.05 19.66
C GLU Q 90 -9.03 -5.35 18.13
N ASP Q 91 -7.91 -5.93 17.73
CA ASP Q 91 -7.60 -6.38 16.34
C ASP Q 91 -7.70 -7.90 16.26
N ILE Q 92 -8.68 -8.43 15.50
CA ILE Q 92 -8.96 -9.88 15.42
C ILE Q 92 -7.88 -10.57 14.59
N THR Q 93 -6.98 -9.83 13.94
CA THR Q 93 -5.76 -10.44 13.31
C THR Q 93 -4.51 -10.36 14.23
N SER Q 94 -4.11 -9.13 14.54
CA SER Q 94 -2.83 -8.85 15.26
C SER Q 94 -2.92 -9.46 16.66
N PRO Q 95 -1.80 -10.01 17.20
CA PRO Q 95 -1.77 -10.57 18.56
C PRO Q 95 -1.38 -9.51 19.60
N THR Q 96 -1.60 -8.24 19.30
CA THR Q 96 -1.29 -7.05 20.08
C THR Q 96 -2.55 -6.20 20.28
N LEU Q 97 -2.75 -5.71 21.51
CA LEU Q 97 -3.76 -4.71 21.89
C LEU Q 97 -3.05 -3.39 22.20
N LEU Q 98 -3.81 -2.29 22.17
CA LEU Q 98 -3.38 -0.97 22.69
C LEU Q 98 -4.10 -0.69 24.03
N MET Q 99 -3.33 -0.35 25.07
CA MET Q 99 -3.85 0.21 26.35
C MET Q 99 -3.32 1.63 26.50
N TRP Q 100 -4.07 2.52 27.12
CA TRP Q 100 -3.57 3.85 27.56
C TRP Q 100 -2.57 3.67 28.70
N GLU Q 101 -1.46 4.37 28.64
CA GLU Q 101 -0.35 4.34 29.64
C GLU Q 101 -0.25 5.72 30.30
N ALA Q 102 -0.54 5.81 31.59
CA ALA Q 102 -0.40 7.05 32.38
C ALA Q 102 1.10 7.33 32.56
N VAL Q 103 1.58 8.45 32.02
CA VAL Q 103 3.05 8.73 31.95
C VAL Q 103 3.42 9.62 33.14
N SER Q 104 2.68 10.70 33.34
CA SER Q 104 2.99 11.76 34.34
C SER Q 104 1.68 12.27 34.96
N VAL Q 105 1.79 12.95 36.11
CA VAL Q 105 0.63 13.64 36.75
C VAL Q 105 1.14 14.94 37.40
N LYS Q 106 0.46 16.04 37.11
CA LYS Q 106 0.50 17.31 37.89
C LYS Q 106 -0.69 17.22 38.87
N THR Q 107 -0.43 17.18 40.19
CA THR Q 107 -1.47 17.07 41.22
C THR Q 107 -1.29 18.17 42.27
N GLU Q 108 -2.39 18.69 42.79
CA GLU Q 108 -2.42 19.88 43.69
C GLU Q 108 -3.52 19.64 44.74
N VAL Q 109 -3.26 20.02 46.00
CA VAL Q 109 -4.29 20.08 47.06
C VAL Q 109 -4.91 21.48 47.03
N VAL Q 110 -6.17 21.59 46.61
CA VAL Q 110 -6.86 22.88 46.36
C VAL Q 110 -7.37 23.42 47.70
N GLY Q 111 -7.31 24.75 47.89
CA GLY Q 111 -7.94 25.45 49.02
C GLY Q 111 -7.10 25.41 50.29
N ILE Q 112 -5.78 25.25 50.15
CA ILE Q 112 -4.83 25.33 51.30
C ILE Q 112 -4.99 26.71 51.94
N SER Q 113 -5.13 27.77 51.14
CA SER Q 113 -5.25 29.17 51.62
C SER Q 113 -6.49 29.35 52.50
N SER Q 114 -7.48 28.45 52.39
CA SER Q 114 -8.75 28.51 53.17
C SER Q 114 -8.46 28.44 54.68
N MET Q 115 -7.33 27.84 55.06
CA MET Q 115 -6.95 27.58 56.47
C MET Q 115 -6.43 28.86 57.14
N LEU Q 116 -6.00 29.88 56.39
CA LEU Q 116 -5.56 31.17 56.97
C LEU Q 116 -6.80 31.97 57.37
N ASN Q 117 -7.44 31.54 58.47
CA ASN Q 117 -8.79 31.99 58.91
C ASN Q 117 -8.86 31.82 60.43
N MET Q 118 -8.80 32.95 61.16
CA MET Q 118 -8.78 32.94 62.64
C MET Q 118 -10.04 33.64 63.18
N HIS Q 119 -11.11 33.70 62.39
CA HIS Q 119 -12.36 34.44 62.74
C HIS Q 119 -13.60 33.54 62.63
N SER Q 120 -13.51 32.36 62.00
CA SER Q 120 -14.70 31.48 61.77
C SER Q 120 -14.83 30.45 62.90
N TYR Q 121 -15.10 30.96 64.11
CA TYR Q 121 -15.64 30.22 65.29
C TYR Q 121 -14.61 29.26 65.90
N GLY Q 122 -13.33 29.44 65.61
CA GLY Q 122 -12.27 28.57 66.16
C GLY Q 122 -12.10 28.82 67.65
N LEU Q 123 -11.76 27.79 68.43
CA LEU Q 123 -11.35 27.93 69.85
C LEU Q 123 -10.29 29.04 69.93
N ARG Q 124 -10.48 30.02 70.80
CA ARG Q 124 -9.66 31.27 70.77
C ARG Q 124 -8.39 31.08 71.62
N ALA Q 125 -7.28 31.63 71.15
CA ALA Q 125 -5.95 31.52 71.79
C ALA Q 125 -5.82 32.59 72.87
N PHE Q 126 -4.82 32.44 73.74
CA PHE Q 126 -4.46 33.41 74.78
C PHE Q 126 -5.68 33.72 75.65
N GLY Q 127 -6.25 32.64 76.21
CA GLY Q 127 -7.33 32.66 77.23
C GLY Q 127 -8.61 33.31 76.72
N GLY Q 128 -8.88 33.24 75.41
CA GLY Q 128 -10.15 33.67 74.81
C GLY Q 128 -10.10 35.05 74.17
N TYR Q 129 -9.01 35.79 74.34
CA TYR Q 129 -8.83 37.19 73.84
C TYR Q 129 -8.21 37.19 72.44
N GLY Q 130 -7.47 36.13 72.08
CA GLY Q 130 -6.83 35.98 70.76
C GLY Q 130 -7.80 35.56 69.68
N GLY Q 131 -7.28 35.17 68.51
CA GLY Q 131 -8.05 34.67 67.36
C GLY Q 131 -8.33 33.18 67.46
N GLY Q 132 -9.18 32.66 66.57
CA GLY Q 132 -9.55 31.23 66.50
C GLY Q 132 -8.40 30.35 66.02
N TYR Q 133 -8.31 29.13 66.55
CA TYR Q 133 -7.37 28.08 66.09
C TYR Q 133 -7.63 27.80 64.61
N THR Q 134 -6.60 27.97 63.78
CA THR Q 134 -6.53 27.40 62.41
C THR Q 134 -6.51 25.88 62.53
N ILE Q 135 -6.92 25.19 61.47
CA ILE Q 135 -6.98 23.70 61.47
C ILE Q 135 -5.68 23.18 62.04
N GLU Q 136 -5.76 22.14 62.86
CA GLU Q 136 -4.59 21.49 63.48
C GLU Q 136 -4.86 20.01 63.73
N GLY Q 137 -3.83 19.30 64.18
CA GLY Q 137 -3.90 17.93 64.64
C GLY Q 137 -3.31 16.99 63.63
N SER Q 138 -3.53 15.68 63.85
CA SER Q 138 -3.07 14.58 62.96
C SER Q 138 -3.72 14.77 61.59
N HIS Q 139 -2.96 14.49 60.52
CA HIS Q 139 -3.39 14.68 59.11
C HIS Q 139 -2.76 13.60 58.23
N ILE Q 140 -3.40 13.33 57.09
CA ILE Q 140 -2.88 12.42 56.03
C ILE Q 140 -3.12 13.09 54.68
N HIS Q 141 -2.11 13.03 53.82
CA HIS Q 141 -2.19 13.47 52.40
C HIS Q 141 -1.72 12.32 51.53
N PHE Q 142 -2.56 11.93 50.56
CA PHE Q 142 -2.34 10.72 49.75
C PHE Q 142 -3.08 10.81 48.42
N PHE Q 143 -2.42 10.36 47.35
CA PHE Q 143 -3.06 10.21 46.02
C PHE Q 143 -2.46 8.98 45.31
N SER Q 144 -3.27 8.36 44.46
CA SER Q 144 -2.80 7.26 43.57
C SER Q 144 -3.37 7.48 42.17
N VAL Q 145 -2.58 7.15 41.16
CA VAL Q 145 -3.00 6.98 39.74
C VAL Q 145 -2.75 5.52 39.36
N GLY Q 146 -3.71 4.90 38.69
CA GLY Q 146 -3.70 3.44 38.46
C GLY Q 146 -4.48 3.07 37.20
N GLY Q 147 -4.17 1.89 36.67
CA GLY Q 147 -4.85 1.31 35.51
C GLY Q 147 -5.99 0.42 35.92
N GLU Q 148 -6.26 0.35 37.21
CA GLU Q 148 -7.31 -0.51 37.81
C GLU Q 148 -7.57 -0.03 39.22
N PRO Q 149 -8.63 -0.52 39.88
CA PRO Q 149 -8.88 -0.19 41.28
C PRO Q 149 -7.63 -0.40 42.16
N LEU Q 150 -7.41 0.52 43.10
CA LEU Q 150 -6.26 0.47 44.05
C LEU Q 150 -6.46 -0.71 45.02
N ASP Q 151 -5.43 -1.54 45.22
CA ASP Q 151 -5.46 -2.69 46.15
C ASP Q 151 -5.29 -2.18 47.59
N LEU Q 152 -6.19 -2.58 48.49
CA LEU Q 152 -6.24 -2.17 49.92
C LEU Q 152 -5.95 -3.38 50.81
N GLN Q 153 -5.05 -3.20 51.79
CA GLN Q 153 -4.77 -4.16 52.88
C GLN Q 153 -5.47 -3.66 54.14
N GLY Q 154 -6.14 -4.57 54.85
CA GLY Q 154 -6.83 -4.27 56.12
C GLY Q 154 -5.85 -4.14 57.27
N LEU Q 155 -5.86 -2.99 57.92
CA LEU Q 155 -5.15 -2.77 59.21
C LEU Q 155 -5.77 -1.56 59.91
N MET Q 156 -6.12 -1.74 61.19
CA MET Q 156 -6.90 -0.77 62.01
C MET Q 156 -6.33 -0.75 63.44
N GLN Q 157 -6.63 0.31 64.20
CA GLN Q 157 -6.14 0.51 65.60
C GLN Q 157 -6.95 -0.40 66.55
N ASN Q 158 -8.24 -0.59 66.29
CA ASN Q 158 -9.15 -1.35 67.18
C ASN Q 158 -10.00 -2.33 66.37
N HIS Q 159 -9.71 -3.64 66.46
CA HIS Q 159 -10.39 -4.69 65.65
C HIS Q 159 -11.91 -4.63 65.91
N SER Q 160 -12.32 -4.21 67.09
CA SER Q 160 -13.75 -4.29 67.54
C SER Q 160 -14.55 -3.11 66.97
N THR Q 161 -13.90 -2.10 66.37
CA THR Q 161 -14.61 -0.90 65.87
C THR Q 161 -15.78 -1.36 64.99
N GLN Q 162 -16.94 -0.71 65.14
CA GLN Q 162 -18.19 -1.03 64.39
C GLN Q 162 -18.46 0.11 63.40
N TYR Q 163 -18.30 -0.17 62.10
CA TYR Q 163 -18.54 0.83 61.02
C TYR Q 163 -19.99 0.71 60.58
N PRO Q 164 -20.77 1.82 60.62
CA PRO Q 164 -22.14 1.80 60.13
C PRO Q 164 -22.20 1.51 58.63
N SER Q 165 -23.24 0.84 58.15
CA SER Q 165 -23.58 0.73 56.71
C SER Q 165 -23.82 2.14 56.18
N PRO Q 166 -23.42 2.47 54.92
CA PRO Q 166 -22.84 1.53 53.97
C PRO Q 166 -21.31 1.37 53.96
N LEU Q 167 -20.61 1.89 54.96
CA LEU Q 167 -19.12 1.79 55.05
C LEU Q 167 -18.72 0.32 55.05
N VAL Q 168 -17.50 0.03 54.58
CA VAL Q 168 -16.93 -1.34 54.50
C VAL Q 168 -15.61 -1.34 55.25
N GLY Q 169 -15.44 -2.30 56.16
CA GLY Q 169 -14.21 -2.48 56.95
C GLY Q 169 -13.72 -3.92 56.84
N PRO Q 170 -12.49 -4.20 57.30
CA PRO Q 170 -11.92 -5.54 57.20
C PRO Q 170 -12.85 -6.56 57.85
N LYS Q 171 -13.23 -7.59 57.11
CA LYS Q 171 -14.01 -8.75 57.61
C LYS Q 171 -13.35 -10.00 57.02
N LYS Q 172 -13.22 -11.08 57.81
CA LYS Q 172 -12.93 -12.43 57.27
C LYS Q 172 -14.11 -12.87 56.39
N PRO Q 173 -14.00 -13.98 55.63
CA PRO Q 173 -15.13 -14.44 54.82
C PRO Q 173 -16.39 -14.72 55.65
N ASP Q 174 -16.23 -15.14 56.91
CA ASP Q 174 -17.32 -15.53 57.83
C ASP Q 174 -18.03 -14.31 58.44
N GLY Q 175 -17.52 -13.09 58.28
CA GLY Q 175 -18.14 -11.84 58.80
C GLY Q 175 -17.43 -11.26 60.01
N THR Q 176 -16.66 -12.10 60.74
CA THR Q 176 -15.89 -11.73 61.97
C THR Q 176 -14.75 -10.78 61.61
N THR Q 177 -14.10 -10.22 62.64
CA THR Q 177 -12.90 -9.34 62.55
C THR Q 177 -12.08 -9.56 63.82
N ASP Q 178 -11.06 -10.43 63.79
CA ASP Q 178 -10.30 -10.83 65.01
C ASP Q 178 -9.18 -9.83 65.27
N ASP Q 179 -8.31 -10.14 66.25
CA ASP Q 179 -7.24 -9.24 66.75
C ASP Q 179 -6.16 -9.03 65.68
N SER Q 180 -6.03 -9.97 64.73
CA SER Q 180 -4.97 -9.95 63.68
C SER Q 180 -5.12 -8.71 62.79
N ALA Q 181 -6.32 -8.15 62.68
CA ALA Q 181 -6.62 -6.95 61.87
C ALA Q 181 -5.93 -5.70 62.42
N GLN Q 182 -5.21 -5.81 63.54
CA GLN Q 182 -4.43 -4.70 64.14
C GLN Q 182 -2.99 -4.77 63.63
N VAL Q 183 -2.64 -5.89 62.99
CA VAL Q 183 -1.33 -6.09 62.33
C VAL Q 183 -1.62 -6.52 60.88
N LEU Q 184 -0.66 -7.15 60.21
CA LEU Q 184 -0.86 -7.64 58.82
C LEU Q 184 -1.39 -9.07 58.89
N ASN Q 185 -2.61 -9.27 58.38
CA ASN Q 185 -3.16 -10.60 58.04
C ASN Q 185 -3.68 -10.54 56.61
N PRO Q 186 -3.04 -11.27 55.67
CA PRO Q 186 -3.43 -11.26 54.27
C PRO Q 186 -4.92 -11.52 54.01
N ILE Q 187 -5.64 -12.12 54.97
CA ILE Q 187 -7.08 -12.46 54.81
C ILE Q 187 -7.89 -11.16 54.61
N TYR Q 188 -7.39 -10.01 55.08
CA TYR Q 188 -8.13 -8.72 55.04
C TYR Q 188 -7.63 -7.88 53.86
N LYS Q 189 -8.27 -8.04 52.71
CA LYS Q 189 -7.92 -7.32 51.45
C LYS Q 189 -9.21 -6.85 50.78
N ALA Q 190 -9.09 -5.78 49.99
CA ALA Q 190 -10.24 -5.16 49.30
C ALA Q 190 -9.71 -4.30 48.16
N LYS Q 191 -10.59 -4.01 47.19
CA LYS Q 191 -10.30 -3.11 46.05
C LYS Q 191 -11.08 -1.83 46.33
N LEU Q 192 -10.40 -0.67 46.24
CA LEU Q 192 -11.02 0.67 46.41
C LEU Q 192 -11.93 0.95 45.21
N ASP Q 193 -13.13 0.37 45.20
CA ASP Q 193 -14.02 0.31 44.01
C ASP Q 193 -15.27 1.19 44.22
N LYS Q 194 -15.30 2.04 45.24
CA LYS Q 194 -16.48 2.91 45.53
C LYS Q 194 -15.99 4.12 46.36
N ASP Q 195 -16.38 5.32 45.94
CA ASP Q 195 -16.10 6.60 46.64
C ASP Q 195 -16.73 6.56 48.03
N ALA Q 196 -16.15 7.27 48.99
CA ALA Q 196 -16.77 7.61 50.29
C ALA Q 196 -17.24 6.36 51.04
N THR Q 197 -16.53 5.24 50.89
CA THR Q 197 -16.99 3.90 51.38
C THR Q 197 -15.94 3.22 52.26
N TYR Q 198 -14.66 3.31 51.89
CA TYR Q 198 -13.56 2.61 52.59
C TYR Q 198 -12.91 3.58 53.56
N PRO Q 199 -13.05 3.39 54.88
CA PRO Q 199 -12.44 4.29 55.85
C PRO Q 199 -10.91 4.28 55.75
N ILE Q 200 -10.32 5.47 55.80
CA ILE Q 200 -8.83 5.65 55.82
C ILE Q 200 -8.25 4.85 56.99
N GLU Q 201 -8.98 4.70 58.09
CA GLU Q 201 -8.41 4.22 59.39
C GLU Q 201 -8.26 2.69 59.42
N CYS Q 202 -8.93 1.96 58.53
CA CYS Q 202 -8.88 0.46 58.53
C CYS Q 202 -8.28 -0.09 57.23
N TRP Q 203 -7.98 0.76 56.25
CA TRP Q 203 -7.47 0.38 54.91
C TRP Q 203 -6.26 1.21 54.52
N CYS Q 204 -5.13 0.56 54.22
CA CYS Q 204 -3.93 1.21 53.64
C CYS Q 204 -3.66 0.60 52.26
N PRO Q 205 -2.92 1.30 51.36
CA PRO Q 205 -2.52 0.70 50.10
C PRO Q 205 -1.69 -0.56 50.35
N ASP Q 206 -2.04 -1.65 49.66
CA ASP Q 206 -1.41 -3.00 49.76
C ASP Q 206 -0.09 -2.96 48.99
N PRO Q 207 1.08 -3.01 49.67
CA PRO Q 207 2.36 -2.98 48.98
C PRO Q 207 2.73 -4.33 48.34
N SER Q 208 1.97 -5.39 48.60
CA SER Q 208 2.16 -6.75 48.01
C SER Q 208 1.51 -6.81 46.63
N ARG Q 209 0.70 -5.80 46.27
CA ARG Q 209 -0.02 -5.74 44.98
C ARG Q 209 0.20 -4.35 44.37
N ASN Q 210 -0.84 -3.75 43.78
CA ASN Q 210 -0.77 -2.41 43.16
C ASN Q 210 0.38 -2.33 42.15
N GLU Q 211 0.71 -3.43 41.46
CA GLU Q 211 1.76 -3.46 40.39
C GLU Q 211 1.38 -2.42 39.33
N ASN Q 212 0.08 -2.28 39.04
CA ASN Q 212 -0.46 -1.43 37.95
C ASN Q 212 -1.02 -0.11 38.53
N SER Q 213 -0.51 0.34 39.68
CA SER Q 213 -0.88 1.62 40.34
C SER Q 213 0.36 2.28 40.95
N ARG Q 214 0.39 3.61 40.97
CA ARG Q 214 1.43 4.41 41.67
C ARG Q 214 0.73 5.19 42.78
N TYR Q 215 1.14 4.98 44.05
CA TYR Q 215 0.52 5.66 45.21
C TYR Q 215 1.62 6.33 46.04
N PHE Q 216 1.23 7.43 46.69
CA PHE Q 216 2.11 8.35 47.48
C PHE Q 216 1.32 8.91 48.65
N GLY Q 217 1.79 8.66 49.88
CA GLY Q 217 1.09 9.06 51.11
C GLY Q 217 2.05 9.55 52.17
N SER Q 218 1.60 10.50 52.96
CA SER Q 218 2.34 11.05 54.13
C SER Q 218 1.34 11.33 55.27
N TYR Q 219 1.54 10.65 56.41
CA TYR Q 219 0.76 10.87 57.67
C TYR Q 219 1.65 11.54 58.70
N THR Q 220 1.09 12.54 59.38
CA THR Q 220 1.68 13.22 60.56
C THR Q 220 0.66 13.11 61.70
N GLY Q 221 1.12 12.73 62.90
CA GLY Q 221 0.27 12.57 64.11
C GLY Q 221 0.30 13.81 64.99
N GLY Q 222 -0.03 13.64 66.28
CA GLY Q 222 0.02 14.70 67.30
C GLY Q 222 -1.32 15.39 67.49
N VAL Q 223 -1.48 16.07 68.62
CA VAL Q 223 -2.77 16.63 69.09
C VAL Q 223 -3.04 17.96 68.39
N GLU Q 224 -2.05 18.83 68.33
CA GLU Q 224 -2.16 20.23 67.83
C GLU Q 224 -1.13 20.48 66.72
N THR Q 225 -0.66 19.43 66.05
CA THR Q 225 0.42 19.49 65.03
C THR Q 225 0.00 20.44 63.92
N PRO Q 226 0.86 21.43 63.53
CA PRO Q 226 0.50 22.38 62.50
C PRO Q 226 0.63 21.71 61.14
N PRO Q 227 -0.37 21.84 60.24
CA PRO Q 227 -0.24 21.33 58.88
C PRO Q 227 0.74 22.22 58.10
N VAL Q 228 1.59 21.60 57.27
CA VAL Q 228 2.50 22.28 56.31
C VAL Q 228 2.14 21.77 54.91
N LEU Q 229 1.61 22.64 54.06
CA LEU Q 229 1.16 22.28 52.69
C LEU Q 229 1.67 23.31 51.68
N SER Q 230 2.24 22.83 50.58
CA SER Q 230 2.77 23.65 49.46
C SER Q 230 1.87 23.50 48.22
N PHE Q 231 1.87 24.51 47.37
CA PHE Q 231 1.10 24.53 46.10
C PHE Q 231 1.89 25.29 45.03
N THR Q 232 1.86 24.76 43.80
CA THR Q 232 2.59 25.28 42.61
C THR Q 232 2.03 24.64 41.35
N ASN Q 233 2.10 25.34 40.21
CA ASN Q 233 1.73 24.75 38.89
C ASN Q 233 3.00 24.31 38.14
N THR Q 234 4.15 24.25 38.82
CA THR Q 234 5.48 23.93 38.20
C THR Q 234 5.95 22.53 38.59
N SER Q 235 5.10 21.66 39.13
CA SER Q 235 5.54 20.35 39.66
C SER Q 235 4.83 19.22 38.93
N THR Q 236 5.62 18.23 38.47
CA THR Q 236 5.16 17.03 37.73
C THR Q 236 5.76 15.78 38.39
N THR Q 237 4.96 14.73 38.51
CA THR Q 237 5.39 13.42 39.05
C THR Q 237 5.38 12.41 37.90
N ILE Q 238 6.51 11.78 37.64
CA ILE Q 238 6.63 10.70 36.61
C ILE Q 238 6.01 9.44 37.22
N LEU Q 239 5.20 8.73 36.44
CA LEU Q 239 4.47 7.51 36.91
C LEU Q 239 5.11 6.25 36.33
N LEU Q 240 6.16 6.40 35.52
CA LEU Q 240 6.90 5.26 34.91
C LEU Q 240 7.67 4.54 36.03
N ASP Q 241 7.69 3.22 35.99
CA ASP Q 241 8.39 2.35 36.98
C ASP Q 241 9.86 2.20 36.57
N GLU Q 242 10.60 1.35 37.27
CA GLU Q 242 12.06 1.07 37.05
C GLU Q 242 12.31 0.63 35.61
N ASN Q 243 11.29 0.13 34.89
CA ASN Q 243 11.39 -0.37 33.49
C ASN Q 243 10.71 0.59 32.50
N GLY Q 244 10.45 1.85 32.87
CA GLY Q 244 9.88 2.86 31.97
C GLY Q 244 8.43 2.59 31.59
N VAL Q 245 7.71 1.73 32.34
CA VAL Q 245 6.27 1.42 32.10
C VAL Q 245 5.42 2.16 33.14
N GLY Q 246 4.42 2.90 32.67
CA GLY Q 246 3.40 3.54 33.50
C GLY Q 246 2.20 2.61 33.76
N PRO Q 247 1.25 3.03 34.61
CA PRO Q 247 0.00 2.29 34.77
C PRO Q 247 -0.71 2.11 33.43
N LEU Q 248 -1.11 0.88 33.12
CA LEU Q 248 -1.86 0.52 31.89
C LEU Q 248 -3.35 0.41 32.21
N CYS Q 249 -4.16 1.28 31.65
CA CYS Q 249 -5.62 1.45 31.94
C CYS Q 249 -6.44 0.30 31.35
N LYS Q 250 -6.67 -0.76 32.12
CA LYS Q 250 -7.59 -1.89 31.78
C LYS Q 250 -8.98 -1.31 31.54
N GLY Q 251 -9.72 -1.88 30.58
CA GLY Q 251 -11.08 -1.47 30.22
C GLY Q 251 -11.16 0.00 29.85
N ASP Q 252 -10.06 0.61 29.44
CA ASP Q 252 -9.96 2.02 29.00
C ASP Q 252 -10.47 2.93 30.13
N GLY Q 253 -10.03 2.65 31.36
CA GLY Q 253 -10.42 3.38 32.57
C GLY Q 253 -9.21 3.79 33.41
N LEU Q 254 -9.10 5.09 33.70
CA LEU Q 254 -8.07 5.66 34.60
C LEU Q 254 -8.65 5.76 36.02
N TYR Q 255 -7.98 5.13 37.00
CA TYR Q 255 -8.40 5.08 38.42
C TYR Q 255 -7.61 6.12 39.22
N LEU Q 256 -8.30 7.16 39.70
CA LEU Q 256 -7.78 8.19 40.64
C LEU Q 256 -8.31 7.93 42.05
N SER Q 257 -7.45 8.09 43.06
CA SER Q 257 -7.77 8.00 44.50
C SER Q 257 -7.10 9.16 45.23
N SER Q 258 -7.71 9.64 46.31
CA SER Q 258 -7.33 10.83 47.10
C SER Q 258 -7.67 10.59 48.57
N ALA Q 259 -6.88 11.17 49.46
CA ALA Q 259 -7.16 11.24 50.91
C ALA Q 259 -6.40 12.45 51.46
N ASP Q 260 -7.09 13.58 51.64
CA ASP Q 260 -6.47 14.83 52.11
C ASP Q 260 -7.27 15.38 53.30
N VAL Q 261 -7.00 14.80 54.47
CA VAL Q 261 -7.53 15.22 55.79
C VAL Q 261 -6.47 16.16 56.39
N ALA Q 262 -6.68 17.48 56.25
CA ALA Q 262 -5.69 18.53 56.53
C ALA Q 262 -5.38 18.58 58.03
N GLY Q 263 -6.33 18.08 58.83
CA GLY Q 263 -6.32 18.10 60.32
C GLY Q 263 -7.74 18.21 60.86
N THR Q 264 -7.89 18.73 62.07
CA THR Q 264 -9.21 18.95 62.73
C THR Q 264 -9.46 20.45 62.87
N PHE Q 265 -10.73 20.83 62.87
CA PHE Q 265 -11.24 22.16 63.30
C PHE Q 265 -11.69 22.05 64.76
N VAL Q 266 -11.17 22.91 65.62
CA VAL Q 266 -11.46 22.94 67.09
C VAL Q 266 -12.43 24.10 67.34
N GLN Q 267 -13.70 23.80 67.59
CA GLN Q 267 -14.77 24.83 67.72
C GLN Q 267 -14.69 25.48 69.11
N GLN Q 268 -14.84 26.81 69.14
CA GLN Q 268 -14.90 27.62 70.39
C GLN Q 268 -16.11 27.17 71.20
N THR Q 269 -16.01 27.23 72.53
CA THR Q 269 -17.12 27.04 73.49
C THR Q 269 -17.42 25.54 73.62
N SER Q 270 -17.84 24.85 72.54
CA SER Q 270 -18.09 23.39 72.56
C SER Q 270 -16.79 22.65 72.87
N GLN Q 271 -15.66 23.15 72.35
CA GLN Q 271 -14.32 22.50 72.38
C GLN Q 271 -14.39 21.12 71.73
N LYS Q 272 -15.32 20.94 70.78
CA LYS Q 272 -15.45 19.72 69.96
C LYS Q 272 -14.58 19.85 68.71
N GLN Q 273 -14.20 18.71 68.13
CA GLN Q 273 -13.27 18.61 66.98
C GLN Q 273 -13.98 18.00 65.78
N TYR Q 274 -13.71 18.55 64.62
CA TYR Q 274 -14.28 18.14 63.30
C TYR Q 274 -13.12 17.92 62.33
N TRP Q 275 -13.07 16.75 61.69
CA TRP Q 275 -12.15 16.46 60.57
C TRP Q 275 -12.40 17.47 59.44
N ARG Q 276 -11.34 18.02 58.85
CA ARG Q 276 -11.40 18.99 57.73
C ARG Q 276 -10.69 18.38 56.52
N GLY Q 277 -11.43 18.12 55.44
CA GLY Q 277 -10.89 17.57 54.19
C GLY Q 277 -10.64 18.65 53.15
N LEU Q 278 -9.74 18.39 52.20
CA LEU Q 278 -9.48 19.31 51.08
C LEU Q 278 -9.54 18.54 49.76
N PRO Q 279 -9.96 19.19 48.66
CA PRO Q 279 -10.03 18.55 47.36
C PRO Q 279 -8.64 18.45 46.71
N ARG Q 280 -8.49 17.52 45.77
CA ARG Q 280 -7.22 17.27 45.03
C ARG Q 280 -7.48 17.35 43.53
N TYR Q 281 -6.75 18.24 42.84
CA TYR Q 281 -6.73 18.36 41.36
C TYR Q 281 -5.76 17.33 40.80
N PHE Q 282 -6.14 16.70 39.70
CA PHE Q 282 -5.26 15.81 38.89
C PHE Q 282 -5.20 16.33 37.46
N ASN Q 283 -4.01 16.25 36.86
CA ASN Q 283 -3.76 16.48 35.42
C ASN Q 283 -2.86 15.35 34.93
N ILE Q 284 -3.43 14.31 34.32
CA ILE Q 284 -2.67 13.10 33.91
C ILE Q 284 -2.41 13.18 32.41
N THR Q 285 -1.19 12.85 31.99
CA THR Q 285 -0.79 12.67 30.58
C THR Q 285 -0.66 11.16 30.30
N LEU Q 286 -1.35 10.68 29.26
CA LEU Q 286 -1.31 9.26 28.84
C LEU Q 286 -0.91 9.17 27.37
N ARG Q 287 -0.31 8.04 26.98
CA ARG Q 287 0.15 7.71 25.60
C ARG Q 287 -0.32 6.29 25.28
N LYS Q 288 -0.55 5.96 24.01
CA LYS Q 288 -0.95 4.59 23.57
C LYS Q 288 0.25 3.67 23.72
N ARG Q 289 0.04 2.45 24.21
CA ARG Q 289 1.10 1.43 24.41
C ARG Q 289 0.58 0.06 23.97
N ALA Q 290 1.44 -0.72 23.33
CA ALA Q 290 1.13 -2.05 22.76
C ALA Q 290 1.45 -3.14 23.78
N VAL Q 291 0.58 -4.15 23.86
CA VAL Q 291 0.70 -5.27 24.83
C VAL Q 291 0.27 -6.56 24.13
N LYS Q 292 0.84 -7.71 24.52
CA LYS Q 292 0.20 -9.06 24.35
C LYS Q 292 -1.04 -9.21 25.24
N GLY R 24 0.21 29.65 26.57
CA GLY R 24 -1.29 29.55 26.45
C GLY R 24 -1.75 29.00 25.10
N GLY R 25 -2.98 29.37 24.69
CA GLY R 25 -3.65 29.00 23.41
C GLY R 25 -3.21 29.88 22.25
N ILE R 26 -2.05 30.53 22.36
CA ILE R 26 -1.26 31.21 21.28
C ILE R 26 -0.39 30.15 20.57
N GLU R 27 0.04 30.40 19.33
CA GLU R 27 1.11 29.59 18.65
C GLU R 27 2.46 30.28 18.89
N VAL R 28 3.37 29.63 19.61
CA VAL R 28 4.68 30.21 20.05
C VAL R 28 5.75 29.87 19.00
N LEU R 29 6.48 30.88 18.53
CA LEU R 29 7.49 30.74 17.45
C LEU R 29 8.90 30.96 18.03
N ASP R 30 9.85 31.42 17.22
CA ASP R 30 11.29 31.57 17.57
C ASP R 30 11.46 32.64 18.65
N VAL R 31 12.49 32.50 19.48
CA VAL R 31 12.99 33.54 20.41
C VAL R 31 13.74 34.60 19.60
N LYS R 32 13.20 35.81 19.44
CA LYS R 32 13.96 36.93 18.80
C LYS R 32 15.22 37.16 19.64
N THR R 33 16.39 37.26 19.01
CA THR R 33 17.68 37.63 19.68
C THR R 33 18.30 38.78 18.88
N GLY R 34 19.17 39.55 19.53
CA GLY R 34 19.80 40.75 18.96
C GLY R 34 19.92 41.85 19.98
N PRO R 35 20.19 43.10 19.59
CA PRO R 35 20.27 44.21 20.54
C PRO R 35 18.85 44.54 21.03
N ASP R 36 18.73 44.91 22.31
CA ASP R 36 17.45 45.32 22.95
C ASP R 36 16.42 44.19 22.88
N SER R 37 16.85 42.93 23.00
CA SER R 37 15.94 41.75 22.93
C SER R 37 15.66 41.18 24.32
N THR R 38 16.44 41.59 25.33
CA THR R 38 16.20 41.27 26.77
C THR R 38 16.10 42.55 27.59
N THR R 39 15.30 42.54 28.65
CA THR R 39 15.19 43.62 29.66
C THR R 39 14.93 42.99 31.04
N THR R 40 15.26 43.71 32.12
CA THR R 40 14.95 43.30 33.52
C THR R 40 14.07 44.38 34.16
N ILE R 41 13.04 43.96 34.90
CA ILE R 41 12.12 44.85 35.66
C ILE R 41 12.27 44.56 37.16
N GLU R 42 12.38 45.61 37.97
CA GLU R 42 12.38 45.57 39.46
C GLU R 42 11.03 46.09 39.94
N ALA R 43 10.42 45.41 40.92
CA ALA R 43 9.16 45.83 41.56
C ALA R 43 9.11 45.30 43.00
N TYR R 44 8.25 45.87 43.84
CA TYR R 44 7.89 45.36 45.18
C TYR R 44 6.37 45.40 45.34
N LEU R 45 5.84 44.42 46.06
CA LEU R 45 4.44 44.42 46.53
C LEU R 45 4.44 44.51 48.05
N ASN R 46 3.95 45.62 48.59
CA ASN R 46 3.67 45.79 50.05
C ASN R 46 2.49 44.89 50.38
N PRO R 47 2.42 44.35 51.63
CA PRO R 47 1.37 43.41 51.99
C PRO R 47 0.01 44.12 52.14
N ARG R 48 -1.08 43.36 51.99
CA ARG R 48 -2.46 43.86 52.17
C ARG R 48 -3.18 42.95 53.17
N VAL R 49 -2.82 43.10 54.44
CA VAL R 49 -3.32 42.28 55.57
C VAL R 49 -4.61 42.90 56.14
N GLY R 50 -5.09 44.00 55.56
CA GLY R 50 -6.35 44.68 55.94
C GLY R 50 -6.15 46.16 56.17
N GLN R 51 -4.94 46.56 56.58
CA GLN R 51 -4.46 47.97 56.53
C GLN R 51 -3.17 47.98 55.70
N ASN R 52 -2.52 49.14 55.60
CA ASN R 52 -1.47 49.41 54.60
C ASN R 52 -0.09 49.43 55.27
N TRP R 53 -0.01 49.35 56.60
CA TRP R 53 1.28 49.53 57.30
C TRP R 53 1.68 48.22 57.99
N GLY R 54 1.25 47.10 57.42
CA GLY R 54 1.82 45.76 57.64
C GLY R 54 1.17 45.01 58.77
N PHE R 55 0.21 45.63 59.47
CA PHE R 55 -0.63 44.97 60.52
C PHE R 55 -2.12 45.15 60.19
N SER R 56 -2.90 44.09 60.41
CA SER R 56 -4.38 44.12 60.43
C SER R 56 -4.83 44.81 61.74
N THR R 57 -6.12 45.12 61.85
CA THR R 57 -6.77 45.44 63.16
C THR R 57 -6.98 44.12 63.89
N GLU R 58 -7.40 44.16 65.16
CA GLU R 58 -7.51 42.94 66.00
C GLU R 58 -8.34 41.88 65.29
N ILE R 59 -7.94 40.62 65.41
CA ILE R 59 -8.72 39.46 64.92
C ILE R 59 -9.90 39.28 65.86
N THR R 60 -11.12 39.19 65.31
CA THR R 60 -12.38 39.04 66.06
C THR R 60 -12.97 37.66 65.78
N VAL R 61 -13.77 37.13 66.72
CA VAL R 61 -14.41 35.79 66.59
C VAL R 61 -15.86 35.91 67.09
N ALA R 62 -16.81 36.02 66.17
CA ALA R 62 -18.27 35.96 66.47
C ALA R 62 -18.53 34.80 67.44
N SER R 63 -19.47 35.00 68.37
CA SER R 63 -19.96 33.91 69.26
C SER R 63 -20.70 32.87 68.40
N ASN R 64 -20.59 31.60 68.74
CA ASN R 64 -21.31 30.51 68.02
C ASN R 64 -22.75 30.99 67.82
N GLY R 65 -23.35 30.74 66.65
CA GLY R 65 -24.75 31.06 66.35
C GLY R 65 -24.94 32.50 65.86
N TYR R 66 -23.95 33.37 66.05
CA TYR R 66 -23.95 34.76 65.52
C TYR R 66 -23.35 34.78 64.11
N ASN R 67 -23.66 35.81 63.32
CA ASN R 67 -23.11 36.03 61.96
C ASN R 67 -21.58 36.06 62.05
N ASP R 68 -20.91 35.34 61.15
CA ASP R 68 -19.44 35.42 60.91
C ASP R 68 -19.17 36.59 59.97
N ALA R 69 -18.99 37.79 60.51
CA ALA R 69 -18.87 39.05 59.75
C ALA R 69 -17.66 39.82 60.27
N PRO R 70 -16.43 39.42 59.87
CA PRO R 70 -15.23 40.11 60.34
C PRO R 70 -15.11 41.49 59.69
N HIS R 71 -14.31 42.35 60.31
CA HIS R 71 -14.02 43.74 59.86
C HIS R 71 -13.16 43.71 58.58
N LEU R 72 -13.47 44.59 57.63
CA LEU R 72 -12.64 44.83 56.44
C LEU R 72 -11.16 44.77 56.83
N THR R 73 -10.77 45.44 57.90
CA THR R 73 -9.33 45.70 58.24
C THR R 73 -8.71 44.52 59.00
N GLU R 74 -9.36 43.36 59.06
CA GLU R 74 -8.77 42.15 59.72
C GLU R 74 -8.65 40.98 58.74
N ILE R 75 -9.08 41.18 57.49
CA ILE R 75 -9.03 40.15 56.41
C ILE R 75 -7.81 40.41 55.52
N PRO R 76 -6.76 39.57 55.59
CA PRO R 76 -5.64 39.66 54.66
C PRO R 76 -6.03 39.24 53.23
N CYS R 77 -5.52 39.99 52.25
CA CYS R 77 -5.78 39.82 50.81
C CYS R 77 -4.48 39.62 50.03
N TYR R 78 -4.59 39.10 48.80
CA TYR R 78 -3.48 39.04 47.81
C TYR R 78 -3.12 40.46 47.40
N SER R 79 -1.82 40.78 47.45
CA SER R 79 -1.21 41.93 46.78
C SER R 79 -1.09 41.60 45.29
N SER R 80 -1.33 42.56 44.40
CA SER R 80 -1.22 42.38 42.93
C SER R 80 -0.88 43.73 42.28
N ALA R 81 -0.15 43.66 41.18
CA ALA R 81 0.24 44.83 40.34
C ALA R 81 0.47 44.34 38.92
N ARG R 82 0.15 45.18 37.93
CA ARG R 82 0.53 44.99 36.52
C ARG R 82 1.60 46.04 36.22
N ILE R 83 2.83 45.60 35.93
CA ILE R 83 3.93 46.49 35.49
C ILE R 83 3.82 46.65 33.97
N SER R 84 3.89 47.90 33.49
CA SER R 84 3.87 48.27 32.05
C SER R 84 5.27 47.98 31.47
N LEU R 85 5.33 47.17 30.41
CA LEU R 85 6.57 46.81 29.69
C LEU R 85 6.70 47.71 28.46
N PRO R 86 7.92 47.87 27.87
CA PRO R 86 8.09 48.63 26.63
C PRO R 86 7.19 48.12 25.49
N LEU R 87 6.59 49.03 24.71
CA LEU R 87 5.69 48.68 23.57
C LEU R 87 6.52 47.95 22.51
N LEU R 88 5.99 46.86 21.94
CA LEU R 88 6.73 45.99 20.98
C LEU R 88 6.19 46.14 19.55
N ASN R 89 4.88 46.06 19.34
CA ASN R 89 4.25 45.94 18.00
C ASN R 89 3.64 47.30 17.68
N THR R 96 2.97 37.98 12.38
CA THR R 96 3.71 37.57 13.60
C THR R 96 3.87 38.78 14.53
N LEU R 97 3.61 38.59 15.82
CA LEU R 97 3.72 39.63 16.88
C LEU R 97 4.91 39.25 17.77
N LEU R 98 5.44 40.24 18.49
CA LEU R 98 6.42 40.03 19.60
C LEU R 98 5.72 40.26 20.94
N MET R 99 5.83 39.30 21.85
CA MET R 99 5.42 39.42 23.28
C MET R 99 6.68 39.27 24.15
N TRP R 100 6.72 39.97 25.28
CA TRP R 100 7.77 39.75 26.31
C TRP R 100 7.54 38.39 26.98
N GLU R 101 8.61 37.63 27.17
CA GLU R 101 8.62 36.29 27.81
C GLU R 101 9.41 36.40 29.11
N ALA R 102 8.76 36.21 30.26
CA ALA R 102 9.41 36.19 31.58
C ALA R 102 10.22 34.90 31.68
N VAL R 103 11.54 35.01 31.83
CA VAL R 103 12.46 33.83 31.76
C VAL R 103 12.75 33.37 33.18
N SER R 104 13.13 34.30 34.05
CA SER R 104 13.61 34.01 35.42
C SER R 104 13.12 35.08 36.40
N VAL R 105 13.15 34.80 37.70
CA VAL R 105 12.85 35.79 38.77
C VAL R 105 13.75 35.55 39.97
N LYS R 106 14.41 36.61 40.45
CA LYS R 106 15.00 36.70 41.81
C LYS R 106 13.92 37.36 42.68
N THR R 107 13.41 36.67 43.71
CA THR R 107 12.37 37.22 44.62
C THR R 107 12.81 37.06 46.08
N GLU R 108 12.46 38.03 46.92
CA GLU R 108 12.92 38.13 48.33
C GLU R 108 11.76 38.65 49.18
N VAL R 109 11.59 38.11 50.40
CA VAL R 109 10.66 38.67 51.42
C VAL R 109 11.46 39.69 52.25
N VAL R 110 11.12 40.98 52.10
CA VAL R 110 11.87 42.10 52.73
C VAL R 110 11.43 42.23 54.19
N GLY R 111 12.37 42.57 55.09
CA GLY R 111 12.07 42.93 56.48
C GLY R 111 11.89 41.73 57.39
N ILE R 112 12.46 40.58 57.04
CA ILE R 112 12.44 39.38 57.91
C ILE R 112 13.11 39.75 59.24
N SER R 113 14.21 40.50 59.19
CA SER R 113 15.01 40.91 60.37
C SER R 113 14.16 41.75 61.33
N SER R 114 13.06 42.34 60.87
CA SER R 114 12.15 43.20 61.69
C SER R 114 11.56 42.39 62.84
N MET R 115 11.48 41.07 62.70
CA MET R 115 10.81 40.14 63.66
C MET R 115 11.73 39.89 64.86
N LEU R 116 13.04 40.13 64.77
CA LEU R 116 13.95 39.99 65.93
C LEU R 116 13.78 41.21 66.85
N ASN R 117 12.65 41.23 67.56
CA ASN R 117 12.15 42.40 68.33
C ASN R 117 11.30 41.86 69.49
N MET R 118 11.83 41.93 70.71
CA MET R 118 11.17 41.39 71.92
C MET R 118 10.85 42.54 72.90
N HIS R 119 10.74 43.77 72.41
CA HIS R 119 10.55 44.98 73.25
C HIS R 119 9.35 45.81 72.79
N SER R 120 8.77 45.56 71.61
CA SER R 120 7.67 46.38 71.06
C SER R 120 6.30 45.77 71.42
N TYR R 121 6.01 45.77 72.73
CA TYR R 121 4.66 45.59 73.34
C TYR R 121 4.14 44.15 73.19
N GLY R 122 5.01 43.18 72.91
CA GLY R 122 4.60 41.78 72.75
C GLY R 122 4.19 41.19 74.07
N LEU R 123 3.22 40.28 74.08
CA LEU R 123 2.88 39.46 75.29
C LEU R 123 4.17 38.88 75.86
N ARG R 124 4.45 39.07 77.14
CA ARG R 124 5.78 38.77 77.72
C ARG R 124 5.84 37.32 78.19
N ALA R 125 6.99 36.67 77.97
CA ALA R 125 7.22 35.24 78.29
C ALA R 125 7.62 35.12 79.75
N PHE R 126 7.57 33.90 80.28
CA PHE R 126 8.03 33.53 81.64
C PHE R 126 7.29 34.40 82.67
N GLY R 127 5.96 34.36 82.59
CA GLY R 127 5.01 34.95 83.56
C GLY R 127 5.11 36.46 83.64
N GLY R 128 5.54 37.13 82.56
CA GLY R 128 5.53 38.61 82.45
C GLY R 128 6.90 39.24 82.68
N TYR R 129 7.89 38.46 83.12
CA TYR R 129 9.25 38.96 83.47
C TYR R 129 10.19 38.89 82.26
N GLY R 130 9.89 38.02 81.29
CA GLY R 130 10.68 37.85 80.05
C GLY R 130 10.40 38.95 79.03
N GLY R 131 10.89 38.76 77.80
CA GLY R 131 10.66 39.68 76.66
C GLY R 131 9.36 39.38 75.93
N GLY R 132 8.97 40.28 75.02
CA GLY R 132 7.74 40.15 74.22
C GLY R 132 7.84 39.03 73.19
N TYR R 133 6.71 38.36 72.93
CA TYR R 133 6.57 37.35 71.85
C TYR R 133 6.91 38.01 70.51
N THR R 134 7.89 37.45 69.80
CA THR R 134 8.13 37.72 68.36
C THR R 134 6.92 37.20 67.58
N ILE R 135 6.70 37.71 66.38
CA ILE R 135 5.57 37.26 65.52
C ILE R 135 5.54 35.73 65.53
N GLU R 136 4.37 35.13 65.67
CA GLU R 136 4.18 33.66 65.58
C GLU R 136 2.76 33.33 65.16
N GLY R 137 2.50 32.03 64.93
CA GLY R 137 1.19 31.50 64.53
C GLY R 137 1.19 31.04 63.09
N SER R 138 0.00 30.73 62.57
CA SER R 138 -0.22 30.28 61.18
C SER R 138 0.25 31.38 60.23
N HIS R 139 0.88 30.99 59.11
CA HIS R 139 1.46 31.90 58.10
C HIS R 139 1.34 31.30 56.70
N ILE R 140 1.37 32.17 55.69
CA ILE R 140 1.38 31.78 54.24
C ILE R 140 2.41 32.67 53.53
N HIS R 141 3.23 32.07 52.68
CA HIS R 141 4.17 32.78 51.78
C HIS R 141 3.92 32.30 50.35
N PHE R 142 3.69 33.24 49.45
CA PHE R 142 3.24 32.94 48.07
C PHE R 142 3.58 34.09 47.12
N PHE R 143 4.04 33.74 45.92
CA PHE R 143 4.24 34.72 44.81
C PHE R 143 3.92 34.05 43.48
N SER R 144 3.46 34.85 42.52
CA SER R 144 3.26 34.40 41.12
C SER R 144 3.81 35.47 40.17
N VAL R 145 4.39 35.02 39.06
CA VAL R 145 4.74 35.85 37.86
C VAL R 145 3.93 35.29 36.69
N GLY R 146 3.32 36.18 35.91
CA GLY R 146 2.33 35.79 34.90
C GLY R 146 2.25 36.80 33.76
N GLY R 147 1.74 36.35 32.61
CA GLY R 147 1.53 37.18 31.43
C GLY R 147 0.12 37.75 31.39
N GLU R 148 -0.65 37.49 32.43
CA GLU R 148 -2.06 37.93 32.56
C GLU R 148 -2.47 37.78 34.02
N PRO R 149 -3.64 38.33 34.40
CA PRO R 149 -4.15 38.14 35.75
C PRO R 149 -4.15 36.66 36.19
N LEU R 150 -3.78 36.41 37.46
CA LEU R 150 -3.71 35.06 38.05
C LEU R 150 -5.14 34.51 38.20
N ASP R 151 -5.37 33.26 37.77
CA ASP R 151 -6.68 32.57 37.88
C ASP R 151 -6.88 32.07 39.32
N LEU R 152 -8.02 32.41 39.94
CA LEU R 152 -8.39 32.08 41.35
C LEU R 152 -9.57 31.12 41.34
N GLN R 153 -9.46 30.04 42.15
CA GLN R 153 -10.55 29.09 42.47
C GLN R 153 -11.08 29.42 43.86
N GLY R 154 -12.41 29.44 44.00
CA GLY R 154 -13.10 29.70 45.29
C GLY R 154 -13.07 28.48 46.18
N LEU R 155 -12.49 28.63 47.38
CA LEU R 155 -12.60 27.64 48.47
C LEU R 155 -12.29 28.34 49.79
N MET R 156 -13.17 28.13 50.78
CA MET R 156 -13.20 28.84 52.10
C MET R 156 -13.57 27.85 53.20
N GLN R 157 -13.27 28.20 54.46
CA GLN R 157 -13.54 27.35 55.65
C GLN R 157 -15.04 27.42 56.01
N ASN R 158 -15.68 28.58 55.82
CA ASN R 158 -17.09 28.81 56.22
C ASN R 158 -17.85 29.52 55.10
N HIS R 159 -18.73 28.79 54.39
CA HIS R 159 -19.48 29.32 53.22
C HIS R 159 -20.26 30.58 53.61
N SER R 160 -20.69 30.68 54.87
CA SER R 160 -21.60 31.73 55.37
C SER R 160 -20.84 33.04 55.65
N THR R 161 -19.50 33.02 55.65
CA THR R 161 -18.70 34.21 56.03
C THR R 161 -19.18 35.39 55.19
N GLN R 162 -19.30 36.57 55.81
CA GLN R 162 -19.77 37.82 55.16
C GLN R 162 -18.58 38.78 55.04
N TYR R 163 -18.11 39.01 53.81
CA TYR R 163 -16.98 39.93 53.53
C TYR R 163 -17.54 41.32 53.27
N PRO R 164 -17.10 42.35 54.03
CA PRO R 164 -17.51 43.72 53.77
C PRO R 164 -17.07 44.20 52.37
N SER R 165 -17.85 45.06 51.73
CA SER R 165 -17.42 45.83 50.54
C SER R 165 -16.21 46.69 50.92
N PRO R 166 -15.20 46.89 50.05
CA PRO R 166 -15.22 46.39 48.66
C PRO R 166 -14.61 44.99 48.39
N LEU R 167 -14.35 44.20 49.42
CA LEU R 167 -13.76 42.84 49.27
C LEU R 167 -14.69 42.00 48.39
N VAL R 168 -14.13 41.00 47.70
CA VAL R 168 -14.87 40.08 46.80
C VAL R 168 -14.61 38.65 47.26
N GLY R 169 -15.67 37.87 47.43
CA GLY R 169 -15.60 36.45 47.83
C GLY R 169 -16.40 35.59 46.86
N PRO R 170 -16.25 34.26 46.95
CA PRO R 170 -16.93 33.36 46.03
C PRO R 170 -18.44 33.60 46.10
N LYS R 171 -19.06 33.85 44.95
CA LYS R 171 -20.53 33.97 44.78
C LYS R 171 -20.88 33.18 43.51
N LYS R 172 -21.99 32.45 43.50
CA LYS R 172 -22.62 31.93 42.25
C LYS R 172 -23.10 33.13 41.44
N PRO R 173 -23.53 32.95 40.17
CA PRO R 173 -24.04 34.07 39.37
C PRO R 173 -25.22 34.80 40.04
N ASP R 174 -26.05 34.07 40.80
CA ASP R 174 -27.29 34.57 41.43
C ASP R 174 -27.01 35.36 42.71
N GLY R 175 -25.78 35.35 43.23
CA GLY R 175 -25.37 36.11 44.45
C GLY R 175 -25.18 35.22 45.67
N THR R 176 -25.77 34.02 45.68
CA THR R 176 -25.70 33.01 46.78
C THR R 176 -24.27 32.48 46.94
N THR R 177 -24.01 31.76 48.02
CA THR R 177 -22.75 31.05 48.32
C THR R 177 -23.09 29.81 49.16
N ASP R 178 -23.27 28.64 48.52
CA ASP R 178 -23.75 27.42 49.20
C ASP R 178 -22.59 26.67 49.86
N ASP R 179 -22.86 25.46 50.39
CA ASP R 179 -21.91 24.66 51.19
C ASP R 179 -20.76 24.16 50.30
N SER R 180 -20.96 24.06 48.99
CA SER R 180 -19.98 23.52 48.03
C SER R 180 -18.70 24.37 48.02
N ALA R 181 -18.79 25.65 48.37
CA ALA R 181 -17.65 26.60 48.43
C ALA R 181 -16.65 26.22 49.52
N GLN R 182 -16.91 25.15 50.29
CA GLN R 182 -15.96 24.63 51.32
C GLN R 182 -15.12 23.53 50.69
N VAL R 183 -15.50 23.08 49.51
CA VAL R 183 -14.73 22.10 48.69
C VAL R 183 -14.53 22.72 47.31
N LEU R 184 -14.23 21.91 46.29
CA LEU R 184 -14.06 22.42 44.90
C LEU R 184 -15.43 22.38 44.20
N ASN R 185 -15.91 23.56 43.81
CA ASN R 185 -17.02 23.71 42.85
C ASN R 185 -16.56 24.70 41.77
N PRO R 186 -16.38 24.22 40.52
CA PRO R 186 -15.91 25.07 39.42
C PRO R 186 -16.70 26.39 39.24
N ILE R 187 -17.93 26.48 39.76
CA ILE R 187 -18.79 27.68 39.62
C ILE R 187 -18.10 28.89 40.27
N TYR R 188 -17.21 28.66 41.25
CA TYR R 188 -16.56 29.75 42.04
C TYR R 188 -15.15 30.01 41.50
N LYS R 189 -15.05 30.93 40.54
CA LYS R 189 -13.76 31.31 39.89
C LYS R 189 -13.70 32.83 39.76
N ALA R 190 -12.49 33.36 39.70
CA ALA R 190 -12.23 34.81 39.62
C ALA R 190 -10.82 35.05 39.12
N LYS R 191 -10.57 36.24 38.59
CA LYS R 191 -9.23 36.69 38.13
C LYS R 191 -8.75 37.71 39.17
N LEU R 192 -7.53 37.53 39.68
CA LEU R 192 -6.88 38.45 40.65
C LEU R 192 -6.54 39.75 39.93
N ASP R 193 -7.54 40.62 39.74
CA ASP R 193 -7.44 41.81 38.85
C ASP R 193 -7.46 43.12 39.65
N LYS R 194 -7.30 43.06 40.98
CA LYS R 194 -7.32 44.26 41.86
C LYS R 194 -6.56 43.93 43.15
N ASP R 195 -5.64 44.82 43.54
CA ASP R 195 -4.87 44.74 44.81
C ASP R 195 -5.83 44.79 45.99
N ALA R 196 -5.46 44.17 47.11
CA ALA R 196 -6.08 44.36 48.43
C ALA R 196 -7.60 44.09 48.38
N THR R 197 -8.05 43.16 47.53
CA THR R 197 -9.50 42.97 47.23
C THR R 197 -9.92 41.51 47.44
N TYR R 198 -9.10 40.54 47.04
CA TYR R 198 -9.43 39.10 47.08
C TYR R 198 -8.84 38.52 48.35
N PRO R 199 -9.66 38.10 49.33
CA PRO R 199 -9.13 37.53 50.57
C PRO R 199 -8.38 36.22 50.30
N ILE R 200 -7.22 36.07 50.94
CA ILE R 200 -6.40 34.82 50.90
C ILE R 200 -7.28 33.63 51.33
N GLU R 201 -8.24 33.84 52.23
CA GLU R 201 -8.92 32.73 52.96
C GLU R 201 -10.02 32.09 52.09
N CYS R 202 -10.49 32.73 51.02
CA CYS R 202 -11.60 32.21 50.17
C CYS R 202 -11.14 31.96 48.73
N TRP R 203 -9.90 32.32 48.38
CA TRP R 203 -9.33 32.22 47.00
C TRP R 203 -7.95 31.56 47.02
N CYS R 204 -7.78 30.47 46.27
CA CYS R 204 -6.46 29.83 46.03
C CYS R 204 -6.15 29.90 44.53
N PRO R 205 -4.88 29.78 44.11
CA PRO R 205 -4.55 29.71 42.68
C PRO R 205 -5.24 28.48 42.07
N ASP R 206 -5.89 28.67 40.93
CA ASP R 206 -6.66 27.65 40.18
C ASP R 206 -5.67 26.77 39.41
N PRO R 207 -5.48 25.49 39.80
CA PRO R 207 -4.53 24.63 39.10
C PRO R 207 -5.08 24.08 37.77
N SER R 208 -6.36 24.30 37.48
CA SER R 208 -7.02 23.91 36.20
C SER R 208 -6.74 24.95 35.11
N ARG R 209 -6.21 26.11 35.49
CA ARG R 209 -5.91 27.24 34.56
C ARG R 209 -4.47 27.71 34.80
N ASN R 210 -4.24 29.02 34.81
CA ASN R 210 -2.90 29.63 35.04
C ASN R 210 -1.86 29.02 34.12
N GLU R 211 -2.22 28.63 32.89
CA GLU R 211 -1.29 28.11 31.86
C GLU R 211 -0.19 29.16 31.63
N ASN R 212 -0.55 30.45 31.64
CA ASN R 212 0.36 31.58 31.32
C ASN R 212 0.84 32.27 32.60
N SER R 213 0.88 31.56 33.73
CA SER R 213 1.38 32.06 35.04
C SER R 213 2.17 30.97 35.76
N ARG R 214 3.19 31.35 36.52
CA ARG R 214 3.94 30.45 37.43
C ARG R 214 3.71 30.91 38.87
N TYR R 215 3.16 30.04 39.73
CA TYR R 215 2.86 30.39 41.14
C TYR R 215 3.50 29.36 42.08
N PHE R 216 3.84 29.82 43.28
CA PHE R 216 4.57 29.07 44.34
C PHE R 216 4.08 29.53 45.72
N GLY R 217 3.56 28.61 46.53
CA GLY R 217 2.97 28.92 47.84
C GLY R 217 3.26 27.87 48.87
N SER R 218 3.40 28.30 50.12
CA SER R 218 3.60 27.41 51.29
C SER R 218 2.85 27.98 52.51
N TYR R 219 1.92 27.22 53.06
CA TYR R 219 1.16 27.53 54.29
C TYR R 219 1.61 26.60 55.42
N THR R 220 1.79 27.18 56.60
CA THR R 220 2.03 26.48 57.89
C THR R 220 0.95 26.93 58.87
N GLY R 221 0.31 26.00 59.59
CA GLY R 221 -0.75 26.29 60.58
C GLY R 221 -0.21 26.36 62.00
N GLY R 222 -1.09 26.15 62.99
CA GLY R 222 -0.72 26.08 64.42
C GLY R 222 -0.92 27.42 65.11
N VAL R 223 -1.00 27.39 66.44
CA VAL R 223 -1.38 28.56 67.28
C VAL R 223 -0.17 29.45 67.50
N GLU R 224 0.97 28.85 67.84
CA GLU R 224 2.21 29.56 68.25
C GLU R 224 3.39 29.11 67.38
N THR R 225 3.12 28.61 66.17
CA THR R 225 4.14 28.05 65.25
C THR R 225 5.19 29.11 64.94
N PRO R 226 6.50 28.81 65.07
CA PRO R 226 7.53 29.81 64.81
C PRO R 226 7.71 29.95 63.31
N PRO R 227 7.75 31.19 62.78
CA PRO R 227 8.06 31.40 61.36
C PRO R 227 9.55 31.10 61.11
N VAL R 228 9.85 30.45 59.98
CA VAL R 228 11.22 30.23 59.46
C VAL R 228 11.30 30.87 58.07
N LEU R 229 12.08 31.94 57.92
CA LEU R 229 12.27 32.64 56.63
C LEU R 229 13.76 32.88 56.38
N SER R 230 14.20 32.63 55.15
CA SER R 230 15.60 32.83 54.66
C SER R 230 15.63 33.97 53.66
N PHE R 231 16.79 34.60 53.51
CA PHE R 231 16.99 35.73 52.55
C PHE R 231 18.41 35.66 51.98
N THR R 232 18.54 35.93 50.68
CA THR R 232 19.82 35.90 49.92
C THR R 232 19.62 36.62 48.58
N ASN R 233 20.69 37.21 48.02
CA ASN R 233 20.65 37.80 46.66
C ASN R 233 21.25 36.81 45.65
N THR R 234 21.47 35.55 46.03
CA THR R 234 22.14 34.52 45.20
C THR R 234 21.15 33.49 44.66
N SER R 235 19.84 33.72 44.72
CA SER R 235 18.84 32.68 44.36
C SER R 235 17.96 33.14 43.19
N THR R 236 17.83 32.30 42.18
CA THR R 236 17.07 32.58 40.93
C THR R 236 16.11 31.42 40.64
N THR R 237 14.89 31.73 40.23
CA THR R 237 13.86 30.73 39.87
C THR R 237 13.62 30.83 38.36
N ILE R 238 13.79 29.74 37.63
CA ILE R 238 13.48 29.66 36.18
C ILE R 238 11.95 29.58 36.04
N LEU R 239 11.38 30.34 35.11
CA LEU R 239 9.91 30.42 34.90
C LEU R 239 9.51 29.68 33.61
N LEU R 240 10.49 29.12 32.89
CA LEU R 240 10.21 28.33 31.66
C LEU R 240 9.54 27.02 32.06
N ASP R 241 8.53 26.59 31.28
CA ASP R 241 7.76 25.35 31.52
C ASP R 241 8.51 24.17 30.90
N GLU R 242 7.89 22.98 30.89
CA GLU R 242 8.44 21.70 30.36
C GLU R 242 8.85 21.86 28.88
N ASN R 243 8.31 22.85 28.17
CA ASN R 243 8.59 23.12 26.73
C ASN R 243 9.46 24.37 26.54
N GLY R 244 10.14 24.86 27.58
CA GLY R 244 11.05 26.02 27.47
C GLY R 244 10.33 27.33 27.21
N VAL R 245 9.03 27.42 27.46
CA VAL R 245 8.22 28.65 27.28
C VAL R 245 7.95 29.27 28.65
N GLY R 246 8.27 30.55 28.82
CA GLY R 246 7.92 31.35 30.00
C GLY R 246 6.57 32.03 29.85
N PRO R 247 6.06 32.69 30.91
CA PRO R 247 4.86 33.51 30.78
C PRO R 247 5.03 34.56 29.67
N LEU R 248 4.04 34.63 28.78
CA LEU R 248 3.99 35.62 27.66
C LEU R 248 3.07 36.77 28.06
N CYS R 249 3.63 37.97 28.21
CA CYS R 249 2.94 39.18 28.72
C CYS R 249 1.97 39.75 27.68
N LYS R 250 0.70 39.35 27.73
CA LYS R 250 -0.41 39.92 26.91
C LYS R 250 -0.49 41.42 27.20
N GLY R 251 -0.81 42.23 26.18
CA GLY R 251 -0.93 43.70 26.27
C GLY R 251 0.31 44.36 26.83
N ASP R 252 1.48 43.70 26.71
CA ASP R 252 2.78 44.24 27.17
C ASP R 252 2.69 44.56 28.67
N GLY R 253 2.09 43.65 29.45
CA GLY R 253 1.89 43.79 30.90
C GLY R 253 2.36 42.56 31.67
N LEU R 254 3.26 42.76 32.64
CA LEU R 254 3.75 41.71 33.57
C LEU R 254 2.88 41.74 34.84
N TYR R 255 2.27 40.61 35.19
CA TYR R 255 1.38 40.44 36.36
C TYR R 255 2.17 39.79 37.51
N LEU R 256 2.42 40.56 38.57
CA LEU R 256 3.01 40.11 39.87
C LEU R 256 1.90 39.99 40.92
N SER R 257 1.96 38.93 41.72
CA SER R 257 1.08 38.68 42.88
C SER R 257 1.93 38.20 44.06
N SER R 258 1.49 38.51 45.28
CA SER R 258 2.21 38.28 46.55
C SER R 258 1.19 37.98 47.65
N ALA R 259 1.59 37.16 48.61
CA ALA R 259 0.84 36.92 49.87
C ALA R 259 1.86 36.47 50.92
N ASP R 260 2.30 37.38 51.78
CA ASP R 260 3.33 37.09 52.81
C ASP R 260 2.81 37.55 54.18
N VAL R 261 1.97 36.72 54.78
CA VAL R 261 1.46 36.84 56.16
C VAL R 261 2.39 36.03 57.06
N ALA R 262 3.35 36.69 57.70
CA ALA R 262 4.49 36.08 58.43
C ALA R 262 3.98 35.31 59.64
N GLY R 263 2.80 35.69 60.14
CA GLY R 263 2.15 35.17 61.35
C GLY R 263 1.33 36.25 62.04
N THR R 264 1.10 36.12 63.35
CA THR R 264 0.35 37.11 64.16
C THR R 264 1.30 37.80 65.13
N PHE R 265 0.98 39.04 65.49
CA PHE R 265 1.53 39.78 66.65
C PHE R 265 0.57 39.61 67.83
N VAL R 266 1.09 39.13 68.98
CA VAL R 266 0.29 38.89 70.22
C VAL R 266 0.60 40.03 71.19
N GLN R 267 -0.34 40.96 71.37
CA GLN R 267 -0.12 42.17 72.19
C GLN R 267 -0.22 41.84 73.68
N GLN R 268 0.70 42.39 74.47
CA GLN R 268 0.72 42.25 75.95
C GLN R 268 -0.58 42.88 76.51
N THR R 269 -1.07 42.33 77.62
CA THR R 269 -2.20 42.88 78.42
C THR R 269 -3.52 42.62 77.71
N SER R 270 -3.75 43.15 76.50
CA SER R 270 -4.98 42.90 75.71
C SER R 270 -5.08 41.40 75.38
N GLN R 271 -3.93 40.76 75.12
CA GLN R 271 -3.81 39.36 74.61
C GLN R 271 -4.58 39.21 73.31
N LYS R 272 -4.72 40.30 72.55
CA LYS R 272 -5.34 40.32 71.19
C LYS R 272 -4.24 40.03 70.14
N GLN R 273 -4.66 39.52 68.98
CA GLN R 273 -3.78 39.07 67.89
C GLN R 273 -4.03 39.92 66.63
N TYR R 274 -2.95 40.27 65.96
CA TYR R 274 -2.93 41.08 64.72
C TYR R 274 -2.11 40.33 63.67
N TRP R 275 -2.68 40.14 62.48
CA TRP R 275 -1.95 39.63 61.30
C TRP R 275 -0.80 40.58 60.97
N ARG R 276 0.38 40.03 60.68
CA ARG R 276 1.60 40.80 60.31
C ARG R 276 2.02 40.39 58.89
N GLY R 277 1.99 41.33 57.95
CA GLY R 277 2.40 41.11 56.56
C GLY R 277 3.81 41.61 56.30
N LEU R 278 4.47 41.07 55.27
CA LEU R 278 5.81 41.54 54.85
C LEU R 278 5.79 41.80 53.35
N PRO R 279 6.61 42.76 52.87
CA PRO R 279 6.67 43.08 51.45
C PRO R 279 7.55 42.04 50.71
N ARG R 280 7.36 41.95 49.38
CA ARG R 280 8.09 41.01 48.51
C ARG R 280 8.73 41.78 47.35
N TYR R 281 10.06 41.68 47.22
CA TYR R 281 10.84 42.22 46.08
C TYR R 281 10.78 41.22 44.93
N PHE R 282 10.63 41.73 43.71
CA PHE R 282 10.73 40.96 42.45
C PHE R 282 11.83 41.57 41.57
N ASN R 283 12.60 40.70 40.91
CA ASN R 283 13.56 41.08 39.83
C ASN R 283 13.37 40.09 38.69
N ILE R 284 12.61 40.47 37.67
CA ILE R 284 12.23 39.55 36.55
C ILE R 284 13.12 39.88 35.34
N THR R 285 13.63 38.84 34.67
CA THR R 285 14.32 38.92 33.36
C THR R 285 13.37 38.45 32.26
N LEU R 286 13.17 39.27 31.23
CA LEU R 286 12.31 38.95 30.07
C LEU R 286 13.11 39.08 28.77
N ARG R 287 12.69 38.34 27.74
CA ARG R 287 13.28 38.32 26.38
C ARG R 287 12.15 38.43 25.36
N LYS R 288 12.40 38.98 24.17
CA LYS R 288 11.36 39.11 23.11
C LYS R 288 11.10 37.72 22.53
N ARG R 289 9.85 37.39 22.27
CA ARG R 289 9.43 36.08 21.69
C ARG R 289 8.36 36.33 20.63
N ALA R 290 8.40 35.58 19.54
CA ALA R 290 7.52 35.71 18.36
C ALA R 290 6.35 34.75 18.51
N VAL R 291 5.15 35.20 18.12
CA VAL R 291 3.89 34.41 18.23
C VAL R 291 3.03 34.70 16.98
N LYS R 292 2.25 33.72 16.53
CA LYS R 292 1.16 33.92 15.52
C LYS R 292 -0.02 34.68 16.14
N ILE S 26 31.75 49.31 37.40
CA ILE S 26 33.11 49.09 36.83
C ILE S 26 32.97 48.35 35.48
N GLU S 27 33.93 48.48 34.55
CA GLU S 27 34.04 47.59 33.36
C GLU S 27 35.03 46.45 33.72
N VAL S 28 34.55 45.20 33.77
CA VAL S 28 35.33 44.04 34.29
C VAL S 28 36.01 43.36 33.11
N LEU S 29 37.33 43.12 33.20
CA LEU S 29 38.16 42.55 32.12
C LEU S 29 38.62 41.15 32.53
N ASP S 30 39.76 40.69 31.98
CA ASP S 30 40.32 39.32 32.18
C ASP S 30 40.71 39.10 33.63
N VAL S 31 40.65 37.84 34.08
CA VAL S 31 41.22 37.35 35.36
C VAL S 31 42.74 37.26 35.19
N LYS S 32 43.53 38.13 35.84
CA LYS S 32 45.02 37.98 35.85
C LYS S 32 45.32 36.61 36.47
N THR S 33 46.19 35.81 35.86
CA THR S 33 46.69 34.53 36.43
C THR S 33 48.21 34.55 36.37
N GLY S 34 48.86 33.76 37.21
CA GLY S 34 50.32 33.75 37.36
C GLY S 34 50.71 33.49 38.80
N PRO S 35 52.00 33.65 39.17
CA PRO S 35 52.39 33.54 40.57
C PRO S 35 51.88 34.77 41.33
N ASP S 36 51.47 34.58 42.59
CA ASP S 36 51.00 35.65 43.51
C ASP S 36 49.76 36.33 42.91
N SER S 37 48.88 35.58 42.24
CA SER S 37 47.61 36.10 41.65
C SER S 37 46.41 35.73 42.52
N THR S 38 46.59 34.81 43.48
CA THR S 38 45.57 34.45 44.52
C THR S 38 46.14 34.65 45.93
N THR S 39 45.28 35.00 46.88
CA THR S 39 45.59 35.06 48.33
C THR S 39 44.35 34.65 49.14
N THR S 40 44.53 34.21 50.39
CA THR S 40 43.44 33.90 51.34
C THR S 40 43.58 34.82 52.57
N ILE S 41 42.47 35.37 53.06
CA ILE S 41 42.40 36.20 54.30
C ILE S 41 41.53 35.49 55.33
N GLU S 42 41.99 35.43 56.58
CA GLU S 42 41.27 34.93 57.78
C GLU S 42 40.84 36.13 58.62
N ALA S 43 39.60 36.12 59.11
CA ALA S 43 39.03 37.18 59.98
C ALA S 43 37.92 36.58 60.86
N TYR S 44 37.58 37.26 61.95
CA TYR S 44 36.40 36.94 62.80
C TYR S 44 35.66 38.23 63.15
N LEU S 45 34.34 38.14 63.26
CA LEU S 45 33.48 39.21 63.80
C LEU S 45 32.85 38.72 65.10
N ASN S 46 33.22 39.33 66.22
CA ASN S 46 32.56 39.13 67.54
C ASN S 46 31.17 39.77 67.45
N PRO S 47 30.18 39.23 68.18
CA PRO S 47 28.80 39.72 68.07
C PRO S 47 28.63 41.10 68.72
N ARG S 48 27.61 41.85 68.30
CA ARG S 48 27.28 43.17 68.88
C ARG S 48 25.79 43.16 69.27
N VAL S 49 25.50 42.45 70.36
CA VAL S 49 24.10 42.24 70.86
C VAL S 49 23.72 43.38 71.82
N GLY S 50 24.59 44.37 72.02
CA GLY S 50 24.34 45.56 72.86
C GLY S 50 25.45 45.79 73.86
N GLN S 51 26.13 44.72 74.28
CA GLN S 51 27.44 44.78 74.99
C GLN S 51 28.45 43.96 74.18
N ASN S 52 29.67 43.81 74.69
CA ASN S 52 30.82 43.30 73.91
C ASN S 52 31.15 41.86 74.29
N TRP S 53 30.52 41.30 75.33
CA TRP S 53 30.93 39.97 75.85
C TRP S 53 29.80 38.96 75.63
N GLY S 54 29.01 39.19 74.57
CA GLY S 54 28.16 38.15 73.94
C GLY S 54 26.76 38.09 74.53
N PHE S 55 26.47 38.90 75.55
CA PHE S 55 25.11 39.06 76.13
C PHE S 55 24.69 40.52 76.13
N SER S 56 23.42 40.79 75.79
CA SER S 56 22.75 42.09 76.00
C SER S 56 22.45 42.27 77.50
N THR S 57 22.04 43.46 77.91
CA THR S 57 21.39 43.70 79.23
C THR S 57 19.95 43.19 79.10
N GLU S 58 19.20 43.14 80.21
CA GLU S 58 17.84 42.53 80.22
C GLU S 58 16.97 43.17 79.13
N ILE S 59 16.16 42.35 78.48
CA ILE S 59 15.16 42.81 77.47
C ILE S 59 14.02 43.46 78.26
N THR S 60 13.65 44.69 77.89
CA THR S 60 12.58 45.49 78.55
C THR S 60 11.39 45.65 77.59
N VAL S 61 10.19 45.83 78.13
CA VAL S 61 8.94 46.01 77.33
C VAL S 61 8.12 47.13 77.97
N ALA S 62 8.18 48.33 77.40
CA ALA S 62 7.30 49.47 77.76
C ALA S 62 5.85 48.98 77.91
N SER S 63 5.13 49.53 78.89
CA SER S 63 3.67 49.29 79.04
C SER S 63 2.95 49.92 77.84
N ASN S 64 1.88 49.29 77.38
CA ASN S 64 1.03 49.85 76.27
C ASN S 64 0.82 51.34 76.56
N GLY S 65 0.91 52.19 75.54
CA GLY S 65 0.66 53.63 75.63
C GLY S 65 1.88 54.42 76.06
N TYR S 66 2.91 53.77 76.60
CA TYR S 66 4.21 54.41 76.97
C TYR S 66 5.16 54.38 75.76
N ASN S 67 6.15 55.28 75.76
CA ASN S 67 7.20 55.34 74.71
C ASN S 67 7.92 53.98 74.64
N ASP S 68 8.12 53.46 73.43
CA ASP S 68 8.96 52.28 73.14
C ASP S 68 10.40 52.76 73.00
N ALA S 69 11.15 52.82 74.09
CA ALA S 69 12.51 53.39 74.16
C ALA S 69 13.42 52.40 74.89
N PRO S 70 13.86 51.33 74.21
CA PRO S 70 14.74 50.34 74.83
C PRO S 70 16.13 50.92 75.07
N HIS S 71 16.88 50.28 75.97
CA HIS S 71 18.27 50.63 76.36
C HIS S 71 19.22 50.32 75.20
N LEU S 72 20.19 51.21 74.95
CA LEU S 72 21.30 50.96 74.02
C LEU S 72 21.76 49.50 74.14
N THR S 73 21.96 49.01 75.37
CA THR S 73 22.65 47.72 75.64
C THR S 73 21.70 46.52 75.52
N GLU S 74 20.50 46.68 74.97
CA GLU S 74 19.55 45.55 74.78
C GLU S 74 19.19 45.39 73.29
N ILE S 75 19.70 46.27 72.43
CA ILE S 75 19.45 46.25 70.96
C ILE S 75 20.62 45.58 70.26
N PRO S 76 20.45 44.35 69.73
CA PRO S 76 21.47 43.72 68.90
C PRO S 76 21.62 44.40 67.53
N CYS S 77 22.88 44.54 67.11
CA CYS S 77 23.28 45.21 65.85
C CYS S 77 24.10 44.27 64.96
N TYR S 78 24.20 44.62 63.67
CA TYR S 78 25.13 43.96 62.71
C TYR S 78 26.57 44.25 63.13
N SER S 79 27.38 43.20 63.21
CA SER S 79 28.86 43.28 63.24
C SER S 79 29.34 43.57 61.82
N SER S 80 30.36 44.41 61.67
CA SER S 80 30.96 44.76 60.36
C SER S 80 32.43 45.13 60.56
N ALA S 81 33.23 44.86 59.53
CA ALA S 81 34.68 45.16 59.49
C ALA S 81 35.07 45.30 58.03
N ARG S 82 36.03 46.19 57.75
CA ARG S 82 36.74 46.27 56.45
C ARG S 82 38.16 45.77 56.72
N ILE S 83 38.52 44.62 56.12
CA ILE S 83 39.89 44.05 56.18
C ILE S 83 40.69 44.70 55.05
N SER S 84 41.90 45.18 55.38
CA SER S 84 42.86 45.77 54.42
C SER S 84 43.55 44.62 53.65
N LEU S 85 43.46 44.66 52.32
CA LEU S 85 44.08 43.67 51.40
C LEU S 85 45.42 44.22 50.91
N PRO S 86 46.35 43.38 50.42
CA PRO S 86 47.61 43.84 49.84
C PRO S 86 47.42 44.87 48.73
N LEU S 87 48.25 45.93 48.69
CA LEU S 87 48.15 47.01 47.67
C LEU S 87 48.48 46.38 46.30
N LEU S 88 47.72 46.73 45.26
CA LEU S 88 47.87 46.10 43.92
C LEU S 88 48.49 47.05 42.89
N ASN S 89 48.02 48.27 42.80
CA ASN S 89 48.34 49.27 41.76
C ASN S 89 49.29 50.27 42.43
N GLU S 90 50.57 50.30 42.03
CA GLU S 90 51.54 51.28 42.59
C GLU S 90 51.18 52.68 42.07
N ASP S 91 50.76 52.79 40.80
CA ASP S 91 50.19 54.02 40.19
C ASP S 91 48.66 53.92 40.11
N ILE S 92 47.94 54.75 40.85
CA ILE S 92 46.44 54.72 40.92
C ILE S 92 45.84 55.25 39.61
N THR S 93 46.67 55.86 38.73
CA THR S 93 46.21 56.61 37.54
C THR S 93 46.38 55.77 36.26
N SER S 94 46.93 54.56 36.33
CA SER S 94 47.06 53.59 35.20
C SER S 94 45.68 53.31 34.58
N PRO S 95 45.59 53.17 33.23
CA PRO S 95 44.30 53.08 32.56
C PRO S 95 43.63 51.69 32.62
N THR S 96 44.33 50.68 33.15
CA THR S 96 43.72 49.40 33.62
C THR S 96 44.24 49.13 35.04
N LEU S 97 43.36 48.77 35.95
CA LEU S 97 43.67 48.53 37.39
C LEU S 97 43.51 47.03 37.66
N LEU S 98 44.14 46.56 38.73
CA LEU S 98 43.85 45.26 39.38
C LEU S 98 43.07 45.49 40.69
N MET S 99 41.93 44.81 40.83
CA MET S 99 41.17 44.73 42.10
C MET S 99 41.14 43.27 42.54
N TRP S 100 41.14 43.02 43.85
CA TRP S 100 40.93 41.67 44.41
C TRP S 100 39.47 41.25 44.19
N GLU S 101 39.27 40.00 43.74
CA GLU S 101 37.95 39.38 43.47
C GLU S 101 37.76 38.25 44.49
N ALA S 102 36.80 38.37 45.40
CA ALA S 102 36.45 37.32 46.38
C ALA S 102 35.77 36.17 45.64
N VAL S 103 36.39 34.99 45.64
CA VAL S 103 35.94 33.83 44.82
C VAL S 103 35.06 32.93 45.68
N SER S 104 35.53 32.59 46.88
CA SER S 104 34.89 31.60 47.78
C SER S 104 35.03 32.04 49.24
N VAL S 105 34.23 31.48 50.15
CA VAL S 105 34.35 31.70 51.61
C VAL S 105 34.01 30.40 52.36
N LYS S 106 34.89 30.00 53.27
CA LYS S 106 34.61 29.04 54.37
C LYS S 106 34.23 29.89 55.58
N THR S 107 33.00 29.76 56.09
CA THR S 107 32.52 30.55 57.27
C THR S 107 31.94 29.59 58.33
N GLU S 108 32.12 29.93 59.60
CA GLU S 108 31.78 29.11 60.77
C GLU S 108 31.22 30.00 61.89
N VAL S 109 30.19 29.55 62.60
CA VAL S 109 29.70 30.21 63.85
C VAL S 109 30.45 29.55 65.02
N VAL S 110 31.35 30.30 65.66
CA VAL S 110 32.28 29.79 66.71
C VAL S 110 31.51 29.72 68.03
N GLY S 111 31.78 28.70 68.84
CA GLY S 111 31.31 28.58 70.23
C GLY S 111 29.88 28.07 70.32
N ILE S 112 29.43 27.31 69.33
CA ILE S 112 28.10 26.62 69.37
C ILE S 112 28.12 25.69 70.59
N SER S 113 29.22 24.99 70.85
CA SER S 113 29.36 24.03 71.97
C SER S 113 29.17 24.73 73.33
N SER S 114 29.33 26.06 73.39
CA SER S 114 29.19 26.86 74.64
C SER S 114 27.77 26.72 75.21
N MET S 115 26.79 26.42 74.36
CA MET S 115 25.35 26.38 74.70
C MET S 115 25.02 25.08 75.44
N LEU S 116 25.84 24.03 75.35
CA LEU S 116 25.62 22.78 76.13
C LEU S 116 26.05 23.02 77.58
N ASN S 117 25.21 23.78 78.30
CA ASN S 117 25.52 24.34 79.64
C ASN S 117 24.19 24.51 80.39
N MET S 118 23.93 23.63 81.37
CA MET S 118 22.66 23.63 82.13
C MET S 118 22.95 23.93 83.62
N HIS S 119 24.07 24.60 83.91
CA HIS S 119 24.52 24.87 85.31
C HIS S 119 24.81 26.36 85.53
N SER S 120 24.88 27.19 84.48
CA SER S 120 25.23 28.63 84.60
C SER S 120 23.96 29.49 84.71
N TYR S 121 23.22 29.29 85.80
CA TYR S 121 22.18 30.19 86.36
C TYR S 121 20.93 30.23 85.50
N GLY S 122 20.73 29.25 84.61
CA GLY S 122 19.54 29.21 83.75
C GLY S 122 18.29 28.90 84.56
N LEU S 123 17.14 29.46 84.17
CA LEU S 123 15.81 29.08 84.73
C LEU S 123 15.72 27.56 84.74
N ARG S 124 15.39 26.95 85.86
CA ARG S 124 15.52 25.47 86.03
C ARG S 124 14.23 24.78 85.58
N ALA S 125 14.38 23.63 84.92
CA ALA S 125 13.26 22.84 84.36
C ALA S 125 12.68 21.96 85.46
N PHE S 126 11.49 21.41 85.20
CA PHE S 126 10.81 20.43 86.08
C PHE S 126 10.65 21.02 87.48
N GLY S 127 10.03 22.21 87.53
CA GLY S 127 9.61 22.92 88.76
C GLY S 127 10.77 23.29 89.66
N GLY S 128 11.97 23.50 89.12
CA GLY S 128 13.13 24.03 89.85
C GLY S 128 14.14 22.95 90.26
N TYR S 129 13.80 21.67 90.07
CA TYR S 129 14.65 20.52 90.49
C TYR S 129 15.59 20.08 89.35
N GLY S 130 15.24 20.40 88.09
CA GLY S 130 16.05 20.07 86.91
C GLY S 130 17.21 21.03 86.71
N GLY S 131 17.86 20.96 85.55
CA GLY S 131 18.98 21.85 85.14
C GLY S 131 18.47 23.15 84.52
N GLY S 132 19.38 24.09 84.30
CA GLY S 132 19.09 25.41 83.70
C GLY S 132 18.75 25.30 82.22
N TYR S 133 17.84 26.15 81.75
CA TYR S 133 17.50 26.32 80.31
C TYR S 133 18.77 26.70 79.54
N THR S 134 19.13 25.89 78.54
CA THR S 134 20.09 26.28 77.48
C THR S 134 19.48 27.42 76.68
N ILE S 135 20.33 28.20 76.01
CA ILE S 135 19.85 29.33 75.17
C ILE S 135 18.68 28.84 74.32
N GLU S 136 17.61 29.63 74.24
CA GLU S 136 16.46 29.34 73.34
C GLU S 136 15.74 30.64 72.98
N GLY S 137 14.73 30.50 72.10
CA GLY S 137 13.90 31.62 71.60
C GLY S 137 14.23 31.96 70.17
N SER S 138 13.68 33.07 69.69
CA SER S 138 13.88 33.60 68.32
C SER S 138 15.36 33.88 68.10
N HIS S 139 15.86 33.59 66.91
CA HIS S 139 17.29 33.72 66.53
C HIS S 139 17.43 34.12 65.06
N ILE S 140 18.56 34.72 64.71
CA ILE S 140 18.93 35.08 63.31
C ILE S 140 20.41 34.72 63.11
N HIS S 141 20.72 34.10 61.98
CA HIS S 141 22.11 33.82 61.55
C HIS S 141 22.30 34.37 60.14
N PHE S 142 23.32 35.19 59.95
CA PHE S 142 23.52 35.97 58.71
C PHE S 142 24.98 36.37 58.53
N PHE S 143 25.48 36.29 57.30
CA PHE S 143 26.82 36.81 56.93
C PHE S 143 26.79 37.34 55.50
N SER S 144 27.63 38.33 55.22
CA SER S 144 27.85 38.85 53.86
C SER S 144 29.34 39.05 53.62
N VAL S 145 29.79 38.79 52.39
CA VAL S 145 31.13 39.16 51.86
C VAL S 145 30.89 40.11 50.68
N GLY S 146 31.66 41.19 50.61
CA GLY S 146 31.39 42.31 49.69
C GLY S 146 32.65 43.10 49.35
N GLY S 147 32.62 43.79 48.23
CA GLY S 147 33.71 44.66 47.78
C GLY S 147 33.53 46.10 48.23
N GLU S 148 32.47 46.33 49.02
CA GLU S 148 32.09 47.66 49.53
C GLU S 148 31.10 47.45 50.68
N PRO S 149 30.80 48.52 51.45
CA PRO S 149 29.77 48.43 52.48
C PRO S 149 28.44 47.82 51.96
N LEU S 150 27.81 46.99 52.79
CA LEU S 150 26.53 46.28 52.50
C LEU S 150 25.38 47.30 52.45
N ASP S 151 24.55 47.25 51.43
CA ASP S 151 23.35 48.13 51.28
C ASP S 151 22.22 47.62 52.18
N LEU S 152 21.66 48.51 53.01
CA LEU S 152 20.56 48.22 53.99
C LEU S 152 19.28 48.94 53.59
N GLN S 153 18.16 48.22 53.62
CA GLN S 153 16.76 48.74 53.46
C GLN S 153 16.13 48.83 54.85
N GLY S 154 15.45 49.93 55.14
CA GLY S 154 14.74 50.16 56.41
C GLY S 154 13.43 49.41 56.45
N LEU S 155 13.27 48.55 57.45
CA LEU S 155 11.96 47.95 57.81
C LEU S 155 12.01 47.46 59.26
N MET S 156 11.01 47.82 60.06
CA MET S 156 10.94 47.61 61.53
C MET S 156 9.52 47.23 61.94
N GLN S 157 9.36 46.64 63.13
CA GLN S 157 8.05 46.18 63.66
C GLN S 157 7.23 47.37 64.15
N ASN S 158 7.88 48.38 64.73
CA ASN S 158 7.22 49.56 65.36
C ASN S 158 7.89 50.86 64.91
N HIS S 159 7.25 51.62 64.03
CA HIS S 159 7.84 52.86 63.44
C HIS S 159 8.24 53.84 64.55
N SER S 160 7.53 53.81 65.69
CA SER S 160 7.68 54.79 66.79
C SER S 160 8.90 54.46 67.66
N THR S 161 9.50 53.29 67.52
CA THR S 161 10.63 52.86 68.38
C THR S 161 11.68 53.98 68.41
N GLN S 162 12.23 54.27 69.59
CA GLN S 162 13.26 55.32 69.80
C GLN S 162 14.59 54.64 70.11
N TYR S 163 15.54 54.73 69.17
CA TYR S 163 16.90 54.13 69.33
C TYR S 163 17.81 55.19 69.96
N PRO S 164 18.46 54.88 71.11
CA PRO S 164 19.42 55.80 71.71
C PRO S 164 20.63 56.03 70.79
N SER S 165 21.21 57.22 70.83
N SER S 165 21.21 57.22 70.83
CA SER S 165 22.54 57.51 70.24
CA SER S 165 22.54 57.51 70.24
C SER S 165 23.58 56.61 70.92
C SER S 165 23.58 56.61 70.92
N PRO S 166 24.60 56.07 70.20
CA PRO S 166 24.86 56.39 68.79
C PRO S 166 24.20 55.50 67.72
N LEU S 167 23.24 54.65 68.09
CA LEU S 167 22.56 53.75 67.13
C LEU S 167 21.89 54.59 66.04
N VAL S 168 21.72 54.01 64.85
CA VAL S 168 21.09 54.65 63.68
C VAL S 168 19.92 53.79 63.23
N GLY S 169 18.75 54.40 63.04
CA GLY S 169 17.54 53.73 62.57
C GLY S 169 16.94 54.48 61.38
N PRO S 170 15.97 53.87 60.68
CA PRO S 170 15.38 54.49 59.50
C PRO S 170 14.82 55.87 59.85
N LYS S 171 15.25 56.89 59.11
CA LYS S 171 14.73 58.27 59.21
C LYS S 171 14.53 58.76 57.77
N LYS S 172 13.44 59.49 57.49
CA LYS S 172 13.30 60.29 56.25
C LYS S 172 14.37 61.39 56.27
N PRO S 173 14.57 62.15 55.18
CA PRO S 173 15.52 63.28 55.19
C PRO S 173 15.20 64.31 56.29
N ASP S 174 13.91 64.49 56.61
CA ASP S 174 13.43 65.51 57.57
C ASP S 174 13.63 65.08 59.04
N GLY S 175 13.98 63.82 59.31
CA GLY S 175 14.24 63.31 60.67
C GLY S 175 13.12 62.43 61.22
N THR S 176 11.90 62.53 60.65
CA THR S 176 10.69 61.75 61.03
C THR S 176 10.88 60.28 60.63
N THR S 177 9.95 59.43 61.05
CA THR S 177 9.86 57.98 60.76
C THR S 177 8.37 57.59 60.79
N ASP S 178 7.71 57.57 59.63
CA ASP S 178 6.23 57.38 59.56
C ASP S 178 5.90 55.88 59.54
N ASP S 179 4.62 55.54 59.33
CA ASP S 179 4.08 54.15 59.43
C ASP S 179 4.64 53.28 58.29
N SER S 180 5.07 53.90 57.18
CA SER S 180 5.56 53.18 55.97
C SER S 180 6.81 52.35 56.31
N ALA S 181 7.57 52.73 57.33
CA ALA S 181 8.80 52.03 57.77
C ALA S 181 8.49 50.64 58.34
N GLN S 182 7.22 50.25 58.41
CA GLN S 182 6.79 48.90 58.85
C GLN S 182 6.64 47.99 57.62
N VAL S 183 6.66 48.59 56.43
CA VAL S 183 6.65 47.88 55.14
C VAL S 183 7.84 48.39 54.32
N LEU S 184 7.83 48.22 52.99
CA LEU S 184 8.91 48.72 52.12
C LEU S 184 8.58 50.15 51.69
N ASN S 185 9.43 51.09 52.08
CA ASN S 185 9.46 52.46 51.51
C ASN S 185 10.91 52.76 51.12
N PRO S 186 11.21 52.88 49.81
CA PRO S 186 12.56 53.14 49.34
C PRO S 186 13.28 54.33 50.00
N ILE S 187 12.53 55.25 50.62
CA ILE S 187 13.10 56.46 51.29
C ILE S 187 14.05 56.03 52.41
N TYR S 188 13.85 54.83 52.99
CA TYR S 188 14.63 54.35 54.18
C TYR S 188 15.73 53.41 53.72
N LYS S 189 16.91 53.95 53.44
CA LYS S 189 18.10 53.17 52.97
C LYS S 189 19.35 53.67 53.70
N ALA S 190 20.35 52.82 53.82
CA ALA S 190 21.60 53.11 54.55
C ALA S 190 22.68 52.11 54.15
N LYS S 191 23.93 52.47 54.37
CA LYS S 191 25.12 51.59 54.10
C LYS S 191 25.64 51.15 55.47
N LEU S 192 25.83 49.84 55.66
CA LEU S 192 26.38 49.23 56.89
C LEU S 192 27.87 49.59 56.98
N ASP S 193 28.16 50.82 57.42
CA ASP S 193 29.50 51.44 57.35
C ASP S 193 30.12 51.61 58.74
N LYS S 194 29.54 51.00 59.78
CA LYS S 194 30.04 51.10 61.17
C LYS S 194 29.56 49.89 61.97
N ASP S 195 30.47 49.23 62.69
CA ASP S 195 30.19 48.10 63.60
C ASP S 195 29.24 48.56 64.70
N ALA S 196 28.43 47.65 65.23
CA ALA S 196 27.67 47.81 66.50
C ALA S 196 26.78 49.05 66.45
N THR S 197 26.27 49.44 65.28
CA THR S 197 25.57 50.74 65.09
C THR S 197 24.18 50.56 64.48
N TYR S 198 24.03 49.66 63.52
CA TYR S 198 22.76 49.46 62.77
C TYR S 198 22.00 48.30 63.42
N PRO S 199 20.86 48.55 64.09
CA PRO S 199 20.10 47.47 64.72
C PRO S 199 19.60 46.47 63.68
N ILE S 200 19.71 45.18 64.00
CA ILE S 200 19.18 44.06 63.16
C ILE S 200 17.68 44.29 62.93
N GLU S 201 16.97 44.89 63.91
CA GLU S 201 15.49 44.87 63.95
C GLU S 201 14.89 45.92 63.00
N CYS S 202 15.65 46.91 62.52
CA CYS S 202 15.12 48.00 61.66
C CYS S 202 15.80 48.02 60.29
N TRP S 203 16.81 47.17 60.07
CA TRP S 203 17.62 47.12 58.82
C TRP S 203 17.75 45.68 58.30
N CYS S 204 17.37 45.43 57.05
CA CYS S 204 17.62 44.15 56.33
C CYS S 204 18.49 44.44 55.12
N PRO S 205 19.21 43.44 54.56
CA PRO S 205 19.96 43.64 53.32
C PRO S 205 19.01 44.04 52.20
N ASP S 206 19.37 45.09 51.45
CA ASP S 206 18.58 45.67 50.33
C ASP S 206 18.74 44.79 49.10
N PRO S 207 17.69 44.05 48.67
CA PRO S 207 17.80 43.19 47.50
C PRO S 207 17.77 43.94 46.16
N SER S 208 17.47 45.25 46.19
CA SER S 208 17.44 46.15 45.00
C SER S 208 18.86 46.63 44.68
N ARG S 209 19.81 46.41 45.59
CA ARG S 209 21.23 46.85 45.44
C ARG S 209 22.15 45.67 45.75
N ASN S 210 23.23 45.91 46.47
CA ASN S 210 24.21 44.87 46.87
C ASN S 210 24.70 44.10 45.65
N GLU S 211 24.81 44.73 44.48
CA GLU S 211 25.35 44.13 43.24
C GLU S 211 26.77 43.61 43.53
N ASN S 212 27.56 44.32 44.35
CA ASN S 212 28.99 43.98 44.61
C ASN S 212 29.13 43.30 45.99
N SER S 213 28.08 42.66 46.49
CA SER S 213 28.07 41.92 47.78
C SER S 213 27.25 40.61 47.66
N ARG S 214 27.64 39.58 48.39
CA ARG S 214 26.88 38.31 48.52
C ARG S 214 26.46 38.14 49.97
N TYR S 215 25.15 38.04 50.26
CA TYR S 215 24.62 37.91 51.63
C TYR S 215 23.70 36.70 51.74
N PHE S 216 23.64 36.12 52.94
CA PHE S 216 22.92 34.87 53.28
C PHE S 216 22.41 34.95 54.72
N GLY S 217 21.11 34.81 54.94
CA GLY S 217 20.47 34.99 56.25
C GLY S 217 19.31 34.08 56.48
N SER S 218 19.10 33.67 57.74
CA SER S 218 18.00 32.78 58.16
C SER S 218 17.54 33.19 59.56
N TYR S 219 16.26 33.55 59.69
CA TYR S 219 15.58 33.89 60.97
C TYR S 219 14.57 32.80 61.33
N THR S 220 14.56 32.41 62.61
CA THR S 220 13.53 31.52 63.23
C THR S 220 12.93 32.29 64.41
N GLY S 221 11.61 32.28 64.55
CA GLY S 221 10.87 32.96 65.63
C GLY S 221 10.53 32.02 66.78
N GLY S 222 9.51 32.38 67.56
CA GLY S 222 8.97 31.55 68.67
C GLY S 222 9.58 31.91 70.01
N VAL S 223 8.90 31.52 71.08
CA VAL S 223 9.21 31.96 72.47
C VAL S 223 10.35 31.11 73.03
N GLU S 224 10.27 29.80 72.85
CA GLU S 224 11.20 28.79 73.45
C GLU S 224 11.81 27.91 72.35
N THR S 225 11.86 28.40 71.11
CA THR S 225 12.33 27.64 69.92
C THR S 225 13.76 27.18 70.16
N PRO S 226 14.08 25.88 69.95
CA PRO S 226 15.44 25.40 70.19
C PRO S 226 16.31 25.81 69.03
N PRO S 227 17.53 26.36 69.28
CA PRO S 227 18.47 26.63 68.19
C PRO S 227 19.04 25.30 67.68
N VAL S 228 19.19 25.19 66.35
CA VAL S 228 19.89 24.06 65.66
C VAL S 228 21.03 24.67 64.85
N LEU S 229 22.28 24.39 65.25
CA LEU S 229 23.48 24.96 64.59
C LEU S 229 24.50 23.85 64.34
N SER S 230 25.05 23.82 63.11
CA SER S 230 26.06 22.84 62.66
C SER S 230 27.40 23.54 62.47
N PHE S 231 28.49 22.79 62.57
CA PHE S 231 29.87 23.31 62.38
C PHE S 231 30.74 22.24 61.72
N THR S 232 31.59 22.67 60.78
CA THR S 232 32.52 21.82 59.99
C THR S 232 33.57 22.71 59.31
N ASN S 233 34.77 22.19 59.07
CA ASN S 233 35.82 22.89 58.29
C ASN S 233 35.82 22.38 56.84
N THR S 234 34.80 21.61 56.43
CA THR S 234 34.72 20.95 55.10
C THR S 234 33.71 21.65 54.18
N SER S 235 33.23 22.86 54.50
CA SER S 235 32.13 23.49 53.72
C SER S 235 32.58 24.82 53.14
N THR S 236 32.34 25.03 51.84
CA THR S 236 32.80 26.20 51.06
C THR S 236 31.63 26.79 50.27
N THR S 237 31.50 28.11 50.26
CA THR S 237 30.44 28.83 49.51
C THR S 237 31.12 29.61 48.37
N ILE S 238 30.70 29.36 47.14
CA ILE S 238 31.18 30.10 45.94
C ILE S 238 30.49 31.47 45.95
N LEU S 239 31.24 32.53 45.69
CA LEU S 239 30.75 33.93 45.73
C LEU S 239 30.61 34.49 44.32
N LEU S 240 30.95 33.72 43.28
CA LEU S 240 30.80 34.18 41.87
C LEU S 240 29.32 34.23 41.53
N ASP S 241 28.91 35.25 40.77
CA ASP S 241 27.49 35.47 40.36
C ASP S 241 27.21 34.67 39.09
N GLU S 242 26.03 34.86 38.50
CA GLU S 242 25.54 34.14 37.28
C GLU S 242 26.53 34.36 36.11
N ASN S 243 27.37 35.40 36.15
CA ASN S 243 28.36 35.74 35.09
C ASN S 243 29.80 35.44 35.54
N GLY S 244 30.01 34.62 36.57
CA GLY S 244 31.36 34.21 37.03
C GLY S 244 32.16 35.34 37.64
N VAL S 245 31.50 36.44 38.06
CA VAL S 245 32.17 37.60 38.73
C VAL S 245 31.88 37.54 40.23
N GLY S 246 32.94 37.59 41.05
CA GLY S 246 32.84 37.72 42.52
C GLY S 246 32.81 39.17 42.94
N PRO S 247 32.60 39.46 44.25
CA PRO S 247 32.75 40.81 44.77
C PRO S 247 34.14 41.37 44.44
N LEU S 248 34.18 42.57 43.88
CA LEU S 248 35.43 43.32 43.55
C LEU S 248 35.70 44.34 44.65
N CYS S 249 36.80 44.16 45.39
CA CYS S 249 37.14 44.96 46.59
C CYS S 249 37.66 46.35 46.18
N LYS S 250 36.77 47.34 46.15
CA LYS S 250 37.12 48.77 45.94
C LYS S 250 38.12 49.21 47.02
N GLY S 251 39.08 50.06 46.68
CA GLY S 251 40.11 50.57 47.59
C GLY S 251 40.90 49.47 48.29
N ASP S 252 40.96 48.28 47.69
CA ASP S 252 41.71 47.12 48.25
C ASP S 252 41.18 46.81 49.67
N GLY S 253 39.85 46.81 49.83
CA GLY S 253 39.17 46.54 51.10
C GLY S 253 38.06 45.52 50.97
N LEU S 254 38.15 44.45 51.77
CA LEU S 254 37.13 43.38 51.86
C LEU S 254 36.16 43.70 53.00
N TYR S 255 34.86 43.77 52.69
CA TYR S 255 33.77 44.09 53.64
C TYR S 255 33.10 42.81 54.12
N LEU S 256 33.30 42.46 55.40
CA LEU S 256 32.62 41.36 56.12
C LEU S 256 31.53 41.94 57.03
N SER S 257 30.38 41.26 57.06
CA SER S 257 29.24 41.55 57.96
C SER S 257 28.73 40.24 58.56
N SER S 258 28.21 40.29 59.78
CA SER S 258 27.79 39.14 60.61
C SER S 258 26.57 39.56 61.45
N ALA S 259 25.69 38.62 61.72
CA ALA S 259 24.58 38.74 62.69
C ALA S 259 24.23 37.34 63.18
N ASP S 260 24.74 36.96 64.36
CA ASP S 260 24.51 35.60 64.92
C ASP S 260 24.00 35.75 66.35
N VAL S 261 22.70 36.00 66.46
CA VAL S 261 21.92 36.02 67.72
C VAL S 261 21.32 34.63 67.90
N ALA S 262 21.98 33.79 68.70
CA ALA S 262 21.72 32.33 68.82
C ALA S 262 20.33 32.11 69.44
N GLY S 263 19.86 33.10 70.19
CA GLY S 263 18.60 33.08 70.96
C GLY S 263 18.71 33.93 72.23
N THR S 264 17.91 33.63 73.25
CA THR S 264 17.95 34.34 74.55
C THR S 264 18.46 33.40 75.65
N PHE S 265 19.09 33.97 76.66
CA PHE S 265 19.37 33.32 77.96
C PHE S 265 18.27 33.70 78.95
N VAL S 266 17.62 32.69 79.56
CA VAL S 266 16.50 32.88 80.54
C VAL S 266 17.06 32.65 81.94
N GLN S 267 17.24 33.73 82.71
CA GLN S 267 17.89 33.66 84.04
C GLN S 267 16.92 33.12 85.09
N GLN S 268 17.41 32.24 85.95
CA GLN S 268 16.65 31.66 87.10
C GLN S 268 16.26 32.80 88.04
N THR S 269 15.10 32.67 88.69
CA THR S 269 14.65 33.55 89.80
C THR S 269 14.13 34.87 89.21
N SER S 270 14.97 35.66 88.54
CA SER S 270 14.54 36.93 87.88
C SER S 270 13.53 36.62 86.78
N GLN S 271 13.71 35.50 86.07
CA GLN S 271 12.94 35.09 84.86
C GLN S 271 13.06 36.17 83.78
N LYS S 272 14.16 36.93 83.80
CA LYS S 272 14.49 37.93 82.75
C LYS S 272 15.26 37.25 81.61
N GLN S 273 15.22 37.86 80.43
CA GLN S 273 15.80 37.32 79.17
C GLN S 273 16.89 38.25 78.67
N TYR S 274 17.98 37.65 78.18
CA TYR S 274 19.16 38.33 77.63
C TYR S 274 19.47 37.72 76.25
N TRP S 275 19.58 38.58 75.23
CA TRP S 275 20.09 38.17 73.89
C TRP S 275 21.50 37.59 74.04
N ARG S 276 21.76 36.48 73.35
CA ARG S 276 23.08 35.78 73.35
C ARG S 276 23.62 35.77 71.92
N GLY S 277 24.75 36.44 71.68
CA GLY S 277 25.41 36.50 70.37
C GLY S 277 26.56 35.50 70.28
N LEU S 278 26.93 35.10 69.06
CA LEU S 278 28.09 34.23 68.83
C LEU S 278 28.98 34.84 67.76
N PRO S 279 30.30 34.61 67.81
CA PRO S 279 31.22 35.12 66.80
C PRO S 279 31.18 34.28 65.52
N ARG S 280 31.62 34.87 64.40
CA ARG S 280 31.66 34.21 63.07
C ARG S 280 33.07 34.30 62.49
N TYR S 281 33.66 33.14 62.17
CA TYR S 281 34.95 33.00 61.46
C TYR S 281 34.69 33.13 59.96
N PHE S 282 35.58 33.84 59.28
CA PHE S 282 35.62 33.92 57.79
C PHE S 282 36.99 33.45 57.30
N ASN S 283 36.98 32.73 56.18
CA ASN S 283 38.20 32.36 55.40
C ASN S 283 37.88 32.62 53.92
N ILE S 284 38.30 33.76 53.39
CA ILE S 284 37.96 34.19 52.01
C ILE S 284 39.16 33.91 51.10
N THR S 285 38.91 33.37 49.91
CA THR S 285 39.89 33.21 48.81
C THR S 285 39.61 34.28 47.75
N LEU S 286 40.64 35.06 47.40
CA LEU S 286 40.55 36.13 46.37
C LEU S 286 41.61 35.88 45.29
N ARG S 287 41.34 36.39 44.08
CA ARG S 287 42.23 36.33 42.89
C ARG S 287 42.30 37.73 42.28
N LYS S 288 43.40 38.08 41.60
CA LYS S 288 43.55 39.41 40.97
C LYS S 288 42.66 39.45 39.73
N ARG S 289 41.98 40.58 39.50
CA ARG S 289 41.07 40.77 38.33
C ARG S 289 41.31 42.18 37.78
N ALA S 290 41.28 42.30 36.46
CA ALA S 290 41.58 43.55 35.71
C ALA S 290 40.28 44.30 35.44
N VAL S 291 40.32 45.63 35.56
CA VAL S 291 39.15 46.52 35.36
C VAL S 291 39.61 47.78 34.62
N LYS S 292 38.74 48.37 33.80
CA LYS S 292 39.04 49.59 32.99
C LYS S 292 38.91 50.81 33.92
N ASN S 293 39.83 51.75 33.81
CA ASN S 293 39.93 52.94 34.71
C ASN S 293 39.25 54.08 33.97
N GLY T 24 47.90 19.65 55.62
CA GLY T 24 49.09 19.80 56.50
C GLY T 24 50.12 20.77 55.96
N GLY T 25 51.01 21.26 56.84
CA GLY T 25 52.19 22.12 56.56
C GLY T 25 53.40 21.33 56.06
N ILE T 26 53.16 20.11 55.54
CA ILE T 26 54.07 19.24 54.74
C ILE T 26 53.98 19.68 53.27
N GLU T 27 54.97 19.34 52.42
CA GLU T 27 54.85 19.37 50.93
C GLU T 27 54.38 17.99 50.43
N VAL T 28 53.19 17.93 49.85
CA VAL T 28 52.48 16.65 49.54
C VAL T 28 52.82 16.23 48.11
N LEU T 29 53.25 14.97 47.93
CA LEU T 29 53.70 14.43 46.62
C LEU T 29 52.70 13.37 46.14
N ASP T 30 53.15 12.39 45.35
CA ASP T 30 52.33 11.34 44.71
C ASP T 30 51.69 10.43 45.76
N VAL T 31 50.52 9.88 45.45
CA VAL T 31 49.88 8.76 46.21
C VAL T 31 50.63 7.46 45.88
N LYS T 32 51.40 6.88 46.80
CA LYS T 32 52.02 5.55 46.58
C LYS T 32 50.88 4.55 46.34
N THR T 33 50.98 3.72 45.30
CA THR T 33 50.03 2.64 44.99
C THR T 33 50.79 1.33 44.84
N GLY T 34 50.10 0.21 45.01
CA GLY T 34 50.68 -1.15 44.96
C GLY T 34 49.95 -2.05 45.96
N PRO T 35 50.46 -3.27 46.21
CA PRO T 35 49.91 -4.10 47.29
C PRO T 35 50.31 -3.49 48.65
N ASP T 36 49.41 -3.57 49.63
CA ASP T 36 49.63 -3.10 51.03
C ASP T 36 49.91 -1.59 51.02
N SER T 37 49.22 -0.84 50.14
CA SER T 37 49.27 0.64 50.09
C SER T 37 48.03 1.26 50.78
N THR T 38 47.00 0.45 51.07
CA THR T 38 45.80 0.85 51.82
C THR T 38 45.61 -0.06 53.05
N THR T 39 45.05 0.48 54.13
CA THR T 39 44.60 -0.26 55.34
C THR T 39 43.34 0.39 55.90
N THR T 40 42.54 -0.36 56.66
CA THR T 40 41.38 0.16 57.42
C THR T 40 41.61 -0.06 58.92
N ILE T 41 41.28 0.94 59.74
CA ILE T 41 41.30 0.86 61.23
C ILE T 41 39.85 0.97 61.76
N GLU T 42 39.49 0.08 62.69
CA GLU T 42 38.22 0.11 63.48
C GLU T 42 38.54 0.60 64.89
N ALA T 43 37.74 1.51 65.43
CA ALA T 43 37.88 2.05 66.80
C ALA T 43 36.52 2.51 67.32
N TYR T 44 36.39 2.65 68.63
CA TYR T 44 35.21 3.29 69.29
C TYR T 44 35.70 4.24 70.38
N LEU T 45 34.96 5.33 70.57
CA LEU T 45 35.12 6.26 71.72
C LEU T 45 33.86 6.17 72.57
N ASN T 46 33.99 5.67 73.80
CA ASN T 46 32.93 5.72 74.84
C ASN T 46 32.79 7.19 75.27
N PRO T 47 31.59 7.63 75.67
CA PRO T 47 31.36 9.03 76.01
C PRO T 47 32.03 9.40 77.34
N ARG T 48 32.32 10.69 77.53
CA ARG T 48 32.90 11.22 78.80
C ARG T 48 32.03 12.38 79.28
N VAL T 49 30.86 12.03 79.82
CA VAL T 49 29.81 12.99 80.26
C VAL T 49 30.06 13.37 81.73
N GLY T 50 31.12 12.86 82.36
CA GLY T 50 31.52 13.19 83.74
C GLY T 50 31.77 11.95 84.57
N GLN T 51 31.09 10.85 84.23
CA GLN T 51 31.43 9.48 84.71
C GLN T 51 31.66 8.61 83.47
N ASN T 52 31.88 7.31 83.66
CA ASN T 52 32.37 6.40 82.60
C ASN T 52 31.24 5.49 82.11
N TRP T 53 30.06 5.53 82.72
CA TRP T 53 28.99 4.55 82.38
C TRP T 53 27.80 5.26 81.75
N GLY T 54 28.08 6.38 81.07
CA GLY T 54 27.20 6.99 80.06
C GLY T 54 26.24 8.01 80.64
N PHE T 55 26.24 8.19 81.97
CA PHE T 55 25.47 9.23 82.68
C PHE T 55 26.39 10.09 83.55
N SER T 56 26.14 11.40 83.56
CA SER T 56 26.71 12.35 84.55
C SER T 56 26.03 12.14 85.91
N THR T 57 26.56 12.76 86.96
CA THR T 57 25.82 12.96 88.24
C THR T 57 24.82 14.10 88.02
N GLU T 58 23.94 14.35 88.97
CA GLU T 58 22.83 15.34 88.80
C GLU T 58 23.42 16.69 88.37
N ILE T 59 22.70 17.36 87.46
CA ILE T 59 23.04 18.75 87.02
C ILE T 59 22.67 19.69 88.16
N THR T 60 23.59 20.55 88.58
CA THR T 60 23.40 21.52 89.69
C THR T 60 23.42 22.94 89.13
N VAL T 61 22.75 23.88 89.81
CA VAL T 61 22.67 25.31 89.40
C VAL T 61 22.85 26.18 90.64
N ALA T 62 24.04 26.72 90.85
CA ALA T 62 24.33 27.75 91.89
C ALA T 62 23.22 28.81 91.88
N SER T 63 22.84 29.31 93.05
CA SER T 63 21.93 30.46 93.21
C SER T 63 22.60 31.71 92.62
N ASN T 64 21.83 32.59 91.99
CA ASN T 64 22.35 33.86 91.44
C ASN T 64 23.27 34.48 92.49
N GLY T 65 24.41 35.04 92.07
CA GLY T 65 25.35 35.74 92.95
C GLY T 65 26.34 34.80 93.64
N TYR T 66 26.07 33.50 93.67
CA TYR T 66 27.00 32.48 94.24
C TYR T 66 27.96 31.99 93.14
N ASN T 67 29.11 31.43 93.54
CA ASN T 67 30.12 30.87 92.61
C ASN T 67 29.47 29.79 91.75
N ASP T 68 29.72 29.84 90.44
CA ASP T 68 29.34 28.80 89.45
C ASP T 68 30.44 27.74 89.46
N ALA T 69 30.32 26.73 90.31
CA ALA T 69 31.36 25.70 90.54
C ALA T 69 30.70 24.33 90.48
N PRO T 70 30.41 23.81 89.27
CA PRO T 70 29.78 22.51 89.12
C PRO T 70 30.76 21.39 89.49
N HIS T 71 30.20 20.21 89.79
CA HIS T 71 30.95 18.97 90.15
C HIS T 71 31.68 18.43 88.92
N LEU T 72 32.92 17.97 89.11
CA LEU T 72 33.68 17.23 88.07
C LEU T 72 32.72 16.30 87.30
N THR T 73 31.88 15.54 88.01
CA THR T 73 31.11 14.42 87.43
C THR T 73 29.81 14.89 86.77
N GLU T 74 29.62 16.19 86.54
CA GLU T 74 28.41 16.72 85.85
C GLU T 74 28.79 17.50 84.59
N ILE T 75 30.10 17.64 84.31
CA ILE T 75 30.63 18.37 83.13
C ILE T 75 31.00 17.36 82.04
N PRO T 76 30.21 17.28 80.94
CA PRO T 76 30.60 16.47 79.78
C PRO T 76 31.82 17.04 79.04
N CYS T 77 32.70 16.13 78.62
CA CYS T 77 33.98 16.44 77.93
C CYS T 77 34.05 15.72 76.57
N TYR T 78 34.94 16.19 75.70
CA TYR T 78 35.32 15.51 74.44
C TYR T 78 36.03 14.19 74.78
N SER T 79 35.58 13.10 74.15
CA SER T 79 36.31 11.82 74.05
C SER T 79 37.41 12.00 73.00
N SER T 80 38.60 11.43 73.22
CA SER T 80 39.73 11.49 72.26
C SER T 80 40.62 10.27 72.44
N ALA T 81 41.25 9.83 71.34
CA ALA T 81 42.20 8.69 71.32
C ALA T 81 43.12 8.89 70.13
N ARG T 82 44.38 8.45 70.27
CA ARG T 82 45.36 8.32 69.16
C ARG T 82 45.54 6.82 68.89
N ILE T 83 45.11 6.35 67.72
CA ILE T 83 45.32 4.94 67.28
C ILE T 83 46.70 4.88 66.62
N SER T 84 47.50 3.88 67.01
CA SER T 84 48.84 3.60 66.43
C SER T 84 48.65 2.89 65.09
N LEU T 85 49.24 3.45 64.02
CA LEU T 85 49.20 2.90 62.64
C LEU T 85 50.48 2.12 62.39
N PRO T 86 50.53 1.20 61.39
CA PRO T 86 51.76 0.49 61.04
C PRO T 86 52.92 1.44 60.72
N LEU T 87 54.15 1.13 61.17
CA LEU T 87 55.36 1.96 60.92
C LEU T 87 55.63 1.95 59.40
N LEU T 88 55.96 3.10 58.82
CA LEU T 88 56.16 3.25 57.34
C LEU T 88 57.63 3.42 56.95
N ASN T 89 58.35 4.32 57.61
CA ASN T 89 59.70 4.76 57.22
C ASN T 89 60.69 4.07 58.17
N GLU T 90 61.52 3.14 57.64
CA GLU T 90 62.55 2.46 58.46
C GLU T 90 63.64 3.48 58.81
N ASP T 91 64.01 4.38 57.87
CA ASP T 91 64.86 5.57 58.15
C ASP T 91 63.98 6.83 58.19
N ILE T 92 63.84 7.46 59.36
CA ILE T 92 62.94 8.64 59.53
C ILE T 92 63.58 9.88 58.87
N THR T 93 64.87 9.78 58.47
CA THR T 93 65.68 10.95 58.03
C THR T 93 65.79 10.98 56.50
N SER T 94 65.23 10.02 55.76
CA SER T 94 65.14 10.00 54.28
C SER T 94 64.46 11.27 53.75
N PRO T 95 64.92 11.82 52.62
CA PRO T 95 64.41 13.10 52.10
C PRO T 95 63.03 13.02 51.40
N THR T 96 62.48 11.82 51.22
CA THR T 96 61.00 11.65 50.97
C THR T 96 60.45 10.60 51.94
N LEU T 97 59.36 10.91 52.63
CA LEU T 97 58.74 10.04 53.65
C LEU T 97 57.39 9.54 53.09
N LEU T 98 56.90 8.45 53.67
CA LEU T 98 55.49 8.00 53.53
C LEU T 98 54.73 8.30 54.84
N MET T 99 53.58 8.98 54.73
CA MET T 99 52.60 9.18 55.83
C MET T 99 51.29 8.49 55.41
N TRP T 100 50.55 7.95 56.38
CA TRP T 100 49.17 7.45 56.15
C TRP T 100 48.25 8.65 55.91
N GLU T 101 47.39 8.53 54.90
CA GLU T 101 46.39 9.56 54.49
C GLU T 101 45.00 8.98 54.73
N ALA T 102 44.25 9.55 55.67
CA ALA T 102 42.84 9.16 55.95
C ALA T 102 41.98 9.61 54.77
N VAL T 103 41.36 8.67 54.06
CA VAL T 103 40.64 8.97 52.79
C VAL T 103 39.15 9.13 53.11
N SER T 104 38.58 8.19 53.85
CA SER T 104 37.12 8.10 54.13
C SER T 104 36.89 7.61 55.56
N VAL T 105 35.67 7.82 56.09
CA VAL T 105 35.26 7.27 57.41
C VAL T 105 33.78 6.86 57.34
N LYS T 106 33.48 5.64 57.77
CA LYS T 106 32.13 5.18 58.17
C LYS T 106 32.05 5.38 59.68
N THR T 107 31.16 6.23 60.18
CA THR T 107 31.00 6.51 61.64
C THR T 107 29.53 6.32 62.05
N GLU T 108 29.32 5.84 63.26
CA GLU T 108 28.00 5.43 63.80
C GLU T 108 27.91 5.82 65.27
N VAL T 109 26.77 6.32 65.72
CA VAL T 109 26.46 6.53 67.17
C VAL T 109 25.79 5.25 67.67
N VAL T 110 26.50 4.48 68.52
CA VAL T 110 26.04 3.14 68.97
C VAL T 110 25.05 3.33 70.12
N GLY T 111 24.03 2.47 70.19
CA GLY T 111 23.09 2.38 71.32
C GLY T 111 21.99 3.41 71.25
N ILE T 112 21.65 3.90 70.06
CA ILE T 112 20.49 4.81 69.86
C ILE T 112 19.23 4.07 70.32
N SER T 113 19.11 2.78 70.03
CA SER T 113 17.93 1.95 70.39
C SER T 113 17.74 1.89 71.91
N SER T 114 18.80 2.17 72.69
CA SER T 114 18.77 2.12 74.18
C SER T 114 17.74 3.12 74.72
N MET T 115 17.44 4.18 73.96
CA MET T 115 16.56 5.30 74.37
C MET T 115 15.08 4.90 74.29
N LEU T 116 14.73 3.85 73.54
CA LEU T 116 13.32 3.36 73.49
C LEU T 116 13.02 2.57 74.77
N ASN T 117 12.89 3.28 75.88
CA ASN T 117 12.85 2.75 77.26
C ASN T 117 12.02 3.72 78.12
N MET T 118 10.80 3.32 78.46
CA MET T 118 9.84 4.16 79.23
C MET T 118 9.54 3.50 80.58
N HIS T 119 10.43 2.63 81.07
CA HIS T 119 10.22 1.85 82.32
C HIS T 119 11.37 2.03 83.32
N SER T 120 12.51 2.60 82.92
CA SER T 120 13.71 2.72 83.79
C SER T 120 13.72 4.08 84.49
N TYR T 121 12.72 4.29 85.36
CA TYR T 121 12.67 5.32 86.45
C TYR T 121 12.52 6.74 85.89
N GLY T 122 12.09 6.89 84.63
CA GLY T 122 11.90 8.22 84.03
C GLY T 122 10.71 8.94 84.66
N LEU T 123 10.78 10.26 84.77
CA LEU T 123 9.62 11.11 85.16
C LEU T 123 8.41 10.69 84.31
N ARG T 124 7.27 10.38 84.93
CA ARG T 124 6.15 9.72 84.24
C ARG T 124 5.23 10.77 83.60
N ALA T 125 4.71 10.46 82.41
CA ALA T 125 3.85 11.36 81.61
C ALA T 125 2.41 11.21 82.08
N PHE T 126 1.55 12.15 81.68
CA PHE T 126 0.10 12.14 81.93
C PHE T 126 -0.16 12.00 83.44
N GLY T 127 0.43 12.94 84.20
CA GLY T 127 0.21 13.15 85.64
C GLY T 127 0.62 11.95 86.49
N GLY T 128 1.59 11.16 86.03
CA GLY T 128 2.20 10.07 86.82
C GLY T 128 1.67 8.68 86.46
N TYR T 129 0.62 8.60 85.64
CA TYR T 129 -0.04 7.32 85.25
C TYR T 129 0.59 6.73 83.99
N GLY T 130 1.23 7.56 83.16
CA GLY T 130 1.89 7.12 81.91
C GLY T 130 3.26 6.50 82.16
N GLY T 131 4.04 6.31 81.09
CA GLY T 131 5.41 5.77 81.13
C GLY T 131 6.46 6.85 81.40
N GLY T 132 7.70 6.44 81.64
CA GLY T 132 8.83 7.35 81.91
C GLY T 132 9.26 8.13 80.66
N TYR T 133 9.70 9.36 80.85
CA TYR T 133 10.32 10.22 79.81
C TYR T 133 11.56 9.50 79.26
N THR T 134 11.57 9.25 77.95
CA THR T 134 12.80 8.90 77.18
C THR T 134 13.75 10.09 77.24
N ILE T 135 15.04 9.85 77.04
CA ILE T 135 16.06 10.94 77.04
C ILE T 135 15.53 12.09 76.19
N GLU T 136 15.67 13.32 76.68
CA GLU T 136 15.33 14.54 75.91
C GLU T 136 16.12 15.74 76.42
N GLY T 137 15.94 16.89 75.75
CA GLY T 137 16.60 18.16 76.06
C GLY T 137 17.69 18.49 75.04
N SER T 138 18.48 19.51 75.33
CA SER T 138 19.59 20.00 74.47
C SER T 138 20.61 18.86 74.30
N HIS T 139 21.16 18.73 73.09
CA HIS T 139 22.11 17.65 72.71
C HIS T 139 23.14 18.17 71.71
N ILE T 140 24.29 17.51 71.65
CA ILE T 140 25.38 17.79 70.67
C ILE T 140 25.90 16.45 70.15
N HIS T 141 26.09 16.36 68.83
CA HIS T 141 26.72 15.20 68.17
C HIS T 141 27.86 15.72 67.31
N PHE T 142 29.05 15.16 67.50
CA PHE T 142 30.29 15.69 66.88
C PHE T 142 31.36 14.61 66.80
N PHE T 143 32.08 14.57 65.67
CA PHE T 143 33.27 13.70 65.51
C PHE T 143 34.29 14.40 64.63
N SER T 144 35.56 14.09 64.85
CA SER T 144 36.67 14.56 63.98
C SER T 144 37.64 13.40 63.73
N VAL T 145 38.19 13.35 62.52
CA VAL T 145 39.34 12.49 62.12
C VAL T 145 40.47 13.43 61.70
N GLY T 146 41.69 13.15 62.15
CA GLY T 146 42.82 14.09 62.02
C GLY T 146 44.16 13.37 62.03
N GLY T 147 45.17 14.03 61.48
CA GLY T 147 46.56 13.53 61.46
C GLY T 147 47.36 14.02 62.65
N GLU T 148 46.69 14.73 63.56
CA GLU T 148 47.31 15.32 64.76
C GLU T 148 46.19 15.71 65.72
N PRO T 149 46.53 16.05 66.98
CA PRO T 149 45.51 16.55 67.92
C PRO T 149 44.64 17.68 67.33
N LEU T 150 43.33 17.64 67.62
CA LEU T 150 42.33 18.62 67.14
C LEU T 150 42.59 19.97 67.82
N ASP T 151 42.63 21.06 67.05
CA ASP T 151 42.80 22.45 67.56
C ASP T 151 41.49 22.96 68.17
N LEU T 152 41.53 23.44 69.41
CA LEU T 152 40.38 23.94 70.20
C LEU T 152 40.52 25.46 70.42
N GLN T 153 39.42 26.19 70.19
CA GLN T 153 39.26 27.64 70.52
C GLN T 153 38.41 27.73 71.78
N GLY T 154 38.82 28.59 72.72
CA GLY T 154 38.10 28.84 73.97
C GLY T 154 36.90 29.75 73.74
N LEU T 155 35.71 29.27 74.09
CA LEU T 155 34.49 30.08 74.17
C LEU T 155 33.47 29.36 75.07
N MET T 156 32.92 30.10 76.04
CA MET T 156 32.05 29.59 77.13
C MET T 156 30.92 30.58 77.40
N GLN T 157 29.84 30.11 78.06
CA GLN T 157 28.65 30.94 78.39
C GLN T 157 28.97 31.88 79.56
N ASN T 158 29.77 31.42 80.53
CA ASN T 158 30.07 32.18 81.77
C ASN T 158 31.58 32.14 82.07
N HIS T 159 32.27 33.27 81.86
CA HIS T 159 33.75 33.36 82.03
C HIS T 159 34.15 32.94 83.43
N SER T 160 33.28 33.15 84.42
CA SER T 160 33.61 32.96 85.86
C SER T 160 33.50 31.48 86.25
N THR T 161 32.95 30.61 85.38
CA THR T 161 32.75 29.17 85.72
C THR T 161 34.06 28.61 86.25
N GLN T 162 34.00 27.81 87.32
CA GLN T 162 35.18 27.17 87.98
C GLN T 162 35.13 25.67 87.69
N TYR T 163 36.07 25.19 86.87
CA TYR T 163 36.17 23.74 86.52
C TYR T 163 37.11 23.08 87.52
N PRO T 164 36.65 22.01 88.21
CA PRO T 164 37.52 21.27 89.12
C PRO T 164 38.68 20.60 88.37
N SER T 165 39.84 20.46 89.01
CA SER T 165 40.94 19.59 88.54
C SER T 165 40.42 18.15 88.47
N PRO T 166 40.83 17.34 87.46
CA PRO T 166 41.83 17.70 86.47
C PRO T 166 41.35 18.34 85.16
N LEU T 167 40.09 18.78 85.09
CA LEU T 167 39.52 19.41 83.87
C LEU T 167 40.36 20.65 83.52
N VAL T 168 40.38 21.02 82.25
CA VAL T 168 41.11 22.20 81.71
C VAL T 168 40.12 23.09 80.98
N GLY T 169 40.12 24.39 81.31
CA GLY T 169 39.26 25.40 80.68
C GLY T 169 40.09 26.58 80.20
N PRO T 170 39.51 27.48 79.40
CA PRO T 170 40.26 28.61 78.85
C PRO T 170 40.89 29.42 79.99
N LYS T 171 42.20 29.63 79.93
CA LYS T 171 42.95 30.50 80.87
C LYS T 171 43.90 31.34 80.01
N LYS T 172 44.08 32.62 80.34
CA LYS T 172 45.24 33.45 79.85
C LYS T 172 46.51 32.86 80.44
N PRO T 173 47.71 33.31 80.03
CA PRO T 173 48.97 32.73 80.54
C PRO T 173 49.09 32.85 82.07
N ASP T 174 48.53 33.91 82.65
CA ASP T 174 48.63 34.24 84.11
C ASP T 174 47.66 33.40 84.95
N GLY T 175 46.72 32.66 84.35
CA GLY T 175 45.75 31.80 85.07
C GLY T 175 44.34 32.38 85.13
N THR T 176 44.18 33.68 84.91
CA THR T 176 42.88 34.43 84.84
C THR T 176 42.06 33.97 83.65
N THR T 177 40.80 34.42 83.58
CA THR T 177 39.81 34.16 82.51
C THR T 177 38.83 35.34 82.47
N ASP T 178 39.03 36.32 81.59
CA ASP T 178 38.24 37.58 81.58
C ASP T 178 36.95 37.38 80.76
N ASP T 179 36.21 38.48 80.54
CA ASP T 179 34.86 38.47 79.90
C ASP T 179 34.97 38.07 78.42
N SER T 180 36.14 38.28 77.80
CA SER T 180 36.38 38.04 76.36
C SER T 180 36.16 36.56 76.01
N ALA T 181 36.34 35.66 76.98
CA ALA T 181 36.17 34.19 76.80
C ALA T 181 34.71 33.82 76.52
N GLN T 182 33.79 34.80 76.50
CA GLN T 182 32.36 34.57 76.14
C GLN T 182 32.18 34.84 74.65
N VAL T 183 33.18 35.43 74.02
CA VAL T 183 33.23 35.66 72.54
C VAL T 183 34.55 35.07 72.04
N LEU T 184 35.02 35.48 70.87
CA LEU T 184 36.31 34.99 70.31
C LEU T 184 37.43 35.90 70.79
N ASN T 185 38.36 35.32 71.56
CA ASN T 185 39.68 35.93 71.85
C ASN T 185 40.74 34.88 71.54
N PRO T 186 41.57 35.12 70.50
CA PRO T 186 42.61 34.17 70.10
C PRO T 186 43.53 33.70 71.23
N ILE T 187 43.61 34.43 72.34
CA ILE T 187 44.49 34.09 73.50
C ILE T 187 44.08 32.72 74.07
N TYR T 188 42.82 32.31 73.90
CA TYR T 188 42.25 31.07 74.50
C TYR T 188 42.25 29.95 73.46
N LYS T 189 43.33 29.18 73.39
CA LYS T 189 43.50 28.06 72.44
C LYS T 189 44.12 26.87 73.18
N ALA T 190 43.86 25.67 72.66
CA ALA T 190 44.33 24.40 73.27
C ALA T 190 44.26 23.29 72.22
N LYS T 191 45.03 22.23 72.45
CA LYS T 191 45.03 21.00 71.62
C LYS T 191 44.30 19.94 72.44
N LEU T 192 43.31 19.28 71.82
CA LEU T 192 42.55 18.15 72.44
C LEU T 192 43.48 16.95 72.57
N ASP T 193 44.34 16.95 73.58
CA ASP T 193 45.47 15.99 73.71
C ASP T 193 45.25 15.03 74.89
N LYS T 194 44.04 14.97 75.47
CA LYS T 194 43.73 14.08 76.61
C LYS T 194 42.21 13.82 76.65
N ASP T 195 41.82 12.56 76.77
CA ASP T 195 40.42 12.10 76.91
C ASP T 195 39.82 12.71 78.18
N ALA T 196 38.51 12.94 78.19
CA ALA T 196 37.70 13.21 79.40
C ALA T 196 38.26 14.41 80.18
N THR T 197 38.83 15.40 79.49
CA THR T 197 39.59 16.50 80.14
C THR T 197 39.07 17.88 79.71
N TYR T 198 38.76 18.06 78.43
CA TYR T 198 38.34 19.36 77.85
C TYR T 198 36.82 19.42 77.82
N PRO T 199 36.18 20.27 78.63
CA PRO T 199 34.72 20.36 78.63
C PRO T 199 34.20 20.84 77.28
N ILE T 200 33.13 20.20 76.80
CA ILE T 200 32.41 20.59 75.55
C ILE T 200 32.00 22.07 75.66
N GLU T 201 31.69 22.56 76.87
CA GLU T 201 30.96 23.84 77.06
C GLU T 201 31.91 25.05 76.95
N CYS T 202 33.23 24.86 77.03
CA CYS T 202 34.21 25.98 76.99
C CYS T 202 35.17 25.87 75.81
N TRP T 203 35.09 24.77 75.03
CA TRP T 203 36.00 24.48 73.89
C TRP T 203 35.20 24.08 72.65
N CYS T 204 35.39 24.79 71.53
CA CYS T 204 34.85 24.40 70.21
C CYS T 204 36.03 24.15 69.26
N PRO T 205 35.83 23.38 68.16
CA PRO T 205 36.90 23.21 67.16
C PRO T 205 37.26 24.59 66.58
N ASP T 206 38.56 24.88 66.50
CA ASP T 206 39.14 26.16 66.01
C ASP T 206 39.09 26.16 64.49
N PRO T 207 38.24 27.00 63.86
CA PRO T 207 38.14 27.04 62.40
C PRO T 207 39.31 27.79 61.74
N SER T 208 40.15 28.47 62.52
CA SER T 208 41.36 29.20 62.06
C SER T 208 42.53 28.23 61.88
N ARG T 209 42.39 27.00 62.39
CA ARG T 209 43.45 25.96 62.33
C ARG T 209 42.83 24.66 61.81
N ASN T 210 43.21 23.52 62.39
CA ASN T 210 42.68 22.18 62.01
C ASN T 210 42.84 21.94 60.51
N GLU T 211 43.89 22.48 59.88
CA GLU T 211 44.20 22.24 58.44
C GLU T 211 44.32 20.73 58.20
N ASN T 212 44.89 19.99 59.16
CA ASN T 212 45.20 18.53 59.03
C ASN T 212 44.15 17.71 59.79
N SER T 213 42.93 18.23 59.97
CA SER T 213 41.80 17.52 60.63
C SER T 213 40.48 17.85 59.91
N ARG T 214 39.55 16.89 59.89
CA ARG T 214 38.17 17.09 59.38
C ARG T 214 37.20 16.90 60.56
N TYR T 215 36.40 17.91 60.89
CA TYR T 215 35.44 17.85 62.01
C TYR T 215 34.03 18.22 61.53
N PHE T 216 33.04 17.65 62.21
CA PHE T 216 31.59 17.75 61.89
C PHE T 216 30.78 17.71 63.18
N GLY T 217 29.97 18.75 63.42
CA GLY T 217 29.18 18.88 64.67
C GLY T 217 27.80 19.46 64.41
N SER T 218 26.85 19.05 65.23
CA SER T 218 25.45 19.55 65.22
C SER T 218 24.93 19.64 66.66
N TYR T 219 24.56 20.85 67.08
CA TYR T 219 23.94 21.13 68.42
C TYR T 219 22.47 21.52 68.19
N THR T 220 21.59 20.96 69.04
CA THR T 220 20.17 21.34 69.16
C THR T 220 19.92 21.71 70.62
N GLY T 221 19.23 22.84 70.86
CA GLY T 221 18.91 23.32 72.23
C GLY T 221 17.52 22.92 72.68
N GLY T 222 16.95 23.67 73.63
CA GLY T 222 15.58 23.49 74.13
C GLY T 222 15.53 22.62 75.36
N VAL T 223 14.43 22.71 76.11
CA VAL T 223 14.28 22.11 77.46
C VAL T 223 13.90 20.63 77.31
N GLU T 224 12.93 20.35 76.42
CA GLU T 224 12.33 19.01 76.24
C GLU T 224 12.48 18.48 74.82
N THR T 225 13.45 19.04 74.07
CA THR T 225 13.63 18.78 72.61
C THR T 225 13.85 17.29 72.39
N PRO T 226 13.11 16.64 71.46
CA PRO T 226 13.26 15.22 71.22
C PRO T 226 14.53 14.99 70.41
N PRO T 227 15.41 14.04 70.78
CA PRO T 227 16.55 13.69 69.96
C PRO T 227 16.09 12.94 68.71
N VAL T 228 16.70 13.25 67.56
CA VAL T 228 16.50 12.53 66.27
C VAL T 228 17.87 11.99 65.83
N LEU T 229 18.03 10.67 65.84
CA LEU T 229 19.31 10.00 65.52
C LEU T 229 19.04 8.83 64.57
N SER T 230 19.85 8.75 63.50
CA SER T 230 19.78 7.68 62.47
C SER T 230 21.00 6.77 62.58
N PHE T 231 20.86 5.53 62.14
CA PHE T 231 21.97 4.55 62.14
C PHE T 231 21.86 3.63 60.91
N THR T 232 23.01 3.39 60.28
CA THR T 232 23.17 2.56 59.05
C THR T 232 24.65 2.21 58.87
N ASN T 233 24.95 1.07 58.24
CA ASN T 233 26.36 0.72 57.87
C ASN T 233 26.61 1.05 56.39
N THR T 234 25.70 1.79 55.75
CA THR T 234 25.75 2.10 54.29
C THR T 234 26.16 3.55 54.03
N SER T 235 26.70 4.28 55.01
CA SER T 235 26.99 5.73 54.86
C SER T 235 28.48 5.99 55.07
N THR T 236 29.11 6.73 54.15
CA THR T 236 30.56 7.00 54.10
C THR T 236 30.80 8.50 53.93
N THR T 237 31.76 9.05 54.66
CA THR T 237 32.16 10.47 54.58
C THR T 237 33.56 10.54 53.97
N ILE T 238 33.72 11.25 52.87
CA ILE T 238 35.03 11.49 52.22
C ILE T 238 35.76 12.54 53.06
N LEU T 239 37.05 12.34 53.35
CA LEU T 239 37.86 13.22 54.22
C LEU T 239 38.85 14.03 53.36
N LEU T 240 38.87 13.83 52.04
CA LEU T 240 39.76 14.60 51.13
C LEU T 240 39.26 16.04 51.05
N ASP T 241 40.18 17.01 51.04
CA ASP T 241 39.87 18.45 50.96
C ASP T 241 39.68 18.86 49.50
N GLU T 242 39.54 20.17 49.25
CA GLU T 242 39.32 20.77 47.90
C GLU T 242 40.46 20.37 46.93
N ASN T 243 41.62 19.97 47.45
CA ASN T 243 42.82 19.57 46.64
C ASN T 243 43.06 18.06 46.68
N GLY T 244 42.07 17.25 47.07
CA GLY T 244 42.17 15.78 47.07
C GLY T 244 43.14 15.24 48.12
N VAL T 245 43.49 16.03 49.13
CA VAL T 245 44.39 15.61 50.24
C VAL T 245 43.56 15.34 51.49
N GLY T 246 43.72 14.15 52.08
CA GLY T 246 43.13 13.79 53.38
C GLY T 246 44.06 14.15 54.54
N PRO T 247 43.59 13.99 55.79
CA PRO T 247 44.47 14.14 56.95
C PRO T 247 45.70 13.23 56.83
N LEU T 248 46.90 13.81 57.01
CA LEU T 248 48.19 13.09 57.00
C LEU T 248 48.62 12.81 58.44
N CYS T 249 48.68 11.53 58.82
CA CYS T 249 48.93 11.07 60.21
C CYS T 249 50.41 11.25 60.59
N LYS T 250 50.76 12.39 61.20
CA LYS T 250 52.11 12.64 61.79
C LYS T 250 52.42 11.55 62.81
N GLY T 251 53.68 11.14 62.90
CA GLY T 251 54.16 10.10 63.85
C GLY T 251 53.40 8.79 63.71
N ASP T 252 52.78 8.54 62.55
CA ASP T 252 52.02 7.29 62.26
C ASP T 252 50.92 7.12 63.31
N GLY T 253 50.20 8.22 63.61
CA GLY T 253 49.11 8.26 64.59
C GLY T 253 47.85 8.91 64.04
N LEU T 254 46.73 8.17 64.10
CA LEU T 254 45.38 8.66 63.71
C LEU T 254 44.67 9.22 64.95
N TYR T 255 44.24 10.49 64.90
CA TYR T 255 43.56 11.20 66.00
C TYR T 255 42.05 11.21 65.76
N LEU T 256 41.32 10.46 66.61
CA LEU T 256 39.83 10.42 66.67
C LEU T 256 39.35 11.24 67.87
N SER T 257 38.27 12.00 67.67
CA SER T 257 37.55 12.78 68.70
C SER T 257 36.05 12.58 68.52
N SER T 258 35.30 12.63 69.62
CA SER T 258 33.85 12.33 69.71
C SER T 258 33.23 13.23 70.79
N ALA T 259 31.97 13.60 70.59
CA ALA T 259 31.11 14.28 71.59
C ALA T 259 29.66 13.95 71.25
N ASP T 260 29.07 12.97 71.94
CA ASP T 260 27.68 12.53 71.67
C ASP T 260 26.88 12.51 72.97
N VAL T 261 26.41 13.70 73.35
CA VAL T 261 25.48 13.94 74.48
C VAL T 261 24.07 13.94 73.89
N ALA T 262 23.38 12.81 74.01
CA ALA T 262 22.09 12.52 73.33
C ALA T 262 20.99 13.44 73.85
N GLY T 263 21.19 13.93 75.08
CA GLY T 263 20.23 14.75 75.84
C GLY T 263 20.35 14.49 77.33
N THR T 264 19.28 14.73 78.09
CA THR T 264 19.24 14.49 79.55
C THR T 264 18.27 13.35 79.86
N PHE T 265 18.54 12.63 80.95
CA PHE T 265 17.59 11.72 81.62
C PHE T 265 16.91 12.48 82.77
N VAL T 266 15.57 12.50 82.78
CA VAL T 266 14.74 13.22 83.80
C VAL T 266 14.19 12.16 84.76
N GLN T 267 14.74 12.09 85.97
CA GLN T 267 14.37 11.04 86.96
C GLN T 267 13.03 11.35 87.62
N GLN T 268 12.19 10.34 87.76
CA GLN T 268 10.88 10.42 88.46
C GLN T 268 11.13 10.81 89.93
N THR T 269 10.20 11.56 90.52
CA THR T 269 10.15 11.87 91.96
C THR T 269 11.19 12.96 92.28
N SER T 270 12.49 12.71 92.09
CA SER T 270 13.55 13.72 92.30
C SER T 270 13.35 14.91 91.35
N GLN T 271 12.90 14.62 90.12
CA GLN T 271 12.79 15.58 88.98
C GLN T 271 14.16 16.21 88.69
N LYS T 272 15.24 15.48 89.00
CA LYS T 272 16.64 15.88 88.68
C LYS T 272 17.00 15.37 87.28
N GLN T 273 17.98 16.02 86.65
CA GLN T 273 18.40 15.77 85.25
C GLN T 273 19.86 15.30 85.23
N TYR T 274 20.12 14.32 84.38
CA TYR T 274 21.45 13.70 84.18
C TYR T 274 21.76 13.71 82.67
N TRP T 275 22.92 14.22 82.30
CA TRP T 275 23.47 14.12 80.92
C TRP T 275 23.60 12.64 80.57
N ARG T 276 23.20 12.27 79.35
CA ARG T 276 23.29 10.88 78.80
C ARG T 276 24.18 10.91 77.56
N GLY T 277 25.33 10.22 77.63
CA GLY T 277 26.28 10.12 76.50
C GLY T 277 26.11 8.81 75.75
N LEU T 278 26.52 8.78 74.48
CA LEU T 278 26.50 7.55 73.67
C LEU T 278 27.88 7.35 73.02
N PRO T 279 28.30 6.09 72.79
CA PRO T 279 29.59 5.82 72.16
C PRO T 279 29.51 6.01 70.64
N ARG T 280 30.67 6.22 70.01
CA ARG T 280 30.79 6.45 68.54
C ARG T 280 31.78 5.45 67.95
N TYR T 281 31.32 4.65 66.99
CA TYR T 281 32.14 3.71 66.17
C TYR T 281 32.79 4.51 65.04
N PHE T 282 34.05 4.22 64.76
CA PHE T 282 34.80 4.73 63.59
C PHE T 282 35.31 3.56 62.76
N ASN T 283 35.25 3.71 61.43
CA ASN T 283 35.89 2.80 60.44
C ASN T 283 36.59 3.68 59.41
N ILE T 284 37.90 3.89 59.56
CA ILE T 284 38.68 4.81 58.70
C ILE T 284 39.44 3.98 57.67
N THR T 285 39.44 4.43 56.41
CA THR T 285 40.27 3.90 55.30
C THR T 285 41.41 4.87 55.04
N LEU T 286 42.65 4.37 55.06
CA LEU T 286 43.87 5.17 54.82
C LEU T 286 44.67 4.53 53.67
N ARG T 287 45.46 5.36 52.98
CA ARG T 287 46.34 4.98 51.85
C ARG T 287 47.72 5.62 52.10
N LYS T 288 48.80 5.02 51.61
CA LYS T 288 50.18 5.57 51.77
C LYS T 288 50.31 6.78 50.85
N ARG T 289 50.94 7.86 51.33
CA ARG T 289 51.14 9.12 50.57
C ARG T 289 52.56 9.61 50.83
N ALA T 290 53.21 10.15 49.80
CA ALA T 290 54.62 10.60 49.80
C ALA T 290 54.66 12.09 50.12
N VAL T 291 55.64 12.50 50.93
CA VAL T 291 55.80 13.90 51.38
C VAL T 291 57.31 14.24 51.39
N LYS T 292 57.66 15.50 51.12
CA LYS T 292 59.05 16.01 51.14
C LYS T 292 59.46 16.24 52.59
N ASN T 293 60.72 15.89 52.91
CA ASN T 293 61.37 16.03 54.24
C ASN T 293 61.01 14.81 55.12
N ILE U 26 -24.73 9.27 30.45
CA ILE U 26 -25.41 10.35 31.22
C ILE U 26 -26.49 9.72 32.12
N GLU U 27 -26.86 10.35 33.25
CA GLU U 27 -28.08 10.00 34.04
C GLU U 27 -29.24 10.88 33.55
N VAL U 28 -30.28 10.28 32.96
CA VAL U 28 -31.41 10.98 32.31
C VAL U 28 -32.53 11.20 33.33
N LEU U 29 -33.02 12.43 33.47
CA LEU U 29 -34.01 12.83 34.49
C LEU U 29 -35.34 13.19 33.80
N ASP U 30 -36.14 14.07 34.41
CA ASP U 30 -37.51 14.44 33.97
C ASP U 30 -37.46 15.17 32.62
N VAL U 31 -38.51 15.03 31.82
CA VAL U 31 -38.77 15.86 30.61
C VAL U 31 -39.25 17.25 31.06
N LYS U 32 -38.46 18.30 30.91
CA LYS U 32 -38.95 19.68 31.17
C LYS U 32 -40.15 19.93 30.23
N THR U 33 -41.26 20.46 30.74
CA THR U 33 -42.44 20.88 29.95
C THR U 33 -42.79 22.32 30.31
N GLY U 34 -43.48 23.01 29.42
CA GLY U 34 -43.84 24.44 29.54
C GLY U 34 -43.82 25.11 28.18
N PRO U 35 -43.95 26.44 28.11
CA PRO U 35 -43.77 27.16 26.83
C PRO U 35 -42.29 27.14 26.44
N ASP U 36 -42.00 27.02 25.15
CA ASP U 36 -40.63 27.01 24.57
C ASP U 36 -39.83 25.84 25.16
N SER U 37 -40.47 24.69 25.39
CA SER U 37 -39.82 23.42 25.82
C SER U 37 -39.68 22.47 24.63
N THR U 38 -40.36 22.75 23.51
CA THR U 38 -40.23 22.00 22.23
C THR U 38 -39.84 22.96 21.10
N THR U 39 -39.08 22.46 20.12
CA THR U 39 -38.75 23.17 18.86
C THR U 39 -38.68 22.14 17.73
N THR U 40 -38.89 22.59 16.49
CA THR U 40 -38.72 21.76 15.26
C THR U 40 -37.61 22.38 14.40
N ILE U 41 -36.72 21.55 13.85
CA ILE U 41 -35.68 21.99 12.87
C ILE U 41 -35.97 21.32 11.52
N GLU U 42 -35.90 22.11 10.44
CA GLU U 42 -35.93 21.66 9.02
C GLU U 42 -34.51 21.72 8.47
N ALA U 43 -34.09 20.67 7.76
CA ALA U 43 -32.77 20.58 7.10
C ALA U 43 -32.89 19.68 5.86
N TYR U 44 -31.93 19.79 4.94
CA TYR U 44 -31.75 18.84 3.81
C TYR U 44 -30.26 18.49 3.71
N LEU U 45 -30.00 17.26 3.29
CA LEU U 45 -28.64 16.81 2.87
C LEU U 45 -28.68 16.49 1.39
N ASN U 46 -27.97 17.27 0.57
CA ASN U 46 -27.71 16.97 -0.86
C ASN U 46 -26.78 15.76 -0.91
N PRO U 47 -26.88 14.91 -1.96
CA PRO U 47 -26.09 13.69 -2.02
C PRO U 47 -24.61 13.99 -2.30
N ARG U 48 -23.72 13.07 -1.91
CA ARG U 48 -22.26 13.18 -2.17
C ARG U 48 -21.80 11.90 -2.86
N VAL U 49 -22.18 11.76 -4.14
CA VAL U 49 -21.92 10.56 -4.97
C VAL U 49 -20.55 10.69 -5.66
N GLY U 50 -19.81 11.76 -5.42
CA GLY U 50 -18.45 12.00 -5.93
C GLY U 50 -18.31 13.37 -6.57
N GLN U 51 -19.41 13.90 -7.10
CA GLN U 51 -19.55 15.34 -7.46
C GLN U 51 -20.76 15.89 -6.72
N ASN U 52 -21.12 17.15 -6.96
CA ASN U 52 -22.07 17.92 -6.10
C ASN U 52 -23.42 18.07 -6.79
N TRP U 53 -23.56 17.65 -8.05
CA TRP U 53 -24.81 17.91 -8.80
C TRP U 53 -25.51 16.58 -9.12
N GLY U 54 -25.32 15.59 -8.24
CA GLY U 54 -26.19 14.41 -8.11
C GLY U 54 -25.77 13.25 -8.98
N PHE U 55 -24.72 13.42 -9.78
CA PHE U 55 -24.09 12.34 -10.58
C PHE U 55 -22.60 12.24 -10.27
N SER U 56 -22.09 11.00 -10.17
CA SER U 56 -20.64 10.69 -10.15
C SER U 56 -20.09 10.86 -11.57
N THR U 57 -18.76 10.82 -11.73
CA THR U 57 -18.11 10.61 -13.05
C THR U 57 -18.22 9.12 -13.38
N GLU U 58 -17.84 8.72 -14.59
CA GLU U 58 -18.06 7.33 -15.07
C GLU U 58 -17.46 6.33 -14.07
N ILE U 59 -18.16 5.22 -13.86
CA ILE U 59 -17.67 4.10 -13.01
C ILE U 59 -16.59 3.37 -13.81
N THR U 60 -15.42 3.16 -13.21
CA THR U 60 -14.24 2.50 -13.84
C THR U 60 -13.99 1.16 -13.16
N VAL U 61 -13.37 0.21 -13.88
CA VAL U 61 -13.08 -1.15 -13.35
C VAL U 61 -11.66 -1.54 -13.78
N ALA U 62 -10.69 -1.41 -12.87
CA ALA U 62 -9.32 -1.90 -13.05
C ALA U 62 -9.36 -3.32 -13.63
N SER U 63 -8.43 -3.65 -14.54
CA SER U 63 -8.24 -5.03 -15.04
C SER U 63 -7.75 -5.91 -13.88
N ASN U 64 -8.17 -7.17 -13.82
CA ASN U 64 -7.71 -8.12 -12.77
C ASN U 64 -6.19 -7.97 -12.67
N GLY U 65 -5.63 -7.98 -11.46
CA GLY U 65 -4.18 -7.93 -11.23
C GLY U 65 -3.60 -6.52 -11.23
N TYR U 66 -4.36 -5.52 -11.73
CA TYR U 66 -3.99 -4.08 -11.66
C TYR U 66 -4.49 -3.47 -10.34
N ASN U 67 -3.90 -2.36 -9.92
CA ASN U 67 -4.34 -1.61 -8.71
C ASN U 67 -5.82 -1.23 -8.84
N ASP U 68 -6.60 -1.48 -7.78
CA ASP U 68 -8.01 -1.01 -7.65
C ASP U 68 -7.97 0.40 -7.10
N ALA U 69 -7.89 1.41 -7.97
CA ALA U 69 -7.71 2.83 -7.58
C ALA U 69 -8.71 3.68 -8.34
N PRO U 70 -9.99 3.70 -7.89
CA PRO U 70 -11.02 4.48 -8.57
C PRO U 70 -10.80 5.97 -8.34
N HIS U 71 -11.40 6.79 -9.21
CA HIS U 71 -11.35 8.28 -9.16
C HIS U 71 -12.14 8.79 -7.96
N LEU U 72 -11.59 9.81 -7.28
CA LEU U 72 -12.32 10.56 -6.23
C LEU U 72 -13.79 10.73 -6.64
N THR U 73 -14.04 11.16 -7.88
CA THR U 73 -15.39 11.63 -8.32
C THR U 73 -16.30 10.45 -8.75
N GLU U 74 -15.94 9.20 -8.44
CA GLU U 74 -16.81 8.04 -8.77
C GLU U 74 -17.16 7.26 -7.51
N ILE U 75 -16.65 7.68 -6.33
CA ILE U 75 -16.91 7.03 -5.02
C ILE U 75 -17.99 7.80 -4.29
N PRO U 76 -19.22 7.24 -4.16
CA PRO U 76 -20.25 7.84 -3.31
C PRO U 76 -19.92 7.74 -1.82
N CYS U 77 -20.21 8.84 -1.10
CA CYS U 77 -19.94 9.01 0.35
C CYS U 77 -21.23 9.34 1.10
N TYR U 78 -21.20 9.15 2.43
CA TYR U 78 -22.24 9.63 3.36
C TYR U 78 -22.26 11.16 3.35
N SER U 79 -23.45 11.72 3.18
CA SER U 79 -23.75 13.14 3.48
C SER U 79 -23.90 13.27 5.01
N SER U 80 -23.41 14.36 5.61
CA SER U 80 -23.50 14.61 7.06
C SER U 80 -23.50 16.11 7.32
N ALA U 81 -24.18 16.52 8.39
CA ALA U 81 -24.27 17.93 8.84
C ALA U 81 -24.56 17.91 10.34
N ARG U 82 -24.02 18.90 11.07
CA ARG U 82 -24.40 19.20 12.47
C ARG U 82 -25.19 20.51 12.43
N ILE U 83 -26.47 20.46 12.77
CA ILE U 83 -27.33 21.67 12.92
C ILE U 83 -27.13 22.21 14.34
N SER U 84 -26.88 23.52 14.45
CA SER U 84 -26.75 24.26 15.73
C SER U 84 -28.14 24.49 16.32
N LEU U 85 -28.36 24.04 17.56
CA LEU U 85 -29.63 24.18 18.31
C LEU U 85 -29.51 25.39 19.24
N PRO U 86 -30.64 25.98 19.72
CA PRO U 86 -30.59 27.06 20.72
C PRO U 86 -29.81 26.69 21.98
N LEU U 87 -28.99 27.62 22.50
CA LEU U 87 -28.16 27.39 23.73
C LEU U 87 -29.11 27.18 24.91
N LEU U 88 -28.84 26.20 25.78
CA LEU U 88 -29.72 25.86 26.93
C LEU U 88 -29.09 26.25 28.27
N ASN U 89 -28.46 27.41 28.42
CA ASN U 89 -27.81 27.84 29.67
C ASN U 89 -28.73 28.85 30.36
N THR U 96 -29.46 18.21 36.14
CA THR U 96 -28.83 19.50 36.50
C THR U 96 -28.66 20.38 35.25
N LEU U 97 -28.43 19.77 34.08
CA LEU U 97 -28.32 20.45 32.77
C LEU U 97 -29.56 20.09 31.94
N LEU U 98 -29.86 20.93 30.94
CA LEU U 98 -30.85 20.65 29.89
C LEU U 98 -30.14 20.32 28.57
N MET U 99 -30.49 19.18 27.96
CA MET U 99 -30.09 18.79 26.59
C MET U 99 -31.35 18.70 25.72
N TRP U 100 -31.26 19.05 24.44
CA TRP U 100 -32.35 18.80 23.47
C TRP U 100 -32.45 17.30 23.20
N GLU U 101 -33.68 16.78 23.20
CA GLU U 101 -34.01 15.35 22.95
C GLU U 101 -34.79 15.27 21.64
N ALA U 102 -34.23 14.63 20.63
CA ALA U 102 -34.90 14.38 19.33
C ALA U 102 -35.99 13.33 19.55
N VAL U 103 -37.25 13.69 19.34
CA VAL U 103 -38.41 12.83 19.69
C VAL U 103 -38.84 12.07 18.45
N SER U 104 -39.03 12.78 17.34
CA SER U 104 -39.60 12.24 16.08
C SER U 104 -38.90 12.86 14.88
N VAL U 105 -39.04 12.24 13.69
CA VAL U 105 -38.54 12.82 12.41
C VAL U 105 -39.52 12.45 11.29
N LYS U 106 -39.93 13.46 10.52
CA LYS U 106 -40.53 13.32 9.18
C LYS U 106 -39.37 13.46 8.18
N THR U 107 -39.06 12.41 7.41
CA THR U 107 -37.95 12.42 6.41
C THR U 107 -38.47 11.98 5.05
N GLU U 108 -37.92 12.55 3.98
CA GLU U 108 -38.39 12.39 2.58
C GLU U 108 -37.17 12.36 1.67
N VAL U 109 -37.17 11.50 0.65
CA VAL U 109 -36.17 11.52 -0.45
C VAL U 109 -36.73 12.41 -1.57
N VAL U 110 -36.13 13.60 -1.76
CA VAL U 110 -36.64 14.66 -2.67
C VAL U 110 -36.22 14.31 -4.10
N GLY U 111 -37.10 14.59 -5.07
CA GLY U 111 -36.80 14.48 -6.51
C GLY U 111 -36.90 13.06 -7.04
N ILE U 112 -37.69 12.21 -6.40
CA ILE U 112 -37.99 10.84 -6.92
C ILE U 112 -38.62 11.00 -8.31
N SER U 113 -39.51 11.98 -8.49
CA SER U 113 -40.24 12.21 -9.77
C SER U 113 -39.25 12.55 -10.90
N SER U 114 -38.03 12.98 -10.57
CA SER U 114 -36.98 13.35 -11.57
C SER U 114 -36.63 12.15 -12.45
N MET U 115 -36.85 10.93 -11.95
CA MET U 115 -36.45 9.66 -12.62
C MET U 115 -37.44 9.31 -13.73
N LEU U 116 -38.66 9.87 -13.74
CA LEU U 116 -39.62 9.64 -14.85
C LEU U 116 -39.20 10.49 -16.05
N ASN U 117 -38.12 10.05 -16.72
CA ASN U 117 -37.38 10.81 -17.76
C ASN U 117 -36.72 9.80 -18.69
N MET U 118 -37.27 9.66 -19.91
CA MET U 118 -36.78 8.67 -20.91
C MET U 118 -36.26 9.41 -22.15
N HIS U 119 -35.86 10.67 -22.01
CA HIS U 119 -35.43 11.54 -23.14
C HIS U 119 -34.04 12.15 -22.89
N SER U 120 -33.51 12.10 -21.67
CA SER U 120 -32.21 12.76 -21.32
C SER U 120 -31.05 11.76 -21.46
N TYR U 121 -30.80 11.33 -22.70
CA TYR U 121 -29.56 10.69 -23.20
C TYR U 121 -29.38 9.27 -22.66
N GLY U 122 -30.43 8.64 -22.15
CA GLY U 122 -30.34 7.27 -21.60
C GLY U 122 -30.14 6.27 -22.73
N LEU U 123 -29.40 5.19 -22.46
CA LEU U 123 -29.31 4.03 -23.39
C LEU U 123 -30.72 3.64 -23.82
N ARG U 124 -30.98 3.53 -25.12
CA ARG U 124 -32.37 3.41 -25.64
C ARG U 124 -32.80 1.94 -25.69
N ALA U 125 -34.05 1.68 -25.35
CA ALA U 125 -34.64 0.32 -25.27
C ALA U 125 -35.10 -0.11 -26.65
N PHE U 126 -35.36 -1.40 -26.81
CA PHE U 126 -35.93 -2.02 -28.04
C PHE U 126 -35.04 -1.66 -29.24
N GLY U 127 -33.75 -2.01 -29.10
CA GLY U 127 -32.72 -1.94 -30.15
C GLY U 127 -32.46 -0.53 -30.66
N GLY U 128 -32.69 0.49 -29.83
CA GLY U 128 -32.33 1.90 -30.13
C GLY U 128 -33.51 2.74 -30.58
N TYR U 129 -34.68 2.13 -30.82
CA TYR U 129 -35.89 2.82 -31.34
C TYR U 129 -36.77 3.32 -30.18
N GLY U 130 -36.65 2.71 -29.00
CA GLY U 130 -37.42 3.09 -27.80
C GLY U 130 -36.85 4.32 -27.11
N GLY U 131 -37.32 4.60 -25.89
CA GLY U 131 -36.86 5.71 -25.02
C GLY U 131 -35.63 5.32 -24.21
N GLY U 132 -35.02 6.30 -23.53
CA GLY U 132 -33.83 6.11 -22.68
C GLY U 132 -34.15 5.35 -21.40
N TYR U 133 -33.21 4.53 -20.93
CA TYR U 133 -33.27 3.84 -19.62
C TYR U 133 -33.40 4.91 -18.51
N THR U 134 -34.46 4.81 -17.71
CA THR U 134 -34.57 5.50 -16.40
C THR U 134 -33.49 4.92 -15.48
N ILE U 135 -33.11 5.68 -14.45
CA ILE U 135 -32.09 5.21 -13.47
C ILE U 135 -32.43 3.79 -13.07
N GLU U 136 -31.43 2.92 -13.01
CA GLU U 136 -31.60 1.52 -12.52
C GLU U 136 -30.27 1.00 -11.96
N GLY U 137 -30.32 -0.20 -11.39
CA GLY U 137 -29.16 -0.91 -10.82
C GLY U 137 -29.22 -0.93 -9.31
N SER U 138 -28.11 -1.37 -8.69
CA SER U 138 -27.95 -1.47 -7.21
C SER U 138 -28.11 -0.07 -6.62
N HIS U 139 -28.77 0.01 -5.45
CA HIS U 139 -29.09 1.28 -4.75
C HIS U 139 -29.06 1.07 -3.24
N ILE U 140 -28.84 2.16 -2.50
CA ILE U 140 -28.90 2.21 -1.01
C ILE U 140 -29.65 3.47 -0.59
N HIS U 141 -30.55 3.32 0.38
CA HIS U 141 -31.26 4.45 1.02
C HIS U 141 -31.08 4.35 2.52
N PHE U 142 -30.61 5.41 3.15
CA PHE U 142 -30.19 5.40 4.56
C PHE U 142 -30.23 6.80 5.16
N PHE U 143 -30.71 6.92 6.41
CA PHE U 143 -30.64 8.18 7.19
C PHE U 143 -30.44 7.85 8.66
N SER U 144 -29.78 8.76 9.39
CA SER U 144 -29.64 8.68 10.86
C SER U 144 -29.89 10.06 11.47
N VAL U 145 -30.52 10.08 12.65
CA VAL U 145 -30.63 11.26 13.55
C VAL U 145 -29.92 10.88 14.86
N GLY U 146 -29.12 11.78 15.39
CA GLY U 146 -28.22 11.48 16.51
C GLY U 146 -27.87 12.72 17.32
N GLY U 147 -27.46 12.50 18.56
CA GLY U 147 -27.02 13.56 19.48
C GLY U 147 -25.52 13.78 19.41
N GLU U 148 -24.86 13.06 18.50
CA GLU U 148 -23.38 13.11 18.32
C GLU U 148 -23.06 12.48 16.97
N PRO U 149 -21.82 12.62 16.49
CA PRO U 149 -21.40 11.94 15.25
C PRO U 149 -21.76 10.45 15.24
N LEU U 150 -22.21 9.96 14.09
CA LEU U 150 -22.60 8.53 13.88
C LEU U 150 -21.35 7.65 13.94
N ASP U 151 -21.39 6.55 14.70
CA ASP U 151 -20.28 5.58 14.82
C ASP U 151 -20.26 4.67 13.59
N LEU U 152 -19.09 4.56 12.93
CA LEU U 152 -18.86 3.77 11.69
C LEU U 152 -17.94 2.60 11.99
N GLN U 153 -18.32 1.41 11.52
CA GLN U 153 -17.49 0.17 11.50
C GLN U 153 -16.95 -0.02 10.08
N GLY U 154 -15.66 -0.35 9.98
CA GLY U 154 -14.98 -0.61 8.70
C GLY U 154 -15.33 -1.99 8.16
N LEU U 155 -15.89 -2.04 6.97
CA LEU U 155 -16.07 -3.29 6.19
C LEU U 155 -16.25 -2.93 4.71
N MET U 156 -15.48 -3.58 3.85
CA MET U 156 -15.34 -3.29 2.40
C MET U 156 -15.24 -4.59 1.61
N GLN U 157 -15.51 -4.54 0.30
CA GLN U 157 -15.49 -5.72 -0.61
C GLN U 157 -14.04 -6.11 -0.93
N ASN U 158 -13.14 -5.13 -1.06
CA ASN U 158 -11.72 -5.35 -1.46
C ASN U 158 -10.78 -4.55 -0.55
N HIS U 159 -10.08 -5.25 0.36
CA HIS U 159 -9.19 -4.60 1.37
C HIS U 159 -8.15 -3.73 0.67
N SER U 160 -7.75 -4.08 -0.56
CA SER U 160 -6.63 -3.44 -1.29
C SER U 160 -7.07 -2.13 -1.94
N THR U 161 -8.38 -1.84 -1.99
CA THR U 161 -8.90 -0.64 -2.69
C THR U 161 -8.11 0.58 -2.19
N GLN U 162 -7.74 1.49 -3.10
CA GLN U 162 -6.96 2.72 -2.80
C GLN U 162 -7.88 3.92 -2.99
N TYR U 163 -8.25 4.59 -1.88
CA TYR U 163 -9.12 5.78 -1.90
C TYR U 163 -8.26 7.02 -2.02
N PRO U 164 -8.51 7.88 -3.04
CA PRO U 164 -7.78 9.14 -3.17
C PRO U 164 -8.04 10.06 -1.99
N SER U 165 -7.05 10.87 -1.58
CA SER U 165 -7.24 12.01 -0.65
C SER U 165 -8.22 12.98 -1.29
N PRO U 166 -9.15 13.64 -0.52
CA PRO U 166 -9.20 13.55 0.94
C PRO U 166 -10.09 12.46 1.56
N LEU U 167 -10.56 11.49 0.78
CA LEU U 167 -11.44 10.39 1.28
C LEU U 167 -10.69 9.63 2.38
N VAL U 168 -11.45 9.02 3.29
CA VAL U 168 -10.91 8.24 4.43
C VAL U 168 -11.51 6.83 4.37
N GLY U 169 -10.65 5.81 4.46
CA GLY U 169 -11.08 4.41 4.47
C GLY U 169 -10.46 3.68 5.67
N PRO U 170 -10.92 2.45 5.95
CA PRO U 170 -10.44 1.69 7.11
C PRO U 170 -8.92 1.56 7.04
N LYS U 171 -8.24 1.95 8.11
CA LYS U 171 -6.79 1.77 8.32
C LYS U 171 -6.61 1.29 9.76
N LYS U 172 -5.70 0.33 10.01
CA LYS U 172 -5.22 0.02 11.37
C LYS U 172 -4.46 1.25 11.90
N PRO U 173 -4.05 1.29 13.18
CA PRO U 173 -3.25 2.40 13.69
C PRO U 173 -1.93 2.60 12.91
N ASP U 174 -1.36 1.52 12.39
CA ASP U 174 -0.04 1.51 11.70
C ASP U 174 -0.16 2.01 10.24
N GLY U 175 -1.37 2.18 9.69
CA GLY U 175 -1.60 2.68 8.31
C GLY U 175 -2.04 1.59 7.35
N THR U 176 -1.75 0.32 7.66
CA THR U 176 -2.08 -0.88 6.83
C THR U 176 -3.60 -1.09 6.76
N THR U 177 -4.02 -2.00 5.87
CA THR U 177 -5.43 -2.45 5.71
C THR U 177 -5.40 -3.91 5.25
N ASP U 178 -5.48 -4.86 6.17
CA ASP U 178 -5.31 -6.31 5.87
C ASP U 178 -6.64 -6.92 5.40
N ASP U 179 -6.67 -8.24 5.23
CA ASP U 179 -7.82 -9.00 4.65
C ASP U 179 -9.02 -8.95 5.60
N SER U 180 -8.80 -8.74 6.89
CA SER U 180 -9.85 -8.75 7.95
C SER U 180 -10.89 -7.65 7.69
N ALA U 181 -10.51 -6.57 7.00
CA ALA U 181 -11.40 -5.44 6.65
C ALA U 181 -12.51 -5.85 5.69
N GLN U 182 -12.54 -7.12 5.24
CA GLN U 182 -13.61 -7.66 4.36
C GLN U 182 -14.68 -8.32 5.24
N VAL U 183 -14.36 -8.50 6.52
CA VAL U 183 -15.31 -9.01 7.54
C VAL U 183 -15.30 -8.01 8.71
N LEU U 184 -15.73 -8.42 9.90
CA LEU U 184 -15.73 -7.53 11.09
C LEU U 184 -14.38 -7.70 11.81
N ASN U 185 -13.63 -6.61 11.87
CA ASN U 185 -12.48 -6.46 12.79
C ASN U 185 -12.64 -5.15 13.55
N PRO U 186 -12.88 -5.20 14.87
CA PRO U 186 -13.09 -4.01 15.68
C PRO U 186 -12.03 -2.91 15.52
N ILE U 187 -10.83 -3.26 15.03
CA ILE U 187 -9.71 -2.30 14.86
C ILE U 187 -10.12 -1.19 13.88
N TYR U 188 -11.08 -1.45 12.97
CA TYR U 188 -11.49 -0.50 11.90
C TYR U 188 -12.77 0.23 12.31
N LYS U 189 -12.62 1.37 12.98
CA LYS U 189 -13.76 2.20 13.47
C LYS U 189 -13.47 3.66 13.18
N ALA U 190 -14.52 4.47 13.05
CA ALA U 190 -14.43 5.90 12.72
C ALA U 190 -15.74 6.59 13.08
N LYS U 191 -15.68 7.91 13.25
CA LYS U 191 -16.87 8.77 13.52
C LYS U 191 -17.14 9.54 12.23
N LEU U 192 -18.39 9.51 11.75
CA LEU U 192 -18.84 10.25 10.55
C LEU U 192 -18.85 11.75 10.86
N ASP U 193 -17.68 12.38 10.84
CA ASP U 193 -17.47 13.76 11.36
C ASP U 193 -17.18 14.74 10.22
N LYS U 194 -17.39 14.36 8.97
CA LYS U 194 -17.12 15.24 7.79
C LYS U 194 -17.98 14.76 6.61
N ASP U 195 -18.68 15.69 5.96
CA ASP U 195 -19.49 15.46 4.74
C ASP U 195 -18.57 14.95 3.62
N ALA U 196 -19.12 14.15 2.70
CA ALA U 196 -18.50 13.84 1.39
C ALA U 196 -17.11 13.23 1.57
N THR U 197 -16.85 12.50 2.65
CA THR U 197 -15.48 12.06 3.04
C THR U 197 -15.42 10.55 3.26
N TYR U 198 -16.43 9.95 3.89
CA TYR U 198 -16.44 8.51 4.26
C TYR U 198 -17.20 7.76 3.17
N PRO U 199 -16.53 6.90 2.38
CA PRO U 199 -17.21 6.16 1.33
C PRO U 199 -18.25 5.19 1.92
N ILE U 200 -19.43 5.15 1.31
CA ILE U 200 -20.51 4.19 1.67
C ILE U 200 -19.96 2.75 1.63
N GLU U 201 -19.01 2.48 0.73
CA GLU U 201 -18.61 1.09 0.37
C GLU U 201 -17.66 0.48 1.40
N CYS U 202 -17.03 1.26 2.27
CA CYS U 202 -16.04 0.75 3.27
C CYS U 202 -16.49 1.02 4.72
N TRP U 203 -17.59 1.73 4.91
CA TRP U 203 -18.12 2.14 6.24
C TRP U 203 -19.61 1.84 6.37
N CYS U 204 -20.00 1.07 7.38
CA CYS U 204 -21.43 0.86 7.75
C CYS U 204 -21.65 1.39 9.16
N PRO U 205 -22.90 1.70 9.57
CA PRO U 205 -23.19 2.08 10.94
C PRO U 205 -22.79 0.94 11.88
N ASP U 206 -22.05 1.29 12.96
CA ASP U 206 -21.53 0.35 13.98
C ASP U 206 -22.66 -0.02 14.93
N PRO U 207 -23.17 -1.27 14.90
CA PRO U 207 -24.26 -1.67 15.79
C PRO U 207 -23.82 -1.93 17.23
N SER U 208 -22.50 -1.95 17.50
CA SER U 208 -21.91 -2.12 18.85
C SER U 208 -21.89 -0.79 19.59
N ARG U 209 -22.16 0.32 18.90
CA ARG U 209 -22.15 1.69 19.46
C ARG U 209 -23.45 2.41 19.05
N ASN U 210 -23.36 3.68 18.69
CA ASN U 210 -24.53 4.50 18.24
C ASN U 210 -25.66 4.43 19.28
N GLU U 211 -25.35 4.33 20.57
CA GLU U 211 -26.35 4.33 21.68
C GLU U 211 -27.18 5.62 21.56
N ASN U 212 -26.54 6.74 21.21
CA ASN U 212 -27.17 8.10 21.18
C ASN U 212 -27.52 8.50 19.74
N SER U 213 -27.74 7.53 18.84
CA SER U 213 -28.15 7.75 17.43
C SER U 213 -29.18 6.69 17.00
N ARG U 214 -30.11 7.08 16.13
CA ARG U 214 -31.08 6.16 15.47
C ARG U 214 -30.79 6.14 13.97
N TYR U 215 -30.49 4.97 13.40
CA TYR U 215 -30.16 4.83 11.96
C TYR U 215 -31.05 3.76 11.32
N PHE U 216 -31.32 3.93 10.03
CA PHE U 216 -32.23 3.11 9.20
C PHE U 216 -31.71 3.05 7.76
N GLY U 217 -31.46 1.85 7.24
CA GLY U 217 -30.86 1.65 5.91
C GLY U 217 -31.45 0.46 5.18
N SER U 218 -31.51 0.55 3.86
CA SER U 218 -31.96 -0.54 2.96
C SER U 218 -31.13 -0.53 1.67
N TYR U 219 -30.44 -1.61 1.38
CA TYR U 219 -29.66 -1.84 0.12
C TYR U 219 -30.37 -2.89 -0.73
N THR U 220 -30.46 -2.64 -2.02
CA THR U 220 -30.89 -3.59 -3.07
C THR U 220 -29.78 -3.69 -4.12
N GLY U 221 -29.41 -4.91 -4.54
CA GLY U 221 -28.36 -5.16 -5.53
C GLY U 221 -28.92 -5.35 -6.94
N GLY U 222 -28.15 -6.02 -7.81
CA GLY U 222 -28.57 -6.38 -9.17
C GLY U 222 -28.12 -5.37 -10.21
N VAL U 223 -28.09 -5.78 -11.47
CA VAL U 223 -27.47 -5.02 -12.59
C VAL U 223 -28.43 -3.94 -13.08
N GLU U 224 -29.69 -4.30 -13.28
CA GLU U 224 -30.75 -3.46 -13.91
C GLU U 224 -31.96 -3.40 -12.97
N THR U 225 -31.77 -3.60 -11.66
CA THR U 225 -32.85 -3.63 -10.65
C THR U 225 -33.62 -2.31 -10.67
N PRO U 226 -34.97 -2.33 -10.76
CA PRO U 226 -35.73 -1.08 -10.82
C PRO U 226 -35.80 -0.48 -9.42
N PRO U 227 -35.54 0.83 -9.24
CA PRO U 227 -35.74 1.46 -7.94
C PRO U 227 -37.24 1.61 -7.68
N VAL U 228 -37.65 1.36 -6.42
CA VAL U 228 -39.03 1.58 -5.91
C VAL U 228 -38.92 2.56 -4.74
N LEU U 229 -39.45 3.78 -4.89
CA LEU U 229 -39.35 4.85 -3.88
C LEU U 229 -40.70 5.51 -3.71
N SER U 230 -41.13 5.70 -2.45
CA SER U 230 -42.41 6.34 -2.07
C SER U 230 -42.14 7.69 -1.42
N PHE U 231 -43.12 8.59 -1.49
CA PHE U 231 -43.02 9.95 -0.90
C PHE U 231 -44.41 10.38 -0.39
N THR U 232 -44.42 11.00 0.79
CA THR U 232 -45.64 11.50 1.49
C THR U 232 -45.23 12.47 2.59
N ASN U 233 -46.09 13.44 2.94
CA ASN U 233 -45.85 14.34 4.10
C ASN U 233 -46.65 13.84 5.31
N THR U 234 -47.19 12.62 5.26
CA THR U 234 -48.07 12.06 6.32
C THR U 234 -47.36 10.98 7.14
N SER U 235 -46.03 10.86 7.06
CA SER U 235 -45.30 9.73 7.72
C SER U 235 -44.28 10.26 8.72
N THR U 236 -44.28 9.71 9.93
CA THR U 236 -43.45 10.14 11.07
C THR U 236 -42.75 8.92 11.69
N THR U 237 -41.48 9.06 12.03
CA THR U 237 -40.68 7.99 12.71
C THR U 237 -40.39 8.45 14.13
N ILE U 238 -40.77 7.66 15.12
CA ILE U 238 -40.47 7.93 16.55
C ILE U 238 -39.00 7.56 16.77
N LEU U 239 -38.24 8.41 17.47
CA LEU U 239 -36.79 8.22 17.72
C LEU U 239 -36.54 7.79 19.16
N LEU U 240 -37.59 7.68 19.98
CA LEU U 240 -37.48 7.22 21.38
C LEU U 240 -37.13 5.74 21.39
N ASP U 241 -36.25 5.32 22.29
CA ASP U 241 -35.78 3.90 22.43
C ASP U 241 -36.77 3.15 23.31
N GLU U 242 -36.43 1.90 23.67
CA GLU U 242 -37.28 0.98 24.49
C GLU U 242 -37.60 1.62 25.85
N ASN U 243 -36.82 2.61 26.30
CA ASN U 243 -37.00 3.33 27.61
C ASN U 243 -37.54 4.75 27.41
N GLY U 244 -38.12 5.08 26.26
CA GLY U 244 -38.73 6.41 26.00
C GLY U 244 -37.72 7.55 25.93
N VAL U 245 -36.44 7.24 25.73
CA VAL U 245 -35.35 8.27 25.59
C VAL U 245 -34.99 8.40 24.11
N GLY U 246 -35.01 9.63 23.59
CA GLY U 246 -34.52 9.97 22.25
C GLY U 246 -33.03 10.33 22.26
N PRO U 247 -32.42 10.55 21.08
CA PRO U 247 -31.07 11.08 21.01
C PRO U 247 -30.96 12.40 21.79
N LEU U 248 -29.96 12.49 22.67
CA LEU U 248 -29.65 13.71 23.46
C LEU U 248 -28.50 14.46 22.78
N CYS U 249 -28.77 15.67 22.29
CA CYS U 249 -27.84 16.49 21.48
C CYS U 249 -26.74 17.10 22.36
N LYS U 250 -25.59 16.41 22.47
CA LYS U 250 -24.35 16.92 23.13
C LYS U 250 -23.93 18.22 22.44
N GLY U 251 -23.40 19.18 23.21
CA GLY U 251 -22.94 20.49 22.71
C GLY U 251 -24.02 21.24 21.95
N ASP U 252 -25.30 20.93 22.21
CA ASP U 252 -26.46 21.61 21.56
C ASP U 252 -26.34 21.47 20.04
N GLY U 253 -26.00 20.27 19.57
CA GLY U 253 -25.82 19.95 18.15
C GLY U 253 -26.58 18.70 17.73
N LEU U 254 -27.43 18.82 16.71
CA LEU U 254 -28.19 17.70 16.09
C LEU U 254 -27.39 17.17 14.90
N TYR U 255 -27.06 15.87 14.89
CA TYR U 255 -26.26 15.20 13.84
C TYR U 255 -27.21 14.45 12.89
N LEU U 256 -27.30 14.94 11.64
CA LEU U 256 -28.02 14.29 10.51
C LEU U 256 -27.00 13.63 9.56
N SER U 257 -27.34 12.43 9.08
CA SER U 257 -26.59 11.67 8.06
C SER U 257 -27.56 11.10 7.04
N SER U 258 -27.11 10.97 5.79
CA SER U 258 -27.91 10.58 4.60
C SER U 258 -27.03 9.76 3.65
N ALA U 259 -27.63 8.81 2.95
CA ALA U 259 -27.01 8.07 1.83
C ALA U 259 -28.14 7.59 0.91
N ASP U 260 -28.38 8.31 -0.18
CA ASP U 260 -29.48 8.00 -1.13
C ASP U 260 -28.92 7.94 -2.55
N VAL U 261 -28.33 6.79 -2.88
CA VAL U 261 -27.85 6.42 -4.23
C VAL U 261 -28.99 5.63 -4.89
N ALA U 262 -29.78 6.30 -5.73
CA ALA U 262 -31.06 5.80 -6.29
C ALA U 262 -30.79 4.63 -7.24
N GLY U 263 -29.57 4.58 -7.78
CA GLY U 263 -29.11 3.61 -8.79
C GLY U 263 -28.09 4.23 -9.72
N THR U 264 -27.94 3.70 -10.94
CA THR U 264 -27.01 4.23 -11.96
C THR U 264 -27.80 4.83 -13.11
N PHE U 265 -27.21 5.83 -13.78
CA PHE U 265 -27.62 6.33 -15.12
C PHE U 265 -26.77 5.63 -16.18
N VAL U 266 -27.41 5.00 -17.16
CA VAL U 266 -26.76 4.24 -18.28
C VAL U 266 -26.83 5.13 -19.53
N GLN U 267 -25.70 5.72 -19.92
CA GLN U 267 -25.65 6.69 -21.04
C GLN U 267 -25.69 5.95 -22.38
N GLN U 268 -26.48 6.48 -23.32
CA GLN U 268 -26.58 5.98 -24.71
C GLN U 268 -25.20 6.11 -25.38
N THR U 269 -24.89 5.17 -26.28
CA THR U 269 -23.70 5.22 -27.18
C THR U 269 -22.45 4.84 -26.38
N SER U 270 -22.06 5.59 -25.35
CA SER U 270 -20.89 5.26 -24.49
C SER U 270 -21.15 3.93 -23.77
N GLN U 271 -22.40 3.68 -23.37
CA GLN U 271 -22.84 2.54 -22.52
C GLN U 271 -22.08 2.55 -21.19
N LYS U 272 -21.65 3.75 -20.75
CA LYS U 272 -21.00 3.97 -19.43
C LYS U 272 -22.08 4.25 -18.38
N GLN U 273 -21.74 3.99 -17.11
CA GLN U 273 -22.66 4.08 -15.95
C GLN U 273 -22.17 5.15 -14.98
N TYR U 274 -23.13 5.91 -14.46
CA TYR U 274 -22.91 7.02 -13.49
C TYR U 274 -23.84 6.78 -12.30
N TRP U 275 -23.29 6.79 -11.08
CA TRP U 275 -24.08 6.83 -9.82
C TRP U 275 -24.97 8.07 -9.82
N ARG U 276 -26.23 7.91 -9.42
CA ARG U 276 -27.22 9.01 -9.31
C ARG U 276 -27.67 9.12 -7.85
N GLY U 277 -27.38 10.24 -7.20
CA GLY U 277 -27.77 10.52 -5.81
C GLY U 277 -29.02 11.38 -5.74
N LEU U 278 -29.75 11.31 -4.62
CA LEU U 278 -30.93 12.17 -4.38
C LEU U 278 -30.80 12.83 -3.01
N PRO U 279 -31.34 14.05 -2.84
CA PRO U 279 -31.29 14.74 -1.55
C PRO U 279 -32.36 14.18 -0.60
N ARG U 280 -32.15 14.39 0.71
CA ARG U 280 -33.05 13.92 1.79
C ARG U 280 -33.46 15.10 2.67
N TYR U 281 -34.76 15.35 2.77
CA TYR U 281 -35.37 16.34 3.68
C TYR U 281 -35.50 15.71 5.07
N PHE U 282 -35.21 16.49 6.11
CA PHE U 282 -35.44 16.14 7.53
C PHE U 282 -36.34 17.20 8.16
N ASN U 283 -37.26 16.75 9.01
CA ASN U 283 -38.08 17.61 9.90
C ASN U 283 -38.07 16.96 11.28
N ILE U 284 -37.20 17.43 12.18
CA ILE U 284 -37.00 16.79 13.52
C ILE U 284 -37.76 17.63 14.55
N THR U 285 -38.47 16.97 15.47
CA THR U 285 -39.10 17.56 16.67
C THR U 285 -38.25 17.20 17.90
N LEU U 286 -37.84 18.21 18.66
CA LEU U 286 -37.05 18.04 19.90
C LEU U 286 -37.77 18.70 21.07
N ARG U 287 -37.51 18.20 22.28
CA ARG U 287 -38.06 18.70 23.56
C ARG U 287 -36.89 18.84 24.55
N LYS U 288 -36.99 19.74 25.52
CA LYS U 288 -35.92 19.94 26.55
C LYS U 288 -35.99 18.76 27.51
N ARG U 289 -34.84 18.23 27.93
CA ARG U 289 -34.74 17.07 28.86
C ARG U 289 -33.61 17.35 29.85
N ALA U 290 -33.82 16.96 31.10
CA ALA U 290 -32.91 17.22 32.24
C ALA U 290 -31.99 16.03 32.43
N VAL U 291 -30.72 16.28 32.75
CA VAL U 291 -29.69 15.24 32.96
C VAL U 291 -28.79 15.68 34.14
N LYS U 292 -28.24 14.71 34.89
CA LYS U 292 -27.15 14.95 35.88
C LYS U 292 -25.82 15.25 35.17
N ILE V 26 -53.63 29.46 9.79
CA ILE V 26 -54.83 29.86 10.59
C ILE V 26 -54.69 29.28 12.01
N GLU V 27 -55.33 29.90 13.02
CA GLU V 27 -55.49 29.35 14.40
C GLU V 27 -56.83 28.56 14.46
N VAL V 28 -56.75 27.25 14.69
CA VAL V 28 -57.86 26.28 14.47
C VAL V 28 -58.66 26.12 15.76
N LEU V 29 -59.98 26.26 15.68
CA LEU V 29 -60.92 26.21 16.84
C LEU V 29 -61.80 24.96 16.74
N ASP V 30 -63.01 25.01 17.29
CA ASP V 30 -63.95 23.85 17.41
C ASP V 30 -64.42 23.40 16.02
N VAL V 31 -64.72 22.11 15.88
CA VAL V 31 -65.44 21.55 14.71
C VAL V 31 -66.92 21.90 14.83
N LYS V 32 -67.46 22.78 14.00
CA LYS V 32 -68.94 23.02 13.96
C LYS V 32 -69.61 21.68 13.61
N THR V 33 -70.64 21.28 14.35
CA THR V 33 -71.48 20.09 14.06
C THR V 33 -72.95 20.51 14.05
N GLY V 34 -73.79 19.75 13.37
CA GLY V 34 -75.22 20.04 13.17
C GLY V 34 -75.67 19.59 11.78
N PRO V 35 -76.89 19.96 11.35
CA PRO V 35 -77.31 19.67 9.97
C PRO V 35 -76.53 20.58 9.00
N ASP V 36 -76.19 20.06 7.83
CA ASP V 36 -75.46 20.79 6.76
C ASP V 36 -74.10 21.29 7.25
N SER V 37 -73.43 20.51 8.11
CA SER V 37 -72.05 20.78 8.62
C SER V 37 -71.03 19.91 7.89
N THR V 38 -71.48 18.87 7.17
CA THR V 38 -70.63 18.00 6.32
C THR V 38 -71.17 18.00 4.89
N THR V 39 -70.26 17.86 3.91
CA THR V 39 -70.58 17.66 2.47
C THR V 39 -69.53 16.73 1.86
N THR V 40 -69.90 16.03 0.78
CA THR V 40 -68.97 15.20 -0.02
C THR V 40 -68.89 15.77 -1.44
N ILE V 41 -67.68 15.85 -2.01
CA ILE V 41 -67.47 16.24 -3.43
C ILE V 41 -66.88 15.04 -4.19
N GLU V 42 -67.46 14.75 -5.37
CA GLU V 42 -66.95 13.76 -6.37
C GLU V 42 -66.30 14.52 -7.51
N ALA V 43 -65.11 14.10 -7.94
CA ALA V 43 -64.33 14.73 -9.03
C ALA V 43 -63.43 13.67 -9.68
N TYR V 44 -62.97 13.93 -10.90
CA TYR V 44 -61.95 13.12 -11.60
C TYR V 44 -60.93 14.05 -12.25
N LEU V 45 -59.67 13.60 -12.28
CA LEU V 45 -58.59 14.24 -13.07
C LEU V 45 -58.17 13.28 -14.16
N ASN V 46 -58.42 13.65 -15.43
CA ASN V 46 -57.88 12.94 -16.62
C ASN V 46 -56.38 13.20 -16.67
N PRO V 47 -55.57 12.26 -17.19
CA PRO V 47 -54.12 12.39 -17.18
C PRO V 47 -53.64 13.46 -18.18
N ARG V 48 -52.47 14.02 -17.95
CA ARG V 48 -51.84 15.02 -18.86
C ARG V 48 -50.42 14.53 -19.18
N VAL V 49 -50.35 13.51 -20.03
CA VAL V 49 -49.08 12.83 -20.43
C VAL V 49 -48.47 13.54 -21.65
N GLY V 50 -49.08 14.62 -22.14
CA GLY V 50 -48.57 15.44 -23.26
C GLY V 50 -49.65 15.67 -24.32
N GLN V 51 -50.58 14.72 -24.44
CA GLN V 51 -51.86 14.92 -25.18
C GLN V 51 -52.99 14.60 -24.20
N ASN V 52 -54.24 14.63 -24.68
CA ASN V 52 -55.45 14.65 -23.81
C ASN V 52 -56.15 13.30 -23.83
N TRP V 53 -55.72 12.35 -24.66
CA TRP V 53 -56.46 11.08 -24.83
C TRP V 53 -55.60 9.91 -24.30
N GLY V 54 -54.75 10.20 -23.33
CA GLY V 54 -54.15 9.20 -22.42
C GLY V 54 -52.84 8.64 -22.92
N PHE V 55 -52.39 9.06 -24.12
CA PHE V 55 -51.06 8.71 -24.68
C PHE V 55 -50.29 9.98 -25.06
N SER V 56 -48.99 9.99 -24.78
CA SER V 56 -48.03 10.99 -25.31
C SER V 56 -47.76 10.67 -26.79
N THR V 57 -47.08 11.58 -27.50
CA THR V 57 -46.44 11.28 -28.81
C THR V 57 -45.17 10.48 -28.50
N GLU V 58 -44.50 9.95 -29.54
CA GLU V 58 -43.33 9.04 -29.34
C GLU V 58 -42.29 9.71 -28.44
N ILE V 59 -41.68 8.93 -27.56
CA ILE V 59 -40.57 9.39 -26.68
C ILE V 59 -39.33 9.51 -27.56
N THR V 60 -38.66 10.65 -27.54
CA THR V 60 -37.44 10.95 -28.35
C THR V 60 -36.22 11.07 -27.43
N VAL V 61 -35.02 10.81 -27.93
CA VAL V 61 -33.75 10.92 -27.17
C VAL V 61 -32.71 11.59 -28.06
N ALA V 62 -32.46 12.87 -27.88
CA ALA V 62 -31.35 13.62 -28.51
C ALA V 62 -30.06 12.78 -28.45
N SER V 63 -29.25 12.83 -29.50
CA SER V 63 -27.90 12.22 -29.52
C SER V 63 -27.02 12.95 -28.51
N ASN V 64 -26.12 12.23 -27.83
CA ASN V 64 -25.16 12.85 -26.88
C ASN V 64 -24.58 14.09 -27.56
N GLY V 65 -24.42 15.20 -26.82
CA GLY V 65 -23.80 16.43 -27.31
C GLY V 65 -24.78 17.35 -28.03
N TYR V 66 -25.96 16.85 -28.43
CA TYR V 66 -27.05 17.66 -29.04
C TYR V 66 -27.96 18.22 -27.93
N ASN V 67 -28.69 19.29 -28.24
CA ASN V 67 -29.67 19.91 -27.31
C ASN V 67 -30.70 18.87 -26.87
N ASP V 68 -30.97 18.80 -25.56
CA ASP V 68 -32.05 17.97 -24.97
C ASP V 68 -33.33 18.78 -25.01
N ALA V 69 -34.09 18.70 -26.10
CA ALA V 69 -35.29 19.53 -26.34
C ALA V 69 -36.43 18.63 -26.78
N PRO V 70 -37.08 17.92 -25.85
CA PRO V 70 -38.19 17.02 -26.20
C PRO V 70 -39.43 17.84 -26.61
N HIS V 71 -40.34 17.19 -27.33
CA HIS V 71 -41.61 17.74 -27.84
C HIS V 71 -42.57 18.00 -26.67
N LEU V 72 -43.28 19.13 -26.70
CA LEU V 72 -44.38 19.42 -25.77
C LEU V 72 -45.18 18.15 -25.50
N THR V 73 -45.55 17.41 -26.55
CA THR V 73 -46.54 16.31 -26.47
C THR V 73 -45.91 14.98 -26.02
N GLU V 74 -44.68 14.98 -25.50
CA GLU V 74 -44.04 13.75 -24.98
C GLU V 74 -43.66 13.90 -23.51
N ILE V 75 -43.91 15.08 -22.91
CA ILE V 75 -43.59 15.40 -21.50
C ILE V 75 -44.86 15.25 -20.67
N PRO V 76 -44.98 14.20 -19.82
CA PRO V 76 -46.09 14.09 -18.87
C PRO V 76 -46.01 15.14 -17.76
N CYS V 77 -47.17 15.70 -17.41
CA CYS V 77 -47.35 16.76 -16.39
C CYS V 77 -48.33 16.31 -15.30
N TYR V 78 -48.30 17.01 -14.16
CA TYR V 78 -49.31 16.90 -13.08
C TYR V 78 -50.66 17.41 -13.60
N SER V 79 -51.70 16.60 -13.40
CA SER V 79 -53.12 17.03 -13.49
C SER V 79 -53.45 17.81 -12.21
N SER V 80 -54.23 18.88 -12.31
CA SER V 80 -54.66 19.69 -11.15
C SER V 80 -56.01 20.36 -11.46
N ALA V 81 -56.80 20.57 -10.42
CA ALA V 81 -58.12 21.25 -10.48
C ALA V 81 -58.42 21.85 -9.11
N ARG V 82 -59.10 22.99 -9.09
CA ARG V 82 -59.69 23.60 -7.88
C ARG V 82 -61.21 23.44 -7.99
N ILE V 83 -61.81 22.64 -7.10
CA ILE V 83 -63.29 22.49 -7.01
C ILE V 83 -63.80 23.63 -6.10
N SER V 84 -64.85 24.33 -6.56
CA SER V 84 -65.54 25.41 -5.82
C SER V 84 -66.47 24.77 -4.78
N LEU V 85 -66.30 25.14 -3.52
CA LEU V 85 -67.11 24.64 -2.37
C LEU V 85 -68.19 25.67 -2.06
N PRO V 86 -69.30 25.29 -1.36
CA PRO V 86 -70.33 26.23 -0.93
C PRO V 86 -69.75 27.40 -0.11
N LEU V 87 -70.23 28.63 -0.33
CA LEU V 87 -69.80 29.84 0.43
C LEU V 87 -70.24 29.66 1.89
N LEU V 88 -69.36 30.01 2.84
CA LEU V 88 -69.58 29.78 4.29
C LEU V 88 -69.84 31.09 5.05
N ASN V 89 -69.04 32.13 4.87
CA ASN V 89 -69.04 33.32 5.74
C ASN V 89 -69.82 34.46 5.07
N GLU V 90 -69.18 35.57 4.76
CA GLU V 90 -69.83 36.89 4.52
C GLU V 90 -68.84 38.01 4.89
N LEU V 97 -64.23 32.68 11.69
CA LEU V 97 -64.63 32.29 10.32
C LEU V 97 -64.85 30.77 10.29
N LEU V 98 -65.62 30.30 9.31
CA LEU V 98 -65.76 28.87 8.97
C LEU V 98 -65.00 28.56 7.67
N MET V 99 -64.12 27.56 7.71
CA MET V 99 -63.46 26.97 6.50
C MET V 99 -63.88 25.51 6.40
N TRP V 100 -64.02 25.00 5.17
CA TRP V 100 -64.21 23.55 4.94
C TRP V 100 -62.92 22.80 5.28
N GLU V 101 -63.06 21.69 5.99
CA GLU V 101 -61.93 20.81 6.42
C GLU V 101 -62.09 19.47 5.72
N ALA V 102 -61.16 19.10 4.84
CA ALA V 102 -61.13 17.79 4.16
C ALA V 102 -60.75 16.73 5.18
N VAL V 103 -61.65 15.78 5.45
CA VAL V 103 -61.47 14.80 6.56
C VAL V 103 -60.88 13.52 6.00
N SER V 104 -61.48 13.01 4.92
CA SER V 104 -61.15 11.70 4.32
C SER V 104 -61.24 11.77 2.80
N VAL V 105 -60.65 10.80 2.10
CA VAL V 105 -60.78 10.66 0.62
C VAL V 105 -60.81 9.17 0.26
N LYS V 106 -61.81 8.78 -0.54
CA LYS V 106 -61.83 7.52 -1.33
C LYS V 106 -61.29 7.90 -2.72
N THR V 107 -60.14 7.35 -3.14
CA THR V 107 -59.54 7.65 -4.47
C THR V 107 -59.24 6.35 -5.21
N GLU V 108 -59.38 6.37 -6.53
CA GLU V 108 -59.32 5.18 -7.42
C GLU V 108 -58.63 5.59 -8.72
N VAL V 109 -57.76 4.73 -9.26
CA VAL V 109 -57.20 4.87 -10.64
C VAL V 109 -58.15 4.14 -11.59
N VAL V 110 -58.85 4.89 -12.44
CA VAL V 110 -59.91 4.37 -13.34
C VAL V 110 -59.24 3.76 -14.58
N GLY V 111 -59.78 2.65 -15.09
CA GLY V 111 -59.38 2.05 -16.38
C GLY V 111 -58.13 1.19 -16.26
N ILE V 112 -57.85 0.64 -15.08
CA ILE V 112 -56.75 -0.34 -14.89
C ILE V 112 -57.02 -1.53 -15.81
N SER V 113 -58.27 -1.97 -15.90
CA SER V 113 -58.69 -3.15 -16.71
C SER V 113 -58.38 -2.93 -18.20
N SER V 114 -58.20 -1.67 -18.63
CA SER V 114 -57.91 -1.31 -20.04
C SER V 114 -56.60 -1.96 -20.51
N MET V 115 -55.70 -2.25 -19.57
CA MET V 115 -54.33 -2.77 -19.85
C MET V 115 -54.38 -4.27 -20.20
N LEU V 116 -55.44 -5.00 -19.85
CA LEU V 116 -55.58 -6.42 -20.24
C LEU V 116 -55.98 -6.49 -21.72
N ASN V 117 -55.02 -6.21 -22.59
CA ASN V 117 -55.23 -5.97 -24.05
C ASN V 117 -53.94 -6.32 -24.77
N MET V 118 -53.93 -7.46 -25.48
CA MET V 118 -52.74 -7.97 -26.20
C MET V 118 -53.00 -8.00 -27.70
N HIS V 119 -53.93 -7.18 -28.20
CA HIS V 119 -54.36 -7.18 -29.62
C HIS V 119 -54.29 -5.79 -30.24
N SER V 120 -54.12 -4.72 -29.46
CA SER V 120 -54.14 -3.32 -29.98
C SER V 120 -52.71 -2.84 -30.29
N TYR V 121 -52.09 -3.49 -31.28
CA TYR V 121 -50.89 -3.03 -32.04
C TYR V 121 -49.62 -3.08 -31.19
N GLY V 122 -49.62 -3.81 -30.07
CA GLY V 122 -48.44 -3.90 -29.21
C GLY V 122 -47.35 -4.70 -29.87
N LEU V 123 -46.07 -4.36 -29.62
CA LEU V 123 -44.91 -5.19 -30.03
C LEU V 123 -45.18 -6.63 -29.62
N ARG V 124 -45.06 -7.58 -30.54
CA ARG V 124 -45.55 -8.97 -30.30
C ARG V 124 -44.43 -9.81 -29.66
N ALA V 125 -44.82 -10.68 -28.72
CA ALA V 125 -43.89 -11.53 -27.95
C ALA V 125 -43.56 -12.79 -28.75
N PHE V 126 -42.51 -13.49 -28.35
CA PHE V 126 -42.09 -14.79 -28.91
C PHE V 126 -41.89 -14.65 -30.43
N GLY V 127 -41.03 -13.69 -30.79
CA GLY V 127 -40.51 -13.47 -32.15
C GLY V 127 -41.60 -13.09 -33.14
N GLY V 128 -42.69 -12.47 -32.68
CA GLY V 128 -43.74 -11.90 -33.55
C GLY V 128 -44.98 -12.77 -33.66
N TYR V 129 -44.94 -14.01 -33.14
CA TYR V 129 -46.05 -14.99 -33.23
C TYR V 129 -47.01 -14.87 -32.04
N GLY V 130 -46.53 -14.34 -30.91
CA GLY V 130 -47.34 -14.12 -29.69
C GLY V 130 -48.23 -12.90 -29.79
N GLY V 131 -48.83 -12.49 -28.66
CA GLY V 131 -49.69 -11.30 -28.53
C GLY V 131 -48.88 -10.04 -28.28
N GLY V 132 -49.54 -8.87 -28.34
CA GLY V 132 -48.91 -7.56 -28.12
C GLY V 132 -48.54 -7.34 -26.66
N TYR V 133 -47.43 -6.63 -26.42
CA TYR V 133 -47.00 -6.18 -25.07
C TYR V 133 -48.11 -5.31 -24.46
N THR V 134 -48.61 -5.71 -23.29
CA THR V 134 -49.40 -4.84 -22.39
C THR V 134 -48.51 -3.70 -21.91
N ILE V 135 -49.10 -2.59 -21.50
CA ILE V 135 -48.32 -1.41 -21.01
C ILE V 135 -47.27 -1.93 -20.03
N GLU V 136 -46.04 -1.44 -20.13
CA GLU V 136 -44.95 -1.76 -19.17
C GLU V 136 -43.92 -0.62 -19.13
N GLY V 137 -42.96 -0.75 -18.22
CA GLY V 137 -41.86 0.21 -18.03
C GLY V 137 -42.02 0.99 -16.76
N SER V 138 -41.18 2.02 -16.58
CA SER V 138 -41.18 2.92 -15.40
C SER V 138 -42.54 3.61 -15.31
N HIS V 139 -43.05 3.78 -14.09
CA HIS V 139 -44.39 4.36 -13.82
C HIS V 139 -44.36 5.15 -12.50
N ILE V 140 -45.30 6.09 -12.37
CA ILE V 140 -45.51 6.90 -11.13
C ILE V 140 -47.01 6.99 -10.88
N HIS V 141 -47.41 6.80 -9.63
CA HIS V 141 -48.81 6.98 -9.18
C HIS V 141 -48.79 7.92 -7.97
N PHE V 142 -49.57 9.00 -8.05
CA PHE V 142 -49.51 10.10 -7.05
C PHE V 142 -50.82 10.88 -7.04
N PHE V 143 -51.29 11.25 -5.84
CA PHE V 143 -52.44 12.17 -5.65
C PHE V 143 -52.21 13.02 -4.42
N SER V 144 -52.76 14.23 -4.42
CA SER V 144 -52.78 15.12 -3.25
C SER V 144 -54.17 15.75 -3.11
N VAL V 145 -54.62 15.92 -1.85
CA VAL V 145 -55.79 16.76 -1.46
C VAL V 145 -55.26 17.88 -0.57
N GLY V 146 -55.72 19.10 -0.81
CA GLY V 146 -55.15 20.31 -0.19
C GLY V 146 -56.14 21.43 -0.10
N GLY V 147 -55.88 22.36 0.82
CA GLY V 147 -56.70 23.58 1.03
C GLY V 147 -56.17 24.74 0.22
N GLU V 148 -55.14 24.49 -0.59
CA GLU V 148 -54.47 25.52 -1.43
C GLU V 148 -53.62 24.79 -2.47
N PRO V 149 -53.11 25.52 -3.47
CA PRO V 149 -52.19 24.91 -4.45
C PRO V 149 -51.06 24.12 -3.79
N LEU V 150 -50.71 22.96 -4.37
CA LEU V 150 -49.62 22.07 -3.89
C LEU V 150 -48.27 22.75 -4.10
N ASP V 151 -47.41 22.77 -3.07
CA ASP V 151 -46.04 23.35 -3.14
C ASP V 151 -45.11 22.36 -3.86
N LEU V 152 -44.39 22.85 -4.89
CA LEU V 152 -43.46 22.05 -5.75
C LEU V 152 -42.02 22.52 -5.52
N GLN V 153 -41.11 21.56 -5.34
CA GLN V 153 -39.63 21.76 -5.29
C GLN V 153 -39.06 21.32 -6.64
N GLY V 154 -38.16 22.13 -7.19
CA GLY V 154 -37.46 21.84 -8.45
C GLY V 154 -36.36 20.81 -8.26
N LEU V 155 -36.46 19.69 -8.99
CA LEU V 155 -35.35 18.73 -9.15
C LEU V 155 -35.59 17.90 -10.41
N MET V 156 -34.55 17.80 -11.25
CA MET V 156 -34.60 17.20 -12.61
C MET V 156 -33.30 16.41 -12.87
N GLN V 157 -33.33 15.50 -13.86
CA GLN V 157 -32.20 14.61 -14.21
C GLN V 157 -31.13 15.41 -14.98
N ASN V 158 -31.55 16.36 -15.83
CA ASN V 158 -30.64 17.14 -16.71
C ASN V 158 -30.99 18.64 -16.64
N HIS V 159 -30.16 19.45 -15.98
CA HIS V 159 -30.41 20.89 -15.76
C HIS V 159 -30.61 21.60 -17.10
N SER V 160 -29.98 21.10 -18.16
CA SER V 160 -29.93 21.77 -19.49
C SER V 160 -31.21 21.52 -20.28
N THR V 161 -32.08 20.60 -19.84
CA THR V 161 -33.30 20.22 -20.60
C THR V 161 -34.06 21.51 -20.96
N GLN V 162 -34.57 21.58 -22.18
CA GLN V 162 -35.36 22.74 -22.70
C GLN V 162 -36.83 22.30 -22.83
N TYR V 163 -37.70 22.85 -21.97
CA TYR V 163 -39.16 22.58 -22.00
C TYR V 163 -39.82 23.61 -22.91
N PRO V 164 -40.56 23.16 -23.95
CA PRO V 164 -41.29 24.08 -24.81
C PRO V 164 -42.36 24.86 -24.03
N SER V 165 -42.64 26.12 -24.40
CA SER V 165 -43.82 26.87 -23.93
C SER V 165 -45.08 26.11 -24.38
N PRO V 166 -46.17 26.06 -23.58
CA PRO V 166 -46.29 26.77 -22.31
C PRO V 166 -45.83 26.06 -21.03
N LEU V 167 -45.12 24.94 -21.13
CA LEU V 167 -44.63 24.19 -19.94
C LEU V 167 -43.73 25.10 -19.10
N VAL V 168 -43.66 24.83 -17.80
CA VAL V 168 -42.85 25.61 -16.82
C VAL V 168 -41.89 24.63 -16.12
N GLY V 169 -40.61 24.98 -16.09
CA GLY V 169 -39.58 24.19 -15.41
C GLY V 169 -38.77 25.06 -14.46
N PRO V 170 -37.94 24.45 -13.59
CA PRO V 170 -37.18 25.19 -12.60
C PRO V 170 -36.34 26.28 -13.28
N LYS V 171 -36.50 27.52 -12.84
CA LYS V 171 -35.67 28.68 -13.26
C LYS V 171 -35.32 29.46 -11.99
N LYS V 172 -34.10 29.97 -11.87
CA LYS V 172 -33.76 31.02 -10.87
C LYS V 172 -34.54 32.29 -11.23
N PRO V 173 -34.55 33.34 -10.38
CA PRO V 173 -35.24 34.58 -10.72
C PRO V 173 -34.74 35.22 -12.03
N ASP V 174 -33.45 35.03 -12.34
CA ASP V 174 -32.75 35.64 -13.50
C ASP V 174 -33.06 34.88 -14.81
N GLY V 175 -33.70 33.70 -14.77
CA GLY V 175 -34.09 32.93 -15.96
C GLY V 175 -33.22 31.69 -16.17
N THR V 176 -32.00 31.66 -15.60
CA THR V 176 -31.00 30.57 -15.72
C THR V 176 -31.51 29.30 -15.01
N THR V 177 -30.81 28.18 -15.22
CA THR V 177 -31.04 26.88 -14.56
C THR V 177 -29.69 26.15 -14.46
N ASP V 178 -29.01 26.27 -13.32
CA ASP V 178 -27.61 25.76 -13.16
C ASP V 178 -27.65 24.28 -12.74
N ASP V 179 -26.49 23.71 -12.42
CA ASP V 179 -26.30 22.26 -12.14
C ASP V 179 -27.00 21.87 -10.83
N SER V 180 -27.23 22.83 -9.93
CA SER V 180 -27.84 22.59 -8.59
C SER V 180 -29.25 22.02 -8.72
N ALA V 181 -29.95 22.30 -9.83
CA ALA V 181 -31.32 21.81 -10.11
C ALA V 181 -31.37 20.29 -10.27
N GLN V 182 -30.22 19.61 -10.20
CA GLN V 182 -30.15 18.12 -10.27
C GLN V 182 -30.17 17.56 -8.85
N VAL V 183 -30.00 18.43 -7.86
CA VAL V 183 -30.11 18.10 -6.42
C VAL V 183 -31.11 19.07 -5.80
N LEU V 184 -31.08 19.25 -4.47
CA LEU V 184 -31.99 20.20 -3.80
C LEU V 184 -31.30 21.57 -3.73
N ASN V 185 -31.91 22.56 -4.39
CA ASN V 185 -31.61 23.99 -4.19
C ASN V 185 -32.92 24.72 -3.94
N PRO V 186 -33.13 25.24 -2.71
CA PRO V 186 -34.37 25.94 -2.35
C PRO V 186 -34.80 27.04 -3.33
N ILE V 187 -33.89 27.56 -4.14
CA ILE V 187 -34.17 28.66 -5.11
C ILE V 187 -35.23 28.20 -6.12
N TYR V 188 -35.36 26.88 -6.36
CA TYR V 188 -36.26 26.31 -7.39
C TYR V 188 -37.54 25.81 -6.74
N LYS V 189 -38.55 26.69 -6.64
CA LYS V 189 -39.86 26.37 -6.02
C LYS V 189 -40.98 26.94 -6.89
N ALA V 190 -42.16 26.34 -6.80
CA ALA V 190 -43.33 26.73 -7.60
C ALA V 190 -44.59 26.16 -6.97
N LYS V 191 -45.74 26.75 -7.30
CA LYS V 191 -47.07 26.30 -6.84
C LYS V 191 -47.74 25.64 -8.04
N LEU V 192 -48.26 24.42 -7.88
CA LEU V 192 -48.99 23.67 -8.92
C LEU V 192 -50.34 24.35 -9.16
N ASP V 193 -50.34 25.44 -9.92
CA ASP V 193 -51.49 26.37 -10.05
C ASP V 193 -52.11 26.31 -11.45
N LYS V 194 -51.74 25.31 -12.28
CA LYS V 194 -52.26 25.16 -13.66
C LYS V 194 -52.11 23.70 -14.09
N ASP V 195 -53.20 23.13 -14.62
CA ASP V 195 -53.25 21.75 -15.18
C ASP V 195 -52.26 21.64 -16.34
N ALA V 196 -51.72 20.45 -16.58
CA ALA V 196 -51.01 20.07 -17.83
C ALA V 196 -49.84 21.03 -18.11
N THR V 197 -49.19 21.59 -17.08
CA THR V 197 -48.20 22.67 -17.22
C THR V 197 -46.87 22.33 -16.56
N TYR V 198 -46.89 21.71 -15.38
CA TYR V 198 -45.67 21.41 -14.59
C TYR V 198 -45.26 19.97 -14.88
N PRO V 199 -44.11 19.75 -15.55
CA PRO V 199 -43.67 18.39 -15.85
C PRO V 199 -43.36 17.61 -14.57
N ILE V 200 -43.81 16.36 -14.53
CA ILE V 200 -43.51 15.40 -13.41
C ILE V 200 -42.00 15.31 -13.23
N GLU V 201 -41.21 15.44 -14.30
CA GLU V 201 -39.78 15.07 -14.31
C GLU V 201 -38.89 16.15 -13.67
N CYS V 202 -39.38 17.39 -13.50
CA CYS V 202 -38.57 18.51 -12.94
C CYS V 202 -39.17 19.05 -11.64
N TRP V 203 -40.33 18.56 -11.22
CA TRP V 203 -41.09 19.05 -10.03
C TRP V 203 -41.55 17.87 -9.15
N CYS V 204 -41.16 17.87 -7.87
CA CYS V 204 -41.69 16.92 -6.86
C CYS V 204 -42.41 17.72 -5.78
N PRO V 205 -43.32 17.09 -4.99
CA PRO V 205 -43.95 17.80 -3.86
C PRO V 205 -42.87 18.22 -2.87
N ASP V 206 -42.92 19.49 -2.43
CA ASP V 206 -41.97 20.14 -1.50
C ASP V 206 -42.29 19.67 -0.07
N PRO V 207 -41.42 18.84 0.55
CA PRO V 207 -41.68 18.37 1.90
C PRO V 207 -41.40 19.42 2.99
N SER V 208 -40.79 20.55 2.63
CA SER V 208 -40.50 21.69 3.54
C SER V 208 -41.75 22.58 3.69
N ARG V 209 -42.76 22.36 2.86
CA ARG V 209 -44.02 23.16 2.86
C ARG V 209 -45.21 22.18 2.85
N ASN V 210 -46.25 22.49 2.08
CA ASN V 210 -47.47 21.64 1.95
C ASN V 210 -48.05 21.33 3.34
N GLU V 211 -47.94 22.26 4.31
CA GLU V 211 -48.53 22.11 5.67
C GLU V 211 -50.04 21.88 5.51
N ASN V 212 -50.68 22.55 4.55
CA ASN V 212 -52.16 22.52 4.34
C ASN V 212 -52.53 21.60 3.18
N SER V 213 -51.70 20.59 2.87
CA SER V 213 -51.94 19.58 1.82
C SER V 213 -51.47 18.19 2.29
N ARG V 214 -52.15 17.15 1.85
CA ARG V 214 -51.74 15.73 2.07
C ARG V 214 -51.44 15.11 0.71
N TYR V 215 -50.21 14.62 0.50
CA TYR V 215 -49.77 14.02 -0.79
C TYR V 215 -49.20 12.63 -0.54
N PHE V 216 -49.35 11.77 -1.55
CA PHE V 216 -48.98 10.32 -1.54
C PHE V 216 -48.52 9.90 -2.94
N GLY V 217 -47.28 9.41 -3.07
CA GLY V 217 -46.69 9.05 -4.36
C GLY V 217 -45.85 7.78 -4.27
N SER V 218 -45.81 7.05 -5.37
CA SER V 218 -44.97 5.83 -5.53
C SER V 218 -44.46 5.75 -6.97
N TYR V 219 -43.15 5.75 -7.15
CA TYR V 219 -42.45 5.56 -8.46
C TYR V 219 -41.77 4.18 -8.47
N THR V 220 -41.90 3.49 -9.60
CA THR V 220 -41.16 2.24 -9.93
C THR V 220 -40.44 2.47 -11.26
N GLY V 221 -39.15 2.11 -11.34
CA GLY V 221 -38.33 2.27 -12.56
C GLY V 221 -38.27 1.01 -13.41
N GLY V 222 -37.23 0.88 -14.23
CA GLY V 222 -36.96 -0.32 -15.06
C GLY V 222 -37.53 -0.19 -16.46
N VAL V 223 -37.02 -1.01 -17.38
CA VAL V 223 -37.28 -0.89 -18.84
C VAL V 223 -38.62 -1.53 -19.19
N GLU V 224 -38.86 -2.73 -18.66
CA GLU V 224 -40.05 -3.58 -19.00
C GLU V 224 -40.77 -3.96 -17.70
N THR V 225 -40.64 -3.16 -16.64
CA THR V 225 -41.23 -3.44 -15.31
C THR V 225 -42.75 -3.57 -15.43
N PRO V 226 -43.37 -4.65 -14.90
CA PRO V 226 -44.81 -4.84 -15.03
C PRO V 226 -45.51 -3.91 -14.03
N PRO V 227 -46.55 -3.16 -14.46
CA PRO V 227 -47.34 -2.36 -13.53
C PRO V 227 -48.19 -3.28 -12.65
N VAL V 228 -48.30 -2.95 -11.35
CA VAL V 228 -49.19 -3.61 -10.36
C VAL V 228 -50.14 -2.54 -9.82
N LEU V 229 -51.43 -2.66 -10.13
CA LEU V 229 -52.47 -1.68 -9.70
C LEU V 229 -53.68 -2.44 -9.17
N SER V 230 -54.19 -2.03 -8.01
CA SER V 230 -55.41 -2.57 -7.36
C SER V 230 -56.52 -1.55 -7.41
N PHE V 231 -57.77 -2.01 -7.34
CA PHE V 231 -58.96 -1.14 -7.34
C PHE V 231 -60.05 -1.75 -6.44
N THR V 232 -60.72 -0.90 -5.66
CA THR V 232 -61.79 -1.25 -4.70
C THR V 232 -62.56 0.01 -4.30
N ASN V 233 -63.84 -0.11 -3.95
CA ASN V 233 -64.64 1.02 -3.39
C ASN V 233 -64.70 0.91 -1.87
N THR V 234 -63.89 0.04 -1.25
CA THR V 234 -63.91 -0.24 0.21
C THR V 234 -62.70 0.36 0.93
N SER V 235 -61.97 1.30 0.31
CA SER V 235 -60.73 1.87 0.89
C SER V 235 -60.88 3.38 1.06
N THR V 236 -60.52 3.86 2.25
CA THR V 236 -60.62 5.29 2.66
C THR V 236 -59.29 5.73 3.26
N THR V 237 -58.84 6.94 2.91
CA THR V 237 -57.60 7.55 3.47
C THR V 237 -58.01 8.72 4.36
N ILE V 238 -57.60 8.69 5.62
CA ILE V 238 -57.84 9.82 6.57
C ILE V 238 -56.83 10.92 6.22
N LEU V 239 -57.29 12.17 6.17
CA LEU V 239 -56.46 13.34 5.78
C LEU V 239 -56.11 14.18 7.01
N LEU V 240 -56.59 13.80 8.19
CA LEU V 240 -56.27 14.51 9.46
C LEU V 240 -54.79 14.28 9.80
N ASP V 241 -54.11 15.31 10.29
CA ASP V 241 -52.67 15.27 10.66
C ASP V 241 -52.54 14.75 12.10
N GLU V 242 -51.33 14.79 12.65
CA GLU V 242 -50.99 14.30 14.01
C GLU V 242 -51.84 15.03 15.07
N ASN V 243 -52.41 16.21 14.76
CA ASN V 243 -53.24 17.03 15.68
C ASN V 243 -54.72 16.99 15.29
N GLY V 244 -55.17 16.03 14.49
CA GLY V 244 -56.59 15.86 14.12
C GLY V 244 -57.13 16.97 13.22
N VAL V 245 -56.24 17.73 12.56
CA VAL V 245 -56.64 18.81 11.61
C VAL V 245 -56.42 18.32 10.18
N GLY V 246 -57.46 18.43 9.34
CA GLY V 246 -57.39 18.18 7.90
C GLY V 246 -57.01 19.43 7.11
N PRO V 247 -56.78 19.32 5.79
CA PRO V 247 -56.61 20.50 4.95
C PRO V 247 -57.79 21.46 5.09
N LEU V 248 -57.48 22.74 5.34
CA LEU V 248 -58.48 23.83 5.45
C LEU V 248 -58.53 24.59 4.11
N CYS V 249 -59.67 24.54 3.42
CA CYS V 249 -59.86 25.08 2.05
C CYS V 249 -59.95 26.61 2.06
N LYS V 250 -58.82 27.29 1.88
CA LYS V 250 -58.75 28.77 1.70
C LYS V 250 -59.60 29.16 0.49
N GLY V 251 -60.26 30.32 0.56
CA GLY V 251 -61.13 30.85 -0.51
C GLY V 251 -62.23 29.87 -0.90
N ASP V 252 -62.59 28.95 -0.01
CA ASP V 252 -63.67 27.95 -0.24
C ASP V 252 -63.35 27.14 -1.50
N GLY V 253 -62.09 26.72 -1.64
CA GLY V 253 -61.58 25.95 -2.79
C GLY V 253 -60.81 24.70 -2.37
N LEU V 254 -61.23 23.54 -2.87
CA LEU V 254 -60.53 22.24 -2.66
C LEU V 254 -59.57 22.00 -3.83
N TYR V 255 -58.28 21.79 -3.54
CA TYR V 255 -57.20 21.57 -4.53
C TYR V 255 -56.91 20.07 -4.64
N LEU V 256 -57.25 19.48 -5.78
CA LEU V 256 -56.90 18.08 -6.18
C LEU V 256 -55.75 18.10 -7.19
N SER V 257 -54.80 17.17 -7.03
CA SER V 257 -53.67 16.92 -7.95
C SER V 257 -53.53 15.41 -8.16
N SER V 258 -53.05 15.01 -9.34
CA SER V 258 -52.96 13.61 -9.82
C SER V 258 -51.73 13.48 -10.72
N ALA V 259 -51.12 12.30 -10.72
CA ALA V 259 -50.07 11.89 -11.66
C ALA V 259 -50.08 10.37 -11.75
N ASP V 260 -50.71 9.82 -12.79
CA ASP V 260 -50.85 8.35 -12.96
C ASP V 260 -50.38 7.97 -14.37
N VAL V 261 -49.06 7.86 -14.51
CA VAL V 261 -48.36 7.34 -15.71
C VAL V 261 -48.13 5.84 -15.48
N ALA V 262 -49.01 5.01 -16.04
CA ALA V 262 -49.11 3.55 -15.77
C ALA V 262 -47.86 2.83 -16.26
N GLY V 263 -47.18 3.44 -17.23
CA GLY V 263 -46.00 2.90 -17.95
C GLY V 263 -45.96 3.38 -19.39
N THR V 264 -45.31 2.63 -20.26
CA THR V 264 -45.22 2.95 -21.71
C THR V 264 -45.99 1.91 -22.51
N PHE V 265 -46.52 2.32 -23.67
CA PHE V 265 -47.00 1.45 -24.75
C PHE V 265 -45.88 1.26 -25.78
N VAL V 266 -45.53 0.01 -26.09
CA VAL V 266 -44.45 -0.37 -27.04
C VAL V 266 -45.11 -0.80 -28.35
N GLN V 267 -45.07 0.04 -29.38
CA GLN V 267 -45.78 -0.22 -30.65
C GLN V 267 -45.01 -1.24 -31.50
N GLN V 268 -45.75 -2.18 -32.10
CA GLN V 268 -45.20 -3.21 -33.03
C GLN V 268 -44.60 -2.49 -34.25
N THR V 269 -43.55 -3.05 -34.84
CA THR V 269 -42.95 -2.63 -36.12
C THR V 269 -42.12 -1.35 -35.90
N SER V 270 -42.72 -0.24 -35.48
CA SER V 270 -41.98 1.02 -35.17
C SER V 270 -40.99 0.77 -34.03
N GLN V 271 -41.39 -0.06 -33.05
CA GLN V 271 -40.67 -0.32 -31.77
C GLN V 271 -40.46 1.00 -31.01
N LYS V 272 -41.35 1.98 -31.24
CA LYS V 272 -41.37 3.26 -30.50
C LYS V 272 -42.23 3.12 -29.23
N GLN V 273 -41.97 3.99 -28.24
CA GLN V 273 -42.60 3.95 -26.91
C GLN V 273 -43.41 5.24 -26.68
N TYR V 274 -44.58 5.08 -26.08
CA TYR V 274 -45.54 6.16 -25.76
C TYR V 274 -45.92 6.04 -24.28
N TRP V 275 -45.80 7.14 -23.54
CA TRP V 275 -46.33 7.24 -22.16
C TRP V 275 -47.84 7.01 -22.18
N ARG V 276 -48.35 6.22 -21.22
CA ARG V 276 -49.79 5.89 -21.07
C ARG V 276 -50.25 6.40 -19.70
N GLY V 277 -51.17 7.36 -19.69
CA GLY V 277 -51.74 7.93 -18.46
C GLY V 277 -53.10 7.32 -18.14
N LEU V 278 -53.50 7.35 -16.87
CA LEU V 278 -54.85 6.89 -16.44
C LEU V 278 -55.50 7.97 -15.58
N PRO V 279 -56.84 8.07 -15.62
CA PRO V 279 -57.56 9.06 -14.82
C PRO V 279 -57.68 8.60 -13.36
N ARG V 280 -57.91 9.55 -12.46
CA ARG V 280 -58.04 9.31 -11.00
C ARG V 280 -59.36 9.89 -10.50
N TYR V 281 -60.21 9.05 -9.92
CA TYR V 281 -61.47 9.44 -9.22
C TYR V 281 -61.12 9.89 -7.80
N PHE V 282 -61.77 10.96 -7.35
CA PHE V 282 -61.71 11.44 -5.95
C PHE V 282 -63.13 11.48 -5.39
N ASN V 283 -63.25 11.10 -4.11
CA ASN V 283 -64.49 11.27 -3.30
C ASN V 283 -64.05 11.82 -1.94
N ILE V 284 -64.14 13.14 -1.74
CA ILE V 284 -63.63 13.81 -0.52
C ILE V 284 -64.83 14.11 0.38
N THR V 285 -64.68 13.85 1.68
CA THR V 285 -65.63 14.24 2.75
C THR V 285 -65.04 15.44 3.51
N LEU V 286 -65.80 16.52 3.61
CA LEU V 286 -65.40 17.75 4.34
C LEU V 286 -66.46 18.08 5.40
N ARG V 287 -66.02 18.77 6.46
CA ARG V 287 -66.86 19.23 7.60
C ARG V 287 -66.52 20.71 7.85
N LYS V 288 -67.47 21.49 8.39
CA LYS V 288 -67.23 22.93 8.69
C LYS V 288 -66.32 23.00 9.92
N ARG V 289 -65.36 23.91 9.92
CA ARG V 289 -64.38 24.09 11.04
C ARG V 289 -64.19 25.59 11.28
N ALA V 290 -64.10 25.98 12.55
CA ALA V 290 -64.00 27.38 13.01
C ALA V 290 -62.53 27.75 13.16
N VAL V 291 -62.18 28.98 12.77
CA VAL V 291 -60.78 29.50 12.81
C VAL V 291 -60.83 30.98 13.24
N LYS V 292 -59.79 31.45 13.93
CA LYS V 292 -59.50 32.92 14.11
C LYS V 292 -59.06 33.55 12.78
N ILE W 26 -82.38 4.41 -0.02
CA ILE W 26 -83.30 3.79 0.99
C ILE W 26 -82.92 4.31 2.38
N GLU W 27 -83.86 4.33 3.34
CA GLU W 27 -83.59 4.55 4.79
C GLU W 27 -83.39 3.18 5.45
N VAL W 28 -82.19 2.91 5.98
CA VAL W 28 -81.79 1.61 6.59
C VAL W 28 -82.11 1.63 8.09
N LEU W 29 -82.84 0.61 8.57
CA LEU W 29 -83.34 0.54 9.96
C LEU W 29 -82.61 -0.60 10.71
N ASP W 30 -83.26 -1.18 11.71
CA ASP W 30 -82.68 -2.21 12.63
C ASP W 30 -82.37 -3.49 11.86
N VAL W 31 -81.35 -4.23 12.32
CA VAL W 31 -81.05 -5.61 11.89
C VAL W 31 -82.07 -6.56 12.54
N LYS W 32 -83.01 -7.14 11.78
CA LYS W 32 -83.93 -8.18 12.32
C LYS W 32 -83.05 -9.33 12.81
N THR W 33 -83.30 -9.83 14.03
CA THR W 33 -82.65 -11.04 14.59
C THR W 33 -83.73 -12.01 15.07
N GLY W 34 -83.40 -13.29 15.18
CA GLY W 34 -84.34 -14.37 15.49
C GLY W 34 -83.91 -15.65 14.80
N PRO W 35 -84.73 -16.73 14.84
CA PRO W 35 -84.45 -17.92 14.04
C PRO W 35 -84.73 -17.60 12.56
N ASP W 36 -83.92 -18.17 11.66
CA ASP W 36 -84.03 -18.01 10.18
C ASP W 36 -83.90 -16.53 9.81
N SER W 37 -83.03 -15.78 10.50
CA SER W 37 -82.71 -14.36 10.20
C SER W 37 -81.36 -14.26 9.46
N THR W 38 -80.57 -15.33 9.45
CA THR W 38 -79.32 -15.45 8.66
C THR W 38 -79.40 -16.68 7.73
N THR W 39 -78.75 -16.59 6.58
CA THR W 39 -78.56 -17.70 5.61
C THR W 39 -77.19 -17.55 4.94
N THR W 40 -76.62 -18.66 4.45
CA THR W 40 -75.38 -18.67 3.63
C THR W 40 -75.70 -19.23 2.24
N ILE W 41 -75.16 -18.59 1.19
CA ILE W 41 -75.26 -19.06 -0.22
C ILE W 41 -73.86 -19.43 -0.72
N GLU W 42 -73.76 -20.61 -1.36
CA GLU W 42 -72.56 -21.11 -2.08
C GLU W 42 -72.80 -20.95 -3.58
N ALA W 43 -71.82 -20.45 -4.32
CA ALA W 43 -71.87 -20.30 -5.79
C ALA W 43 -70.44 -20.37 -6.35
N TYR W 44 -70.32 -20.65 -7.66
CA TYR W 44 -69.06 -20.51 -8.42
C TYR W 44 -69.36 -19.77 -9.74
N LEU W 45 -68.39 -18.98 -10.19
CA LEU W 45 -68.38 -18.38 -11.54
C LEU W 45 -67.21 -18.98 -12.32
N ASN W 46 -67.50 -19.77 -13.36
CA ASN W 46 -66.51 -20.26 -14.34
C ASN W 46 -66.05 -19.05 -15.16
N PRO W 47 -64.79 -19.03 -15.65
CA PRO W 47 -64.27 -17.87 -16.35
C PRO W 47 -64.88 -17.72 -17.75
N ARG W 48 -64.86 -16.50 -18.29
CA ARG W 48 -65.36 -16.21 -19.66
C ARG W 48 -64.25 -15.47 -20.42
N VAL W 49 -63.23 -16.23 -20.81
CA VAL W 49 -62.01 -15.70 -21.48
C VAL W 49 -62.22 -15.69 -23.00
N GLY W 50 -63.41 -16.08 -23.49
CA GLY W 50 -63.76 -16.05 -24.93
C GLY W 50 -64.33 -17.39 -25.38
N GLN W 51 -63.91 -18.48 -24.75
CA GLN W 51 -64.58 -19.81 -24.84
C GLN W 51 -64.94 -20.24 -23.41
N ASN W 52 -65.48 -21.44 -23.24
CA ASN W 52 -66.13 -21.88 -21.98
C ASN W 52 -65.24 -22.85 -21.21
N TRP W 53 -64.12 -23.31 -21.77
CA TRP W 53 -63.31 -24.35 -21.12
C TRP W 53 -61.95 -23.79 -20.70
N GLY W 54 -61.93 -22.49 -20.38
CA GLY W 54 -60.88 -21.84 -19.57
C GLY W 54 -59.73 -21.30 -20.40
N PHE W 55 -59.75 -21.51 -21.72
CA PHE W 55 -58.78 -20.92 -22.68
C PHE W 55 -59.51 -20.13 -23.77
N SER W 56 -58.97 -18.98 -24.13
CA SER W 56 -59.34 -18.22 -25.35
C SER W 56 -58.79 -18.95 -26.59
N THR W 57 -59.20 -18.52 -27.79
CA THR W 57 -58.50 -18.87 -29.05
C THR W 57 -57.24 -17.99 -29.12
N GLU W 58 -56.36 -18.23 -30.10
CA GLU W 58 -55.06 -17.53 -30.18
C GLU W 58 -55.27 -16.01 -30.15
N ILE W 59 -54.38 -15.31 -29.45
CA ILE W 59 -54.35 -13.82 -29.41
C ILE W 59 -53.82 -13.34 -30.76
N THR W 60 -54.53 -12.44 -31.43
CA THR W 60 -54.18 -11.89 -32.77
C THR W 60 -53.80 -10.42 -32.66
N VAL W 61 -52.98 -9.92 -33.59
CA VAL W 61 -52.53 -8.49 -33.60
C VAL W 61 -52.61 -7.96 -35.03
N ALA W 62 -53.67 -7.21 -35.34
CA ALA W 62 -53.81 -6.46 -36.61
C ALA W 62 -52.49 -5.77 -36.96
N SER W 63 -52.13 -5.74 -38.25
CA SER W 63 -50.96 -4.96 -38.73
C SER W 63 -51.26 -3.47 -38.55
N ASN W 64 -50.24 -2.67 -38.20
CA ASN W 64 -50.41 -1.20 -38.06
C ASN W 64 -51.21 -0.71 -39.27
N GLY W 65 -52.15 0.22 -39.07
CA GLY W 65 -52.94 0.83 -40.15
C GLY W 65 -54.16 0.01 -40.54
N TYR W 66 -54.24 -1.26 -40.15
CA TYR W 66 -55.43 -2.14 -40.36
C TYR W 66 -56.40 -1.98 -39.18
N ASN W 67 -57.67 -2.32 -39.40
CA ASN W 67 -58.72 -2.34 -38.34
C ASN W 67 -58.25 -3.25 -37.20
N ASP W 68 -58.39 -2.77 -35.95
CA ASP W 68 -58.22 -3.56 -34.71
C ASP W 68 -59.54 -4.28 -34.43
N ALA W 69 -59.70 -5.49 -34.96
CA ALA W 69 -60.95 -6.27 -34.90
C ALA W 69 -60.62 -7.69 -34.44
N PRO W 70 -60.41 -7.89 -33.12
CA PRO W 70 -60.09 -9.23 -32.60
C PRO W 70 -61.33 -10.13 -32.66
N HIS W 71 -61.10 -11.43 -32.61
CA HIS W 71 -62.12 -12.50 -32.65
C HIS W 71 -62.90 -12.53 -31.34
N LEU W 72 -64.22 -12.71 -31.42
CA LEU W 72 -65.09 -12.94 -30.25
C LEU W 72 -64.35 -13.83 -29.24
N THR W 73 -63.74 -14.93 -29.70
CA THR W 73 -63.24 -16.02 -28.80
C THR W 73 -61.84 -15.70 -28.26
N GLU W 74 -61.33 -14.47 -28.40
CA GLU W 74 -60.00 -14.08 -27.85
C GLU W 74 -60.13 -12.92 -26.86
N ILE W 75 -61.35 -12.40 -26.66
CA ILE W 75 -61.65 -11.28 -25.73
C ILE W 75 -62.19 -11.84 -24.43
N PRO W 76 -61.41 -11.79 -23.33
CA PRO W 76 -61.93 -12.13 -22.00
C PRO W 76 -62.93 -11.10 -21.47
N CYS W 77 -64.00 -11.63 -20.85
CA CYS W 77 -65.13 -10.84 -20.29
C CYS W 77 -65.31 -11.12 -18.80
N TYR W 78 -66.03 -10.24 -18.11
CA TYR W 78 -66.50 -10.45 -16.72
C TYR W 78 -67.51 -11.60 -16.70
N SER W 79 -67.30 -12.56 -15.79
CA SER W 79 -68.31 -13.54 -15.36
C SER W 79 -69.30 -12.82 -14.42
N SER W 80 -70.59 -13.12 -14.50
CA SER W 80 -71.63 -12.54 -13.63
C SER W 80 -72.80 -13.53 -13.49
N ALA W 81 -73.46 -13.48 -12.34
CA ALA W 81 -74.66 -14.29 -12.03
C ALA W 81 -75.48 -13.54 -10.97
N ARG W 82 -76.80 -13.68 -11.02
CA ARG W 82 -77.74 -13.25 -9.95
C ARG W 82 -78.27 -14.52 -9.29
N ILE W 83 -77.94 -14.75 -8.02
CA ILE W 83 -78.50 -15.88 -7.22
C ILE W 83 -79.83 -15.41 -6.62
N SER W 84 -80.87 -16.22 -6.76
CA SER W 84 -82.22 -16.00 -6.19
C SER W 84 -82.20 -16.33 -4.69
N LEU W 85 -82.57 -15.36 -3.85
CA LEU W 85 -82.63 -15.51 -2.36
C LEU W 85 -84.07 -15.83 -1.95
N PRO W 86 -84.30 -16.42 -0.76
CA PRO W 86 -85.65 -16.66 -0.24
C PRO W 86 -86.51 -15.38 -0.20
N LEU W 87 -87.82 -15.54 -0.34
CA LEU W 87 -88.72 -14.37 -0.22
C LEU W 87 -88.83 -14.04 1.28
N LEU W 88 -89.08 -12.78 1.62
CA LEU W 88 -89.17 -12.42 3.05
C LEU W 88 -90.56 -11.88 3.35
N ASN W 89 -90.67 -10.56 3.22
CA ASN W 89 -91.88 -9.72 3.45
C ASN W 89 -93.21 -10.47 3.39
N GLU W 90 -93.87 -10.59 4.54
CA GLU W 90 -95.20 -11.20 4.70
C GLU W 90 -96.15 -10.08 5.09
N ASP W 91 -95.67 -9.11 5.88
CA ASP W 91 -96.53 -7.95 6.21
C ASP W 91 -96.47 -7.02 5.00
N ILE W 92 -97.30 -7.30 4.00
CA ILE W 92 -97.35 -6.47 2.74
C ILE W 92 -98.01 -5.13 3.03
N THR W 93 -98.63 -4.95 4.22
CA THR W 93 -99.17 -3.65 4.70
C THR W 93 -98.16 -2.96 5.64
N SER W 94 -97.11 -3.66 6.07
CA SER W 94 -96.15 -3.16 7.09
C SER W 94 -95.44 -1.92 6.54
N PRO W 95 -95.13 -0.90 7.40
CA PRO W 95 -94.42 0.31 6.96
C PRO W 95 -92.91 0.15 6.75
N THR W 96 -92.38 -1.03 7.08
CA THR W 96 -90.99 -1.48 6.95
C THR W 96 -90.94 -2.77 6.13
N LEU W 97 -89.97 -2.79 5.21
CA LEU W 97 -89.69 -3.93 4.33
C LEU W 97 -88.40 -4.59 4.80
N LEU W 98 -88.23 -5.86 4.44
CA LEU W 98 -87.05 -6.70 4.79
C LEU W 98 -86.25 -7.04 3.54
N MET W 99 -84.97 -6.69 3.53
CA MET W 99 -84.04 -7.05 2.44
C MET W 99 -82.91 -7.88 3.04
N TRP W 100 -82.36 -8.83 2.28
CA TRP W 100 -81.14 -9.57 2.67
C TRP W 100 -79.94 -8.63 2.60
N GLU W 101 -79.09 -8.69 3.62
CA GLU W 101 -77.85 -7.89 3.76
C GLU W 101 -76.66 -8.84 3.71
N ALA W 102 -75.82 -8.74 2.69
CA ALA W 102 -74.58 -9.52 2.56
C ALA W 102 -73.58 -8.99 3.59
N VAL W 103 -73.17 -9.83 4.54
CA VAL W 103 -72.34 -9.40 5.71
C VAL W 103 -70.88 -9.68 5.40
N SER W 104 -70.58 -10.90 4.96
CA SER W 104 -69.20 -11.42 4.77
C SER W 104 -69.14 -12.32 3.53
N VAL W 105 -67.94 -12.57 3.02
CA VAL W 105 -67.71 -13.55 1.91
C VAL W 105 -66.37 -14.25 2.13
N LYS W 106 -66.40 -15.58 2.08
CA LYS W 106 -65.21 -16.46 1.86
C LYS W 106 -65.15 -16.71 0.34
N THR W 107 -64.09 -16.24 -0.34
CA THR W 107 -63.93 -16.42 -1.82
C THR W 107 -62.56 -17.03 -2.11
N GLU W 108 -62.51 -17.88 -3.14
CA GLU W 108 -61.32 -18.70 -3.49
C GLU W 108 -61.21 -18.77 -5.01
N VAL W 109 -60.01 -18.69 -5.57
CA VAL W 109 -59.73 -18.98 -7.01
C VAL W 109 -59.40 -20.47 -7.11
N VAL W 110 -60.30 -21.23 -7.75
CA VAL W 110 -60.21 -22.72 -7.81
C VAL W 110 -59.24 -23.10 -8.93
N GLY W 111 -58.45 -24.16 -8.71
CA GLY W 111 -57.59 -24.77 -9.75
C GLY W 111 -56.28 -24.04 -9.95
N ILE W 112 -55.80 -23.32 -8.93
CA ILE W 112 -54.45 -22.69 -8.95
C ILE W 112 -53.42 -23.82 -9.16
N SER W 113 -53.59 -24.97 -8.51
CA SER W 113 -52.65 -26.11 -8.59
C SER W 113 -52.55 -26.65 -10.03
N SER W 114 -53.54 -26.35 -10.89
CA SER W 114 -53.57 -26.81 -12.30
C SER W 114 -52.36 -26.28 -13.08
N MET W 115 -51.79 -25.16 -12.62
CA MET W 115 -50.69 -24.43 -13.32
C MET W 115 -49.35 -25.14 -13.07
N LEU W 116 -49.22 -25.98 -12.05
CA LEU W 116 -47.96 -26.74 -11.80
C LEU W 116 -47.88 -27.90 -12.79
N ASN W 117 -47.63 -27.59 -14.07
CA ASN W 117 -47.77 -28.48 -15.23
C ASN W 117 -46.79 -28.03 -16.31
N MET W 118 -45.70 -28.78 -16.49
CA MET W 118 -44.61 -28.43 -17.44
C MET W 118 -44.52 -29.49 -18.54
N HIS W 119 -45.60 -30.22 -18.80
CA HIS W 119 -45.63 -31.34 -19.78
C HIS W 119 -46.76 -31.17 -20.81
N SER W 120 -47.71 -30.27 -20.61
CA SER W 120 -48.89 -30.10 -21.50
C SER W 120 -48.62 -29.02 -22.56
N TYR W 121 -47.65 -29.32 -23.44
CA TYR W 121 -47.42 -28.68 -24.77
C TYR W 121 -46.91 -27.24 -24.64
N GLY W 122 -46.39 -26.85 -23.48
CA GLY W 122 -45.89 -25.48 -23.29
C GLY W 122 -44.60 -25.27 -24.06
N LEU W 123 -44.36 -24.06 -24.54
CA LEU W 123 -43.03 -23.67 -25.12
C LEU W 123 -41.93 -24.11 -24.15
N ARG W 124 -40.93 -24.84 -24.61
CA ARG W 124 -39.96 -25.51 -23.72
C ARG W 124 -38.79 -24.59 -23.38
N ALA W 125 -38.32 -24.63 -22.14
CA ALA W 125 -37.25 -23.76 -21.60
C ALA W 125 -35.90 -24.38 -21.94
N PHE W 126 -34.83 -23.60 -21.79
CA PHE W 126 -33.42 -24.03 -21.96
C PHE W 126 -33.25 -24.64 -23.37
N GLY W 127 -33.63 -23.85 -24.38
CA GLY W 127 -33.42 -24.12 -25.81
C GLY W 127 -34.12 -25.39 -26.29
N GLY W 128 -35.24 -25.78 -25.67
CA GLY W 128 -36.11 -26.88 -26.13
C GLY W 128 -35.90 -28.17 -25.37
N TYR W 129 -34.88 -28.26 -24.51
CA TYR W 129 -34.52 -29.49 -23.74
C TYR W 129 -35.23 -29.51 -22.38
N GLY W 130 -35.62 -28.35 -21.85
CA GLY W 130 -36.32 -28.23 -20.56
C GLY W 130 -37.80 -28.58 -20.67
N GLY W 131 -38.57 -28.25 -19.62
CA GLY W 131 -40.03 -28.45 -19.57
C GLY W 131 -40.80 -27.29 -20.17
N GLY W 132 -42.12 -27.46 -20.35
CA GLY W 132 -43.03 -26.44 -20.91
C GLY W 132 -43.21 -25.26 -19.96
N TYR W 133 -43.36 -24.06 -20.50
CA TYR W 133 -43.72 -22.83 -19.75
C TYR W 133 -45.07 -23.07 -19.06
N THR W 134 -45.08 -22.91 -17.73
CA THR W 134 -46.33 -22.74 -16.92
C THR W 134 -46.98 -21.43 -17.35
N ILE W 135 -48.28 -21.29 -17.12
CA ILE W 135 -49.01 -20.04 -17.48
C ILE W 135 -48.20 -18.85 -16.97
N GLU W 136 -48.06 -17.82 -17.79
CA GLU W 136 -47.38 -16.55 -17.40
C GLU W 136 -47.92 -15.39 -18.23
N GLY W 137 -47.47 -14.18 -17.89
CA GLY W 137 -47.84 -12.92 -18.56
C GLY W 137 -48.74 -12.08 -17.71
N SER W 138 -49.31 -11.02 -18.29
CA SER W 138 -50.25 -10.07 -17.64
C SER W 138 -51.46 -10.85 -17.16
N HIS W 139 -51.98 -10.50 -15.98
CA HIS W 139 -53.13 -11.18 -15.32
C HIS W 139 -53.95 -10.16 -14.54
N ILE W 140 -55.24 -10.49 -14.33
CA ILE W 140 -56.19 -9.70 -13.48
C ILE W 140 -56.97 -10.69 -12.62
N HIS W 141 -57.11 -10.36 -11.34
CA HIS W 141 -57.96 -11.10 -10.38
C HIS W 141 -58.91 -10.11 -9.73
N PHE W 142 -60.21 -10.40 -9.80
CA PHE W 142 -61.26 -9.45 -9.37
C PHE W 142 -62.56 -10.18 -9.03
N PHE W 143 -63.22 -9.73 -7.95
CA PHE W 143 -64.57 -10.21 -7.59
C PHE W 143 -65.36 -9.06 -6.97
N SER W 144 -66.68 -9.09 -7.13
CA SER W 144 -67.61 -8.17 -6.46
C SER W 144 -68.82 -8.95 -5.91
N VAL W 145 -69.31 -8.52 -4.74
CA VAL W 145 -70.62 -8.92 -4.17
C VAL W 145 -71.46 -7.65 -4.06
N GLY W 146 -72.73 -7.74 -4.45
CA GLY W 146 -73.60 -6.56 -4.61
C GLY W 146 -75.06 -6.90 -4.45
N GLY W 147 -75.86 -5.88 -4.14
CA GLY W 147 -77.32 -6.00 -4.00
C GLY W 147 -78.02 -5.67 -5.30
N GLU W 148 -77.25 -5.41 -6.36
CA GLU W 148 -77.75 -5.04 -7.69
C GLU W 148 -76.61 -5.22 -8.69
N PRO W 149 -76.92 -5.15 -10.01
CA PRO W 149 -75.86 -5.19 -11.02
C PRO W 149 -74.71 -4.22 -10.73
N LEU W 150 -73.47 -4.66 -10.98
CA LEU W 150 -72.24 -3.85 -10.77
C LEU W 150 -72.19 -2.72 -11.80
N ASP W 151 -71.92 -1.49 -11.35
CA ASP W 151 -71.80 -0.29 -12.23
C ASP W 151 -70.43 -0.30 -12.92
N LEU W 152 -70.41 -0.17 -14.25
CA LEU W 152 -69.21 -0.20 -15.13
C LEU W 152 -68.99 1.17 -15.75
N GLN W 153 -67.75 1.67 -15.70
CA GLN W 153 -67.26 2.88 -16.41
C GLN W 153 -66.46 2.43 -17.62
N GLY W 154 -66.70 3.07 -18.78
CA GLY W 154 -65.99 2.79 -20.03
C GLY W 154 -64.61 3.41 -20.03
N LEU W 155 -63.59 2.57 -20.21
CA LEU W 155 -62.20 3.01 -20.48
C LEU W 155 -61.43 1.86 -21.12
N MET W 156 -60.77 2.14 -22.25
CA MET W 156 -60.10 1.16 -23.14
C MET W 156 -58.78 1.73 -23.66
N GLN W 157 -57.89 0.86 -24.14
CA GLN W 157 -56.53 1.25 -24.65
C GLN W 157 -56.66 1.89 -26.04
N ASN W 158 -57.59 1.41 -26.87
CA ASN W 158 -57.76 1.85 -28.26
C ASN W 158 -59.24 2.11 -28.57
N HIS W 159 -59.64 3.39 -28.69
CA HIS W 159 -61.06 3.79 -28.89
C HIS W 159 -61.62 3.11 -30.14
N SER W 160 -60.78 2.83 -31.14
CA SER W 160 -61.19 2.33 -32.47
C SER W 160 -61.48 0.83 -32.44
N THR W 161 -61.12 0.12 -31.36
CA THR W 161 -61.27 -1.36 -31.29
C THR W 161 -62.71 -1.71 -31.68
N GLN W 162 -62.88 -2.77 -32.48
CA GLN W 162 -64.20 -3.26 -32.96
C GLN W 162 -64.50 -4.59 -32.26
N TYR W 163 -65.49 -4.59 -31.36
CA TYR W 163 -65.93 -5.81 -30.63
C TYR W 163 -67.02 -6.49 -31.43
N PRO W 164 -66.84 -7.79 -31.78
CA PRO W 164 -67.90 -8.53 -32.46
C PRO W 164 -69.15 -8.67 -31.59
N SER W 165 -70.34 -8.69 -32.20
CA SER W 165 -71.61 -9.09 -31.53
C SER W 165 -71.45 -10.54 -31.07
N PRO W 166 -71.99 -10.95 -29.90
CA PRO W 166 -72.84 -10.09 -29.05
C PRO W 166 -72.15 -9.26 -27.95
N LEU W 167 -70.82 -9.14 -27.98
CA LEU W 167 -70.06 -8.35 -26.97
C LEU W 167 -70.56 -6.89 -27.00
N VAL W 168 -70.43 -6.20 -25.87
CA VAL W 168 -70.85 -4.78 -25.71
C VAL W 168 -69.64 -3.98 -25.23
N GLY W 169 -69.36 -2.86 -25.91
CA GLY W 169 -68.25 -1.95 -25.57
C GLY W 169 -68.78 -0.52 -25.45
N PRO W 170 -67.95 0.40 -24.91
CA PRO W 170 -68.37 1.78 -24.70
C PRO W 170 -68.86 2.38 -26.02
N LYS W 171 -70.07 2.92 -26.03
CA LYS W 171 -70.64 3.67 -27.18
C LYS W 171 -71.30 4.93 -26.60
N LYS W 172 -71.17 6.08 -27.26
CA LYS W 172 -72.01 7.28 -26.99
C LYS W 172 -73.44 6.93 -27.40
N PRO W 173 -74.44 7.81 -27.14
CA PRO W 173 -75.82 7.56 -27.56
C PRO W 173 -75.96 7.33 -29.08
N ASP W 174 -75.10 7.97 -29.87
CA ASP W 174 -75.03 7.97 -31.34
C ASP W 174 -74.60 6.60 -31.95
N GLY W 175 -73.89 5.81 -31.13
CA GLY W 175 -73.24 4.53 -31.58
C GLY W 175 -71.73 4.67 -31.81
N THR W 176 -71.23 5.90 -31.95
CA THR W 176 -69.80 6.31 -32.07
C THR W 176 -69.04 5.97 -30.78
N THR W 177 -67.71 6.07 -30.83
CA THR W 177 -66.76 5.87 -29.71
C THR W 177 -65.53 6.74 -29.98
N ASP W 178 -65.46 7.94 -29.41
CA ASP W 178 -64.38 8.92 -29.73
C ASP W 178 -63.14 8.65 -28.85
N ASP W 179 -62.15 9.55 -28.92
CA ASP W 179 -60.82 9.39 -28.28
C ASP W 179 -60.95 9.45 -26.75
N SER W 180 -62.02 10.09 -26.24
CA SER W 180 -62.23 10.31 -24.78
C SER W 180 -62.37 8.96 -24.05
N ALA W 181 -62.80 7.90 -24.74
CA ALA W 181 -62.97 6.54 -24.17
C ALA W 181 -61.63 5.93 -23.76
N GLN W 182 -60.51 6.62 -23.99
CA GLN W 182 -59.16 6.16 -23.56
C GLN W 182 -58.85 6.76 -22.18
N VAL W 183 -59.65 7.73 -21.76
CA VAL W 183 -59.58 8.34 -20.41
C VAL W 183 -60.98 8.24 -19.79
N LEU W 184 -61.28 9.06 -18.77
CA LEU W 184 -62.62 9.07 -18.14
C LEU W 184 -63.51 10.06 -18.88
N ASN W 185 -64.59 9.55 -19.48
CA ASN W 185 -65.74 10.36 -19.96
C ASN W 185 -67.01 9.73 -19.38
N PRO W 186 -67.71 10.43 -18.47
CA PRO W 186 -68.92 9.90 -17.86
C PRO W 186 -69.98 9.38 -18.84
N ILE W 187 -69.93 9.79 -20.11
CA ILE W 187 -70.92 9.37 -21.15
C ILE W 187 -70.87 7.84 -21.33
N TYR W 188 -69.73 7.20 -21.02
CA TYR W 188 -69.51 5.74 -21.24
C TYR W 188 -69.73 4.96 -19.94
N LYS W 189 -70.97 4.54 -19.69
CA LYS W 189 -71.35 3.79 -18.47
C LYS W 189 -72.27 2.63 -18.87
N ALA W 190 -72.29 1.58 -18.05
CA ALA W 190 -73.07 0.36 -18.29
C ALA W 190 -73.22 -0.42 -17.00
N LYS W 191 -74.24 -1.29 -16.94
CA LYS W 191 -74.49 -2.20 -15.80
C LYS W 191 -74.07 -3.59 -16.26
N LEU W 192 -73.25 -4.28 -15.47
CA LEU W 192 -72.81 -5.67 -15.74
C LEU W 192 -74.00 -6.61 -15.54
N ASP W 193 -74.87 -6.69 -16.54
CA ASP W 193 -76.21 -7.34 -16.44
C ASP W 193 -76.27 -8.62 -17.29
N LYS W 194 -75.14 -9.12 -17.79
CA LYS W 194 -75.09 -10.34 -18.64
C LYS W 194 -73.68 -10.94 -18.56
N ASP W 195 -73.61 -12.25 -18.30
CA ASP W 195 -72.36 -13.05 -18.27
C ASP W 195 -71.69 -12.97 -19.65
N ALA W 196 -70.36 -13.10 -19.69
CA ALA W 196 -69.56 -13.37 -20.91
C ALA W 196 -69.84 -12.32 -22.00
N THR W 197 -70.15 -11.07 -21.63
CA THR W 197 -70.64 -10.05 -22.58
C THR W 197 -69.81 -8.77 -22.53
N TYR W 198 -69.39 -8.32 -21.35
CA TYR W 198 -68.67 -7.04 -21.15
C TYR W 198 -67.17 -7.35 -21.09
N PRO W 199 -66.38 -6.93 -22.10
CA PRO W 199 -64.95 -7.20 -22.09
C PRO W 199 -64.27 -6.50 -20.91
N ILE W 200 -63.36 -7.23 -20.25
CA ILE W 200 -62.52 -6.69 -19.14
C ILE W 200 -61.76 -5.46 -19.65
N GLU W 201 -61.39 -5.41 -20.93
CA GLU W 201 -60.40 -4.44 -21.47
C GLU W 201 -61.04 -3.05 -21.71
N CYS W 202 -62.36 -2.94 -21.77
CA CYS W 202 -63.04 -1.64 -22.06
C CYS W 202 -63.95 -1.19 -20.90
N TRP W 203 -64.10 -2.02 -19.86
CA TRP W 203 -65.00 -1.76 -18.71
C TRP W 203 -64.26 -2.00 -17.38
N CYS W 204 -64.23 -1.00 -16.50
CA CYS W 204 -63.75 -1.13 -15.11
C CYS W 204 -64.90 -0.81 -14.16
N PRO W 205 -64.85 -1.28 -12.89
CA PRO W 205 -65.87 -0.90 -11.91
C PRO W 205 -65.86 0.63 -11.73
N ASP W 206 -67.05 1.23 -11.77
CA ASP W 206 -67.29 2.69 -11.67
C ASP W 206 -67.17 3.10 -10.20
N PRO W 207 -66.12 3.84 -9.80
CA PRO W 207 -65.96 4.25 -8.41
C PRO W 207 -66.87 5.42 -8.00
N SER W 208 -67.56 6.04 -8.96
CA SER W 208 -68.53 7.14 -8.74
C SER W 208 -69.90 6.57 -8.34
N ARG W 209 -70.09 5.26 -8.48
CA ARG W 209 -71.37 4.57 -8.17
C ARG W 209 -71.04 3.33 -7.31
N ASN W 210 -71.70 2.21 -7.56
CA ASN W 210 -71.50 0.94 -6.82
C ASN W 210 -71.64 1.16 -5.31
N GLU W 211 -72.51 2.09 -4.88
CA GLU W 211 -72.80 2.35 -3.44
C GLU W 211 -73.27 1.04 -2.80
N ASN W 212 -74.05 0.22 -3.52
CA ASN W 212 -74.69 -1.02 -3.00
C ASN W 212 -73.91 -2.26 -3.49
N SER W 213 -72.61 -2.11 -3.78
CA SER W 213 -71.71 -3.24 -4.19
C SER W 213 -70.33 -3.06 -3.56
N ARG W 214 -69.66 -4.16 -3.25
CA ARG W 214 -68.25 -4.19 -2.77
C ARG W 214 -67.41 -4.93 -3.83
N TYR W 215 -66.39 -4.26 -4.39
CA TYR W 215 -65.53 -4.86 -5.44
C TYR W 215 -64.06 -4.73 -5.04
N PHE W 216 -63.25 -5.69 -5.50
CA PHE W 216 -61.82 -5.88 -5.18
C PHE W 216 -61.09 -6.45 -6.38
N GLY W 217 -60.07 -5.75 -6.89
CA GLY W 217 -59.34 -6.13 -8.11
C GLY W 217 -57.86 -5.83 -8.00
N SER W 218 -57.06 -6.67 -8.66
CA SER W 218 -55.59 -6.53 -8.76
C SER W 218 -55.13 -6.97 -10.16
N TYR W 219 -54.51 -6.05 -10.90
CA TYR W 219 -53.90 -6.30 -12.23
C TYR W 219 -52.38 -6.23 -12.11
N THR W 220 -51.69 -7.18 -12.74
CA THR W 220 -50.22 -7.20 -12.94
C THR W 220 -49.97 -7.32 -14.45
N GLY W 221 -49.05 -6.51 -15.00
CA GLY W 221 -48.70 -6.51 -16.43
C GLY W 221 -47.46 -7.33 -16.73
N GLY W 222 -46.79 -7.05 -17.84
CA GLY W 222 -45.53 -7.69 -18.24
C GLY W 222 -45.74 -8.86 -19.18
N VAL W 223 -44.68 -9.24 -19.89
CA VAL W 223 -44.74 -10.23 -21.01
C VAL W 223 -44.72 -11.64 -20.43
N GLU W 224 -43.82 -11.90 -19.48
CA GLU W 224 -43.55 -13.25 -18.93
C GLU W 224 -43.69 -13.25 -17.40
N THR W 225 -44.47 -12.29 -16.86
CA THR W 225 -44.63 -12.09 -15.39
C THR W 225 -45.17 -13.36 -14.76
N PRO W 226 -44.56 -13.88 -13.67
CA PRO W 226 -45.03 -15.11 -13.04
C PRO W 226 -46.28 -14.80 -12.22
N PRO W 227 -47.36 -15.59 -12.33
CA PRO W 227 -48.51 -15.41 -11.45
C PRO W 227 -48.15 -15.90 -10.04
N VAL W 228 -48.62 -15.17 -9.02
CA VAL W 228 -48.54 -15.55 -7.58
C VAL W 228 -49.98 -15.60 -7.06
N LEU W 229 -50.47 -16.79 -6.71
CA LEU W 229 -51.85 -16.98 -6.19
C LEU W 229 -51.80 -17.89 -4.96
N SER W 230 -52.51 -17.49 -3.91
CA SER W 230 -52.65 -18.23 -2.63
C SER W 230 -54.07 -18.77 -2.50
N PHE W 231 -54.23 -19.83 -1.70
CA PHE W 231 -55.56 -20.46 -1.44
C PHE W 231 -55.60 -20.97 -0.01
N THR W 232 -56.76 -20.79 0.65
CA THR W 232 -57.03 -21.19 2.05
C THR W 232 -58.54 -21.16 2.31
N ASN W 233 -59.05 -21.97 3.24
CA ASN W 233 -60.45 -21.93 3.67
C ASN W 233 -60.58 -21.14 4.98
N THR W 234 -59.52 -20.42 5.39
CA THR W 234 -59.46 -19.70 6.68
C THR W 234 -59.56 -18.18 6.48
N SER W 235 -59.99 -17.69 5.33
CA SER W 235 -59.97 -16.23 5.04
C SER W 235 -61.38 -15.73 4.73
N THR W 236 -61.77 -14.64 5.40
CA THR W 236 -63.12 -14.03 5.32
C THR W 236 -62.99 -12.53 5.07
N THR W 237 -63.81 -11.99 4.18
CA THR W 237 -63.83 -10.55 3.85
C THR W 237 -65.15 -9.97 4.36
N ILE W 238 -65.09 -8.96 5.21
CA ILE W 238 -66.29 -8.23 5.72
C ILE W 238 -66.76 -7.32 4.58
N LEU W 239 -68.07 -7.28 4.34
CA LEU W 239 -68.68 -6.49 3.24
C LEU W 239 -69.40 -5.27 3.81
N LEU W 240 -69.42 -5.09 5.12
CA LEU W 240 -70.04 -3.92 5.79
C LEU W 240 -69.20 -2.68 5.47
N ASP W 241 -69.86 -1.54 5.21
CA ASP W 241 -69.20 -0.24 4.89
C ASP W 241 -68.86 0.48 6.19
N GLU W 242 -68.40 1.74 6.08
CA GLU W 242 -67.96 2.61 7.21
C GLU W 242 -69.11 2.76 8.22
N ASN W 243 -70.37 2.53 7.83
CA ASN W 243 -71.58 2.67 8.68
C ASN W 243 -72.18 1.30 9.06
N GLY W 244 -71.42 0.20 8.92
CA GLY W 244 -71.88 -1.14 9.31
C GLY W 244 -73.01 -1.69 8.44
N VAL W 245 -73.20 -1.13 7.24
CA VAL W 245 -74.24 -1.60 6.28
C VAL W 245 -73.55 -2.39 5.16
N GLY W 246 -74.03 -3.62 4.91
CA GLY W 246 -73.61 -4.45 3.77
C GLY W 246 -74.47 -4.20 2.54
N PRO W 247 -74.12 -4.80 1.39
CA PRO W 247 -74.97 -4.74 0.21
C PRO W 247 -76.38 -5.26 0.54
N LEU W 248 -77.40 -4.47 0.18
CA LEU W 248 -78.83 -4.82 0.36
C LEU W 248 -79.38 -5.36 -0.97
N CYS W 249 -79.78 -6.62 -1.00
CA CYS W 249 -80.20 -7.36 -2.22
C CYS W 249 -81.59 -6.93 -2.68
N LYS W 250 -81.66 -5.94 -3.59
CA LYS W 250 -82.92 -5.51 -4.26
C LYS W 250 -83.53 -6.71 -4.99
N GLY W 251 -84.85 -6.80 -5.01
CA GLY W 251 -85.61 -7.89 -5.67
C GLY W 251 -85.20 -9.26 -5.16
N ASP W 252 -84.64 -9.34 -3.94
CA ASP W 252 -84.22 -10.62 -3.30
C ASP W 252 -83.22 -11.34 -4.22
N GLY W 253 -82.26 -10.59 -4.77
CA GLY W 253 -81.23 -11.10 -5.69
C GLY W 253 -79.82 -10.67 -5.28
N LEU W 254 -78.93 -11.65 -5.10
CA LEU W 254 -77.49 -11.43 -4.81
C LEU W 254 -76.71 -11.42 -6.14
N TYR W 255 -75.97 -10.34 -6.42
CA TYR W 255 -75.18 -10.15 -7.65
C TYR W 255 -73.70 -10.47 -7.37
N LEU W 256 -73.21 -11.57 -7.96
CA LEU W 256 -71.77 -11.98 -7.97
C LEU W 256 -71.15 -11.66 -9.34
N SER W 257 -69.93 -11.15 -9.32
CA SER W 257 -69.07 -10.89 -10.52
C SER W 257 -67.66 -11.39 -10.24
N SER W 258 -66.97 -11.82 -11.29
CA SER W 258 -65.63 -12.48 -11.26
C SER W 258 -64.86 -12.09 -12.52
N ALA W 259 -63.54 -12.00 -12.39
CA ALA W 259 -62.59 -11.86 -13.52
C ALA W 259 -61.24 -12.41 -13.07
N ASP W 260 -60.93 -13.65 -13.44
CA ASP W 260 -59.67 -14.34 -13.02
C ASP W 260 -58.98 -14.89 -14.26
N VAL W 261 -58.26 -14.00 -14.95
CA VAL W 261 -57.35 -14.30 -16.08
C VAL W 261 -55.95 -14.48 -15.49
N ALA W 262 -55.54 -15.73 -15.26
CA ALA W 262 -54.35 -16.12 -14.48
C ALA W 262 -53.09 -15.68 -15.22
N GLY W 263 -53.20 -15.52 -16.54
CA GLY W 263 -52.11 -15.18 -17.47
C GLY W 263 -52.35 -15.80 -18.84
N THR W 264 -51.30 -16.03 -19.62
CA THR W 264 -51.38 -16.66 -20.96
C THR W 264 -50.71 -18.04 -20.92
N PHE W 265 -51.19 -18.95 -21.77
CA PHE W 265 -50.50 -20.21 -22.13
C PHE W 265 -49.71 -19.99 -23.43
N VAL W 266 -48.41 -20.27 -23.42
CA VAL W 266 -47.48 -20.08 -24.58
C VAL W 266 -47.22 -21.48 -25.18
N GLN W 267 -47.84 -21.76 -26.33
CA GLN W 267 -47.77 -23.11 -26.96
C GLN W 267 -46.42 -23.31 -27.64
N GLN W 268 -45.84 -24.50 -27.47
CA GLN W 268 -44.59 -24.93 -28.13
C GLN W 268 -44.81 -24.93 -29.65
N THR W 269 -43.76 -24.62 -30.42
CA THR W 269 -43.72 -24.75 -31.89
C THR W 269 -44.50 -23.59 -32.55
N SER W 270 -45.81 -23.48 -32.31
CA SER W 270 -46.63 -22.35 -32.84
C SER W 270 -46.12 -21.03 -32.27
N GLN W 271 -45.69 -21.03 -30.99
CA GLN W 271 -45.31 -19.84 -30.20
C GLN W 271 -46.48 -18.86 -30.14
N LYS W 272 -47.71 -19.37 -30.24
CA LYS W 272 -48.97 -18.59 -30.08
C LYS W 272 -49.36 -18.56 -28.59
N GLN W 273 -50.12 -17.53 -28.21
CA GLN W 273 -50.50 -17.27 -26.80
C GLN W 273 -52.02 -17.33 -26.66
N TYR W 274 -52.47 -17.95 -25.57
CA TYR W 274 -53.91 -18.16 -25.24
C TYR W 274 -54.13 -17.65 -23.80
N TRP W 275 -55.12 -16.78 -23.61
CA TRP W 275 -55.61 -16.38 -22.28
C TRP W 275 -56.09 -17.62 -21.52
N ARG W 276 -55.73 -17.73 -20.24
CA ARG W 276 -56.12 -18.85 -19.34
C ARG W 276 -56.93 -18.28 -18.17
N GLY W 277 -58.20 -18.66 -18.07
CA GLY W 277 -59.10 -18.23 -16.98
C GLY W 277 -59.21 -19.28 -15.89
N LEU W 278 -59.56 -18.87 -14.67
CA LEU W 278 -59.81 -19.80 -13.55
C LEU W 278 -61.16 -19.48 -12.92
N PRO W 279 -61.86 -20.49 -12.35
CA PRO W 279 -63.14 -20.26 -11.70
C PRO W 279 -62.94 -19.68 -10.29
N ARG W 280 -63.99 -19.04 -9.76
CA ARG W 280 -63.99 -18.41 -8.42
C ARG W 280 -65.17 -18.95 -7.60
N TYR W 281 -64.87 -19.53 -6.44
CA TYR W 281 -65.86 -19.98 -5.43
C TYR W 281 -66.27 -18.77 -4.58
N PHE W 282 -67.56 -18.67 -4.28
CA PHE W 282 -68.12 -17.69 -3.32
C PHE W 282 -68.85 -18.44 -2.21
N ASN W 283 -68.72 -17.94 -0.98
CA ASN W 283 -69.52 -18.37 0.19
C ASN W 283 -69.95 -17.10 0.92
N ILE W 284 -71.17 -16.63 0.68
CA ILE W 284 -71.67 -15.34 1.23
C ILE W 284 -72.58 -15.65 2.43
N THR W 285 -72.43 -14.89 3.51
CA THR W 285 -73.32 -14.88 4.70
C THR W 285 -74.19 -13.62 4.63
N LEU W 286 -75.51 -13.80 4.70
CA LEU W 286 -76.49 -12.69 4.69
C LEU W 286 -77.37 -12.78 5.94
N ARG W 287 -77.92 -11.63 6.37
CA ARG W 287 -78.83 -11.47 7.53
C ARG W 287 -80.00 -10.60 7.08
N LYS W 288 -81.19 -10.76 7.68
CA LYS W 288 -82.38 -9.93 7.34
C LYS W 288 -82.17 -8.52 7.90
N ARG W 289 -82.52 -7.49 7.15
CA ARG W 289 -82.37 -6.07 7.55
C ARG W 289 -83.64 -5.31 7.14
N ALA W 290 -84.07 -4.39 7.99
CA ALA W 290 -85.31 -3.60 7.82
C ALA W 290 -84.98 -2.27 7.14
N VAL W 291 -85.86 -1.83 6.24
CA VAL W 291 -85.74 -0.55 5.49
C VAL W 291 -87.13 0.10 5.38
N LYS W 292 -87.18 1.43 5.36
CA LYS W 292 -88.44 2.22 5.47
C LYS W 292 -89.12 2.25 4.09
N ASN W 293 -90.44 2.07 4.04
CA ASN W 293 -91.18 1.71 2.80
C ASN W 293 -92.58 1.27 3.24
N ILE X 26 -71.80 -32.29 13.29
CA ILE X 26 -71.78 -32.63 14.75
C ILE X 26 -72.36 -31.45 15.54
N GLU X 27 -72.93 -31.67 16.74
CA GLU X 27 -73.25 -30.59 17.72
C GLU X 27 -72.07 -30.47 18.69
N VAL X 28 -71.38 -29.32 18.69
CA VAL X 28 -70.12 -29.10 19.45
C VAL X 28 -70.47 -28.49 20.82
N LEU X 29 -69.95 -29.10 21.89
CA LEU X 29 -70.27 -28.71 23.30
C LEU X 29 -69.03 -28.10 23.94
N ASP X 30 -68.92 -28.19 25.28
CA ASP X 30 -67.84 -27.60 26.09
C ASP X 30 -66.49 -28.22 25.76
N VAL X 31 -65.42 -27.44 25.93
CA VAL X 31 -64.00 -27.91 25.93
C VAL X 31 -63.74 -28.64 27.25
N LYS X 32 -63.59 -29.97 27.25
CA LYS X 32 -63.17 -30.70 28.48
C LYS X 32 -61.79 -30.15 28.88
N THR X 33 -61.61 -29.82 30.17
CA THR X 33 -60.31 -29.41 30.75
C THR X 33 -60.03 -30.29 31.98
N GLY X 34 -58.76 -30.41 32.36
CA GLY X 34 -58.32 -31.30 33.45
C GLY X 34 -56.95 -31.88 33.12
N PRO X 35 -56.47 -32.88 33.88
CA PRO X 35 -55.19 -33.53 33.54
C PRO X 35 -55.40 -34.41 32.29
N ASP X 36 -54.38 -34.47 31.42
CA ASP X 36 -54.36 -35.29 30.19
C ASP X 36 -55.51 -34.86 29.26
N SER X 37 -55.83 -33.57 29.20
CA SER X 37 -56.91 -33.01 28.33
C SER X 37 -56.30 -32.35 27.07
N THR X 38 -55.00 -32.11 27.07
CA THR X 38 -54.22 -31.64 25.88
C THR X 38 -53.08 -32.62 25.59
N THR X 39 -52.74 -32.77 24.31
CA THR X 39 -51.55 -33.53 23.83
C THR X 39 -50.98 -32.82 22.59
N THR X 40 -49.69 -33.04 22.30
CA THR X 40 -49.01 -32.56 21.08
C THR X 40 -48.52 -33.77 20.28
N ILE X 41 -48.69 -33.75 18.95
CA ILE X 41 -48.15 -34.78 18.02
C ILE X 41 -47.13 -34.11 17.09
N GLU X 42 -45.97 -34.78 16.90
CA GLU X 42 -44.92 -34.44 15.91
C GLU X 42 -45.02 -35.43 14.74
N ALA X 43 -44.95 -34.93 13.51
CA ALA X 43 -44.93 -35.75 12.28
C ALA X 43 -44.16 -35.00 11.18
N TYR X 44 -43.70 -35.72 10.15
CA TYR X 44 -43.15 -35.14 8.90
C TYR X 44 -43.75 -35.88 7.70
N LEU X 45 -43.95 -35.15 6.62
CA LEU X 45 -44.33 -35.70 5.29
C LEU X 45 -43.18 -35.43 4.32
N ASN X 46 -42.50 -36.50 3.87
CA ASN X 46 -41.50 -36.45 2.78
C ASN X 46 -42.26 -36.16 1.48
N PRO X 47 -41.63 -35.46 0.52
CA PRO X 47 -42.33 -35.06 -0.71
C PRO X 47 -42.59 -36.26 -1.63
N ARG X 48 -43.58 -36.16 -2.50
CA ARG X 48 -43.91 -37.21 -3.51
C ARG X 48 -43.96 -36.56 -4.89
N VAL X 49 -42.78 -36.24 -5.42
CA VAL X 49 -42.61 -35.50 -6.70
C VAL X 49 -42.54 -36.50 -7.86
N GLY X 50 -42.68 -37.81 -7.59
CA GLY X 50 -42.70 -38.87 -8.64
C GLY X 50 -41.73 -40.00 -8.29
N GLN X 51 -40.65 -39.67 -7.57
CA GLN X 51 -39.77 -40.67 -6.89
C GLN X 51 -39.73 -40.28 -5.41
N ASN X 52 -38.93 -40.99 -4.60
CA ASN X 52 -39.00 -40.94 -3.13
C ASN X 52 -37.82 -40.16 -2.55
N TRP X 53 -36.85 -39.76 -3.37
CA TRP X 53 -35.61 -39.12 -2.84
C TRP X 53 -35.55 -37.66 -3.31
N GLY X 54 -36.72 -37.05 -3.52
CA GLY X 54 -36.90 -35.58 -3.53
C GLY X 54 -36.74 -34.98 -4.91
N PHE X 55 -36.43 -35.79 -5.93
CA PHE X 55 -36.39 -35.38 -7.35
C PHE X 55 -37.28 -36.30 -8.19
N SER X 56 -38.02 -35.72 -9.14
CA SER X 56 -38.71 -36.43 -10.23
C SER X 56 -37.66 -36.93 -11.25
N THR X 57 -38.08 -37.77 -12.20
CA THR X 57 -37.32 -38.05 -13.44
C THR X 57 -37.52 -36.85 -14.37
N GLU X 58 -36.80 -36.79 -15.50
CA GLU X 58 -36.81 -35.61 -16.38
C GLU X 58 -38.25 -35.25 -16.77
N ILE X 59 -38.55 -33.96 -16.83
CA ILE X 59 -39.86 -33.43 -17.31
C ILE X 59 -39.88 -33.59 -18.83
N THR X 60 -40.92 -34.20 -19.37
CA THR X 60 -41.10 -34.48 -20.82
C THR X 60 -42.25 -33.64 -21.37
N VAL X 61 -42.22 -33.33 -22.67
CA VAL X 61 -43.29 -32.56 -23.35
C VAL X 61 -43.62 -33.23 -24.70
N ALA X 62 -44.69 -34.00 -24.76
CA ALA X 62 -45.25 -34.55 -26.01
C ALA X 62 -45.27 -33.48 -27.09
N SER X 63 -44.98 -33.85 -28.35
CA SER X 63 -45.11 -32.95 -29.51
C SER X 63 -46.59 -32.62 -29.72
N ASN X 64 -46.91 -31.39 -30.13
CA ASN X 64 -48.32 -31.01 -30.41
C ASN X 64 -48.95 -32.13 -31.25
N GLY X 65 -50.20 -32.47 -30.98
CA GLY X 65 -50.97 -33.47 -31.73
C GLY X 65 -50.73 -34.89 -31.26
N TYR X 66 -49.67 -35.14 -30.48
CA TYR X 66 -49.38 -36.46 -29.85
C TYR X 66 -50.10 -36.54 -28.49
N ASN X 67 -50.32 -37.76 -28.00
CA ASN X 67 -50.89 -38.01 -26.64
C ASN X 67 -50.02 -37.32 -25.60
N ASP X 68 -50.66 -36.59 -24.67
CA ASP X 68 -50.02 -36.01 -23.45
C ASP X 68 -50.01 -37.10 -22.38
N ALA X 69 -48.95 -37.91 -22.34
CA ALA X 69 -48.84 -39.09 -21.46
C ALA X 69 -47.49 -39.04 -20.75
N PRO X 70 -47.37 -38.22 -19.69
CA PRO X 70 -46.12 -38.12 -18.94
C PRO X 70 -45.86 -39.40 -18.14
N HIS X 71 -44.60 -39.61 -17.76
CA HIS X 71 -44.12 -40.76 -16.95
C HIS X 71 -44.64 -40.63 -15.51
N LEU X 72 -45.06 -41.75 -14.93
CA LEU X 72 -45.40 -41.85 -13.48
C LEU X 72 -44.41 -40.99 -12.68
N THR X 73 -43.12 -41.14 -12.94
CA THR X 73 -42.03 -40.61 -12.06
C THR X 73 -41.72 -39.14 -12.36
N GLU X 74 -42.57 -38.42 -13.12
CA GLU X 74 -42.36 -36.98 -13.40
C GLU X 74 -43.56 -36.16 -12.92
N ILE X 75 -44.60 -36.81 -12.39
CA ILE X 75 -45.83 -36.15 -11.88
C ILE X 75 -45.76 -36.02 -10.37
N PRO X 76 -45.56 -34.80 -9.82
CA PRO X 76 -45.64 -34.56 -8.39
C PRO X 76 -47.08 -34.71 -7.85
N CYS X 77 -47.18 -35.33 -6.68
CA CYS X 77 -48.45 -35.63 -5.97
C CYS X 77 -48.45 -35.02 -4.56
N TYR X 78 -49.65 -34.90 -3.97
CA TYR X 78 -49.85 -34.56 -2.54
C TYR X 78 -49.29 -35.70 -1.67
N SER X 79 -48.47 -35.33 -0.69
CA SER X 79 -48.12 -36.19 0.47
C SER X 79 -49.30 -36.17 1.44
N SER X 80 -49.62 -37.31 2.06
CA SER X 80 -50.72 -37.42 3.06
C SER X 80 -50.41 -38.55 4.06
N ALA X 81 -50.89 -38.40 5.28
CA ALA X 81 -50.76 -39.40 6.36
C ALA X 81 -51.89 -39.17 7.37
N ARG X 82 -52.37 -40.24 7.99
CA ARG X 82 -53.31 -40.22 9.15
C ARG X 82 -52.50 -40.66 10.37
N ILE X 83 -52.30 -39.76 11.33
CA ILE X 83 -51.65 -40.08 12.64
C ILE X 83 -52.74 -40.62 13.58
N SER X 84 -52.47 -41.75 14.24
CA SER X 84 -53.36 -42.38 15.25
C SER X 84 -53.23 -41.61 16.58
N LEU X 85 -54.35 -41.13 17.10
CA LEU X 85 -54.43 -40.38 18.38
C LEU X 85 -54.85 -41.34 19.49
N PRO X 86 -54.58 -41.03 20.79
CA PRO X 86 -55.04 -41.85 21.92
C PRO X 86 -56.56 -42.08 21.90
N LEU X 87 -57.01 -43.29 22.22
CA LEU X 87 -58.45 -43.64 22.38
C LEU X 87 -59.03 -42.83 23.55
N LEU X 88 -60.24 -42.31 23.35
CA LEU X 88 -60.96 -41.35 24.23
C LEU X 88 -62.15 -42.04 24.89
N GLU X 90 -64.18 -46.59 28.33
CA GLU X 90 -64.16 -45.11 28.31
C GLU X 90 -65.55 -44.59 27.92
N ASP X 91 -66.60 -45.20 28.47
CA ASP X 91 -68.02 -44.69 28.52
C ASP X 91 -68.57 -44.36 27.13
N ILE X 92 -68.32 -45.25 26.19
CA ILE X 92 -68.72 -45.14 24.76
C ILE X 92 -70.24 -45.31 24.62
N THR X 93 -70.97 -45.55 25.71
CA THR X 93 -72.45 -45.46 25.81
C THR X 93 -72.92 -44.08 26.31
N SER X 94 -72.02 -43.21 26.77
CA SER X 94 -72.36 -41.86 27.31
C SER X 94 -73.02 -41.03 26.21
N PRO X 95 -74.02 -40.16 26.55
CA PRO X 95 -74.72 -39.35 25.55
C PRO X 95 -73.95 -38.12 25.05
N THR X 96 -72.78 -37.83 25.64
CA THR X 96 -71.78 -36.89 25.07
C THR X 96 -70.44 -37.61 24.96
N LEU X 97 -69.79 -37.48 23.80
CA LEU X 97 -68.51 -38.16 23.45
C LEU X 97 -67.39 -37.12 23.37
N LEU X 98 -66.16 -37.57 23.50
CA LEU X 98 -64.93 -36.73 23.38
C LEU X 98 -64.23 -37.01 22.05
N MET X 99 -63.97 -35.95 21.28
CA MET X 99 -63.10 -35.97 20.07
C MET X 99 -61.91 -35.05 20.33
N TRP X 100 -60.75 -35.40 19.78
CA TRP X 100 -59.57 -34.50 19.79
C TRP X 100 -59.82 -33.31 18.85
N GLU X 101 -59.49 -32.11 19.33
CA GLU X 101 -59.65 -30.83 18.58
C GLU X 101 -58.25 -30.27 18.32
N ALA X 102 -57.84 -30.18 17.06
CA ALA X 102 -56.57 -29.56 16.65
C ALA X 102 -56.68 -28.05 16.86
N VAL X 103 -55.86 -27.48 17.74
CA VAL X 103 -56.00 -26.05 18.16
C VAL X 103 -55.04 -25.21 17.33
N SER X 104 -53.78 -25.63 17.27
CA SER X 104 -52.67 -24.87 16.65
C SER X 104 -51.71 -25.81 15.92
N VAL X 105 -50.88 -25.27 15.03
CA VAL X 105 -49.80 -26.04 14.36
C VAL X 105 -48.58 -25.14 14.17
N LYS X 106 -47.41 -25.63 14.58
CA LYS X 106 -46.07 -25.14 14.17
C LYS X 106 -45.67 -26.01 12.98
N THR X 107 -45.51 -25.45 11.78
CA THR X 107 -45.11 -26.20 10.57
C THR X 107 -43.90 -25.54 9.90
N GLU X 108 -43.02 -26.35 9.33
CA GLU X 108 -41.70 -25.93 8.78
C GLU X 108 -41.42 -26.73 7.52
N VAL X 109 -40.87 -26.09 6.48
CA VAL X 109 -40.32 -26.78 5.28
C VAL X 109 -38.86 -27.08 5.55
N VAL X 110 -38.52 -28.36 5.71
CA VAL X 110 -37.17 -28.83 6.14
C VAL X 110 -36.26 -28.84 4.91
N GLY X 111 -34.98 -28.48 5.10
CA GLY X 111 -33.92 -28.62 4.07
C GLY X 111 -33.93 -27.48 3.06
N ILE X 112 -34.44 -26.31 3.44
CA ILE X 112 -34.37 -25.10 2.58
C ILE X 112 -32.90 -24.80 2.31
N SER X 113 -32.03 -24.94 3.31
CA SER X 113 -30.57 -24.65 3.21
C SER X 113 -29.91 -25.56 2.17
N SER X 114 -30.53 -26.68 1.81
CA SER X 114 -29.99 -27.67 0.82
C SER X 114 -29.81 -26.99 -0.54
N MET X 115 -30.58 -25.94 -0.82
CA MET X 115 -30.63 -25.25 -2.13
C MET X 115 -29.42 -24.33 -2.31
N LEU X 116 -28.73 -23.93 -1.23
CA LEU X 116 -27.51 -23.09 -1.34
C LEU X 116 -26.35 -23.99 -1.80
N ASN X 117 -26.37 -24.39 -3.07
CA ASN X 117 -25.51 -25.44 -3.66
C ASN X 117 -25.35 -25.14 -5.15
N MET X 118 -24.16 -24.67 -5.54
CA MET X 118 -23.87 -24.26 -6.93
C MET X 118 -22.77 -25.17 -7.52
N HIS X 119 -22.58 -26.38 -6.97
CA HIS X 119 -21.50 -27.31 -7.38
C HIS X 119 -22.05 -28.69 -7.76
N SER X 120 -23.32 -29.00 -7.47
CA SER X 120 -23.91 -30.34 -7.73
C SER X 120 -24.61 -30.37 -9.10
N TYR X 121 -23.82 -30.21 -10.16
CA TYR X 121 -24.11 -30.56 -11.58
C TYR X 121 -25.16 -29.62 -12.20
N GLY X 122 -25.40 -28.46 -11.61
CA GLY X 122 -26.37 -27.50 -12.15
C GLY X 122 -25.87 -26.89 -13.44
N LEU X 123 -26.77 -26.56 -14.37
CA LEU X 123 -26.44 -25.76 -15.59
C LEU X 123 -25.66 -24.54 -15.14
N ARG X 124 -24.49 -24.27 -15.74
CA ARG X 124 -23.54 -23.27 -15.21
C ARG X 124 -23.86 -21.88 -15.80
N ALA X 125 -23.74 -20.85 -14.97
CA ALA X 125 -24.05 -19.44 -15.32
C ALA X 125 -22.84 -18.83 -16.01
N PHE X 126 -23.05 -17.68 -16.66
CA PHE X 126 -22.01 -16.86 -17.30
C PHE X 126 -21.22 -17.72 -18.31
N GLY X 127 -21.97 -18.32 -19.23
CA GLY X 127 -21.47 -19.05 -20.41
C GLY X 127 -20.64 -20.28 -20.04
N GLY X 128 -20.90 -20.90 -18.88
CA GLY X 128 -20.30 -22.18 -18.48
C GLY X 128 -19.15 -22.03 -17.49
N TYR X 129 -18.68 -20.80 -17.23
CA TYR X 129 -17.52 -20.51 -16.35
C TYR X 129 -17.97 -20.28 -14.91
N GLY X 130 -19.24 -19.89 -14.69
CA GLY X 130 -19.81 -19.66 -13.35
C GLY X 130 -20.19 -20.96 -12.65
N GLY X 131 -20.93 -20.86 -11.54
CA GLY X 131 -21.44 -21.99 -10.76
C GLY X 131 -22.76 -22.52 -11.31
N GLY X 132 -23.22 -23.66 -10.79
CA GLY X 132 -24.49 -24.31 -11.18
C GLY X 132 -25.70 -23.54 -10.72
N TYR X 133 -26.77 -23.54 -11.53
CA TYR X 133 -28.11 -22.98 -11.16
C TYR X 133 -28.60 -23.69 -9.89
N THR X 134 -28.88 -22.90 -8.85
CA THR X 134 -29.70 -23.34 -7.68
C THR X 134 -31.12 -23.63 -8.18
N ILE X 135 -31.86 -24.44 -7.45
CA ILE X 135 -33.26 -24.78 -7.83
C ILE X 135 -33.98 -23.48 -8.19
N GLU X 136 -34.75 -23.48 -9.28
CA GLU X 136 -35.59 -22.34 -9.69
C GLU X 136 -36.77 -22.83 -10.54
N GLY X 137 -37.66 -21.89 -10.88
CA GLY X 137 -38.86 -22.13 -11.71
C GLY X 137 -40.13 -22.07 -10.87
N SER X 138 -41.25 -22.47 -11.47
CA SER X 138 -42.58 -22.49 -10.83
C SER X 138 -42.53 -23.43 -9.62
N HIS X 139 -43.21 -23.05 -8.54
CA HIS X 139 -43.22 -23.79 -7.26
C HIS X 139 -44.58 -23.65 -6.57
N ILE X 140 -44.91 -24.62 -5.71
CA ILE X 140 -46.12 -24.60 -4.85
C ILE X 140 -45.72 -25.05 -3.44
N HIS X 141 -46.22 -24.35 -2.44
CA HIS X 141 -46.08 -24.72 -1.01
C HIS X 141 -47.46 -24.75 -0.38
N PHE X 142 -47.80 -25.86 0.24
CA PHE X 142 -49.17 -26.12 0.74
C PHE X 142 -49.16 -27.15 1.87
N PHE X 143 -49.97 -26.90 2.90
CA PHE X 143 -50.22 -27.89 3.99
C PHE X 143 -51.67 -27.76 4.46
N SER X 144 -52.21 -28.87 4.94
CA SER X 144 -53.54 -28.90 5.60
C SER X 144 -53.47 -29.76 6.86
N VAL X 145 -54.20 -29.33 7.91
CA VAL X 145 -54.51 -30.15 9.11
C VAL X 145 -56.03 -30.31 9.16
N GLY X 146 -56.49 -31.53 9.44
CA GLY X 146 -57.91 -31.89 9.31
C GLY X 146 -58.30 -33.03 10.23
N GLY X 147 -59.59 -33.13 10.51
CA GLY X 147 -60.18 -34.21 11.33
C GLY X 147 -60.65 -35.37 10.48
N GLU X 148 -60.40 -35.28 9.17
CA GLU X 148 -60.81 -36.30 8.18
C GLU X 148 -60.01 -36.06 6.90
N PRO X 149 -60.06 -37.01 5.94
CA PRO X 149 -59.43 -36.79 4.64
C PRO X 149 -59.80 -35.44 4.01
N LEU X 150 -58.81 -34.78 3.38
CA LEU X 150 -58.97 -33.47 2.70
C LEU X 150 -59.83 -33.64 1.45
N ASP X 151 -60.84 -32.79 1.27
CA ASP X 151 -61.74 -32.81 0.08
C ASP X 151 -61.01 -32.15 -1.10
N LEU X 152 -60.97 -32.84 -2.25
CA LEU X 152 -60.29 -32.40 -3.51
C LEU X 152 -61.34 -32.15 -4.60
N GLN X 153 -61.21 -31.01 -5.29
CA GLN X 153 -61.98 -30.63 -6.51
C GLN X 153 -61.07 -30.86 -7.71
N GLY X 154 -61.61 -31.47 -8.77
CA GLY X 154 -60.89 -31.71 -10.04
C GLY X 154 -60.81 -30.46 -10.88
N LEU X 155 -59.58 -30.05 -11.20
CA LEU X 155 -59.31 -29.00 -12.21
C LEU X 155 -57.86 -29.15 -12.69
N MET X 156 -57.67 -29.18 -14.02
CA MET X 156 -56.40 -29.48 -14.71
C MET X 156 -56.25 -28.58 -15.94
N GLN X 157 -55.02 -28.44 -16.45
CA GLN X 157 -54.69 -27.56 -17.61
C GLN X 157 -55.14 -28.23 -18.92
N ASN X 158 -55.04 -29.56 -19.00
CA ASN X 158 -55.34 -30.34 -20.23
C ASN X 158 -56.20 -31.55 -19.90
N HIS X 159 -57.49 -31.52 -20.24
CA HIS X 159 -58.47 -32.60 -19.89
C HIS X 159 -57.98 -33.94 -20.43
N SER X 160 -57.24 -33.94 -21.53
CA SER X 160 -56.83 -35.16 -22.28
C SER X 160 -55.63 -35.84 -21.61
N THR X 161 -54.97 -35.18 -20.65
CA THR X 161 -53.74 -35.73 -20.02
C THR X 161 -54.04 -37.17 -19.55
N GLN X 162 -53.09 -38.09 -19.77
CA GLN X 162 -53.21 -39.52 -19.42
C GLN X 162 -52.25 -39.81 -18.26
N TYR X 163 -52.80 -40.06 -17.06
CA TYR X 163 -52.01 -40.37 -15.85
C TYR X 163 -51.82 -41.88 -15.76
N PRO X 164 -50.56 -42.37 -15.70
CA PRO X 164 -50.31 -43.79 -15.52
C PRO X 164 -50.86 -44.30 -14.18
N SER X 165 -51.32 -45.55 -14.14
N SER X 165 -51.32 -45.55 -14.14
CA SER X 165 -51.62 -46.27 -12.88
CA SER X 165 -51.62 -46.27 -12.88
C SER X 165 -50.33 -46.35 -12.05
C SER X 165 -50.33 -46.35 -12.05
N PRO X 166 -50.37 -46.24 -10.70
CA PRO X 166 -51.61 -46.13 -9.93
C PRO X 166 -52.16 -44.73 -9.63
N LEU X 167 -51.66 -43.70 -10.30
CA LEU X 167 -52.13 -42.30 -10.09
C LEU X 167 -53.63 -42.23 -10.39
N VAL X 168 -54.31 -41.27 -9.76
CA VAL X 168 -55.78 -41.04 -9.93
C VAL X 168 -55.98 -39.59 -10.37
N GLY X 169 -56.76 -39.40 -11.43
CA GLY X 169 -57.11 -38.06 -11.95
C GLY X 169 -58.62 -37.92 -12.11
N PRO X 170 -59.11 -36.69 -12.35
CA PRO X 170 -60.55 -36.45 -12.46
C PRO X 170 -61.16 -37.36 -13.52
N LYS X 171 -62.18 -38.13 -13.15
CA LYS X 171 -62.98 -38.96 -14.08
C LYS X 171 -64.45 -38.74 -13.72
N LYS X 172 -65.35 -38.65 -14.71
CA LYS X 172 -66.82 -38.78 -14.50
C LYS X 172 -67.10 -40.21 -14.03
N PRO X 173 -68.33 -40.56 -13.60
CA PRO X 173 -68.64 -41.93 -13.19
C PRO X 173 -68.37 -42.96 -14.29
N ASP X 174 -68.53 -42.57 -15.56
CA ASP X 174 -68.42 -43.47 -16.74
C ASP X 174 -66.95 -43.70 -17.13
N GLY X 175 -65.99 -42.98 -16.56
CA GLY X 175 -64.54 -43.15 -16.84
C GLY X 175 -63.95 -42.06 -17.71
N THR X 176 -64.79 -41.33 -18.46
CA THR X 176 -64.42 -40.19 -19.36
C THR X 176 -63.90 -39.01 -18.54
N THR X 177 -63.34 -38.01 -19.23
CA THR X 177 -62.85 -36.73 -18.69
C THR X 177 -63.02 -35.66 -19.77
N ASP X 178 -64.09 -34.89 -19.75
CA ASP X 178 -64.43 -33.93 -20.85
C ASP X 178 -63.73 -32.59 -20.60
N ASP X 179 -64.05 -31.59 -21.42
CA ASP X 179 -63.38 -30.26 -21.44
C ASP X 179 -63.68 -29.48 -20.15
N SER X 180 -64.78 -29.80 -19.47
CA SER X 180 -65.24 -29.08 -18.25
C SER X 180 -64.21 -29.21 -17.12
N ALA X 181 -63.40 -30.26 -17.12
CA ALA X 181 -62.35 -30.52 -16.11
C ALA X 181 -61.23 -29.47 -16.17
N GLN X 182 -61.30 -28.51 -17.10
CA GLN X 182 -60.32 -27.39 -17.21
C GLN X 182 -60.87 -26.19 -16.44
N VAL X 183 -62.14 -26.26 -16.05
CA VAL X 183 -62.80 -25.23 -15.19
C VAL X 183 -63.43 -26.00 -14.01
N LEU X 184 -64.42 -25.40 -13.33
CA LEU X 184 -65.12 -26.06 -12.21
C LEU X 184 -66.31 -26.85 -12.76
N ASN X 185 -66.27 -28.16 -12.57
CA ASN X 185 -67.45 -29.06 -12.72
C ASN X 185 -67.54 -29.91 -11.46
N PRO X 186 -68.58 -29.71 -10.62
CA PRO X 186 -68.76 -30.46 -9.38
C PRO X 186 -68.66 -31.98 -9.52
N ILE X 187 -68.84 -32.53 -10.73
CA ILE X 187 -68.80 -33.99 -10.99
C ILE X 187 -67.41 -34.55 -10.63
N TYR X 188 -66.36 -33.71 -10.67
CA TYR X 188 -64.95 -34.15 -10.45
C TYR X 188 -64.53 -33.83 -9.02
N LYS X 189 -64.74 -34.77 -8.10
CA LYS X 189 -64.40 -34.63 -6.66
C LYS X 189 -63.75 -35.91 -6.17
N ALA X 190 -62.94 -35.81 -5.13
CA ALA X 190 -62.18 -36.94 -4.55
C ALA X 190 -61.73 -36.58 -3.14
N LYS X 191 -61.42 -37.60 -2.35
CA LYS X 191 -60.87 -37.46 -0.98
C LYS X 191 -59.39 -37.85 -1.07
N LEU X 192 -58.50 -37.00 -0.55
CA LEU X 192 -57.04 -37.25 -0.50
C LEU X 192 -56.77 -38.37 0.52
N ASP X 193 -57.01 -39.62 0.11
CA ASP X 193 -57.06 -40.80 1.03
C ASP X 193 -55.87 -41.73 0.80
N LYS X 194 -54.85 -41.32 0.04
CA LYS X 194 -53.67 -42.15 -0.26
C LYS X 194 -52.50 -41.22 -0.63
N ASP X 195 -51.33 -41.46 0.00
CA ASP X 195 -50.06 -40.74 -0.27
C ASP X 195 -49.66 -40.97 -1.73
N ALA X 196 -48.95 -40.02 -2.32
CA ALA X 196 -48.20 -40.19 -3.60
C ALA X 196 -49.12 -40.67 -4.72
N THR X 197 -50.40 -40.29 -4.71
CA THR X 197 -51.43 -40.86 -5.63
C THR X 197 -52.18 -39.77 -6.41
N TYR X 198 -52.51 -38.66 -5.77
CA TYR X 198 -53.32 -37.57 -6.37
C TYR X 198 -52.37 -36.50 -6.90
N PRO X 199 -52.27 -36.32 -8.23
CA PRO X 199 -51.37 -35.30 -8.78
C PRO X 199 -51.81 -33.90 -8.36
N ILE X 200 -50.83 -33.08 -7.97
CA ILE X 200 -51.04 -31.65 -7.63
C ILE X 200 -51.74 -30.94 -8.81
N GLU X 201 -51.46 -31.36 -10.05
CA GLU X 201 -51.80 -30.58 -11.26
C GLU X 201 -53.29 -30.74 -11.66
N CYS X 202 -53.99 -31.76 -11.15
CA CYS X 202 -55.40 -32.03 -11.52
C CYS X 202 -56.35 -31.93 -10.32
N TRP X 203 -55.81 -31.73 -9.11
CA TRP X 203 -56.58 -31.69 -7.84
C TRP X 203 -56.19 -30.47 -7.00
N CYS X 204 -57.16 -29.63 -6.64
CA CYS X 204 -56.98 -28.52 -5.67
C CYS X 204 -57.90 -28.77 -4.48
N PRO X 205 -57.62 -28.18 -3.29
CA PRO X 205 -58.53 -28.28 -2.16
C PRO X 205 -59.90 -27.69 -2.54
N ASP X 206 -60.97 -28.43 -2.24
CA ASP X 206 -62.38 -28.08 -2.54
C ASP X 206 -62.86 -27.05 -1.53
N PRO X 207 -63.08 -25.78 -1.93
CA PRO X 207 -63.53 -24.74 -1.00
C PRO X 207 -65.02 -24.85 -0.66
N SER X 208 -65.77 -25.71 -1.35
CA SER X 208 -67.22 -25.97 -1.10
C SER X 208 -67.38 -26.97 0.05
N ARG X 209 -66.30 -27.62 0.46
CA ARG X 209 -66.29 -28.64 1.54
C ARG X 209 -65.16 -28.31 2.54
N ASN X 210 -64.44 -29.32 3.02
CA ASN X 210 -63.32 -29.15 3.97
C ASN X 210 -63.75 -28.33 5.19
N GLU X 211 -65.01 -28.45 5.63
CA GLU X 211 -65.54 -27.77 6.84
C GLU X 211 -64.67 -28.17 8.04
N ASN X 212 -64.22 -29.44 8.09
CA ASN X 212 -63.48 -30.02 9.24
C ASN X 212 -61.97 -30.11 8.92
N SER X 213 -61.47 -29.23 8.02
CA SER X 213 -60.03 -29.14 7.65
C SER X 213 -59.62 -27.67 7.46
N ARG X 214 -58.37 -27.36 7.79
CA ARG X 214 -57.76 -26.03 7.54
C ARG X 214 -56.61 -26.22 6.55
N TYR X 215 -56.66 -25.55 5.39
CA TYR X 215 -55.62 -25.68 4.33
C TYR X 215 -55.11 -24.28 3.96
N PHE X 216 -53.84 -24.25 3.53
CA PHE X 216 -53.07 -23.03 3.20
C PHE X 216 -52.09 -23.34 2.06
N GLY X 217 -52.20 -22.63 0.94
CA GLY X 217 -51.36 -22.88 -0.24
C GLY X 217 -50.96 -21.60 -0.94
N SER X 218 -49.77 -21.62 -1.53
CA SER X 218 -49.21 -20.50 -2.32
C SER X 218 -48.43 -21.06 -3.52
N TYR X 219 -48.87 -20.70 -4.74
CA TYR X 219 -48.20 -21.05 -6.02
C TYR X 219 -47.58 -19.79 -6.62
N THR X 220 -46.35 -19.93 -7.12
CA THR X 220 -45.64 -18.92 -7.94
C THR X 220 -45.24 -19.60 -9.25
N GLY X 221 -45.47 -18.94 -10.39
CA GLY X 221 -45.14 -19.45 -11.74
C GLY X 221 -43.80 -18.94 -12.25
N GLY X 222 -43.62 -18.95 -13.57
CA GLY X 222 -42.43 -18.41 -14.25
C GLY X 222 -41.39 -19.49 -14.52
N VAL X 223 -40.49 -19.21 -15.46
CA VAL X 223 -39.53 -20.21 -16.02
C VAL X 223 -38.34 -20.33 -15.09
N GLU X 224 -37.79 -19.21 -14.62
CA GLU X 224 -36.54 -19.17 -13.81
C GLU X 224 -36.79 -18.43 -12.48
N THR X 225 -38.04 -18.40 -12.02
CA THR X 225 -38.47 -17.64 -10.81
C THR X 225 -37.67 -18.13 -9.60
N PRO X 226 -37.06 -17.23 -8.80
CA PRO X 226 -36.26 -17.66 -7.65
C PRO X 226 -37.21 -18.04 -6.52
N PRO X 227 -37.01 -19.20 -5.85
CA PRO X 227 -37.79 -19.54 -4.68
C PRO X 227 -37.37 -18.64 -3.50
N VAL X 228 -38.35 -18.20 -2.70
CA VAL X 228 -38.15 -17.46 -1.42
C VAL X 228 -38.82 -18.28 -0.31
N LEU X 229 -38.03 -18.85 0.60
CA LEU X 229 -38.53 -19.71 1.70
C LEU X 229 -37.88 -19.29 3.02
N SER X 230 -38.68 -19.14 4.07
CA SER X 230 -38.25 -18.76 5.44
C SER X 230 -38.42 -19.94 6.37
N PHE X 231 -37.64 -19.97 7.47
CA PHE X 231 -37.72 -21.04 8.48
C PHE X 231 -37.43 -20.46 9.86
N THR X 232 -38.19 -20.90 10.87
CA THR X 232 -38.13 -20.46 12.29
C THR X 232 -38.90 -21.45 13.16
N ASN X 233 -38.53 -21.59 14.43
CA ASN X 233 -39.30 -22.41 15.41
C ASN X 233 -40.18 -21.50 16.28
N THR X 234 -40.34 -20.22 15.89
CA THR X 234 -41.08 -19.21 16.68
C THR X 234 -42.43 -18.86 16.05
N SER X 235 -42.94 -19.65 15.10
CA SER X 235 -44.17 -19.30 14.34
C SER X 235 -45.24 -20.37 14.54
N THR X 236 -46.46 -19.94 14.87
CA THR X 236 -47.63 -20.80 15.20
C THR X 236 -48.84 -20.34 14.40
N THR X 237 -49.60 -21.29 13.87
CA THR X 237 -50.85 -21.02 13.12
C THR X 237 -52.02 -21.54 13.95
N ILE X 238 -52.98 -20.68 14.27
CA ILE X 238 -54.22 -21.07 15.00
C ILE X 238 -55.13 -21.77 13.98
N LEU X 239 -55.73 -22.89 14.35
CA LEU X 239 -56.59 -23.71 13.46
C LEU X 239 -58.07 -23.55 13.83
N LEU X 240 -58.37 -22.75 14.86
CA LEU X 240 -59.76 -22.46 15.28
C LEU X 240 -60.44 -21.59 14.21
N ASP X 241 -61.71 -21.88 13.91
CA ASP X 241 -62.51 -21.15 12.89
C ASP X 241 -63.13 -19.91 13.53
N GLU X 242 -64.01 -19.21 12.80
CA GLU X 242 -64.69 -17.96 13.23
C GLU X 242 -65.47 -18.19 14.54
N ASN X 243 -65.82 -19.45 14.87
CA ASN X 243 -66.59 -19.83 16.09
C ASN X 243 -65.70 -20.53 17.13
N GLY X 244 -64.38 -20.40 17.06
CA GLY X 244 -63.45 -20.96 18.05
C GLY X 244 -63.39 -22.49 18.04
N VAL X 245 -63.84 -23.14 16.98
CA VAL X 245 -63.79 -24.62 16.82
C VAL X 245 -62.65 -24.98 15.86
N GLY X 246 -61.78 -25.89 16.30
CA GLY X 246 -60.71 -26.49 15.47
C GLY X 246 -61.20 -27.75 14.76
N PRO X 247 -60.39 -28.33 13.86
CA PRO X 247 -60.69 -29.63 13.28
C PRO X 247 -60.93 -30.68 14.37
N LEU X 248 -62.05 -31.41 14.27
CA LEU X 248 -62.42 -32.50 15.20
C LEU X 248 -62.04 -33.84 14.54
N CYS X 249 -61.10 -34.57 15.14
CA CYS X 249 -60.51 -35.81 14.58
C CYS X 249 -61.48 -37.00 14.71
N LYS X 250 -62.28 -37.24 13.66
CA LYS X 250 -63.16 -38.43 13.54
C LYS X 250 -62.30 -39.69 13.64
N GLY X 251 -62.83 -40.74 14.27
CA GLY X 251 -62.13 -42.03 14.46
C GLY X 251 -60.79 -41.88 15.17
N ASP X 252 -60.59 -40.81 15.91
CA ASP X 252 -59.34 -40.52 16.66
C ASP X 252 -58.15 -40.53 15.70
N GLY X 253 -58.31 -39.86 14.56
CA GLY X 253 -57.28 -39.76 13.49
C GLY X 253 -57.07 -38.33 13.04
N LEU X 254 -55.82 -37.87 13.11
CA LEU X 254 -55.38 -36.54 12.60
C LEU X 254 -54.87 -36.69 11.16
N TYR X 255 -55.46 -35.94 10.22
CA TYR X 255 -55.13 -35.98 8.77
C TYR X 255 -54.20 -34.80 8.42
N LEU X 256 -52.94 -35.11 8.10
CA LEU X 256 -51.93 -34.16 7.58
C LEU X 256 -51.76 -34.35 6.06
N SER X 257 -51.64 -33.24 5.33
CA SER X 257 -51.35 -33.20 3.88
C SER X 257 -50.30 -32.12 3.63
N SER X 258 -49.47 -32.32 2.59
CA SER X 258 -48.28 -31.50 2.24
C SER X 258 -48.12 -31.49 0.72
N ALA X 259 -47.62 -30.38 0.19
CA ALA X 259 -47.19 -30.24 -1.23
C ALA X 259 -46.13 -29.14 -1.28
N ASP X 260 -44.85 -29.52 -1.30
CA ASP X 260 -43.72 -28.55 -1.29
C ASP X 260 -42.77 -28.88 -2.43
N VAL X 261 -43.14 -28.42 -3.62
CA VAL X 261 -42.32 -28.47 -4.86
C VAL X 261 -41.59 -27.12 -4.95
N ALA X 262 -40.32 -27.09 -4.52
CA ALA X 262 -39.51 -25.88 -4.29
C ALA X 262 -39.24 -25.18 -5.63
N GLY X 263 -39.30 -25.95 -6.71
CA GLY X 263 -38.98 -25.54 -8.10
C GLY X 263 -38.38 -26.69 -8.89
N THR X 264 -37.61 -26.39 -9.93
CA THR X 264 -36.92 -27.40 -10.78
C THR X 264 -35.42 -27.32 -10.56
N PHE X 265 -34.74 -28.45 -10.74
CA PHE X 265 -33.27 -28.56 -10.92
C PHE X 265 -32.96 -28.61 -12.41
N VAL X 266 -32.09 -27.70 -12.89
CA VAL X 266 -31.69 -27.59 -14.32
C VAL X 266 -30.30 -28.21 -14.47
N GLN X 267 -30.22 -29.41 -15.04
CA GLN X 267 -28.95 -30.17 -15.13
C GLN X 267 -28.05 -29.61 -16.24
N GLN X 268 -26.75 -29.48 -15.95
CA GLN X 268 -25.72 -29.05 -16.91
C GLN X 268 -25.66 -30.06 -18.06
N THR X 269 -25.34 -29.60 -19.27
CA THR X 269 -25.05 -30.44 -20.46
C THR X 269 -26.36 -30.98 -21.04
N SER X 270 -27.13 -31.79 -20.30
CA SER X 270 -28.45 -32.30 -20.76
C SER X 270 -29.41 -31.13 -20.97
N GLN X 271 -29.33 -30.10 -20.12
CA GLN X 271 -30.26 -28.94 -20.04
C GLN X 271 -31.70 -29.45 -19.80
N LYS X 272 -31.83 -30.61 -19.16
CA LYS X 272 -33.13 -31.20 -18.74
C LYS X 272 -33.49 -30.67 -17.33
N GLN X 273 -34.78 -30.70 -17.01
CA GLN X 273 -35.35 -30.15 -15.75
C GLN X 273 -36.00 -31.27 -14.95
N TYR X 274 -35.80 -31.22 -13.64
CA TYR X 274 -36.30 -32.19 -12.64
C TYR X 274 -37.01 -31.41 -11.53
N TRP X 275 -38.25 -31.77 -11.22
CA TRP X 275 -38.98 -31.27 -10.03
C TRP X 275 -38.19 -31.62 -8.76
N ARG X 276 -38.07 -30.67 -7.83
CA ARG X 276 -37.38 -30.83 -6.53
C ARG X 276 -38.39 -30.61 -5.40
N GLY X 277 -38.66 -31.65 -4.61
CA GLY X 277 -39.57 -31.59 -3.46
C GLY X 277 -38.82 -31.41 -2.15
N LEU X 278 -39.49 -30.87 -1.13
CA LEU X 278 -38.91 -30.74 0.22
C LEU X 278 -39.89 -31.31 1.24
N PRO X 279 -39.39 -31.86 2.37
CA PRO X 279 -40.25 -32.40 3.42
C PRO X 279 -40.83 -31.28 4.28
N ARG X 280 -41.95 -31.57 4.97
CA ARG X 280 -42.65 -30.61 5.85
C ARG X 280 -42.82 -31.23 7.25
N TYR X 281 -42.29 -30.55 8.26
CA TYR X 281 -42.48 -30.89 9.70
C TYR X 281 -43.82 -30.31 10.17
N PHE X 282 -44.54 -31.09 10.97
CA PHE X 282 -45.77 -30.65 11.68
C PHE X 282 -45.57 -30.83 13.19
N ASN X 283 -46.07 -29.88 13.97
CA ASN X 283 -46.19 -29.97 15.44
C ASN X 283 -47.59 -29.47 15.81
N ILE X 284 -48.54 -30.38 16.02
CA ILE X 284 -49.96 -30.02 16.24
C ILE X 284 -50.24 -30.13 17.75
N THR X 285 -50.96 -29.15 18.30
CA THR X 285 -51.51 -29.15 19.68
C THR X 285 -53.01 -29.44 19.59
N LEU X 286 -53.47 -30.45 20.33
CA LEU X 286 -54.91 -30.83 20.39
C LEU X 286 -55.37 -30.84 21.84
N ARG X 287 -56.68 -30.63 22.04
CA ARG X 287 -57.37 -30.61 23.36
C ARG X 287 -58.62 -31.47 23.23
N LYS X 288 -59.10 -32.07 24.32
CA LYS X 288 -60.34 -32.90 24.31
C LYS X 288 -61.54 -31.95 24.18
N ARG X 289 -62.54 -32.31 23.37
CA ARG X 289 -63.76 -31.50 23.14
C ARG X 289 -64.96 -32.44 23.13
N ALA X 290 -66.07 -31.99 23.72
CA ALA X 290 -67.31 -32.76 23.91
C ALA X 290 -68.26 -32.48 22.75
N VAL X 291 -68.94 -33.53 22.26
CA VAL X 291 -69.90 -33.46 21.13
C VAL X 291 -71.10 -34.36 21.44
N LYS X 292 -72.29 -33.96 20.99
CA LYS X 292 -73.58 -34.60 21.39
C LYS X 292 -73.76 -35.85 20.51
N ASN X 293 -74.26 -36.93 21.11
CA ASN X 293 -74.73 -38.14 20.37
C ASN X 293 -76.19 -37.94 19.91
N GLY Y 24 -36.56 -25.98 28.12
CA GLY Y 24 -36.17 -27.41 27.96
C GLY Y 24 -36.86 -28.32 28.98
N GLY Y 25 -36.26 -29.50 29.22
CA GLY Y 25 -36.74 -30.57 30.13
C GLY Y 25 -36.36 -30.32 31.59
N ILE Y 26 -36.09 -29.05 31.95
CA ILE Y 26 -36.00 -28.50 33.34
C ILE Y 26 -37.43 -28.14 33.81
N GLU Y 27 -37.67 -28.08 35.13
CA GLU Y 27 -38.91 -27.49 35.74
C GLU Y 27 -38.65 -26.01 36.04
N VAL Y 28 -39.35 -25.11 35.37
CA VAL Y 28 -39.05 -23.63 35.35
C VAL Y 28 -39.87 -22.95 36.44
N LEU Y 29 -39.20 -22.17 37.31
CA LEU Y 29 -39.84 -21.51 38.48
C LEU Y 29 -39.87 -20.00 38.27
N ASP Y 30 -39.86 -19.21 39.35
CA ASP Y 30 -40.01 -17.73 39.34
C ASP Y 30 -38.80 -17.08 38.65
N VAL Y 31 -39.02 -15.92 38.05
CA VAL Y 31 -37.96 -15.00 37.56
C VAL Y 31 -37.33 -14.30 38.77
N LYS Y 32 -36.09 -14.60 39.15
CA LYS Y 32 -35.38 -13.83 40.21
C LYS Y 32 -35.29 -12.37 39.71
N THR Y 33 -35.64 -11.40 40.56
CA THR Y 33 -35.51 -9.95 40.27
C THR Y 33 -34.78 -9.30 41.44
N GLY Y 34 -34.14 -8.15 41.19
CA GLY Y 34 -33.33 -7.42 42.18
C GLY Y 34 -32.07 -6.85 41.54
N PRO Y 35 -31.07 -6.44 42.34
CA PRO Y 35 -29.84 -5.92 41.75
C PRO Y 35 -29.03 -7.08 41.15
N ASP Y 36 -28.35 -6.84 40.03
CA ASP Y 36 -27.47 -7.81 39.33
C ASP Y 36 -28.29 -9.03 38.90
N SER Y 37 -29.56 -8.86 38.50
CA SER Y 37 -30.45 -9.97 38.06
C SER Y 37 -30.58 -9.97 36.52
N THR Y 38 -30.16 -8.89 35.85
CA THR Y 38 -30.09 -8.80 34.37
C THR Y 38 -28.68 -8.42 33.93
N THR Y 39 -28.25 -8.91 32.76
CA THR Y 39 -26.98 -8.54 32.09
C THR Y 39 -27.19 -8.55 30.57
N THR Y 40 -26.37 -7.82 29.82
CA THR Y 40 -26.34 -7.83 28.33
C THR Y 40 -24.98 -8.32 27.85
N ILE Y 41 -24.95 -9.18 26.82
CA ILE Y 41 -23.71 -9.63 26.12
C ILE Y 41 -23.72 -9.10 24.68
N GLU Y 42 -22.59 -8.54 24.25
CA GLU Y 42 -22.30 -8.14 22.84
C GLU Y 42 -21.34 -9.18 22.24
N ALA Y 43 -21.61 -9.63 21.02
CA ALA Y 43 -20.76 -10.57 20.26
C ALA Y 43 -20.94 -10.33 18.76
N TYR Y 44 -19.99 -10.81 17.96
CA TYR Y 44 -20.10 -10.88 16.47
C TYR Y 44 -19.62 -12.27 16.01
N LEU Y 45 -20.25 -12.76 14.95
CA LEU Y 45 -19.78 -13.95 14.21
C LEU Y 45 -19.38 -13.51 12.80
N ASN Y 46 -18.08 -13.61 12.49
CA ASN Y 46 -17.55 -13.45 11.11
C ASN Y 46 -18.02 -14.64 10.29
N PRO Y 47 -18.23 -14.48 8.97
CA PRO Y 47 -18.78 -15.55 8.14
C PRO Y 47 -17.74 -16.66 7.91
N ARG Y 48 -18.20 -17.87 7.62
CA ARG Y 48 -17.33 -19.03 7.28
C ARG Y 48 -17.78 -19.61 5.94
N VAL Y 49 -17.46 -18.89 4.87
CA VAL Y 49 -17.87 -19.22 3.48
C VAL Y 49 -16.83 -20.15 2.83
N GLY Y 50 -15.78 -20.55 3.57
CA GLY Y 50 -14.74 -21.49 3.10
C GLY Y 50 -13.34 -20.93 3.33
N GLN Y 51 -13.21 -19.60 3.31
CA GLN Y 51 -12.01 -18.88 3.82
C GLN Y 51 -12.50 -17.88 4.88
N ASN Y 52 -11.60 -17.08 5.43
CA ASN Y 52 -11.85 -16.30 6.68
C ASN Y 52 -12.06 -14.82 6.35
N TRP Y 53 -11.86 -14.39 5.11
CA TRP Y 53 -11.91 -12.95 4.76
C TRP Y 53 -13.09 -12.68 3.83
N GLY Y 54 -14.15 -13.47 3.96
CA GLY Y 54 -15.52 -13.13 3.52
C GLY Y 54 -15.82 -13.59 2.11
N PHE Y 55 -14.84 -14.19 1.43
CA PHE Y 55 -15.02 -14.82 0.09
C PHE Y 55 -14.53 -16.27 0.12
N SER Y 56 -15.29 -17.16 -0.53
CA SER Y 56 -14.86 -18.54 -0.87
C SER Y 56 -13.83 -18.47 -2.01
N THR Y 57 -13.17 -19.60 -2.29
CA THR Y 57 -12.43 -19.80 -3.57
C THR Y 57 -13.47 -20.06 -4.67
N GLU Y 58 -13.06 -20.11 -5.93
CA GLU Y 58 -14.01 -20.22 -7.08
C GLU Y 58 -14.94 -21.43 -6.87
N ILE Y 59 -16.21 -21.26 -7.23
CA ILE Y 59 -17.21 -22.36 -7.21
C ILE Y 59 -16.90 -23.27 -8.39
N THR Y 60 -16.78 -24.57 -8.15
CA THR Y 60 -16.46 -25.61 -9.17
C THR Y 60 -17.67 -26.51 -9.39
N VAL Y 61 -17.79 -27.09 -10.58
CA VAL Y 61 -18.94 -27.97 -10.96
C VAL Y 61 -18.38 -29.17 -11.73
N ALA Y 62 -18.21 -30.30 -11.06
CA ALA Y 62 -17.85 -31.59 -11.69
C ALA Y 62 -18.72 -31.80 -12.95
N SER Y 63 -18.15 -32.39 -13.99
CA SER Y 63 -18.89 -32.83 -15.19
C SER Y 63 -19.85 -33.96 -14.79
N ASN Y 64 -21.04 -34.01 -15.39
CA ASN Y 64 -22.02 -35.09 -15.13
C ASN Y 64 -21.26 -36.42 -15.12
N GLY Y 65 -21.58 -37.31 -14.18
CA GLY Y 65 -21.00 -38.66 -14.10
C GLY Y 65 -19.68 -38.70 -13.34
N TYR Y 66 -19.03 -37.55 -13.12
CA TYR Y 66 -17.79 -37.43 -12.32
C TYR Y 66 -18.15 -37.19 -10.84
N ASN Y 67 -17.22 -37.53 -9.93
CA ASN Y 67 -17.40 -37.34 -8.47
C ASN Y 67 -17.71 -35.86 -8.19
N ASP Y 68 -18.73 -35.61 -7.36
CA ASP Y 68 -19.06 -34.27 -6.81
C ASP Y 68 -18.22 -34.06 -5.55
N ALA Y 69 -17.01 -33.52 -5.72
CA ALA Y 69 -16.02 -33.37 -4.62
C ALA Y 69 -15.49 -31.94 -4.64
N PRO Y 70 -16.26 -30.98 -4.12
CA PRO Y 70 -15.83 -29.58 -4.11
C PRO Y 70 -14.69 -29.38 -3.11
N HIS Y 71 -13.97 -28.28 -3.29
CA HIS Y 71 -12.82 -27.84 -2.43
C HIS Y 71 -13.34 -27.39 -1.07
N LEU Y 72 -12.62 -27.76 -0.01
CA LEU Y 72 -12.86 -27.24 1.36
C LEU Y 72 -13.22 -25.75 1.28
N THR Y 73 -12.46 -24.96 0.53
CA THR Y 73 -12.52 -23.48 0.58
C THR Y 73 -13.64 -22.92 -0.31
N GLU Y 74 -14.57 -23.75 -0.80
CA GLU Y 74 -15.71 -23.26 -1.63
C GLU Y 74 -17.05 -23.64 -0.97
N ILE Y 75 -17.02 -24.35 0.16
CA ILE Y 75 -18.23 -24.79 0.91
C ILE Y 75 -18.47 -23.84 2.07
N PRO Y 76 -19.52 -22.99 2.01
CA PRO Y 76 -19.92 -22.16 3.14
C PRO Y 76 -20.52 -23.00 4.29
N CYS Y 77 -20.15 -22.64 5.53
CA CYS Y 77 -20.55 -23.31 6.78
C CYS Y 77 -21.23 -22.33 7.73
N TYR Y 78 -21.97 -22.87 8.72
CA TYR Y 78 -22.52 -22.12 9.87
C TYR Y 78 -21.36 -21.60 10.72
N SER Y 79 -21.40 -20.30 11.03
CA SER Y 79 -20.60 -19.68 12.12
C SER Y 79 -21.27 -20.04 13.44
N SER Y 80 -20.49 -20.31 14.49
CA SER Y 80 -21.01 -20.63 15.84
C SER Y 80 -19.98 -20.25 16.91
N ALA Y 81 -20.46 -19.87 18.08
CA ALA Y 81 -19.64 -19.50 19.25
C ALA Y 81 -20.47 -19.74 20.51
N ARG Y 82 -19.81 -20.12 21.61
CA ARG Y 82 -20.40 -20.18 22.97
C ARG Y 82 -19.76 -19.04 23.76
N ILE Y 83 -20.56 -18.04 24.16
CA ILE Y 83 -20.11 -16.94 25.06
C ILE Y 83 -20.25 -17.44 26.51
N SER Y 84 -19.20 -17.26 27.31
CA SER Y 84 -19.17 -17.58 28.77
C SER Y 84 -19.91 -16.48 29.53
N LEU Y 85 -20.92 -16.88 30.31
CA LEU Y 85 -21.75 -15.98 31.16
C LEU Y 85 -21.20 -16.01 32.59
N PRO Y 86 -21.50 -15.00 33.45
CA PRO Y 86 -21.10 -15.03 34.86
C PRO Y 86 -21.59 -16.28 35.59
N LEU Y 87 -20.75 -16.88 36.45
CA LEU Y 87 -21.11 -18.10 37.23
C LEU Y 87 -22.24 -17.75 38.20
N LEU Y 88 -23.25 -18.60 38.33
CA LEU Y 88 -24.48 -18.32 39.15
C LEU Y 88 -24.51 -19.16 40.43
N ASN Y 89 -24.31 -20.47 40.35
CA ASN Y 89 -24.56 -21.41 41.46
C ASN Y 89 -23.19 -21.81 42.01
CA LEU Y 97 -30.64 -23.44 40.74
C LEU Y 97 -31.08 -22.18 39.98
N LEU Y 98 -30.12 -21.32 39.68
CA LEU Y 98 -30.32 -20.15 38.77
C LEU Y 98 -29.64 -20.41 37.43
N MET Y 99 -30.38 -20.26 36.33
CA MET Y 99 -29.84 -20.26 34.94
C MET Y 99 -30.10 -18.88 34.34
N TRP Y 100 -29.20 -18.40 33.48
CA TRP Y 100 -29.45 -17.19 32.67
C TRP Y 100 -30.52 -17.49 31.61
N GLU Y 101 -31.47 -16.58 31.44
CA GLU Y 101 -32.59 -16.67 30.48
C GLU Y 101 -32.41 -15.55 29.45
N ALA Y 102 -32.17 -15.91 28.19
CA ALA Y 102 -32.08 -14.95 27.07
C ALA Y 102 -33.47 -14.40 26.79
N VAL Y 103 -33.68 -13.10 26.96
CA VAL Y 103 -35.04 -12.48 26.90
C VAL Y 103 -35.25 -11.91 25.50
N SER Y 104 -34.27 -11.14 25.00
CA SER Y 104 -34.38 -10.37 23.74
C SER Y 104 -33.03 -10.37 23.01
N VAL Y 105 -33.02 -10.05 21.72
CA VAL Y 105 -31.77 -9.85 20.94
C VAL Y 105 -31.98 -8.73 19.92
N LYS Y 106 -31.06 -7.77 19.89
CA LYS Y 106 -30.83 -6.82 18.78
C LYS Y 106 -29.74 -7.46 17.91
N THR Y 107 -30.03 -7.81 16.65
CA THR Y 107 -29.04 -8.43 15.72
C THR Y 107 -29.00 -7.65 14.41
N GLU Y 108 -27.82 -7.56 13.81
CA GLU Y 108 -27.53 -6.75 12.61
C GLU Y 108 -26.56 -7.52 11.70
N VAL Y 109 -26.78 -7.46 10.38
CA VAL Y 109 -25.80 -7.95 9.37
C VAL Y 109 -24.87 -6.78 9.02
N VAL Y 110 -23.62 -6.86 9.43
CA VAL Y 110 -22.63 -5.73 9.31
C VAL Y 110 -22.07 -5.74 7.88
N GLY Y 111 -21.83 -4.55 7.32
CA GLY Y 111 -21.13 -4.36 6.03
C GLY Y 111 -22.04 -4.56 4.83
N ILE Y 112 -23.35 -4.35 4.99
CA ILE Y 112 -24.31 -4.35 3.85
C ILE Y 112 -23.85 -3.28 2.84
N SER Y 113 -23.43 -2.11 3.33
CA SER Y 113 -23.01 -0.96 2.48
C SER Y 113 -21.80 -1.34 1.62
N SER Y 114 -21.05 -2.40 1.98
CA SER Y 114 -19.84 -2.85 1.24
C SER Y 114 -20.21 -3.26 -0.18
N MET Y 115 -21.47 -3.65 -0.42
CA MET Y 115 -21.97 -4.18 -1.70
C MET Y 115 -22.19 -3.05 -2.72
N LEU Y 116 -22.33 -1.78 -2.28
CA LEU Y 116 -22.46 -0.65 -3.22
C LEU Y 116 -21.08 -0.32 -3.79
N ASN Y 117 -20.60 -1.18 -4.70
CA ASN Y 117 -19.21 -1.21 -5.22
C ASN Y 117 -19.25 -1.79 -6.63
N MET Y 118 -19.07 -0.95 -7.64
CA MET Y 118 -19.13 -1.35 -9.07
C MET Y 118 -17.77 -1.14 -9.74
N HIS Y 119 -16.69 -1.13 -8.96
CA HIS Y 119 -15.32 -0.82 -9.47
C HIS Y 119 -14.32 -1.91 -9.07
N SER Y 120 -14.65 -2.81 -8.15
CA SER Y 120 -13.70 -3.85 -7.64
C SER Y 120 -13.85 -5.15 -8.43
N TYR Y 121 -13.49 -5.08 -9.73
CA TYR Y 121 -13.17 -6.23 -10.63
C TYR Y 121 -14.42 -7.04 -11.00
N GLY Y 122 -15.62 -6.50 -10.80
CA GLY Y 122 -16.86 -7.23 -11.13
C GLY Y 122 -17.02 -7.36 -12.63
N LEU Y 123 -17.62 -8.47 -13.09
CA LEU Y 123 -18.04 -8.63 -14.51
C LEU Y 123 -18.82 -7.37 -14.92
N ARG Y 124 -18.44 -6.74 -16.02
CA ARG Y 124 -18.94 -5.38 -16.38
C ARG Y 124 -20.24 -5.50 -17.19
N ALA Y 125 -21.17 -4.59 -16.94
CA ALA Y 125 -22.51 -4.57 -17.57
C ALA Y 125 -22.41 -3.84 -18.91
N PHE Y 126 -23.44 -3.99 -19.74
CA PHE Y 126 -23.60 -3.28 -21.04
C PHE Y 126 -22.36 -3.54 -21.91
N GLY Y 127 -22.08 -4.83 -22.12
CA GLY Y 127 -21.06 -5.36 -23.06
C GLY Y 127 -19.65 -4.93 -22.71
N GLY Y 128 -19.36 -4.68 -21.42
CA GLY Y 128 -18.00 -4.41 -20.92
C GLY Y 128 -17.71 -2.94 -20.69
N TYR Y 129 -18.61 -2.04 -21.11
CA TYR Y 129 -18.42 -0.56 -21.02
C TYR Y 129 -18.99 -0.01 -19.70
N GLY Y 130 -19.94 -0.73 -19.09
CA GLY Y 130 -20.57 -0.34 -17.80
C GLY Y 130 -19.69 -0.66 -16.61
N GLY Y 131 -20.25 -0.56 -15.41
CA GLY Y 131 -19.57 -0.88 -14.13
C GLY Y 131 -19.67 -2.36 -13.79
N GLY Y 132 -18.94 -2.79 -12.75
CA GLY Y 132 -18.90 -4.19 -12.29
C GLY Y 132 -20.20 -4.60 -11.61
N TYR Y 133 -20.59 -5.87 -11.78
CA TYR Y 133 -21.73 -6.50 -11.06
C TYR Y 133 -21.48 -6.40 -9.55
N THR Y 134 -22.41 -5.78 -8.84
CA THR Y 134 -22.54 -5.90 -7.36
C THR Y 134 -22.87 -7.35 -7.03
N ILE Y 135 -22.58 -7.79 -5.81
CA ILE Y 135 -22.89 -9.17 -5.37
C ILE Y 135 -24.31 -9.50 -5.79
N GLU Y 136 -24.53 -10.69 -6.35
CA GLU Y 136 -25.90 -11.19 -6.69
C GLU Y 136 -25.93 -12.72 -6.68
N GLY Y 137 -27.11 -13.28 -6.87
CA GLY Y 137 -27.36 -14.73 -6.91
C GLY Y 137 -28.10 -15.20 -5.67
N SER Y 138 -28.19 -16.53 -5.51
CA SER Y 138 -28.85 -17.20 -4.37
C SER Y 138 -28.13 -16.79 -3.08
N HIS Y 139 -28.90 -16.57 -2.01
CA HIS Y 139 -28.39 -16.10 -0.70
C HIS Y 139 -29.23 -16.71 0.44
N ILE Y 140 -28.63 -16.79 1.63
CA ILE Y 140 -29.30 -17.24 2.89
C ILE Y 140 -28.86 -16.29 4.02
N HIS Y 141 -29.82 -15.88 4.83
CA HIS Y 141 -29.58 -15.09 6.07
C HIS Y 141 -30.26 -15.81 7.22
N PHE Y 142 -29.51 -16.09 8.28
CA PHE Y 142 -29.98 -16.94 9.40
C PHE Y 142 -29.18 -16.66 10.67
N PHE Y 143 -29.89 -16.61 11.81
CA PHE Y 143 -29.24 -16.52 13.15
C PHE Y 143 -30.08 -17.32 14.15
N SER Y 144 -29.41 -17.84 15.19
CA SER Y 144 -30.09 -18.49 16.33
C SER Y 144 -29.43 -18.03 17.63
N VAL Y 145 -30.24 -17.87 18.68
CA VAL Y 145 -29.80 -17.71 20.10
C VAL Y 145 -30.37 -18.89 20.88
N GLY Y 146 -29.54 -19.49 21.73
CA GLY Y 146 -29.87 -20.78 22.38
C GLY Y 146 -29.14 -20.96 23.70
N GLY Y 147 -29.68 -21.84 24.54
CA GLY Y 147 -29.11 -22.19 25.84
C GLY Y 147 -28.21 -23.41 25.73
N GLU Y 148 -28.03 -23.91 24.51
CA GLU Y 148 -27.22 -25.11 24.22
C GLU Y 148 -26.92 -25.14 22.72
N PRO Y 149 -26.01 -26.02 22.27
CA PRO Y 149 -25.77 -26.18 20.83
C PRO Y 149 -27.07 -26.36 20.02
N LEU Y 150 -27.14 -25.72 18.85
CA LEU Y 150 -28.31 -25.77 17.93
C LEU Y 150 -28.42 -27.18 17.34
N ASP Y 151 -29.62 -27.77 17.36
CA ASP Y 151 -29.89 -29.11 16.78
C ASP Y 151 -30.02 -28.99 15.25
N LEU Y 152 -29.26 -29.84 14.53
CA LEU Y 152 -29.19 -29.87 13.03
C LEU Y 152 -29.78 -31.17 12.51
N GLN Y 153 -30.65 -31.07 11.50
CA GLN Y 153 -31.20 -32.19 10.70
C GLN Y 153 -30.45 -32.25 9.38
N GLY Y 154 -30.06 -33.45 8.96
CA GLY Y 154 -29.37 -33.69 7.68
C GLY Y 154 -30.33 -33.66 6.52
N LEU Y 155 -30.09 -32.77 5.56
CA LEU Y 155 -30.77 -32.75 4.24
C LEU Y 155 -29.91 -31.97 3.25
N MET Y 156 -29.66 -32.57 2.08
CA MET Y 156 -28.72 -32.09 1.03
C MET Y 156 -29.32 -32.34 -0.35
N GLN Y 157 -28.81 -31.63 -1.37
CA GLN Y 157 -29.29 -31.72 -2.78
C GLN Y 157 -28.77 -33.03 -3.42
N ASN Y 158 -27.55 -33.43 -3.09
CA ASN Y 158 -26.88 -34.61 -3.70
C ASN Y 158 -26.25 -35.50 -2.62
N HIS Y 159 -26.85 -36.66 -2.33
CA HIS Y 159 -26.42 -37.57 -1.25
C HIS Y 159 -24.94 -37.96 -1.45
N SER Y 160 -24.48 -38.01 -2.71
CA SER Y 160 -23.14 -38.52 -3.08
C SER Y 160 -22.05 -37.47 -2.84
N THR Y 161 -22.41 -36.22 -2.56
CA THR Y 161 -21.42 -35.12 -2.40
C THR Y 161 -20.35 -35.58 -1.39
N GLN Y 162 -19.08 -35.30 -1.68
CA GLN Y 162 -17.92 -35.69 -0.85
C GLN Y 162 -17.35 -34.41 -0.20
N TYR Y 163 -17.51 -34.26 1.12
CA TYR Y 163 -17.00 -33.10 1.87
C TYR Y 163 -15.60 -33.42 2.36
N PRO Y 164 -14.58 -32.59 2.04
CA PRO Y 164 -13.23 -32.79 2.56
C PRO Y 164 -13.19 -32.66 4.08
N SER Y 165 -12.32 -33.41 4.75
CA SER Y 165 -11.98 -33.19 6.18
C SER Y 165 -11.37 -31.79 6.30
N PRO Y 166 -11.63 -31.02 7.40
CA PRO Y 166 -12.38 -31.48 8.56
C PRO Y 166 -13.90 -31.26 8.57
N LEU Y 167 -14.51 -30.89 7.44
CA LEU Y 167 -15.98 -30.65 7.35
C LEU Y 167 -16.71 -31.93 7.75
N VAL Y 168 -17.94 -31.78 8.25
CA VAL Y 168 -18.81 -32.91 8.69
C VAL Y 168 -20.12 -32.82 7.92
N GLY Y 169 -20.54 -33.93 7.33
CA GLY Y 169 -21.81 -34.03 6.59
C GLY Y 169 -22.62 -35.22 7.09
N PRO Y 170 -23.91 -35.31 6.69
CA PRO Y 170 -24.78 -36.38 7.15
C PRO Y 170 -24.15 -37.75 6.84
N LYS Y 171 -24.00 -38.59 7.86
CA LYS Y 171 -23.55 -40.00 7.73
C LYS Y 171 -24.48 -40.84 8.61
N LYS Y 172 -24.90 -42.02 8.14
CA LYS Y 172 -25.53 -43.06 9.00
C LYS Y 172 -24.46 -43.53 9.99
N PRO Y 173 -24.81 -44.37 11.01
CA PRO Y 173 -23.82 -44.89 11.95
C PRO Y 173 -22.69 -45.67 11.27
N ASP Y 174 -22.99 -46.32 10.14
CA ASP Y 174 -22.03 -47.21 9.41
C ASP Y 174 -21.06 -46.40 8.54
N GLY Y 175 -21.26 -45.08 8.35
CA GLY Y 175 -20.36 -44.21 7.56
C GLY Y 175 -20.93 -43.83 6.20
N THR Y 176 -21.87 -44.61 5.69
CA THR Y 176 -22.63 -44.43 4.41
C THR Y 176 -23.47 -43.17 4.45
N THR Y 177 -24.02 -42.78 3.30
CA THR Y 177 -24.97 -41.66 3.11
C THR Y 177 -25.87 -42.00 1.92
N ASP Y 178 -27.05 -42.56 2.17
CA ASP Y 178 -27.93 -43.09 1.09
C ASP Y 178 -28.81 -41.97 0.52
N ASP Y 179 -29.76 -42.32 -0.36
CA ASP Y 179 -30.60 -41.36 -1.12
C ASP Y 179 -31.56 -40.61 -0.19
N SER Y 180 -31.87 -41.20 0.98
CA SER Y 180 -32.85 -40.62 1.96
C SER Y 180 -32.38 -39.26 2.46
N ALA Y 181 -31.07 -39.00 2.45
CA ALA Y 181 -30.46 -37.73 2.91
C ALA Y 181 -30.86 -36.55 1.99
N GLN Y 182 -31.62 -36.80 0.93
CA GLN Y 182 -32.13 -35.73 0.03
C GLN Y 182 -33.53 -35.31 0.50
N VAL Y 183 -34.11 -36.08 1.41
CA VAL Y 183 -35.40 -35.77 2.08
C VAL Y 183 -35.16 -35.85 3.59
N LEU Y 184 -36.21 -36.01 4.39
CA LEU Y 184 -36.08 -36.14 5.86
C LEU Y 184 -35.90 -37.61 6.21
N ASN Y 185 -34.76 -37.94 6.79
CA ASN Y 185 -34.52 -39.23 7.50
C ASN Y 185 -33.95 -38.90 8.88
N PRO Y 186 -34.70 -39.16 9.97
CA PRO Y 186 -34.26 -38.86 11.32
C PRO Y 186 -32.86 -39.39 11.69
N ILE Y 187 -32.35 -40.39 10.94
CA ILE Y 187 -31.02 -41.00 11.22
C ILE Y 187 -29.92 -39.93 11.08
N TYR Y 188 -30.14 -38.87 10.30
CA TYR Y 188 -29.13 -37.83 9.99
C TYR Y 188 -29.34 -36.61 10.88
N LYS Y 189 -28.71 -36.59 12.05
CA LYS Y 189 -28.83 -35.48 13.04
C LYS Y 189 -27.45 -35.16 13.60
N ALA Y 190 -27.27 -33.92 14.04
CA ALA Y 190 -25.98 -33.41 14.58
C ALA Y 190 -26.23 -32.16 15.41
N LYS Y 191 -25.28 -31.84 16.28
CA LYS Y 191 -25.30 -30.62 17.12
C LYS Y 191 -24.26 -29.68 16.52
N LEU Y 192 -24.64 -28.43 16.25
CA LEU Y 192 -23.73 -27.37 15.72
C LEU Y 192 -22.74 -26.99 16.82
N ASP Y 193 -21.71 -27.80 17.02
CA ASP Y 193 -20.80 -27.72 18.20
C ASP Y 193 -19.39 -27.25 17.80
N LYS Y 194 -19.21 -26.76 16.56
CA LYS Y 194 -17.88 -26.30 16.06
C LYS Y 194 -18.10 -25.30 14.92
N ASP Y 195 -17.43 -24.15 14.99
CA ASP Y 195 -17.43 -23.09 13.95
C ASP Y 195 -16.88 -23.67 12.64
N ALA Y 196 -17.32 -23.15 11.50
CA ALA Y 196 -16.69 -23.35 10.17
C ALA Y 196 -16.57 -24.84 9.83
N THR Y 197 -17.51 -25.67 10.27
CA THR Y 197 -17.38 -27.16 10.19
C THR Y 197 -18.61 -27.78 9.52
N TYR Y 198 -19.82 -27.31 9.81
CA TYR Y 198 -21.08 -27.90 9.31
C TYR Y 198 -21.51 -27.10 8.09
N PRO Y 199 -21.48 -27.70 6.88
CA PRO Y 199 -21.90 -26.98 5.68
C PRO Y 199 -23.38 -26.59 5.75
N ILE Y 200 -23.69 -25.37 5.34
CA ILE Y 200 -25.08 -24.85 5.23
C ILE Y 200 -25.88 -25.79 4.33
N GLU Y 201 -25.25 -26.41 3.33
CA GLU Y 201 -25.97 -27.08 2.20
C GLU Y 201 -26.45 -28.48 2.59
N CYS Y 202 -25.96 -29.08 3.69
CA CYS Y 202 -26.35 -30.45 4.10
C CYS Y 202 -27.01 -30.47 5.48
N TRP Y 203 -27.07 -29.32 6.17
CA TRP Y 203 -27.60 -29.19 7.55
C TRP Y 203 -28.58 -28.02 7.65
N CYS Y 204 -29.81 -28.27 8.09
CA CYS Y 204 -30.81 -27.22 8.44
C CYS Y 204 -31.14 -27.34 9.93
N PRO Y 205 -31.67 -26.27 10.56
CA PRO Y 205 -32.13 -26.37 11.95
C PRO Y 205 -33.24 -27.43 12.04
N ASP Y 206 -33.13 -28.32 13.03
CA ASP Y 206 -34.06 -29.44 13.30
C ASP Y 206 -35.30 -28.89 13.99
N PRO Y 207 -36.47 -28.85 13.31
CA PRO Y 207 -37.68 -28.33 13.94
C PRO Y 207 -38.34 -29.31 14.93
N SER Y 208 -37.87 -30.56 14.99
CA SER Y 208 -38.33 -31.61 15.94
C SER Y 208 -37.66 -31.44 17.30
N ARG Y 209 -36.62 -30.59 17.38
CA ARG Y 209 -35.84 -30.34 18.61
C ARG Y 209 -35.71 -28.82 18.81
N ASN Y 210 -34.54 -28.35 19.23
CA ASN Y 210 -34.26 -26.91 19.45
C ASN Y 210 -35.31 -26.29 20.38
N GLU Y 211 -35.85 -27.05 21.34
CA GLU Y 211 -36.81 -26.54 22.36
C GLU Y 211 -36.15 -25.37 23.10
N ASN Y 212 -34.84 -25.44 23.36
CA ASN Y 212 -34.09 -24.46 24.17
C ASN Y 212 -33.28 -23.51 23.25
N SER Y 213 -33.72 -23.31 22.01
CA SER Y 213 -33.10 -22.37 21.02
C SER Y 213 -34.18 -21.66 20.21
N ARG Y 214 -33.92 -20.43 19.81
CA ARG Y 214 -34.77 -19.65 18.87
C ARG Y 214 -33.97 -19.39 17.60
N TYR Y 215 -34.45 -19.84 16.44
CA TYR Y 215 -33.75 -19.68 15.14
C TYR Y 215 -34.69 -19.03 14.12
N PHE Y 216 -34.08 -18.29 13.18
CA PHE Y 216 -34.76 -17.46 12.15
C PHE Y 216 -33.91 -17.45 10.88
N GLY Y 217 -34.47 -17.91 9.76
CA GLY Y 217 -33.75 -18.04 8.48
C GLY Y 217 -34.60 -17.67 7.29
N SER Y 218 -33.97 -17.12 6.26
CA SER Y 218 -34.61 -16.78 4.97
C SER Y 218 -33.62 -17.06 3.82
N TYR Y 219 -34.01 -17.94 2.89
CA TYR Y 219 -33.25 -18.28 1.67
C TYR Y 219 -34.00 -17.73 0.45
N THR Y 220 -33.26 -17.13 -0.47
CA THR Y 220 -33.72 -16.71 -1.82
C THR Y 220 -32.79 -17.37 -2.85
N GLY Y 221 -33.36 -17.97 -3.91
CA GLY Y 221 -32.61 -18.65 -4.98
C GLY Y 221 -32.39 -17.76 -6.19
N GLY Y 222 -32.14 -18.36 -7.35
CA GLY Y 222 -32.00 -17.65 -8.64
C GLY Y 222 -30.55 -17.38 -8.98
N VAL Y 223 -30.28 -17.11 -10.25
CA VAL Y 223 -28.90 -17.02 -10.82
C VAL Y 223 -28.32 -15.63 -10.54
N GLU Y 224 -29.13 -14.58 -10.78
CA GLU Y 224 -28.69 -13.16 -10.72
C GLU Y 224 -29.60 -12.38 -9.77
N THR Y 225 -30.25 -13.05 -8.83
CA THR Y 225 -31.24 -12.46 -7.89
C THR Y 225 -30.58 -11.34 -7.10
N PRO Y 226 -31.18 -10.12 -7.03
CA PRO Y 226 -30.56 -9.02 -6.30
C PRO Y 226 -30.78 -9.23 -4.80
N PRO Y 227 -29.74 -9.09 -3.96
CA PRO Y 227 -29.92 -9.15 -2.52
C PRO Y 227 -30.65 -7.89 -2.04
N VAL Y 228 -31.58 -8.05 -1.08
CA VAL Y 228 -32.29 -6.96 -0.37
C VAL Y 228 -31.99 -7.12 1.12
N LEU Y 229 -31.26 -6.19 1.71
CA LEU Y 229 -30.87 -6.23 3.14
C LEU Y 229 -31.12 -4.86 3.78
N SER Y 230 -31.73 -4.84 4.96
CA SER Y 230 -31.99 -3.63 5.78
C SER Y 230 -31.10 -3.65 7.02
N PHE Y 231 -30.83 -2.48 7.59
CA PHE Y 231 -30.03 -2.32 8.82
C PHE Y 231 -30.56 -1.14 9.64
N THR Y 232 -30.63 -1.32 10.95
CA THR Y 232 -31.13 -0.32 11.94
C THR Y 232 -30.70 -0.74 13.35
N ASN Y 233 -30.53 0.21 14.27
CA ASN Y 233 -30.26 -0.09 15.71
C ASN Y 233 -31.57 0.02 16.51
N THR Y 234 -32.71 0.11 15.84
CA THR Y 234 -34.04 0.34 16.48
C THR Y 234 -34.91 -0.93 16.47
N SER Y 235 -34.35 -2.11 16.21
CA SER Y 235 -35.14 -3.35 16.06
C SER Y 235 -34.69 -4.38 17.10
N THR Y 236 -35.67 -4.97 17.80
CA THR Y 236 -35.46 -5.96 18.89
C THR Y 236 -36.35 -7.17 18.64
N THR Y 237 -35.82 -8.38 18.86
CA THR Y 237 -36.56 -9.65 18.72
C THR Y 237 -36.73 -10.24 20.12
N ILE Y 238 -37.97 -10.49 20.54
CA ILE Y 238 -38.27 -11.18 21.82
C ILE Y 238 -37.98 -12.68 21.61
N LEU Y 239 -37.31 -13.30 22.57
CA LEU Y 239 -36.89 -14.73 22.50
C LEU Y 239 -37.76 -15.59 23.42
N LEU Y 240 -38.70 -14.99 24.15
CA LEU Y 240 -39.65 -15.72 25.02
C LEU Y 240 -40.62 -16.52 24.15
N ASP Y 241 -40.94 -17.75 24.55
CA ASP Y 241 -41.85 -18.65 23.82
C ASP Y 241 -43.30 -18.35 24.23
N GLU Y 242 -44.24 -19.18 23.78
CA GLU Y 242 -45.71 -19.04 24.02
C GLU Y 242 -46.00 -19.01 25.54
N ASN Y 243 -45.09 -19.52 26.38
CA ASN Y 243 -45.23 -19.58 27.86
C ASN Y 243 -44.31 -18.57 28.56
N GLY Y 244 -43.79 -17.56 27.87
CA GLY Y 244 -42.97 -16.50 28.47
C GLY Y 244 -41.60 -16.99 28.94
N VAL Y 245 -41.13 -18.14 28.46
CA VAL Y 245 -39.79 -18.71 28.81
C VAL Y 245 -38.83 -18.48 27.63
N GLY Y 246 -37.68 -17.88 27.90
CA GLY Y 246 -36.58 -17.73 26.93
C GLY Y 246 -35.63 -18.92 26.98
N PRO Y 247 -34.63 -18.98 26.06
CA PRO Y 247 -33.58 -19.97 26.15
C PRO Y 247 -32.88 -19.91 27.51
N LEU Y 248 -32.75 -21.07 28.17
CA LEU Y 248 -32.05 -21.22 29.48
C LEU Y 248 -30.63 -21.74 29.21
N CYS Y 249 -29.62 -20.93 29.53
CA CYS Y 249 -28.19 -21.20 29.22
C CYS Y 249 -27.61 -22.27 30.16
N LYS Y 250 -27.65 -23.54 29.73
CA LYS Y 250 -26.99 -24.68 30.43
C LYS Y 250 -25.49 -24.39 30.54
N GLY Y 251 -24.88 -24.80 31.66
CA GLY Y 251 -23.43 -24.59 31.94
C GLY Y 251 -23.03 -23.13 31.85
N ASP Y 252 -23.97 -22.20 32.03
CA ASP Y 252 -23.72 -20.74 32.02
C ASP Y 252 -23.07 -20.35 30.68
N GLY Y 253 -23.59 -20.89 29.58
CA GLY Y 253 -23.11 -20.66 28.21
C GLY Y 253 -24.21 -20.26 27.25
N LEU Y 254 -24.04 -19.11 26.58
CA LEU Y 254 -24.96 -18.61 25.53
C LEU Y 254 -24.44 -19.07 24.15
N TYR Y 255 -25.26 -19.79 23.39
CA TYR Y 255 -24.94 -20.35 22.05
C TYR Y 255 -25.50 -19.44 20.96
N LEU Y 256 -24.60 -18.76 20.22
CA LEU Y 256 -24.91 -17.96 19.01
C LEU Y 256 -24.51 -18.73 17.75
N SER Y 257 -25.35 -18.67 16.72
CA SER Y 257 -25.11 -19.24 15.37
C SER Y 257 -25.54 -18.21 14.31
N SER Y 258 -24.86 -18.23 13.16
CA SER Y 258 -24.99 -17.25 12.05
C SER Y 258 -24.77 -17.96 10.72
N ALA Y 259 -25.45 -17.51 9.68
CA ALA Y 259 -25.21 -17.91 8.28
C ALA Y 259 -25.69 -16.76 7.37
N ASP Y 260 -24.76 -15.94 6.90
CA ASP Y 260 -25.10 -14.76 6.07
C ASP Y 260 -24.23 -14.77 4.81
N VAL Y 261 -24.69 -15.57 3.84
CA VAL Y 261 -24.13 -15.66 2.45
C VAL Y 261 -24.97 -14.70 1.60
N ALA Y 262 -24.44 -13.49 1.37
CA ALA Y 262 -25.17 -12.33 0.77
C ALA Y 262 -25.51 -12.64 -0.69
N GLY Y 263 -24.74 -13.55 -1.30
CA GLY Y 263 -24.80 -13.94 -2.72
C GLY Y 263 -23.44 -14.31 -3.26
N THR Y 264 -23.24 -14.19 -4.58
CA THR Y 264 -21.93 -14.49 -5.23
C THR Y 264 -21.33 -13.19 -5.76
N PHE Y 265 -20.00 -13.15 -5.82
CA PHE Y 265 -19.22 -12.17 -6.60
C PHE Y 265 -18.86 -12.78 -7.96
N VAL Y 266 -19.20 -12.09 -9.06
CA VAL Y 266 -18.97 -12.54 -10.46
C VAL Y 266 -17.77 -11.76 -11.00
N GLN Y 267 -16.61 -12.41 -11.11
CA GLN Y 267 -15.35 -11.73 -11.51
C GLN Y 267 -15.32 -11.49 -13.01
N GLN Y 268 -14.88 -10.30 -13.41
CA GLN Y 268 -14.68 -9.89 -14.83
C GLN Y 268 -13.64 -10.82 -15.46
N THR Y 269 -13.77 -11.10 -16.75
CA THR Y 269 -12.77 -11.81 -17.59
C THR Y 269 -12.83 -13.31 -17.29
N SER Y 270 -12.53 -13.75 -16.05
CA SER Y 270 -12.63 -15.17 -15.65
C SER Y 270 -14.08 -15.66 -15.78
N GLN Y 271 -15.04 -14.78 -15.45
CA GLN Y 271 -16.50 -15.07 -15.35
C GLN Y 271 -16.72 -16.19 -14.32
N LYS Y 272 -15.82 -16.32 -13.35
CA LYS Y 272 -15.95 -17.26 -12.20
C LYS Y 272 -16.73 -16.60 -11.07
N GLN Y 273 -17.34 -17.41 -10.20
CA GLN Y 273 -18.22 -16.97 -9.10
C GLN Y 273 -17.62 -17.38 -7.75
N TYR Y 274 -17.73 -16.48 -6.78
CA TYR Y 274 -17.21 -16.64 -5.40
C TYR Y 274 -18.36 -16.29 -4.44
N TRP Y 275 -18.64 -17.19 -3.49
CA TRP Y 275 -19.55 -16.92 -2.35
C TRP Y 275 -19.02 -15.73 -1.55
N ARG Y 276 -19.90 -14.81 -1.17
CA ARG Y 276 -19.58 -13.60 -0.35
C ARG Y 276 -20.37 -13.67 0.96
N GLY Y 277 -19.66 -13.78 2.08
CA GLY Y 277 -20.25 -13.82 3.44
C GLY Y 277 -20.22 -12.47 4.12
N LEU Y 278 -21.10 -12.23 5.07
CA LEU Y 278 -21.11 -10.99 5.89
C LEU Y 278 -21.17 -11.36 7.37
N PRO Y 279 -20.56 -10.53 8.25
CA PRO Y 279 -20.60 -10.79 9.69
C PRO Y 279 -21.95 -10.37 10.29
N ARG Y 280 -22.27 -10.92 11.46
CA ARG Y 280 -23.53 -10.66 12.20
C ARG Y 280 -23.21 -10.21 13.63
N TYR Y 281 -23.67 -9.02 14.01
CA TYR Y 281 -23.62 -8.48 15.39
C TYR Y 281 -24.79 -9.05 16.19
N PHE Y 282 -24.53 -9.41 17.44
CA PHE Y 282 -25.56 -9.81 18.43
C PHE Y 282 -25.47 -8.90 19.66
N ASN Y 283 -26.63 -8.52 20.20
CA ASN Y 283 -26.76 -7.83 21.51
C ASN Y 283 -27.89 -8.54 22.27
N ILE Y 284 -27.56 -9.45 23.18
CA ILE Y 284 -28.55 -10.29 23.90
C ILE Y 284 -28.74 -9.71 25.30
N THR Y 285 -29.99 -9.62 25.76
CA THR Y 285 -30.37 -9.30 27.16
C THR Y 285 -30.81 -10.59 27.86
N LEU Y 286 -30.21 -10.88 29.01
CA LEU Y 286 -30.55 -12.07 29.84
C LEU Y 286 -30.92 -11.62 31.27
N ARG Y 287 -31.74 -12.44 31.94
CA ARG Y 287 -32.21 -12.24 33.33
C ARG Y 287 -32.04 -13.55 34.08
N LYS Y 288 -31.85 -13.52 35.40
CA LYS Y 288 -31.69 -14.75 36.23
C LYS Y 288 -33.07 -15.42 36.34
N ARG Y 289 -33.11 -16.75 36.24
CA ARG Y 289 -34.36 -17.55 36.33
C ARG Y 289 -34.08 -18.79 37.18
N ALA Y 290 -35.05 -19.16 38.02
CA ALA Y 290 -34.96 -20.27 38.99
C ALA Y 290 -35.53 -21.54 38.36
N VAL Y 291 -34.88 -22.68 38.62
CA VAL Y 291 -35.29 -24.00 38.10
C VAL Y 291 -35.09 -25.06 39.20
N LYS Y 292 -35.93 -26.11 39.21
CA LYS Y 292 -36.03 -27.07 40.33
C LYS Y 292 -34.91 -28.11 40.18
N GLY Z 24 4.07 -19.71 -27.47
CA GLY Z 24 3.98 -21.11 -26.95
C GLY Z 24 5.21 -21.50 -26.13
N GLY Z 25 5.06 -22.56 -25.31
CA GLY Z 25 6.01 -23.06 -24.28
C GLY Z 25 5.96 -22.26 -22.98
N ILE Z 26 5.46 -21.02 -23.05
CA ILE Z 26 5.04 -20.12 -21.94
C ILE Z 26 3.60 -20.50 -21.50
N GLU Z 27 3.21 -20.16 -20.27
CA GLU Z 27 1.81 -20.25 -19.76
C GLU Z 27 1.14 -18.88 -19.99
N VAL Z 28 0.09 -18.85 -20.82
CA VAL Z 28 -0.60 -17.59 -21.24
C VAL Z 28 -1.76 -17.29 -20.28
N LEU Z 29 -1.81 -16.07 -19.74
CA LEU Z 29 -2.80 -15.64 -18.72
C LEU Z 29 -3.75 -14.60 -19.35
N ASP Z 30 -4.32 -13.71 -18.53
CA ASP Z 30 -5.34 -12.71 -18.93
C ASP Z 30 -4.75 -11.69 -19.90
N VAL Z 31 -5.58 -11.13 -20.78
CA VAL Z 31 -5.27 -9.94 -21.61
C VAL Z 31 -5.34 -8.70 -20.72
N LYS Z 32 -4.21 -8.05 -20.40
CA LYS Z 32 -4.26 -6.73 -19.70
C LYS Z 32 -5.05 -5.75 -20.57
N THR Z 33 -6.01 -5.03 -20.00
CA THR Z 33 -6.88 -4.04 -20.73
C THR Z 33 -6.83 -2.71 -19.97
N SER Z 37 -2.86 0.00 -23.36
CA SER Z 37 -2.75 -1.47 -23.39
C SER Z 37 -2.40 -1.96 -24.81
N THR Z 38 -2.64 -1.10 -25.82
CA THR Z 38 -2.51 -1.42 -27.26
C THR Z 38 -1.57 -0.42 -27.92
N THR Z 39 -0.84 -0.87 -28.96
CA THR Z 39 0.00 -0.04 -29.86
C THR Z 39 -0.05 -0.63 -31.28
N THR Z 40 0.24 0.18 -32.30
CA THR Z 40 0.36 -0.23 -33.70
C THR Z 40 1.78 0.03 -34.21
N ILE Z 41 2.35 -0.90 -34.99
CA ILE Z 41 3.63 -0.72 -35.72
C ILE Z 41 3.36 -0.73 -37.23
N GLU Z 42 3.96 0.21 -37.97
CA GLU Z 42 4.02 0.28 -39.45
C GLU Z 42 5.41 -0.16 -39.90
N ALA Z 43 5.51 -1.00 -40.94
CA ALA Z 43 6.78 -1.36 -41.60
C ALA Z 43 6.51 -1.69 -43.08
N TYR Z 44 7.57 -1.71 -43.89
CA TYR Z 44 7.57 -2.30 -45.26
C TYR Z 44 8.80 -3.19 -45.44
N LEU Z 45 8.65 -4.26 -46.21
CA LEU Z 45 9.76 -5.11 -46.69
C LEU Z 45 9.85 -4.96 -48.21
N ASN Z 46 10.92 -4.36 -48.71
CA ASN Z 46 11.29 -4.34 -50.15
C ASN Z 46 11.66 -5.75 -50.56
N PRO Z 47 11.42 -6.15 -51.82
CA PRO Z 47 11.67 -7.52 -52.25
C PRO Z 47 13.17 -7.81 -52.37
N ARG Z 48 13.56 -9.08 -52.28
CA ARG Z 48 14.97 -9.53 -52.44
C ARG Z 48 15.00 -10.63 -53.50
N VAL Z 49 14.84 -10.21 -54.76
CA VAL Z 49 14.73 -11.14 -55.93
C VAL Z 49 16.13 -11.43 -56.50
N GLY Z 50 17.20 -10.89 -55.88
CA GLY Z 50 18.60 -11.14 -56.29
C GLY Z 50 19.37 -9.83 -56.46
N GLN Z 51 18.67 -8.77 -56.82
CA GLN Z 51 19.17 -7.37 -56.74
C GLN Z 51 18.19 -6.58 -55.86
N ASN Z 52 18.41 -5.28 -55.72
CA ASN Z 52 17.72 -4.42 -54.73
C ASN Z 52 16.68 -3.53 -55.43
N TRP Z 53 16.59 -3.55 -56.75
CA TRP Z 53 15.72 -2.59 -57.49
C TRP Z 53 14.56 -3.33 -58.16
N GLY Z 54 14.18 -4.49 -57.59
CA GLY Z 54 12.90 -5.16 -57.85
C GLY Z 54 12.95 -6.13 -59.02
N PHE Z 55 14.09 -6.22 -59.70
CA PHE Z 55 14.35 -7.22 -60.78
C PHE Z 55 15.62 -8.01 -60.46
N SER Z 56 15.58 -9.32 -60.73
CA SER Z 56 16.77 -10.20 -60.78
C SER Z 56 17.56 -9.90 -62.07
N THR Z 57 18.77 -10.45 -62.18
CA THR Z 57 19.50 -10.56 -63.48
C THR Z 57 18.85 -11.70 -64.26
N GLU Z 58 19.23 -11.89 -65.53
CA GLU Z 58 18.56 -12.88 -66.42
C GLU Z 58 18.55 -14.26 -65.75
N ILE Z 59 17.46 -14.99 -65.91
CA ILE Z 59 17.33 -16.39 -65.44
C ILE Z 59 18.14 -17.26 -66.40
N THR Z 60 19.03 -18.09 -65.87
CA THR Z 60 19.93 -18.98 -66.64
C THR Z 60 19.53 -20.44 -66.41
N VAL Z 61 19.81 -21.30 -67.38
CA VAL Z 61 19.46 -22.76 -67.32
C VAL Z 61 20.66 -23.54 -67.86
N ALA Z 62 21.47 -24.10 -66.96
CA ALA Z 62 22.55 -25.05 -67.29
C ALA Z 62 22.03 -26.09 -68.30
N SER Z 63 22.85 -26.50 -69.24
CA SER Z 63 22.57 -27.65 -70.15
C SER Z 63 22.50 -28.93 -69.32
N ASN Z 64 21.62 -29.85 -69.68
CA ASN Z 64 21.49 -31.16 -68.99
C ASN Z 64 22.91 -31.70 -68.77
N GLY Z 65 23.19 -32.27 -67.60
CA GLY Z 65 24.48 -32.90 -67.28
C GLY Z 65 25.53 -31.92 -66.78
N TYR Z 66 25.33 -30.61 -66.99
CA TYR Z 66 26.24 -29.53 -66.50
C TYR Z 66 25.80 -29.09 -65.09
N ASN Z 67 26.72 -28.49 -64.34
CA ASN Z 67 26.48 -28.03 -62.93
C ASN Z 67 25.30 -27.04 -62.94
N ASP Z 68 24.35 -27.22 -62.02
CA ASP Z 68 23.24 -26.27 -61.78
C ASP Z 68 23.75 -25.22 -60.79
N ALA Z 69 24.36 -24.15 -61.28
CA ALA Z 69 25.02 -23.11 -60.47
C ALA Z 69 24.56 -21.75 -60.96
N PRO Z 70 23.35 -21.32 -60.55
CA PRO Z 70 22.82 -20.03 -60.95
C PRO Z 70 23.58 -18.90 -60.26
N HIS Z 71 23.48 -17.69 -60.84
CA HIS Z 71 24.09 -16.45 -60.33
C HIS Z 71 23.40 -16.00 -59.05
N LEU Z 72 24.17 -15.53 -58.08
CA LEU Z 72 23.65 -14.88 -56.85
C LEU Z 72 22.44 -14.00 -57.22
N THR Z 73 22.56 -13.19 -58.27
CA THR Z 73 21.60 -12.10 -58.58
C THR Z 73 20.39 -12.61 -59.39
N GLU Z 74 20.17 -13.92 -59.48
CA GLU Z 74 18.98 -14.48 -60.17
C GLU Z 74 18.14 -15.34 -59.23
N ILE Z 75 18.59 -15.51 -57.98
CA ILE Z 75 17.89 -16.33 -56.95
C ILE Z 75 17.09 -15.40 -56.03
N PRO Z 76 15.74 -15.39 -56.12
CA PRO Z 76 14.91 -14.67 -55.17
C PRO Z 76 14.93 -15.29 -53.77
N CYS Z 77 14.97 -14.43 -52.76
CA CYS Z 77 15.04 -14.79 -51.31
C CYS Z 77 13.88 -14.18 -50.53
N TYR Z 78 13.62 -14.71 -49.34
CA TYR Z 78 12.70 -14.12 -48.33
C TYR Z 78 13.27 -12.80 -47.83
N SER Z 79 12.44 -11.75 -47.85
CA SER Z 79 12.64 -10.49 -47.10
C SER Z 79 12.31 -10.76 -45.63
N SER Z 80 13.07 -10.20 -44.70
CA SER Z 80 12.82 -10.34 -43.23
C SER Z 80 13.35 -9.13 -42.47
N ALA Z 81 12.70 -8.78 -41.36
CA ALA Z 81 13.11 -7.69 -40.47
C ALA Z 81 12.55 -7.98 -39.06
N ARG Z 82 13.26 -7.55 -38.03
CA ARG Z 82 12.79 -7.53 -36.62
C ARG Z 82 12.58 -6.07 -36.23
N ILE Z 83 11.32 -5.68 -35.99
CA ILE Z 83 10.98 -4.32 -35.46
C ILE Z 83 11.12 -4.35 -33.94
N ASN Z 89 9.35 -0.50 -19.57
CA ASN Z 89 10.00 -0.72 -18.24
C ASN Z 89 9.10 -1.64 -17.39
N GLU Z 90 9.60 -2.82 -17.01
CA GLU Z 90 8.85 -3.72 -16.11
C GLU Z 90 8.71 -3.08 -14.72
N ASP Z 91 7.55 -3.28 -14.09
CA ASP Z 91 7.27 -2.95 -12.66
C ASP Z 91 7.37 -4.23 -11.81
N ILE Z 92 8.33 -4.28 -10.89
CA ILE Z 92 8.66 -5.48 -10.09
C ILE Z 92 7.55 -5.73 -9.04
N THR Z 93 6.60 -4.80 -8.87
CA THR Z 93 5.37 -5.05 -8.06
C THR Z 93 4.17 -5.51 -8.92
N THR Z 96 2.60 -10.93 -12.46
CA THR Z 96 2.39 -11.17 -13.91
C THR Z 96 3.55 -10.50 -14.66
N LEU Z 97 4.08 -11.18 -15.69
CA LEU Z 97 4.97 -10.52 -16.70
C LEU Z 97 4.23 -10.29 -18.03
N LEU Z 98 4.53 -9.20 -18.71
CA LEU Z 98 3.77 -8.71 -19.90
C LEU Z 98 4.60 -8.92 -21.17
N MET Z 99 4.02 -9.58 -22.18
CA MET Z 99 4.56 -9.63 -23.56
C MET Z 99 3.56 -8.95 -24.50
N TRP Z 100 4.05 -8.31 -25.56
CA TRP Z 100 3.19 -7.80 -26.64
C TRP Z 100 2.62 -8.97 -27.43
N GLU Z 101 1.31 -8.90 -27.72
CA GLU Z 101 0.56 -9.94 -28.47
C GLU Z 101 0.09 -9.30 -29.77
N ALA Z 102 0.58 -9.78 -30.91
CA ALA Z 102 0.13 -9.33 -32.26
C ALA Z 102 -1.29 -9.86 -32.48
N VAL Z 103 -2.26 -8.95 -32.63
CA VAL Z 103 -3.70 -9.32 -32.63
C VAL Z 103 -4.15 -9.42 -34.08
N SER Z 104 -3.85 -8.41 -34.88
CA SER Z 104 -4.32 -8.27 -36.28
C SER Z 104 -3.22 -7.66 -37.14
N VAL Z 105 -3.36 -7.79 -38.46
CA VAL Z 105 -2.45 -7.12 -39.44
C VAL Z 105 -3.27 -6.69 -40.66
N LYS Z 106 -3.11 -5.43 -41.05
CA LYS Z 106 -3.46 -4.88 -42.38
C LYS Z 106 -2.18 -4.97 -43.23
N THR Z 107 -2.17 -5.79 -44.29
CA THR Z 107 -0.97 -5.97 -45.16
C THR Z 107 -1.38 -5.77 -46.62
N GLU Z 108 -0.47 -5.18 -47.40
CA GLU Z 108 -0.72 -4.70 -48.78
C GLU Z 108 0.54 -4.98 -49.61
N VAL Z 109 0.35 -5.45 -50.86
CA VAL Z 109 1.46 -5.55 -51.84
C VAL Z 109 1.49 -4.24 -52.64
N VAL Z 110 2.53 -3.43 -52.43
CA VAL Z 110 2.63 -2.04 -52.98
C VAL Z 110 3.11 -2.14 -54.43
N GLY Z 111 2.60 -1.26 -55.29
CA GLY Z 111 3.10 -1.06 -56.66
C GLY Z 111 2.54 -2.08 -57.65
N ILE Z 112 1.38 -2.66 -57.35
CA ILE Z 112 0.68 -3.58 -58.30
C ILE Z 112 0.40 -2.80 -59.58
N SER Z 113 0.00 -1.55 -59.49
CA SER Z 113 -0.35 -0.67 -60.65
C SER Z 113 0.86 -0.50 -61.58
N SER Z 114 2.08 -0.73 -61.08
CA SER Z 114 3.34 -0.58 -61.87
C SER Z 114 3.34 -1.53 -63.08
N MET Z 115 2.59 -2.64 -62.98
CA MET Z 115 2.57 -3.73 -63.99
C MET Z 115 1.72 -3.34 -65.19
N LEU Z 116 0.83 -2.35 -65.07
CA LEU Z 116 0.04 -1.86 -66.24
C LEU Z 116 0.95 -0.97 -67.11
N ASN Z 117 1.86 -1.63 -67.84
CA ASN Z 117 2.98 -1.01 -68.59
C ASN Z 117 3.32 -1.92 -69.77
N MET Z 118 2.95 -1.51 -70.97
CA MET Z 118 3.14 -2.30 -72.21
C MET Z 118 4.09 -1.57 -73.17
N HIS Z 119 4.94 -0.68 -72.64
CA HIS Z 119 5.84 0.18 -73.46
C HIS Z 119 7.30 0.08 -73.00
N SER Z 120 7.59 -0.51 -71.83
CA SER Z 120 8.96 -0.58 -71.27
C SER Z 120 9.63 -1.90 -71.65
N TYR Z 121 9.86 -2.06 -72.96
CA TYR Z 121 10.81 -3.03 -73.59
C TYR Z 121 10.31 -4.48 -73.47
N GLY Z 122 9.02 -4.70 -73.21
CA GLY Z 122 8.48 -6.06 -73.10
C GLY Z 122 8.45 -6.74 -74.46
N LEU Z 123 8.64 -8.06 -74.50
CA LEU Z 123 8.43 -8.87 -75.74
C LEU Z 123 7.05 -8.51 -76.31
N ARG Z 124 6.97 -8.16 -77.59
CA ARG Z 124 5.75 -7.54 -78.17
C ARG Z 124 4.79 -8.63 -78.67
N ALA Z 125 3.49 -8.40 -78.47
CA ALA Z 125 2.42 -9.35 -78.82
C ALA Z 125 2.04 -9.16 -80.27
N PHE Z 126 1.29 -10.12 -80.83
CA PHE Z 126 0.73 -10.09 -82.20
C PHE Z 126 1.88 -9.86 -83.20
N GLY Z 127 2.88 -10.75 -83.13
CA GLY Z 127 4.00 -10.86 -84.08
C GLY Z 127 4.88 -9.62 -84.13
N GLY Z 128 4.96 -8.86 -83.05
CA GLY Z 128 5.89 -7.73 -82.90
C GLY Z 128 5.24 -6.37 -83.11
N TYR Z 129 3.99 -6.33 -83.57
CA TYR Z 129 3.25 -5.07 -83.89
C TYR Z 129 2.46 -4.56 -82.67
N GLY Z 130 2.13 -5.44 -81.72
CA GLY Z 130 1.40 -5.09 -80.49
C GLY Z 130 2.30 -4.45 -79.44
N GLY Z 131 1.79 -4.33 -78.21
CA GLY Z 131 2.52 -3.79 -77.05
C GLY Z 131 3.33 -4.86 -76.33
N GLY Z 132 4.17 -4.44 -75.38
CA GLY Z 132 5.04 -5.33 -74.59
C GLY Z 132 4.25 -6.19 -73.61
N TYR Z 133 4.70 -7.42 -73.38
CA TYR Z 133 4.16 -8.33 -72.33
C TYR Z 133 4.29 -7.64 -70.97
N THR Z 134 3.17 -7.47 -70.27
CA THR Z 134 3.14 -7.17 -68.81
C THR Z 134 3.74 -8.36 -68.07
N ILE Z 135 4.22 -8.14 -66.85
CA ILE Z 135 4.81 -9.22 -66.02
C ILE Z 135 3.86 -10.43 -66.09
N GLU Z 136 4.41 -11.63 -66.27
CA GLU Z 136 3.65 -12.89 -66.21
C GLU Z 136 4.55 -14.06 -65.85
N GLY Z 137 3.95 -15.26 -65.71
CA GLY Z 137 4.63 -16.51 -65.37
C GLY Z 137 4.33 -16.92 -63.93
N SER Z 138 5.06 -17.91 -63.44
CA SER Z 138 4.92 -18.46 -62.07
C SER Z 138 5.22 -17.34 -61.06
N HIS Z 139 4.47 -17.31 -59.96
CA HIS Z 139 4.57 -16.26 -58.90
C HIS Z 139 4.28 -16.86 -57.53
N ILE Z 140 4.79 -16.21 -56.49
CA ILE Z 140 4.51 -16.56 -55.06
C ILE Z 140 4.24 -15.26 -54.29
N HIS Z 141 3.21 -15.26 -53.47
CA HIS Z 141 2.89 -14.17 -52.52
C HIS Z 141 2.76 -14.75 -51.14
N PHE Z 142 3.52 -14.22 -50.19
CA PHE Z 142 3.65 -14.80 -48.84
C PHE Z 142 4.07 -13.74 -47.82
N PHE Z 143 3.46 -13.78 -46.63
CA PHE Z 143 3.87 -12.94 -45.48
C PHE Z 143 3.68 -13.72 -44.19
N SER Z 144 4.50 -13.42 -43.19
CA SER Z 144 4.34 -13.95 -41.82
C SER Z 144 4.54 -12.84 -40.80
N VAL Z 145 3.76 -12.89 -39.72
CA VAL Z 145 3.95 -12.08 -38.48
C VAL Z 145 4.19 -13.08 -37.34
N GLY Z 146 5.18 -12.79 -36.50
CA GLY Z 146 5.68 -13.74 -35.48
C GLY Z 146 6.29 -13.06 -34.30
N GLY Z 147 6.35 -13.78 -33.18
CA GLY Z 147 6.97 -13.31 -31.92
C GLY Z 147 8.41 -13.74 -31.85
N GLU Z 148 8.93 -14.37 -32.91
CA GLU Z 148 10.31 -14.87 -33.00
C GLU Z 148 10.63 -15.17 -34.46
N PRO Z 149 11.90 -15.42 -34.79
CA PRO Z 149 12.27 -15.83 -36.15
C PRO Z 149 11.38 -16.95 -36.72
N LEU Z 150 11.02 -16.85 -37.99
CA LEU Z 150 10.18 -17.85 -38.71
C LEU Z 150 10.97 -19.14 -38.89
N ASP Z 151 10.39 -20.29 -38.54
CA ASP Z 151 11.01 -21.63 -38.70
C ASP Z 151 10.90 -22.07 -40.17
N LEU Z 152 12.02 -22.48 -40.77
CA LEU Z 152 12.14 -22.90 -42.19
C LEU Z 152 12.49 -24.38 -42.27
N GLN Z 153 11.77 -25.13 -43.12
CA GLN Z 153 12.05 -26.54 -43.50
C GLN Z 153 12.70 -26.53 -44.87
N GLY Z 154 13.77 -27.33 -45.04
CA GLY Z 154 14.48 -27.49 -46.32
C GLY Z 154 13.71 -28.39 -47.27
N LEU Z 155 13.38 -27.87 -48.44
CA LEU Z 155 12.85 -28.66 -49.58
C LEU Z 155 13.06 -27.87 -50.87
N MET Z 156 13.64 -28.53 -51.88
CA MET Z 156 14.09 -27.93 -53.17
C MET Z 156 13.80 -28.89 -54.32
N GLN Z 157 13.78 -28.38 -55.56
CA GLN Z 157 13.49 -29.16 -56.79
C GLN Z 157 14.72 -29.99 -57.16
N ASN Z 158 15.93 -29.48 -56.95
CA ASN Z 158 17.20 -30.14 -57.37
C ASN Z 158 18.22 -30.11 -56.23
N HIS Z 159 18.45 -31.25 -55.56
CA HIS Z 159 19.35 -31.33 -54.38
C HIS Z 159 20.75 -30.82 -54.74
N SER Z 160 21.16 -30.96 -55.99
CA SER Z 160 22.54 -30.68 -56.47
C SER Z 160 22.75 -29.18 -56.68
N THR Z 161 21.69 -28.37 -56.68
CA THR Z 161 21.79 -26.91 -56.97
C THR Z 161 22.90 -26.32 -56.08
N GLN Z 162 23.74 -25.45 -56.65
CA GLN Z 162 24.88 -24.80 -55.96
C GLN Z 162 24.54 -23.32 -55.77
N TYR Z 163 24.28 -22.89 -54.53
CA TYR Z 163 23.95 -21.48 -54.19
C TYR Z 163 25.25 -20.75 -53.87
N PRO Z 164 25.55 -19.64 -54.57
CA PRO Z 164 26.73 -18.84 -54.25
C PRO Z 164 26.63 -18.24 -52.83
N SER Z 165 27.76 -18.07 -52.15
CA SER Z 165 27.87 -17.25 -50.92
C SER Z 165 27.47 -15.81 -51.26
N PRO Z 166 26.77 -15.07 -50.37
CA PRO Z 166 26.43 -15.51 -49.01
C PRO Z 166 25.10 -16.24 -48.80
N LEU Z 167 24.42 -16.68 -49.87
CA LEU Z 167 23.14 -17.41 -49.76
C LEU Z 167 23.35 -18.67 -48.92
N VAL Z 168 22.28 -19.13 -48.27
CA VAL Z 168 22.28 -20.35 -47.41
C VAL Z 168 21.21 -21.29 -47.94
N GLY Z 169 21.57 -22.56 -48.15
CA GLY Z 169 20.65 -23.61 -48.60
C GLY Z 169 20.74 -24.82 -47.68
N PRO Z 170 19.78 -25.77 -47.81
CA PRO Z 170 19.76 -26.95 -46.95
C PRO Z 170 21.10 -27.68 -47.02
N LYS Z 171 21.72 -27.91 -45.86
CA LYS Z 171 22.95 -28.74 -45.72
C LYS Z 171 22.73 -29.64 -44.52
N LYS Z 172 23.16 -30.91 -44.59
CA LYS Z 172 23.32 -31.78 -43.39
C LYS Z 172 24.43 -31.18 -42.52
N PRO Z 173 24.65 -31.69 -41.29
CA PRO Z 173 25.73 -31.16 -40.44
C PRO Z 173 27.12 -31.26 -41.10
N ASP Z 174 27.33 -32.29 -41.92
CA ASP Z 174 28.64 -32.60 -42.56
C ASP Z 174 28.89 -31.70 -43.80
N GLY Z 175 27.91 -30.93 -44.28
CA GLY Z 175 28.08 -30.00 -45.42
C GLY Z 175 27.40 -30.50 -46.69
N THR Z 176 27.14 -31.81 -46.79
CA THR Z 176 26.49 -32.50 -47.96
C THR Z 176 25.04 -32.05 -48.08
N THR Z 177 24.38 -32.42 -49.19
CA THR Z 177 22.94 -32.21 -49.48
C THR Z 177 22.46 -33.37 -50.36
N ASP Z 178 21.87 -34.41 -49.77
CA ASP Z 178 21.53 -35.66 -50.52
C ASP Z 178 20.15 -35.50 -51.19
N ASP Z 179 19.63 -36.59 -51.77
CA ASP Z 179 18.39 -36.61 -52.58
C ASP Z 179 17.16 -36.34 -51.70
N SER Z 180 17.25 -36.59 -50.39
CA SER Z 180 16.12 -36.46 -49.44
C SER Z 180 15.64 -35.01 -49.37
N ALA Z 181 16.51 -34.03 -49.67
CA ALA Z 181 16.19 -32.58 -49.66
C ALA Z 181 15.17 -32.22 -50.76
N GLN Z 182 14.73 -33.19 -51.57
CA GLN Z 182 13.69 -32.98 -52.61
C GLN Z 182 12.32 -33.35 -52.02
N VAL Z 183 12.34 -33.99 -50.85
CA VAL Z 183 11.12 -34.32 -50.07
C VAL Z 183 11.33 -33.77 -48.65
N LEU Z 184 10.59 -34.28 -47.66
CA LEU Z 184 10.75 -33.84 -46.26
C LEU Z 184 11.79 -34.73 -45.58
N ASN Z 185 12.89 -34.12 -45.15
CA ASN Z 185 13.86 -34.72 -44.20
C ASN Z 185 14.08 -33.71 -43.07
N PRO Z 186 13.63 -34.03 -41.84
CA PRO Z 186 13.76 -33.12 -40.70
C PRO Z 186 15.18 -32.59 -40.46
N ILE Z 187 16.21 -33.24 -41.01
CA ILE Z 187 17.63 -32.83 -40.82
C ILE Z 187 17.84 -31.42 -41.41
N TYR Z 188 17.02 -31.01 -42.39
CA TYR Z 188 17.19 -29.72 -43.13
C TYR Z 188 16.23 -28.67 -42.54
N LYS Z 189 16.70 -27.92 -41.54
CA LYS Z 189 15.90 -26.87 -40.86
C LYS Z 189 16.77 -25.63 -40.66
N ALA Z 190 16.14 -24.47 -40.56
CA ALA Z 190 16.82 -23.18 -40.40
C ALA Z 190 15.81 -22.16 -39.84
N LYS Z 191 16.34 -21.08 -39.27
CA LYS Z 191 15.56 -19.92 -38.79
C LYS Z 191 15.82 -18.79 -39.78
N LEU Z 192 14.74 -18.16 -40.27
CA LEU Z 192 14.81 -16.99 -41.19
C LEU Z 192 15.36 -15.79 -40.43
N ASP Z 193 16.66 -15.73 -40.21
CA ASP Z 193 17.31 -14.78 -39.26
C ASP Z 193 18.15 -13.74 -40.00
N LYS Z 194 18.02 -13.62 -41.33
CA LYS Z 194 18.78 -12.65 -42.15
C LYS Z 194 18.01 -12.38 -43.46
N ASP Z 195 17.85 -11.10 -43.79
CA ASP Z 195 17.20 -10.62 -45.04
C ASP Z 195 18.03 -11.13 -46.24
N ALA Z 196 17.39 -11.34 -47.38
CA ALA Z 196 18.03 -11.51 -48.70
C ALA Z 196 19.04 -12.65 -48.68
N THR Z 197 18.81 -13.70 -47.89
CA THR Z 197 19.82 -14.76 -47.61
C THR Z 197 19.26 -16.16 -47.91
N TYR Z 198 18.02 -16.43 -47.54
CA TYR Z 198 17.40 -17.77 -47.66
C TYR Z 198 16.59 -17.81 -48.95
N PRO Z 199 17.01 -18.59 -49.96
CA PRO Z 199 16.26 -18.66 -51.22
C PRO Z 199 14.86 -19.23 -51.00
N ILE Z 200 13.86 -18.62 -51.64
CA ILE Z 200 12.45 -19.08 -51.63
C ILE Z 200 12.41 -20.55 -52.10
N GLU Z 201 13.30 -20.93 -53.02
CA GLU Z 201 13.17 -22.21 -53.79
C GLU Z 201 13.63 -23.42 -52.97
N CYS Z 202 14.37 -23.25 -51.88
CA CYS Z 202 14.91 -24.38 -51.07
C CYS Z 202 14.39 -24.36 -49.63
N TRP Z 203 13.62 -23.32 -49.26
CA TRP Z 203 13.09 -23.12 -47.88
C TRP Z 203 11.60 -22.79 -47.90
N CYS Z 204 10.78 -23.57 -47.20
CA CYS Z 204 9.34 -23.28 -46.97
C CYS Z 204 9.12 -23.12 -45.48
N PRO Z 205 8.03 -22.43 -45.04
CA PRO Z 205 7.70 -22.37 -43.61
C PRO Z 205 7.47 -23.79 -43.08
N ASP Z 206 8.09 -24.10 -41.93
CA ASP Z 206 8.04 -25.40 -41.24
C ASP Z 206 6.71 -25.54 -40.51
N PRO Z 207 5.79 -26.40 -40.97
CA PRO Z 207 4.49 -26.54 -40.31
C PRO Z 207 4.56 -27.37 -39.01
N SER Z 208 5.71 -28.00 -38.72
CA SER Z 208 5.96 -28.77 -37.47
C SER Z 208 6.34 -27.83 -36.33
N ARG Z 209 6.63 -26.56 -36.65
CA ARG Z 209 7.05 -25.54 -35.66
C ARG Z 209 6.21 -24.27 -35.88
N ASN Z 210 6.82 -23.09 -35.79
CA ASN Z 210 6.14 -21.79 -36.00
C ASN Z 210 4.88 -21.68 -35.12
N GLU Z 211 4.87 -22.28 -33.92
CA GLU Z 211 3.72 -22.18 -32.96
C GLU Z 211 3.46 -20.69 -32.67
N ASN Z 212 4.53 -19.89 -32.58
CA ASN Z 212 4.51 -18.46 -32.20
C ASN Z 212 4.62 -17.55 -33.42
N SER Z 213 4.23 -18.04 -34.61
CA SER Z 213 4.20 -17.27 -35.89
C SER Z 213 2.95 -17.63 -36.68
N ARG Z 214 2.41 -16.66 -37.43
CA ARG Z 214 1.28 -16.86 -38.37
C ARG Z 214 1.78 -16.55 -39.77
N TYR Z 215 1.72 -17.53 -40.68
CA TYR Z 215 2.21 -17.38 -42.07
C TYR Z 215 1.09 -17.76 -43.04
N PHE Z 216 1.14 -17.13 -44.22
CA PHE Z 216 0.13 -17.21 -45.31
C PHE Z 216 0.83 -17.07 -46.66
N GLY Z 217 0.70 -18.10 -47.51
CA GLY Z 217 1.38 -18.15 -48.82
C GLY Z 217 0.48 -18.72 -49.90
N SER Z 218 0.62 -18.19 -51.11
CA SER Z 218 -0.04 -18.71 -52.32
C SER Z 218 0.95 -18.69 -53.49
N TYR Z 219 1.22 -19.88 -54.06
CA TYR Z 219 2.04 -20.06 -55.28
C TYR Z 219 1.13 -20.46 -56.45
N THR Z 220 1.37 -19.83 -57.59
CA THR Z 220 0.76 -20.19 -58.90
C THR Z 220 1.91 -20.45 -59.88
N GLY Z 221 1.83 -21.54 -60.64
CA GLY Z 221 2.86 -21.94 -61.63
C GLY Z 221 2.49 -21.50 -63.04
N GLY Z 222 3.06 -22.17 -64.04
CA GLY Z 222 2.76 -21.95 -65.46
C GLY Z 222 3.75 -21.00 -66.11
N VAL Z 223 3.81 -21.04 -67.44
CA VAL Z 223 4.85 -20.34 -68.24
C VAL Z 223 4.43 -18.86 -68.42
N GLU Z 224 3.15 -18.65 -68.77
CA GLU Z 224 2.61 -17.33 -69.16
C GLU Z 224 1.45 -16.88 -68.26
N THR Z 225 1.34 -17.49 -67.08
CA THR Z 225 0.18 -17.33 -66.16
C THR Z 225 0.02 -15.86 -65.79
N PRO Z 226 -1.19 -15.27 -65.93
CA PRO Z 226 -1.38 -13.87 -65.61
C PRO Z 226 -1.44 -13.71 -64.10
N PRO Z 227 -0.72 -12.73 -63.50
CA PRO Z 227 -0.87 -12.44 -62.08
C PRO Z 227 -2.23 -11.76 -61.84
N VAL Z 228 -2.89 -12.13 -60.73
CA VAL Z 228 -4.14 -11.47 -60.23
C VAL Z 228 -3.83 -10.97 -58.82
N LEU Z 229 -3.79 -9.65 -58.62
CA LEU Z 229 -3.44 -9.03 -57.33
C LEU Z 229 -4.44 -7.90 -57.03
N SER Z 230 -4.94 -7.87 -55.80
CA SER Z 230 -5.90 -6.85 -55.30
C SER Z 230 -5.22 -5.96 -54.26
N PHE Z 231 -5.71 -4.74 -54.13
CA PHE Z 231 -5.18 -3.77 -53.13
C PHE Z 231 -6.33 -2.91 -52.59
N THR Z 232 -6.32 -2.71 -51.27
CA THR Z 232 -7.34 -1.97 -50.48
C THR Z 232 -6.77 -1.69 -49.08
N ASN Z 233 -7.22 -0.60 -48.44
CA ASN Z 233 -6.85 -0.30 -47.03
C ASN Z 233 -7.99 -0.75 -46.10
N THR Z 234 -8.95 -1.53 -46.58
CA THR Z 234 -10.17 -1.96 -45.83
C THR Z 234 -10.10 -3.43 -45.45
N SER Z 235 -8.94 -4.08 -45.51
CA SER Z 235 -8.82 -5.55 -45.26
C SER Z 235 -7.89 -5.82 -44.09
N THR Z 236 -8.34 -6.65 -43.16
CA THR Z 236 -7.64 -6.98 -41.88
C THR Z 236 -7.59 -8.50 -41.71
N THR Z 237 -6.45 -9.01 -41.26
CA THR Z 237 -6.25 -10.45 -40.96
C THR Z 237 -6.08 -10.60 -39.46
N ILE Z 238 -6.93 -11.42 -38.82
CA ILE Z 238 -6.82 -11.75 -37.38
C ILE Z 238 -5.66 -12.75 -37.23
N LEU Z 239 -4.80 -12.54 -36.24
CA LEU Z 239 -3.60 -13.38 -35.99
C LEU Z 239 -3.82 -14.28 -34.77
N LEU Z 240 -4.97 -14.18 -34.11
CA LEU Z 240 -5.32 -15.04 -32.93
C LEU Z 240 -5.55 -16.47 -33.41
N ASP Z 241 -5.08 -17.45 -32.65
CA ASP Z 241 -5.23 -18.91 -32.97
C ASP Z 241 -6.60 -19.39 -32.46
N GLU Z 242 -6.84 -20.70 -32.54
CA GLU Z 242 -8.10 -21.37 -32.12
C GLU Z 242 -8.43 -21.07 -30.64
N ASN Z 243 -7.43 -20.68 -29.83
CA ASN Z 243 -7.59 -20.35 -28.40
C ASN Z 243 -7.49 -18.84 -28.12
N GLY Z 244 -7.65 -17.99 -29.13
CA GLY Z 244 -7.65 -16.52 -28.96
C GLY Z 244 -6.29 -15.95 -28.59
N VAL Z 245 -5.20 -16.69 -28.79
CA VAL Z 245 -3.81 -16.23 -28.52
C VAL Z 245 -3.12 -15.86 -29.85
N GLY Z 246 -2.59 -14.64 -29.92
CA GLY Z 246 -1.74 -14.16 -31.02
C GLY Z 246 -0.27 -14.46 -30.79
N PRO Z 247 0.60 -14.21 -31.79
CA PRO Z 247 2.04 -14.28 -31.57
C PRO Z 247 2.47 -13.40 -30.40
N LEU Z 248 3.26 -13.98 -29.48
CA LEU Z 248 3.84 -13.27 -28.30
C LEU Z 248 5.29 -12.88 -28.62
N CYS Z 249 5.58 -11.59 -28.68
CA CYS Z 249 6.89 -11.02 -29.12
C CYS Z 249 7.97 -11.20 -28.04
N LYS Z 250 8.72 -12.30 -28.08
CA LYS Z 250 9.90 -12.55 -27.22
C LYS Z 250 10.91 -11.42 -27.44
N GLY Z 251 11.61 -11.02 -26.37
CA GLY Z 251 12.64 -9.96 -26.40
C GLY Z 251 12.08 -8.63 -26.92
N ASP Z 252 10.75 -8.43 -26.84
CA ASP Z 252 10.08 -7.19 -27.27
C ASP Z 252 10.40 -6.93 -28.74
N GLY Z 253 10.33 -7.98 -29.57
CA GLY Z 253 10.66 -7.93 -31.01
C GLY Z 253 9.57 -8.56 -31.87
N LEU Z 254 9.10 -7.80 -32.86
CA LEU Z 254 8.12 -8.28 -33.87
C LEU Z 254 8.86 -8.73 -35.12
N TYR Z 255 8.66 -9.98 -35.53
CA TYR Z 255 9.35 -10.61 -36.71
C TYR Z 255 8.38 -10.60 -37.90
N LEU Z 256 8.70 -9.79 -38.91
CA LEU Z 256 8.01 -9.72 -40.23
C LEU Z 256 8.84 -10.43 -41.31
N SER Z 257 8.17 -11.19 -42.18
CA SER Z 257 8.74 -11.87 -43.36
C SER Z 257 7.81 -11.66 -44.56
N SER Z 258 8.38 -11.61 -45.77
CA SER Z 258 7.70 -11.29 -47.04
C SER Z 258 8.35 -12.10 -48.18
N ALA Z 259 7.56 -12.46 -49.17
CA ALA Z 259 8.02 -13.05 -50.45
C ALA Z 259 6.98 -12.74 -51.52
N ASP Z 260 7.21 -11.70 -52.33
CA ASP Z 260 6.24 -11.26 -53.37
C ASP Z 260 6.95 -11.15 -54.71
N VAL Z 261 7.10 -12.31 -55.36
CA VAL Z 261 7.62 -12.46 -56.74
C VAL Z 261 6.38 -12.49 -57.66
N ALA Z 262 6.06 -11.34 -58.26
CA ALA Z 262 4.79 -11.09 -59.00
C ALA Z 262 4.73 -11.96 -60.25
N GLY Z 263 5.90 -12.36 -60.75
CA GLY Z 263 6.10 -13.13 -61.99
C GLY Z 263 7.43 -12.77 -62.64
N THR Z 264 7.55 -12.96 -63.95
CA THR Z 264 8.76 -12.63 -64.73
C THR Z 264 8.47 -11.47 -65.66
N PHE Z 265 9.50 -10.68 -65.97
CA PHE Z 265 9.54 -9.72 -67.11
C PHE Z 265 10.21 -10.41 -68.30
N VAL Z 266 9.54 -10.43 -69.46
CA VAL Z 266 10.02 -11.08 -70.72
C VAL Z 266 10.50 -9.96 -71.65
N GLN Z 267 11.82 -9.81 -71.80
CA GLN Z 267 12.42 -8.69 -72.57
C GLN Z 267 12.31 -8.98 -74.08
N GLN Z 268 11.94 -7.95 -74.85
CA GLN Z 268 11.86 -7.99 -76.33
C GLN Z 268 13.27 -8.28 -76.88
N THR Z 269 13.34 -8.99 -78.01
CA THR Z 269 14.57 -9.20 -78.80
C THR Z 269 15.44 -10.26 -78.12
N SER Z 270 15.93 -10.03 -76.89
CA SER Z 270 16.73 -11.03 -76.13
C SER Z 270 15.88 -12.26 -75.85
N GLN Z 271 14.57 -12.06 -75.59
CA GLN Z 271 13.61 -13.10 -75.12
C GLN Z 271 14.11 -13.74 -73.82
N LYS Z 272 14.88 -12.99 -73.03
CA LYS Z 272 15.34 -13.39 -71.68
C LYS Z 272 14.29 -12.98 -70.63
N GLN Z 273 14.28 -13.68 -69.50
CA GLN Z 273 13.29 -13.53 -68.42
C GLN Z 273 13.98 -13.06 -67.13
N TYR Z 274 13.33 -12.15 -66.43
CA TYR Z 274 13.81 -11.54 -65.17
C TYR Z 274 12.68 -11.64 -64.13
N TRP Z 275 13.00 -12.20 -62.96
CA TRP Z 275 12.09 -12.19 -61.78
C TRP Z 275 11.77 -10.74 -61.42
N ARG Z 276 10.51 -10.44 -61.13
CA ARG Z 276 10.01 -9.10 -60.71
C ARG Z 276 9.41 -9.21 -59.30
N GLY Z 277 10.02 -8.54 -58.33
CA GLY Z 277 9.54 -8.51 -56.93
C GLY Z 277 8.75 -7.26 -56.63
N LEU Z 278 7.87 -7.33 -55.63
CA LEU Z 278 7.10 -6.14 -55.16
C LEU Z 278 7.24 -6.00 -53.65
N PRO Z 279 7.20 -4.77 -53.11
CA PRO Z 279 7.29 -4.56 -51.67
C PRO Z 279 5.96 -4.85 -50.98
N ARG Z 280 6.01 -5.11 -49.66
CA ARG Z 280 4.83 -5.45 -48.82
C ARG Z 280 4.78 -4.49 -47.63
N TYR Z 281 3.68 -3.76 -47.48
CA TYR Z 281 3.36 -2.91 -46.31
C TYR Z 281 2.75 -3.79 -45.22
N PHE Z 282 3.15 -3.54 -43.96
CA PHE Z 282 2.53 -4.15 -42.76
C PHE Z 282 2.03 -3.05 -41.84
N ASN Z 283 0.86 -3.29 -41.24
CA ASN Z 283 0.29 -2.47 -40.14
C ASN Z 283 -0.21 -3.44 -39.08
N ILE Z 284 0.58 -3.68 -38.03
CA ILE Z 284 0.25 -4.69 -36.98
C ILE Z 284 -0.30 -3.95 -35.76
N THR Z 285 -1.38 -4.48 -35.17
CA THR Z 285 -1.95 -4.05 -33.88
C THR Z 285 -1.58 -5.09 -32.83
N LEU Z 286 -0.97 -4.62 -31.72
CA LEU Z 286 -0.58 -5.46 -30.57
C LEU Z 286 -1.24 -4.93 -29.30
N ARG Z 287 -1.46 -5.83 -28.33
CA ARG Z 287 -2.06 -5.55 -27.01
C ARG Z 287 -1.18 -6.22 -25.95
N LYS Z 288 -1.16 -5.70 -24.72
CA LYS Z 288 -0.35 -6.28 -23.62
C LYS Z 288 -1.03 -7.58 -23.18
N ARG Z 289 -0.26 -8.63 -22.90
CA ARG Z 289 -0.79 -9.95 -22.46
C ARG Z 289 0.11 -10.46 -21.34
N ALA Z 290 -0.49 -11.09 -20.33
CA ALA Z 290 0.18 -11.58 -19.11
C ALA Z 290 0.57 -13.04 -19.30
N VAL Z 291 1.75 -13.40 -18.80
CA VAL Z 291 2.34 -14.77 -18.94
C VAL Z 291 3.05 -15.11 -17.62
N LYS Z 292 3.07 -16.39 -17.25
CA LYS Z 292 3.93 -16.95 -16.16
C LYS Z 292 3.20 -16.71 -14.85
N GLU AA 27 -9.71 13.64 -33.20
CA GLU AA 27 -10.52 12.91 -32.21
C GLU AA 27 -11.97 12.89 -32.68
N VAL AA 28 -12.51 11.70 -32.93
CA VAL AA 28 -13.89 11.49 -33.50
C VAL AA 28 -14.88 11.33 -32.35
N LEU AA 29 -15.97 12.10 -32.38
CA LEU AA 29 -17.01 12.12 -31.30
C LEU AA 29 -18.31 11.50 -31.83
N ASP AA 30 -19.46 11.92 -31.29
CA ASP AA 30 -20.81 11.32 -31.56
C ASP AA 30 -21.22 11.57 -33.01
N VAL AA 31 -22.01 10.67 -33.58
CA VAL AA 31 -22.72 10.87 -34.87
C VAL AA 31 -23.91 11.80 -34.63
N LYS AA 32 -23.91 13.04 -35.11
CA LYS AA 32 -25.13 13.90 -35.07
C LYS AA 32 -26.24 13.17 -35.84
N THR AA 33 -27.44 13.08 -35.29
CA THR AA 33 -28.64 12.53 -35.98
C THR AA 33 -29.78 13.54 -35.84
N GLY AA 34 -30.74 13.47 -36.75
CA GLY AA 34 -31.89 14.42 -36.82
C GLY AA 34 -32.25 14.69 -38.27
N PRO AA 35 -33.10 15.69 -38.55
CA PRO AA 35 -33.40 16.06 -39.93
C PRO AA 35 -32.17 16.77 -40.54
N ASP AA 36 -31.93 16.53 -41.83
CA ASP AA 36 -30.81 17.15 -42.61
C ASP AA 36 -29.46 16.78 -41.98
N SER AA 37 -29.33 15.57 -41.45
CA SER AA 37 -28.06 15.03 -40.87
C SER AA 37 -27.41 14.05 -41.86
N THR AA 38 -28.15 13.59 -42.88
CA THR AA 38 -27.62 12.71 -43.96
C THR AA 38 -27.90 13.36 -45.32
N THR AA 39 -27.01 13.13 -46.30
CA THR AA 39 -27.17 13.53 -47.72
C THR AA 39 -26.50 12.47 -48.60
N THR AA 40 -26.92 12.36 -49.87
CA THR AA 40 -26.32 11.49 -50.90
C THR AA 40 -25.80 12.35 -52.05
N ILE AA 41 -24.61 12.04 -52.57
CA ILE AA 41 -24.03 12.67 -53.80
C ILE AA 41 -23.91 11.62 -54.90
N GLU AA 42 -24.31 11.97 -56.12
CA GLU AA 42 -24.10 11.20 -57.38
C GLU AA 42 -22.99 11.87 -58.18
N ALA AA 43 -22.05 11.10 -58.73
CA ALA AA 43 -20.97 11.59 -59.61
C ALA AA 43 -20.56 10.47 -60.57
N TYR AA 44 -19.87 10.81 -61.66
CA TYR AA 44 -19.16 9.87 -62.55
C TYR AA 44 -17.76 10.41 -62.86
N LEU AA 45 -16.80 9.50 -63.01
CA LEU AA 45 -15.45 9.81 -63.53
C LEU AA 45 -15.28 9.09 -64.87
N ASN AA 46 -15.19 9.84 -65.97
CA ASN AA 46 -14.79 9.33 -67.31
C ASN AA 46 -13.33 8.90 -67.24
N PRO AA 47 -12.90 7.89 -68.01
CA PRO AA 47 -11.53 7.39 -67.91
C PRO AA 47 -10.52 8.38 -68.53
N ARG AA 48 -9.26 8.30 -68.11
CA ARG AA 48 -8.16 9.14 -68.66
C ARG AA 48 -7.02 8.23 -69.11
N VAL AA 49 -7.25 7.53 -70.22
CA VAL AA 49 -6.33 6.50 -70.77
C VAL AA 49 -5.31 7.17 -71.71
N GLY AA 50 -5.34 8.50 -71.87
CA GLY AA 50 -4.38 9.26 -72.70
C GLY AA 50 -5.09 10.19 -73.67
N GLN AA 51 -6.30 9.82 -74.09
CA GLN AA 51 -7.26 10.72 -74.78
C GLN AA 51 -8.55 10.70 -73.96
N ASN AA 52 -9.59 11.39 -74.45
CA ASN AA 52 -10.81 11.69 -73.65
C ASN AA 52 -11.98 10.80 -74.10
N TRP AA 53 -11.83 10.02 -75.16
CA TRP AA 53 -12.97 9.27 -75.73
C TRP AA 53 -12.75 7.76 -75.56
N GLY AA 54 -12.02 7.38 -74.50
CA GLY AA 54 -12.04 6.03 -73.93
C GLY AA 54 -10.99 5.11 -74.53
N PHE AA 55 -10.24 5.57 -75.53
CA PHE AA 55 -9.09 4.86 -76.13
C PHE AA 55 -7.84 5.73 -76.09
N SER AA 56 -6.70 5.10 -75.78
CA SER AA 56 -5.35 5.69 -75.98
C SER AA 56 -5.02 5.70 -77.47
N THR AA 57 -3.94 6.37 -77.87
CA THR AA 57 -3.28 6.18 -79.18
C THR AA 57 -2.49 4.88 -79.11
N GLU AA 58 -1.93 4.40 -80.23
CA GLU AA 58 -1.27 3.07 -80.30
C GLU AA 58 -0.20 2.97 -79.21
N ILE AA 59 -0.09 1.80 -78.60
CA ILE AA 59 0.98 1.47 -77.62
C ILE AA 59 2.27 1.30 -78.40
N THR AA 60 3.33 1.99 -77.99
CA THR AA 60 4.68 1.95 -78.65
C THR AA 60 5.67 1.28 -77.71
N VAL AA 61 6.72 0.68 -78.25
CA VAL AA 61 7.80 -0.01 -77.48
C VAL AA 61 9.15 0.37 -78.08
N ALA AA 62 9.86 1.31 -77.46
CA ALA AA 62 11.25 1.67 -77.80
C ALA AA 62 12.07 0.39 -78.00
N SER AA 63 12.99 0.39 -78.97
CA SER AA 63 13.97 -0.72 -79.16
C SER AA 63 14.92 -0.71 -77.96
N ASN AA 64 15.35 -1.89 -77.51
CA ASN AA 64 16.34 -2.00 -76.41
C ASN AA 64 17.46 -1.00 -76.68
N GLY AA 65 17.94 -0.31 -75.65
CA GLY AA 65 19.06 0.65 -75.72
C GLY AA 65 18.62 2.05 -76.12
N TYR AA 66 17.40 2.21 -76.66
CA TYR AA 66 16.80 3.53 -76.99
C TYR AA 66 16.05 4.09 -75.77
N ASN AA 67 15.84 5.41 -75.74
CA ASN AA 67 15.06 6.09 -74.68
C ASN AA 67 13.65 5.47 -74.62
N ASP AA 68 13.18 5.15 -73.41
CA ASP AA 68 11.77 4.74 -73.12
C ASP AA 68 10.95 6.02 -72.94
N ALA AA 69 10.41 6.56 -74.03
CA ALA AA 69 9.71 7.87 -74.04
C ALA AA 69 8.39 7.70 -74.79
N PRO AA 70 7.37 7.13 -74.13
CA PRO AA 70 6.06 6.94 -74.75
C PRO AA 70 5.35 8.28 -74.95
N HIS AA 71 4.37 8.29 -75.85
CA HIS AA 71 3.52 9.45 -76.20
C HIS AA 71 2.58 9.77 -75.03
N LEU AA 72 2.41 11.06 -74.75
CA LEU AA 72 1.39 11.56 -73.79
C LEU AA 72 0.11 10.72 -73.94
N THR AA 73 -0.35 10.52 -75.17
CA THR AA 73 -1.71 9.97 -75.46
C THR AA 73 -1.74 8.44 -75.40
N GLU AA 74 -0.71 7.77 -74.87
CA GLU AA 74 -0.70 6.29 -74.72
C GLU AA 74 -0.52 5.90 -73.26
N ILE AA 75 -0.36 6.86 -72.35
CA ILE AA 75 -0.18 6.63 -70.89
C ILE AA 75 -1.51 6.83 -70.17
N PRO AA 76 -2.16 5.75 -69.69
CA PRO AA 76 -3.34 5.88 -68.85
C PRO AA 76 -3.02 6.46 -67.46
N CYS AA 77 -3.91 7.34 -66.99
CA CYS AA 77 -3.79 8.07 -65.69
C CYS AA 77 -5.02 7.82 -64.82
N TYR AA 78 -4.88 8.11 -63.52
CA TYR AA 78 -6.00 8.15 -62.55
C TYR AA 78 -6.95 9.30 -62.90
N SER AA 79 -8.23 9.00 -62.99
CA SER AA 79 -9.34 10.00 -62.96
C SER AA 79 -9.52 10.46 -61.51
N SER AA 80 -9.78 11.75 -61.28
CA SER AA 80 -10.02 12.32 -59.92
C SER AA 80 -10.91 13.55 -60.01
N ALA AA 81 -11.70 13.79 -58.96
CA ALA AA 81 -12.59 14.96 -58.83
C ALA AA 81 -12.87 15.21 -57.34
N ARG AA 82 -13.04 16.47 -56.97
CA ARG AA 82 -13.49 16.89 -55.62
C ARG AA 82 -14.91 17.44 -55.76
N ILE AA 83 -15.89 16.76 -55.17
CA ILE AA 83 -17.32 17.23 -55.13
C ILE AA 83 -17.46 18.17 -53.93
N SER AA 84 -18.07 19.33 -54.13
CA SER AA 84 -18.41 20.33 -53.09
C SER AA 84 -19.63 19.85 -52.31
N LEU AA 85 -19.50 19.73 -50.98
CA LEU AA 85 -20.59 19.32 -50.05
C LEU AA 85 -21.22 20.57 -49.44
N PRO AA 86 -22.45 20.50 -48.89
CA PRO AA 86 -23.08 21.63 -48.19
C PRO AA 86 -22.20 22.17 -47.05
N LEU AA 87 -22.11 23.51 -46.91
CA LEU AA 87 -21.27 24.16 -45.89
C LEU AA 87 -21.84 23.82 -44.49
N LEU AA 88 -20.95 23.47 -43.55
CA LEU AA 88 -21.17 23.09 -42.18
C LEU AA 88 -20.36 24.20 -41.52
N ASN AA 89 -20.99 25.03 -40.71
CA ASN AA 89 -20.38 26.29 -40.15
C ASN AA 89 -19.92 26.04 -38.72
N GLU AA 90 -18.61 26.13 -38.48
CA GLU AA 90 -18.02 26.09 -37.12
C GLU AA 90 -18.63 27.06 -36.07
N ASP AA 91 -18.85 26.48 -34.88
CA ASP AA 91 -19.26 27.14 -33.62
C ASP AA 91 -18.03 27.24 -32.71
N ILE AA 92 -17.57 28.46 -32.42
CA ILE AA 92 -16.31 28.68 -31.66
C ILE AA 92 -16.56 28.37 -30.17
N THR AA 93 -17.80 28.19 -29.76
CA THR AA 93 -18.13 27.97 -28.31
C THR AA 93 -18.31 26.49 -27.96
N SER AA 94 -18.80 25.75 -28.95
CA SER AA 94 -18.85 24.26 -28.94
C SER AA 94 -17.42 23.75 -28.78
N PRO AA 95 -17.18 22.60 -28.08
CA PRO AA 95 -15.91 21.87 -28.16
C PRO AA 95 -15.70 21.09 -29.48
N THR AA 96 -16.70 21.10 -30.36
CA THR AA 96 -16.92 20.23 -31.51
C THR AA 96 -17.06 21.05 -32.80
N LEU AA 97 -16.48 20.54 -33.89
CA LEU AA 97 -16.82 20.85 -35.31
C LEU AA 97 -17.61 19.68 -35.90
N LEU AA 98 -18.39 19.97 -36.94
CA LEU AA 98 -19.12 18.95 -37.74
C LEU AA 98 -18.44 18.78 -39.10
N MET AA 99 -18.09 17.54 -39.45
CA MET AA 99 -17.56 17.16 -40.79
C MET AA 99 -18.54 16.14 -41.38
N TRP AA 100 -18.69 16.15 -42.71
CA TRP AA 100 -19.41 15.07 -43.42
C TRP AA 100 -18.60 13.77 -43.35
N GLU AA 101 -19.26 12.66 -43.06
CA GLU AA 101 -18.66 11.30 -42.93
C GLU AA 101 -19.26 10.43 -44.04
N ALA AA 102 -18.43 10.00 -45.00
CA ALA AA 102 -18.82 9.07 -46.07
C ALA AA 102 -19.06 7.70 -45.46
N VAL AA 103 -20.29 7.20 -45.52
CA VAL AA 103 -20.68 5.97 -44.77
C VAL AA 103 -20.59 4.78 -45.72
N SER AA 104 -21.20 4.91 -46.90
CA SER AA 104 -21.35 3.82 -47.89
C SER AA 104 -21.19 4.38 -49.31
N VAL AA 105 -20.94 3.50 -50.27
CA VAL AA 105 -20.91 3.86 -51.72
C VAL AA 105 -21.49 2.71 -52.53
N LYS AA 106 -22.43 3.03 -53.41
CA LYS AA 106 -22.84 2.19 -54.58
C LYS AA 106 -22.00 2.67 -55.76
N THR AA 107 -21.12 1.83 -56.31
CA THR AA 107 -20.22 2.18 -57.44
C THR AA 107 -20.36 1.13 -58.54
N GLU AA 108 -20.29 1.59 -59.80
CA GLU AA 108 -20.58 0.76 -61.00
C GLU AA 108 -19.59 1.18 -62.08
N VAL AA 109 -19.06 0.20 -62.85
CA VAL AA 109 -18.28 0.46 -64.08
C VAL AA 109 -19.27 0.49 -65.26
N VAL AA 110 -19.48 1.66 -65.84
CA VAL AA 110 -20.52 1.91 -66.87
C VAL AA 110 -19.97 1.43 -68.23
N GLY AA 111 -20.84 0.85 -69.06
CA GLY AA 111 -20.52 0.50 -70.46
C GLY AA 111 -19.76 -0.81 -70.59
N ILE AA 112 -19.90 -1.71 -69.62
CA ILE AA 112 -19.32 -3.08 -69.72
C ILE AA 112 -19.91 -3.76 -70.96
N SER AA 113 -21.20 -3.58 -71.22
CA SER AA 113 -21.93 -4.21 -72.35
C SER AA 113 -21.33 -3.75 -73.70
N SER AA 114 -20.62 -2.62 -73.72
CA SER AA 114 -20.00 -2.05 -74.95
C SER AA 114 -19.00 -3.03 -75.55
N MET AA 115 -18.42 -3.91 -74.72
CA MET AA 115 -17.33 -4.84 -75.11
C MET AA 115 -17.90 -6.05 -75.89
N LEU AA 116 -19.20 -6.33 -75.79
CA LEU AA 116 -19.82 -7.43 -76.59
C LEU AA 116 -20.00 -6.95 -78.03
N ASN AA 117 -18.89 -6.86 -78.77
CA ASN AA 117 -18.77 -6.20 -80.09
C ASN AA 117 -17.63 -6.87 -80.85
N MET AA 118 -17.97 -7.68 -81.86
CA MET AA 118 -16.99 -8.46 -82.65
C MET AA 118 -17.02 -8.00 -84.11
N HIS AA 119 -17.47 -6.77 -84.38
CA HIS AA 119 -17.64 -6.23 -85.75
C HIS AA 119 -16.92 -4.89 -85.93
N SER AA 120 -16.46 -4.23 -84.86
CA SER AA 120 -15.83 -2.89 -84.95
C SER AA 120 -14.30 -3.02 -85.05
N TYR AA 121 -13.84 -3.60 -86.17
CA TYR AA 121 -12.46 -3.53 -86.73
C TYR AA 121 -11.45 -4.33 -85.87
N GLY AA 122 -11.93 -5.24 -85.03
CA GLY AA 122 -11.02 -6.05 -84.19
C GLY AA 122 -10.25 -7.05 -85.03
N LEU AA 123 -9.01 -7.37 -84.64
CA LEU AA 123 -8.22 -8.47 -85.24
C LEU AA 123 -9.11 -9.72 -85.26
N ARG AA 124 -9.24 -10.36 -86.42
CA ARG AA 124 -10.26 -11.42 -86.63
C ARG AA 124 -9.71 -12.79 -86.20
N ALA AA 125 -10.57 -13.60 -85.58
CA ALA AA 125 -10.23 -14.94 -85.05
C ALA AA 125 -10.32 -15.96 -86.16
N PHE AA 126 -9.75 -17.15 -85.92
CA PHE AA 126 -9.83 -18.33 -86.82
C PHE AA 126 -9.31 -17.94 -88.21
N GLY AA 127 -8.08 -17.42 -88.23
CA GLY AA 127 -7.28 -17.12 -89.43
C GLY AA 127 -7.92 -16.07 -90.32
N GLY AA 128 -8.71 -15.16 -89.77
CA GLY AA 128 -9.26 -13.98 -90.47
C GLY AA 128 -10.71 -14.16 -90.91
N TYR AA 129 -11.28 -15.36 -90.77
CA TYR AA 129 -12.66 -15.70 -91.21
C TYR AA 129 -13.67 -15.46 -90.09
N GLY AA 130 -13.23 -15.48 -88.83
CA GLY AA 130 -14.09 -15.24 -87.65
C GLY AA 130 -14.37 -13.76 -87.43
N GLY AA 131 -14.93 -13.43 -86.26
CA GLY AA 131 -15.23 -12.04 -85.84
C GLY AA 131 -14.03 -11.38 -85.17
N GLY AA 132 -14.15 -10.08 -84.87
CA GLY AA 132 -13.09 -9.27 -84.24
C GLY AA 132 -12.90 -9.63 -82.78
N TYR AA 133 -11.66 -9.55 -82.30
CA TYR AA 133 -11.29 -9.69 -80.87
C TYR AA 133 -12.05 -8.61 -80.07
N THR AA 134 -12.85 -9.04 -79.09
CA THR AA 134 -13.35 -8.17 -77.99
C THR AA 134 -12.15 -7.68 -77.18
N ILE AA 135 -12.31 -6.58 -76.46
CA ILE AA 135 -11.22 -6.03 -75.60
C ILE AA 135 -10.62 -7.18 -74.79
N GLU AA 136 -9.29 -7.26 -74.71
CA GLU AA 136 -8.59 -8.26 -73.86
C GLU AA 136 -7.20 -7.73 -73.49
N GLY AA 137 -6.51 -8.51 -72.65
CA GLY AA 137 -5.15 -8.21 -72.16
C GLY AA 137 -5.18 -7.80 -70.70
N SER AA 138 -4.04 -7.30 -70.21
CA SER AA 138 -3.85 -6.83 -68.82
C SER AA 138 -4.82 -5.67 -68.57
N HIS AA 139 -5.39 -5.61 -67.36
CA HIS AA 139 -6.41 -4.61 -66.96
C HIS AA 139 -6.26 -4.27 -65.48
N ILE AA 140 -6.74 -3.09 -65.09
CA ILE AA 140 -6.83 -2.64 -63.67
C ILE AA 140 -8.19 -1.99 -63.45
N HIS AA 141 -8.83 -2.33 -62.33
CA HIS AA 141 -10.08 -1.69 -61.86
C HIS AA 141 -9.85 -1.21 -60.43
N PHE AA 142 -10.12 0.06 -60.19
CA PHE AA 142 -9.79 0.72 -58.91
C PHE AA 142 -10.66 1.95 -58.69
N PHE AA 143 -11.11 2.13 -57.45
CA PHE AA 143 -11.82 3.36 -57.01
C PHE AA 143 -11.45 3.66 -55.56
N SER AA 144 -11.46 4.94 -55.20
CA SER AA 144 -11.30 5.40 -53.81
C SER AA 144 -12.32 6.49 -53.51
N VAL AA 145 -12.84 6.47 -52.27
CA VAL AA 145 -13.63 7.58 -51.66
C VAL AA 145 -12.83 8.05 -50.44
N GLY AA 146 -12.72 9.37 -50.28
CA GLY AA 146 -11.80 9.97 -49.30
C GLY AA 146 -12.28 11.34 -48.85
N GLY AA 147 -11.79 11.75 -47.67
CA GLY AA 147 -12.07 13.08 -47.09
C GLY AA 147 -11.02 14.08 -47.47
N GLU AA 148 -10.07 13.66 -48.31
CA GLU AA 148 -8.94 14.51 -48.78
C GLU AA 148 -8.31 13.84 -49.99
N PRO AA 149 -7.42 14.55 -50.70
CA PRO AA 149 -6.68 13.93 -51.81
C PRO AA 149 -6.07 12.57 -51.43
N LEU AA 150 -6.13 11.60 -52.36
CA LEU AA 150 -5.60 10.23 -52.15
C LEU AA 150 -4.07 10.30 -52.14
N ASP AA 151 -3.43 9.66 -51.14
CA ASP AA 151 -1.96 9.59 -51.00
C ASP AA 151 -1.40 8.55 -51.98
N LEU AA 152 -0.40 8.95 -52.80
CA LEU AA 152 0.24 8.12 -53.84
C LEU AA 152 1.70 7.85 -53.45
N GLN AA 153 2.11 6.60 -53.55
CA GLN AA 153 3.52 6.12 -53.42
C GLN AA 153 4.06 5.88 -54.82
N GLY AA 154 5.29 6.34 -55.08
CA GLY AA 154 5.99 6.14 -56.36
C GLY AA 154 6.55 4.74 -56.46
N LEU AA 155 6.13 4.01 -57.50
CA LEU AA 155 6.73 2.71 -57.89
C LEU AA 155 6.37 2.42 -59.34
N MET AA 156 7.38 2.10 -60.15
CA MET AA 156 7.31 1.95 -61.63
C MET AA 156 8.19 0.78 -62.06
N GLN AA 157 7.94 0.25 -63.28
CA GLN AA 157 8.67 -0.91 -63.84
C GLN AA 157 10.06 -0.48 -64.32
N ASN AA 158 10.18 0.74 -64.86
CA ASN AA 158 11.45 1.25 -65.46
C ASN AA 158 11.71 2.68 -64.97
N HIS AA 159 12.69 2.85 -64.08
CA HIS AA 159 13.01 4.16 -63.44
C HIS AA 159 13.31 5.21 -64.52
N SER AA 160 13.84 4.79 -65.67
CA SER AA 160 14.34 5.68 -66.74
C SER AA 160 13.19 6.22 -67.59
N THR AA 161 11.98 5.67 -67.47
CA THR AA 161 10.83 6.07 -68.32
C THR AA 161 10.71 7.60 -68.29
N GLN AA 162 10.46 8.21 -69.45
CA GLN AA 162 10.35 9.68 -69.61
C GLN AA 162 8.88 10.02 -69.90
N TYR AA 163 8.20 10.65 -68.96
CA TYR AA 163 6.78 11.05 -69.11
C TYR AA 163 6.72 12.46 -69.68
N PRO AA 164 6.04 12.67 -70.82
CA PRO AA 164 5.87 14.01 -71.38
C PRO AA 164 5.09 14.92 -70.42
N SER AA 165 5.39 16.22 -70.41
CA SER AA 165 4.54 17.26 -69.76
C SER AA 165 3.17 17.24 -70.44
N PRO AA 166 2.04 17.45 -69.72
CA PRO AA 166 2.04 17.80 -68.30
C PRO AA 166 1.97 16.66 -67.28
N LEU AA 167 2.18 15.41 -67.70
CA LEU AA 167 2.15 14.23 -66.77
C LEU AA 167 3.20 14.43 -65.68
N VAL AA 168 2.98 13.82 -64.52
CA VAL AA 168 3.87 13.90 -63.33
C VAL AA 168 4.24 12.48 -62.92
N GLY AA 169 5.53 12.22 -62.75
CA GLY AA 169 6.06 10.91 -62.32
C GLY AA 169 6.98 11.06 -61.13
N PRO AA 170 7.36 9.96 -60.48
CA PRO AA 170 8.21 10.02 -59.29
C PRO AA 170 9.51 10.76 -59.61
N LYS AA 171 9.81 11.80 -58.84
CA LYS AA 171 11.09 12.55 -58.90
C LYS AA 171 11.56 12.74 -57.46
N LYS AA 172 12.86 12.62 -57.19
CA LYS AA 172 13.47 13.11 -55.93
C LYS AA 172 13.34 14.64 -55.91
N PRO AA 173 13.66 15.33 -54.78
CA PRO AA 173 13.61 16.79 -54.74
C PRO AA 173 14.49 17.46 -55.82
N ASP AA 174 15.61 16.81 -56.19
CA ASP AA 174 16.63 17.36 -57.13
C ASP AA 174 16.19 17.18 -58.60
N GLY AA 175 15.12 16.43 -58.89
CA GLY AA 175 14.60 16.23 -60.26
C GLY AA 175 14.92 14.85 -60.85
N THR AA 176 15.95 14.17 -60.30
CA THR AA 176 16.40 12.80 -60.71
C THR AA 176 15.33 11.76 -60.37
N THR AA 177 15.53 10.53 -60.84
CA THR AA 177 14.68 9.34 -60.58
C THR AA 177 15.59 8.10 -60.64
N ASP AA 178 16.10 7.63 -59.50
CA ASP AA 178 17.11 6.53 -59.46
C ASP AA 178 16.43 5.17 -59.50
N ASP AA 179 17.20 4.09 -59.33
CA ASP AA 179 16.75 2.68 -59.47
C ASP AA 179 15.77 2.32 -58.36
N SER AA 180 15.81 3.01 -57.22
CA SER AA 180 14.98 2.72 -56.02
C SER AA 180 13.49 2.87 -56.34
N ALA AA 181 13.13 3.70 -57.33
CA ALA AA 181 11.74 3.93 -57.78
C ALA AA 181 11.11 2.67 -58.39
N GLN AA 182 11.85 1.57 -58.50
CA GLN AA 182 11.34 0.26 -59.00
C GLN AA 182 10.89 -0.58 -57.79
N VAL AA 183 11.25 -0.14 -56.59
CA VAL AA 183 10.80 -0.76 -55.31
C VAL AA 183 10.20 0.35 -54.46
N LEU AA 184 10.10 0.16 -53.15
CA LEU AA 184 9.57 1.20 -52.23
C LEU AA 184 10.74 2.07 -51.76
N ASN AA 185 10.68 3.36 -52.10
CA ASN AA 185 11.50 4.41 -51.48
C ASN AA 185 10.57 5.54 -51.06
N PRO AA 186 10.42 5.76 -49.74
CA PRO AA 186 9.51 6.80 -49.22
C PRO AA 186 9.71 8.20 -49.83
N ILE AA 187 10.87 8.47 -50.43
CA ILE AA 187 11.19 9.79 -51.04
C ILE AA 187 10.19 10.10 -52.16
N TYR AA 188 9.59 9.08 -52.79
CA TYR AA 188 8.70 9.23 -53.96
C TYR AA 188 7.24 9.16 -53.51
N LYS AA 189 6.66 10.31 -53.18
CA LYS AA 189 5.25 10.43 -52.71
C LYS AA 189 4.59 11.62 -53.41
N ALA AA 190 3.27 11.57 -53.52
CA ALA AA 190 2.47 12.61 -54.20
C ALA AA 190 1.01 12.48 -53.74
N LYS AA 191 0.27 13.57 -53.90
CA LYS AA 191 -1.18 13.62 -53.63
C LYS AA 191 -1.87 13.65 -55.01
N LEU AA 192 -2.85 12.78 -55.21
CA LEU AA 192 -3.66 12.71 -56.45
C LEU AA 192 -4.56 13.96 -56.52
N ASP AA 193 -4.00 15.10 -56.91
CA ASP AA 193 -4.65 16.42 -56.78
C ASP AA 193 -5.02 17.00 -58.16
N LYS AA 194 -4.97 16.21 -59.22
CA LYS AA 194 -5.28 16.68 -60.60
C LYS AA 194 -5.68 15.47 -61.46
N ASP AA 195 -6.80 15.59 -62.17
CA ASP AA 195 -7.32 14.58 -63.12
C ASP AA 195 -6.28 14.37 -64.25
N ALA AA 196 -6.24 13.18 -64.82
CA ALA AA 196 -5.57 12.89 -66.11
C ALA AA 196 -4.08 13.29 -66.06
N THR AA 197 -3.43 13.19 -64.89
CA THR AA 197 -2.07 13.76 -64.68
C THR AA 197 -1.11 12.71 -64.13
N TYR AA 198 -1.55 11.86 -63.20
CA TYR AA 198 -0.69 10.88 -62.50
C TYR AA 198 -0.84 9.54 -63.22
N PRO AA 199 0.21 9.04 -63.91
CA PRO AA 199 0.11 7.75 -64.60
C PRO AA 199 -0.13 6.61 -63.61
N ILE AA 200 -1.04 5.71 -63.97
CA ILE AA 200 -1.33 4.47 -63.18
C ILE AA 200 -0.03 3.68 -62.98
N GLU AA 201 0.90 3.73 -63.94
CA GLU AA 201 2.05 2.79 -64.02
C GLU AA 201 3.18 3.19 -63.07
N CYS AA 202 3.22 4.41 -62.54
CA CYS AA 202 4.32 4.90 -61.67
C CYS AA 202 3.81 5.28 -60.27
N TRP AA 203 2.48 5.26 -60.06
CA TRP AA 203 1.82 5.67 -58.79
C TRP AA 203 0.81 4.63 -58.33
N CYS AA 204 0.96 4.12 -57.11
CA CYS AA 204 -0.03 3.24 -56.44
C CYS AA 204 -0.53 3.94 -55.18
N PRO AA 205 -1.71 3.57 -54.64
CA PRO AA 205 -2.17 4.11 -53.36
C PRO AA 205 -1.14 3.75 -52.27
N ASP AA 206 -0.77 4.76 -51.46
CA ASP AA 206 0.23 4.66 -50.36
C ASP AA 206 -0.44 4.00 -49.17
N PRO AA 207 -0.08 2.75 -48.82
CA PRO AA 207 -0.70 2.06 -47.68
C PRO AA 207 -0.17 2.56 -46.32
N SER AA 208 0.88 3.38 -46.30
CA SER AA 208 1.47 3.99 -45.08
C SER AA 208 0.66 5.24 -44.67
N ARG AA 209 -0.23 5.71 -45.55
CA ARG AA 209 -1.06 6.93 -45.32
C ARG AA 209 -2.52 6.58 -45.66
N ASN AA 210 -3.24 7.50 -46.31
CA ASN AA 210 -4.65 7.30 -46.70
C ASN AA 210 -5.51 6.85 -45.50
N GLU AA 211 -5.19 7.31 -44.28
CA GLU AA 211 -5.99 7.01 -43.06
C GLU AA 211 -7.43 7.50 -43.30
N ASN AA 212 -7.58 8.62 -43.99
CA ASN AA 212 -8.88 9.30 -44.24
C ASN AA 212 -9.41 9.01 -45.65
N SER AA 213 -9.02 7.88 -46.25
CA SER AA 213 -9.49 7.42 -47.59
C SER AA 213 -9.69 5.91 -47.56
N ARG AA 214 -10.68 5.42 -48.33
CA ARG AA 214 -10.90 3.98 -48.58
C ARG AA 214 -10.66 3.70 -50.06
N TYR AA 215 -9.73 2.82 -50.39
CA TYR AA 215 -9.38 2.47 -51.78
C TYR AA 215 -9.45 0.95 -51.96
N PHE AA 216 -9.79 0.56 -53.18
CA PHE AA 216 -10.04 -0.84 -53.63
C PHE AA 216 -9.59 -1.00 -55.07
N GLY AA 217 -8.64 -1.90 -55.31
CA GLY AA 217 -8.02 -2.10 -56.63
C GLY AA 217 -7.80 -3.59 -56.91
N SER AA 218 -7.95 -3.96 -58.17
CA SER AA 218 -7.64 -5.32 -58.67
C SER AA 218 -6.97 -5.21 -60.06
N TYR AA 219 -5.74 -5.71 -60.16
CA TYR AA 219 -4.98 -5.82 -61.44
C TYR AA 219 -4.90 -7.28 -61.85
N THR AA 220 -5.15 -7.54 -63.13
CA THR AA 220 -4.93 -8.83 -63.80
C THR AA 220 -3.98 -8.59 -64.98
N GLY AA 221 -2.95 -9.44 -65.14
CA GLY AA 221 -1.96 -9.34 -66.23
C GLY AA 221 -2.29 -10.24 -67.41
N GLY AA 222 -1.28 -10.59 -68.20
CA GLY AA 222 -1.40 -11.53 -69.33
C GLY AA 222 -1.63 -10.81 -70.65
N VAL AA 223 -1.37 -11.51 -71.75
CA VAL AA 223 -1.33 -10.93 -73.12
C VAL AA 223 -2.76 -10.83 -73.66
N GLU AA 224 -3.54 -11.91 -73.52
CA GLU AA 224 -4.89 -12.05 -74.12
C GLU AA 224 -5.94 -12.36 -73.04
N THR AA 225 -5.66 -12.00 -71.79
CA THR AA 225 -6.50 -12.33 -70.60
C THR AA 225 -7.90 -11.75 -70.81
N PRO AA 226 -8.98 -12.55 -70.64
CA PRO AA 226 -10.33 -12.05 -70.85
C PRO AA 226 -10.73 -11.20 -69.65
N PRO AA 227 -11.30 -10.00 -69.84
CA PRO AA 227 -11.87 -9.26 -68.72
C PRO AA 227 -13.15 -9.95 -68.24
N VAL AA 228 -13.35 -9.98 -66.92
CA VAL AA 228 -14.60 -10.43 -66.24
C VAL AA 228 -15.09 -9.25 -65.40
N LEU AA 229 -16.23 -8.66 -65.76
CA LEU AA 229 -16.81 -7.48 -65.08
C LEU AA 229 -18.30 -7.70 -64.85
N SER AA 230 -18.75 -7.43 -63.61
CA SER AA 230 -20.17 -7.56 -63.19
C SER AA 230 -20.78 -6.18 -62.98
N PHE AA 231 -22.10 -6.10 -63.14
CA PHE AA 231 -22.85 -4.83 -62.94
C PHE AA 231 -24.22 -5.13 -62.33
N THR AA 232 -24.61 -4.32 -61.33
CA THR AA 232 -25.87 -4.41 -60.57
C THR AA 232 -26.09 -3.11 -59.79
N ASN AA 233 -27.34 -2.73 -59.53
CA ASN AA 233 -27.67 -1.57 -58.66
C ASN AA 233 -28.02 -2.05 -57.25
N THR AA 234 -27.75 -3.33 -56.93
CA THR AA 234 -28.11 -3.96 -55.64
C THR AA 234 -26.88 -4.18 -54.75
N SER AA 235 -25.75 -3.54 -55.04
CA SER AA 235 -24.48 -3.76 -54.30
C SER AA 235 -24.02 -2.44 -53.67
N THR AA 236 -23.68 -2.52 -52.38
CA THR AA 236 -23.24 -1.38 -51.54
C THR AA 236 -21.95 -1.76 -50.82
N THR AA 237 -20.99 -0.82 -50.76
CA THR AA 237 -19.71 -1.01 -50.06
C THR AA 237 -19.71 -0.09 -48.84
N ILE AA 238 -19.52 -0.65 -47.64
CA ILE AA 238 -19.41 0.13 -46.38
C ILE AA 238 -18.01 0.74 -46.37
N LEU AA 239 -17.92 2.02 -46.00
CA LEU AA 239 -16.65 2.79 -45.98
C LEU AA 239 -16.15 2.99 -44.55
N LEU AA 240 -16.90 2.50 -43.56
CA LEU AA 240 -16.54 2.60 -42.12
C LEU AA 240 -15.34 1.66 -41.87
N ASP AA 241 -14.39 2.12 -41.05
CA ASP AA 241 -13.16 1.36 -40.70
C ASP AA 241 -13.48 0.41 -39.53
N GLU AA 242 -12.45 -0.24 -38.98
CA GLU AA 242 -12.55 -1.21 -37.85
C GLU AA 242 -13.22 -0.56 -36.63
N ASN AA 243 -13.22 0.78 -36.52
CA ASN AA 243 -13.80 1.56 -35.40
C ASN AA 243 -15.11 2.27 -35.80
N GLY AA 244 -15.75 1.87 -36.90
CA GLY AA 244 -17.04 2.45 -37.33
C GLY AA 244 -16.94 3.89 -37.81
N VAL AA 245 -15.74 4.38 -38.14
CA VAL AA 245 -15.52 5.75 -38.67
C VAL AA 245 -15.27 5.70 -40.18
N GLY AA 246 -16.03 6.48 -40.94
CA GLY AA 246 -15.85 6.67 -42.39
C GLY AA 246 -14.88 7.82 -42.69
N PRO AA 247 -14.53 8.03 -43.97
CA PRO AA 247 -13.77 9.21 -44.38
C PRO AA 247 -14.47 10.51 -43.94
N LEU AA 248 -13.73 11.40 -43.30
CA LEU AA 248 -14.22 12.74 -42.84
C LEU AA 248 -13.77 13.80 -43.86
N CYS AA 249 -14.72 14.43 -44.53
CA CYS AA 249 -14.49 15.39 -45.66
C CYS AA 249 -13.96 16.74 -45.16
N LYS AA 250 -12.64 16.90 -45.10
CA LYS AA 250 -11.96 18.20 -44.79
C LYS AA 250 -12.40 19.23 -45.83
N GLY AA 251 -12.55 20.49 -45.41
CA GLY AA 251 -12.97 21.61 -46.27
C GLY AA 251 -14.30 21.35 -46.96
N ASP AA 252 -15.13 20.45 -46.42
CA ASP AA 252 -16.47 20.11 -46.97
C ASP AA 252 -16.31 19.65 -48.42
N GLY AA 253 -15.32 18.78 -48.67
CA GLY AA 253 -14.99 18.25 -50.01
C GLY AA 253 -14.85 16.74 -50.00
N LEU AA 254 -15.62 16.06 -50.86
CA LEU AA 254 -15.54 14.59 -51.09
C LEU AA 254 -14.60 14.32 -52.27
N TYR AA 255 -13.56 13.52 -52.03
CA TYR AA 255 -12.52 13.16 -53.05
C TYR AA 255 -12.82 11.78 -53.63
N LEU AA 256 -13.20 11.74 -54.90
CA LEU AA 256 -13.40 10.51 -55.71
C LEU AA 256 -12.20 10.31 -56.66
N SER AA 257 -11.75 9.06 -56.80
CA SER AA 257 -10.69 8.61 -57.73
C SER AA 257 -11.13 7.31 -58.40
N SER AA 258 -10.70 7.09 -59.64
CA SER AA 258 -11.10 5.98 -60.54
C SER AA 258 -9.90 5.59 -61.41
N ALA AA 259 -9.82 4.31 -61.74
CA ALA AA 259 -8.88 3.77 -62.75
C ALA AA 259 -9.48 2.46 -63.30
N ASP AA 260 -10.11 2.53 -64.47
CA ASP AA 260 -10.80 1.37 -65.08
C ASP AA 260 -10.32 1.22 -66.54
N VAL AA 261 -9.15 0.59 -66.67
CA VAL AA 261 -8.54 0.18 -67.95
C VAL AA 261 -8.96 -1.28 -68.18
N ALA AA 262 -10.01 -1.48 -68.98
CA ALA AA 262 -10.72 -2.77 -69.15
C ALA AA 262 -9.81 -3.80 -69.81
N GLY AA 263 -8.82 -3.31 -70.55
CA GLY AA 263 -7.86 -4.10 -71.34
C GLY AA 263 -7.41 -3.32 -72.58
N THR AA 264 -6.98 -4.03 -73.62
CA THR AA 264 -6.55 -3.41 -74.91
C THR AA 264 -7.55 -3.76 -76.00
N PHE AA 265 -7.69 -2.88 -76.99
CA PHE AA 265 -8.30 -3.16 -78.29
C PHE AA 265 -7.21 -3.53 -79.30
N VAL AA 266 -7.34 -4.69 -79.95
CA VAL AA 266 -6.35 -5.23 -80.94
C VAL AA 266 -6.93 -4.99 -82.34
N GLN AA 267 -6.39 -4.02 -83.07
CA GLN AA 267 -6.93 -3.62 -84.39
C GLN AA 267 -6.51 -4.62 -85.47
N GLN AA 268 -7.46 -4.97 -86.34
CA GLN AA 268 -7.23 -5.85 -87.51
C GLN AA 268 -6.20 -5.18 -88.44
N THR AA 269 -5.38 -5.99 -89.12
CA THR AA 269 -4.46 -5.55 -90.20
C THR AA 269 -3.23 -4.87 -89.59
N SER AA 270 -3.40 -3.75 -88.88
CA SER AA 270 -2.27 -3.05 -88.20
C SER AA 270 -1.66 -3.97 -87.13
N GLN AA 271 -2.52 -4.76 -86.45
CA GLN AA 271 -2.17 -5.60 -85.27
C GLN AA 271 -1.59 -4.73 -84.16
N LYS AA 272 -1.97 -3.44 -84.13
CA LYS AA 272 -1.60 -2.49 -83.05
C LYS AA 272 -2.63 -2.58 -81.91
N GLN AA 273 -2.21 -2.17 -80.71
CA GLN AA 273 -3.00 -2.29 -79.46
C GLN AA 273 -3.25 -0.89 -78.89
N TYR AA 274 -4.47 -0.69 -78.40
CA TYR AA 274 -4.96 0.58 -77.80
C TYR AA 274 -5.58 0.24 -76.44
N TRP AA 275 -5.13 0.95 -75.39
CA TRP AA 275 -5.78 0.90 -74.05
C TRP AA 275 -7.24 1.34 -74.19
N ARG AA 276 -8.15 0.64 -73.53
CA ARG AA 276 -9.61 0.94 -73.52
C ARG AA 276 -10.05 1.21 -72.08
N GLY AA 277 -10.48 2.44 -71.80
CA GLY AA 277 -10.95 2.86 -70.47
C GLY AA 277 -12.47 2.83 -70.38
N LEU AA 278 -13.00 2.68 -69.16
CA LEU AA 278 -14.46 2.75 -68.93
C LEU AA 278 -14.76 3.73 -67.81
N PRO AA 279 -15.93 4.40 -67.83
CA PRO AA 279 -16.30 5.35 -66.79
C PRO AA 279 -16.82 4.62 -65.54
N ARG AA 280 -16.79 5.30 -64.39
CA ARG AA 280 -17.23 4.76 -63.09
C ARG AA 280 -18.26 5.69 -62.46
N TYR AA 281 -19.45 5.17 -62.17
CA TYR AA 281 -20.53 5.85 -61.41
C TYR AA 281 -20.25 5.71 -59.91
N PHE AA 282 -20.47 6.78 -59.16
CA PHE AA 282 -20.44 6.79 -57.69
C PHE AA 282 -21.80 7.27 -57.15
N ASN AA 283 -22.26 6.66 -56.07
CA ASN AA 283 -23.42 7.10 -55.27
C ASN AA 283 -23.00 6.99 -53.79
N ILE AA 284 -22.58 8.11 -53.19
CA ILE AA 284 -22.03 8.11 -51.79
C ILE AA 284 -23.13 8.62 -50.86
N THR AA 285 -23.28 7.96 -49.71
CA THR AA 285 -24.14 8.39 -48.57
C THR AA 285 -23.22 8.93 -47.47
N LEU AA 286 -23.49 10.15 -47.01
CA LEU AA 286 -22.74 10.81 -45.92
C LEU AA 286 -23.71 11.23 -44.81
N ARG AA 287 -23.19 11.31 -43.58
CA ARG AA 287 -23.90 11.72 -42.35
C ARG AA 287 -23.04 12.75 -41.61
N LYS AA 288 -23.63 13.65 -40.85
CA LYS AA 288 -22.89 14.66 -40.05
C LYS AA 288 -22.21 13.94 -38.88
N ARG AA 289 -20.96 14.29 -38.57
CA ARG AA 289 -20.18 13.67 -37.48
C ARG AA 289 -19.41 14.78 -36.75
N ALA AA 290 -19.32 14.66 -35.41
CA ALA AA 290 -18.67 15.63 -34.52
C ALA AA 290 -17.22 15.22 -34.28
N VAL AA 291 -16.33 16.20 -34.24
CA VAL AA 291 -14.86 16.01 -34.03
C VAL AA 291 -14.33 17.13 -33.12
N LYS AA 292 -13.29 16.85 -32.33
CA LYS AA 292 -12.51 17.88 -31.59
C LYS AA 292 -11.63 18.70 -32.54
N GLU BA 27 -44.44 7.74 -51.60
CA GLU BA 27 -44.31 7.42 -50.16
C GLU BA 27 -44.80 5.98 -49.95
N VAL BA 28 -43.91 5.09 -49.48
CA VAL BA 28 -44.20 3.64 -49.25
C VAL BA 28 -44.70 3.44 -47.82
N LEU BA 29 -45.83 2.76 -47.66
CA LEU BA 29 -46.50 2.55 -46.35
C LEU BA 29 -46.43 1.07 -45.97
N ASP BA 30 -47.41 0.57 -45.21
CA ASP BA 30 -47.43 -0.80 -44.63
C ASP BA 30 -47.55 -1.85 -45.73
N VAL BA 31 -46.99 -3.03 -45.49
CA VAL BA 31 -47.21 -4.26 -46.31
C VAL BA 31 -48.60 -4.82 -45.98
N LYS BA 32 -49.58 -4.73 -46.88
CA LYS BA 32 -50.90 -5.41 -46.67
C LYS BA 32 -50.61 -6.91 -46.54
N THR BA 33 -51.17 -7.58 -45.53
CA THR BA 33 -51.05 -9.04 -45.33
C THR BA 33 -52.45 -9.62 -45.12
N GLY BA 34 -52.61 -10.92 -45.41
CA GLY BA 34 -53.85 -11.68 -45.13
C GLY BA 34 -54.14 -12.69 -46.23
N SER BA 37 -52.93 -11.78 -50.68
CA SER BA 37 -52.02 -10.62 -50.53
C SER BA 37 -50.68 -10.90 -51.24
N THR BA 38 -50.40 -12.17 -51.59
CA THR BA 38 -49.22 -12.58 -52.38
C THR BA 38 -49.67 -13.34 -53.63
N THR BA 39 -48.90 -13.22 -54.72
CA THR BA 39 -49.06 -14.01 -55.98
C THR BA 39 -47.67 -14.27 -56.56
N THR BA 40 -47.54 -15.33 -57.36
CA THR BA 40 -46.32 -15.67 -58.13
C THR BA 40 -46.64 -15.62 -59.63
N ILE BA 41 -45.74 -15.04 -60.42
CA ILE BA 41 -45.80 -15.03 -61.91
C ILE BA 41 -44.62 -15.84 -62.48
N GLU BA 42 -44.91 -16.71 -63.45
CA GLU BA 42 -43.92 -17.47 -64.26
C GLU BA 42 -43.85 -16.83 -65.66
N ALA BA 43 -42.65 -16.62 -66.19
CA ALA BA 43 -42.41 -16.10 -67.55
C ALA BA 43 -41.08 -16.62 -68.08
N TYR BA 44 -40.88 -16.58 -69.39
CA TYR BA 44 -39.56 -16.81 -70.05
C TYR BA 44 -39.34 -15.73 -71.11
N LEU BA 45 -38.08 -15.34 -71.28
CA LEU BA 45 -37.62 -14.47 -72.39
C LEU BA 45 -36.68 -15.30 -73.28
N ASN BA 46 -37.10 -15.58 -74.51
CA ASN BA 46 -36.25 -16.17 -75.58
C ASN BA 46 -35.22 -15.10 -75.97
N PRO BA 47 -34.00 -15.51 -76.38
CA PRO BA 47 -32.94 -14.56 -76.69
C PRO BA 47 -33.22 -13.80 -78.00
N ARG BA 48 -32.63 -12.61 -78.15
CA ARG BA 48 -32.74 -11.80 -79.39
C ARG BA 48 -31.33 -11.44 -79.85
N VAL BA 49 -30.64 -12.44 -80.41
CA VAL BA 49 -29.22 -12.34 -80.85
C VAL BA 49 -29.18 -11.85 -82.30
N GLY BA 50 -30.32 -11.55 -82.93
CA GLY BA 50 -30.41 -11.00 -84.31
C GLY BA 50 -31.39 -11.78 -85.15
N GLN BA 51 -31.56 -13.08 -84.85
CA GLN BA 51 -32.69 -13.90 -85.35
C GLN BA 51 -33.42 -14.47 -84.13
N ASN BA 52 -34.41 -15.33 -84.35
CA ASN BA 52 -35.37 -15.74 -83.30
C ASN BA 52 -35.08 -17.18 -82.84
N TRP BA 53 -34.15 -17.89 -83.47
CA TRP BA 53 -33.96 -19.32 -83.17
C TRP BA 53 -32.58 -19.54 -82.55
N GLY BA 54 -32.08 -18.52 -81.84
CA GLY BA 54 -31.00 -18.63 -80.85
C GLY BA 54 -29.61 -18.45 -81.44
N PHE BA 55 -29.51 -18.27 -82.76
CA PHE BA 55 -28.24 -17.93 -83.46
C PHE BA 55 -28.42 -16.66 -84.30
N SER BA 56 -27.40 -15.80 -84.29
CA SER BA 56 -27.24 -14.67 -85.23
C SER BA 56 -26.83 -15.22 -86.61
N THR BA 57 -26.85 -14.37 -87.63
CA THR BA 57 -26.16 -14.65 -88.92
C THR BA 57 -24.66 -14.41 -88.69
N GLU BA 58 -23.81 -14.74 -89.66
CA GLU BA 58 -22.34 -14.68 -89.48
C GLU BA 58 -21.92 -13.29 -88.99
N ILE BA 59 -20.96 -13.25 -88.09
CA ILE BA 59 -20.35 -11.99 -87.58
C ILE BA 59 -19.44 -11.47 -88.69
N THR BA 60 -19.60 -10.20 -89.07
CA THR BA 60 -18.84 -9.53 -90.15
C THR BA 60 -17.94 -8.45 -89.53
N VAL BA 61 -16.84 -8.13 -90.20
CA VAL BA 61 -15.86 -7.09 -89.75
C VAL BA 61 -15.47 -6.24 -90.95
N ALA BA 62 -16.05 -5.06 -91.08
CA ALA BA 62 -15.67 -4.05 -92.09
C ALA BA 62 -14.15 -3.92 -92.13
N SER BA 63 -13.58 -3.73 -93.34
CA SER BA 63 -12.13 -3.45 -93.50
C SER BA 63 -11.86 -2.06 -92.90
N ASN BA 64 -10.69 -1.86 -92.28
CA ASN BA 64 -10.29 -0.53 -91.77
C ASN BA 64 -10.60 0.50 -92.85
N GLY BA 65 -11.11 1.67 -92.48
CA GLY BA 65 -11.40 2.79 -93.39
C GLY BA 65 -12.77 2.69 -94.05
N TYR BA 66 -13.40 1.50 -94.02
CA TYR BA 66 -14.79 1.29 -94.52
C TYR BA 66 -15.80 1.59 -93.41
N ASN BA 67 -17.05 1.87 -93.77
CA ASN BA 67 -18.17 2.05 -92.81
C ASN BA 67 -18.30 0.79 -91.95
N ASP BA 68 -18.44 0.96 -90.63
CA ASP BA 68 -18.81 -0.11 -89.66
C ASP BA 68 -20.34 -0.24 -89.67
N ALA BA 69 -20.87 -1.07 -90.55
CA ALA BA 69 -22.34 -1.22 -90.77
C ALA BA 69 -22.69 -2.70 -90.76
N PRO BA 70 -22.80 -3.31 -89.57
CA PRO BA 70 -23.13 -4.73 -89.45
C PRO BA 70 -24.60 -4.96 -89.83
N HIS BA 71 -24.93 -6.20 -90.17
CA HIS BA 71 -26.27 -6.69 -90.55
C HIS BA 71 -27.20 -6.69 -89.34
N LEU BA 72 -28.44 -6.26 -89.52
CA LEU BA 72 -29.51 -6.38 -88.50
C LEU BA 72 -29.37 -7.71 -87.77
N THR BA 73 -29.20 -8.81 -88.51
CA THR BA 73 -29.33 -10.19 -87.96
C THR BA 73 -28.01 -10.67 -87.32
N GLU BA 74 -27.04 -9.79 -87.06
CA GLU BA 74 -25.78 -10.18 -86.37
C GLU BA 74 -25.58 -9.36 -85.08
N ILE BA 75 -26.50 -8.44 -84.79
CA ILE BA 75 -26.46 -7.58 -83.58
C ILE BA 75 -27.38 -8.15 -82.51
N PRO BA 76 -26.82 -8.74 -81.42
CA PRO BA 76 -27.64 -9.16 -80.27
C PRO BA 76 -28.22 -7.98 -79.50
N CYS BA 77 -29.48 -8.13 -79.08
CA CYS BA 77 -30.28 -7.10 -78.36
C CYS BA 77 -30.79 -7.65 -77.02
N TYR BA 78 -31.20 -6.76 -76.13
CA TYR BA 78 -31.93 -7.09 -74.88
C TYR BA 78 -33.30 -7.65 -75.24
N SER BA 79 -33.64 -8.80 -74.65
CA SER BA 79 -35.02 -9.33 -74.56
C SER BA 79 -35.76 -8.54 -73.48
N SER BA 80 -37.03 -8.21 -73.69
CA SER BA 80 -37.88 -7.49 -72.69
C SER BA 80 -39.35 -7.87 -72.88
N ALA BA 81 -40.11 -7.82 -71.79
CA ALA BA 81 -41.56 -8.10 -71.77
C ALA BA 81 -42.17 -7.43 -70.53
N ARG BA 82 -43.41 -6.96 -70.64
CA ARG BA 82 -44.24 -6.47 -69.51
C ARG BA 82 -45.33 -7.51 -69.26
N ILE BA 83 -45.31 -8.17 -68.11
CA ILE BA 83 -46.38 -9.12 -67.68
C ILE BA 83 -47.48 -8.30 -67.00
N SER BA 84 -48.73 -8.53 -67.40
CA SER BA 84 -49.95 -7.91 -66.80
C SER BA 84 -50.26 -8.62 -65.48
N LEU BA 85 -50.37 -7.83 -64.40
CA LEU BA 85 -50.66 -8.31 -63.01
C LEU BA 85 -52.14 -8.09 -62.74
N PRO BA 86 -52.77 -8.79 -61.76
CA PRO BA 86 -54.15 -8.53 -61.36
C PRO BA 86 -54.39 -7.08 -60.95
N LEU BA 87 -55.63 -6.58 -61.11
CA LEU BA 87 -55.97 -5.12 -61.19
C LEU BA 87 -55.90 -4.45 -59.81
N MET BA 99 -50.04 -1.20 -54.68
CA MET BA 99 -49.19 -1.63 -55.82
C MET BA 99 -48.61 -3.01 -55.49
N TRP BA 100 -48.41 -3.85 -56.50
CA TRP BA 100 -47.66 -5.11 -56.34
C TRP BA 100 -46.18 -4.80 -56.12
N GLU BA 101 -45.58 -5.49 -55.14
CA GLU BA 101 -44.15 -5.35 -54.76
C GLU BA 101 -43.46 -6.68 -55.08
N ALA BA 102 -42.52 -6.67 -56.02
CA ALA BA 102 -41.69 -7.85 -56.37
C ALA BA 102 -40.72 -8.10 -55.21
N VAL BA 103 -40.83 -9.26 -54.55
CA VAL BA 103 -40.07 -9.54 -53.30
C VAL BA 103 -38.82 -10.33 -53.65
N SER BA 104 -38.99 -11.40 -54.43
CA SER BA 104 -37.94 -12.39 -54.75
C SER BA 104 -38.08 -12.86 -56.18
N VAL BA 105 -37.03 -13.46 -56.74
CA VAL BA 105 -37.07 -14.11 -58.09
C VAL BA 105 -36.18 -15.36 -58.06
N LYS BA 106 -36.74 -16.48 -58.52
CA LYS BA 106 -35.99 -17.69 -58.96
C LYS BA 106 -35.80 -17.53 -60.47
N THR BA 107 -34.57 -17.42 -60.97
CA THR BA 107 -34.28 -17.24 -62.41
C THR BA 107 -33.23 -18.28 -62.85
N GLU BA 108 -33.39 -18.76 -64.08
CA GLU BA 108 -32.61 -19.90 -64.64
C GLU BA 108 -32.32 -19.61 -66.12
N VAL BA 109 -31.11 -19.92 -66.57
CA VAL BA 109 -30.76 -19.90 -68.02
C VAL BA 109 -31.04 -21.31 -68.57
N VAL BA 110 -32.06 -21.41 -69.42
CA VAL BA 110 -32.58 -22.72 -69.94
C VAL BA 110 -31.69 -23.16 -71.09
N GLY BA 111 -31.45 -24.48 -71.20
CA GLY BA 111 -30.76 -25.11 -72.33
C GLY BA 111 -29.25 -25.00 -72.24
N ILE BA 112 -28.69 -24.87 -71.04
CA ILE BA 112 -27.21 -24.89 -70.84
C ILE BA 112 -26.69 -26.24 -71.35
N SER BA 113 -27.41 -27.33 -71.09
CA SER BA 113 -27.01 -28.71 -71.48
C SER BA 113 -26.91 -28.84 -73.01
N SER BA 114 -27.55 -27.94 -73.76
CA SER BA 114 -27.55 -27.95 -75.26
C SER BA 114 -26.12 -27.80 -75.79
N MET BA 115 -25.23 -27.19 -75.01
CA MET BA 115 -23.85 -26.86 -75.42
C MET BA 115 -22.95 -28.10 -75.36
N LEU BA 116 -23.32 -29.16 -74.64
CA LEU BA 116 -22.54 -30.42 -74.61
C LEU BA 116 -22.80 -31.20 -75.91
N ASN BA 117 -22.23 -30.70 -77.01
CA ASN BA 117 -22.55 -31.12 -78.40
C ASN BA 117 -21.30 -30.86 -79.25
N MET BA 118 -20.61 -31.94 -79.63
CA MET BA 118 -19.34 -31.84 -80.40
C MET BA 118 -19.52 -32.52 -81.77
N HIS BA 119 -20.77 -32.62 -82.26
CA HIS BA 119 -21.09 -33.32 -83.53
C HIS BA 119 -21.88 -32.42 -84.49
N SER BA 120 -22.40 -31.27 -84.05
CA SER BA 120 -23.25 -30.38 -84.89
C SER BA 120 -22.40 -29.30 -85.57
N TYR BA 121 -21.50 -29.74 -86.46
CA TYR BA 121 -20.82 -28.97 -87.52
C TYR BA 121 -19.80 -27.98 -86.94
N GLY BA 122 -19.36 -28.17 -85.70
CA GLY BA 122 -18.37 -27.27 -85.08
C GLY BA 122 -17.00 -27.46 -85.72
N LEU BA 123 -16.21 -26.38 -85.81
CA LEU BA 123 -14.78 -26.46 -86.20
C LEU BA 123 -14.11 -27.56 -85.38
N ARG BA 124 -13.43 -28.50 -86.03
CA ARG BA 124 -12.97 -29.74 -85.37
C ARG BA 124 -11.59 -29.53 -84.73
N ALA BA 125 -11.39 -30.10 -83.54
CA ALA BA 125 -10.15 -29.98 -82.74
C ALA BA 125 -9.14 -31.01 -83.23
N PHE BA 126 -7.89 -30.85 -82.80
CA PHE BA 126 -6.77 -31.79 -83.06
C PHE BA 126 -6.64 -32.01 -84.57
N GLY BA 127 -6.49 -30.91 -85.30
CA GLY BA 127 -6.17 -30.85 -86.75
C GLY BA 127 -7.25 -31.48 -87.61
N GLY BA 128 -8.51 -31.49 -87.17
CA GLY BA 128 -9.67 -31.91 -87.98
C GLY BA 128 -10.14 -33.33 -87.65
N TYR BA 129 -9.39 -34.08 -86.83
CA TYR BA 129 -9.69 -35.50 -86.49
C TYR BA 129 -10.56 -35.59 -85.22
N GLY BA 130 -10.52 -34.56 -84.37
CA GLY BA 130 -11.31 -34.50 -83.12
C GLY BA 130 -12.77 -34.13 -83.38
N GLY BA 131 -13.50 -33.80 -82.30
CA GLY BA 131 -14.90 -33.34 -82.34
C GLY BA 131 -15.02 -31.85 -82.57
N GLY BA 132 -16.24 -31.36 -82.80
CA GLY BA 132 -16.55 -29.94 -83.03
C GLY BA 132 -16.38 -29.10 -81.77
N TYR BA 133 -15.93 -27.85 -81.93
CA TYR BA 133 -15.88 -26.83 -80.85
C TYR BA 133 -17.30 -26.63 -80.30
N THR BA 134 -17.46 -26.84 -79.00
CA THR BA 134 -18.63 -26.36 -78.21
C THR BA 134 -18.62 -24.83 -78.23
N ILE BA 135 -19.77 -24.22 -78.01
CA ILE BA 135 -19.88 -22.73 -77.97
C ILE BA 135 -18.73 -22.20 -77.11
N GLU BA 136 -18.06 -21.14 -77.57
CA GLU BA 136 -17.01 -20.44 -76.80
C GLU BA 136 -16.89 -18.98 -77.26
N GLY BA 137 -16.05 -18.23 -76.57
CA GLY BA 137 -15.77 -16.80 -76.83
C GLY BA 137 -16.38 -15.90 -75.79
N SER BA 138 -16.36 -14.60 -76.04
CA SER BA 138 -16.92 -13.55 -75.15
C SER BA 138 -18.43 -13.81 -74.97
N HIS BA 139 -18.92 -13.59 -73.76
CA HIS BA 139 -20.33 -13.85 -73.36
C HIS BA 139 -20.80 -12.82 -72.33
N ILE BA 140 -22.11 -12.62 -72.26
CA ILE BA 140 -22.78 -11.74 -71.25
C ILE BA 140 -24.03 -12.48 -70.75
N HIS BA 141 -24.22 -12.47 -69.44
CA HIS BA 141 -25.46 -12.98 -68.79
C HIS BA 141 -26.00 -11.88 -67.89
N PHE BA 142 -27.27 -11.55 -68.08
CA PHE BA 142 -27.89 -10.37 -67.43
C PHE BA 142 -29.42 -10.54 -67.36
N PHE BA 143 -30.00 -10.15 -66.22
CA PHE BA 143 -31.48 -10.09 -66.05
C PHE BA 143 -31.82 -8.92 -65.13
N SER BA 144 -33.00 -8.33 -65.34
CA SER BA 144 -33.56 -7.31 -64.43
C SER BA 144 -35.04 -7.61 -64.18
N VAL BA 145 -35.49 -7.34 -62.95
CA VAL BA 145 -36.92 -7.29 -62.55
C VAL BA 145 -37.19 -5.85 -62.07
N GLY BA 146 -38.31 -5.28 -62.51
CA GLY BA 146 -38.60 -3.85 -62.32
C GLY BA 146 -40.07 -3.56 -62.30
N GLY BA 147 -40.44 -2.42 -61.70
CA GLY BA 147 -41.83 -1.93 -61.64
C GLY BA 147 -42.13 -1.00 -62.79
N GLU BA 148 -41.17 -0.83 -63.70
CA GLU BA 148 -41.28 0.06 -64.88
C GLU BA 148 -40.18 -0.32 -65.87
N PRO BA 149 -40.23 0.22 -67.11
CA PRO BA 149 -39.16 0.01 -68.06
C PRO BA 149 -37.77 0.28 -67.49
N LEU BA 150 -36.80 -0.57 -67.85
CA LEU BA 150 -35.38 -0.47 -67.39
C LEU BA 150 -34.73 0.76 -68.03
N ASP BA 151 -34.06 1.59 -67.23
CA ASP BA 151 -33.33 2.79 -67.71
C ASP BA 151 -32.00 2.37 -68.33
N LEU BA 152 -31.72 2.84 -69.56
CA LEU BA 152 -30.51 2.51 -70.36
C LEU BA 152 -29.66 3.77 -70.54
N GLN BA 153 -28.35 3.64 -70.30
CA GLN BA 153 -27.31 4.67 -70.59
C GLN BA 153 -26.58 4.25 -71.87
N GLY BA 154 -26.35 5.20 -72.77
CA GLY BA 154 -25.61 4.98 -74.03
C GLY BA 154 -24.12 4.91 -73.79
N LEU BA 155 -23.51 3.79 -74.17
CA LEU BA 155 -22.04 3.65 -74.26
C LEU BA 155 -21.70 2.49 -75.20
N MET BA 156 -20.81 2.74 -76.16
CA MET BA 156 -20.47 1.83 -77.29
C MET BA 156 -18.95 1.89 -77.56
N GLN BA 157 -18.42 0.88 -78.25
CA GLN BA 157 -16.97 0.78 -78.57
C GLN BA 157 -16.63 1.74 -79.72
N ASN BA 158 -17.53 1.92 -80.68
CA ASN BA 158 -17.29 2.75 -81.89
C ASN BA 158 -18.47 3.68 -82.16
N HIS BA 159 -18.30 4.99 -81.90
CA HIS BA 159 -19.39 6.00 -82.04
C HIS BA 159 -19.97 5.97 -83.45
N SER BA 160 -19.16 5.62 -84.44
CA SER BA 160 -19.51 5.70 -85.89
C SER BA 160 -20.38 4.52 -86.32
N THR BA 161 -20.50 3.48 -85.50
CA THR BA 161 -21.24 2.24 -85.87
C THR BA 161 -22.62 2.66 -86.41
N GLN BA 162 -23.06 2.02 -87.50
CA GLN BA 162 -24.37 2.29 -88.16
C GLN BA 162 -25.30 1.10 -87.90
N TYR BA 163 -26.33 1.28 -87.08
CA TYR BA 163 -27.32 0.23 -86.76
C TYR BA 163 -28.46 0.32 -87.76
N PRO BA 164 -28.77 -0.77 -88.49
CA PRO BA 164 -29.92 -0.80 -89.39
C PRO BA 164 -31.24 -0.60 -88.64
N SER BA 165 -32.22 0.04 -89.27
CA SER BA 165 -33.64 0.06 -88.79
C SER BA 165 -34.15 -1.38 -88.75
N PRO BA 166 -34.98 -1.78 -87.77
CA PRO BA 166 -35.53 -0.89 -86.74
C PRO BA 166 -34.74 -0.74 -85.43
N LEU BA 167 -33.49 -1.20 -85.37
CA LEU BA 167 -32.65 -1.10 -84.14
C LEU BA 167 -32.51 0.36 -83.76
N VAL BA 168 -32.29 0.62 -82.46
CA VAL BA 168 -32.13 1.99 -81.90
C VAL BA 168 -30.78 2.04 -81.17
N GLY BA 169 -29.97 3.05 -81.47
CA GLY BA 169 -28.68 3.28 -80.82
C GLY BA 169 -28.58 4.71 -80.30
N PRO BA 170 -27.56 5.01 -79.48
CA PRO BA 170 -27.41 6.34 -78.88
C PRO BA 170 -27.39 7.40 -79.97
N LYS BA 171 -28.28 8.38 -79.87
CA LYS BA 171 -28.32 9.58 -80.75
C LYS BA 171 -28.51 10.80 -79.84
N LYS BA 172 -27.84 11.92 -80.11
CA LYS BA 172 -28.20 13.24 -79.53
C LYS BA 172 -29.57 13.63 -80.06
N PRO BA 173 -30.21 14.71 -79.56
CA PRO BA 173 -31.51 15.14 -80.07
C PRO BA 173 -31.49 15.44 -81.57
N ASP BA 174 -30.34 15.91 -82.11
CA ASP BA 174 -30.22 16.33 -83.53
C ASP BA 174 -30.03 15.12 -84.48
N GLY BA 175 -29.80 13.91 -83.96
CA GLY BA 175 -29.63 12.68 -84.77
C GLY BA 175 -28.19 12.20 -84.85
N THR BA 176 -27.22 13.07 -84.58
CA THR BA 176 -25.75 12.80 -84.56
C THR BA 176 -25.39 11.84 -83.43
N THR BA 177 -24.15 11.36 -83.41
CA THR BA 177 -23.55 10.48 -82.37
C THR BA 177 -22.05 10.77 -82.32
N ASP BA 178 -21.59 11.63 -81.42
CA ASP BA 178 -20.17 12.08 -81.39
C ASP BA 178 -19.30 11.09 -80.61
N ASP BA 179 -18.03 11.45 -80.37
CA ASP BA 179 -17.00 10.57 -79.75
C ASP BA 179 -17.34 10.30 -78.28
N SER BA 180 -18.12 11.16 -77.63
CA SER BA 180 -18.46 11.08 -76.18
C SER BA 180 -19.23 9.79 -75.89
N ALA BA 181 -19.94 9.24 -76.88
CA ALA BA 181 -20.73 7.99 -76.75
C ALA BA 181 -19.84 6.77 -76.50
N GLN BA 182 -18.52 6.94 -76.47
CA GLN BA 182 -17.55 5.86 -76.15
C GLN BA 182 -17.23 5.89 -74.65
N VAL BA 183 -17.65 6.97 -73.99
CA VAL BA 183 -17.54 7.12 -72.51
C VAL BA 183 -18.94 7.47 -71.99
N LEU BA 184 -19.05 8.05 -70.79
CA LEU BA 184 -20.35 8.46 -70.24
C LEU BA 184 -20.65 9.90 -70.67
N ASN BA 185 -21.72 10.07 -71.43
CA ASN BA 185 -22.36 11.38 -71.68
C ASN BA 185 -23.85 11.25 -71.38
N PRO BA 186 -24.34 11.92 -70.32
CA PRO BA 186 -25.76 11.82 -69.93
C PRO BA 186 -26.76 12.08 -71.05
N ILE BA 187 -26.35 12.74 -72.13
CA ILE BA 187 -27.24 13.08 -73.28
C ILE BA 187 -27.78 11.78 -73.91
N TYR BA 188 -27.06 10.65 -73.77
CA TYR BA 188 -27.42 9.36 -74.42
C TYR BA 188 -28.13 8.45 -73.42
N LYS BA 189 -29.46 8.54 -73.36
CA LYS BA 189 -30.30 7.75 -72.43
C LYS BA 189 -31.53 7.23 -73.19
N ALA BA 190 -32.10 6.12 -72.71
CA ALA BA 190 -33.26 5.47 -73.34
C ALA BA 190 -33.92 4.54 -72.33
N LYS BA 191 -35.18 4.21 -72.58
CA LYS BA 191 -35.95 3.23 -71.78
C LYS BA 191 -36.07 1.96 -72.62
N LEU BA 192 -35.73 0.81 -72.04
CA LEU BA 192 -35.84 -0.52 -72.70
C LEU BA 192 -37.32 -0.86 -72.86
N ASP BA 193 -37.98 -0.28 -73.86
CA ASP BA 193 -39.46 -0.30 -73.98
C ASP BA 193 -39.90 -1.15 -75.19
N LYS BA 194 -39.01 -1.94 -75.78
CA LYS BA 194 -39.32 -2.80 -76.96
C LYS BA 194 -38.31 -3.95 -77.01
N ASP BA 195 -38.81 -5.18 -77.17
CA ASP BA 195 -37.99 -6.41 -77.33
C ASP BA 195 -37.15 -6.29 -78.60
N ALA BA 196 -36.00 -6.95 -78.63
CA ALA BA 196 -35.20 -7.21 -79.85
C ALA BA 196 -34.86 -5.90 -80.59
N THR BA 197 -34.68 -4.79 -79.87
CA THR BA 197 -34.57 -3.44 -80.49
C THR BA 197 -33.31 -2.71 -80.03
N TYR BA 198 -32.95 -2.81 -78.75
CA TYR BA 198 -31.80 -2.08 -78.16
C TYR BA 198 -30.59 -3.00 -78.15
N PRO BA 199 -29.55 -2.72 -78.95
CA PRO BA 199 -28.37 -3.57 -78.97
C PRO BA 199 -27.66 -3.58 -77.61
N ILE BA 200 -27.24 -4.76 -77.16
CA ILE BA 200 -26.44 -4.95 -75.93
C ILE BA 200 -25.18 -4.07 -76.01
N GLU BA 201 -24.62 -3.85 -77.20
CA GLU BA 201 -23.25 -3.30 -77.38
C GLU BA 201 -23.23 -1.77 -77.22
N CYS BA 202 -24.38 -1.08 -77.28
CA CYS BA 202 -24.42 0.40 -77.20
C CYS BA 202 -25.23 0.89 -76.00
N TRP BA 203 -25.87 -0.03 -75.26
CA TRP BA 203 -26.77 0.27 -74.12
C TRP BA 203 -26.41 -0.59 -72.90
N CYS BA 204 -26.11 0.04 -71.76
CA CYS BA 204 -25.94 -0.65 -70.45
C CYS BA 204 -27.01 -0.12 -69.50
N PRO BA 205 -27.35 -0.87 -68.41
CA PRO BA 205 -28.27 -0.35 -67.40
C PRO BA 205 -27.68 0.92 -66.78
N ASP BA 206 -28.50 1.96 -66.67
CA ASP BA 206 -28.15 3.31 -66.14
C ASP BA 206 -28.12 3.23 -64.62
N PRO BA 207 -26.92 3.32 -63.98
CA PRO BA 207 -26.84 3.25 -62.53
C PRO BA 207 -27.25 4.54 -61.82
N SER BA 208 -27.47 5.62 -62.57
CA SER BA 208 -27.95 6.95 -62.06
C SER BA 208 -29.47 6.92 -61.89
N ARG BA 209 -30.15 5.90 -62.42
CA ARG BA 209 -31.62 5.76 -62.37
C ARG BA 209 -31.96 4.34 -61.91
N ASN BA 210 -32.97 3.71 -62.51
CA ASN BA 210 -33.40 2.33 -62.17
C ASN BA 210 -33.65 2.19 -60.66
N GLU BA 211 -34.12 3.25 -59.98
CA GLU BA 211 -34.48 3.22 -58.53
C GLU BA 211 -35.50 2.11 -58.31
N ASN BA 212 -36.44 1.91 -59.24
CA ASN BA 212 -37.58 0.97 -59.14
C ASN BA 212 -37.32 -0.29 -59.96
N SER BA 213 -36.05 -0.65 -60.17
CA SER BA 213 -35.61 -1.88 -60.89
C SER BA 213 -34.38 -2.49 -60.20
N ARG BA 214 -34.28 -3.82 -60.22
CA ARG BA 214 -33.08 -4.56 -59.76
C ARG BA 214 -32.47 -5.29 -60.95
N TYR BA 215 -31.21 -5.01 -61.27
CA TYR BA 215 -30.50 -5.61 -62.42
C TYR BA 215 -29.18 -6.23 -61.96
N PHE BA 216 -28.77 -7.28 -62.67
CA PHE BA 216 -27.61 -8.15 -62.37
C PHE BA 216 -26.99 -8.65 -63.68
N GLY BA 217 -25.71 -8.34 -63.92
CA GLY BA 217 -25.02 -8.67 -65.17
C GLY BA 217 -23.58 -9.13 -64.91
N SER BA 218 -23.10 -10.02 -65.76
CA SER BA 218 -21.70 -10.50 -65.77
C SER BA 218 -21.25 -10.73 -67.22
N TYR BA 219 -20.20 -10.00 -67.64
CA TYR BA 219 -19.55 -10.12 -68.96
C TYR BA 219 -18.16 -10.75 -68.78
N THR BA 220 -17.83 -11.71 -69.65
CA THR BA 220 -16.49 -12.30 -69.81
C THR BA 220 -16.07 -12.12 -71.27
N GLY BA 221 -14.84 -11.67 -71.51
CA GLY BA 221 -14.29 -11.44 -72.87
C GLY BA 221 -13.46 -12.62 -73.37
N GLY BA 222 -12.56 -12.36 -74.33
CA GLY BA 222 -11.62 -13.36 -74.85
C GLY BA 222 -12.13 -14.03 -76.11
N VAL BA 223 -11.23 -14.65 -76.87
CA VAL BA 223 -11.49 -15.18 -78.24
C VAL BA 223 -12.15 -16.55 -78.13
N GLU BA 224 -11.60 -17.42 -77.28
CA GLU BA 224 -11.99 -18.85 -77.15
C GLU BA 224 -12.34 -19.17 -75.70
N THR BA 225 -12.74 -18.16 -74.91
CA THR BA 225 -13.02 -18.28 -73.46
C THR BA 225 -14.12 -19.32 -73.26
N PRO BA 226 -13.94 -20.32 -72.36
CA PRO BA 226 -14.97 -21.34 -72.15
C PRO BA 226 -16.08 -20.75 -71.30
N PRO BA 227 -17.37 -20.93 -71.68
CA PRO BA 227 -18.48 -20.51 -70.83
C PRO BA 227 -18.56 -21.45 -69.62
N VAL BA 228 -18.87 -20.87 -68.44
CA VAL BA 228 -19.19 -21.59 -67.18
C VAL BA 228 -20.59 -21.15 -66.76
N LEU BA 229 -21.56 -22.07 -66.81
CA LEU BA 229 -22.97 -21.79 -66.43
C LEU BA 229 -23.48 -22.89 -65.51
N SER BA 230 -24.15 -22.49 -64.42
CA SER BA 230 -24.76 -23.39 -63.42
C SER BA 230 -26.29 -23.31 -63.52
N PHE BA 231 -26.97 -24.36 -63.09
CA PHE BA 231 -28.45 -24.44 -63.10
C PHE BA 231 -28.92 -25.25 -61.90
N THR BA 232 -29.99 -24.77 -61.25
CA THR BA 232 -30.63 -25.37 -60.05
C THR BA 232 -32.02 -24.73 -59.86
N ASN BA 233 -32.97 -25.46 -59.26
CA ASN BA 233 -34.30 -24.90 -58.88
C ASN BA 233 -34.30 -24.54 -57.39
N THR BA 234 -33.12 -24.52 -56.73
CA THR BA 234 -33.00 -24.29 -55.28
C THR BA 234 -32.42 -22.90 -54.98
N SER BA 235 -32.38 -21.97 -55.93
CA SER BA 235 -31.70 -20.66 -55.74
C SER BA 235 -32.68 -19.51 -55.92
N THR BA 236 -32.68 -18.57 -54.98
CA THR BA 236 -33.62 -17.42 -54.90
C THR BA 236 -32.84 -16.13 -54.70
N THR BA 237 -33.23 -15.07 -55.40
CA THR BA 237 -32.60 -13.72 -55.29
C THR BA 237 -33.63 -12.80 -54.64
N ILE BA 238 -33.27 -12.16 -53.53
CA ILE BA 238 -34.12 -11.15 -52.85
C ILE BA 238 -34.03 -9.86 -53.66
N LEU BA 239 -35.15 -9.20 -53.91
CA LEU BA 239 -35.23 -7.96 -54.73
C LEU BA 239 -35.47 -6.74 -53.84
N LEU BA 240 -35.59 -6.93 -52.53
CA LEU BA 240 -35.76 -5.82 -51.55
C LEU BA 240 -34.46 -5.04 -51.47
N ASP BA 241 -34.55 -3.70 -51.39
CA ASP BA 241 -33.39 -2.78 -51.30
C ASP BA 241 -32.94 -2.66 -49.84
N GLU BA 242 -32.01 -1.76 -49.57
CA GLU BA 242 -31.42 -1.50 -48.22
C GLU BA 242 -32.52 -1.14 -47.21
N ASN BA 243 -33.70 -0.69 -47.67
CA ASN BA 243 -34.85 -0.27 -46.82
C ASN BA 243 -36.00 -1.30 -46.89
N GLY BA 244 -35.76 -2.53 -47.34
CA GLY BA 244 -36.78 -3.60 -47.37
C GLY BA 244 -37.89 -3.35 -48.39
N VAL BA 245 -37.69 -2.45 -49.36
CA VAL BA 245 -38.67 -2.16 -50.43
C VAL BA 245 -38.23 -2.84 -51.73
N GLY BA 246 -39.13 -3.62 -52.33
CA GLY BA 246 -38.93 -4.21 -53.67
C GLY BA 246 -39.43 -3.29 -54.79
N PRO BA 247 -39.20 -3.65 -56.06
CA PRO BA 247 -39.80 -2.93 -57.18
C PRO BA 247 -41.32 -2.86 -57.04
N LEU BA 248 -41.87 -1.66 -57.16
CA LEU BA 248 -43.33 -1.39 -57.13
C LEU BA 248 -43.84 -1.28 -58.57
N CYS BA 249 -44.72 -2.21 -58.99
CA CYS BA 249 -45.21 -2.34 -60.38
C CYS BA 249 -46.23 -1.26 -60.72
N LYS BA 250 -45.78 -0.14 -61.28
CA LYS BA 250 -46.64 0.96 -61.82
C LYS BA 250 -47.56 0.36 -62.89
N GLY BA 251 -48.80 0.86 -62.97
CA GLY BA 251 -49.82 0.41 -63.94
C GLY BA 251 -50.08 -1.09 -63.87
N ASP BA 252 -49.78 -1.71 -62.72
CA ASP BA 252 -50.00 -3.17 -62.49
C ASP BA 252 -49.26 -3.98 -63.56
N GLY BA 253 -48.00 -3.58 -63.84
CA GLY BA 253 -47.13 -4.22 -64.85
C GLY BA 253 -45.76 -4.56 -64.29
N LEU BA 254 -45.37 -5.83 -64.41
CA LEU BA 254 -44.02 -6.34 -64.06
C LEU BA 254 -43.13 -6.31 -65.31
N TYR BA 255 -41.99 -5.63 -65.24
CA TYR BA 255 -41.01 -5.47 -66.35
C TYR BA 255 -39.84 -6.45 -66.15
N LEU BA 256 -39.77 -7.45 -67.03
CA LEU BA 256 -38.63 -8.42 -67.13
C LEU BA 256 -37.74 -8.06 -68.32
N SER BA 257 -36.42 -8.15 -68.13
CA SER BA 257 -35.38 -7.98 -69.17
C SER BA 257 -34.34 -9.09 -69.02
N SER BA 258 -33.72 -9.49 -70.13
CA SER BA 258 -32.79 -10.64 -70.26
C SER BA 258 -31.74 -10.30 -71.33
N ALA BA 259 -30.52 -10.82 -71.15
CA ALA BA 259 -29.44 -10.80 -72.15
C ALA BA 259 -28.51 -11.98 -71.85
N ASP BA 260 -28.68 -13.09 -72.56
CA ASP BA 260 -27.88 -14.32 -72.33
C ASP BA 260 -27.28 -14.80 -73.65
N VAL BA 261 -26.16 -14.17 -74.00
CA VAL BA 261 -25.29 -14.53 -75.15
C VAL BA 261 -24.19 -15.44 -74.60
N ALA BA 262 -24.37 -16.76 -74.75
CA ALA BA 262 -23.56 -17.82 -74.09
C ALA BA 262 -22.13 -17.79 -74.62
N GLY BA 263 -21.96 -17.24 -75.83
CA GLY BA 263 -20.70 -17.19 -76.59
C GLY BA 263 -20.97 -17.27 -78.09
N THR BA 264 -19.99 -17.73 -78.87
CA THR BA 264 -20.11 -17.90 -80.34
C THR BA 264 -20.08 -19.39 -80.68
N PHE BA 265 -20.74 -19.74 -81.78
CA PHE BA 265 -20.57 -21.04 -82.49
C PHE BA 265 -19.57 -20.85 -83.63
N VAL BA 266 -18.52 -21.67 -83.67
CA VAL BA 266 -17.42 -21.62 -84.68
C VAL BA 266 -17.67 -22.76 -85.68
N GLN BA 267 -18.13 -22.43 -86.88
CA GLN BA 267 -18.52 -23.44 -87.90
C GLN BA 267 -17.27 -24.02 -88.58
N GLN BA 268 -17.27 -25.34 -88.76
CA GLN BA 268 -16.21 -26.08 -89.49
C GLN BA 268 -16.16 -25.57 -90.94
N THR BA 269 -14.96 -25.57 -91.53
CA THR BA 269 -14.73 -25.30 -92.97
C THR BA 269 -14.84 -23.80 -93.24
N SER BA 270 -16.01 -23.18 -93.02
CA SER BA 270 -16.19 -21.72 -93.20
C SER BA 270 -15.28 -20.96 -92.22
N GLN BA 271 -15.11 -21.50 -91.01
CA GLN BA 271 -14.40 -20.86 -89.86
C GLN BA 271 -15.07 -19.52 -89.52
N LYS BA 272 -16.36 -19.39 -89.83
CA LYS BA 272 -17.20 -18.20 -89.47
C LYS BA 272 -17.80 -18.42 -88.07
N GLN BA 273 -18.15 -17.32 -87.40
CA GLN BA 273 -18.64 -17.28 -86.01
C GLN BA 273 -20.06 -16.73 -85.98
N TYR BA 274 -20.90 -17.33 -85.14
CA TYR BA 274 -22.31 -16.98 -84.93
C TYR BA 274 -22.55 -16.83 -83.42
N TRP BA 275 -23.12 -15.68 -83.00
CA TRP BA 275 -23.60 -15.47 -81.62
C TRP BA 275 -24.65 -16.54 -81.29
N ARG BA 276 -24.58 -17.12 -80.10
CA ARG BA 276 -25.52 -18.15 -79.59
C ARG BA 276 -26.20 -17.61 -78.32
N GLY BA 277 -27.51 -17.41 -78.39
CA GLY BA 277 -28.32 -16.93 -77.25
C GLY BA 277 -29.02 -18.06 -76.53
N LEU BA 278 -29.35 -17.86 -75.26
CA LEU BA 278 -30.12 -18.86 -74.47
C LEU BA 278 -31.31 -18.16 -73.81
N PRO BA 279 -32.44 -18.88 -73.61
CA PRO BA 279 -33.61 -18.31 -72.96
C PRO BA 279 -33.42 -18.26 -71.44
N ARG BA 280 -34.19 -17.39 -70.78
CA ARG BA 280 -34.14 -17.18 -69.30
C ARG BA 280 -35.55 -17.36 -68.72
N TYR BA 281 -35.70 -18.30 -67.78
CA TYR BA 281 -36.93 -18.51 -66.98
C TYR BA 281 -36.93 -17.53 -65.81
N PHE BA 282 -38.08 -16.96 -65.52
CA PHE BA 282 -38.34 -16.13 -64.32
C PHE BA 282 -39.48 -16.73 -63.50
N ASN BA 283 -39.34 -16.70 -62.18
CA ASN BA 283 -40.41 -17.03 -61.21
C ASN BA 283 -40.39 -15.95 -60.14
N ILE BA 284 -41.26 -14.95 -60.24
CA ILE BA 284 -41.27 -13.77 -59.34
C ILE BA 284 -42.37 -13.96 -58.31
N THR BA 285 -42.08 -13.67 -57.04
CA THR BA 285 -43.05 -13.59 -55.92
C THR BA 285 -43.30 -12.10 -55.61
N LEU BA 286 -44.58 -11.71 -55.62
CA LEU BA 286 -45.01 -10.33 -55.31
C LEU BA 286 -46.01 -10.36 -54.14
N ARG BA 287 -46.09 -9.26 -53.40
CA ARG BA 287 -47.00 -9.05 -52.25
C ARG BA 287 -47.65 -7.67 -52.42
N LYS BA 288 -48.86 -7.47 -51.89
CA LYS BA 288 -49.57 -6.16 -51.99
C LYS BA 288 -48.87 -5.19 -51.03
N ARG BA 289 -48.69 -3.94 -51.45
CA ARG BA 289 -48.02 -2.89 -50.64
C ARG BA 289 -48.79 -1.59 -50.80
N ALA BA 290 -48.93 -0.84 -49.70
CA ALA BA 290 -49.71 0.41 -49.62
C ALA BA 290 -48.80 1.60 -49.87
N VAL BA 291 -49.29 2.60 -50.61
CA VAL BA 291 -48.52 3.81 -50.99
C VAL BA 291 -49.46 5.02 -50.92
N LYS BA 292 -48.93 6.21 -50.59
CA LYS BA 292 -49.61 7.52 -50.83
C LYS BA 292 -49.70 7.85 -52.33
N VAL CA 28 -49.52 -30.80 -47.13
CA VAL CA 28 -48.40 -31.33 -46.28
C VAL CA 28 -48.67 -31.01 -44.82
N LEU CA 29 -48.63 -32.02 -43.95
CA LEU CA 29 -49.00 -31.90 -42.51
C LEU CA 29 -47.75 -32.08 -41.64
N ASP CA 30 -47.90 -32.58 -40.41
CA ASP CA 30 -46.83 -32.69 -39.39
C ASP CA 30 -45.77 -33.69 -39.83
N VAL CA 31 -44.52 -33.47 -39.41
CA VAL CA 31 -43.41 -34.46 -39.53
C VAL CA 31 -43.61 -35.54 -38.45
N LYS CA 32 -43.97 -36.77 -38.80
CA LYS CA 32 -43.99 -37.89 -37.80
C LYS CA 32 -42.58 -38.02 -37.22
N ASP CA 36 -38.19 -45.33 -35.60
CA ASP CA 36 -38.24 -45.88 -37.01
C ASP CA 36 -38.93 -44.86 -37.94
N SER CA 37 -38.66 -43.57 -37.73
CA SER CA 37 -39.29 -42.44 -38.48
C SER CA 37 -38.32 -41.88 -39.53
N THR CA 38 -37.03 -42.24 -39.45
CA THR CA 38 -35.98 -41.88 -40.44
C THR CA 38 -35.32 -43.15 -40.99
N THR CA 39 -34.90 -43.10 -42.25
CA THR CA 39 -34.07 -44.14 -42.91
C THR CA 39 -33.09 -43.46 -43.88
N THR CA 40 -31.98 -44.13 -44.20
CA THR CA 40 -31.00 -43.69 -45.21
C THR CA 40 -30.93 -44.74 -46.34
N ILE CA 41 -30.89 -44.27 -47.59
CA ILE CA 41 -30.69 -45.14 -48.80
C ILE CA 41 -29.35 -44.77 -49.46
N GLU CA 42 -28.56 -45.79 -49.79
CA GLU CA 42 -27.30 -45.70 -50.58
C GLU CA 42 -27.58 -46.21 -52.00
N ALA CA 43 -27.10 -45.49 -53.01
CA ALA CA 43 -27.22 -45.89 -54.43
C ALA CA 43 -26.03 -45.29 -55.22
N TYR CA 44 -25.76 -45.84 -56.40
CA TYR CA 44 -24.84 -45.25 -57.40
C TYR CA 44 -25.48 -45.31 -58.80
N LEU CA 45 -25.20 -44.31 -59.61
CA LEU CA 45 -25.55 -44.27 -61.05
C LEU CA 45 -24.26 -44.29 -61.86
N ASN CA 46 -24.01 -45.37 -62.59
CA ASN CA 46 -22.91 -45.48 -63.59
C ASN CA 46 -23.27 -44.56 -64.76
N PRO CA 47 -22.27 -43.98 -65.45
CA PRO CA 47 -22.55 -43.01 -66.51
C PRO CA 47 -23.12 -43.69 -67.76
N ARG CA 48 -23.84 -42.94 -68.59
CA ARG CA 48 -24.40 -43.44 -69.87
C ARG CA 48 -23.97 -42.48 -70.99
N VAL CA 49 -22.69 -42.57 -71.35
CA VAL CA 49 -22.04 -41.68 -72.36
C VAL CA 49 -22.21 -42.27 -73.76
N GLY CA 50 -22.91 -43.39 -73.91
CA GLY CA 50 -23.22 -44.04 -75.21
C GLY CA 50 -22.86 -45.52 -75.20
N GLN CA 51 -21.86 -45.89 -74.39
CA GLN CA 51 -21.58 -47.30 -74.01
C GLN CA 51 -21.62 -47.38 -72.49
N ASN CA 52 -21.33 -48.55 -71.93
CA ASN CA 52 -21.58 -48.87 -70.51
C ASN CA 52 -20.27 -48.86 -69.70
N TRP CA 53 -19.12 -48.70 -70.34
CA TRP CA 53 -17.82 -48.84 -69.64
C TRP CA 53 -17.09 -47.49 -69.61
N GLY CA 54 -17.87 -46.41 -69.62
CA GLY CA 54 -17.42 -45.07 -69.20
C GLY CA 54 -16.84 -44.23 -70.33
N PHE CA 55 -16.73 -44.82 -71.54
CA PHE CA 55 -16.31 -44.11 -72.77
C PHE CA 55 -17.36 -44.29 -73.88
N SER CA 56 -17.63 -43.22 -74.62
CA SER CA 56 -18.39 -43.25 -75.90
C SER CA 56 -17.49 -43.86 -76.99
N THR CA 57 -18.07 -44.17 -78.15
CA THR CA 57 -17.30 -44.42 -79.40
C THR CA 57 -16.83 -43.05 -79.92
N GLU CA 58 -15.99 -43.02 -80.96
CA GLU CA 58 -15.38 -41.76 -81.45
C GLU CA 58 -16.48 -40.74 -81.75
N ILE CA 59 -16.21 -39.48 -81.44
CA ILE CA 59 -17.10 -38.33 -81.79
C ILE CA 59 -16.93 -38.09 -83.29
N THR CA 60 -18.05 -38.02 -84.03
CA THR CA 60 -18.09 -37.84 -85.50
C THR CA 60 -18.70 -36.47 -85.82
N VAL CA 61 -18.35 -35.90 -86.98
CA VAL CA 61 -18.83 -34.55 -87.40
C VAL CA 61 -19.21 -34.60 -88.88
N ALA CA 62 -20.50 -34.72 -89.17
CA ALA CA 62 -21.05 -34.60 -90.54
C ALA CA 62 -20.43 -33.38 -91.23
N SER CA 63 -20.15 -33.48 -92.54
CA SER CA 63 -19.73 -32.33 -93.36
C SER CA 63 -20.88 -31.33 -93.45
N ASN CA 64 -20.57 -30.02 -93.46
CA ASN CA 64 -21.62 -28.98 -93.58
C ASN CA 64 -22.57 -29.40 -94.71
N GLY CA 65 -23.88 -29.21 -94.53
CA GLY CA 65 -24.89 -29.49 -95.57
C GLY CA 65 -25.35 -30.94 -95.58
N TYR CA 66 -24.60 -31.86 -94.94
CA TYR CA 66 -24.99 -33.28 -94.79
C TYR CA 66 -25.84 -33.47 -93.52
N ASN CA 67 -26.63 -34.54 -93.46
CA ASN CA 67 -27.43 -34.90 -92.26
C ASN CA 67 -26.53 -35.00 -91.03
N ASP CA 68 -26.96 -34.37 -89.93
CA ASP CA 68 -26.32 -34.49 -88.60
C ASP CA 68 -26.93 -35.71 -87.92
N ALA CA 69 -26.31 -36.88 -88.11
CA ALA CA 69 -26.85 -38.18 -87.64
C ALA CA 69 -25.74 -38.93 -86.93
N PRO CA 70 -25.44 -38.57 -85.66
CA PRO CA 70 -24.39 -39.23 -84.90
C PRO CA 70 -24.81 -40.65 -84.51
N HIS CA 71 -23.82 -41.48 -84.18
CA HIS CA 71 -23.99 -42.89 -83.74
C HIS CA 71 -24.63 -42.92 -82.35
N LEU CA 72 -25.55 -43.85 -82.13
CA LEU CA 72 -26.12 -44.16 -80.80
C LEU CA 72 -25.01 -44.07 -79.74
N THR CA 73 -23.85 -44.69 -80.00
CA THR CA 73 -22.80 -44.92 -78.98
C THR CA 73 -21.88 -43.71 -78.82
N GLU CA 74 -22.23 -42.54 -79.34
CA GLU CA 74 -21.41 -41.31 -79.17
C GLU CA 74 -22.23 -40.20 -78.50
N ILE CA 75 -23.52 -40.45 -78.22
CA ILE CA 75 -24.45 -39.49 -77.57
C ILE CA 75 -24.54 -39.80 -76.09
N PRO CA 76 -23.95 -38.96 -75.20
CA PRO CA 76 -24.15 -39.11 -73.76
C PRO CA 76 -25.57 -38.76 -73.31
N CYS CA 77 -26.10 -39.56 -72.38
CA CYS CA 77 -27.47 -39.46 -71.84
C CYS CA 77 -27.45 -39.31 -70.31
N TYR CA 78 -28.57 -38.84 -69.75
CA TYR CA 78 -28.84 -38.83 -68.29
C TYR CA 78 -28.95 -40.28 -67.80
N SER CA 79 -28.21 -40.59 -66.73
CA SER CA 79 -28.41 -41.78 -65.88
C SER CA 79 -29.62 -41.53 -64.99
N SER CA 80 -30.46 -42.53 -64.75
CA SER CA 80 -31.66 -42.41 -63.86
C SER CA 80 -31.99 -43.77 -63.25
N ALA CA 81 -32.55 -43.76 -62.05
CA ALA CA 81 -33.01 -44.96 -61.32
C ALA CA 81 -34.09 -44.54 -60.33
N ARG CA 82 -35.06 -45.43 -60.08
CA ARG CA 82 -36.06 -45.31 -58.99
C ARG CA 82 -35.70 -46.37 -57.94
N ILE CA 83 -35.30 -45.93 -56.75
CA ILE CA 83 -35.04 -46.84 -55.59
C ILE CA 83 -36.37 -47.06 -54.88
N SER CA 84 -36.69 -48.33 -54.59
CA SER CA 84 -37.88 -48.76 -53.80
C SER CA 84 -37.62 -48.49 -52.32
N LEU CA 85 -38.51 -47.73 -51.68
CA LEU CA 85 -38.47 -47.38 -50.24
C LEU CA 85 -39.39 -48.34 -49.47
N PRO CA 86 -39.23 -48.51 -48.13
CA PRO CA 86 -40.15 -49.32 -47.33
C PRO CA 86 -41.62 -48.87 -47.48
N LEU CA 87 -42.56 -49.81 -47.55
CA LEU CA 87 -44.02 -49.53 -47.67
C LEU CA 87 -44.48 -48.83 -46.39
N LEU CA 88 -45.28 -47.76 -46.49
CA LEU CA 88 -45.59 -46.84 -45.35
C LEU CA 88 -47.09 -46.99 -45.02
N PRO CA 95 -57.40 -41.49 -44.30
CA PRO CA 95 -57.61 -40.14 -44.86
C PRO CA 95 -56.47 -39.14 -44.59
N THR CA 96 -55.44 -39.56 -43.83
CA THR CA 96 -54.07 -38.98 -43.85
C THR CA 96 -53.07 -40.10 -44.11
N LEU CA 97 -52.11 -39.88 -45.00
CA LEU CA 97 -51.12 -40.87 -45.46
C LEU CA 97 -49.73 -40.43 -44.93
N LEU CA 98 -48.80 -41.39 -44.90
CA LEU CA 98 -47.35 -41.12 -44.71
C LEU CA 98 -46.60 -41.29 -46.04
N MET CA 99 -45.83 -40.27 -46.43
CA MET CA 99 -44.86 -40.32 -47.56
C MET CA 99 -43.46 -40.12 -46.98
N TRP CA 100 -42.45 -40.76 -47.57
CA TRP CA 100 -41.03 -40.48 -47.26
C TRP CA 100 -40.66 -39.09 -47.78
N GLU CA 101 -39.97 -38.31 -46.96
CA GLU CA 101 -39.49 -36.95 -47.29
C GLU CA 101 -37.95 -36.98 -47.32
N ALA CA 102 -37.36 -36.75 -48.49
CA ALA CA 102 -35.89 -36.66 -48.66
C ALA CA 102 -35.43 -35.36 -48.01
N VAL CA 103 -34.59 -35.46 -46.97
CA VAL CA 103 -34.21 -34.28 -46.14
C VAL CA 103 -32.87 -33.75 -46.65
N SER CA 104 -31.89 -34.63 -46.81
CA SER CA 104 -30.49 -34.28 -47.14
C SER CA 104 -29.91 -35.33 -48.09
N VAL CA 105 -28.79 -35.00 -48.76
CA VAL CA 105 -28.03 -35.95 -49.60
C VAL CA 105 -26.53 -35.65 -49.47
N LYS CA 106 -25.74 -36.69 -49.20
CA LYS CA 106 -24.27 -36.74 -49.41
C LYS CA 106 -24.07 -37.35 -50.80
N THR CA 107 -23.51 -36.62 -51.76
CA THR CA 107 -23.26 -37.14 -53.15
C THR CA 107 -21.80 -36.91 -53.53
N GLU CA 108 -21.24 -37.83 -54.30
CA GLU CA 108 -19.81 -37.89 -54.68
C GLU CA 108 -19.70 -38.35 -56.13
N VAL CA 109 -18.81 -37.74 -56.90
CA VAL CA 109 -18.42 -38.26 -58.26
C VAL CA 109 -17.22 -39.19 -58.08
N VAL CA 110 -17.44 -40.48 -58.28
CA VAL CA 110 -16.48 -41.58 -57.95
C VAL CA 110 -15.48 -41.68 -59.10
N GLY CA 111 -14.21 -41.96 -58.77
CA GLY CA 111 -13.15 -42.30 -59.73
C GLY CA 111 -12.53 -41.07 -60.38
N ILE CA 112 -12.58 -39.92 -59.71
CA ILE CA 112 -11.88 -38.68 -60.16
C ILE CA 112 -10.39 -39.00 -60.27
N SER CA 113 -9.83 -39.76 -59.33
CA SER CA 113 -8.39 -40.12 -59.29
C SER CA 113 -7.98 -40.91 -60.53
N SER CA 114 -8.94 -41.54 -61.24
CA SER CA 114 -8.69 -42.35 -62.44
C SER CA 114 -8.05 -41.51 -63.55
N MET CA 115 -8.28 -40.19 -63.52
CA MET CA 115 -7.84 -39.23 -64.57
C MET CA 115 -6.35 -38.91 -64.42
N LEU CA 116 -5.72 -39.16 -63.26
CA LEU CA 116 -4.26 -38.97 -63.11
C LEU CA 116 -3.54 -40.15 -63.79
N ASN CA 117 -3.53 -40.12 -65.12
CA ASN CA 117 -3.08 -41.24 -66.00
C ASN CA 117 -2.58 -40.63 -67.31
N MET CA 118 -1.26 -40.62 -67.50
CA MET CA 118 -0.61 -40.01 -68.69
C MET CA 118 0.12 -41.10 -69.49
N HIS CA 119 -0.29 -42.37 -69.35
CA HIS CA 119 0.38 -43.53 -70.00
C HIS CA 119 -0.60 -44.38 -70.81
N SER CA 120 -1.91 -44.19 -70.68
CA SER CA 120 -2.93 -45.03 -71.36
C SER CA 120 -3.36 -44.38 -72.68
N TYR CA 121 -2.40 -44.28 -73.62
CA TYR CA 121 -2.59 -44.08 -75.08
C TYR CA 121 -3.07 -42.65 -75.40
N GLY CA 122 -2.91 -41.70 -74.47
CA GLY CA 122 -3.33 -40.31 -74.71
C GLY CA 122 -2.43 -39.65 -75.73
N LEU CA 123 -2.97 -38.73 -76.53
CA LEU CA 123 -2.17 -37.86 -77.43
C LEU CA 123 -1.02 -37.26 -76.61
N ARG CA 124 0.22 -37.38 -77.07
CA ARG CA 124 1.40 -37.06 -76.24
C ARG CA 124 1.77 -35.57 -76.36
N ALA CA 125 2.16 -34.95 -75.25
CA ALA CA 125 2.49 -33.51 -75.17
C ALA CA 125 3.94 -33.31 -75.59
N PHE CA 126 4.30 -32.06 -75.86
CA PHE CA 126 5.68 -31.62 -76.19
C PHE CA 126 6.21 -32.42 -77.38
N GLY CA 127 5.43 -32.36 -78.47
CA GLY CA 127 5.79 -32.90 -79.81
C GLY CA 127 5.99 -34.40 -79.82
N GLY CA 128 5.32 -35.13 -78.92
CA GLY CA 128 5.29 -36.61 -78.91
C GLY CA 128 6.23 -37.24 -77.90
N TYR CA 129 7.11 -36.45 -77.26
CA TYR CA 129 8.14 -36.93 -76.30
C TYR CA 129 7.59 -36.94 -74.86
N GLY CA 130 6.56 -36.12 -74.58
CA GLY CA 130 5.93 -36.05 -73.25
C GLY CA 130 4.96 -37.20 -73.00
N GLY CA 131 4.16 -37.09 -71.93
CA GLY CA 131 3.12 -38.07 -71.56
C GLY CA 131 1.80 -37.80 -72.28
N GLY CA 132 0.84 -38.73 -72.14
CA GLY CA 132 -0.50 -38.63 -72.75
C GLY CA 132 -1.35 -37.55 -72.11
N TYR CA 133 -2.19 -36.89 -72.90
CA TYR CA 133 -3.23 -35.95 -72.42
C TYR CA 133 -4.16 -36.68 -71.45
N THR CA 134 -4.27 -36.17 -70.22
CA THR CA 134 -5.36 -36.52 -69.28
C THR CA 134 -6.68 -36.02 -69.87
N ILE CA 135 -7.79 -36.59 -69.45
CA ILE CA 135 -9.13 -36.17 -69.93
C ILE CA 135 -9.20 -34.65 -69.89
N GLU CA 136 -9.72 -34.03 -70.95
CA GLU CA 136 -9.97 -32.57 -71.02
C GLU CA 136 -11.10 -32.26 -71.99
N GLY CA 137 -11.47 -30.99 -72.06
CA GLY CA 137 -12.53 -30.47 -72.96
C GLY CA 137 -13.77 -30.09 -72.18
N SER CA 138 -14.86 -29.79 -72.90
CA SER CA 138 -16.17 -29.41 -72.33
C SER CA 138 -16.68 -30.56 -71.46
N HIS CA 139 -17.32 -30.21 -70.33
CA HIS CA 139 -17.82 -31.18 -69.34
C HIS CA 139 -19.10 -30.65 -68.69
N ILE CA 140 -19.91 -31.57 -68.15
CA ILE CA 140 -21.15 -31.26 -67.36
C ILE CA 140 -21.17 -32.18 -66.14
N HIS CA 141 -21.48 -31.62 -64.98
CA HIS CA 141 -21.72 -32.37 -63.73
C HIS CA 141 -23.08 -31.97 -63.18
N PHE CA 142 -23.94 -32.96 -62.92
CA PHE CA 142 -25.35 -32.70 -62.57
C PHE CA 142 -25.94 -33.89 -61.81
N PHE CA 143 -26.74 -33.61 -60.78
CA PHE CA 143 -27.51 -34.64 -60.05
C PHE CA 143 -28.84 -34.04 -59.59
N SER CA 144 -29.86 -34.89 -59.49
CA SER CA 144 -31.16 -34.51 -58.90
C SER CA 144 -31.65 -35.62 -57.96
N VAL CA 145 -32.30 -35.22 -56.87
CA VAL CA 145 -33.09 -36.11 -55.96
C VAL CA 145 -34.53 -35.61 -56.01
N GLY CA 146 -35.48 -36.54 -56.12
CA GLY CA 146 -36.89 -36.20 -56.38
C GLY CA 146 -37.84 -37.26 -55.88
N GLY CA 147 -39.10 -36.86 -55.68
CA GLY CA 147 -40.19 -37.75 -55.24
C GLY CA 147 -40.94 -38.33 -56.42
N GLU CA 148 -40.48 -38.01 -57.64
CA GLU CA 148 -41.10 -38.46 -58.90
C GLU CA 148 -40.10 -38.25 -60.03
N PRO CA 149 -40.37 -38.79 -61.23
CA PRO CA 149 -39.51 -38.53 -62.38
C PRO CA 149 -39.20 -37.04 -62.58
N LEU CA 150 -37.95 -36.73 -62.95
CA LEU CA 150 -37.45 -35.35 -63.18
C LEU CA 150 -38.11 -34.80 -64.45
N ASP CA 151 -38.65 -33.58 -64.39
CA ASP CA 151 -39.27 -32.89 -65.56
C ASP CA 151 -38.18 -32.32 -66.46
N LEU CA 152 -38.24 -32.63 -67.77
CA LEU CA 152 -37.26 -32.22 -68.81
C LEU CA 152 -37.92 -31.26 -69.79
N GLN CA 153 -37.24 -30.16 -70.09
CA GLN CA 153 -37.59 -29.18 -71.17
C GLN CA 153 -36.66 -29.43 -72.36
N GLY CA 154 -37.24 -29.45 -73.56
CA GLY CA 154 -36.50 -29.65 -74.82
C GLY CA 154 -35.79 -28.37 -75.23
N LEU CA 155 -34.46 -28.46 -75.37
CA LEU CA 155 -33.64 -27.40 -76.03
C LEU CA 155 -32.32 -28.02 -76.49
N MET CA 156 -31.96 -27.79 -77.75
CA MET CA 156 -30.81 -28.41 -78.47
C MET CA 156 -30.14 -27.37 -79.35
N GLN CA 157 -28.89 -27.63 -79.77
CA GLN CA 157 -28.06 -26.71 -80.60
C GLN CA 157 -28.54 -26.77 -82.06
N ASN CA 158 -28.96 -27.93 -82.54
CA ASN CA 158 -29.35 -28.15 -83.96
C ASN CA 158 -30.68 -28.93 -84.03
N HIS CA 159 -31.77 -28.26 -84.38
CA HIS CA 159 -33.14 -28.86 -84.41
C HIS CA 159 -33.16 -30.09 -85.32
N SER CA 160 -32.31 -30.11 -86.35
CA SER CA 160 -32.31 -31.14 -87.42
C SER CA 160 -31.60 -32.41 -86.95
N THR CA 161 -30.89 -32.40 -85.82
CA THR CA 161 -30.11 -33.56 -85.34
C THR CA 161 -31.03 -34.79 -85.35
N GLN CA 162 -30.51 -35.93 -85.82
CA GLN CA 162 -31.26 -37.22 -85.92
C GLN CA 162 -30.69 -38.18 -84.88
N TYR CA 163 -31.47 -38.48 -83.83
CA TYR CA 163 -31.07 -39.41 -82.75
C TYR CA 163 -31.54 -40.81 -83.13
N PRO CA 164 -30.63 -41.80 -83.19
CA PRO CA 164 -31.02 -43.18 -83.45
C PRO CA 164 -31.94 -43.73 -82.35
N SER CA 165 -32.86 -44.62 -82.70
CA SER CA 165 -33.63 -45.45 -81.72
C SER CA 165 -32.63 -46.30 -80.95
N PRO CA 166 -32.82 -46.54 -79.63
CA PRO CA 166 -34.01 -46.12 -78.88
C PRO CA 166 -33.97 -44.76 -78.18
N LEU CA 167 -32.99 -43.90 -78.48
CA LEU CA 167 -32.87 -42.56 -77.86
C LEU CA 167 -34.14 -41.76 -78.16
N VAL CA 168 -34.48 -40.82 -77.28
CA VAL CA 168 -35.67 -39.92 -77.42
C VAL CA 168 -35.18 -38.48 -77.38
N GLY CA 169 -35.61 -37.69 -78.37
CA GLY CA 169 -35.32 -36.26 -78.46
C GLY CA 169 -36.59 -35.44 -78.60
N PRO CA 170 -36.51 -34.12 -78.48
CA PRO CA 170 -37.70 -33.27 -78.56
C PRO CA 170 -38.44 -33.52 -79.87
N LYS CA 171 -39.72 -33.86 -79.79
CA LYS CA 171 -40.63 -34.02 -80.96
C LYS CA 171 -41.93 -33.31 -80.60
N LYS CA 172 -42.55 -32.61 -81.55
CA LYS CA 172 -43.99 -32.20 -81.46
C LYS CA 172 -44.84 -33.47 -81.50
N PRO CA 173 -46.17 -33.39 -81.26
CA PRO CA 173 -47.01 -34.59 -81.25
C PRO CA 173 -46.96 -35.37 -82.58
N ASP CA 174 -46.79 -34.66 -83.70
CA ASP CA 174 -46.80 -35.20 -85.08
C ASP CA 174 -45.47 -35.88 -85.45
N GLY CA 175 -44.41 -35.75 -84.64
CA GLY CA 175 -43.09 -36.39 -84.87
C GLY CA 175 -42.03 -35.42 -85.36
N THR CA 176 -42.42 -34.26 -85.90
CA THR CA 176 -41.54 -33.16 -86.40
C THR CA 176 -40.76 -32.53 -85.25
N THR CA 177 -39.78 -31.67 -85.58
CA THR CA 177 -38.93 -30.90 -84.64
C THR CA 177 -38.49 -29.62 -85.36
N ASP CA 178 -39.18 -28.50 -85.13
CA ASP CA 178 -38.93 -27.24 -85.89
C ASP CA 178 -37.79 -26.44 -85.23
N ASP CA 179 -37.55 -25.21 -85.71
CA ASP CA 179 -36.41 -24.35 -85.30
C ASP CA 179 -36.58 -23.90 -83.85
N SER CA 180 -37.81 -23.87 -83.33
CA SER CA 180 -38.13 -23.37 -81.96
C SER CA 180 -37.41 -24.21 -80.90
N ALA CA 181 -37.10 -25.48 -81.20
CA ALA CA 181 -36.40 -26.40 -80.27
C ALA CA 181 -34.96 -25.95 -79.98
N GLN CA 182 -34.50 -24.86 -80.59
CA GLN CA 182 -33.16 -24.27 -80.32
C GLN CA 182 -33.30 -23.19 -79.25
N VAL CA 183 -34.53 -22.82 -78.93
CA VAL CA 183 -34.86 -21.87 -77.83
C VAL CA 183 -35.89 -22.57 -76.94
N LEU CA 184 -36.65 -21.81 -76.13
CA LEU CA 184 -37.70 -22.40 -75.27
C LEU CA 184 -39.01 -22.42 -76.05
N ASN CA 185 -39.54 -23.62 -76.29
CA ASN CA 185 -40.93 -23.84 -76.73
C ASN CA 185 -41.56 -24.87 -75.79
N PRO CA 186 -42.55 -24.46 -74.97
CA PRO CA 186 -43.20 -25.36 -74.01
C PRO CA 186 -43.70 -26.68 -74.61
N ILE CA 187 -43.91 -26.75 -75.93
CA ILE CA 187 -44.42 -27.97 -76.63
C ILE CA 187 -43.44 -29.13 -76.40
N TYR CA 188 -42.15 -28.86 -76.16
CA TYR CA 188 -41.08 -29.90 -76.05
C TYR CA 188 -40.79 -30.17 -74.58
N LYS CA 189 -41.50 -31.15 -74.00
CA LYS CA 189 -41.36 -31.55 -72.58
C LYS CA 189 -41.37 -33.07 -72.51
N ALA CA 190 -40.74 -33.60 -71.45
CA ALA CA 190 -40.61 -35.06 -71.23
C ALA CA 190 -40.28 -35.30 -69.77
N LYS CA 191 -40.54 -36.53 -69.32
CA LYS CA 191 -40.20 -37.01 -67.96
C LYS CA 191 -39.01 -37.96 -68.11
N LEU CA 192 -37.95 -37.74 -67.34
CA LEU CA 192 -36.74 -38.61 -67.33
C LEU CA 192 -37.10 -39.95 -66.70
N ASP CA 193 -37.75 -40.82 -67.48
CA ASP CA 193 -38.41 -42.05 -66.95
C ASP CA 193 -37.67 -43.31 -67.44
N LYS CA 194 -36.47 -43.19 -68.00
CA LYS CA 194 -35.69 -44.35 -68.52
C LYS CA 194 -34.21 -43.96 -68.55
N ASP CA 195 -33.35 -44.82 -68.00
CA ASP CA 195 -31.87 -44.69 -68.02
C ASP CA 195 -31.38 -44.68 -69.46
N ALA CA 196 -30.26 -44.00 -69.73
CA ALA CA 196 -29.47 -44.13 -70.97
C ALA CA 196 -30.31 -43.85 -72.21
N THR CA 197 -31.31 -42.98 -72.11
CA THR CA 197 -32.33 -42.78 -73.17
C THR CA 197 -32.44 -41.31 -73.60
N TYR CA 198 -32.39 -40.38 -72.66
CA TYR CA 198 -32.59 -38.93 -72.92
C TYR CA 198 -31.23 -38.28 -73.07
N PRO CA 199 -30.84 -37.81 -74.27
CA PRO CA 199 -29.55 -37.17 -74.47
C PRO CA 199 -29.44 -35.89 -73.65
N ILE CA 200 -28.28 -35.70 -73.01
CA ILE CA 200 -27.94 -34.46 -72.25
C ILE CA 200 -28.11 -33.25 -73.17
N GLU CA 201 -27.84 -33.40 -74.47
CA GLU CA 201 -27.65 -32.24 -75.40
C GLU CA 201 -28.98 -31.65 -75.85
N CYS CA 202 -30.11 -32.35 -75.70
CA CYS CA 202 -31.44 -31.87 -76.18
C CYS CA 202 -32.43 -31.70 -75.03
N TRP CA 203 -32.06 -32.08 -73.81
CA TRP CA 203 -32.93 -32.06 -72.61
C TRP CA 203 -32.21 -31.39 -71.42
N CYS CA 204 -32.82 -30.34 -70.85
CA CYS CA 204 -32.37 -29.72 -69.58
C CYS CA 204 -33.48 -29.86 -68.55
N PRO CA 205 -33.18 -29.78 -67.23
CA PRO CA 205 -34.21 -29.77 -66.21
C PRO CA 205 -35.14 -28.58 -66.44
N ASP CA 206 -36.45 -28.83 -66.39
CA ASP CA 206 -37.54 -27.85 -66.62
C ASP CA 206 -37.71 -27.00 -65.35
N PRO CA 207 -37.33 -25.72 -65.36
CA PRO CA 207 -37.47 -24.87 -64.17
C PRO CA 207 -38.91 -24.40 -63.91
N SER CA 208 -39.83 -24.64 -64.86
CA SER CA 208 -41.28 -24.32 -64.74
C SER CA 208 -42.00 -25.41 -63.96
N ARG CA 209 -41.35 -26.55 -63.72
CA ARG CA 209 -41.93 -27.71 -63.00
C ARG CA 209 -40.94 -28.17 -61.94
N ASN CA 210 -40.76 -29.49 -61.77
CA ASN CA 210 -39.82 -30.08 -60.78
C ASN CA 210 -40.08 -29.51 -59.38
N GLU CA 211 -41.33 -29.18 -59.03
CA GLU CA 211 -41.71 -28.69 -57.67
C GLU CA 211 -41.28 -29.73 -56.65
N ASN CA 212 -41.40 -31.03 -56.97
CA ASN CA 212 -41.14 -32.17 -56.06
C ASN CA 212 -39.78 -32.80 -56.36
N SER CA 213 -38.82 -32.03 -56.91
CA SER CA 213 -37.44 -32.47 -57.20
C SER CA 213 -36.46 -31.34 -56.90
N ARG CA 214 -35.24 -31.68 -56.46
CA ARG CA 214 -34.12 -30.73 -56.29
C ARG CA 214 -33.01 -31.13 -57.26
N TYR CA 215 -32.60 -30.23 -58.15
CA TYR CA 215 -31.55 -30.50 -59.17
C TYR CA 215 -30.46 -29.42 -59.10
N PHE CA 216 -29.24 -29.82 -59.46
CA PHE CA 216 -28.00 -29.01 -59.38
C PHE CA 216 -27.07 -29.41 -60.52
N GLY CA 217 -26.69 -28.44 -61.37
CA GLY CA 217 -25.88 -28.71 -62.57
C GLY CA 217 -24.89 -27.60 -62.85
N SER CA 218 -23.73 -27.97 -63.40
CA SER CA 218 -22.66 -27.03 -63.81
C SER CA 218 -22.02 -27.54 -65.10
N TYR CA 219 -22.07 -26.73 -66.17
CA TYR CA 219 -21.41 -26.99 -67.48
C TYR CA 219 -20.25 -26.02 -67.66
N THR CA 220 -19.12 -26.54 -68.13
CA THR CA 220 -17.95 -25.77 -68.60
C THR CA 220 -17.66 -26.18 -70.05
N GLY CA 221 -17.42 -25.21 -70.94
CA GLY CA 221 -17.13 -25.45 -72.37
C GLY CA 221 -15.64 -25.45 -72.66
N GLY CA 222 -15.27 -25.19 -73.92
CA GLY CA 222 -13.88 -25.06 -74.36
C GLY CA 222 -13.32 -26.36 -74.92
N VAL CA 223 -12.25 -26.26 -75.69
CA VAL CA 223 -11.69 -27.37 -76.51
C VAL CA 223 -10.82 -28.27 -75.62
N GLU CA 224 -9.95 -27.66 -74.82
CA GLU CA 224 -8.92 -28.34 -74.00
C GLU CA 224 -9.06 -27.94 -72.53
N THR CA 225 -10.25 -27.50 -72.11
CA THR CA 225 -10.51 -26.98 -70.74
C THR CA 225 -10.17 -28.05 -69.71
N PRO CA 226 -9.38 -27.76 -68.67
CA PRO CA 226 -9.01 -28.76 -67.68
C PRO CA 226 -10.18 -28.98 -66.74
N PRO CA 227 -10.56 -30.25 -66.46
CA PRO CA 227 -11.59 -30.51 -65.45
C PRO CA 227 -11.04 -30.24 -64.05
N VAL CA 228 -11.86 -29.64 -63.18
CA VAL CA 228 -11.57 -29.42 -61.74
C VAL CA 228 -12.67 -30.12 -60.95
N LEU CA 229 -12.32 -31.19 -60.22
CA LEU CA 229 -13.30 -31.99 -59.45
C LEU CA 229 -12.74 -32.28 -58.05
N SER CA 230 -13.57 -32.08 -57.03
CA SER CA 230 -13.25 -32.32 -55.60
C SER CA 230 -14.04 -33.51 -55.08
N PHE CA 231 -13.54 -34.17 -54.05
CA PHE CA 231 -14.23 -35.33 -53.42
C PHE CA 231 -13.96 -35.32 -51.90
N THR CA 232 -15.00 -35.62 -51.13
CA THR CA 232 -14.99 -35.69 -49.63
C THR CA 232 -16.24 -36.43 -49.15
N ASN CA 233 -16.17 -37.10 -47.99
CA ASN CA 233 -17.36 -37.73 -47.36
C ASN CA 233 -17.91 -36.81 -46.26
N THR CA 234 -17.45 -35.55 -46.19
CA THR CA 234 -17.81 -34.58 -45.12
C THR CA 234 -18.77 -33.50 -45.63
N SER CA 235 -19.39 -33.66 -46.79
CA SER CA 235 -20.22 -32.60 -47.40
C SER CA 235 -21.65 -33.08 -47.60
N THR CA 236 -22.62 -32.26 -47.17
CA THR CA 236 -24.07 -32.58 -47.16
C THR CA 236 -24.86 -31.46 -47.81
N THR CA 237 -25.85 -31.80 -48.63
CA THR CA 237 -26.75 -30.83 -49.29
C THR CA 237 -28.14 -31.00 -48.67
N ILE CA 238 -28.70 -29.93 -48.12
CA ILE CA 238 -30.09 -29.91 -47.59
C ILE CA 238 -31.03 -29.85 -48.79
N LEU CA 239 -32.10 -30.65 -48.79
CA LEU CA 239 -33.06 -30.76 -49.91
C LEU CA 239 -34.39 -30.07 -49.55
N LEU CA 240 -34.50 -29.53 -48.34
CA LEU CA 240 -35.73 -28.80 -47.90
C LEU CA 240 -35.82 -27.48 -48.67
N ASP CA 241 -37.03 -27.09 -49.08
CA ASP CA 241 -37.30 -25.85 -49.85
C ASP CA 241 -37.47 -24.68 -48.87
N GLU CA 242 -37.87 -23.51 -49.38
CA GLU CA 242 -38.06 -22.25 -48.61
C GLU CA 242 -39.07 -22.46 -47.47
N ASN CA 243 -39.93 -23.49 -47.54
CA ASN CA 243 -40.98 -23.81 -46.53
C ASN CA 243 -40.62 -25.06 -45.72
N GLY CA 244 -39.36 -25.50 -45.72
CA GLY CA 244 -38.90 -26.65 -44.91
C GLY CA 244 -39.45 -27.99 -45.39
N VAL CA 245 -39.96 -28.07 -46.62
CA VAL CA 245 -40.48 -29.33 -47.22
C VAL CA 245 -39.44 -29.89 -48.21
N GLY CA 246 -39.07 -31.16 -48.04
CA GLY CA 246 -38.23 -31.91 -48.98
C GLY CA 246 -39.06 -32.60 -50.06
N PRO CA 247 -38.41 -33.23 -51.06
CA PRO CA 247 -39.12 -34.07 -52.02
C PRO CA 247 -39.93 -35.16 -51.30
N LEU CA 248 -41.21 -35.29 -51.64
CA LEU CA 248 -42.13 -36.33 -51.11
C LEU CA 248 -42.22 -37.48 -52.13
N CYS CA 249 -41.74 -38.67 -51.74
CA CYS CA 249 -41.61 -39.85 -52.64
C CYS CA 249 -42.97 -40.49 -52.90
N LYS CA 250 -43.63 -40.10 -54.00
CA LYS CA 250 -44.90 -40.72 -54.49
C LYS CA 250 -44.63 -42.21 -54.75
N GLY CA 251 -45.62 -43.07 -54.47
CA GLY CA 251 -45.54 -44.53 -54.66
C GLY CA 251 -44.36 -45.15 -53.92
N ASP CA 252 -43.87 -44.49 -52.87
CA ASP CA 252 -42.75 -44.99 -52.03
C ASP CA 252 -41.52 -45.24 -52.91
N GLY CA 253 -41.23 -44.29 -53.82
CA GLY CA 253 -40.12 -44.36 -54.78
C GLY CA 253 -39.28 -43.09 -54.78
N LEU CA 254 -37.98 -43.25 -54.56
CA LEU CA 254 -36.97 -42.16 -54.63
C LEU CA 254 -36.36 -42.13 -56.03
N TYR CA 255 -36.45 -40.98 -56.71
CA TYR CA 255 -35.94 -40.78 -58.10
C TYR CA 255 -34.59 -40.06 -58.06
N LEU CA 256 -33.52 -40.79 -58.43
CA LEU CA 256 -32.14 -40.27 -58.61
C LEU CA 256 -31.83 -40.10 -60.09
N SER CA 257 -31.15 -39.00 -60.44
CA SER CA 257 -30.65 -38.70 -61.80
C SER CA 257 -29.22 -38.16 -61.69
N SER CA 258 -28.41 -38.42 -62.71
CA SER CA 258 -26.95 -38.13 -62.77
C SER CA 258 -26.57 -37.79 -64.21
N ALA CA 259 -25.59 -36.90 -64.36
CA ALA CA 259 -24.92 -36.61 -65.64
C ALA CA 259 -23.51 -36.10 -65.33
N ASP CA 260 -22.50 -36.98 -65.44
CA ASP CA 260 -21.10 -36.63 -65.11
C ASP CA 260 -20.20 -37.03 -66.28
N VAL CA 261 -20.17 -36.16 -67.28
CA VAL CA 261 -19.25 -36.21 -68.46
C VAL CA 261 -18.03 -35.36 -68.10
N ALA CA 262 -16.95 -36.00 -67.65
CA ALA CA 262 -15.76 -35.35 -67.04
C ALA CA 262 -15.03 -34.52 -68.10
N GLY CA 263 -15.23 -34.88 -69.38
CA GLY CA 263 -14.56 -34.30 -70.55
C GLY CA 263 -14.37 -35.33 -71.65
N THR CA 264 -13.38 -35.14 -72.52
CA THR CA 264 -13.05 -36.09 -73.62
C THR CA 264 -11.69 -36.72 -73.36
N PHE CA 265 -11.50 -37.95 -73.85
CA PHE CA 265 -10.19 -38.61 -74.03
C PHE CA 265 -9.70 -38.39 -75.45
N VAL CA 266 -8.48 -37.85 -75.61
CA VAL CA 266 -7.85 -37.53 -76.92
C VAL CA 266 -6.81 -38.62 -77.22
N GLN CA 267 -7.12 -39.53 -78.14
CA GLN CA 267 -6.26 -40.72 -78.43
C GLN CA 267 -5.07 -40.30 -79.29
N GLN CA 268 -3.89 -40.82 -78.94
CA GLN CA 268 -2.63 -40.61 -79.70
C GLN CA 268 -2.81 -41.20 -81.11
N THR CA 269 -2.16 -40.58 -82.10
CA THR CA 269 -2.03 -41.09 -83.49
C THR CA 269 -3.35 -40.85 -84.24
N SER CA 270 -4.47 -41.44 -83.81
CA SER CA 270 -5.80 -41.22 -84.44
C SER CA 270 -6.19 -39.74 -84.29
N GLN CA 271 -5.84 -39.12 -83.15
CA GLN CA 271 -6.25 -37.75 -82.73
C GLN CA 271 -7.79 -37.66 -82.69
N LYS CA 272 -8.45 -38.79 -82.45
CA LYS CA 272 -9.93 -38.87 -82.25
C LYS CA 272 -10.26 -38.65 -80.77
N GLN CA 273 -11.49 -38.20 -80.51
CA GLN CA 273 -11.97 -37.82 -79.16
C GLN CA 273 -13.13 -38.73 -78.74
N TYR CA 274 -13.12 -39.12 -77.47
CA TYR CA 274 -14.13 -40.00 -76.84
C TYR CA 274 -14.62 -39.32 -75.56
N TRP CA 275 -15.93 -39.17 -75.40
CA TRP CA 275 -16.57 -38.72 -74.15
C TRP CA 275 -16.20 -39.70 -73.02
N ARG CA 276 -15.85 -39.17 -71.85
CA ARG CA 276 -15.49 -39.96 -70.64
C ARG CA 276 -16.49 -39.63 -69.52
N GLY CA 277 -17.27 -40.62 -69.10
CA GLY CA 277 -18.25 -40.48 -67.99
C GLY CA 277 -17.70 -40.98 -66.68
N LEU CA 278 -18.25 -40.50 -65.57
CA LEU CA 278 -17.88 -40.99 -64.20
C LEU CA 278 -19.15 -41.32 -63.44
N PRO CA 279 -19.11 -42.31 -62.52
CA PRO CA 279 -20.26 -42.68 -61.72
C PRO CA 279 -20.47 -41.69 -60.56
N ARG CA 280 -21.70 -41.65 -60.03
CA ARG CA 280 -22.10 -40.76 -58.92
C ARG CA 280 -22.71 -41.58 -57.77
N TYR CA 281 -22.12 -41.49 -56.58
CA TYR CA 281 -22.65 -42.07 -55.32
C TYR CA 281 -23.69 -41.12 -54.74
N PHE CA 282 -24.79 -41.69 -54.23
CA PHE CA 282 -25.82 -40.97 -53.46
C PHE CA 282 -25.97 -41.61 -52.08
N ASN CA 283 -26.15 -40.78 -51.06
CA ASN CA 283 -26.53 -41.19 -49.69
C ASN CA 283 -27.64 -40.25 -49.23
N ILE CA 284 -28.90 -40.67 -49.34
CA ILE CA 284 -30.07 -39.80 -49.03
C ILE CA 284 -30.60 -40.18 -47.64
N THR CA 285 -30.93 -39.17 -46.83
CA THR CA 285 -31.64 -39.30 -45.54
C THR CA 285 -33.09 -38.86 -45.74
N LEU CA 286 -34.03 -39.73 -45.36
CA LEU CA 286 -35.49 -39.47 -45.45
C LEU CA 286 -36.12 -39.65 -44.07
N ARG CA 287 -37.24 -38.95 -43.84
CA ARG CA 287 -38.05 -38.97 -42.61
C ARG CA 287 -39.52 -39.15 -43.02
N LYS CA 288 -40.35 -39.76 -42.15
CA LYS CA 288 -41.78 -39.98 -42.46
C LYS CA 288 -42.49 -38.62 -42.33
N ARG CA 289 -43.41 -38.32 -43.25
CA ARG CA 289 -44.17 -37.04 -43.25
C ARG CA 289 -45.62 -37.35 -43.58
N ALA CA 290 -46.54 -36.64 -42.92
CA ALA CA 290 -48.00 -36.83 -43.02
C ALA CA 290 -48.56 -35.90 -44.08
N VAL CA 291 -49.51 -36.38 -44.89
CA VAL CA 291 -50.08 -35.65 -46.07
C VAL CA 291 -51.57 -35.97 -46.14
N ILE DA 26 -19.69 -49.19 -33.54
CA ILE DA 26 -19.64 -49.04 -32.05
C ILE DA 26 -20.93 -48.33 -31.59
N GLU DA 27 -21.35 -48.51 -30.33
CA GLU DA 27 -22.35 -47.63 -29.64
C GLU DA 27 -21.59 -46.53 -28.89
N VAL DA 28 -21.77 -45.27 -29.30
CA VAL DA 28 -20.92 -44.11 -28.85
C VAL DA 28 -21.59 -43.45 -27.64
N LEU DA 29 -20.83 -43.27 -26.55
CA LEU DA 29 -21.33 -42.71 -25.26
C LEU DA 29 -20.71 -41.32 -25.03
N ASP DA 30 -20.55 -40.92 -23.77
CA ASP DA 30 -20.13 -39.56 -23.34
C ASP DA 30 -18.68 -39.31 -23.78
N VAL DA 31 -18.34 -38.05 -24.06
CA VAL DA 31 -16.94 -37.59 -24.26
C VAL DA 31 -16.31 -37.45 -22.87
N LYS DA 32 -15.36 -38.30 -22.46
CA LYS DA 32 -14.59 -38.06 -21.20
C LYS DA 32 -13.90 -36.69 -21.33
N THR DA 33 -13.99 -35.84 -20.32
CA THR DA 33 -13.31 -34.51 -20.29
C THR DA 33 -12.61 -34.36 -18.96
N GLY DA 34 -11.55 -33.55 -18.92
CA GLY DA 34 -10.76 -33.21 -17.71
C GLY DA 34 -9.28 -33.21 -18.08
N PRO DA 35 -8.35 -33.29 -17.10
CA PRO DA 35 -6.93 -33.28 -17.42
C PRO DA 35 -6.54 -34.63 -18.06
N ASP DA 36 -5.62 -34.61 -19.03
CA ASP DA 36 -5.10 -35.82 -19.72
C ASP DA 36 -6.24 -36.56 -20.42
N SER DA 37 -7.23 -35.84 -20.97
CA SER DA 37 -8.34 -36.39 -21.78
C SER DA 37 -8.07 -36.15 -23.29
N THR DA 38 -7.13 -35.26 -23.62
CA THR DA 38 -6.78 -34.83 -24.98
C THR DA 38 -5.28 -35.03 -25.21
N THR DA 39 -4.90 -35.35 -26.45
CA THR DA 39 -3.49 -35.40 -26.93
C THR DA 39 -3.45 -34.91 -28.39
N THR DA 40 -2.29 -34.43 -28.83
CA THR DA 40 -2.03 -34.04 -30.25
C THR DA 40 -0.89 -34.91 -30.79
N ILE DA 41 -1.04 -35.40 -32.03
CA ILE DA 41 0.02 -36.16 -32.76
C ILE DA 41 0.45 -35.35 -33.99
N GLU DA 42 1.77 -35.24 -34.20
CA GLU DA 42 2.41 -34.70 -35.41
C GLU DA 42 2.94 -35.85 -36.27
N ALA DA 43 2.72 -35.80 -37.58
CA ALA DA 43 3.27 -36.76 -38.56
C ALA DA 43 3.47 -36.06 -39.91
N TYR DA 44 4.30 -36.64 -40.79
CA TYR DA 44 4.38 -36.28 -42.22
C TYR DA 44 4.36 -37.55 -43.07
N LEU DA 45 3.76 -37.45 -44.25
CA LEU DA 45 3.82 -38.49 -45.30
C LEU DA 45 4.60 -37.91 -46.49
N ASN DA 46 5.78 -38.45 -46.78
CA ASN DA 46 6.56 -38.17 -48.02
C ASN DA 46 5.79 -38.78 -49.18
N PRO DA 47 5.88 -38.20 -50.39
CA PRO DA 47 5.10 -38.68 -51.54
C PRO DA 47 5.64 -40.02 -52.06
N ARG DA 48 4.79 -40.79 -52.74
CA ARG DA 48 5.19 -42.08 -53.38
C ARG DA 48 4.77 -42.03 -54.84
N VAL DA 49 5.52 -41.26 -55.63
CA VAL DA 49 5.23 -40.99 -57.07
C VAL DA 49 5.89 -42.06 -57.95
N GLY DA 50 6.56 -43.05 -57.34
CA GLY DA 50 7.21 -44.19 -58.06
C GLY DA 50 8.65 -44.37 -57.63
N GLN DA 51 9.31 -43.27 -57.22
CA GLN DA 51 10.60 -43.31 -56.48
C GLN DA 51 10.39 -42.56 -55.16
N ASN DA 52 11.45 -42.39 -54.38
CA ASN DA 52 11.38 -41.91 -52.98
C ASN DA 52 11.85 -40.46 -52.87
N TRP DA 53 12.35 -39.86 -53.93
CA TRP DA 53 12.97 -38.51 -53.84
C TRP DA 53 12.13 -37.49 -54.63
N GLY DA 54 10.82 -37.75 -54.74
CA GLY DA 54 9.80 -36.75 -55.07
C GLY DA 54 9.54 -36.64 -56.57
N PHE DA 55 10.29 -37.38 -57.39
CA PHE DA 55 10.08 -37.49 -58.84
C PHE DA 55 9.94 -38.96 -59.26
N SER DA 56 9.01 -39.23 -60.17
CA SER DA 56 8.90 -40.51 -60.91
C SER DA 56 10.04 -40.60 -61.94
N THR DA 57 10.24 -41.77 -62.55
CA THR DA 57 11.03 -41.91 -63.80
C THR DA 57 10.16 -41.40 -64.95
N GLU DA 58 10.71 -41.28 -66.16
CA GLU DA 58 9.99 -40.66 -67.31
C GLU DA 58 8.64 -41.35 -67.50
N ILE DA 59 7.63 -40.56 -67.83
CA ILE DA 59 6.27 -41.07 -68.19
C ILE DA 59 6.38 -41.66 -69.59
N THR DA 60 5.93 -42.91 -69.77
CA THR DA 60 5.97 -43.66 -71.05
C THR DA 60 4.55 -43.84 -71.58
N VAL DA 61 4.41 -44.00 -72.90
CA VAL DA 61 3.09 -44.27 -73.55
C VAL DA 61 3.27 -45.37 -74.59
N ALA DA 62 2.90 -46.60 -74.22
CA ALA DA 62 2.84 -47.75 -75.14
C ALA DA 62 2.14 -47.32 -76.45
N SER DA 63 2.59 -47.84 -77.58
CA SER DA 63 1.89 -47.69 -78.88
C SER DA 63 0.54 -48.41 -78.82
N ASN DA 64 -0.48 -47.86 -79.46
CA ASN DA 64 -1.83 -48.48 -79.53
C ASN DA 64 -1.63 -49.99 -79.81
N GLY DA 65 -2.39 -50.85 -79.13
CA GLY DA 65 -2.34 -52.31 -79.33
C GLY DA 65 -1.23 -53.02 -78.56
N ASP DA 68 -0.38 -51.87 -72.50
CA ASP DA 68 -0.25 -50.72 -71.58
C ASP DA 68 0.40 -51.22 -70.29
N ALA DA 69 1.74 -51.21 -70.24
CA ALA DA 69 2.53 -51.79 -69.13
C ALA DA 69 3.57 -50.78 -68.70
N PRO DA 70 3.18 -49.76 -67.91
CA PRO DA 70 4.12 -48.73 -67.45
C PRO DA 70 5.07 -49.32 -66.41
N HIS DA 71 6.21 -48.64 -66.22
CA HIS DA 71 7.27 -48.98 -65.25
C HIS DA 71 6.78 -48.74 -63.82
N LEU DA 72 7.11 -49.66 -62.91
CA LEU DA 72 6.89 -49.47 -61.45
C LEU DA 72 7.16 -48.02 -61.07
N THR DA 73 8.28 -47.46 -61.52
CA THR DA 73 8.80 -46.15 -61.01
C THR DA 73 8.16 -44.96 -61.73
N GLU DA 74 7.07 -45.14 -62.47
CA GLU DA 74 6.37 -44.01 -63.13
C GLU DA 74 4.90 -43.94 -62.67
N ILE DA 75 4.47 -44.87 -61.82
CA ILE DA 75 3.08 -44.94 -61.27
C ILE DA 75 3.06 -44.32 -59.87
N PRO DA 76 2.47 -43.11 -59.71
CA PRO DA 76 2.24 -42.55 -58.38
C PRO DA 76 1.20 -43.31 -57.57
N CYS DA 77 1.47 -43.49 -56.28
CA CYS DA 77 0.64 -44.24 -55.30
C CYS DA 77 0.25 -43.36 -54.11
N TYR DA 78 -0.78 -43.77 -53.38
CA TYR DA 78 -1.17 -43.20 -52.07
C TYR DA 78 -0.06 -43.48 -51.05
N SER DA 79 0.38 -42.44 -50.35
CA SER DA 79 1.15 -42.52 -49.09
C SER DA 79 0.21 -42.90 -47.96
N SER DA 80 0.62 -43.76 -47.03
CA SER DA 80 -0.21 -44.17 -45.86
C SER DA 80 0.71 -44.55 -44.69
N ALA DA 81 0.23 -44.34 -43.46
CA ALA DA 81 0.91 -44.70 -42.22
C ALA DA 81 -0.14 -44.88 -41.10
N ARG DA 82 0.12 -45.78 -40.17
CA ARG DA 82 -0.66 -45.93 -38.90
C ARG DA 82 0.23 -45.44 -37.77
N ILE DA 83 -0.15 -44.34 -37.12
CA ILE DA 83 0.55 -43.82 -35.91
C ILE DA 83 -0.02 -44.55 -34.69
N SER DA 84 0.86 -45.06 -33.82
CA SER DA 84 0.52 -45.70 -32.53
C SER DA 84 0.15 -44.63 -31.50
N LEU DA 85 -1.05 -44.73 -30.92
CA LEU DA 85 -1.58 -43.82 -29.87
C LEU DA 85 -1.34 -44.45 -28.50
N PRO DA 86 -1.34 -43.66 -27.39
CA PRO DA 86 -1.24 -44.23 -26.03
C PRO DA 86 -2.31 -45.30 -25.74
N LEU DA 87 -1.95 -46.38 -25.07
CA LEU DA 87 -2.88 -47.48 -24.68
C LEU DA 87 -3.92 -46.91 -23.71
N LEU DA 88 -5.21 -47.26 -23.89
CA LEU DA 88 -6.30 -46.74 -23.02
C LEU DA 88 -6.85 -47.78 -22.06
N ASN DA 89 -7.19 -48.98 -22.54
CA ASN DA 89 -7.98 -49.97 -21.76
C ASN DA 89 -7.00 -51.08 -21.34
N THR DA 96 -18.19 -48.34 -22.11
CA THR DA 96 -17.44 -49.30 -21.25
C THR DA 96 -15.95 -49.30 -21.55
N LEU DA 97 -15.56 -49.04 -22.81
CA LEU DA 97 -14.16 -48.87 -23.25
C LEU DA 97 -13.95 -47.39 -23.60
N LEU DA 98 -12.68 -46.97 -23.62
CA LEU DA 98 -12.24 -45.66 -24.15
C LEU DA 98 -11.51 -45.85 -25.48
N MET DA 99 -11.94 -45.13 -26.52
CA MET DA 99 -11.23 -45.01 -27.82
C MET DA 99 -10.81 -43.55 -28.00
N TRP DA 100 -9.67 -43.31 -28.65
CA TRP DA 100 -9.28 -41.95 -29.08
C TRP DA 100 -10.18 -41.50 -30.22
N GLU DA 101 -10.66 -40.25 -30.13
CA GLU DA 101 -11.55 -39.61 -31.14
C GLU DA 101 -10.77 -38.46 -31.77
N ALA DA 102 -10.49 -38.54 -33.06
CA ALA DA 102 -9.83 -37.47 -33.84
C ALA DA 102 -10.84 -36.32 -34.00
N VAL DA 103 -10.53 -35.14 -33.46
CA VAL DA 103 -11.50 -34.02 -33.38
C VAL DA 103 -11.23 -33.07 -34.55
N SER DA 104 -9.98 -32.69 -34.74
CA SER DA 104 -9.55 -31.67 -35.72
C SER DA 104 -8.20 -32.06 -36.35
N VAL DA 105 -7.86 -31.44 -37.48
CA VAL DA 105 -6.51 -31.60 -38.12
C VAL DA 105 -6.09 -30.26 -38.74
N LYS DA 106 -4.87 -29.84 -38.42
CA LYS DA 106 -4.09 -28.82 -39.19
C LYS DA 106 -3.22 -29.61 -40.16
N THR DA 107 -3.41 -29.45 -41.48
CA THR DA 107 -2.62 -30.17 -42.51
C THR DA 107 -2.05 -29.16 -43.53
N GLU DA 108 -0.85 -29.44 -44.02
CA GLU DA 108 -0.07 -28.53 -44.90
C GLU DA 108 0.64 -29.37 -45.96
N VAL DA 109 0.70 -28.88 -47.20
CA VAL DA 109 1.56 -29.45 -48.27
C VAL DA 109 2.92 -28.73 -48.21
N VAL DA 110 3.96 -29.45 -47.79
CA VAL DA 110 5.31 -28.87 -47.53
C VAL DA 110 6.05 -28.74 -48.87
N GLY DA 111 6.83 -27.67 -49.03
CA GLY DA 111 7.76 -27.47 -50.16
C GLY DA 111 7.07 -26.93 -51.40
N ILE DA 112 5.94 -26.24 -51.24
CA ILE DA 112 5.26 -25.54 -52.38
C ILE DA 112 6.26 -24.52 -52.96
N SER DA 113 7.01 -23.83 -52.11
CA SER DA 113 8.00 -22.79 -52.53
C SER DA 113 9.09 -23.39 -53.43
N SER DA 114 9.29 -24.71 -53.39
CA SER DA 114 10.32 -25.42 -54.19
C SER DA 114 10.06 -25.23 -55.69
N MET DA 115 8.81 -24.97 -56.07
CA MET DA 115 8.37 -24.87 -57.48
C MET DA 115 8.77 -23.52 -58.09
N LEU DA 116 9.08 -22.50 -57.29
CA LEU DA 116 9.57 -21.21 -57.82
C LEU DA 116 11.04 -21.35 -58.24
N ASN DA 117 11.26 -22.06 -59.35
CA ASN DA 117 12.58 -22.55 -59.82
C ASN DA 117 12.53 -22.67 -61.35
N MET DA 118 13.19 -21.74 -62.03
CA MET DA 118 13.20 -21.68 -63.51
C MET DA 118 14.62 -21.89 -64.04
N HIS DA 119 15.49 -22.55 -63.26
CA HIS DA 119 16.92 -22.72 -63.60
C HIS DA 119 17.35 -24.20 -63.55
N SER DA 120 16.53 -25.10 -62.97
CA SER DA 120 16.90 -26.52 -62.80
C SER DA 120 16.39 -27.37 -63.97
N TYR DA 121 16.91 -27.08 -65.17
CA TYR DA 121 16.91 -27.94 -66.39
C TYR DA 121 15.50 -28.05 -67.01
N GLY DA 122 14.60 -27.12 -66.68
CA GLY DA 122 13.25 -27.14 -67.24
C GLY DA 122 13.28 -26.77 -68.71
N LEU DA 123 12.36 -27.34 -69.52
CA LEU DA 123 12.14 -26.91 -70.92
C LEU DA 123 12.02 -25.39 -70.96
N ARG DA 124 12.78 -24.70 -71.79
CA ARG DA 124 12.91 -23.23 -71.71
C ARG DA 124 11.82 -22.54 -72.53
N ALA DA 125 11.28 -21.44 -72.02
CA ALA DA 125 10.18 -20.67 -72.63
C ALA DA 125 10.75 -19.70 -73.65
N PHE DA 126 9.87 -19.16 -74.50
CA PHE DA 126 10.19 -18.11 -75.49
C PHE DA 126 11.34 -18.60 -76.39
N GLY DA 127 11.11 -19.77 -77.01
CA GLY DA 127 11.96 -20.37 -78.05
C GLY DA 127 13.36 -20.69 -77.57
N GLY DA 128 13.54 -20.97 -76.26
CA GLY DA 128 14.80 -21.47 -75.69
C GLY DA 128 15.62 -20.38 -75.00
N TYR DA 129 15.23 -19.10 -75.12
CA TYR DA 129 15.97 -17.94 -74.56
C TYR DA 129 15.48 -17.62 -73.14
N GLY DA 130 14.25 -18.01 -72.80
CA GLY DA 130 13.65 -17.77 -71.47
C GLY DA 130 14.15 -18.76 -70.43
N GLY DA 131 13.51 -18.78 -69.26
CA GLY DA 131 13.79 -19.71 -68.15
C GLY DA 131 13.07 -21.04 -68.31
N GLY DA 132 13.38 -22.00 -67.45
CA GLY DA 132 12.78 -23.35 -67.44
C GLY DA 132 11.33 -23.33 -66.97
N TYR DA 133 10.51 -24.21 -67.54
CA TYR DA 133 9.12 -24.46 -67.09
C TYR DA 133 9.15 -24.90 -65.62
N THR DA 134 8.43 -24.16 -64.76
CA THR DA 134 8.05 -24.61 -63.40
C THR DA 134 7.12 -25.81 -63.54
N ILE DA 135 7.01 -26.63 -62.51
CA ILE DA 135 6.11 -27.81 -62.52
C ILE DA 135 4.75 -27.35 -63.06
N GLU DA 136 4.16 -28.14 -63.96
CA GLU DA 136 2.79 -27.90 -64.49
C GLU DA 136 2.15 -29.21 -64.95
N GLY DA 137 0.88 -29.13 -65.35
CA GLY DA 137 0.09 -30.26 -65.85
C GLY DA 137 -0.96 -30.68 -64.85
N SER DA 138 -1.60 -31.82 -65.11
CA SER DA 138 -2.65 -32.43 -64.26
C SER DA 138 -2.05 -32.73 -62.89
N HIS DA 139 -2.82 -32.51 -61.82
CA HIS DA 139 -2.40 -32.69 -60.41
C HIS DA 139 -3.56 -33.16 -59.55
N ILE DA 140 -3.24 -33.82 -58.44
CA ILE DA 140 -4.24 -34.26 -57.41
C ILE DA 140 -3.66 -33.94 -56.03
N HIS DA 141 -4.49 -33.39 -55.15
CA HIS DA 141 -4.16 -33.14 -53.73
C HIS DA 141 -5.25 -33.77 -52.88
N PHE DA 142 -4.84 -34.61 -51.94
CA PHE DA 142 -5.79 -35.44 -51.16
C PHE DA 142 -5.17 -35.87 -49.83
N PHE DA 143 -5.98 -35.84 -48.76
CA PHE DA 143 -5.58 -36.39 -47.44
C PHE DA 143 -6.82 -37.00 -46.76
N SER DA 144 -6.59 -38.01 -45.92
CA SER DA 144 -7.64 -38.58 -45.05
C SER DA 144 -7.08 -38.80 -43.64
N VAL DA 145 -7.92 -38.60 -42.62
CA VAL DA 145 -7.68 -39.01 -41.22
C VAL DA 145 -8.79 -40.00 -40.86
N GLY DA 146 -8.44 -41.10 -40.20
CA GLY DA 146 -9.36 -42.23 -39.98
C GLY DA 146 -8.99 -43.04 -38.76
N GLY DA 147 -9.97 -43.78 -38.24
CA GLY DA 147 -9.81 -44.68 -37.09
C GLY DA 147 -9.47 -46.09 -37.54
N GLU DA 148 -9.30 -46.28 -38.85
CA GLU DA 148 -9.00 -47.59 -39.46
C GLU DA 148 -8.50 -47.35 -40.88
N PRO DA 149 -7.95 -48.39 -41.55
CA PRO DA 149 -7.56 -48.25 -42.95
C PRO DA 149 -8.66 -47.63 -43.83
N LEU DA 150 -8.25 -46.76 -44.76
CA LEU DA 150 -9.17 -46.05 -45.70
C LEU DA 150 -9.74 -47.07 -46.70
N ASP DA 151 -11.07 -47.06 -46.91
CA ASP DA 151 -11.76 -47.95 -47.89
C ASP DA 151 -11.56 -47.38 -49.31
N LEU DA 152 -11.10 -48.23 -50.23
CA LEU DA 152 -10.80 -47.88 -51.65
C LEU DA 152 -11.78 -48.62 -52.58
N GLN DA 153 -12.34 -47.88 -53.53
CA GLN DA 153 -13.17 -48.40 -54.66
C GLN DA 153 -12.30 -48.41 -55.91
N GLY DA 154 -12.36 -49.50 -56.68
CA GLY DA 154 -11.63 -49.65 -57.94
C GLY DA 154 -12.31 -48.90 -59.07
N LEU DA 155 -11.58 -47.97 -59.69
CA LEU DA 155 -11.98 -47.31 -60.95
C LEU DA 155 -10.74 -46.74 -61.63
N MET DA 156 -10.57 -47.05 -62.92
CA MET DA 156 -9.35 -46.76 -63.73
C MET DA 156 -9.77 -46.35 -65.15
N GLN DA 157 -8.86 -45.69 -65.89
CA GLN DA 157 -9.11 -45.21 -67.27
C GLN DA 157 -9.06 -46.37 -68.26
N ASN DA 158 -8.17 -47.35 -68.02
CA ASN DA 158 -7.94 -48.49 -68.95
C ASN DA 158 -7.90 -49.80 -68.18
N HIS DA 159 -8.95 -50.62 -68.28
CA HIS DA 159 -9.09 -51.89 -67.52
C HIS DA 159 -7.88 -52.81 -67.79
N SER DA 160 -7.28 -52.71 -68.98
CA SER DA 160 -6.22 -53.63 -69.45
C SER DA 160 -4.86 -53.26 -68.86
N THR DA 161 -4.73 -52.09 -68.23
CA THR DA 161 -3.41 -51.61 -67.72
C THR DA 161 -2.79 -52.72 -66.87
N GLN DA 162 -1.48 -52.95 -67.02
CA GLN DA 162 -0.71 -54.00 -66.30
C GLN DA 162 0.21 -53.31 -65.29
N TYR DA 163 -0.08 -53.45 -63.99
CA TYR DA 163 0.73 -52.85 -62.90
C TYR DA 163 1.78 -53.88 -62.47
N PRO DA 164 3.08 -53.51 -62.51
CA PRO DA 164 4.13 -54.40 -62.02
C PRO DA 164 3.98 -54.71 -60.53
N SER DA 165 4.36 -55.91 -60.10
CA SER DA 165 4.55 -56.24 -58.67
C SER DA 165 5.62 -55.33 -58.09
N PRO DA 166 5.51 -54.84 -56.83
CA PRO DA 166 4.46 -55.23 -55.89
C PRO DA 166 3.17 -54.40 -55.87
N LEU DA 167 2.96 -53.52 -56.85
CA LEU DA 167 1.74 -52.66 -56.92
C LEU DA 167 0.51 -53.56 -56.96
N VAL DA 168 -0.62 -53.04 -56.48
CA VAL DA 168 -1.93 -53.76 -56.43
C VAL DA 168 -2.96 -52.90 -57.17
N GLY DA 169 -3.68 -53.52 -58.10
CA GLY DA 169 -4.76 -52.86 -58.86
C GLY DA 169 -6.04 -53.67 -58.78
N PRO DA 170 -7.18 -53.09 -59.23
CA PRO DA 170 -8.46 -53.75 -59.15
C PRO DA 170 -8.40 -55.12 -59.82
N LYS DA 171 -8.78 -56.16 -59.08
CA LYS DA 171 -8.94 -57.55 -59.58
C LYS DA 171 -10.27 -58.05 -58.99
N LYS DA 172 -11.07 -58.81 -59.77
CA LYS DA 172 -12.19 -59.60 -59.22
C LYS DA 172 -11.59 -60.68 -58.32
N PRO DA 173 -12.40 -61.47 -57.57
CA PRO DA 173 -11.86 -62.59 -56.78
C PRO DA 173 -11.10 -63.61 -57.65
N ASP DA 174 -11.51 -63.77 -58.91
CA ASP DA 174 -10.97 -64.78 -59.87
C ASP DA 174 -9.63 -64.33 -60.48
N GLY DA 175 -9.21 -63.06 -60.30
CA GLY DA 175 -7.93 -62.54 -60.81
C GLY DA 175 -8.09 -61.61 -62.01
N THR DA 176 -9.21 -61.72 -62.73
CA THR DA 176 -9.55 -60.94 -63.97
C THR DA 176 -9.75 -59.46 -63.62
N THR DA 177 -9.80 -58.63 -64.67
CA THR DA 177 -10.13 -57.18 -64.59
C THR DA 177 -10.89 -56.78 -65.87
N ASP DA 178 -12.22 -56.82 -65.85
CA ASP DA 178 -13.05 -56.62 -67.07
C ASP DA 178 -13.30 -55.12 -67.29
N ASP DA 179 -14.15 -54.79 -68.25
CA ASP DA 179 -14.40 -53.39 -68.72
C ASP DA 179 -15.12 -52.59 -67.63
N SER DA 180 -15.82 -53.26 -66.71
CA SER DA 180 -16.64 -52.61 -65.64
C SER DA 180 -15.75 -51.76 -64.71
N ALA DA 181 -14.46 -52.10 -64.59
CA ALA DA 181 -13.47 -51.39 -63.77
C ALA DA 181 -13.22 -49.96 -64.27
N GLN DA 182 -13.84 -49.56 -65.38
CA GLN DA 182 -13.74 -48.17 -65.93
C GLN DA 182 -14.90 -47.34 -65.38
N VAL DA 183 -15.89 -48.01 -64.78
CA VAL DA 183 -17.03 -47.36 -64.08
C VAL DA 183 -17.08 -47.94 -62.66
N LEU DA 184 -18.23 -47.84 -61.98
CA LEU DA 184 -18.38 -48.40 -60.61
C LEU DA 184 -18.88 -49.84 -60.73
N ASN DA 185 -18.06 -50.77 -60.26
CA ASN DA 185 -18.48 -52.17 -59.96
C ASN DA 185 -18.05 -52.51 -58.55
N PRO DA 186 -19.01 -52.71 -57.62
CA PRO DA 186 -18.69 -53.02 -56.22
C PRO DA 186 -17.69 -54.17 -56.01
N ILE DA 187 -17.51 -55.04 -57.01
CA ILE DA 187 -16.59 -56.21 -56.91
C ILE DA 187 -15.15 -55.72 -56.68
N TYR DA 188 -14.82 -54.50 -57.09
CA TYR DA 188 -13.43 -53.95 -57.03
C TYR DA 188 -13.28 -53.04 -55.81
N LYS DA 189 -12.88 -53.62 -54.67
CA LYS DA 189 -12.70 -52.89 -53.39
C LYS DA 189 -11.41 -53.35 -52.73
N ALA DA 190 -10.84 -52.47 -51.90
CA ALA DA 190 -9.56 -52.73 -51.21
C ALA DA 190 -9.43 -51.77 -50.02
N LYS DA 191 -8.59 -52.14 -49.06
CA LYS DA 191 -8.23 -51.29 -47.90
C LYS DA 191 -6.82 -50.76 -48.16
N LEU DA 192 -6.64 -49.44 -48.03
CA LEU DA 192 -5.32 -48.78 -48.16
C LEU DA 192 -4.44 -49.16 -46.97
N ASP DA 193 -3.86 -50.36 -47.00
CA ASP DA 193 -3.20 -51.00 -45.83
C ASP DA 193 -1.69 -51.09 -46.04
N LYS DA 194 -1.12 -50.41 -47.03
CA LYS DA 194 0.34 -50.45 -47.33
C LYS DA 194 0.72 -49.18 -48.11
N ASP DA 195 1.78 -48.50 -47.66
CA ASP DA 195 2.37 -47.31 -48.32
C ASP DA 195 2.85 -47.70 -49.72
N ALA DA 196 2.84 -46.75 -50.65
CA ALA DA 196 3.55 -46.83 -51.95
C ALA DA 196 3.12 -48.08 -52.75
N THR DA 197 1.87 -48.51 -52.61
CA THR DA 197 1.40 -49.82 -53.15
C THR DA 197 0.16 -49.65 -54.03
N TYR DA 198 -0.79 -48.81 -53.64
CA TYR DA 198 -2.09 -48.63 -54.34
C TYR DA 198 -1.96 -47.43 -55.28
N PRO DA 199 -1.98 -47.64 -56.60
CA PRO DA 199 -1.87 -46.52 -57.54
C PRO DA 199 -3.07 -45.57 -57.41
N ILE DA 200 -2.79 -44.27 -57.42
CA ILE DA 200 -3.82 -43.20 -57.41
C ILE DA 200 -4.79 -43.42 -58.58
N GLU DA 201 -4.30 -43.95 -59.70
CA GLU DA 201 -5.04 -43.92 -61.00
C GLU DA 201 -6.12 -45.01 -61.07
N CYS DA 202 -6.07 -46.04 -60.20
CA CYS DA 202 -7.05 -47.17 -60.25
C CYS DA 202 -7.87 -47.28 -58.97
N TRP DA 203 -7.56 -46.46 -57.96
CA TRP DA 203 -8.22 -46.49 -56.61
C TRP DA 203 -8.66 -45.07 -56.19
N CYS DA 204 -9.94 -44.90 -55.88
CA CYS DA 204 -10.48 -43.66 -55.26
C CYS DA 204 -11.07 -44.03 -53.89
N PRO DA 205 -11.22 -43.06 -52.96
CA PRO DA 205 -11.89 -43.34 -51.69
C PRO DA 205 -13.33 -43.79 -51.96
N ASP DA 206 -13.75 -44.87 -51.30
CA ASP DA 206 -15.08 -45.52 -51.43
C ASP DA 206 -16.10 -44.71 -50.66
N PRO DA 207 -17.04 -43.99 -51.32
CA PRO DA 207 -18.03 -43.19 -50.61
C PRO DA 207 -19.17 -44.02 -49.99
N SER DA 208 -19.24 -45.32 -50.31
CA SER DA 208 -20.23 -46.28 -49.75
C SER DA 208 -19.77 -46.79 -48.38
N ARG DA 209 -18.52 -46.52 -48.01
CA ARG DA 209 -17.92 -46.96 -46.73
C ARG DA 209 -17.23 -45.77 -46.06
N ASN DA 210 -16.05 -45.96 -45.48
CA ASN DA 210 -15.26 -44.90 -44.81
C ASN DA 210 -16.11 -44.17 -43.78
N GLU DA 211 -17.06 -44.85 -43.12
CA GLU DA 211 -17.91 -44.26 -42.03
C GLU DA 211 -16.98 -43.70 -40.95
N ASN DA 212 -15.86 -44.39 -40.67
CA ASN DA 212 -14.92 -44.07 -39.57
C ASN DA 212 -13.66 -43.36 -40.11
N SER DA 213 -13.79 -42.68 -41.26
CA SER DA 213 -12.68 -41.88 -41.88
C SER DA 213 -13.24 -40.59 -42.49
N ARG DA 214 -12.45 -39.53 -42.47
CA ARG DA 214 -12.76 -38.25 -43.17
C ARG DA 214 -11.71 -38.03 -44.26
N TYR DA 215 -12.14 -37.91 -45.52
CA TYR DA 215 -11.22 -37.73 -46.68
C TYR DA 215 -11.65 -36.50 -47.48
N PHE DA 216 -10.67 -35.87 -48.12
CA PHE DA 216 -10.78 -34.59 -48.87
C PHE DA 216 -9.79 -34.61 -50.05
N GLY DA 217 -10.31 -34.48 -51.28
CA GLY DA 217 -9.49 -34.56 -52.50
C GLY DA 217 -9.92 -33.55 -53.55
N SER DA 218 -8.97 -33.06 -54.33
CA SER DA 218 -9.19 -32.15 -55.47
C SER DA 218 -8.23 -32.51 -56.60
N TYR DA 219 -8.78 -32.87 -57.77
CA TYR DA 219 -8.03 -33.15 -59.02
C TYR DA 219 -8.29 -32.02 -60.03
N THR DA 220 -7.23 -31.57 -60.68
CA THR DA 220 -7.27 -30.63 -61.84
C THR DA 220 -6.53 -31.32 -63.00
N GLY DA 221 -7.11 -31.30 -64.20
CA GLY DA 221 -6.52 -31.91 -65.41
C GLY DA 221 -5.77 -30.91 -66.27
N GLY DA 222 -5.61 -31.21 -67.56
CA GLY DA 222 -4.99 -30.31 -68.55
C GLY DA 222 -3.52 -30.60 -68.74
N VAL DA 223 -2.96 -30.14 -69.86
CA VAL DA 223 -1.59 -30.50 -70.32
C VAL DA 223 -0.56 -29.64 -69.60
N GLU DA 224 -0.82 -28.33 -69.53
CA GLU DA 224 0.12 -27.31 -69.01
C GLU DA 224 -0.53 -26.50 -67.90
N THR DA 225 -1.55 -27.06 -67.22
CA THR DA 225 -2.35 -26.37 -66.18
C THR DA 225 -1.43 -25.91 -65.06
N PRO DA 226 -1.49 -24.62 -64.63
CA PRO DA 226 -0.62 -24.13 -63.58
C PRO DA 226 -1.14 -24.62 -62.24
N PRO DA 227 -0.28 -25.17 -61.35
CA PRO DA 227 -0.70 -25.52 -59.99
C PRO DA 227 -0.93 -24.25 -59.18
N VAL DA 228 -1.99 -24.23 -58.37
CA VAL DA 228 -2.30 -23.16 -57.38
C VAL DA 228 -2.36 -23.82 -56.00
N LEU DA 229 -1.41 -23.52 -55.11
CA LEU DA 229 -1.31 -24.14 -53.78
C LEU DA 229 -1.05 -23.06 -52.72
N SER DA 230 -1.80 -23.12 -51.61
CA SER DA 230 -1.69 -22.20 -50.46
C SER DA 230 -1.08 -22.92 -49.26
N PHE DA 231 -0.44 -22.16 -48.37
CA PHE DA 231 0.17 -22.72 -47.14
C PHE DA 231 0.04 -21.70 -46.00
N THR DA 232 -0.33 -22.19 -44.81
CA THR DA 232 -0.55 -21.39 -43.58
C THR DA 232 -0.59 -22.32 -42.37
N ASN DA 233 -0.20 -21.84 -41.18
CA ASN DA 233 -0.34 -22.60 -39.91
C ASN DA 233 -1.59 -22.12 -39.16
N THR DA 234 -2.46 -21.35 -39.81
CA THR DA 234 -3.67 -20.73 -39.18
C THR DA 234 -4.96 -21.43 -39.63
N SER DA 235 -4.90 -22.61 -40.24
CA SER DA 235 -6.10 -23.27 -40.82
C SER DA 235 -6.32 -24.63 -40.17
N THR DA 236 -7.55 -24.89 -39.73
CA THR DA 236 -7.96 -26.11 -38.98
C THR DA 236 -9.20 -26.71 -39.62
N THR DA 237 -9.24 -28.03 -39.78
CA THR DA 237 -10.39 -28.77 -40.34
C THR DA 237 -11.00 -29.60 -39.21
N ILE DA 238 -12.30 -29.39 -38.96
CA ILE DA 238 -13.06 -30.18 -37.96
C ILE DA 238 -13.35 -31.55 -38.60
N LEU DA 239 -13.17 -32.62 -37.84
CA LEU DA 239 -13.34 -34.01 -38.32
C LEU DA 239 -14.63 -34.62 -37.76
N LEU DA 240 -15.37 -33.88 -36.92
CA LEU DA 240 -16.65 -34.36 -36.33
C LEU DA 240 -17.69 -34.42 -37.45
N ASP DA 241 -18.54 -35.45 -37.45
CA ASP DA 241 -19.62 -35.67 -38.44
C ASP DA 241 -20.86 -34.88 -38.02
N GLU DA 242 -21.97 -35.09 -38.74
CA GLU DA 242 -23.28 -34.40 -38.52
C GLU DA 242 -23.78 -34.66 -37.08
N ASN DA 243 -23.29 -35.70 -36.40
CA ASN DA 243 -23.69 -36.08 -35.01
C ASN DA 243 -22.58 -35.78 -34.00
N GLY DA 244 -21.60 -34.93 -34.34
CA GLY DA 244 -20.52 -34.53 -33.41
C GLY DA 244 -19.55 -35.64 -33.06
N VAL DA 245 -19.51 -36.73 -33.84
CA VAL DA 245 -18.58 -37.87 -33.63
C VAL DA 245 -17.44 -37.78 -34.66
N GLY DA 246 -16.19 -37.81 -34.17
CA GLY DA 246 -14.98 -37.91 -35.00
C GLY DA 246 -14.60 -39.36 -35.29
N PRO DA 247 -13.58 -39.60 -36.13
CA PRO DA 247 -13.03 -40.94 -36.30
C PRO DA 247 -12.60 -41.53 -34.95
N LEU DA 248 -13.04 -42.76 -34.67
CA LEU DA 248 -12.68 -43.53 -33.44
C LEU DA 248 -11.56 -44.52 -33.80
N CYS DA 249 -10.38 -44.32 -33.21
CA CYS DA 249 -9.14 -45.09 -33.53
C CYS DA 249 -9.19 -46.50 -32.95
N LYS DA 250 -9.66 -47.48 -33.75
CA LYS DA 250 -9.64 -48.92 -33.40
C LYS DA 250 -8.20 -49.34 -33.15
N GLY DA 251 -7.99 -50.25 -32.18
CA GLY DA 251 -6.65 -50.76 -31.81
C GLY DA 251 -5.68 -49.66 -31.43
N ASP DA 252 -6.18 -48.49 -31.01
CA ASP DA 252 -5.36 -47.33 -30.57
C ASP DA 252 -4.42 -46.93 -31.70
N GLY DA 253 -4.93 -46.88 -32.94
CA GLY DA 253 -4.16 -46.54 -34.16
C GLY DA 253 -4.85 -45.46 -34.99
N LEU DA 254 -4.13 -44.38 -35.27
CA LEU DA 254 -4.57 -43.28 -36.17
C LEU DA 254 -4.06 -43.55 -37.59
N TYR DA 255 -4.97 -43.62 -38.56
CA TYR DA 255 -4.66 -43.90 -40.00
C TYR DA 255 -4.64 -42.58 -40.79
N LEU DA 256 -3.44 -42.19 -41.24
CA LEU DA 256 -3.19 -41.05 -42.16
C LEU DA 256 -2.93 -41.55 -43.58
N SER DA 257 -3.49 -40.86 -44.57
CA SER DA 257 -3.28 -41.09 -46.02
C SER DA 257 -3.08 -39.75 -46.72
N SER DA 258 -2.28 -39.74 -47.79
CA SER DA 258 -1.85 -38.54 -48.54
C SER DA 258 -1.71 -38.90 -50.03
N ALA DA 259 -1.97 -37.94 -50.90
CA ALA DA 259 -1.69 -38.02 -52.35
C ALA DA 259 -1.51 -36.59 -52.88
N ASP DA 260 -0.28 -36.14 -53.03
CA ASP DA 260 0.04 -34.76 -53.48
C ASP DA 260 1.01 -34.79 -54.65
N VAL DA 261 0.45 -35.03 -55.83
CA VAL DA 261 1.12 -34.95 -57.15
C VAL DA 261 0.90 -33.53 -57.68
N ALA DA 262 1.89 -32.65 -57.51
CA ALA DA 262 1.79 -31.20 -57.74
C ALA DA 262 1.60 -30.92 -59.24
N GLY DA 263 2.03 -31.87 -60.07
CA GLY DA 263 2.04 -31.79 -61.55
C GLY DA 263 3.22 -32.55 -62.13
N THR DA 264 3.66 -32.19 -63.33
CA THR DA 264 4.83 -32.82 -64.01
C THR DA 264 5.97 -31.82 -64.10
N PHE DA 265 7.21 -32.32 -64.11
CA PHE DA 265 8.43 -31.60 -64.52
C PHE DA 265 8.72 -31.91 -66.00
N VAL DA 266 8.85 -30.88 -66.83
CA VAL DA 266 9.10 -30.99 -68.30
C VAL DA 266 10.58 -30.68 -68.54
N GLN DA 267 11.38 -31.71 -68.82
CA GLN DA 267 12.86 -31.56 -68.95
C GLN DA 267 13.21 -30.96 -70.31
N GLN DA 268 14.15 -30.01 -70.31
CA GLN DA 268 14.71 -29.37 -71.53
C GLN DA 268 15.37 -30.46 -72.39
N THR DA 269 15.33 -30.29 -73.71
CA THR DA 269 16.07 -31.11 -74.70
C THR DA 269 15.37 -32.47 -74.88
N SER DA 270 15.28 -33.29 -73.83
CA SER DA 270 14.56 -34.59 -73.90
C SER DA 270 13.07 -34.35 -74.19
N GLN DA 271 12.52 -33.27 -73.63
CA GLN DA 271 11.06 -32.94 -73.65
C GLN DA 271 10.25 -34.08 -73.03
N LYS DA 272 10.87 -34.84 -72.12
CA LYS DA 272 10.21 -35.90 -71.34
C LYS DA 272 9.60 -35.30 -70.06
N GLN DA 273 8.59 -35.98 -69.50
CA GLN DA 273 7.81 -35.51 -68.34
C GLN DA 273 7.98 -36.47 -67.17
N TYR DA 274 8.09 -35.91 -65.96
CA TYR DA 274 8.27 -36.63 -64.69
C TYR DA 274 7.22 -36.11 -63.69
N TRP DA 275 6.45 -37.02 -63.10
CA TRP DA 275 5.55 -36.70 -61.97
C TRP DA 275 6.37 -36.12 -60.82
N ARG DA 276 5.87 -35.05 -60.18
CA ARG DA 276 6.52 -34.38 -59.02
C ARG DA 276 5.57 -34.46 -57.82
N GLY DA 277 5.99 -35.16 -56.77
CA GLY DA 277 5.21 -35.31 -55.52
C GLY DA 277 5.68 -34.34 -54.45
N LEU DA 278 4.80 -34.01 -53.50
CA LEU DA 278 5.16 -33.16 -52.34
C LEU DA 278 4.72 -33.84 -51.06
N PRO DA 279 5.44 -33.62 -49.94
CA PRO DA 279 5.08 -34.20 -48.65
C PRO DA 279 3.92 -33.43 -48.00
N ARG DA 280 3.23 -34.08 -47.07
CA ARG DA 280 2.07 -33.50 -46.34
C ARG DA 280 2.29 -33.63 -44.83
N TYR DA 281 2.28 -32.50 -44.13
CA TYR DA 281 2.32 -32.43 -42.64
C TYR DA 281 0.90 -32.63 -42.10
N PHE DA 282 0.79 -33.38 -41.01
CA PHE DA 282 -0.46 -33.56 -40.23
C PHE DA 282 -0.22 -33.13 -38.79
N ASN DA 283 -1.21 -32.46 -38.20
CA ASN DA 283 -1.28 -32.15 -36.75
C ASN DA 283 -2.70 -32.47 -36.28
N ILE DA 284 -2.91 -33.65 -35.69
CA ILE DA 284 -4.27 -34.13 -35.31
C ILE DA 284 -4.44 -33.91 -33.80
N THR DA 285 -5.60 -33.42 -33.39
CA THR DA 285 -6.06 -33.33 -31.98
C THR DA 285 -7.09 -34.43 -31.72
N LEU DA 286 -6.86 -35.24 -30.69
CA LEU DA 286 -7.77 -36.34 -30.27
C LEU DA 286 -8.15 -36.15 -28.80
N ARG DA 287 -9.32 -36.67 -28.44
CA ARG DA 287 -9.91 -36.64 -27.07
C ARG DA 287 -10.40 -38.05 -26.74
N LYS DA 288 -10.43 -38.43 -25.46
CA LYS DA 288 -10.92 -39.77 -25.02
C LYS DA 288 -12.44 -39.79 -25.19
N ARG DA 289 -13.00 -40.90 -25.68
CA ARG DA 289 -14.45 -41.07 -25.90
C ARG DA 289 -14.84 -42.47 -25.44
N ALA DA 290 -16.01 -42.59 -24.79
CA ALA DA 290 -16.52 -43.83 -24.18
C ALA DA 290 -17.44 -44.54 -25.17
N VAL DA 291 -17.34 -45.87 -25.23
CA VAL DA 291 -18.14 -46.73 -26.16
C VAL DA 291 -18.55 -48.01 -25.42
N LYS DA 292 -19.72 -48.56 -25.76
CA LYS DA 292 -20.37 -49.68 -25.02
C LYS DA 292 -19.71 -50.99 -25.45
N ASN DA 293 -19.49 -51.89 -24.50
CA ASN DA 293 -19.07 -53.30 -24.73
C ASN DA 293 -17.53 -53.35 -24.67
#